data_1Q3G
#
_entry.id   1Q3G
#
_cell.length_a   139.459
_cell.length_b   153.934
_cell.length_c   167.481
_cell.angle_alpha   90.00
_cell.angle_beta   112.95
_cell.angle_gamma   90.00
#
_symmetry.space_group_name_H-M   'P 1 21 1'
#
loop_
_entity.id
_entity.type
_entity.pdbx_description
1 polymer 'UDP-N-acetylglucosamine 1-carboxyvinyltransferase'
2 non-polymer "3'-1-CARBOXY-1-PHOSPHONOOXY-ETHOXY-URIDINE-DIPHOSPHATE-N-ACETYLGLUCOSAMINE"
3 non-polymer 1,2-ETHANEDIOL
4 water water
#
_entity_poly.entity_id   1
_entity_poly.type   'polypeptide(L)'
_entity_poly.pdbx_seq_one_letter_code
;MDKFRVQGPTRLQGEVTISGAKNAALPILFAALLAEEPVEIQNVPKLKDIDTTMKLLTQLGTKVER(IAS)GSVWIDASN
VNNFSAPYDLVKTMRASIWALGPLVARFGQGQVSLPGGCAIGARPVDLHIFGLEKLGAEIKLEEGYVKASVNGRLKGAHI
VMDKVSVGATVTIMSAATLAEGTTIIENAAREPEIVDTANFLVALGAKISGQGTDRITIEGVERLGGGVYRVLPDRIETG
TFLVAAAISGGKIVCRNAQPDTLDAVLAKLREAGADIETGEDWISLDMHGKRPKAVTVRTAPHPAFPTAMQAQFTLLNLV
AEGTGVITETIFENRFMHVPELIRMGAHAEIESNTVICHGVEKLSGAQVMATDLRASASLVLAGCIAEGTTVVDRIYHID
RGYERIEDKLRALGANIERVKGE
;
_entity_poly.pdbx_strand_id   A,B,C,D,E,F,G,H,I,J,K,L,W,X,Y,Z
#
# COMPACT_ATOMS: atom_id res chain seq x y z
N MET A 1 9.66 24.09 -49.24
CA MET A 1 11.00 23.75 -48.69
C MET A 1 12.00 23.60 -49.82
N ASP A 2 12.72 24.66 -50.13
CA ASP A 2 13.71 24.65 -51.20
C ASP A 2 14.74 23.52 -51.07
N LYS A 3 15.24 23.06 -52.22
CA LYS A 3 16.23 21.99 -52.27
C LYS A 3 17.19 22.26 -53.40
N PHE A 4 18.31 21.55 -53.39
CA PHE A 4 19.30 21.68 -54.46
C PHE A 4 19.39 20.33 -55.16
N ARG A 5 19.23 20.34 -56.48
CA ARG A 5 19.34 19.11 -57.24
C ARG A 5 20.68 19.26 -57.92
N VAL A 6 21.59 18.35 -57.59
CA VAL A 6 22.94 18.38 -58.13
C VAL A 6 23.23 17.13 -58.95
N GLN A 7 23.84 17.32 -60.11
CA GLN A 7 24.19 16.21 -60.97
C GLN A 7 25.70 16.14 -61.10
N GLY A 8 26.23 14.96 -60.81
CA GLY A 8 27.66 14.77 -60.89
C GLY A 8 28.00 13.49 -61.60
N PRO A 9 29.30 13.17 -61.72
CA PRO A 9 30.40 13.99 -61.20
C PRO A 9 30.82 15.13 -62.12
N THR A 10 31.33 16.21 -61.52
CA THR A 10 31.82 17.35 -62.28
C THR A 10 33.04 17.91 -61.55
N ARG A 11 34.15 18.03 -62.26
CA ARG A 11 35.35 18.59 -61.66
C ARG A 11 35.12 20.09 -61.50
N LEU A 12 35.28 20.59 -60.27
CA LEU A 12 35.08 22.00 -59.99
C LEU A 12 36.41 22.73 -60.20
N GLN A 13 36.40 23.76 -61.06
CA GLN A 13 37.61 24.49 -61.33
C GLN A 13 37.32 25.86 -61.92
N GLY A 14 38.25 26.79 -61.74
CA GLY A 14 38.05 28.11 -62.27
C GLY A 14 38.39 29.13 -61.22
N GLU A 15 37.57 30.16 -61.11
CA GLU A 15 37.81 31.20 -60.13
C GLU A 15 36.56 31.57 -59.37
N VAL A 16 36.76 32.17 -58.19
CA VAL A 16 35.65 32.58 -57.35
C VAL A 16 36.15 33.76 -56.54
N THR A 17 35.26 34.71 -56.26
CA THR A 17 35.63 35.87 -55.47
C THR A 17 34.95 35.74 -54.11
N ILE A 18 35.78 35.70 -53.07
CA ILE A 18 35.30 35.56 -51.70
C ILE A 18 34.55 36.78 -51.19
N SER A 19 33.41 36.54 -50.54
CA SER A 19 32.61 37.62 -49.99
C SER A 19 33.10 38.01 -48.59
N GLY A 20 32.52 39.05 -48.03
CA GLY A 20 32.91 39.47 -46.71
C GLY A 20 32.60 38.36 -45.72
N ALA A 21 33.36 38.32 -44.63
CA ALA A 21 33.18 37.31 -43.59
C ALA A 21 31.85 37.44 -42.84
N LYS A 22 31.06 36.39 -42.87
CA LYS A 22 29.79 36.39 -42.17
C LYS A 22 30.01 36.64 -40.68
N ASN A 23 31.00 35.95 -40.12
CA ASN A 23 31.29 36.06 -38.70
C ASN A 23 32.10 37.27 -38.24
N ALA A 24 32.26 38.23 -39.13
CA ALA A 24 32.97 39.47 -38.81
C ALA A 24 31.89 40.55 -38.98
N ALA A 25 31.10 40.40 -40.03
CA ALA A 25 30.03 41.34 -40.33
C ALA A 25 29.00 41.34 -39.21
N LEU A 26 28.64 40.15 -38.72
CA LEU A 26 27.66 40.05 -37.64
C LEU A 26 28.10 40.76 -36.36
N PRO A 27 29.26 40.41 -35.79
CA PRO A 27 29.67 41.10 -34.57
C PRO A 27 29.90 42.60 -34.76
N ILE A 28 30.34 43.00 -35.96
CA ILE A 28 30.56 44.41 -36.24
C ILE A 28 29.23 45.15 -36.35
N LEU A 29 28.21 44.52 -36.94
CA LEU A 29 26.89 45.14 -37.06
C LEU A 29 26.28 45.41 -35.69
N PHE A 30 26.46 44.47 -34.77
CA PHE A 30 25.92 44.66 -33.44
C PHE A 30 26.77 45.71 -32.70
N ALA A 31 28.07 45.71 -32.97
CA ALA A 31 28.96 46.67 -32.34
C ALA A 31 28.53 48.08 -32.72
N ALA A 32 27.93 48.22 -33.90
CA ALA A 32 27.47 49.53 -34.40
C ALA A 32 26.45 50.17 -33.44
N LEU A 33 25.80 49.35 -32.63
CA LEU A 33 24.83 49.88 -31.67
C LEU A 33 25.53 50.88 -30.74
N LEU A 34 26.86 50.82 -30.69
CA LEU A 34 27.65 51.72 -29.84
C LEU A 34 27.90 53.07 -30.51
N ALA A 35 27.81 53.10 -31.84
CA ALA A 35 28.07 54.32 -32.59
C ALA A 35 26.98 55.38 -32.48
N GLU A 36 27.41 56.61 -32.19
CA GLU A 36 26.49 57.73 -32.06
C GLU A 36 26.38 58.50 -33.38
N GLU A 37 27.47 58.44 -34.16
CA GLU A 37 27.54 59.10 -35.45
C GLU A 37 27.14 58.13 -36.57
N PRO A 38 27.43 58.48 -37.85
CA PRO A 38 27.08 57.61 -38.98
C PRO A 38 28.14 56.55 -39.23
N VAL A 39 27.69 55.36 -39.61
CA VAL A 39 28.59 54.25 -39.89
C VAL A 39 28.20 53.50 -41.17
N GLU A 40 29.22 53.13 -41.93
CA GLU A 40 29.06 52.38 -43.18
C GLU A 40 29.98 51.18 -43.11
N ILE A 41 29.40 49.99 -43.18
CA ILE A 41 30.17 48.77 -43.13
C ILE A 41 30.19 48.19 -44.53
N GLN A 42 31.39 48.16 -45.11
CA GLN A 42 31.57 47.68 -46.47
C GLN A 42 31.89 46.19 -46.61
N ASN A 43 31.66 45.66 -47.81
CA ASN A 43 31.93 44.27 -48.12
C ASN A 43 31.11 43.31 -47.25
N VAL A 44 29.87 43.71 -46.93
CA VAL A 44 28.99 42.88 -46.13
C VAL A 44 28.27 41.86 -47.03
N PRO A 45 28.45 40.56 -46.74
CA PRO A 45 27.79 39.56 -47.59
C PRO A 45 26.27 39.62 -47.45
N LYS A 46 25.59 39.17 -48.49
CA LYS A 46 24.12 39.15 -48.46
C LYS A 46 23.69 37.77 -47.98
N LEU A 47 23.50 37.65 -46.66
CA LEU A 47 23.11 36.39 -46.04
C LEU A 47 21.86 36.55 -45.21
N LYS A 48 21.16 35.44 -44.98
CA LYS A 48 19.93 35.45 -44.20
C LYS A 48 20.16 36.05 -42.81
N ASP A 49 21.30 35.74 -42.20
CA ASP A 49 21.60 36.26 -40.87
C ASP A 49 21.81 37.77 -40.88
N ILE A 50 22.28 38.32 -42.00
CA ILE A 50 22.48 39.76 -42.07
C ILE A 50 21.11 40.44 -42.13
N ASP A 51 20.16 39.78 -42.79
CA ASP A 51 18.80 40.32 -42.88
C ASP A 51 18.20 40.34 -41.49
N THR A 52 18.30 39.22 -40.79
CA THR A 52 17.75 39.10 -39.45
C THR A 52 18.37 40.14 -38.52
N THR A 53 19.68 40.34 -38.65
CA THR A 53 20.38 41.31 -37.82
C THR A 53 19.83 42.70 -38.10
N MET A 54 19.65 43.03 -39.37
CA MET A 54 19.12 44.34 -39.75
C MET A 54 17.70 44.51 -39.20
N LYS A 55 16.90 43.45 -39.27
CA LYS A 55 15.53 43.49 -38.77
C LYS A 55 15.55 43.80 -37.27
N LEU A 56 16.45 43.13 -36.54
CA LEU A 56 16.59 43.33 -35.09
C LEU A 56 17.06 44.76 -34.79
N LEU A 57 18.11 45.21 -35.47
CA LEU A 57 18.63 46.57 -35.26
C LEU A 57 17.54 47.60 -35.50
N THR A 58 16.81 47.43 -36.60
CA THR A 58 15.75 48.36 -36.94
C THR A 58 14.69 48.40 -35.85
N GLN A 59 14.36 47.25 -35.27
CA GLN A 59 13.33 47.25 -34.22
C GLN A 59 13.83 47.95 -32.97
N LEU A 60 15.15 48.03 -32.81
CA LEU A 60 15.70 48.70 -31.64
C LEU A 60 15.63 50.19 -31.84
N GLY A 61 15.19 50.60 -33.03
CA GLY A 61 15.10 52.02 -33.33
C GLY A 61 16.30 52.50 -34.13
N THR A 62 16.92 51.59 -34.87
CA THR A 62 18.08 51.93 -35.68
C THR A 62 17.65 52.15 -37.13
N LYS A 63 18.37 53.02 -37.83
CA LYS A 63 18.09 53.28 -39.23
C LYS A 63 19.09 52.44 -40.00
N VAL A 64 18.59 51.41 -40.68
CA VAL A 64 19.46 50.50 -41.43
C VAL A 64 19.06 50.39 -42.90
N GLU A 65 20.09 50.39 -43.76
CA GLU A 65 19.95 50.31 -45.22
C GLU A 65 21.17 49.60 -45.84
N ARG A 66 20.95 48.77 -46.83
CA ARG A 66 22.08 48.12 -47.47
C ARG A 66 21.89 48.01 -48.97
N GLY A 68 26.60 46.88 -51.54
CA GLY A 68 27.68 46.04 -51.04
C GLY A 68 27.93 46.36 -49.58
N SER A 69 27.47 47.55 -49.17
CA SER A 69 27.64 48.00 -47.79
C SER A 69 26.31 48.02 -47.03
N VAL A 70 26.42 48.14 -45.71
CA VAL A 70 25.26 48.24 -44.83
C VAL A 70 25.47 49.57 -44.11
N TRP A 71 24.52 50.48 -44.27
CA TRP A 71 24.62 51.78 -43.62
C TRP A 71 23.80 51.78 -42.33
N ILE A 72 24.46 52.16 -41.23
CA ILE A 72 23.82 52.18 -39.93
C ILE A 72 23.81 53.55 -39.27
N ASP A 73 22.67 53.89 -38.66
CA ASP A 73 22.51 55.14 -37.94
C ASP A 73 21.82 54.79 -36.63
N ALA A 74 22.63 54.64 -35.58
CA ALA A 74 22.13 54.29 -34.25
C ALA A 74 21.50 55.51 -33.59
N SER A 75 22.30 56.55 -33.39
CA SER A 75 21.87 57.80 -32.78
C SER A 75 20.59 57.74 -31.93
N ASN A 76 19.45 57.71 -32.60
CA ASN A 76 18.18 57.68 -31.91
C ASN A 76 17.66 56.27 -31.58
N VAL A 77 18.30 55.59 -30.64
CA VAL A 77 17.84 54.25 -30.27
C VAL A 77 16.92 54.35 -29.05
N ASN A 78 15.71 53.84 -29.19
CA ASN A 78 14.71 53.93 -28.12
C ASN A 78 14.18 52.62 -27.50
N ASN A 79 14.47 51.49 -28.13
CA ASN A 79 14.03 50.21 -27.59
C ASN A 79 15.30 49.42 -27.22
N PHE A 80 15.18 48.50 -26.27
CA PHE A 80 16.34 47.73 -25.82
C PHE A 80 16.08 46.25 -25.60
N SER A 81 15.11 45.71 -26.32
CA SER A 81 14.73 44.32 -26.16
C SER A 81 14.78 43.52 -27.46
N ALA A 82 15.33 42.31 -27.38
CA ALA A 82 15.42 41.42 -28.53
C ALA A 82 14.37 40.35 -28.29
N PRO A 83 13.25 40.41 -29.02
CA PRO A 83 12.15 39.44 -28.86
C PRO A 83 12.52 37.99 -29.09
N TYR A 84 11.89 37.13 -28.30
CA TYR A 84 12.08 35.68 -28.38
C TYR A 84 11.97 35.16 -29.81
N ASP A 85 10.86 35.51 -30.45
CA ASP A 85 10.57 35.09 -31.82
C ASP A 85 11.60 35.55 -32.86
N LEU A 86 12.57 36.34 -32.45
CA LEU A 86 13.60 36.82 -33.35
C LEU A 86 14.92 36.10 -33.06
N VAL A 87 15.31 36.02 -31.80
CA VAL A 87 16.57 35.35 -31.46
C VAL A 87 16.47 33.84 -31.68
N LYS A 88 15.25 33.31 -31.73
CA LYS A 88 15.09 31.88 -31.93
C LYS A 88 15.51 31.54 -33.36
N THR A 89 15.65 32.55 -34.21
CA THR A 89 16.05 32.32 -35.59
C THR A 89 17.53 32.66 -35.78
N MET A 90 18.14 33.31 -34.79
CA MET A 90 19.54 33.68 -34.84
C MET A 90 20.06 34.01 -33.44
N ARG A 91 20.76 33.07 -32.81
CA ARG A 91 21.26 33.31 -31.47
C ARG A 91 22.31 34.40 -31.45
N ALA A 92 22.95 34.67 -32.58
CA ALA A 92 23.97 35.71 -32.60
C ALA A 92 23.42 37.03 -32.12
N SER A 93 22.10 37.14 -32.02
CA SER A 93 21.50 38.38 -31.54
C SER A 93 21.86 38.62 -30.07
N ILE A 94 22.46 37.61 -29.43
CA ILE A 94 22.88 37.73 -28.03
C ILE A 94 23.91 38.88 -27.96
N TRP A 95 24.57 39.15 -29.08
CA TRP A 95 25.56 40.21 -29.14
C TRP A 95 25.02 41.62 -28.97
N ALA A 96 23.69 41.73 -28.88
CA ALA A 96 23.06 43.02 -28.71
C ALA A 96 23.07 43.46 -27.25
N LEU A 97 23.03 42.48 -26.35
CA LEU A 97 23.04 42.74 -24.91
C LEU A 97 24.20 43.62 -24.45
N GLY A 98 25.42 43.23 -24.83
CA GLY A 98 26.59 44.00 -24.45
C GLY A 98 26.55 45.48 -24.82
N PRO A 99 26.44 45.82 -26.11
CA PRO A 99 26.40 47.23 -26.50
C PRO A 99 25.23 47.99 -25.86
N LEU A 100 24.05 47.37 -25.82
CA LEU A 100 22.90 48.04 -25.24
C LEU A 100 23.12 48.46 -23.79
N VAL A 101 23.61 47.55 -22.95
CA VAL A 101 23.83 47.88 -21.56
C VAL A 101 24.99 48.85 -21.37
N ALA A 102 26.01 48.70 -22.21
CA ALA A 102 27.19 49.57 -22.12
C ALA A 102 26.89 51.01 -22.50
N ARG A 103 26.01 51.21 -23.47
CA ARG A 103 25.66 52.55 -23.92
C ARG A 103 24.39 53.13 -23.30
N PHE A 104 23.36 52.29 -23.10
CA PHE A 104 22.11 52.79 -22.54
C PHE A 104 21.81 52.30 -21.11
N GLY A 105 22.77 51.61 -20.51
CA GLY A 105 22.57 51.14 -19.15
C GLY A 105 21.56 50.03 -18.97
N GLN A 106 21.01 49.53 -20.06
CA GLN A 106 20.03 48.45 -19.96
C GLN A 106 19.94 47.67 -21.27
N GLY A 107 19.33 46.49 -21.19
CA GLY A 107 19.17 45.66 -22.37
C GLY A 107 18.64 44.30 -21.98
N GLN A 108 17.80 43.72 -22.84
CA GLN A 108 17.25 42.39 -22.59
C GLN A 108 17.18 41.61 -23.89
N VAL A 109 17.74 40.40 -23.86
CA VAL A 109 17.76 39.52 -25.03
C VAL A 109 17.17 38.18 -24.59
N SER A 110 16.36 37.56 -25.44
CA SER A 110 15.77 36.27 -25.11
C SER A 110 16.92 35.25 -24.99
N LEU A 111 16.96 34.50 -23.90
CA LEU A 111 18.00 33.50 -23.70
C LEU A 111 17.86 32.46 -24.79
N PRO A 112 18.86 32.36 -25.69
CA PRO A 112 18.75 31.36 -26.76
C PRO A 112 18.72 29.93 -26.22
N GLY A 113 17.94 29.08 -26.88
CA GLY A 113 17.82 27.70 -26.47
C GLY A 113 18.95 26.90 -27.10
N GLY A 114 18.76 25.59 -27.25
CA GLY A 114 19.81 24.78 -27.84
C GLY A 114 19.93 24.98 -29.33
N CYS A 115 21.08 24.60 -29.89
CA CYS A 115 21.33 24.71 -31.32
C CYS A 115 21.55 23.29 -31.82
N ALA A 116 21.56 23.09 -33.13
CA ALA A 116 21.75 21.76 -33.69
C ALA A 116 23.11 21.15 -33.37
N ILE A 117 24.17 21.92 -33.52
CA ILE A 117 25.52 21.42 -33.28
C ILE A 117 25.99 21.42 -31.83
N GLY A 118 25.16 21.93 -30.92
CA GLY A 118 25.55 21.97 -29.52
C GLY A 118 24.61 22.83 -28.70
N ALA A 119 24.65 22.66 -27.38
CA ALA A 119 23.82 23.43 -26.45
C ALA A 119 24.14 24.90 -26.58
N ARG A 120 25.42 25.18 -26.80
CA ARG A 120 25.94 26.53 -26.95
C ARG A 120 25.47 27.51 -25.88
N PRO A 121 25.82 27.23 -24.61
CA PRO A 121 25.41 28.12 -23.52
C PRO A 121 26.06 29.48 -23.75
N VAL A 122 25.57 30.48 -23.03
CA VAL A 122 26.07 31.82 -23.21
C VAL A 122 26.55 32.40 -21.87
N ASP A 123 26.88 31.51 -20.95
CA ASP A 123 27.32 31.85 -19.60
C ASP A 123 28.50 32.82 -19.51
N LEU A 124 29.52 32.62 -20.34
CA LEU A 124 30.70 33.48 -20.33
C LEU A 124 30.33 34.90 -20.71
N HIS A 125 29.33 35.07 -21.58
CA HIS A 125 28.89 36.40 -21.99
C HIS A 125 28.40 37.13 -20.75
N ILE A 126 27.48 36.48 -20.04
CA ILE A 126 26.89 37.02 -18.83
C ILE A 126 27.95 37.24 -17.75
N PHE A 127 28.80 36.23 -17.54
CA PHE A 127 29.88 36.33 -16.56
C PHE A 127 30.71 37.58 -16.84
N GLY A 128 31.01 37.81 -18.12
CA GLY A 128 31.81 38.96 -18.49
C GLY A 128 31.14 40.29 -18.21
N LEU A 129 29.87 40.42 -18.60
CA LEU A 129 29.15 41.66 -18.37
C LEU A 129 29.04 41.90 -16.86
N GLU A 130 28.77 40.84 -16.10
CA GLU A 130 28.67 40.98 -14.66
C GLU A 130 29.98 41.51 -14.07
N LYS A 131 31.11 41.01 -14.56
CA LYS A 131 32.41 41.46 -14.09
C LYS A 131 32.62 42.94 -14.42
N LEU A 132 31.94 43.44 -15.45
CA LEU A 132 32.06 44.85 -15.84
C LEU A 132 31.07 45.70 -15.07
N GLY A 133 30.33 45.05 -14.16
CA GLY A 133 29.40 45.78 -13.33
C GLY A 133 27.92 45.64 -13.62
N ALA A 134 27.56 44.97 -14.71
CA ALA A 134 26.15 44.81 -15.04
C ALA A 134 25.49 43.83 -14.10
N GLU A 135 24.21 44.05 -13.84
CA GLU A 135 23.45 43.15 -12.99
C GLU A 135 22.53 42.40 -13.94
N ILE A 136 22.63 41.08 -13.93
CA ILE A 136 21.80 40.29 -14.83
C ILE A 136 20.79 39.47 -14.07
N LYS A 137 19.58 39.38 -14.62
CA LYS A 137 18.52 38.60 -14.00
C LYS A 137 17.81 37.89 -15.13
N LEU A 138 17.47 36.62 -14.90
CA LEU A 138 16.78 35.85 -15.92
C LEU A 138 15.31 35.78 -15.59
N GLU A 139 14.46 36.32 -16.45
CA GLU A 139 13.03 36.22 -16.19
C GLU A 139 12.22 36.16 -17.46
N GLU A 140 11.29 35.20 -17.51
CA GLU A 140 10.42 34.96 -18.66
C GLU A 140 11.24 34.61 -19.89
N GLY A 141 12.37 33.93 -19.65
CA GLY A 141 13.23 33.54 -20.76
C GLY A 141 14.08 34.67 -21.30
N TYR A 142 14.09 35.80 -20.60
CA TYR A 142 14.86 36.97 -21.04
C TYR A 142 16.03 37.31 -20.10
N VAL A 143 17.23 37.40 -20.66
CA VAL A 143 18.39 37.74 -19.86
C VAL A 143 18.35 39.26 -19.84
N LYS A 144 17.93 39.80 -18.71
CA LYS A 144 17.82 41.24 -18.52
C LYS A 144 19.03 41.79 -17.77
N ALA A 145 19.72 42.72 -18.42
CA ALA A 145 20.90 43.32 -17.83
C ALA A 145 20.72 44.83 -17.63
N SER A 146 21.31 45.35 -16.55
CA SER A 146 21.24 46.77 -16.26
C SER A 146 22.46 47.21 -15.45
N VAL A 147 22.69 48.52 -15.44
CA VAL A 147 23.82 49.10 -14.72
C VAL A 147 23.56 50.57 -14.44
N ASN A 148 23.91 51.01 -13.24
CA ASN A 148 23.74 52.40 -12.81
C ASN A 148 24.92 53.22 -13.30
N GLY A 149 24.72 53.94 -14.40
CA GLY A 149 25.82 54.72 -14.94
C GLY A 149 26.64 53.88 -15.90
N ARG A 150 27.93 54.20 -16.04
CA ARG A 150 28.82 53.45 -16.94
C ARG A 150 29.39 52.19 -16.29
N LEU A 151 29.70 51.20 -17.12
CA LEU A 151 30.28 49.94 -16.63
C LEU A 151 31.68 50.27 -16.14
N LYS A 152 32.26 49.39 -15.32
CA LYS A 152 33.60 49.62 -14.80
C LYS A 152 34.61 48.63 -15.36
N GLY A 153 35.73 49.15 -15.86
CA GLY A 153 36.75 48.27 -16.41
C GLY A 153 37.13 47.24 -15.36
N ALA A 154 37.51 46.04 -15.81
CA ALA A 154 37.88 44.97 -14.90
C ALA A 154 38.85 44.01 -15.55
N HIS A 155 39.54 43.22 -14.73
CA HIS A 155 40.48 42.24 -15.23
C HIS A 155 39.67 40.94 -15.25
N ILE A 156 39.33 40.49 -16.46
CA ILE A 156 38.52 39.29 -16.61
C ILE A 156 39.29 38.13 -17.22
N VAL A 157 39.32 37.01 -16.52
CA VAL A 157 40.02 35.84 -17.03
C VAL A 157 38.97 34.84 -17.52
N MET A 158 39.00 34.54 -18.81
CA MET A 158 38.06 33.61 -19.41
C MET A 158 38.47 32.19 -19.07
N ASP A 159 37.55 31.37 -18.56
CA ASP A 159 37.94 30.00 -18.23
C ASP A 159 37.44 29.05 -19.31
N LYS A 160 37.64 29.47 -20.55
CA LYS A 160 37.26 28.73 -21.74
C LYS A 160 37.38 29.76 -22.87
N VAL A 161 37.93 29.36 -24.00
CA VAL A 161 38.10 30.28 -25.12
C VAL A 161 36.80 30.38 -25.89
N SER A 162 36.24 31.59 -25.94
CA SER A 162 34.98 31.82 -26.63
C SER A 162 35.05 33.05 -27.52
N VAL A 163 34.72 32.85 -28.80
CA VAL A 163 34.73 33.93 -29.78
C VAL A 163 33.64 34.91 -29.41
N GLY A 164 32.42 34.38 -29.22
CA GLY A 164 31.27 35.19 -28.88
C GLY A 164 31.46 36.01 -27.61
N ALA A 165 31.85 35.34 -26.52
CA ALA A 165 32.05 36.03 -25.24
C ALA A 165 33.13 37.11 -25.34
N THR A 166 34.21 36.83 -26.07
CA THR A 166 35.28 37.82 -26.23
C THR A 166 34.71 39.07 -26.89
N VAL A 167 33.87 38.89 -27.91
CA VAL A 167 33.25 40.00 -28.62
C VAL A 167 32.35 40.82 -27.69
N THR A 168 31.46 40.14 -26.97
CA THR A 168 30.56 40.82 -26.05
C THR A 168 31.31 41.68 -25.05
N ILE A 169 32.29 41.08 -24.38
CA ILE A 169 33.06 41.79 -23.37
C ILE A 169 33.85 42.93 -23.96
N MET A 170 34.60 42.66 -25.03
CA MET A 170 35.41 43.70 -25.67
C MET A 170 34.56 44.87 -26.14
N SER A 171 33.39 44.58 -26.70
CA SER A 171 32.51 45.63 -27.18
C SER A 171 31.99 46.49 -26.04
N ALA A 172 31.45 45.86 -25.01
CA ALA A 172 30.91 46.59 -23.87
C ALA A 172 31.99 47.43 -23.15
N ALA A 173 33.21 46.92 -23.09
CA ALA A 173 34.29 47.61 -22.39
C ALA A 173 34.69 48.94 -23.03
N THR A 174 34.44 49.11 -24.32
CA THR A 174 34.83 50.35 -24.99
C THR A 174 34.19 51.60 -24.37
N LEU A 175 33.00 51.44 -23.80
CA LEU A 175 32.30 52.56 -23.17
C LEU A 175 32.34 52.47 -21.66
N ALA A 176 33.21 51.60 -21.15
CA ALA A 176 33.33 51.43 -19.70
C ALA A 176 34.22 52.50 -19.09
N GLU A 177 34.11 52.63 -17.78
CA GLU A 177 34.90 53.61 -17.04
C GLU A 177 36.15 52.89 -16.58
N GLY A 178 37.29 53.22 -17.16
CA GLY A 178 38.52 52.57 -16.75
C GLY A 178 39.07 51.62 -17.79
N THR A 179 40.00 50.77 -17.35
CA THR A 179 40.62 49.81 -18.25
C THR A 179 40.17 48.37 -18.01
N THR A 180 39.91 47.66 -19.10
CA THR A 180 39.50 46.26 -19.02
C THR A 180 40.58 45.42 -19.67
N ILE A 181 40.81 44.24 -19.12
CA ILE A 181 41.80 43.31 -19.66
C ILE A 181 41.17 41.95 -19.76
N ILE A 182 41.15 41.39 -20.96
CA ILE A 182 40.56 40.08 -21.18
C ILE A 182 41.67 39.03 -21.32
N GLU A 183 41.77 38.16 -20.33
CA GLU A 183 42.76 37.09 -20.30
C GLU A 183 42.19 35.87 -20.99
N ASN A 184 43.03 35.18 -21.75
CA ASN A 184 42.62 33.99 -22.49
C ASN A 184 41.51 34.33 -23.47
N ALA A 185 41.66 35.47 -24.15
CA ALA A 185 40.70 35.94 -25.14
C ALA A 185 40.83 35.11 -26.41
N ALA A 186 39.76 35.06 -27.20
CA ALA A 186 39.79 34.33 -28.46
C ALA A 186 40.66 35.12 -29.44
N ARG A 187 41.44 34.40 -30.23
CA ARG A 187 42.32 35.05 -31.19
C ARG A 187 41.83 35.02 -32.64
N GLU A 188 40.58 34.58 -32.88
CA GLU A 188 40.04 34.52 -34.24
C GLU A 188 40.12 35.86 -35.01
N PRO A 189 40.45 35.78 -36.32
CA PRO A 189 40.58 36.94 -37.21
C PRO A 189 39.40 37.90 -37.11
N GLU A 190 38.21 37.34 -36.88
CA GLU A 190 37.00 38.14 -36.74
C GLU A 190 37.09 39.03 -35.50
N ILE A 191 37.77 38.53 -34.47
CA ILE A 191 37.95 39.29 -33.23
C ILE A 191 38.81 40.51 -33.55
N VAL A 192 39.87 40.28 -34.33
CA VAL A 192 40.76 41.35 -34.74
C VAL A 192 39.99 42.39 -35.56
N ASP A 193 39.18 41.90 -36.49
CA ASP A 193 38.37 42.77 -37.33
C ASP A 193 37.35 43.59 -36.52
N THR A 194 36.68 42.95 -35.57
CA THR A 194 35.72 43.66 -34.75
C THR A 194 36.45 44.72 -33.92
N ALA A 195 37.62 44.34 -33.40
CA ALA A 195 38.43 45.26 -32.60
C ALA A 195 38.79 46.51 -33.42
N ASN A 196 39.31 46.30 -34.62
CA ASN A 196 39.69 47.43 -35.46
C ASN A 196 38.49 48.29 -35.86
N PHE A 197 37.32 47.68 -35.95
CA PHE A 197 36.12 48.44 -36.28
C PHE A 197 35.85 49.40 -35.12
N LEU A 198 35.85 48.85 -33.91
CA LEU A 198 35.61 49.65 -32.71
C LEU A 198 36.63 50.78 -32.61
N VAL A 199 37.89 50.48 -32.87
CA VAL A 199 38.94 51.48 -32.83
C VAL A 199 38.65 52.58 -33.85
N ALA A 200 38.06 52.21 -34.97
CA ALA A 200 37.73 53.18 -36.01
C ALA A 200 36.64 54.14 -35.53
N LEU A 201 35.79 53.65 -34.62
CA LEU A 201 34.72 54.48 -34.07
C LEU A 201 35.24 55.36 -32.95
N GLY A 202 36.51 55.15 -32.59
CA GLY A 202 37.13 55.94 -31.54
C GLY A 202 37.55 55.16 -30.30
N ALA A 203 37.22 53.87 -30.27
CA ALA A 203 37.58 53.03 -29.12
C ALA A 203 39.08 52.85 -29.02
N LYS A 204 39.55 52.54 -27.81
CA LYS A 204 40.97 52.34 -27.56
C LYS A 204 41.19 50.87 -27.20
N ILE A 205 41.69 50.10 -28.15
CA ILE A 205 41.91 48.67 -27.91
C ILE A 205 43.26 48.22 -28.44
N SER A 206 43.89 47.28 -27.74
CA SER A 206 45.17 46.74 -28.15
C SER A 206 45.24 45.28 -27.70
N GLY A 207 46.04 44.49 -28.39
CA GLY A 207 46.15 43.08 -28.04
C GLY A 207 45.24 42.15 -28.85
N GLN A 208 44.30 42.71 -29.61
CA GLN A 208 43.40 41.88 -30.40
C GLN A 208 44.25 40.95 -31.25
N GLY A 209 43.90 39.67 -31.25
CA GLY A 209 44.67 38.71 -32.01
C GLY A 209 45.57 37.91 -31.09
N THR A 210 45.72 38.38 -29.85
CA THR A 210 46.54 37.68 -28.85
C THR A 210 45.58 37.19 -27.77
N ASP A 211 46.09 36.46 -26.78
CA ASP A 211 45.20 35.97 -25.74
C ASP A 211 44.95 36.96 -24.59
N ARG A 212 45.41 38.21 -24.78
CA ARG A 212 45.19 39.27 -23.80
C ARG A 212 44.79 40.55 -24.52
N ILE A 213 43.54 40.95 -24.35
CA ILE A 213 43.03 42.16 -24.98
C ILE A 213 42.84 43.24 -23.94
N THR A 214 43.37 44.43 -24.21
CA THR A 214 43.25 45.54 -23.30
C THR A 214 42.39 46.64 -23.91
N ILE A 215 41.36 47.05 -23.17
CA ILE A 215 40.46 48.08 -23.63
C ILE A 215 40.40 49.21 -22.60
N GLU A 216 40.57 50.45 -23.06
CA GLU A 216 40.49 51.59 -22.17
C GLU A 216 39.23 52.34 -22.59
N GLY A 217 38.20 52.27 -21.75
CA GLY A 217 36.96 52.94 -22.07
C GLY A 217 37.06 54.40 -22.43
N VAL A 218 36.07 54.88 -23.17
CA VAL A 218 35.98 56.28 -23.59
C VAL A 218 34.54 56.69 -23.37
N GLU A 219 34.26 58.00 -23.41
CA GLU A 219 32.91 58.47 -23.17
C GLU A 219 31.91 58.06 -24.22
N ARG A 220 32.30 58.16 -25.49
CA ARG A 220 31.41 57.79 -26.57
C ARG A 220 32.15 57.39 -27.84
N LEU A 221 31.42 56.71 -28.72
CA LEU A 221 31.98 56.28 -29.98
C LEU A 221 31.28 57.06 -31.11
N GLY A 222 32.05 57.44 -32.12
CA GLY A 222 31.50 58.19 -33.23
C GLY A 222 30.92 57.35 -34.35
N GLY A 223 31.45 57.55 -35.55
CA GLY A 223 30.98 56.81 -36.71
C GLY A 223 32.16 56.56 -37.62
N GLY A 224 31.88 56.20 -38.87
CA GLY A 224 32.97 55.96 -39.81
C GLY A 224 32.66 54.95 -40.89
N VAL A 225 33.71 54.51 -41.57
CA VAL A 225 33.58 53.53 -42.64
C VAL A 225 34.59 52.39 -42.42
N TYR A 226 34.09 51.16 -42.43
CA TYR A 226 34.95 49.98 -42.23
C TYR A 226 34.60 48.85 -43.20
N ARG A 227 35.63 48.25 -43.79
CA ARG A 227 35.43 47.15 -44.74
C ARG A 227 35.72 45.80 -44.08
N VAL A 228 34.71 44.93 -44.05
CA VAL A 228 34.84 43.61 -43.45
C VAL A 228 35.89 42.76 -44.18
N LEU A 229 36.65 41.95 -43.43
CA LEU A 229 37.66 41.10 -44.05
C LEU A 229 37.03 39.91 -44.79
N PRO A 230 37.81 39.26 -45.67
CA PRO A 230 37.31 38.12 -46.44
C PRO A 230 36.88 36.98 -45.52
N ASP A 231 35.87 36.23 -45.97
CA ASP A 231 35.34 35.10 -45.23
C ASP A 231 36.27 33.90 -45.42
N ARG A 232 37.06 33.59 -44.40
CA ARG A 232 38.00 32.47 -44.50
C ARG A 232 37.32 31.10 -44.64
N ILE A 233 36.12 30.96 -44.12
CA ILE A 233 35.42 29.68 -44.22
C ILE A 233 34.88 29.47 -45.63
N GLU A 234 34.42 30.54 -46.26
CA GLU A 234 33.92 30.42 -47.62
C GLU A 234 35.12 30.01 -48.47
N THR A 235 36.25 30.67 -48.23
CA THR A 235 37.49 30.40 -48.95
C THR A 235 37.88 28.94 -48.80
N GLY A 236 37.91 28.47 -47.55
CA GLY A 236 38.26 27.08 -47.31
C GLY A 236 37.27 26.13 -47.96
N THR A 237 36.01 26.51 -48.00
CA THR A 237 35.00 25.66 -48.61
C THR A 237 35.27 25.46 -50.10
N PHE A 238 35.59 26.54 -50.81
CA PHE A 238 35.88 26.45 -52.24
C PHE A 238 37.20 25.76 -52.53
N LEU A 239 38.20 25.94 -51.66
CA LEU A 239 39.48 25.29 -51.87
C LEU A 239 39.25 23.78 -51.74
N VAL A 240 38.37 23.39 -50.81
CA VAL A 240 38.05 21.97 -50.63
C VAL A 240 37.27 21.46 -51.84
N ALA A 241 36.43 22.33 -52.40
CA ALA A 241 35.64 21.96 -53.57
C ALA A 241 36.58 21.47 -54.67
N ALA A 242 37.69 22.20 -54.86
CA ALA A 242 38.65 21.83 -55.88
C ALA A 242 39.43 20.58 -55.46
N ALA A 243 39.91 20.56 -54.23
CA ALA A 243 40.68 19.44 -53.72
C ALA A 243 39.99 18.08 -53.81
N ILE A 244 38.66 18.05 -53.69
CA ILE A 244 37.96 16.78 -53.75
C ILE A 244 37.48 16.41 -55.15
N SER A 245 37.59 17.34 -56.08
CA SER A 245 37.14 17.08 -57.45
C SER A 245 38.29 17.08 -58.46
N GLY A 246 39.52 16.94 -57.95
CA GLY A 246 40.68 16.93 -58.83
C GLY A 246 40.87 18.20 -59.64
N GLY A 247 40.11 19.24 -59.28
CA GLY A 247 40.20 20.51 -59.99
C GLY A 247 41.30 21.46 -59.56
N LYS A 248 41.21 22.68 -60.09
CA LYS A 248 42.15 23.76 -59.85
C LYS A 248 41.31 25.03 -59.68
N ILE A 249 41.62 25.82 -58.66
CA ILE A 249 40.85 27.02 -58.43
C ILE A 249 41.68 28.16 -57.84
N VAL A 250 41.22 29.38 -58.08
CA VAL A 250 41.88 30.56 -57.58
C VAL A 250 40.81 31.38 -56.87
N CYS A 251 41.06 31.69 -55.60
CA CYS A 251 40.11 32.48 -54.82
C CYS A 251 40.60 33.92 -54.80
N ARG A 252 39.77 34.84 -55.28
CA ARG A 252 40.12 36.25 -55.30
C ARG A 252 39.53 36.93 -54.08
N ASN A 253 40.11 38.06 -53.68
CA ASN A 253 39.65 38.80 -52.50
C ASN A 253 39.79 37.94 -51.24
N ALA A 254 40.88 37.18 -51.19
CA ALA A 254 41.16 36.30 -50.07
C ALA A 254 42.20 36.90 -49.13
N GLN A 255 42.34 36.30 -47.96
CA GLN A 255 43.33 36.74 -46.98
C GLN A 255 44.01 35.48 -46.44
N PRO A 256 45.04 35.01 -47.15
CA PRO A 256 45.84 33.82 -46.83
C PRO A 256 46.27 33.59 -45.36
N ASP A 257 46.73 34.64 -44.69
CA ASP A 257 47.19 34.48 -43.31
C ASP A 257 46.15 34.00 -42.33
N THR A 258 44.89 33.97 -42.74
CA THR A 258 43.81 33.52 -41.87
C THR A 258 43.52 32.03 -42.08
N LEU A 259 44.30 31.38 -42.93
CA LEU A 259 44.09 29.97 -43.24
C LEU A 259 45.31 29.07 -43.17
N ASP A 260 46.32 29.44 -42.38
CA ASP A 260 47.51 28.60 -42.30
C ASP A 260 47.20 27.14 -42.01
N ALA A 261 46.37 26.88 -41.00
CA ALA A 261 46.03 25.49 -40.65
C ALA A 261 45.36 24.75 -41.80
N VAL A 262 44.35 25.37 -42.40
CA VAL A 262 43.63 24.76 -43.51
C VAL A 262 44.53 24.48 -44.72
N LEU A 263 45.34 25.46 -45.10
CA LEU A 263 46.25 25.31 -46.23
C LEU A 263 47.28 24.21 -45.97
N ALA A 264 47.75 24.14 -44.74
CA ALA A 264 48.73 23.12 -44.37
C ALA A 264 48.10 21.76 -44.52
N LYS A 265 46.84 21.64 -44.09
CA LYS A 265 46.12 20.36 -44.16
C LYS A 265 45.81 19.98 -45.60
N LEU A 266 45.51 20.96 -46.42
CA LEU A 266 45.23 20.69 -47.83
C LEU A 266 46.49 20.19 -48.51
N ARG A 267 47.64 20.74 -48.16
CA ARG A 267 48.91 20.30 -48.75
C ARG A 267 49.17 18.85 -48.33
N GLU A 268 48.84 18.53 -47.08
CA GLU A 268 49.01 17.18 -46.58
C GLU A 268 48.13 16.22 -47.37
N ALA A 269 47.01 16.73 -47.88
CA ALA A 269 46.08 15.92 -48.66
C ALA A 269 46.58 15.79 -50.10
N GLY A 270 47.65 16.53 -50.41
CA GLY A 270 48.23 16.49 -51.74
C GLY A 270 47.99 17.67 -52.66
N ALA A 271 47.40 18.75 -52.15
CA ALA A 271 47.13 19.91 -52.99
C ALA A 271 48.36 20.77 -53.25
N ASP A 272 48.43 21.35 -54.44
CA ASP A 272 49.52 22.24 -54.84
C ASP A 272 48.96 23.63 -54.61
N ILE A 273 49.40 24.27 -53.54
CA ILE A 273 48.90 25.58 -53.17
C ILE A 273 49.92 26.72 -53.26
N GLU A 274 49.47 27.85 -53.78
CA GLU A 274 50.31 29.03 -53.90
C GLU A 274 49.43 30.17 -53.40
N THR A 275 50.04 31.19 -52.82
CA THR A 275 49.29 32.32 -52.31
C THR A 275 49.88 33.64 -52.72
N GLY A 276 49.03 34.67 -52.74
CA GLY A 276 49.47 36.00 -53.09
C GLY A 276 49.04 36.94 -52.00
N GLU A 277 49.07 38.23 -52.29
CA GLU A 277 48.68 39.24 -51.32
C GLU A 277 47.21 39.10 -50.96
N ASP A 278 46.37 38.85 -51.96
CA ASP A 278 44.93 38.73 -51.74
C ASP A 278 44.28 37.59 -52.53
N TRP A 279 45.01 36.52 -52.76
CA TRP A 279 44.47 35.39 -53.50
C TRP A 279 45.17 34.09 -53.11
N ILE A 280 44.48 32.99 -53.34
CA ILE A 280 44.99 31.67 -53.05
C ILE A 280 44.63 30.78 -54.23
N SER A 281 45.55 29.93 -54.65
CA SER A 281 45.29 29.03 -55.75
C SER A 281 45.57 27.61 -55.29
N LEU A 282 44.72 26.68 -55.71
CA LEU A 282 44.90 25.28 -55.35
C LEU A 282 44.70 24.44 -56.61
N ASP A 283 45.64 23.53 -56.85
CA ASP A 283 45.58 22.65 -58.01
C ASP A 283 45.80 21.23 -57.52
N MET A 284 44.86 20.34 -57.81
CA MET A 284 45.02 18.95 -57.40
C MET A 284 45.71 18.14 -58.50
N HIS A 285 45.80 18.74 -59.68
CA HIS A 285 46.42 18.09 -60.82
C HIS A 285 45.71 16.78 -61.09
N GLY A 286 44.39 16.83 -61.05
CA GLY A 286 43.58 15.65 -61.30
C GLY A 286 43.74 14.50 -60.33
N LYS A 287 44.49 14.70 -59.25
CA LYS A 287 44.68 13.63 -58.29
C LYS A 287 43.58 13.55 -57.24
N ARG A 288 43.43 12.34 -56.70
CA ARG A 288 42.47 12.06 -55.64
C ARG A 288 43.19 12.51 -54.36
N PRO A 289 42.46 13.10 -53.40
CA PRO A 289 43.11 13.53 -52.15
C PRO A 289 43.61 12.42 -51.25
N LYS A 290 44.63 12.72 -50.46
CA LYS A 290 45.20 11.76 -49.51
C LYS A 290 44.53 12.02 -48.16
N ALA A 291 44.11 10.95 -47.47
CA ALA A 291 43.46 11.09 -46.18
C ALA A 291 44.33 11.88 -45.22
N VAL A 292 43.70 12.73 -44.41
CA VAL A 292 44.43 13.53 -43.42
C VAL A 292 43.82 13.40 -42.03
N THR A 293 44.58 13.80 -41.01
CA THR A 293 44.12 13.74 -39.63
C THR A 293 43.92 15.16 -39.14
N VAL A 294 42.73 15.43 -38.61
CA VAL A 294 42.40 16.76 -38.15
C VAL A 294 41.90 16.82 -36.72
N ARG A 295 42.18 17.94 -36.07
CA ARG A 295 41.73 18.18 -34.71
C ARG A 295 41.35 19.65 -34.60
N THR A 296 40.05 19.92 -34.53
CA THR A 296 39.59 21.30 -34.43
C THR A 296 40.00 21.90 -33.10
N ALA A 297 40.18 23.22 -33.09
CA ALA A 297 40.58 23.94 -31.89
C ALA A 297 40.51 25.43 -32.18
N PRO A 298 40.62 26.28 -31.15
CA PRO A 298 40.56 27.72 -31.37
C PRO A 298 41.65 28.17 -32.34
N HIS A 299 41.39 29.27 -33.03
CA HIS A 299 42.33 29.83 -33.99
C HIS A 299 43.67 30.05 -33.25
N PRO A 300 44.81 29.94 -33.95
CA PRO A 300 45.05 29.65 -35.37
C PRO A 300 45.04 28.17 -35.76
N ALA A 301 44.52 27.31 -34.90
CA ALA A 301 44.45 25.89 -35.22
C ALA A 301 43.36 25.61 -36.27
N PHE A 302 43.18 24.35 -36.64
CA PHE A 302 42.16 24.00 -37.62
C PHE A 302 40.79 24.40 -37.07
N PRO A 303 40.05 25.24 -37.82
CA PRO A 303 38.72 25.75 -37.44
C PRO A 303 37.59 24.74 -37.56
N THR A 304 36.73 24.70 -36.55
CA THR A 304 35.60 23.78 -36.53
C THR A 304 34.62 24.05 -37.67
N ALA A 305 34.58 25.28 -38.15
CA ALA A 305 33.70 25.65 -39.26
C ALA A 305 34.12 25.01 -40.58
N MET A 306 35.27 24.33 -40.59
CA MET A 306 35.79 23.67 -41.80
C MET A 306 35.74 22.16 -41.68
N GLN A 307 35.45 21.69 -40.46
CA GLN A 307 35.40 20.27 -40.16
C GLN A 307 34.48 19.43 -41.05
N ALA A 308 33.24 19.87 -41.26
CA ALA A 308 32.32 19.10 -42.09
C ALA A 308 32.88 18.93 -43.49
N GLN A 309 33.40 20.03 -44.03
CA GLN A 309 33.97 20.00 -45.37
C GLN A 309 35.15 19.03 -45.45
N PHE A 310 35.99 19.01 -44.42
CA PHE A 310 37.13 18.10 -44.43
C PHE A 310 36.70 16.67 -44.16
N THR A 311 35.55 16.49 -43.53
CA THR A 311 35.05 15.14 -43.30
C THR A 311 34.80 14.54 -44.69
N LEU A 312 34.18 15.35 -45.56
CA LEU A 312 33.88 14.93 -46.93
C LEU A 312 35.18 14.57 -47.64
N LEU A 313 36.14 15.49 -47.60
CA LEU A 313 37.41 15.25 -48.24
C LEU A 313 37.97 13.88 -47.85
N ASN A 314 38.01 13.60 -46.55
CA ASN A 314 38.51 12.30 -46.11
C ASN A 314 37.65 11.13 -46.62
N LEU A 315 36.33 11.32 -46.64
CA LEU A 315 35.44 10.25 -47.08
C LEU A 315 35.63 9.82 -48.54
N VAL A 316 36.28 10.66 -49.35
CA VAL A 316 36.54 10.33 -50.75
C VAL A 316 38.05 10.35 -51.00
N ALA A 317 38.83 10.29 -49.92
CA ALA A 317 40.28 10.31 -50.03
C ALA A 317 40.89 8.93 -49.98
N GLU A 318 42.18 8.86 -50.27
CA GLU A 318 42.93 7.62 -50.26
C GLU A 318 43.43 7.34 -48.84
N GLY A 319 42.90 6.31 -48.20
CA GLY A 319 43.34 5.99 -46.86
C GLY A 319 42.34 6.21 -45.74
N THR A 320 42.83 6.06 -44.50
CA THR A 320 41.99 6.23 -43.33
C THR A 320 42.28 7.58 -42.66
N GLY A 321 41.30 8.47 -42.72
CA GLY A 321 41.45 9.77 -42.11
C GLY A 321 40.69 9.87 -40.81
N VAL A 322 41.24 10.58 -39.83
CA VAL A 322 40.60 10.72 -38.54
C VAL A 322 40.40 12.17 -38.19
N ILE A 323 39.15 12.52 -37.88
CA ILE A 323 38.81 13.90 -37.52
C ILE A 323 38.25 13.98 -36.11
N THR A 324 38.85 14.83 -35.29
CA THR A 324 38.44 15.02 -33.92
C THR A 324 37.90 16.44 -33.75
N GLU A 325 36.66 16.54 -33.31
CA GLU A 325 36.01 17.84 -33.09
C GLU A 325 36.03 18.15 -31.60
N THR A 326 36.65 19.27 -31.22
CA THR A 326 36.75 19.65 -29.81
C THR A 326 35.98 20.92 -29.42
N ILE A 327 35.30 21.56 -30.38
CA ILE A 327 34.57 22.79 -30.10
C ILE A 327 33.07 22.57 -29.85
N PHE A 328 32.40 21.78 -30.70
CA PHE A 328 30.98 21.53 -30.52
C PHE A 328 30.65 20.05 -30.35
N GLU A 329 29.81 19.76 -29.35
CA GLU A 329 29.41 18.38 -28.99
C GLU A 329 28.63 17.62 -30.02
N ASN A 330 27.98 18.33 -30.94
CA ASN A 330 27.16 17.66 -31.94
C ASN A 330 27.38 18.17 -33.36
N ARG A 331 28.58 17.98 -33.89
CA ARG A 331 28.85 18.48 -35.25
C ARG A 331 29.28 17.40 -36.22
N PHE A 332 28.61 16.26 -36.16
CA PHE A 332 28.88 15.15 -37.05
C PHE A 332 27.61 14.73 -37.74
N MET A 333 26.62 15.62 -37.74
CA MET A 333 25.34 15.33 -38.36
C MET A 333 25.39 15.08 -39.85
N HIS A 334 26.45 15.51 -40.52
CA HIS A 334 26.60 15.31 -41.96
C HIS A 334 27.02 13.88 -42.27
N VAL A 335 27.71 13.25 -41.32
CA VAL A 335 28.19 11.89 -41.51
C VAL A 335 27.13 10.86 -41.91
N PRO A 336 26.02 10.76 -41.15
CA PRO A 336 25.00 9.78 -41.51
C PRO A 336 24.44 10.05 -42.91
N GLU A 337 24.42 11.32 -43.31
CA GLU A 337 23.89 11.68 -44.63
C GLU A 337 24.87 11.24 -45.74
N LEU A 338 26.16 11.50 -45.54
CA LEU A 338 27.15 11.09 -46.52
C LEU A 338 27.20 9.58 -46.63
N ILE A 339 26.91 8.88 -45.54
CA ILE A 339 26.92 7.43 -45.58
C ILE A 339 25.83 6.95 -46.56
N ARG A 340 24.74 7.71 -46.65
CA ARG A 340 23.67 7.36 -47.56
C ARG A 340 24.19 7.44 -49.00
N MET A 341 25.20 8.29 -49.20
CA MET A 341 25.81 8.47 -50.51
C MET A 341 26.96 7.50 -50.75
N GLY A 342 27.08 6.50 -49.88
CA GLY A 342 28.12 5.51 -50.05
C GLY A 342 29.40 5.66 -49.23
N ALA A 343 29.53 6.71 -48.42
CA ALA A 343 30.74 6.90 -47.61
C ALA A 343 30.83 5.83 -46.50
N HIS A 344 32.04 5.62 -45.99
CA HIS A 344 32.24 4.63 -44.94
C HIS A 344 32.94 5.28 -43.76
N ALA A 345 32.25 5.33 -42.62
CA ALA A 345 32.82 5.96 -41.44
C ALA A 345 32.15 5.50 -40.16
N GLU A 346 32.87 5.65 -39.05
CA GLU A 346 32.34 5.31 -37.73
C GLU A 346 32.60 6.48 -36.81
N ILE A 347 31.63 6.79 -35.96
CA ILE A 347 31.75 7.88 -35.02
C ILE A 347 32.01 7.26 -33.64
N GLU A 348 33.07 7.68 -32.99
CA GLU A 348 33.43 7.20 -31.66
C GLU A 348 33.62 8.44 -30.80
N SER A 349 32.63 8.73 -29.99
CA SER A 349 32.69 9.93 -29.16
C SER A 349 32.82 11.16 -30.06
N ASN A 350 33.86 11.97 -29.85
CA ASN A 350 34.01 13.17 -30.64
C ASN A 350 35.01 13.08 -31.82
N THR A 351 35.16 11.90 -32.40
CA THR A 351 36.04 11.79 -33.56
C THR A 351 35.43 10.80 -34.56
N VAL A 352 35.62 11.08 -35.86
CA VAL A 352 35.11 10.21 -36.93
C VAL A 352 36.25 9.48 -37.60
N ILE A 353 36.11 8.17 -37.74
CA ILE A 353 37.13 7.38 -38.41
C ILE A 353 36.61 7.29 -39.84
N CYS A 354 37.38 7.84 -40.78
CA CYS A 354 36.98 7.83 -42.18
C CYS A 354 37.75 6.82 -43.02
N HIS A 355 37.02 6.14 -43.89
CA HIS A 355 37.60 5.14 -44.80
C HIS A 355 37.22 5.61 -46.20
N GLY A 356 38.07 6.42 -46.79
CA GLY A 356 37.80 6.96 -48.12
C GLY A 356 37.42 5.95 -49.16
N VAL A 357 36.54 6.37 -50.08
CA VAL A 357 36.12 5.52 -51.18
C VAL A 357 36.36 6.25 -52.51
N GLU A 358 36.43 5.49 -53.60
CA GLU A 358 36.67 6.05 -54.93
C GLU A 358 35.62 7.08 -55.33
N LYS A 359 34.36 6.65 -55.37
CA LYS A 359 33.30 7.56 -55.77
C LYS A 359 32.02 7.40 -54.94
N LEU A 360 31.32 8.52 -54.74
CA LEU A 360 30.08 8.55 -53.99
C LEU A 360 28.90 8.39 -54.96
N SER A 361 27.76 7.96 -54.44
CA SER A 361 26.57 7.78 -55.25
C SER A 361 25.53 8.84 -54.91
N GLY A 362 24.95 9.45 -55.93
CA GLY A 362 23.93 10.46 -55.67
C GLY A 362 22.78 9.85 -54.91
N ALA A 363 22.16 10.64 -54.04
CA ALA A 363 21.02 10.17 -53.26
C ALA A 363 20.37 11.37 -52.61
N GLN A 364 19.24 11.14 -51.95
CA GLN A 364 18.54 12.23 -51.29
C GLN A 364 19.09 12.35 -49.87
N VAL A 365 19.67 13.50 -49.57
CA VAL A 365 20.23 13.74 -48.25
C VAL A 365 19.63 14.99 -47.66
N MET A 366 19.81 15.18 -46.37
CA MET A 366 19.25 16.34 -45.70
C MET A 366 20.26 17.21 -44.97
N ALA A 367 20.26 18.49 -45.30
CA ALA A 367 21.16 19.44 -44.66
C ALA A 367 20.66 19.59 -43.23
N THR A 368 21.58 19.64 -42.27
CA THR A 368 21.23 19.77 -40.87
C THR A 368 21.73 21.06 -40.25
N ASP A 369 22.71 21.68 -40.90
CA ASP A 369 23.29 22.92 -40.40
C ASP A 369 24.06 23.60 -41.54
N LEU A 370 24.48 24.83 -41.30
CA LEU A 370 25.20 25.60 -42.30
C LEU A 370 26.35 24.88 -43.01
N ARG A 371 27.40 24.52 -42.29
CA ARG A 371 28.53 23.87 -42.94
C ARG A 371 28.23 22.47 -43.48
N ALA A 372 27.30 21.78 -42.84
CA ALA A 372 26.95 20.45 -43.31
C ALA A 372 26.27 20.56 -44.68
N SER A 373 25.40 21.55 -44.81
CA SER A 373 24.68 21.74 -46.08
C SER A 373 25.66 21.96 -47.22
N ALA A 374 26.66 22.82 -46.99
CA ALA A 374 27.66 23.09 -48.03
C ALA A 374 28.41 21.80 -48.35
N SER A 375 28.71 21.01 -47.33
CA SER A 375 29.41 19.73 -47.53
C SER A 375 28.57 18.79 -48.39
N LEU A 376 27.27 18.71 -48.11
CA LEU A 376 26.42 17.83 -48.88
C LEU A 376 26.30 18.30 -50.32
N VAL A 377 26.28 19.62 -50.53
CA VAL A 377 26.21 20.13 -51.88
C VAL A 377 27.48 19.77 -52.66
N LEU A 378 28.64 19.92 -52.02
CA LEU A 378 29.89 19.56 -52.68
C LEU A 378 29.89 18.06 -52.95
N ALA A 379 29.33 17.28 -52.05
CA ALA A 379 29.29 15.83 -52.25
C ALA A 379 28.50 15.55 -53.51
N GLY A 380 27.37 16.22 -53.68
CA GLY A 380 26.56 16.02 -54.88
C GLY A 380 27.34 16.33 -56.13
N CYS A 381 28.19 17.36 -56.08
CA CYS A 381 28.98 17.75 -57.24
C CYS A 381 29.93 16.65 -57.71
N ILE A 382 30.52 15.90 -56.77
CA ILE A 382 31.45 14.85 -57.19
C ILE A 382 30.89 13.45 -57.14
N ALA A 383 29.67 13.30 -56.66
CA ALA A 383 29.05 11.97 -56.59
C ALA A 383 28.59 11.53 -57.98
N GLU A 384 28.41 10.24 -58.15
CA GLU A 384 27.98 9.67 -59.42
C GLU A 384 26.45 9.66 -59.52
N GLY A 385 25.89 10.57 -60.33
CA GLY A 385 24.44 10.62 -60.49
C GLY A 385 23.78 11.88 -59.97
N THR A 386 22.51 11.75 -59.58
CA THR A 386 21.74 12.88 -59.06
C THR A 386 21.61 12.89 -57.53
N THR A 387 21.94 14.03 -56.94
CA THR A 387 21.85 14.19 -55.50
C THR A 387 20.85 15.30 -55.21
N VAL A 388 20.03 15.10 -54.19
CA VAL A 388 19.04 16.09 -53.81
C VAL A 388 19.28 16.46 -52.35
N VAL A 389 19.70 17.69 -52.12
CA VAL A 389 19.98 18.17 -50.78
C VAL A 389 18.76 18.95 -50.30
N ASP A 390 18.01 18.35 -49.38
CA ASP A 390 16.83 18.98 -48.83
C ASP A 390 17.22 19.97 -47.74
N ARG A 391 16.39 20.99 -47.53
CA ARG A 391 16.64 22.00 -46.51
C ARG A 391 17.86 22.86 -46.80
N ILE A 392 18.09 23.25 -48.05
CA ILE A 392 19.27 24.07 -48.32
C ILE A 392 19.14 25.49 -47.78
N TYR A 393 18.02 25.79 -47.13
CA TYR A 393 17.86 27.13 -46.57
C TYR A 393 19.03 27.38 -45.64
N HIS A 394 19.53 26.29 -45.03
CA HIS A 394 20.67 26.38 -44.11
C HIS A 394 21.84 27.05 -44.81
N ILE A 395 22.07 26.69 -46.05
CA ILE A 395 23.19 27.24 -46.80
C ILE A 395 23.06 28.74 -47.06
N ASP A 396 21.82 29.23 -47.13
CA ASP A 396 21.59 30.65 -47.37
C ASP A 396 21.96 31.52 -46.18
N ARG A 397 22.22 30.90 -45.02
CA ARG A 397 22.58 31.67 -43.85
C ARG A 397 24.03 32.16 -43.88
N GLY A 398 24.91 31.36 -44.47
CA GLY A 398 26.32 31.73 -44.50
C GLY A 398 27.04 31.76 -45.84
N TYR A 399 26.36 31.47 -46.93
CA TYR A 399 27.01 31.51 -48.24
C TYR A 399 26.26 32.41 -49.21
N GLU A 400 26.93 33.44 -49.70
CA GLU A 400 26.32 34.36 -50.65
C GLU A 400 26.31 33.75 -52.03
N ARG A 401 25.10 33.52 -52.53
CA ARG A 401 24.86 32.93 -53.86
C ARG A 401 25.88 31.84 -54.22
N ILE A 402 25.89 30.77 -53.41
CA ILE A 402 26.80 29.66 -53.61
C ILE A 402 26.45 28.90 -54.88
N GLU A 403 25.17 28.98 -55.26
CA GLU A 403 24.66 28.30 -56.46
C GLU A 403 25.36 28.82 -57.71
N ASP A 404 25.44 30.15 -57.79
CA ASP A 404 26.06 30.82 -58.92
C ASP A 404 27.56 30.59 -58.94
N LYS A 405 28.21 30.76 -57.79
CA LYS A 405 29.65 30.57 -57.70
C LYS A 405 30.04 29.14 -58.06
N LEU A 406 29.26 28.16 -57.60
CA LEU A 406 29.55 26.76 -57.90
C LEU A 406 29.33 26.47 -59.38
N ARG A 407 28.25 27.02 -59.92
CA ARG A 407 27.95 26.81 -61.33
C ARG A 407 29.12 27.35 -62.18
N ALA A 408 29.59 28.54 -61.82
CA ALA A 408 30.70 29.16 -62.54
C ALA A 408 31.98 28.32 -62.46
N LEU A 409 31.96 27.28 -61.63
CA LEU A 409 33.12 26.41 -61.48
C LEU A 409 32.90 25.09 -62.18
N GLY A 410 31.76 24.98 -62.87
CA GLY A 410 31.45 23.75 -63.60
C GLY A 410 30.40 22.84 -62.96
N ALA A 411 29.78 23.28 -61.89
CA ALA A 411 28.77 22.48 -61.23
C ALA A 411 27.44 22.45 -61.98
N ASN A 412 26.75 21.32 -61.90
CA ASN A 412 25.44 21.12 -62.51
C ASN A 412 24.48 21.15 -61.32
N ILE A 413 24.02 22.35 -60.97
CA ILE A 413 23.17 22.53 -59.82
C ILE A 413 21.94 23.36 -60.14
N GLU A 414 20.84 22.97 -59.52
CA GLU A 414 19.58 23.66 -59.71
C GLU A 414 18.78 23.71 -58.42
N ARG A 415 18.36 24.91 -58.05
CA ARG A 415 17.55 25.06 -56.86
C ARG A 415 16.14 24.72 -57.30
N VAL A 416 15.46 23.85 -56.56
CA VAL A 416 14.11 23.48 -56.94
C VAL A 416 13.15 23.52 -55.76
N LYS A 417 11.92 23.97 -56.01
CA LYS A 417 10.91 24.08 -54.97
C LYS A 417 10.70 22.82 -54.13
N GLY A 418 10.36 23.03 -52.86
CA GLY A 418 10.13 21.95 -51.93
C GLY A 418 8.91 21.10 -52.13
N GLU A 419 8.69 20.19 -51.18
CA GLU A 419 7.56 19.29 -51.25
C GLU A 419 7.66 18.48 -52.54
N MET B 1 1.90 25.13 -36.85
CA MET B 1 2.79 24.43 -35.88
C MET B 1 2.16 24.43 -34.49
N ASP B 2 1.46 23.35 -34.15
CA ASP B 2 0.80 23.22 -32.86
C ASP B 2 1.73 23.45 -31.67
N LYS B 3 1.16 23.93 -30.58
CA LYS B 3 1.92 24.18 -29.37
C LYS B 3 1.05 23.87 -28.17
N PHE B 4 1.67 23.77 -27.00
CA PHE B 4 0.94 23.53 -25.76
C PHE B 4 1.13 24.75 -24.88
N ARG B 5 0.01 25.29 -24.39
CA ARG B 5 0.02 26.44 -23.50
C ARG B 5 -0.25 25.87 -22.11
N VAL B 6 0.75 25.92 -21.24
CA VAL B 6 0.58 25.37 -19.90
C VAL B 6 0.65 26.44 -18.82
N GLN B 7 -0.29 26.38 -17.88
CA GLN B 7 -0.37 27.31 -16.75
C GLN B 7 0.00 26.60 -15.45
N GLY B 8 1.00 27.12 -14.76
CA GLY B 8 1.40 26.48 -13.52
C GLY B 8 1.57 27.49 -12.41
N PRO B 9 1.88 27.04 -11.20
CA PRO B 9 2.08 25.62 -10.86
C PRO B 9 0.80 24.88 -10.52
N THR B 10 0.78 23.58 -10.80
CA THR B 10 -0.38 22.75 -10.48
C THR B 10 0.09 21.37 -10.02
N ARG B 11 -0.37 20.95 -8.86
CA ARG B 11 0.01 19.65 -8.36
C ARG B 11 -0.70 18.59 -9.20
N LEU B 12 0.08 17.69 -9.77
CA LEU B 12 -0.48 16.62 -10.58
C LEU B 12 -0.77 15.43 -9.69
N GLN B 13 -2.02 14.99 -9.67
CA GLN B 13 -2.37 13.85 -8.84
C GLN B 13 -3.69 13.26 -9.31
N GLY B 14 -3.92 11.99 -8.96
CA GLY B 14 -5.12 11.29 -9.35
C GLY B 14 -4.78 9.94 -9.94
N GLU B 15 -5.42 9.62 -11.07
CA GLU B 15 -5.16 8.34 -11.71
C GLU B 15 -5.01 8.48 -13.21
N VAL B 16 -4.36 7.49 -13.81
CA VAL B 16 -4.14 7.47 -15.24
C VAL B 16 -4.06 6.01 -15.67
N THR B 17 -4.55 5.71 -16.86
CA THR B 17 -4.50 4.35 -17.37
C THR B 17 -3.46 4.30 -18.48
N ILE B 18 -2.44 3.47 -18.28
CA ILE B 18 -1.35 3.33 -19.23
C ILE B 18 -1.76 2.64 -20.52
N SER B 19 -1.34 3.21 -21.65
CA SER B 19 -1.65 2.66 -22.95
C SER B 19 -0.67 1.58 -23.33
N GLY B 20 -0.92 0.91 -24.45
CA GLY B 20 0.00 -0.12 -24.89
C GLY B 20 1.35 0.49 -25.21
N ALA B 21 2.41 -0.31 -25.04
CA ALA B 21 3.76 0.16 -25.30
C ALA B 21 4.04 0.49 -26.78
N LYS B 22 4.44 1.74 -27.01
CA LYS B 22 4.76 2.18 -28.36
C LYS B 22 5.85 1.31 -28.96
N ASN B 23 6.89 1.06 -28.17
CA ASN B 23 8.02 0.27 -28.63
C ASN B 23 7.88 -1.24 -28.62
N ALA B 24 6.65 -1.71 -28.47
CA ALA B 24 6.36 -3.13 -28.50
C ALA B 24 5.40 -3.27 -29.69
N ALA B 25 4.49 -2.30 -29.79
CA ALA B 25 3.51 -2.29 -30.86
C ALA B 25 4.20 -2.16 -32.21
N LEU B 26 5.18 -1.27 -32.29
CA LEU B 26 5.92 -1.06 -33.54
C LEU B 26 6.64 -2.31 -34.04
N PRO B 27 7.51 -2.91 -33.22
CA PRO B 27 8.19 -4.11 -33.72
C PRO B 27 7.23 -5.29 -33.99
N ILE B 28 6.15 -5.36 -33.24
CA ILE B 28 5.18 -6.42 -33.44
C ILE B 28 4.43 -6.20 -34.76
N LEU B 29 4.05 -4.95 -35.03
CA LEU B 29 3.35 -4.63 -36.27
C LEU B 29 4.19 -5.01 -37.49
N PHE B 30 5.51 -4.75 -37.44
CA PHE B 30 6.36 -5.11 -38.56
C PHE B 30 6.54 -6.63 -38.60
N ALA B 31 6.58 -7.25 -37.42
CA ALA B 31 6.72 -8.70 -37.34
C ALA B 31 5.52 -9.37 -38.03
N ALA B 32 4.38 -8.67 -38.04
CA ALA B 32 3.17 -9.21 -38.65
C ALA B 32 3.35 -9.47 -40.15
N LEU B 33 4.36 -8.83 -40.75
CA LEU B 33 4.63 -9.04 -42.17
C LEU B 33 4.95 -10.52 -42.41
N LEU B 34 5.30 -11.23 -41.35
CA LEU B 34 5.63 -12.66 -41.43
C LEU B 34 4.39 -13.55 -41.42
N ALA B 35 3.28 -13.01 -40.92
CA ALA B 35 2.04 -13.77 -40.81
C ALA B 35 1.32 -14.01 -42.12
N GLU B 36 0.97 -15.27 -42.37
CA GLU B 36 0.25 -15.62 -43.59
C GLU B 36 -1.24 -15.57 -43.34
N GLU B 37 -1.64 -15.61 -42.07
CA GLU B 37 -3.05 -15.53 -41.67
C GLU B 37 -3.30 -14.18 -41.01
N PRO B 38 -4.57 -13.74 -40.99
CA PRO B 38 -4.87 -12.45 -40.37
C PRO B 38 -4.45 -12.40 -38.90
N VAL B 39 -3.96 -11.24 -38.48
CA VAL B 39 -3.49 -11.01 -37.11
C VAL B 39 -4.21 -9.83 -36.48
N GLU B 40 -4.54 -9.95 -35.19
CA GLU B 40 -5.18 -8.88 -34.44
C GLU B 40 -4.27 -8.52 -33.27
N ILE B 41 -3.78 -7.28 -33.27
CA ILE B 41 -2.90 -6.82 -32.21
C ILE B 41 -3.69 -5.89 -31.32
N GLN B 42 -3.89 -6.32 -30.07
CA GLN B 42 -4.68 -5.55 -29.11
C GLN B 42 -3.89 -4.56 -28.26
N ASN B 43 -4.61 -3.62 -27.69
CA ASN B 43 -4.04 -2.60 -26.83
C ASN B 43 -2.96 -1.78 -27.54
N VAL B 44 -3.18 -1.48 -28.82
CA VAL B 44 -2.23 -0.69 -29.59
C VAL B 44 -2.53 0.80 -29.40
N PRO B 45 -1.54 1.57 -28.89
CA PRO B 45 -1.78 2.99 -28.67
C PRO B 45 -2.01 3.75 -29.98
N LYS B 46 -2.74 4.85 -29.90
CA LYS B 46 -3.01 5.67 -31.07
C LYS B 46 -1.92 6.76 -31.12
N LEU B 47 -0.84 6.45 -31.83
CA LEU B 47 0.29 7.36 -31.97
C LEU B 47 0.61 7.62 -33.43
N LYS B 48 1.30 8.72 -33.68
CA LYS B 48 1.68 9.10 -35.03
C LYS B 48 2.50 8.01 -35.72
N ASP B 49 3.40 7.38 -34.97
CA ASP B 49 4.22 6.31 -35.53
C ASP B 49 3.41 5.08 -35.92
N ILE B 50 2.29 4.84 -35.22
CA ILE B 50 1.46 3.70 -35.56
C ILE B 50 0.79 3.99 -36.91
N ASP B 51 0.40 5.25 -37.12
CA ASP B 51 -0.23 5.63 -38.37
C ASP B 51 0.75 5.44 -39.50
N THR B 52 1.97 5.94 -39.31
CA THR B 52 2.99 5.82 -40.33
C THR B 52 3.29 4.35 -40.64
N THR B 53 3.33 3.53 -39.61
CA THR B 53 3.59 2.11 -39.79
C THR B 53 2.48 1.50 -40.62
N MET B 54 1.24 1.85 -40.29
CA MET B 54 0.11 1.33 -41.04
C MET B 54 0.18 1.78 -42.51
N LYS B 55 0.62 3.02 -42.74
CA LYS B 55 0.74 3.56 -44.10
C LYS B 55 1.74 2.73 -44.88
N LEU B 56 2.85 2.43 -44.23
CA LEU B 56 3.91 1.66 -44.85
C LEU B 56 3.44 0.25 -45.15
N LEU B 57 2.86 -0.42 -44.15
CA LEU B 57 2.37 -1.78 -44.33
C LEU B 57 1.38 -1.84 -45.49
N THR B 58 0.44 -0.91 -45.50
CA THR B 58 -0.58 -0.85 -46.54
C THR B 58 0.07 -0.71 -47.90
N GLN B 59 1.08 0.15 -47.94
CA GLN B 59 1.85 0.44 -49.13
C GLN B 59 2.61 -0.82 -49.63
N LEU B 60 2.79 -1.80 -48.76
CA LEU B 60 3.47 -3.04 -49.13
C LEU B 60 2.45 -4.06 -49.66
N GLY B 61 1.18 -3.69 -49.60
CA GLY B 61 0.12 -4.57 -50.06
C GLY B 61 -0.56 -5.30 -48.91
N THR B 62 -0.50 -4.70 -47.73
CA THR B 62 -1.11 -5.30 -46.55
C THR B 62 -2.47 -4.66 -46.32
N LYS B 63 -3.40 -5.43 -45.76
CA LYS B 63 -4.73 -4.92 -45.43
C LYS B 63 -4.65 -4.58 -43.96
N VAL B 64 -4.73 -3.28 -43.66
CA VAL B 64 -4.63 -2.81 -42.30
C VAL B 64 -5.78 -1.90 -41.93
N GLU B 65 -6.19 -2.00 -40.66
CA GLU B 65 -7.25 -1.16 -40.14
C GLU B 65 -7.13 -1.23 -38.63
N ARG B 66 -7.69 -0.25 -37.95
CA ARG B 66 -7.63 -0.22 -36.50
C ARG B 66 -8.82 0.53 -35.91
N GLY B 68 -9.28 -0.28 -30.53
CA GLY B 68 -8.19 -0.44 -29.59
C GLY B 68 -7.15 -1.37 -30.17
N SER B 69 -7.56 -2.14 -31.17
CA SER B 69 -6.67 -3.10 -31.82
C SER B 69 -6.34 -2.66 -33.22
N VAL B 70 -5.36 -3.33 -33.81
CA VAL B 70 -4.95 -3.09 -35.19
C VAL B 70 -5.06 -4.45 -35.86
N TRP B 71 -5.91 -4.55 -36.88
CA TRP B 71 -6.09 -5.81 -37.59
C TRP B 71 -5.20 -5.84 -38.83
N ILE B 72 -4.41 -6.89 -38.96
CA ILE B 72 -3.49 -7.04 -40.08
C ILE B 72 -3.72 -8.29 -40.91
N ASP B 73 -3.68 -8.14 -42.22
CA ASP B 73 -3.82 -9.26 -43.14
C ASP B 73 -2.71 -9.06 -44.16
N ALA B 74 -1.54 -9.62 -43.89
CA ALA B 74 -0.40 -9.49 -44.79
C ALA B 74 -0.33 -10.70 -45.69
N SER B 75 -1.47 -11.35 -45.90
CA SER B 75 -1.50 -12.54 -46.74
C SER B 75 -1.15 -12.22 -48.20
N ASN B 76 -1.42 -11.00 -48.64
CA ASN B 76 -1.15 -10.63 -50.01
C ASN B 76 -0.10 -9.53 -50.26
N VAL B 77 1.03 -9.59 -49.56
CA VAL B 77 2.08 -8.59 -49.76
C VAL B 77 2.66 -8.81 -51.15
N ASN B 78 2.68 -7.77 -51.96
CA ASN B 78 3.18 -7.87 -53.32
C ASN B 78 4.23 -6.82 -53.64
N ASN B 79 4.51 -5.96 -52.67
CA ASN B 79 5.49 -4.89 -52.83
C ASN B 79 6.52 -5.05 -51.70
N PHE B 80 7.79 -4.74 -51.96
CA PHE B 80 8.81 -4.95 -50.96
C PHE B 80 9.76 -3.79 -50.69
N SER B 81 9.27 -2.56 -50.80
CA SER B 81 10.15 -1.43 -50.61
C SER B 81 9.63 -0.33 -49.70
N ALA B 82 10.48 0.13 -48.77
CA ALA B 82 10.11 1.23 -47.88
C ALA B 82 10.74 2.50 -48.46
N PRO B 83 9.91 3.41 -49.00
CA PRO B 83 10.43 4.65 -49.59
C PRO B 83 10.99 5.76 -48.71
N TYR B 84 11.97 6.47 -49.27
CA TYR B 84 12.65 7.60 -48.61
C TYR B 84 11.72 8.57 -47.91
N ASP B 85 10.71 9.05 -48.64
CA ASP B 85 9.75 10.00 -48.09
C ASP B 85 8.99 9.41 -46.90
N LEU B 86 9.07 8.10 -46.72
CA LEU B 86 8.34 7.48 -45.65
C LEU B 86 9.23 7.18 -44.44
N VAL B 87 10.38 6.56 -44.68
CA VAL B 87 11.27 6.23 -43.59
C VAL B 87 11.93 7.48 -42.99
N LYS B 88 11.95 8.57 -43.76
CA LYS B 88 12.55 9.80 -43.27
C LYS B 88 11.70 10.36 -42.13
N THR B 89 10.47 9.87 -42.00
CA THR B 89 9.57 10.33 -40.95
C THR B 89 9.53 9.35 -39.79
N MET B 90 10.08 8.16 -40.00
CA MET B 90 10.13 7.12 -38.97
C MET B 90 11.18 6.06 -39.33
N ARG B 91 12.35 6.15 -38.71
CA ARG B 91 13.44 5.20 -38.98
C ARG B 91 13.09 3.78 -38.55
N ALA B 92 12.09 3.63 -37.67
CA ALA B 92 11.70 2.31 -37.21
C ALA B 92 11.25 1.45 -38.39
N SER B 93 11.02 2.09 -39.53
CA SER B 93 10.58 1.35 -40.71
C SER B 93 11.69 0.42 -41.20
N ILE B 94 12.85 0.52 -40.59
CA ILE B 94 13.98 -0.33 -40.93
C ILE B 94 13.60 -1.77 -40.57
N TRP B 95 12.68 -1.92 -39.63
CA TRP B 95 12.24 -3.23 -39.18
C TRP B 95 11.46 -4.02 -40.21
N ALA B 96 11.21 -3.41 -41.37
CA ALA B 96 10.48 -4.08 -42.44
C ALA B 96 11.43 -4.95 -43.27
N LEU B 97 12.69 -4.56 -43.30
CA LEU B 97 13.71 -5.28 -44.06
C LEU B 97 13.79 -6.76 -43.67
N GLY B 98 13.95 -7.02 -42.38
CA GLY B 98 14.06 -8.39 -41.92
C GLY B 98 12.92 -9.32 -42.32
N PRO B 99 11.68 -9.02 -41.95
CA PRO B 99 10.57 -9.90 -42.33
C PRO B 99 10.45 -10.07 -43.84
N LEU B 100 10.55 -8.96 -44.58
CA LEU B 100 10.43 -9.03 -46.03
C LEU B 100 11.41 -10.00 -46.69
N VAL B 101 12.68 -9.92 -46.31
CA VAL B 101 13.66 -10.81 -46.91
C VAL B 101 13.53 -12.23 -46.39
N ALA B 102 13.11 -12.39 -45.14
CA ALA B 102 12.96 -13.72 -44.56
C ALA B 102 11.76 -14.48 -45.14
N ARG B 103 10.71 -13.75 -45.51
CA ARG B 103 9.53 -14.40 -46.07
C ARG B 103 9.42 -14.35 -47.60
N PHE B 104 9.87 -13.24 -48.21
CA PHE B 104 9.78 -13.13 -49.66
C PHE B 104 11.12 -13.14 -50.38
N GLY B 105 12.20 -13.37 -49.62
CA GLY B 105 13.52 -13.44 -50.22
C GLY B 105 14.09 -12.13 -50.73
N GLN B 106 13.39 -11.03 -50.47
CA GLN B 106 13.89 -9.73 -50.91
C GLN B 106 13.25 -8.61 -50.09
N GLY B 107 13.86 -7.44 -50.18
CA GLY B 107 13.36 -6.28 -49.47
C GLY B 107 14.34 -5.14 -49.58
N GLN B 108 13.85 -3.90 -49.63
CA GLN B 108 14.73 -2.75 -49.70
C GLN B 108 14.10 -1.61 -48.92
N VAL B 109 14.85 -1.04 -47.98
CA VAL B 109 14.39 0.05 -47.13
C VAL B 109 15.36 1.22 -47.28
N SER B 110 14.84 2.44 -47.34
CA SER B 110 15.71 3.60 -47.46
C SER B 110 16.60 3.67 -46.21
N LEU B 111 17.91 3.80 -46.42
CA LEU B 111 18.85 3.89 -45.31
C LEU B 111 18.52 5.16 -44.53
N PRO B 112 18.09 5.01 -43.27
CA PRO B 112 17.77 6.20 -42.49
C PRO B 112 18.98 7.08 -42.23
N GLY B 113 18.77 8.39 -42.28
CA GLY B 113 19.84 9.33 -42.03
C GLY B 113 19.99 9.54 -40.54
N GLY B 114 20.58 10.66 -40.14
CA GLY B 114 20.76 10.91 -38.72
C GLY B 114 19.47 11.27 -38.00
N CYS B 115 19.47 11.11 -36.69
CA CYS B 115 18.30 11.43 -35.86
C CYS B 115 18.74 12.55 -34.93
N ALA B 116 17.79 13.18 -34.26
CA ALA B 116 18.11 14.28 -33.36
C ALA B 116 19.00 13.87 -32.17
N ILE B 117 18.65 12.76 -31.52
CA ILE B 117 19.41 12.30 -30.35
C ILE B 117 20.68 11.49 -30.64
N GLY B 118 20.97 11.22 -31.91
CA GLY B 118 22.15 10.45 -32.26
C GLY B 118 22.13 9.99 -33.71
N ALA B 119 23.29 9.59 -34.24
CA ALA B 119 23.41 9.13 -35.64
C ALA B 119 22.64 7.84 -35.86
N ARG B 120 22.47 7.08 -34.78
CA ARG B 120 21.72 5.85 -34.81
C ARG B 120 21.95 4.99 -36.05
N PRO B 121 23.19 4.52 -36.24
CA PRO B 121 23.50 3.69 -37.40
C PRO B 121 22.70 2.40 -37.28
N VAL B 122 22.59 1.66 -38.37
CA VAL B 122 21.80 0.46 -38.39
C VAL B 122 22.63 -0.75 -38.82
N ASP B 123 23.95 -0.61 -38.68
CA ASP B 123 24.93 -1.64 -39.04
C ASP B 123 24.70 -3.04 -38.47
N LEU B 124 24.32 -3.12 -37.20
CA LEU B 124 24.09 -4.43 -36.57
C LEU B 124 22.91 -5.15 -37.22
N HIS B 125 21.94 -4.38 -37.70
CA HIS B 125 20.77 -4.96 -38.36
C HIS B 125 21.28 -5.68 -39.61
N ILE B 126 22.01 -4.95 -40.43
CA ILE B 126 22.58 -5.49 -41.66
C ILE B 126 23.54 -6.66 -41.38
N PHE B 127 24.43 -6.47 -40.42
CA PHE B 127 25.37 -7.51 -40.04
C PHE B 127 24.60 -8.79 -39.71
N GLY B 128 23.54 -8.65 -38.92
CA GLY B 128 22.74 -9.80 -38.54
C GLY B 128 22.10 -10.52 -39.73
N LEU B 129 21.43 -9.76 -40.60
CA LEU B 129 20.79 -10.37 -41.77
C LEU B 129 21.84 -11.07 -42.64
N GLU B 130 22.98 -10.43 -42.82
CA GLU B 130 24.05 -11.02 -43.62
C GLU B 130 24.48 -12.35 -43.03
N LYS B 131 24.58 -12.41 -41.70
CA LYS B 131 24.96 -13.65 -41.02
C LYS B 131 23.92 -14.74 -41.24
N LEU B 132 22.69 -14.34 -41.53
CA LEU B 132 21.63 -15.30 -41.76
C LEU B 132 21.59 -15.68 -43.24
N GLY B 133 22.51 -15.13 -44.01
CA GLY B 133 22.58 -15.46 -45.41
C GLY B 133 22.12 -14.42 -46.42
N ALA B 134 21.56 -13.30 -45.96
CA ALA B 134 21.10 -12.29 -46.89
C ALA B 134 22.28 -11.55 -47.50
N GLU B 135 22.11 -11.12 -48.74
CA GLU B 135 23.14 -10.35 -49.40
C GLU B 135 22.58 -8.95 -49.40
N ILE B 136 23.34 -8.02 -48.81
CA ILE B 136 22.90 -6.65 -48.69
C ILE B 136 23.77 -5.68 -49.49
N LYS B 137 23.13 -4.95 -50.41
CA LYS B 137 23.80 -3.94 -51.24
C LYS B 137 23.21 -2.58 -50.87
N LEU B 138 24.00 -1.52 -51.02
CA LEU B 138 23.50 -0.18 -50.73
C LEU B 138 23.53 0.62 -52.02
N GLU B 139 22.37 0.99 -52.55
CA GLU B 139 22.36 1.77 -53.77
C GLU B 139 21.25 2.78 -53.82
N GLU B 140 21.62 4.00 -54.18
CA GLU B 140 20.69 5.11 -54.28
C GLU B 140 20.05 5.46 -52.96
N GLY B 141 20.75 5.15 -51.87
CA GLY B 141 20.23 5.44 -50.55
C GLY B 141 19.34 4.34 -50.02
N TYR B 142 19.29 3.23 -50.75
CA TYR B 142 18.45 2.09 -50.34
C TYR B 142 19.24 0.86 -49.97
N VAL B 143 19.01 0.34 -48.78
CA VAL B 143 19.66 -0.89 -48.37
C VAL B 143 18.79 -1.95 -49.02
N LYS B 144 19.37 -2.68 -49.96
CA LYS B 144 18.64 -3.72 -50.68
C LYS B 144 19.18 -5.08 -50.24
N ALA B 145 18.27 -5.91 -49.76
CA ALA B 145 18.63 -7.24 -49.30
C ALA B 145 17.92 -8.31 -50.11
N SER B 146 18.60 -9.45 -50.28
CA SER B 146 18.01 -10.56 -51.01
C SER B 146 18.66 -11.85 -50.57
N VAL B 147 17.99 -12.96 -50.84
CA VAL B 147 18.49 -14.28 -50.49
C VAL B 147 17.81 -15.30 -51.38
N ASN B 148 18.55 -16.27 -51.89
CA ASN B 148 17.93 -17.27 -52.74
C ASN B 148 17.46 -18.44 -51.91
N GLY B 149 16.16 -18.48 -51.70
CA GLY B 149 15.57 -19.51 -50.87
C GLY B 149 15.46 -18.93 -49.47
N ARG B 150 15.38 -19.78 -48.47
CA ARG B 150 15.26 -19.30 -47.09
C ARG B 150 16.62 -18.95 -46.49
N LEU B 151 16.58 -18.17 -45.42
CA LEU B 151 17.77 -17.78 -44.71
C LEU B 151 18.23 -19.02 -43.93
N LYS B 152 19.48 -19.04 -43.50
CA LYS B 152 19.99 -20.18 -42.76
C LYS B 152 20.25 -19.72 -41.33
N GLY B 153 19.94 -20.57 -40.37
CA GLY B 153 20.18 -20.23 -38.98
C GLY B 153 21.67 -20.08 -38.77
N ALA B 154 22.06 -19.23 -37.83
CA ALA B 154 23.47 -19.01 -37.55
C ALA B 154 23.68 -18.60 -36.09
N HIS B 155 24.92 -18.69 -35.63
CA HIS B 155 25.26 -18.28 -34.28
C HIS B 155 25.78 -16.87 -34.45
N ILE B 156 25.00 -15.90 -34.00
CA ILE B 156 25.39 -14.49 -34.14
C ILE B 156 25.70 -13.84 -32.82
N VAL B 157 26.91 -13.30 -32.69
CA VAL B 157 27.29 -12.62 -31.46
C VAL B 157 27.22 -11.13 -31.72
N MET B 158 26.34 -10.48 -30.99
CA MET B 158 26.16 -9.04 -31.13
C MET B 158 27.28 -8.37 -30.36
N ASP B 159 28.18 -7.68 -31.06
CA ASP B 159 29.25 -7.01 -30.33
C ASP B 159 28.81 -5.64 -29.85
N LYS B 160 27.57 -5.58 -29.38
CA LYS B 160 26.98 -4.34 -28.87
C LYS B 160 25.52 -4.68 -28.57
N VAL B 161 24.92 -4.08 -27.55
CA VAL B 161 23.53 -4.39 -27.24
C VAL B 161 22.59 -3.45 -27.98
N SER B 162 21.78 -4.02 -28.86
CA SER B 162 20.84 -3.23 -29.65
C SER B 162 19.44 -3.82 -29.64
N VAL B 163 18.47 -3.02 -29.21
CA VAL B 163 17.07 -3.46 -29.16
C VAL B 163 16.62 -3.70 -30.58
N GLY B 164 16.81 -2.70 -31.44
CA GLY B 164 16.40 -2.81 -32.83
C GLY B 164 17.02 -3.99 -33.56
N ALA B 165 18.34 -4.12 -33.49
CA ALA B 165 19.00 -5.22 -34.18
C ALA B 165 18.54 -6.58 -33.67
N THR B 166 18.33 -6.69 -32.35
CA THR B 166 17.86 -7.96 -31.79
C THR B 166 16.49 -8.32 -32.40
N VAL B 167 15.62 -7.32 -32.54
CA VAL B 167 14.29 -7.56 -33.13
C VAL B 167 14.41 -8.01 -34.59
N THR B 168 15.19 -7.27 -35.38
CA THR B 168 15.39 -7.62 -36.78
C THR B 168 15.85 -9.05 -36.96
N ILE B 169 16.91 -9.42 -36.26
CA ILE B 169 17.48 -10.76 -36.38
C ILE B 169 16.54 -11.83 -35.88
N MET B 170 15.97 -11.63 -34.69
CA MET B 170 15.04 -12.59 -34.12
C MET B 170 13.83 -12.82 -35.03
N SER B 171 13.29 -11.75 -35.60
CA SER B 171 12.13 -11.87 -36.49
C SER B 171 12.46 -12.64 -37.76
N ALA B 172 13.56 -12.29 -38.41
CA ALA B 172 13.96 -12.94 -39.65
C ALA B 172 14.29 -14.40 -39.43
N ALA B 173 14.88 -14.71 -38.28
CA ALA B 173 15.25 -16.09 -37.97
C ALA B 173 14.08 -17.07 -37.85
N THR B 174 12.89 -16.56 -37.53
CA THR B 174 11.72 -17.45 -37.38
C THR B 174 11.38 -18.25 -38.65
N LEU B 175 11.71 -17.69 -39.81
CA LEU B 175 11.44 -18.36 -41.08
C LEU B 175 12.73 -18.89 -41.70
N ALA B 176 13.80 -18.92 -40.91
CA ALA B 176 15.08 -19.41 -41.40
C ALA B 176 15.11 -20.93 -41.36
N GLU B 177 16.09 -21.48 -42.07
CA GLU B 177 16.30 -22.91 -42.15
C GLU B 177 17.33 -23.25 -41.10
N GLY B 178 16.91 -23.90 -40.02
CA GLY B 178 17.86 -24.26 -38.98
C GLY B 178 17.66 -23.46 -37.72
N THR B 179 18.66 -23.50 -36.85
CA THR B 179 18.59 -22.81 -35.59
C THR B 179 19.51 -21.59 -35.53
N THR B 180 18.99 -20.51 -34.96
CA THR B 180 19.76 -19.29 -34.80
C THR B 180 19.94 -19.01 -33.31
N ILE B 181 21.09 -18.47 -32.95
CA ILE B 181 21.37 -18.15 -31.56
C ILE B 181 21.94 -16.74 -31.53
N ILE B 182 21.27 -15.86 -30.80
CA ILE B 182 21.71 -14.49 -30.69
C ILE B 182 22.40 -14.27 -29.33
N GLU B 183 23.71 -14.03 -29.39
CA GLU B 183 24.52 -13.80 -28.20
C GLU B 183 24.53 -12.32 -27.90
N ASN B 184 24.49 -11.99 -26.61
CA ASN B 184 24.49 -10.61 -26.16
C ASN B 184 23.29 -9.87 -26.72
N ALA B 185 22.14 -10.54 -26.70
CA ALA B 185 20.89 -9.98 -27.19
C ALA B 185 20.35 -8.96 -26.20
N ALA B 186 19.54 -8.02 -26.69
CA ALA B 186 18.95 -7.01 -25.83
C ALA B 186 17.89 -7.71 -24.98
N ARG B 187 17.79 -7.31 -23.72
CA ARG B 187 16.83 -7.92 -22.80
C ARG B 187 15.55 -7.11 -22.56
N GLU B 188 15.41 -5.95 -23.20
CA GLU B 188 14.23 -5.11 -23.04
C GLU B 188 12.91 -5.89 -23.07
N PRO B 189 11.93 -5.48 -22.24
CA PRO B 189 10.61 -6.11 -22.14
C PRO B 189 9.91 -6.18 -23.50
N GLU B 190 10.19 -5.20 -24.36
CA GLU B 190 9.59 -5.18 -25.68
C GLU B 190 10.08 -6.36 -26.51
N ILE B 191 11.34 -6.75 -26.28
CA ILE B 191 11.94 -7.88 -26.98
C ILE B 191 11.18 -9.14 -26.59
N VAL B 192 10.91 -9.27 -25.30
CA VAL B 192 10.15 -10.39 -24.78
C VAL B 192 8.75 -10.41 -25.40
N ASP B 193 8.12 -9.25 -25.48
CA ASP B 193 6.78 -9.13 -26.04
C ASP B 193 6.77 -9.49 -27.52
N THR B 194 7.77 -9.02 -28.26
CA THR B 194 7.83 -9.32 -29.68
C THR B 194 8.05 -10.82 -29.87
N ALA B 195 8.88 -11.40 -29.03
CA ALA B 195 9.18 -12.83 -29.09
C ALA B 195 7.90 -13.66 -28.87
N ASN B 196 7.15 -13.32 -27.83
CA ASN B 196 5.93 -14.05 -27.53
C ASN B 196 4.89 -13.88 -28.62
N PHE B 197 4.91 -12.74 -29.30
CA PHE B 197 3.97 -12.52 -30.40
C PHE B 197 4.33 -13.50 -31.53
N LEU B 198 5.62 -13.56 -31.88
CA LEU B 198 6.09 -14.46 -32.92
C LEU B 198 5.74 -15.92 -32.57
N VAL B 199 5.94 -16.26 -31.30
CA VAL B 199 5.63 -17.61 -30.84
C VAL B 199 4.13 -17.89 -31.02
N ALA B 200 3.32 -16.86 -30.82
CA ALA B 200 1.88 -17.01 -30.98
C ALA B 200 1.53 -17.31 -32.44
N LEU B 201 2.33 -16.81 -33.38
CA LEU B 201 2.08 -17.05 -34.79
C LEU B 201 2.59 -18.43 -35.20
N GLY B 202 3.24 -19.11 -34.26
CA GLY B 202 3.78 -20.43 -34.54
C GLY B 202 5.28 -20.53 -34.49
N ALA B 203 5.98 -19.41 -34.29
CA ALA B 203 7.44 -19.42 -34.23
C ALA B 203 7.94 -20.17 -33.01
N LYS B 204 9.18 -20.64 -33.07
CA LYS B 204 9.79 -21.36 -31.96
C LYS B 204 10.94 -20.53 -31.42
N ILE B 205 10.71 -19.86 -30.30
CA ILE B 205 11.73 -19.03 -29.68
C ILE B 205 11.85 -19.26 -28.17
N SER B 206 13.08 -19.19 -27.66
CA SER B 206 13.30 -19.34 -26.23
C SER B 206 14.49 -18.48 -25.83
N GLY B 207 14.51 -18.04 -24.58
CA GLY B 207 15.61 -17.20 -24.12
C GLY B 207 15.31 -15.70 -24.13
N GLN B 208 14.21 -15.31 -24.77
CA GLN B 208 13.86 -13.90 -24.83
C GLN B 208 13.86 -13.38 -23.39
N GLY B 209 14.50 -12.23 -23.20
CA GLY B 209 14.58 -11.66 -21.87
C GLY B 209 15.97 -11.90 -21.28
N THR B 210 16.73 -12.81 -21.90
CA THR B 210 18.09 -13.12 -21.45
C THR B 210 19.10 -12.66 -22.52
N ASP B 211 20.38 -12.89 -22.24
CA ASP B 211 21.50 -12.51 -23.13
C ASP B 211 21.55 -13.37 -24.39
N ARG B 212 20.90 -14.52 -24.31
CA ARG B 212 20.95 -15.47 -25.41
C ARG B 212 19.57 -15.93 -25.87
N ILE B 213 19.23 -15.58 -27.12
CA ILE B 213 17.95 -15.96 -27.69
C ILE B 213 18.16 -17.05 -28.73
N THR B 214 17.38 -18.11 -28.63
CA THR B 214 17.47 -19.23 -29.55
C THR B 214 16.19 -19.35 -30.36
N ILE B 215 16.35 -19.33 -31.68
CA ILE B 215 15.22 -19.42 -32.59
C ILE B 215 15.40 -20.62 -33.50
N GLU B 216 14.36 -21.43 -33.63
CA GLU B 216 14.41 -22.59 -34.52
C GLU B 216 13.42 -22.29 -35.63
N GLY B 217 13.92 -21.99 -36.82
CA GLY B 217 13.06 -21.67 -37.94
C GLY B 217 11.96 -22.69 -38.24
N VAL B 218 10.90 -22.19 -38.86
CA VAL B 218 9.76 -23.01 -39.26
C VAL B 218 9.40 -22.59 -40.69
N GLU B 219 8.62 -23.42 -41.39
CA GLU B 219 8.24 -23.11 -42.76
C GLU B 219 7.43 -21.85 -42.94
N ARG B 220 6.45 -21.67 -42.07
CA ARG B 220 5.61 -20.48 -42.15
C ARG B 220 4.97 -20.11 -40.82
N LEU B 221 4.49 -18.87 -40.74
CA LEU B 221 3.82 -18.38 -39.55
C LEU B 221 2.36 -18.14 -39.89
N GLY B 222 1.47 -18.47 -38.95
CA GLY B 222 0.05 -18.32 -39.18
C GLY B 222 -0.49 -16.96 -38.80
N GLY B 223 -1.47 -16.96 -37.91
CA GLY B 223 -2.07 -15.70 -37.48
C GLY B 223 -2.45 -15.81 -36.01
N GLY B 224 -3.30 -14.90 -35.54
CA GLY B 224 -3.70 -14.97 -34.15
C GLY B 224 -4.05 -13.63 -33.51
N VAL B 225 -4.16 -13.66 -32.19
CA VAL B 225 -4.48 -12.47 -31.40
C VAL B 225 -3.46 -12.25 -30.28
N TYR B 226 -2.89 -11.05 -30.21
CA TYR B 226 -1.89 -10.74 -29.19
C TYR B 226 -2.11 -9.34 -28.62
N ARG B 227 -2.03 -9.23 -27.29
CA ARG B 227 -2.21 -7.96 -26.61
C ARG B 227 -0.86 -7.36 -26.20
N VAL B 228 -0.56 -6.18 -26.71
CA VAL B 228 0.69 -5.49 -26.38
C VAL B 228 0.80 -5.14 -24.89
N LEU B 229 1.99 -5.28 -24.33
CA LEU B 229 2.17 -4.98 -22.91
C LEU B 229 2.11 -3.46 -22.63
N PRO B 230 1.95 -3.09 -21.34
CA PRO B 230 1.88 -1.68 -20.95
C PRO B 230 3.14 -0.93 -21.32
N ASP B 231 2.99 0.36 -21.64
CA ASP B 231 4.11 1.22 -22.00
C ASP B 231 4.83 1.67 -20.74
N ARG B 232 5.97 1.06 -20.44
CA ARG B 232 6.72 1.40 -19.23
C ARG B 232 7.22 2.83 -19.19
N ILE B 233 7.51 3.41 -20.35
CA ILE B 233 8.00 4.78 -20.38
C ILE B 233 6.86 5.77 -20.08
N GLU B 234 5.66 5.48 -20.59
CA GLU B 234 4.53 6.36 -20.31
C GLU B 234 4.32 6.30 -18.81
N THR B 235 4.38 5.09 -18.27
CA THR B 235 4.19 4.89 -16.84
C THR B 235 5.22 5.71 -16.08
N GLY B 236 6.48 5.57 -16.46
CA GLY B 236 7.53 6.31 -15.79
C GLY B 236 7.33 7.80 -15.88
N THR B 237 6.82 8.25 -17.03
CA THR B 237 6.60 9.67 -17.23
C THR B 237 5.58 10.23 -16.25
N PHE B 238 4.47 9.51 -16.07
CA PHE B 238 3.43 9.98 -15.15
C PHE B 238 3.86 9.86 -13.69
N LEU B 239 4.65 8.84 -13.36
CA LEU B 239 5.12 8.68 -12.00
C LEU B 239 6.02 9.88 -11.70
N VAL B 240 6.79 10.32 -12.68
CA VAL B 240 7.67 11.46 -12.51
C VAL B 240 6.83 12.73 -12.38
N ALA B 241 5.73 12.78 -13.13
CA ALA B 241 4.81 13.92 -13.07
C ALA B 241 4.39 14.17 -11.63
N ALA B 242 4.05 13.09 -10.92
CA ALA B 242 3.66 13.21 -9.54
C ALA B 242 4.83 13.57 -8.66
N ALA B 243 5.94 12.84 -8.81
CA ALA B 243 7.14 13.05 -8.01
C ALA B 243 7.70 14.47 -8.01
N ILE B 244 7.54 15.20 -9.11
CA ILE B 244 8.05 16.56 -9.18
C ILE B 244 7.01 17.62 -8.81
N SER B 245 5.77 17.22 -8.61
CA SER B 245 4.72 18.18 -8.26
C SER B 245 4.15 17.93 -6.87
N GLY B 246 4.87 17.15 -6.07
CA GLY B 246 4.41 16.84 -4.72
C GLY B 246 3.10 16.05 -4.66
N GLY B 247 2.62 15.59 -5.81
CA GLY B 247 1.37 14.87 -5.85
C GLY B 247 1.40 13.38 -5.56
N LYS B 248 0.25 12.74 -5.78
CA LYS B 248 0.07 11.31 -5.58
C LYS B 248 -0.63 10.80 -6.83
N ILE B 249 -0.23 9.64 -7.33
CA ILE B 249 -0.86 9.10 -8.51
C ILE B 249 -0.88 7.58 -8.53
N VAL B 250 -1.84 7.02 -9.25
CA VAL B 250 -1.95 5.59 -9.38
C VAL B 250 -2.07 5.30 -10.86
N CYS B 251 -1.17 4.47 -11.37
CA CYS B 251 -1.18 4.12 -12.77
C CYS B 251 -1.86 2.78 -12.92
N ARG B 252 -2.92 2.74 -13.71
CA ARG B 252 -3.66 1.50 -13.93
C ARG B 252 -3.16 0.86 -15.21
N ASN B 253 -3.36 -0.44 -15.36
CA ASN B 253 -2.93 -1.16 -16.54
C ASN B 253 -1.41 -1.09 -16.70
N ALA B 254 -0.73 -1.13 -15.56
CA ALA B 254 0.74 -1.06 -15.52
C ALA B 254 1.37 -2.44 -15.32
N GLN B 255 2.67 -2.53 -15.54
CA GLN B 255 3.40 -3.77 -15.35
C GLN B 255 4.66 -3.43 -14.59
N PRO B 256 4.56 -3.39 -13.26
CA PRO B 256 5.65 -3.08 -12.31
C PRO B 256 7.03 -3.70 -12.56
N ASP B 257 7.08 -4.98 -12.89
CA ASP B 257 8.37 -5.64 -13.09
C ASP B 257 9.22 -5.08 -14.21
N THR B 258 8.66 -4.19 -15.01
CA THR B 258 9.40 -3.61 -16.11
C THR B 258 10.02 -2.29 -15.71
N LEU B 259 9.85 -1.90 -14.45
CA LEU B 259 10.37 -0.62 -13.98
C LEU B 259 11.18 -0.65 -12.69
N ASP B 260 11.80 -1.77 -12.37
CA ASP B 260 12.57 -1.85 -11.14
C ASP B 260 13.55 -0.69 -10.97
N ALA B 261 14.36 -0.43 -11.99
CA ALA B 261 15.33 0.65 -11.92
C ALA B 261 14.69 2.00 -11.66
N VAL B 262 13.65 2.33 -12.42
CA VAL B 262 12.97 3.60 -12.27
C VAL B 262 12.32 3.75 -10.88
N LEU B 263 11.64 2.72 -10.42
CA LEU B 263 10.99 2.79 -9.11
C LEU B 263 12.04 2.93 -8.01
N ALA B 264 13.17 2.26 -8.18
CA ALA B 264 14.22 2.33 -7.18
C ALA B 264 14.75 3.75 -7.11
N LYS B 265 14.90 4.39 -8.26
CA LYS B 265 15.41 5.76 -8.32
C LYS B 265 14.39 6.75 -7.76
N LEU B 266 13.11 6.49 -8.00
CA LEU B 266 12.07 7.37 -7.49
C LEU B 266 12.05 7.30 -5.97
N ARG B 267 12.29 6.12 -5.42
CA ARG B 267 12.31 5.98 -3.96
C ARG B 267 13.50 6.77 -3.42
N GLU B 268 14.62 6.70 -4.13
CA GLU B 268 15.82 7.43 -3.70
C GLU B 268 15.54 8.92 -3.71
N ALA B 269 14.62 9.35 -4.57
CA ALA B 269 14.26 10.76 -4.67
C ALA B 269 13.28 11.11 -3.55
N GLY B 270 12.81 10.09 -2.84
CA GLY B 270 11.89 10.31 -1.74
C GLY B 270 10.45 9.90 -1.94
N ALA B 271 10.14 9.22 -3.05
CA ALA B 271 8.76 8.83 -3.31
C ALA B 271 8.30 7.61 -2.51
N ASP B 272 7.04 7.62 -2.11
CA ASP B 272 6.43 6.51 -1.38
C ASP B 272 5.72 5.70 -2.46
N ILE B 273 6.33 4.58 -2.83
CA ILE B 273 5.80 3.74 -3.89
C ILE B 273 5.28 2.38 -3.46
N GLU B 274 4.12 2.01 -3.99
CA GLU B 274 3.49 0.72 -3.71
C GLU B 274 3.09 0.15 -5.07
N THR B 275 3.15 -1.16 -5.21
CA THR B 275 2.78 -1.80 -6.47
C THR B 275 1.82 -2.95 -6.29
N GLY B 276 1.07 -3.22 -7.35
CA GLY B 276 0.13 -4.31 -7.34
C GLY B 276 0.41 -5.22 -8.52
N GLU B 277 -0.57 -6.06 -8.86
CA GLU B 277 -0.41 -6.97 -9.97
C GLU B 277 -0.33 -6.17 -11.27
N ASP B 278 -1.18 -5.14 -11.39
CA ASP B 278 -1.22 -4.34 -12.60
C ASP B 278 -1.36 -2.85 -12.32
N TRP B 279 -0.77 -2.37 -11.23
CA TRP B 279 -0.86 -0.95 -10.94
C TRP B 279 0.32 -0.54 -10.08
N ILE B 280 0.60 0.77 -10.09
CA ILE B 280 1.69 1.35 -9.33
C ILE B 280 1.17 2.66 -8.76
N SER B 281 1.48 2.92 -7.51
CA SER B 281 1.06 4.16 -6.89
C SER B 281 2.28 4.88 -6.34
N LEU B 282 2.29 6.20 -6.49
CA LEU B 282 3.40 7.00 -6.00
C LEU B 282 2.82 8.19 -5.28
N ASP B 283 3.33 8.44 -4.07
CA ASP B 283 2.88 9.56 -3.25
C ASP B 283 4.10 10.32 -2.77
N MET B 284 4.18 11.61 -3.09
CA MET B 284 5.31 12.42 -2.65
C MET B 284 5.03 13.04 -1.28
N HIS B 285 3.76 12.98 -0.87
CA HIS B 285 3.35 13.55 0.41
C HIS B 285 3.72 15.02 0.43
N GLY B 286 3.47 15.70 -0.69
CA GLY B 286 3.77 17.11 -0.79
C GLY B 286 5.24 17.48 -0.66
N LYS B 287 6.10 16.47 -0.63
CA LYS B 287 7.55 16.66 -0.49
C LYS B 287 8.28 16.95 -1.80
N ARG B 288 9.24 17.89 -1.75
CA ARG B 288 10.06 18.24 -2.90
C ARG B 288 10.99 17.05 -3.08
N PRO B 289 11.28 16.65 -4.33
CA PRO B 289 12.18 15.50 -4.55
C PRO B 289 13.63 15.74 -4.15
N LYS B 290 14.31 14.65 -3.81
CA LYS B 290 15.73 14.68 -3.43
C LYS B 290 16.53 14.36 -4.69
N ALA B 291 17.58 15.11 -4.96
CA ALA B 291 18.40 14.86 -6.14
C ALA B 291 18.94 13.42 -6.16
N VAL B 292 19.01 12.84 -7.35
CA VAL B 292 19.49 11.48 -7.50
C VAL B 292 20.56 11.40 -8.60
N THR B 293 21.29 10.30 -8.61
CA THR B 293 22.33 10.09 -9.60
C THR B 293 21.88 8.94 -10.51
N VAL B 294 21.93 9.19 -11.82
CA VAL B 294 21.50 8.21 -12.78
C VAL B 294 22.54 7.95 -13.87
N ARG B 295 22.57 6.72 -14.36
CA ARG B 295 23.46 6.31 -15.45
C ARG B 295 22.66 5.34 -16.32
N THR B 296 22.20 5.83 -17.48
CA THR B 296 21.41 5.02 -18.40
C THR B 296 22.20 3.81 -18.90
N ALA B 297 21.50 2.74 -19.25
CA ALA B 297 22.14 1.54 -19.78
C ALA B 297 21.06 0.59 -20.26
N PRO B 298 21.44 -0.51 -20.94
CA PRO B 298 20.45 -1.47 -21.44
C PRO B 298 19.64 -2.04 -20.30
N HIS B 299 18.41 -2.45 -20.60
CA HIS B 299 17.51 -3.03 -19.61
C HIS B 299 18.25 -4.19 -18.94
N PRO B 300 17.97 -4.47 -17.65
CA PRO B 300 17.05 -3.85 -16.69
C PRO B 300 17.56 -2.59 -15.98
N ALA B 301 18.63 -2.00 -16.47
CA ALA B 301 19.17 -0.80 -15.86
C ALA B 301 18.25 0.38 -16.15
N PHE B 302 18.62 1.56 -15.65
CA PHE B 302 17.83 2.77 -15.89
C PHE B 302 17.74 3.04 -17.40
N PRO B 303 16.52 3.09 -17.96
CA PRO B 303 16.27 3.33 -19.38
C PRO B 303 16.55 4.75 -19.85
N THR B 304 17.19 4.88 -21.01
CA THR B 304 17.50 6.19 -21.58
C THR B 304 16.21 6.95 -21.95
N ALA B 305 15.14 6.23 -22.24
CA ALA B 305 13.87 6.85 -22.57
C ALA B 305 13.23 7.60 -21.39
N MET B 306 13.83 7.47 -20.20
CA MET B 306 13.33 8.14 -18.99
C MET B 306 14.28 9.22 -18.52
N GLN B 307 15.45 9.28 -19.14
CA GLN B 307 16.49 10.24 -18.80
C GLN B 307 16.07 11.71 -18.83
N ALA B 308 15.40 12.15 -19.89
CA ALA B 308 14.97 13.56 -19.97
C ALA B 308 14.07 13.88 -18.81
N GLN B 309 13.11 13.00 -18.55
CA GLN B 309 12.18 13.23 -17.45
C GLN B 309 12.90 13.33 -16.12
N PHE B 310 13.89 12.47 -15.88
CA PHE B 310 14.63 12.52 -14.63
C PHE B 310 15.56 13.71 -14.56
N THR B 311 15.91 14.26 -15.73
CA THR B 311 16.78 15.44 -15.73
C THR B 311 15.93 16.54 -15.08
N LEU B 312 14.67 16.61 -15.49
CA LEU B 312 13.74 17.60 -14.95
C LEU B 312 13.62 17.42 -13.44
N LEU B 313 13.34 16.19 -13.01
CA LEU B 313 13.20 15.90 -11.60
C LEU B 313 14.40 16.46 -10.82
N ASN B 314 15.61 16.17 -11.29
CA ASN B 314 16.80 16.69 -10.61
C ASN B 314 16.88 18.21 -10.64
N LEU B 315 16.49 18.81 -11.76
CA LEU B 315 16.56 20.27 -11.88
C LEU B 315 15.64 21.03 -10.92
N VAL B 316 14.65 20.35 -10.35
CA VAL B 316 13.77 20.99 -9.36
C VAL B 316 13.87 20.24 -8.02
N ALA B 317 14.91 19.45 -7.85
CA ALA B 317 15.11 18.68 -6.64
C ALA B 317 16.05 19.37 -5.66
N GLU B 318 16.07 18.87 -4.44
CA GLU B 318 16.97 19.41 -3.43
C GLU B 318 18.30 18.70 -3.60
N GLY B 319 19.36 19.48 -3.88
CA GLY B 319 20.69 18.91 -4.03
C GLY B 319 21.28 18.93 -5.43
N THR B 320 22.45 18.31 -5.56
CA THR B 320 23.14 18.23 -6.85
C THR B 320 22.98 16.84 -7.44
N GLY B 321 22.23 16.73 -8.53
CA GLY B 321 22.00 15.45 -9.16
C GLY B 321 22.86 15.29 -10.39
N VAL B 322 23.35 14.07 -10.65
CA VAL B 322 24.18 13.84 -11.81
C VAL B 322 23.60 12.73 -12.68
N ILE B 323 23.40 13.04 -13.95
CA ILE B 323 22.87 12.08 -14.90
C ILE B 323 23.87 11.79 -16.03
N THR B 324 24.18 10.51 -16.22
CA THR B 324 25.11 10.11 -17.26
C THR B 324 24.43 9.23 -18.32
N GLU B 325 24.31 9.76 -19.53
CA GLU B 325 23.67 9.07 -20.64
C GLU B 325 24.70 8.25 -21.43
N THR B 326 24.49 6.94 -21.52
CA THR B 326 25.42 6.07 -22.23
C THR B 326 24.86 5.41 -23.49
N ILE B 327 23.60 5.68 -23.83
CA ILE B 327 23.02 5.06 -25.01
C ILE B 327 23.06 5.95 -26.25
N PHE B 328 22.64 7.20 -26.11
CA PHE B 328 22.64 8.13 -27.24
C PHE B 328 23.55 9.33 -27.02
N GLU B 329 24.35 9.62 -28.05
CA GLU B 329 25.32 10.72 -28.02
C GLU B 329 24.81 12.14 -27.95
N ASN B 330 23.53 12.37 -28.26
CA ASN B 330 23.00 13.73 -28.21
C ASN B 330 21.60 13.76 -27.59
N ARG B 331 21.48 13.38 -26.32
CA ARG B 331 20.15 13.36 -25.69
C ARG B 331 20.03 14.29 -24.49
N PHE B 332 20.60 15.49 -24.63
CA PHE B 332 20.57 16.49 -23.59
C PHE B 332 19.96 17.77 -24.15
N MET B 333 19.25 17.64 -25.27
CA MET B 333 18.65 18.80 -25.91
C MET B 333 17.61 19.54 -25.09
N HIS B 334 17.05 18.86 -24.10
CA HIS B 334 16.04 19.49 -23.25
C HIS B 334 16.68 20.44 -22.22
N VAL B 335 17.93 20.16 -21.86
CA VAL B 335 18.64 20.97 -20.90
C VAL B 335 18.68 22.47 -21.19
N PRO B 336 19.11 22.88 -22.40
CA PRO B 336 19.15 24.32 -22.69
C PRO B 336 17.77 24.96 -22.61
N GLU B 337 16.74 24.18 -22.90
CA GLU B 337 15.38 24.70 -22.85
C GLU B 337 14.94 24.88 -21.42
N LEU B 338 15.22 23.90 -20.56
CA LEU B 338 14.84 24.03 -19.16
C LEU B 338 15.61 25.19 -18.51
N ILE B 339 16.82 25.45 -18.98
CA ILE B 339 17.61 26.54 -18.42
C ILE B 339 16.89 27.86 -18.68
N ARG B 340 16.16 27.94 -19.78
CA ARG B 340 15.39 29.15 -20.10
C ARG B 340 14.28 29.32 -19.04
N MET B 341 13.87 28.21 -18.46
CA MET B 341 12.83 28.24 -17.43
C MET B 341 13.42 28.40 -16.04
N GLY B 342 14.71 28.76 -15.97
CA GLY B 342 15.35 29.00 -14.69
C GLY B 342 16.12 27.86 -14.07
N ALA B 343 16.20 26.73 -14.76
CA ALA B 343 16.93 25.57 -14.24
C ALA B 343 18.42 25.86 -14.33
N HIS B 344 19.20 25.17 -13.51
CA HIS B 344 20.64 25.37 -13.48
C HIS B 344 21.36 24.06 -13.68
N ALA B 345 22.22 24.01 -14.70
CA ALA B 345 22.94 22.79 -15.00
C ALA B 345 24.09 23.01 -15.96
N GLU B 346 25.04 22.08 -15.94
CA GLU B 346 26.18 22.13 -16.85
C GLU B 346 26.32 20.78 -17.51
N ILE B 347 26.67 20.79 -18.78
CA ILE B 347 26.85 19.55 -19.53
C ILE B 347 28.35 19.34 -19.74
N GLU B 348 28.85 18.21 -19.29
CA GLU B 348 30.25 17.87 -19.50
C GLU B 348 30.23 16.51 -20.17
N SER B 349 30.55 16.50 -21.45
CA SER B 349 30.57 15.29 -22.23
C SER B 349 29.19 14.63 -22.17
N ASN B 350 29.11 13.39 -21.72
CA ASN B 350 27.84 12.70 -21.67
C ASN B 350 27.14 12.66 -20.30
N THR B 351 27.37 13.67 -19.48
CA THR B 351 26.68 13.71 -18.18
C THR B 351 26.29 15.15 -17.85
N VAL B 352 25.14 15.33 -17.19
CA VAL B 352 24.65 16.64 -16.80
C VAL B 352 24.75 16.83 -15.31
N ILE B 353 25.38 17.93 -14.88
CA ILE B 353 25.48 18.22 -13.46
C ILE B 353 24.28 19.12 -13.17
N CYS B 354 23.35 18.62 -12.35
CA CYS B 354 22.14 19.37 -12.01
C CYS B 354 22.21 20.02 -10.64
N HIS B 355 21.73 21.25 -10.57
CA HIS B 355 21.69 22.01 -9.33
C HIS B 355 20.22 22.41 -9.16
N GLY B 356 19.45 21.55 -8.48
CA GLY B 356 18.04 21.80 -8.27
C GLY B 356 17.68 23.16 -7.72
N VAL B 357 16.54 23.69 -8.16
CA VAL B 357 16.05 24.98 -7.68
C VAL B 357 14.64 24.78 -7.14
N GLU B 358 14.22 25.73 -6.32
CA GLU B 358 12.90 25.76 -5.70
C GLU B 358 11.79 25.63 -6.74
N LYS B 359 11.65 26.66 -7.58
CA LYS B 359 10.62 26.68 -8.61
C LYS B 359 11.15 27.18 -9.95
N LEU B 360 10.51 26.73 -11.02
CA LEU B 360 10.86 27.12 -12.39
C LEU B 360 9.94 28.25 -12.83
N SER B 361 10.36 28.99 -13.86
CA SER B 361 9.57 30.10 -14.38
C SER B 361 9.05 29.76 -15.76
N GLY B 362 7.76 30.00 -15.99
CA GLY B 362 7.19 29.72 -17.29
C GLY B 362 7.89 30.55 -18.36
N ALA B 363 8.03 29.99 -19.54
CA ALA B 363 8.70 30.68 -20.64
C ALA B 363 8.42 29.90 -21.92
N GLN B 364 8.86 30.43 -23.05
CA GLN B 364 8.65 29.77 -24.33
C GLN B 364 9.83 28.85 -24.59
N VAL B 365 9.54 27.56 -24.65
CA VAL B 365 10.59 26.56 -24.90
C VAL B 365 10.23 25.74 -26.12
N MET B 366 11.21 25.01 -26.64
CA MET B 366 10.97 24.22 -27.84
C MET B 366 11.29 22.74 -27.68
N ALA B 367 10.29 21.92 -28.00
CA ALA B 367 10.45 20.48 -27.94
C ALA B 367 11.42 20.07 -29.05
N THR B 368 12.35 19.18 -28.74
CA THR B 368 13.34 18.75 -29.72
C THR B 368 13.21 17.28 -30.07
N ASP B 369 12.55 16.52 -29.21
CA ASP B 369 12.37 15.10 -29.45
C ASP B 369 11.24 14.59 -28.57
N LEU B 370 10.84 13.35 -28.77
CA LEU B 370 9.75 12.76 -28.02
C LEU B 370 9.80 12.93 -26.51
N ARG B 371 10.80 12.35 -25.85
CA ARG B 371 10.86 12.44 -24.39
C ARG B 371 11.17 13.85 -23.86
N ALA B 372 11.86 14.66 -24.66
CA ALA B 372 12.17 15.99 -24.21
C ALA B 372 10.86 16.79 -24.17
N SER B 373 10.03 16.62 -25.20
CA SER B 373 8.78 17.35 -25.27
C SER B 373 7.91 17.05 -24.04
N ALA B 374 7.84 15.79 -23.65
CA ALA B 374 7.05 15.42 -22.48
C ALA B 374 7.66 16.07 -21.23
N SER B 375 8.99 16.16 -21.20
CA SER B 375 9.65 16.77 -20.07
C SER B 375 9.32 18.26 -19.98
N LEU B 376 9.34 18.94 -21.12
CA LEU B 376 9.04 20.36 -21.14
C LEU B 376 7.58 20.62 -20.76
N VAL B 377 6.69 19.69 -21.12
CA VAL B 377 5.30 19.86 -20.78
C VAL B 377 5.14 19.72 -19.26
N LEU B 378 5.77 18.71 -18.68
CA LEU B 378 5.68 18.55 -17.24
C LEU B 378 6.29 19.76 -16.55
N ALA B 379 7.37 20.31 -17.12
CA ALA B 379 8.02 21.48 -16.54
C ALA B 379 7.01 22.62 -16.48
N GLY B 380 6.26 22.81 -17.57
CA GLY B 380 5.26 23.85 -17.61
C GLY B 380 4.20 23.69 -16.52
N CYS B 381 3.85 22.43 -16.22
CA CYS B 381 2.86 22.15 -15.19
C CYS B 381 3.28 22.59 -13.80
N ILE B 382 4.58 22.50 -13.50
CA ILE B 382 5.03 22.88 -12.17
C ILE B 382 5.72 24.23 -12.12
N ALA B 383 5.95 24.83 -13.27
CA ALA B 383 6.62 26.11 -13.32
C ALA B 383 5.63 27.19 -12.90
N GLU B 384 6.14 28.33 -12.46
CA GLU B 384 5.31 29.43 -12.03
C GLU B 384 4.99 30.24 -13.29
N GLY B 385 3.71 30.36 -13.61
CA GLY B 385 3.33 31.16 -14.75
C GLY B 385 2.89 30.38 -15.97
N THR B 386 3.05 31.01 -17.13
CA THR B 386 2.67 30.41 -18.40
C THR B 386 3.85 29.92 -19.22
N THR B 387 3.76 28.66 -19.64
CA THR B 387 4.81 28.07 -20.45
C THR B 387 4.23 27.71 -21.80
N VAL B 388 5.01 27.91 -22.85
CA VAL B 388 4.57 27.57 -24.20
C VAL B 388 5.59 26.61 -24.81
N VAL B 389 5.17 25.38 -25.03
CA VAL B 389 6.04 24.38 -25.61
C VAL B 389 5.73 24.28 -27.09
N ASP B 390 6.65 24.80 -27.89
CA ASP B 390 6.49 24.79 -29.33
C ASP B 390 6.86 23.42 -29.88
N ARG B 391 6.29 23.07 -31.04
CA ARG B 391 6.55 21.80 -31.71
C ARG B 391 6.07 20.55 -30.96
N ILE B 392 4.99 20.66 -30.19
CA ILE B 392 4.55 19.48 -29.46
C ILE B 392 4.18 18.30 -30.34
N TYR B 393 4.30 18.44 -31.66
CA TYR B 393 3.97 17.33 -32.54
C TYR B 393 4.83 16.14 -32.11
N HIS B 394 6.03 16.43 -31.61
CA HIS B 394 6.95 15.40 -31.13
C HIS B 394 6.25 14.49 -30.12
N ILE B 395 5.50 15.11 -29.22
CA ILE B 395 4.81 14.36 -28.18
C ILE B 395 3.73 13.42 -28.73
N ASP B 396 3.16 13.77 -29.88
CA ASP B 396 2.11 12.93 -30.47
C ASP B 396 2.68 11.63 -31.03
N ARG B 397 4.01 11.56 -31.14
CA ARG B 397 4.68 10.38 -31.67
C ARG B 397 4.70 9.21 -30.69
N GLY B 398 4.73 9.51 -29.39
CA GLY B 398 4.78 8.45 -28.39
C GLY B 398 3.84 8.51 -27.20
N TYR B 399 2.96 9.52 -27.15
CA TYR B 399 2.03 9.62 -26.03
C TYR B 399 0.60 9.75 -26.53
N GLU B 400 -0.25 8.79 -26.14
CA GLU B 400 -1.65 8.82 -26.54
C GLU B 400 -2.44 9.77 -25.63
N ARG B 401 -3.06 10.79 -26.23
CA ARG B 401 -3.85 11.76 -25.46
C ARG B 401 -3.17 12.20 -24.18
N ILE B 402 -1.93 12.68 -24.26
CA ILE B 402 -1.27 13.10 -23.02
C ILE B 402 -1.96 14.34 -22.48
N GLU B 403 -2.53 15.13 -23.39
CA GLU B 403 -3.23 16.36 -23.01
C GLU B 403 -4.36 16.02 -22.05
N ASP B 404 -5.22 15.10 -22.47
CA ASP B 404 -6.35 14.68 -21.67
C ASP B 404 -5.94 14.04 -20.34
N LYS B 405 -4.97 13.13 -20.40
CA LYS B 405 -4.51 12.44 -19.20
C LYS B 405 -3.93 13.42 -18.20
N LEU B 406 -3.16 14.40 -18.67
CA LEU B 406 -2.57 15.37 -17.76
C LEU B 406 -3.65 16.26 -17.16
N ARG B 407 -4.60 16.66 -17.98
CA ARG B 407 -5.69 17.51 -17.51
C ARG B 407 -6.43 16.79 -16.39
N ALA B 408 -6.71 15.51 -16.59
CA ALA B 408 -7.41 14.70 -15.60
C ALA B 408 -6.62 14.58 -14.31
N LEU B 409 -5.38 15.07 -14.32
CA LEU B 409 -4.55 15.01 -13.13
C LEU B 409 -4.43 16.38 -12.49
N GLY B 410 -5.11 17.36 -13.08
CA GLY B 410 -5.10 18.70 -12.53
C GLY B 410 -4.32 19.72 -13.32
N ALA B 411 -3.82 19.33 -14.48
CA ALA B 411 -3.04 20.24 -15.31
C ALA B 411 -3.89 21.28 -16.03
N ASN B 412 -3.33 22.46 -16.20
CA ASN B 412 -3.98 23.57 -16.90
C ASN B 412 -3.24 23.64 -18.23
N ILE B 413 -3.72 22.85 -19.20
CA ILE B 413 -3.04 22.77 -20.49
C ILE B 413 -4.01 22.93 -21.66
N GLU B 414 -3.52 23.49 -22.75
CA GLU B 414 -4.37 23.70 -23.92
C GLU B 414 -3.58 23.70 -25.23
N ARG B 415 -4.05 22.92 -26.20
CA ARG B 415 -3.39 22.86 -27.51
C ARG B 415 -3.87 23.95 -28.46
N VAL B 416 -3.12 25.05 -28.52
CA VAL B 416 -3.50 26.15 -29.39
C VAL B 416 -3.02 25.86 -30.81
N LYS B 417 -3.88 26.17 -31.76
CA LYS B 417 -3.60 25.93 -33.18
C LYS B 417 -2.26 26.48 -33.65
N GLY B 418 -1.81 25.96 -34.79
CA GLY B 418 -0.54 26.38 -35.37
C GLY B 418 -0.22 27.85 -35.21
N GLU B 419 0.95 28.13 -34.62
CA GLU B 419 1.41 29.49 -34.40
C GLU B 419 0.82 30.08 -33.12
N MET C 1 64.57 -6.82 -9.45
CA MET C 1 63.36 -6.62 -10.30
C MET C 1 63.42 -7.55 -11.51
N ASP C 2 62.78 -8.71 -11.38
CA ASP C 2 62.75 -9.69 -12.47
C ASP C 2 62.27 -9.14 -13.80
N LYS C 3 62.78 -9.72 -14.88
CA LYS C 3 62.42 -9.30 -16.22
C LYS C 3 62.37 -10.52 -17.10
N PHE C 4 61.78 -10.37 -18.29
CA PHE C 4 61.71 -11.44 -19.26
C PHE C 4 62.51 -11.00 -20.47
N ARG C 5 63.41 -11.88 -20.90
CA ARG C 5 64.25 -11.61 -22.06
C ARG C 5 63.67 -12.50 -23.16
N VAL C 6 63.10 -11.87 -24.18
CA VAL C 6 62.48 -12.63 -25.26
C VAL C 6 63.20 -12.38 -26.58
N GLN C 7 63.45 -13.46 -27.30
CA GLN C 7 64.12 -13.41 -28.60
C GLN C 7 63.11 -13.81 -29.65
N GLY C 8 62.93 -12.97 -30.66
CA GLY C 8 61.97 -13.29 -31.72
C GLY C 8 62.53 -13.00 -33.10
N PRO C 9 61.77 -13.27 -34.16
CA PRO C 9 60.42 -13.81 -34.10
C PRO C 9 60.35 -15.32 -34.00
N THR C 10 59.30 -15.82 -33.36
CA THR C 10 59.09 -17.26 -33.21
C THR C 10 57.62 -17.56 -33.32
N ARG C 11 57.28 -18.54 -34.14
CA ARG C 11 55.90 -18.88 -34.27
C ARG C 11 55.52 -19.59 -32.99
N LEU C 12 54.33 -19.27 -32.50
CA LEU C 12 53.89 -19.94 -31.30
C LEU C 12 52.90 -20.99 -31.73
N GLN C 13 53.19 -22.23 -31.39
CA GLN C 13 52.31 -23.30 -31.77
C GLN C 13 52.43 -24.53 -30.91
N GLY C 14 51.41 -25.38 -30.99
CA GLY C 14 51.41 -26.60 -30.21
C GLY C 14 50.19 -26.68 -29.33
N GLU C 15 50.40 -27.08 -28.08
CA GLU C 15 49.31 -27.22 -27.14
C GLU C 15 49.59 -26.60 -25.79
N VAL C 16 48.54 -26.29 -25.06
CA VAL C 16 48.65 -25.71 -23.73
C VAL C 16 47.44 -26.15 -22.94
N THR C 17 47.61 -26.36 -21.64
CA THR C 17 46.52 -26.76 -20.78
C THR C 17 46.16 -25.57 -19.91
N ILE C 18 44.92 -25.13 -20.03
CA ILE C 18 44.44 -23.98 -19.27
C ILE C 18 44.28 -24.28 -17.78
N SER C 19 44.76 -23.36 -16.95
CA SER C 19 44.67 -23.51 -15.51
C SER C 19 43.30 -23.03 -15.02
N GLY C 20 43.05 -23.17 -13.72
CA GLY C 20 41.79 -22.71 -13.18
C GLY C 20 41.71 -21.19 -13.27
N ALA C 21 40.49 -20.67 -13.38
CA ALA C 21 40.27 -19.25 -13.50
C ALA C 21 40.68 -18.45 -12.25
N LYS C 22 41.59 -17.51 -12.45
CA LYS C 22 42.05 -16.66 -11.36
C LYS C 22 40.87 -15.93 -10.74
N ASN C 23 40.02 -15.36 -11.59
CA ASN C 23 38.88 -14.61 -11.11
C ASN C 23 37.65 -15.39 -10.66
N ALA C 24 37.83 -16.70 -10.48
CA ALA C 24 36.76 -17.56 -9.99
C ALA C 24 37.30 -18.10 -8.66
N ALA C 25 38.58 -18.44 -8.68
CA ALA C 25 39.25 -18.96 -7.51
C ALA C 25 39.23 -17.91 -6.39
N LEU C 26 39.57 -16.67 -6.73
CA LEU C 26 39.60 -15.60 -5.74
C LEU C 26 38.27 -15.36 -5.03
N PRO C 27 37.18 -15.13 -5.78
CA PRO C 27 35.91 -14.90 -5.08
C PRO C 27 35.43 -16.14 -4.33
N ILE C 28 35.75 -17.33 -4.84
CA ILE C 28 35.36 -18.56 -4.18
C ILE C 28 36.16 -18.74 -2.87
N LEU C 29 37.45 -18.41 -2.90
CA LEU C 29 38.27 -18.54 -1.70
C LEU C 29 37.75 -17.64 -0.59
N PHE C 30 37.32 -16.45 -0.93
CA PHE C 30 36.79 -15.54 0.08
C PHE C 30 35.40 -16.01 0.53
N ALA C 31 34.66 -16.61 -0.40
CA ALA C 31 33.33 -17.11 -0.08
C ALA C 31 33.46 -18.23 0.96
N ALA C 32 34.59 -18.93 0.94
CA ALA C 32 34.85 -20.02 1.89
C ALA C 32 34.78 -19.54 3.34
N LEU C 33 34.97 -18.23 3.57
CA LEU C 33 34.90 -17.70 4.92
C LEU C 33 33.52 -17.97 5.51
N LEU C 34 32.56 -18.30 4.65
CA LEU C 34 31.20 -18.60 5.08
C LEU C 34 31.02 -20.05 5.54
N ALA C 35 31.91 -20.92 5.07
CA ALA C 35 31.87 -22.34 5.40
C ALA C 35 32.25 -22.68 6.84
N GLU C 36 31.40 -23.45 7.50
CA GLU C 36 31.66 -23.86 8.88
C GLU C 36 32.40 -25.20 8.87
N GLU C 37 32.36 -25.90 7.74
CA GLU C 37 33.04 -27.19 7.64
C GLU C 37 34.16 -27.16 6.60
N PRO C 38 35.01 -28.21 6.58
CA PRO C 38 36.11 -28.28 5.63
C PRO C 38 35.68 -28.01 4.20
N VAL C 39 36.57 -27.39 3.44
CA VAL C 39 36.28 -27.07 2.07
C VAL C 39 37.54 -27.33 1.26
N GLU C 40 37.35 -27.94 0.09
CA GLU C 40 38.47 -28.22 -0.81
C GLU C 40 38.12 -27.59 -2.15
N ILE C 41 38.96 -26.66 -2.58
CA ILE C 41 38.74 -26.01 -3.86
C ILE C 41 39.76 -26.54 -4.84
N GLN C 42 39.29 -27.24 -5.85
CA GLN C 42 40.15 -27.85 -6.84
C GLN C 42 40.45 -27.00 -8.06
N ASN C 43 41.55 -27.36 -8.74
CA ASN C 43 41.98 -26.67 -9.95
C ASN C 43 42.26 -25.20 -9.68
N VAL C 44 42.88 -24.91 -8.54
CA VAL C 44 43.22 -23.53 -8.20
C VAL C 44 44.59 -23.20 -8.78
N PRO C 45 44.67 -22.16 -9.61
CA PRO C 45 45.97 -21.82 -10.19
C PRO C 45 46.95 -21.31 -9.15
N LYS C 46 48.24 -21.50 -9.41
CA LYS C 46 49.28 -21.04 -8.50
C LYS C 46 49.69 -19.65 -8.95
N LEU C 47 49.05 -18.65 -8.35
CA LEU C 47 49.29 -17.25 -8.67
C LEU C 47 49.62 -16.45 -7.41
N LYS C 48 50.27 -15.31 -7.60
CA LYS C 48 50.65 -14.45 -6.49
C LYS C 48 49.42 -14.02 -5.70
N ASP C 49 48.32 -13.76 -6.38
CA ASP C 49 47.10 -13.34 -5.71
C ASP C 49 46.51 -14.45 -4.84
N ILE C 50 46.71 -15.70 -5.24
CA ILE C 50 46.19 -16.80 -4.44
C ILE C 50 47.00 -16.90 -3.15
N ASP C 51 48.29 -16.60 -3.25
CA ASP C 51 49.16 -16.63 -2.07
C ASP C 51 48.71 -15.55 -1.09
N THR C 52 48.50 -14.34 -1.62
CA THR C 52 48.08 -13.21 -0.81
C THR C 52 46.74 -13.50 -0.16
N THR C 53 45.85 -14.14 -0.91
CA THR C 53 44.54 -14.47 -0.38
C THR C 53 44.68 -15.47 0.77
N MET C 54 45.50 -16.49 0.57
CA MET C 54 45.73 -17.47 1.60
C MET C 54 46.35 -16.82 2.83
N LYS C 55 47.23 -15.85 2.59
CA LYS C 55 47.88 -15.13 3.67
C LYS C 55 46.84 -14.40 4.50
N LEU C 56 45.94 -13.71 3.80
CA LEU C 56 44.90 -12.96 4.47
C LEU C 56 43.96 -13.89 5.24
N LEU C 57 43.53 -14.97 4.58
CA LEU C 57 42.63 -15.91 5.22
C LEU C 57 43.25 -16.45 6.51
N THR C 58 44.49 -16.88 6.40
CA THR C 58 45.20 -17.42 7.55
C THR C 58 45.25 -16.40 8.67
N GLN C 59 45.46 -15.13 8.33
CA GLN C 59 45.53 -14.12 9.35
C GLN C 59 44.17 -13.75 9.94
N LEU C 60 43.11 -14.36 9.43
CA LEU C 60 41.76 -14.14 9.97
C LEU C 60 41.49 -15.31 10.91
N GLY C 61 42.44 -16.24 10.96
CA GLY C 61 42.30 -17.41 11.81
C GLY C 61 41.82 -18.62 11.06
N THR C 62 42.07 -18.64 9.76
CA THR C 62 41.66 -19.75 8.92
C THR C 62 42.81 -20.70 8.74
N LYS C 63 42.50 -21.99 8.59
CA LYS C 63 43.53 -23.01 8.37
C LYS C 63 43.54 -23.23 6.87
N VAL C 64 44.63 -22.83 6.25
CA VAL C 64 44.76 -22.95 4.80
C VAL C 64 46.02 -23.67 4.37
N GLU C 65 45.88 -24.52 3.36
CA GLU C 65 47.03 -25.23 2.80
C GLU C 65 46.67 -25.70 1.39
N ARG C 66 47.66 -25.67 0.49
CA ARG C 66 47.43 -26.03 -0.91
C ARG C 66 48.55 -26.89 -1.48
N GLY C 68 47.18 -29.16 -6.24
CA GLY C 68 46.32 -28.59 -7.27
C GLY C 68 45.11 -27.93 -6.65
N SER C 69 44.83 -28.32 -5.41
CA SER C 69 43.70 -27.78 -4.65
C SER C 69 44.16 -26.90 -3.50
N VAL C 70 43.21 -26.17 -2.93
CA VAL C 70 43.45 -25.32 -1.77
C VAL C 70 42.44 -25.82 -0.74
N TRP C 71 42.95 -26.31 0.40
CA TRP C 71 42.07 -26.82 1.46
C TRP C 71 41.85 -25.74 2.50
N ILE C 72 40.58 -25.45 2.77
CA ILE C 72 40.20 -24.42 3.72
C ILE C 72 39.37 -24.94 4.90
N ASP C 73 39.71 -24.45 6.09
CA ASP C 73 39.00 -24.81 7.29
C ASP C 73 38.76 -23.49 8.01
N ALA C 74 37.60 -22.91 7.74
CA ALA C 74 37.22 -21.63 8.31
C ALA C 74 36.30 -21.79 9.51
N SER C 75 36.30 -22.99 10.11
CA SER C 75 35.47 -23.24 11.27
C SER C 75 35.75 -22.24 12.40
N ASN C 76 36.98 -21.71 12.46
CA ASN C 76 37.31 -20.73 13.49
C ASN C 76 37.87 -19.43 12.87
N VAL C 77 37.48 -18.30 13.43
CA VAL C 77 37.97 -17.03 12.93
C VAL C 77 38.22 -16.09 14.12
N ASN C 78 39.49 -15.83 14.40
CA ASN C 78 39.87 -14.97 15.52
C ASN C 78 40.19 -13.53 15.13
N ASN C 79 39.98 -13.19 13.86
CA ASN C 79 40.30 -11.84 13.42
C ASN C 79 39.39 -11.49 12.25
N PHE C 80 38.79 -10.30 12.32
CA PHE C 80 37.88 -9.86 11.27
C PHE C 80 38.38 -8.62 10.53
N SER C 81 39.68 -8.55 10.29
CA SER C 81 40.27 -7.37 9.63
C SER C 81 41.30 -7.62 8.52
N ALA C 82 41.16 -6.88 7.42
CA ALA C 82 42.11 -7.00 6.30
C ALA C 82 43.00 -5.74 6.35
N PRO C 83 44.24 -5.88 6.80
CA PRO C 83 45.21 -4.78 6.92
C PRO C 83 45.64 -4.04 5.64
N TYR C 84 45.86 -2.73 5.77
CA TYR C 84 46.30 -1.87 4.68
C TYR C 84 47.45 -2.54 3.94
N ASP C 85 48.52 -2.81 4.69
CA ASP C 85 49.71 -3.46 4.17
C ASP C 85 49.39 -4.67 3.31
N LEU C 86 48.22 -5.25 3.55
CA LEU C 86 47.83 -6.43 2.81
C LEU C 86 46.92 -6.13 1.63
N VAL C 87 45.89 -5.33 1.84
CA VAL C 87 44.98 -5.02 0.74
C VAL C 87 45.64 -4.10 -0.28
N LYS C 88 46.69 -3.38 0.14
CA LYS C 88 47.37 -2.50 -0.79
C LYS C 88 48.08 -3.31 -1.87
N THR C 89 48.24 -4.61 -1.64
CA THR C 89 48.88 -5.47 -2.62
C THR C 89 47.85 -6.26 -3.40
N MET C 90 46.60 -6.22 -2.96
CA MET C 90 45.52 -6.94 -3.65
C MET C 90 44.15 -6.40 -3.22
N ARG C 91 43.57 -5.56 -4.07
CA ARG C 91 42.28 -4.93 -3.80
C ARG C 91 41.14 -5.95 -3.69
N ALA C 92 41.34 -7.13 -4.26
CA ALA C 92 40.31 -8.18 -4.19
C ALA C 92 40.04 -8.60 -2.73
N SER C 93 40.90 -8.14 -1.81
CA SER C 93 40.73 -8.45 -0.40
C SER C 93 39.38 -7.89 0.08
N ILE C 94 38.84 -6.93 -0.68
CA ILE C 94 37.57 -6.30 -0.34
C ILE C 94 36.46 -7.35 -0.22
N TRP C 95 36.63 -8.46 -0.91
CA TRP C 95 35.64 -9.53 -0.86
C TRP C 95 35.54 -10.24 0.48
N ALA C 96 36.37 -9.86 1.44
CA ALA C 96 36.32 -10.49 2.76
C ALA C 96 35.25 -9.81 3.62
N LEU C 97 35.01 -8.52 3.35
CA LEU C 97 34.03 -7.76 4.11
C LEU C 97 32.66 -8.44 4.15
N GLY C 98 32.16 -8.78 2.97
CA GLY C 98 30.86 -9.41 2.87
C GLY C 98 30.65 -10.63 3.74
N PRO C 99 31.44 -11.69 3.53
CA PRO C 99 31.30 -12.91 4.32
C PRO C 99 31.49 -12.68 5.82
N LEU C 100 32.50 -11.89 6.18
CA LEU C 100 32.76 -11.62 7.58
C LEU C 100 31.56 -11.02 8.29
N VAL C 101 30.97 -9.98 7.71
CA VAL C 101 29.83 -9.35 8.35
C VAL C 101 28.59 -10.25 8.31
N ALA C 102 28.44 -11.02 7.24
CA ALA C 102 27.27 -11.88 7.10
C ALA C 102 27.30 -13.04 8.08
N ARG C 103 28.48 -13.55 8.37
CA ARG C 103 28.60 -14.68 9.29
C ARG C 103 28.96 -14.32 10.73
N PHE C 104 29.79 -13.30 10.91
CA PHE C 104 30.19 -12.90 12.27
C PHE C 104 29.65 -11.57 12.74
N GLY C 105 28.81 -10.94 11.92
CA GLY C 105 28.21 -9.66 12.27
C GLY C 105 29.13 -8.46 12.25
N GLN C 106 30.38 -8.68 11.84
CA GLN C 106 31.33 -7.57 11.80
C GLN C 106 32.45 -7.87 10.82
N GLY C 107 33.18 -6.84 10.45
CA GLY C 107 34.28 -7.01 9.53
C GLY C 107 34.80 -5.65 9.10
N GLN C 108 36.08 -5.61 8.77
CA GLN C 108 36.65 -4.37 8.32
C GLN C 108 37.79 -4.65 7.36
N VAL C 109 37.82 -3.86 6.31
CA VAL C 109 38.83 -4.01 5.28
C VAL C 109 39.36 -2.64 4.93
N SER C 110 40.66 -2.54 4.74
CA SER C 110 41.25 -1.25 4.41
C SER C 110 40.67 -0.81 3.09
N LEU C 111 40.19 0.43 3.01
CA LEU C 111 39.61 0.95 1.78
C LEU C 111 40.70 1.01 0.74
N PRO C 112 40.59 0.21 -0.33
CA PRO C 112 41.62 0.22 -1.37
C PRO C 112 41.73 1.57 -2.06
N GLY C 113 42.96 1.98 -2.35
CA GLY C 113 43.19 3.24 -3.04
C GLY C 113 43.06 3.05 -4.53
N GLY C 114 43.70 3.92 -5.31
CA GLY C 114 43.60 3.79 -6.75
C GLY C 114 44.38 2.63 -7.32
N CYS C 115 44.00 2.17 -8.52
CA CYS C 115 44.69 1.08 -9.21
C CYS C 115 45.27 1.66 -10.49
N ALA C 116 46.16 0.93 -11.13
CA ALA C 116 46.78 1.42 -12.36
C ALA C 116 45.79 1.68 -13.49
N ILE C 117 44.90 0.72 -13.74
CA ILE C 117 43.93 0.82 -14.82
C ILE C 117 42.66 1.64 -14.54
N GLY C 118 42.54 2.15 -13.32
CA GLY C 118 41.37 2.94 -12.98
C GLY C 118 41.24 3.14 -11.48
N ALA C 119 40.43 4.12 -11.09
CA ALA C 119 40.20 4.41 -9.69
C ALA C 119 39.56 3.21 -8.98
N ARG C 120 38.73 2.47 -9.71
CA ARG C 120 38.06 1.29 -9.17
C ARG C 120 37.45 1.48 -7.78
N PRO C 121 36.47 2.40 -7.67
CA PRO C 121 35.82 2.63 -6.38
C PRO C 121 35.09 1.35 -5.99
N VAL C 122 34.67 1.26 -4.74
CA VAL C 122 34.03 0.06 -4.26
C VAL C 122 32.65 0.37 -3.65
N ASP C 123 32.11 1.53 -4.02
CA ASP C 123 30.82 2.04 -3.55
C ASP C 123 29.64 1.07 -3.65
N LEU C 124 29.51 0.37 -4.77
CA LEU C 124 28.41 -0.57 -4.95
C LEU C 124 28.48 -1.72 -3.96
N HIS C 125 29.69 -2.08 -3.55
CA HIS C 125 29.87 -3.15 -2.58
C HIS C 125 29.22 -2.68 -1.28
N ILE C 126 29.61 -1.49 -0.84
CA ILE C 126 29.11 -0.91 0.39
C ILE C 126 27.61 -0.68 0.30
N PHE C 127 27.17 -0.11 -0.81
CA PHE C 127 25.74 0.14 -1.04
C PHE C 127 24.97 -1.16 -0.85
N GLY C 128 25.49 -2.23 -1.43
CA GLY C 128 24.83 -3.52 -1.33
C GLY C 128 24.72 -4.04 0.09
N LEU C 129 25.83 -4.02 0.82
CA LEU C 129 25.83 -4.50 2.19
C LEU C 129 24.89 -3.67 3.05
N GLU C 130 24.87 -2.36 2.81
CA GLU C 130 24.00 -1.47 3.56
C GLU C 130 22.53 -1.83 3.31
N LYS C 131 22.22 -2.18 2.07
CA LYS C 131 20.85 -2.56 1.72
C LYS C 131 20.46 -3.85 2.43
N LEU C 132 21.45 -4.67 2.78
CA LEU C 132 21.20 -5.93 3.46
C LEU C 132 21.14 -5.72 4.96
N GLY C 133 21.31 -4.47 5.39
CA GLY C 133 21.23 -4.18 6.81
C GLY C 133 22.51 -3.81 7.52
N ALA C 134 23.65 -3.94 6.86
CA ALA C 134 24.91 -3.61 7.51
C ALA C 134 25.08 -2.10 7.68
N GLU C 135 25.75 -1.72 8.74
CA GLU C 135 26.02 -0.31 8.98
C GLU C 135 27.52 -0.17 8.68
N ILE C 136 27.87 0.73 7.77
CA ILE C 136 29.26 0.89 7.38
C ILE C 136 29.84 2.29 7.59
N LYS C 137 31.05 2.35 8.13
CA LYS C 137 31.72 3.62 8.32
C LYS C 137 33.16 3.54 7.80
N LEU C 138 33.73 4.70 7.50
CA LEU C 138 35.10 4.73 7.02
C LEU C 138 35.94 5.49 8.03
N GLU C 139 36.68 4.77 8.83
CA GLU C 139 37.52 5.46 9.78
C GLU C 139 38.96 4.98 9.71
N GLU C 140 39.85 5.97 9.56
CA GLU C 140 41.28 5.82 9.44
C GLU C 140 41.67 4.91 8.28
N GLY C 141 40.92 5.04 7.20
CA GLY C 141 41.20 4.28 6.01
C GLY C 141 40.59 2.90 5.96
N TYR C 142 39.84 2.52 6.97
CA TYR C 142 39.21 1.21 6.93
C TYR C 142 37.72 1.34 6.78
N VAL C 143 37.14 0.43 6.01
CA VAL C 143 35.70 0.41 5.86
C VAL C 143 35.24 -0.64 6.90
N LYS C 144 34.61 -0.15 7.96
CA LYS C 144 34.13 -0.99 9.05
C LYS C 144 32.64 -1.24 8.93
N ALA C 145 32.27 -2.51 8.88
CA ALA C 145 30.87 -2.90 8.75
C ALA C 145 30.42 -3.73 9.93
N SER C 146 29.15 -3.59 10.32
CA SER C 146 28.59 -4.34 11.43
C SER C 146 27.09 -4.48 11.28
N VAL C 147 26.54 -5.46 11.99
CA VAL C 147 25.11 -5.71 11.96
C VAL C 147 24.73 -6.49 13.21
N ASN C 148 23.68 -6.07 13.89
CA ASN C 148 23.23 -6.80 15.07
C ASN C 148 22.34 -7.94 14.60
N GLY C 149 22.84 -9.15 14.73
CA GLY C 149 22.10 -10.30 14.30
C GLY C 149 22.38 -10.56 12.84
N ARG C 150 21.46 -11.22 12.14
CA ARG C 150 21.66 -11.53 10.75
C ARG C 150 21.29 -10.35 9.86
N LEU C 151 21.75 -10.42 8.61
CA LEU C 151 21.45 -9.40 7.61
C LEU C 151 20.05 -9.77 7.12
N LYS C 152 19.33 -8.81 6.55
CA LYS C 152 17.98 -9.08 6.07
C LYS C 152 17.92 -9.02 4.55
N GLY C 153 17.31 -10.04 3.94
CA GLY C 153 17.19 -10.07 2.49
C GLY C 153 16.56 -8.78 2.00
N ALA C 154 16.92 -8.36 0.79
CA ALA C 154 16.38 -7.12 0.23
C ALA C 154 16.38 -7.18 -1.28
N HIS C 155 15.63 -6.27 -1.90
CA HIS C 155 15.57 -6.21 -3.35
C HIS C 155 16.54 -5.09 -3.69
N ILE C 156 17.68 -5.46 -4.27
CA ILE C 156 18.72 -4.50 -4.60
C ILE C 156 18.90 -4.32 -6.10
N VAL C 157 18.76 -3.08 -6.57
CA VAL C 157 18.94 -2.80 -7.98
C VAL C 157 20.29 -2.14 -8.14
N MET C 158 21.19 -2.83 -8.83
CA MET C 158 22.52 -2.33 -9.05
C MET C 158 22.41 -1.31 -10.17
N ASP C 159 22.80 -0.06 -9.92
CA ASP C 159 22.73 0.94 -10.96
C ASP C 159 24.07 1.05 -11.67
N LYS C 160 24.60 -0.10 -12.07
CA LYS C 160 25.89 -0.22 -12.74
C LYS C 160 26.21 -1.72 -12.67
N VAL C 161 26.80 -2.28 -13.71
CA VAL C 161 27.11 -3.71 -13.68
C VAL C 161 28.49 -3.88 -13.09
N SER C 162 28.56 -4.59 -11.98
CA SER C 162 29.81 -4.84 -11.29
C SER C 162 29.99 -6.29 -10.89
N VAL C 163 31.10 -6.90 -11.36
CA VAL C 163 31.39 -8.29 -11.04
C VAL C 163 31.66 -8.39 -9.54
N GLY C 164 32.55 -7.54 -9.05
CA GLY C 164 32.90 -7.54 -7.64
C GLY C 164 31.71 -7.32 -6.72
N ALA C 165 30.96 -6.25 -6.94
CA ALA C 165 29.80 -5.97 -6.11
C ALA C 165 28.76 -7.10 -6.14
N THR C 166 28.55 -7.72 -7.30
CA THR C 166 27.59 -8.81 -7.40
C THR C 166 28.04 -9.96 -6.50
N VAL C 167 29.35 -10.24 -6.49
CA VAL C 167 29.91 -11.31 -5.67
C VAL C 167 29.72 -11.00 -4.18
N THR C 168 30.10 -9.79 -3.77
CA THR C 168 29.96 -9.37 -2.39
C THR C 168 28.53 -9.56 -1.89
N ILE C 169 27.57 -8.96 -2.60
CA ILE C 169 26.17 -9.05 -2.22
C ILE C 169 25.63 -10.46 -2.24
N MET C 170 25.90 -11.20 -3.31
CA MET C 170 25.40 -12.56 -3.41
C MET C 170 25.95 -13.43 -2.29
N SER C 171 27.22 -13.26 -1.96
CA SER C 171 27.85 -14.05 -0.92
C SER C 171 27.24 -13.77 0.46
N ALA C 172 27.12 -12.48 0.80
CA ALA C 172 26.57 -12.07 2.08
C ALA C 172 25.11 -12.49 2.24
N ALA C 173 24.36 -12.44 1.16
CA ALA C 173 22.94 -12.79 1.20
C ALA C 173 22.67 -14.26 1.56
N THR C 174 23.63 -15.14 1.30
CA THR C 174 23.42 -16.56 1.59
C THR C 174 23.11 -16.84 3.06
N LEU C 175 23.62 -15.98 3.95
CA LEU C 175 23.39 -16.15 5.38
C LEU C 175 22.42 -15.10 5.92
N ALA C 176 21.75 -14.41 5.01
CA ALA C 176 20.79 -13.40 5.40
C ALA C 176 19.46 -14.02 5.80
N GLU C 177 18.65 -13.22 6.47
CA GLU C 177 17.33 -13.65 6.91
C GLU C 177 16.36 -13.20 5.83
N GLY C 178 15.83 -14.16 5.07
CA GLY C 178 14.90 -13.80 4.04
C GLY C 178 15.45 -13.98 2.63
N THR C 179 14.77 -13.39 1.67
CA THR C 179 15.17 -13.49 0.27
C THR C 179 15.76 -12.21 -0.29
N THR C 180 16.83 -12.35 -1.05
CA THR C 180 17.49 -11.20 -1.66
C THR C 180 17.39 -11.35 -3.16
N ILE C 181 17.17 -10.23 -3.84
CA ILE C 181 17.10 -10.24 -5.29
C ILE C 181 18.05 -9.17 -5.81
N ILE C 182 18.98 -9.57 -6.65
CA ILE C 182 19.93 -8.63 -7.23
C ILE C 182 19.54 -8.33 -8.66
N GLU C 183 19.13 -7.09 -8.90
CA GLU C 183 18.73 -6.64 -10.23
C GLU C 183 19.93 -6.06 -10.96
N ASN C 184 20.02 -6.35 -12.26
CA ASN C 184 21.13 -5.88 -13.09
C ASN C 184 22.45 -6.43 -12.57
N ALA C 185 22.41 -7.70 -12.18
CA ALA C 185 23.61 -8.38 -11.68
C ALA C 185 24.56 -8.70 -12.82
N ALA C 186 25.85 -8.84 -12.49
CA ALA C 186 26.84 -9.19 -13.50
C ALA C 186 26.60 -10.64 -13.89
N ARG C 187 26.73 -10.93 -15.17
CA ARG C 187 26.49 -12.27 -15.68
C ARG C 187 27.77 -13.04 -15.98
N GLU C 188 28.93 -12.53 -15.59
CA GLU C 188 30.18 -13.23 -15.87
C GLU C 188 30.19 -14.70 -15.40
N PRO C 189 30.93 -15.55 -16.13
CA PRO C 189 31.04 -16.97 -15.82
C PRO C 189 31.53 -17.22 -14.39
N GLU C 190 32.40 -16.34 -13.91
CA GLU C 190 32.93 -16.47 -12.56
C GLU C 190 31.81 -16.31 -11.55
N ILE C 191 30.84 -15.45 -11.84
CA ILE C 191 29.71 -15.23 -10.96
C ILE C 191 28.96 -16.55 -10.85
N VAL C 192 28.75 -17.18 -11.99
CA VAL C 192 28.06 -18.46 -12.02
C VAL C 192 28.83 -19.47 -11.19
N ASP C 193 30.13 -19.50 -11.37
CA ASP C 193 30.98 -20.45 -10.65
C ASP C 193 30.94 -20.19 -9.15
N THR C 194 30.98 -18.92 -8.75
CA THR C 194 30.94 -18.60 -7.33
C THR C 194 29.58 -18.98 -6.76
N ALA C 195 28.54 -18.77 -7.55
CA ALA C 195 27.19 -19.10 -7.12
C ALA C 195 27.07 -20.59 -6.87
N ASN C 196 27.55 -21.40 -7.82
CA ASN C 196 27.47 -22.86 -7.68
C ASN C 196 28.31 -23.37 -6.53
N PHE C 197 29.36 -22.65 -6.19
CA PHE C 197 30.20 -23.04 -5.08
C PHE C 197 29.38 -22.86 -3.79
N LEU C 198 28.77 -21.69 -3.64
CA LEU C 198 27.94 -21.39 -2.48
C LEU C 198 26.82 -22.41 -2.35
N VAL C 199 26.19 -22.74 -3.46
CA VAL C 199 25.12 -23.72 -3.47
C VAL C 199 25.65 -25.07 -2.97
N ALA C 200 26.89 -25.37 -3.32
CA ALA C 200 27.50 -26.63 -2.89
C ALA C 200 27.67 -26.65 -1.37
N LEU C 201 27.87 -25.48 -0.78
CA LEU C 201 28.03 -25.39 0.66
C LEU C 201 26.67 -25.43 1.35
N GLY C 202 25.60 -25.45 0.56
CA GLY C 202 24.26 -25.46 1.12
C GLY C 202 23.40 -24.23 0.85
N ALA C 203 23.99 -23.20 0.23
CA ALA C 203 23.25 -21.99 -0.06
C ALA C 203 22.15 -22.24 -1.10
N LYS C 204 21.18 -21.34 -1.15
CA LYS C 204 20.07 -21.45 -2.07
C LYS C 204 20.13 -20.26 -3.01
N ILE C 205 20.60 -20.49 -4.22
CA ILE C 205 20.70 -19.43 -5.20
C ILE C 205 20.18 -19.85 -6.57
N SER C 206 19.58 -18.91 -7.29
CA SER C 206 19.10 -19.19 -8.64
C SER C 206 19.21 -17.90 -9.46
N GLY C 207 19.34 -18.05 -10.77
CA GLY C 207 19.46 -16.89 -11.64
C GLY C 207 20.88 -16.50 -11.98
N GLN C 208 21.86 -17.11 -11.31
CA GLN C 208 23.25 -16.78 -11.61
C GLN C 208 23.45 -16.94 -13.10
N GLY C 209 24.09 -15.94 -13.71
CA GLY C 209 24.30 -15.99 -15.14
C GLY C 209 23.30 -15.11 -15.88
N THR C 210 22.28 -14.66 -15.15
CA THR C 210 21.26 -13.78 -15.73
C THR C 210 21.39 -12.43 -15.02
N ASP C 211 20.61 -11.44 -15.42
CA ASP C 211 20.72 -10.14 -14.76
C ASP C 211 19.93 -10.04 -13.45
N ARG C 212 19.31 -11.14 -13.04
CA ARG C 212 18.55 -11.18 -11.79
C ARG C 212 18.92 -12.42 -10.99
N ILE C 213 19.60 -12.21 -9.86
CA ILE C 213 20.00 -13.32 -9.00
C ILE C 213 19.15 -13.32 -7.73
N THR C 214 18.60 -14.48 -7.42
CA THR C 214 17.75 -14.61 -6.23
C THR C 214 18.42 -15.53 -5.21
N ILE C 215 18.58 -15.02 -4.00
CA ILE C 215 19.20 -15.77 -2.93
C ILE C 215 18.24 -15.87 -1.75
N GLU C 216 18.08 -17.09 -1.22
CA GLU C 216 17.23 -17.29 -0.06
C GLU C 216 18.16 -17.70 1.07
N GLY C 217 18.35 -16.79 2.02
CA GLY C 217 19.24 -17.08 3.13
C GLY C 217 18.96 -18.36 3.89
N VAL C 218 20.02 -18.89 4.50
CA VAL C 218 19.93 -20.11 5.30
C VAL C 218 20.70 -19.82 6.60
N GLU C 219 20.51 -20.65 7.61
CA GLU C 219 21.18 -20.43 8.89
C GLU C 219 22.69 -20.53 8.82
N ARG C 220 23.18 -21.55 8.12
CA ARG C 220 24.62 -21.77 8.00
C ARG C 220 25.01 -22.54 6.74
N LEU C 221 26.28 -22.44 6.40
CA LEU C 221 26.83 -23.13 5.25
C LEU C 221 27.81 -24.19 5.76
N GLY C 222 27.81 -25.35 5.11
CA GLY C 222 28.68 -26.42 5.53
C GLY C 222 30.05 -26.41 4.87
N GLY C 223 30.37 -27.50 4.18
CA GLY C 223 31.65 -27.61 3.50
C GLY C 223 31.47 -28.40 2.22
N GLY C 224 32.57 -28.86 1.65
CA GLY C 224 32.48 -29.65 0.43
C GLY C 224 33.67 -29.54 -0.48
N VAL C 225 33.49 -30.01 -1.71
CA VAL C 225 34.53 -29.98 -2.72
C VAL C 225 34.00 -29.35 -4.01
N TYR C 226 34.74 -28.38 -4.54
CA TYR C 226 34.35 -27.67 -5.76
C TYR C 226 35.55 -27.41 -6.67
N ARG C 227 35.39 -27.69 -7.96
CA ARG C 227 36.46 -27.48 -8.93
C ARG C 227 36.22 -26.19 -9.71
N VAL C 228 37.18 -25.28 -9.64
CA VAL C 228 37.11 -23.99 -10.33
C VAL C 228 37.09 -24.18 -11.86
N LEU C 229 36.31 -23.36 -12.56
CA LEU C 229 36.23 -23.48 -14.02
C LEU C 229 37.51 -22.97 -14.70
N PRO C 230 37.69 -23.30 -15.99
CA PRO C 230 38.89 -22.87 -16.74
C PRO C 230 38.97 -21.35 -16.83
N ASP C 231 40.19 -20.83 -16.84
CA ASP C 231 40.42 -19.39 -16.93
C ASP C 231 40.26 -18.98 -18.40
N ARG C 232 39.14 -18.30 -18.71
CA ARG C 232 38.86 -17.88 -20.08
C ARG C 232 39.83 -16.83 -20.60
N ILE C 233 40.41 -16.03 -19.71
CA ILE C 233 41.35 -15.00 -20.15
C ILE C 233 42.69 -15.63 -20.51
N GLU C 234 43.09 -16.67 -19.79
CA GLU C 234 44.35 -17.33 -20.09
C GLU C 234 44.15 -17.97 -21.45
N THR C 235 43.00 -18.58 -21.64
CA THR C 235 42.68 -19.23 -22.91
C THR C 235 42.76 -18.22 -24.04
N GLY C 236 42.07 -17.09 -23.87
CA GLY C 236 42.08 -16.08 -24.90
C GLY C 236 43.47 -15.56 -25.20
N THR C 237 44.29 -15.45 -24.16
CA THR C 237 45.65 -14.96 -24.33
C THR C 237 46.46 -15.91 -25.23
N PHE C 238 46.36 -17.21 -25.01
CA PHE C 238 47.10 -18.16 -25.82
C PHE C 238 46.56 -18.26 -27.23
N LEU C 239 45.24 -18.11 -27.38
CA LEU C 239 44.64 -18.16 -28.70
C LEU C 239 45.18 -16.96 -29.50
N VAL C 240 45.31 -15.82 -28.83
CA VAL C 240 45.83 -14.64 -29.48
C VAL C 240 47.29 -14.86 -29.81
N ALA C 241 47.99 -15.58 -28.93
CA ALA C 241 49.41 -15.88 -29.12
C ALA C 241 49.59 -16.54 -30.48
N ALA C 242 48.73 -17.49 -30.80
CA ALA C 242 48.80 -18.19 -32.09
C ALA C 242 48.37 -17.27 -33.23
N ALA C 243 47.25 -16.57 -33.05
CA ALA C 243 46.70 -15.69 -34.07
C ALA C 243 47.66 -14.61 -34.57
N ILE C 244 48.54 -14.13 -33.70
CA ILE C 244 49.48 -13.08 -34.10
C ILE C 244 50.83 -13.60 -34.56
N SER C 245 51.04 -14.90 -34.44
CA SER C 245 52.31 -15.48 -34.87
C SER C 245 52.13 -16.49 -36.00
N GLY C 246 50.98 -16.42 -36.66
CA GLY C 246 50.70 -17.32 -37.78
C GLY C 246 50.70 -18.80 -37.39
N GLY C 247 50.71 -19.08 -36.09
CA GLY C 247 50.74 -20.45 -35.64
C GLY C 247 49.40 -21.13 -35.47
N LYS C 248 49.48 -22.33 -34.86
CA LYS C 248 48.30 -23.15 -34.58
C LYS C 248 48.40 -23.62 -33.15
N ILE C 249 47.27 -23.68 -32.46
CA ILE C 249 47.31 -24.13 -31.10
C ILE C 249 46.02 -24.77 -30.67
N VAL C 250 46.14 -25.65 -29.68
CA VAL C 250 44.98 -26.31 -29.11
C VAL C 250 45.05 -26.12 -27.60
N CYS C 251 44.00 -25.52 -27.04
CA CYS C 251 43.93 -25.29 -25.60
C CYS C 251 43.10 -26.43 -24.97
N ARG C 252 43.72 -27.16 -24.05
CA ARG C 252 43.07 -28.27 -23.37
C ARG C 252 42.54 -27.75 -22.04
N ASN C 253 41.52 -28.42 -21.50
CA ASN C 253 40.88 -28.03 -20.25
C ASN C 253 40.23 -26.65 -20.41
N ALA C 254 39.69 -26.41 -21.59
CA ALA C 254 39.03 -25.14 -21.88
C ALA C 254 37.51 -25.24 -21.77
N GLN C 255 36.84 -24.09 -21.75
CA GLN C 255 35.39 -24.05 -21.69
C GLN C 255 34.92 -23.04 -22.74
N PRO C 256 34.77 -23.49 -23.99
CA PRO C 256 34.34 -22.70 -25.16
C PRO C 256 33.19 -21.72 -24.98
N ASP C 257 32.12 -22.13 -24.30
CA ASP C 257 30.97 -21.25 -24.15
C ASP C 257 31.23 -19.95 -23.39
N THR C 258 32.38 -19.84 -22.75
CA THR C 258 32.71 -18.62 -22.00
C THR C 258 33.49 -17.63 -22.88
N LEU C 259 33.68 -17.98 -24.14
CA LEU C 259 34.45 -17.14 -25.06
C LEU C 259 33.80 -16.82 -26.42
N ASP C 260 32.47 -16.85 -26.49
CA ASP C 260 31.82 -16.57 -27.77
C ASP C 260 32.32 -15.27 -28.42
N ALA C 261 32.32 -14.17 -27.66
CA ALA C 261 32.77 -12.90 -28.20
C ALA C 261 34.20 -12.94 -28.73
N VAL C 262 35.12 -13.46 -27.92
CA VAL C 262 36.51 -13.57 -28.31
C VAL C 262 36.71 -14.44 -29.53
N LEU C 263 36.08 -15.61 -29.55
CA LEU C 263 36.22 -16.50 -30.71
C LEU C 263 35.64 -15.87 -31.98
N ALA C 264 34.55 -15.12 -31.83
CA ALA C 264 33.92 -14.47 -32.96
C ALA C 264 34.87 -13.42 -33.53
N LYS C 265 35.54 -12.69 -32.63
CA LYS C 265 36.48 -11.66 -33.05
C LYS C 265 37.72 -12.26 -33.70
N LEU C 266 38.19 -13.39 -33.17
CA LEU C 266 39.35 -14.04 -33.75
C LEU C 266 39.02 -14.51 -35.16
N ARG C 267 37.80 -14.99 -35.38
CA ARG C 267 37.41 -15.44 -36.71
C ARG C 267 37.39 -14.23 -37.66
N GLU C 268 36.93 -13.09 -37.16
CA GLU C 268 36.90 -11.88 -37.96
C GLU C 268 38.32 -11.48 -38.34
N ALA C 269 39.28 -11.84 -37.51
CA ALA C 269 40.68 -11.51 -37.77
C ALA C 269 41.28 -12.51 -38.74
N GLY C 270 40.52 -13.56 -39.06
CA GLY C 270 40.97 -14.56 -39.99
C GLY C 270 41.36 -15.92 -39.44
N ALA C 271 41.13 -16.16 -38.16
CA ALA C 271 41.50 -17.45 -37.56
C ALA C 271 40.52 -18.58 -37.89
N ASP C 272 41.08 -19.78 -38.04
CA ASP C 272 40.29 -20.97 -38.31
C ASP C 272 40.12 -21.61 -36.93
N ILE C 273 38.92 -21.48 -36.37
CA ILE C 273 38.65 -22.00 -35.05
C ILE C 273 37.69 -23.16 -34.98
N GLU C 274 38.06 -24.16 -34.17
CA GLU C 274 37.22 -25.35 -33.97
C GLU C 274 37.15 -25.54 -32.46
N THR C 275 36.02 -26.04 -31.98
CA THR C 275 35.86 -26.26 -30.54
C THR C 275 35.32 -27.63 -30.22
N GLY C 276 35.61 -28.09 -29.01
CA GLY C 276 35.13 -29.37 -28.56
C GLY C 276 34.43 -29.19 -27.23
N GLU C 277 34.24 -30.28 -26.50
CA GLU C 277 33.58 -30.22 -25.20
C GLU C 277 34.44 -29.45 -24.21
N ASP C 278 35.74 -29.70 -24.26
CA ASP C 278 36.67 -29.04 -23.35
C ASP C 278 37.97 -28.59 -24.00
N TRP C 279 37.91 -28.22 -25.27
CA TRP C 279 39.11 -27.77 -25.96
C TRP C 279 38.77 -26.81 -27.09
N ILE C 280 39.73 -25.95 -27.44
CA ILE C 280 39.56 -25.00 -28.52
C ILE C 280 40.83 -25.04 -29.35
N SER C 281 40.68 -25.04 -30.67
CA SER C 281 41.85 -25.05 -31.54
C SER C 281 41.78 -23.83 -32.46
N LEU C 282 42.92 -23.21 -32.71
CA LEU C 282 42.98 -22.05 -33.59
C LEU C 282 44.16 -22.23 -34.52
N ASP C 283 43.92 -22.06 -35.81
CA ASP C 283 44.97 -22.19 -36.81
C ASP C 283 44.93 -20.95 -37.68
N MET C 284 46.06 -20.25 -37.78
CA MET C 284 46.12 -19.05 -38.61
C MET C 284 46.56 -19.41 -40.03
N HIS C 285 47.05 -20.63 -40.19
CA HIS C 285 47.52 -21.10 -41.49
C HIS C 285 48.60 -20.15 -42.00
N GLY C 286 49.47 -19.73 -41.10
CA GLY C 286 50.57 -18.85 -41.41
C GLY C 286 50.14 -17.46 -41.82
N LYS C 287 48.86 -17.15 -41.64
CA LYS C 287 48.36 -15.85 -42.07
C LYS C 287 48.58 -14.72 -41.10
N ARG C 288 48.72 -13.53 -41.64
CA ARG C 288 48.86 -12.34 -40.81
C ARG C 288 47.41 -12.01 -40.47
N PRO C 289 47.13 -11.57 -39.23
CA PRO C 289 45.75 -11.25 -38.86
C PRO C 289 45.16 -10.00 -39.53
N LYS C 290 43.84 -10.02 -39.70
CA LYS C 290 43.11 -8.89 -40.28
C LYS C 290 42.66 -8.00 -39.13
N ALA C 291 42.82 -6.70 -39.28
CA ALA C 291 42.41 -5.76 -38.24
C ALA C 291 40.93 -5.92 -37.90
N VAL C 292 40.60 -5.78 -36.62
CA VAL C 292 39.22 -5.91 -36.16
C VAL C 292 38.82 -4.75 -35.28
N THR C 293 37.52 -4.57 -35.11
CA THR C 293 37.00 -3.49 -34.27
C THR C 293 36.40 -4.10 -33.01
N VAL C 294 36.81 -3.58 -31.85
CA VAL C 294 36.37 -4.11 -30.58
C VAL C 294 35.78 -3.07 -29.64
N ARG C 295 34.78 -3.48 -28.86
CA ARG C 295 34.12 -2.62 -27.89
C ARG C 295 33.94 -3.41 -26.58
N THR C 296 34.78 -3.20 -25.58
CA THR C 296 34.65 -3.95 -24.32
C THR C 296 33.32 -3.64 -23.63
N ALA C 297 32.80 -4.61 -22.89
CA ALA C 297 31.53 -4.45 -22.17
C ALA C 297 31.33 -5.65 -21.29
N PRO C 298 30.34 -5.60 -20.38
CA PRO C 298 30.10 -6.73 -19.48
C PRO C 298 29.82 -7.99 -20.27
N HIS C 299 30.10 -9.14 -19.65
CA HIS C 299 29.88 -10.43 -20.29
C HIS C 299 28.38 -10.50 -20.70
N PRO C 300 28.07 -11.22 -21.78
CA PRO C 300 28.87 -12.01 -22.71
C PRO C 300 29.56 -11.25 -23.84
N ALA C 301 29.64 -9.93 -23.72
CA ALA C 301 30.32 -9.13 -24.74
C ALA C 301 31.84 -9.31 -24.66
N PHE C 302 32.59 -8.61 -25.50
CA PHE C 302 34.04 -8.73 -25.48
C PHE C 302 34.57 -8.25 -24.13
N PRO C 303 35.31 -9.12 -23.42
CA PRO C 303 35.89 -8.82 -22.10
C PRO C 303 37.08 -7.84 -22.07
N THR C 304 37.04 -6.88 -21.16
CA THR C 304 38.10 -5.90 -21.04
C THR C 304 39.45 -6.57 -20.70
N ALA C 305 39.40 -7.74 -20.07
CA ALA C 305 40.62 -8.46 -19.69
C ALA C 305 41.35 -9.00 -20.91
N MET C 306 40.70 -8.92 -22.08
CA MET C 306 41.29 -9.38 -23.33
C MET C 306 41.73 -8.22 -24.20
N GLN C 307 41.29 -7.02 -23.83
CA GLN C 307 41.58 -5.81 -24.59
C GLN C 307 43.05 -5.53 -24.96
N ALA C 308 43.96 -5.58 -23.98
CA ALA C 308 45.37 -5.33 -24.26
C ALA C 308 45.89 -6.32 -25.30
N GLN C 309 45.57 -7.59 -25.11
CA GLN C 309 46.00 -8.61 -26.05
C GLN C 309 45.48 -8.33 -27.46
N PHE C 310 44.23 -7.89 -27.58
CA PHE C 310 43.70 -7.60 -28.91
C PHE C 310 44.25 -6.31 -29.47
N THR C 311 44.76 -5.43 -28.60
CA THR C 311 45.38 -4.20 -29.08
C THR C 311 46.62 -4.63 -29.86
N LEU C 312 47.36 -5.58 -29.28
CA LEU C 312 48.56 -6.12 -29.90
C LEU C 312 48.19 -6.71 -31.26
N LEU C 313 47.22 -7.61 -31.27
CA LEU C 313 46.80 -8.23 -32.52
C LEU C 313 46.55 -7.18 -33.61
N ASN C 314 45.81 -6.13 -33.27
CA ASN C 314 45.55 -5.08 -34.24
C ASN C 314 46.81 -4.37 -34.67
N LEU C 315 47.72 -4.13 -33.73
CA LEU C 315 48.95 -3.41 -34.05
C LEU C 315 49.88 -4.13 -35.02
N VAL C 316 49.67 -5.43 -35.22
CA VAL C 316 50.47 -6.19 -36.17
C VAL C 316 49.56 -6.82 -37.23
N ALA C 317 48.35 -6.29 -37.34
CA ALA C 317 47.37 -6.80 -38.31
C ALA C 317 47.35 -5.95 -39.59
N GLU C 318 46.76 -6.47 -40.65
CA GLU C 318 46.67 -5.72 -41.90
C GLU C 318 45.41 -4.86 -41.87
N GLY C 319 45.60 -3.55 -41.78
CA GLY C 319 44.47 -2.64 -41.76
C GLY C 319 44.41 -1.73 -40.54
N THR C 320 43.32 -0.97 -40.44
CA THR C 320 43.13 -0.06 -39.32
C THR C 320 42.11 -0.64 -38.35
N GLY C 321 42.57 -1.02 -37.17
CA GLY C 321 41.68 -1.59 -36.17
C GLY C 321 41.36 -0.56 -35.09
N VAL C 322 40.13 -0.60 -34.58
CA VAL C 322 39.71 0.34 -33.55
C VAL C 322 39.19 -0.38 -32.30
N ILE C 323 39.78 -0.05 -31.16
CA ILE C 323 39.38 -0.66 -29.90
C ILE C 323 38.85 0.38 -28.91
N THR C 324 37.64 0.16 -28.41
CA THR C 324 37.03 1.06 -27.43
C THR C 324 36.85 0.32 -26.11
N GLU C 325 37.45 0.88 -25.07
CA GLU C 325 37.39 0.30 -23.75
C GLU C 325 36.35 1.06 -22.94
N THR C 326 35.30 0.38 -22.47
CA THR C 326 34.24 1.02 -21.69
C THR C 326 34.16 0.61 -20.23
N ILE C 327 35.05 -0.27 -19.78
CA ILE C 327 35.04 -0.72 -18.39
C ILE C 327 36.01 0.05 -17.50
N PHE C 328 37.26 0.20 -17.93
CA PHE C 328 38.24 0.93 -17.13
C PHE C 328 38.78 2.18 -17.85
N GLU C 329 38.82 3.29 -17.11
CA GLU C 329 39.25 4.60 -17.63
C GLU C 329 40.66 4.72 -18.20
N ASN C 330 41.59 3.94 -17.67
CA ASN C 330 42.98 4.04 -18.09
C ASN C 330 43.62 2.68 -18.35
N ARG C 331 43.10 1.94 -19.33
CA ARG C 331 43.64 0.62 -19.65
C ARG C 331 44.29 0.55 -21.03
N PHE C 332 45.07 1.58 -21.35
CA PHE C 332 45.79 1.69 -22.62
C PHE C 332 47.28 1.89 -22.34
N MET C 333 47.71 1.55 -21.13
CA MET C 333 49.10 1.72 -20.74
C MET C 333 50.10 0.92 -21.55
N HIS C 334 49.62 -0.12 -22.21
CA HIS C 334 50.49 -0.96 -23.03
C HIS C 334 50.80 -0.30 -24.37
N VAL C 335 49.89 0.55 -24.83
CA VAL C 335 50.08 1.23 -26.10
C VAL C 335 51.41 1.99 -26.25
N PRO C 336 51.73 2.89 -25.31
CA PRO C 336 53.00 3.63 -25.42
C PRO C 336 54.21 2.70 -25.49
N GLU C 337 54.12 1.55 -24.81
CA GLU C 337 55.22 0.59 -24.78
C GLU C 337 55.34 -0.12 -26.12
N LEU C 338 54.21 -0.53 -26.69
CA LEU C 338 54.26 -1.20 -27.99
C LEU C 338 54.76 -0.23 -29.07
N ILE C 339 54.46 1.06 -28.93
CA ILE C 339 54.92 2.04 -29.89
C ILE C 339 56.46 2.06 -29.89
N ARG C 340 57.05 1.78 -28.74
CA ARG C 340 58.52 1.73 -28.64
C ARG C 340 59.04 0.58 -29.49
N MET C 341 58.19 -0.43 -29.68
CA MET C 341 58.55 -1.59 -30.48
C MET C 341 58.17 -1.40 -31.96
N GLY C 342 57.84 -0.16 -32.32
CA GLY C 342 57.49 0.09 -33.70
C GLY C 342 56.03 0.12 -34.10
N ALA C 343 55.12 -0.05 -33.15
CA ALA C 343 53.69 -0.02 -33.47
C ALA C 343 53.24 1.39 -33.76
N HIS C 344 52.14 1.52 -34.50
CA HIS C 344 51.58 2.84 -34.82
C HIS C 344 50.14 2.94 -34.34
N ALA C 345 49.88 3.87 -33.43
CA ALA C 345 48.53 4.04 -32.92
C ALA C 345 48.34 5.39 -32.29
N GLU C 346 47.07 5.81 -32.20
CA GLU C 346 46.72 7.07 -31.54
C GLU C 346 45.60 6.78 -30.55
N ILE C 347 45.68 7.41 -29.39
CA ILE C 347 44.66 7.24 -28.37
C ILE C 347 43.78 8.49 -28.37
N GLU C 348 42.48 8.30 -28.52
CA GLU C 348 41.55 9.41 -28.51
C GLU C 348 40.46 9.07 -27.50
N SER C 349 40.58 9.66 -26.31
CA SER C 349 39.63 9.40 -25.23
C SER C 349 39.74 7.92 -24.87
N ASN C 350 38.62 7.19 -24.92
CA ASN C 350 38.65 5.79 -24.55
C ASN C 350 38.72 4.79 -25.71
N THR C 351 39.32 5.18 -26.82
CA THR C 351 39.48 4.24 -27.92
C THR C 351 40.85 4.43 -28.58
N VAL C 352 41.46 3.33 -29.03
CA VAL C 352 42.75 3.39 -29.72
C VAL C 352 42.58 3.13 -31.19
N ILE C 353 43.15 4.00 -32.03
CA ILE C 353 43.11 3.81 -33.46
C ILE C 353 44.41 3.09 -33.79
N CYS C 354 44.30 1.84 -34.26
CA CYS C 354 45.48 1.04 -34.59
C CYS C 354 45.77 0.97 -36.08
N HIS C 355 47.04 1.09 -36.41
CA HIS C 355 47.50 1.00 -37.80
C HIS C 355 48.52 -0.13 -37.84
N GLY C 356 48.03 -1.34 -38.11
CA GLY C 356 48.90 -2.50 -38.16
C GLY C 356 50.17 -2.38 -39.00
N VAL C 357 51.26 -2.98 -38.52
CA VAL C 357 52.53 -3.00 -39.24
C VAL C 357 52.94 -4.46 -39.42
N GLU C 358 53.84 -4.70 -40.38
CA GLU C 358 54.28 -6.06 -40.66
C GLU C 358 55.07 -6.68 -39.51
N LYS C 359 56.08 -5.95 -39.05
CA LYS C 359 56.91 -6.47 -37.97
C LYS C 359 57.16 -5.48 -36.86
N LEU C 360 57.36 -6.02 -35.67
CA LEU C 360 57.69 -5.19 -34.53
C LEU C 360 59.19 -5.37 -34.27
N SER C 361 59.80 -4.37 -33.64
CA SER C 361 61.22 -4.45 -33.34
C SER C 361 61.42 -4.65 -31.85
N GLY C 362 62.29 -5.58 -31.50
CA GLY C 362 62.55 -5.82 -30.09
C GLY C 362 63.09 -4.56 -29.44
N ALA C 363 62.70 -4.32 -28.20
CA ALA C 363 63.17 -3.15 -27.46
C ALA C 363 62.89 -3.38 -25.99
N GLN C 364 63.32 -2.44 -25.15
CA GLN C 364 63.08 -2.55 -23.71
C GLN C 364 61.76 -1.87 -23.40
N VAL C 365 60.81 -2.65 -22.91
CA VAL C 365 59.50 -2.13 -22.56
C VAL C 365 59.17 -2.44 -21.12
N MET C 366 58.18 -1.75 -20.58
CA MET C 366 57.80 -1.96 -19.20
C MET C 366 56.36 -2.38 -18.98
N ALA C 367 56.19 -3.50 -18.27
CA ALA C 367 54.87 -4.01 -17.96
C ALA C 367 54.25 -3.03 -16.98
N THR C 368 52.97 -2.71 -17.13
CA THR C 368 52.29 -1.77 -16.26
C THR C 368 51.16 -2.39 -15.47
N ASP C 369 50.69 -3.54 -15.96
CA ASP C 369 49.59 -4.24 -15.33
C ASP C 369 49.55 -5.69 -15.83
N LEU C 370 48.71 -6.49 -15.19
CA LEU C 370 48.59 -7.90 -15.53
C LEU C 370 48.46 -8.22 -17.02
N ARG C 371 47.37 -7.79 -17.64
CA ARG C 371 47.17 -8.11 -19.05
C ARG C 371 48.15 -7.42 -19.99
N ALA C 372 48.63 -6.24 -19.61
CA ALA C 372 49.57 -5.54 -20.46
C ALA C 372 50.88 -6.32 -20.50
N SER C 373 51.29 -6.82 -19.34
CA SER C 373 52.54 -7.56 -19.26
C SER C 373 52.51 -8.76 -20.18
N ALA C 374 51.40 -9.49 -20.18
CA ALA C 374 51.27 -10.65 -21.06
C ALA C 374 51.33 -10.20 -22.52
N SER C 375 50.74 -9.05 -22.81
CA SER C 375 50.73 -8.53 -24.15
C SER C 375 52.15 -8.19 -24.61
N LEU C 376 52.91 -7.55 -23.73
CA LEU C 376 54.29 -7.19 -24.07
C LEU C 376 55.15 -8.42 -24.25
N VAL C 377 54.86 -9.48 -23.50
CA VAL C 377 55.63 -10.69 -23.65
C VAL C 377 55.31 -11.32 -25.01
N LEU C 378 54.04 -11.35 -25.39
CA LEU C 378 53.68 -11.94 -26.68
C LEU C 378 54.30 -11.10 -27.79
N ALA C 379 54.37 -9.78 -27.57
CA ALA C 379 54.96 -8.89 -28.56
C ALA C 379 56.41 -9.29 -28.79
N GLY C 380 57.13 -9.54 -27.69
CA GLY C 380 58.52 -9.92 -27.79
C GLY C 380 58.70 -11.20 -28.58
N CYS C 381 57.75 -12.13 -28.44
CA CYS C 381 57.81 -13.40 -29.16
C CYS C 381 57.74 -13.24 -30.68
N ILE C 382 56.98 -12.28 -31.17
CA ILE C 382 56.86 -12.09 -32.61
C ILE C 382 57.67 -10.91 -33.15
N ALA C 383 58.25 -10.13 -32.26
CA ALA C 383 59.05 -8.99 -32.71
C ALA C 383 60.39 -9.46 -33.27
N GLU C 384 61.03 -8.58 -34.03
CA GLU C 384 62.33 -8.89 -34.61
C GLU C 384 63.43 -8.52 -33.67
N GLY C 385 64.12 -9.53 -33.13
CA GLY C 385 65.20 -9.27 -32.22
C GLY C 385 64.99 -9.63 -30.77
N THR C 386 65.63 -8.88 -29.89
CA THR C 386 65.55 -9.11 -28.46
C THR C 386 64.69 -8.07 -27.76
N THR C 387 63.71 -8.55 -27.00
CA THR C 387 62.81 -7.69 -26.23
C THR C 387 63.01 -7.97 -24.75
N VAL C 388 63.03 -6.92 -23.95
CA VAL C 388 63.18 -7.08 -22.51
C VAL C 388 61.97 -6.44 -21.84
N VAL C 389 61.16 -7.27 -21.18
CA VAL C 389 59.97 -6.80 -20.51
C VAL C 389 60.28 -6.65 -19.03
N ASP C 390 60.43 -5.41 -18.58
CA ASP C 390 60.73 -5.15 -17.19
C ASP C 390 59.49 -5.25 -16.33
N ARG C 391 59.69 -5.56 -15.06
CA ARG C 391 58.58 -5.71 -14.11
C ARG C 391 57.60 -6.81 -14.53
N ILE C 392 58.08 -8.00 -14.85
CA ILE C 392 57.15 -9.05 -15.22
C ILE C 392 56.48 -9.63 -14.00
N TYR C 393 56.77 -9.09 -12.82
CA TYR C 393 56.13 -9.60 -11.61
C TYR C 393 54.62 -9.49 -11.82
N HIS C 394 54.21 -8.49 -12.58
CA HIS C 394 52.81 -8.28 -12.88
C HIS C 394 52.19 -9.55 -13.45
N ILE C 395 52.93 -10.21 -14.34
CA ILE C 395 52.43 -11.41 -15.00
C ILE C 395 52.25 -12.59 -14.03
N ASP C 396 53.03 -12.60 -12.96
CA ASP C 396 52.92 -13.69 -12.00
C ASP C 396 51.64 -13.61 -11.18
N ARG C 397 50.93 -12.50 -11.31
CA ARG C 397 49.69 -12.31 -10.58
C ARG C 397 48.58 -13.16 -11.17
N GLY C 398 48.49 -13.22 -12.48
CA GLY C 398 47.41 -13.96 -13.08
C GLY C 398 47.74 -15.05 -14.08
N TYR C 399 49.01 -15.37 -14.29
CA TYR C 399 49.35 -16.44 -15.21
C TYR C 399 50.22 -17.49 -14.54
N GLU C 400 49.74 -18.73 -14.51
CA GLU C 400 50.51 -19.80 -13.91
C GLU C 400 51.58 -20.32 -14.86
N ARG C 401 52.83 -20.15 -14.48
CA ARG C 401 53.95 -20.64 -15.29
C ARG C 401 53.79 -20.31 -16.78
N ILE C 402 53.60 -19.03 -17.10
CA ILE C 402 53.43 -18.62 -18.48
C ILE C 402 54.72 -18.84 -19.25
N GLU C 403 55.83 -18.71 -18.54
CA GLU C 403 57.13 -18.90 -19.15
C GLU C 403 57.20 -20.30 -19.76
N ASP C 404 56.96 -21.30 -18.93
CA ASP C 404 57.01 -22.69 -19.37
C ASP C 404 56.02 -22.99 -20.50
N LYS C 405 54.79 -22.55 -20.35
CA LYS C 405 53.77 -22.79 -21.37
C LYS C 405 54.15 -22.14 -22.69
N LEU C 406 54.70 -20.92 -22.63
CA LEU C 406 55.10 -20.25 -23.86
C LEU C 406 56.29 -20.95 -24.50
N ARG C 407 57.22 -21.38 -23.68
CA ARG C 407 58.39 -22.07 -24.18
C ARG C 407 57.95 -23.34 -24.91
N ALA C 408 57.03 -24.08 -24.30
CA ALA C 408 56.51 -25.30 -24.91
C ALA C 408 55.80 -25.03 -26.23
N LEU C 409 55.59 -23.76 -26.56
CA LEU C 409 54.93 -23.38 -27.82
C LEU C 409 55.94 -22.87 -28.82
N GLY C 410 57.22 -22.90 -28.44
CA GLY C 410 58.29 -22.47 -29.32
C GLY C 410 58.91 -21.13 -29.00
N ALA C 411 58.53 -20.55 -27.88
CA ALA C 411 59.06 -19.24 -27.50
C ALA C 411 60.48 -19.32 -26.99
N ASN C 412 61.26 -18.27 -27.26
CA ASN C 412 62.64 -18.15 -26.81
C ASN C 412 62.55 -17.12 -25.69
N ILE C 413 62.30 -17.59 -24.48
CA ILE C 413 62.14 -16.69 -23.35
C ILE C 413 62.92 -17.12 -22.10
N GLU C 414 63.37 -16.13 -21.32
CA GLU C 414 64.10 -16.43 -20.10
C GLU C 414 63.98 -15.27 -19.11
N ARG C 415 63.79 -15.63 -17.83
CA ARG C 415 63.63 -14.64 -16.76
C ARG C 415 64.98 -14.25 -16.19
N VAL C 416 65.22 -12.93 -16.08
CA VAL C 416 66.47 -12.40 -15.57
C VAL C 416 66.29 -11.44 -14.42
N LYS C 417 67.28 -11.37 -13.55
CA LYS C 417 67.23 -10.47 -12.40
C LYS C 417 67.87 -9.16 -12.83
N GLY C 418 68.08 -8.27 -11.88
CA GLY C 418 68.71 -6.98 -12.16
C GLY C 418 67.77 -5.93 -12.69
N GLU C 419 67.22 -5.13 -11.79
CA GLU C 419 66.30 -4.05 -12.14
C GLU C 419 66.72 -3.23 -13.37
N MET D 1 62.21 3.20 0.87
CA MET D 1 61.16 4.05 0.22
C MET D 1 60.71 5.16 1.17
N ASP D 2 61.32 6.33 1.01
CA ASP D 2 61.00 7.48 1.86
C ASP D 2 59.51 7.81 1.89
N LYS D 3 59.08 8.38 3.01
CA LYS D 3 57.69 8.77 3.19
C LYS D 3 57.62 10.05 4.00
N PHE D 4 56.46 10.69 4.00
CA PHE D 4 56.28 11.89 4.77
C PHE D 4 55.24 11.61 5.82
N ARG D 5 55.59 11.88 7.08
CA ARG D 5 54.66 11.71 8.16
C ARG D 5 54.18 13.13 8.41
N VAL D 6 52.88 13.35 8.32
CA VAL D 6 52.32 14.68 8.54
C VAL D 6 51.24 14.60 9.62
N GLN D 7 51.28 15.55 10.55
CA GLN D 7 50.32 15.58 11.61
C GLN D 7 49.53 16.88 11.50
N GLY D 8 48.22 16.76 11.52
CA GLY D 8 47.37 17.92 11.40
C GLY D 8 46.24 17.88 12.40
N PRO D 9 45.35 18.88 12.36
CA PRO D 9 45.41 20.02 11.44
C PRO D 9 46.31 21.15 11.88
N THR D 10 46.88 21.85 10.92
CA THR D 10 47.74 22.99 11.21
C THR D 10 47.48 24.06 10.15
N ARG D 11 47.18 25.26 10.62
CA ARG D 11 46.91 26.39 9.72
C ARG D 11 48.25 26.88 9.14
N LEU D 12 48.42 26.73 7.83
CA LEU D 12 49.66 27.13 7.15
C LEU D 12 49.70 28.63 6.91
N GLN D 13 50.69 29.29 7.50
CA GLN D 13 50.79 30.73 7.31
C GLN D 13 52.19 31.27 7.51
N GLY D 14 52.48 32.40 6.87
CA GLY D 14 53.79 33.01 6.96
C GLY D 14 54.31 33.42 5.58
N GLU D 15 55.57 33.11 5.32
CA GLU D 15 56.19 33.46 4.05
C GLU D 15 57.00 32.32 3.44
N VAL D 16 57.18 32.40 2.13
CA VAL D 16 57.93 31.40 1.39
C VAL D 16 58.57 32.10 0.19
N THR D 17 59.76 31.66 -0.18
CA THR D 17 60.46 32.25 -1.31
C THR D 17 60.41 31.22 -2.44
N ILE D 18 59.81 31.62 -3.55
CA ILE D 18 59.67 30.72 -4.70
C ILE D 18 60.99 30.48 -5.40
N SER D 19 61.23 29.22 -5.75
CA SER D 19 62.44 28.83 -6.44
C SER D 19 62.29 29.01 -7.95
N GLY D 20 63.37 28.79 -8.69
CA GLY D 20 63.31 28.92 -10.13
C GLY D 20 62.38 27.88 -10.70
N ALA D 21 61.74 28.20 -11.82
CA ALA D 21 60.80 27.30 -12.45
C ALA D 21 61.45 26.01 -12.96
N LYS D 22 60.94 24.88 -12.50
CA LYS D 22 61.43 23.59 -12.93
C LYS D 22 61.27 23.46 -14.42
N ASN D 23 60.09 23.83 -14.92
CA ASN D 23 59.80 23.72 -16.34
C ASN D 23 60.34 24.80 -17.28
N ALA D 24 61.24 25.62 -16.75
CA ALA D 24 61.90 26.66 -17.53
C ALA D 24 63.38 26.27 -17.51
N ALA D 25 63.83 25.82 -16.35
CA ALA D 25 65.21 25.38 -16.15
C ALA D 25 65.51 24.17 -17.03
N LEU D 26 64.58 23.22 -17.08
CA LEU D 26 64.79 22.02 -17.89
C LEU D 26 64.96 22.30 -19.38
N PRO D 27 63.98 22.99 -20.02
CA PRO D 27 64.16 23.27 -21.44
C PRO D 27 65.37 24.18 -21.74
N ILE D 28 65.71 25.06 -20.80
CA ILE D 28 66.85 25.95 -20.98
C ILE D 28 68.17 25.17 -20.86
N LEU D 29 68.23 24.22 -19.94
CA LEU D 29 69.44 23.41 -19.79
C LEU D 29 69.72 22.61 -21.05
N PHE D 30 68.67 22.06 -21.66
CA PHE D 30 68.86 21.31 -22.89
C PHE D 30 69.19 22.24 -24.04
N ALA D 31 68.64 23.45 -24.00
CA ALA D 31 68.89 24.43 -25.04
C ALA D 31 70.37 24.82 -25.03
N ALA D 32 70.99 24.69 -23.86
CA ALA D 32 72.40 25.04 -23.70
C ALA D 32 73.28 24.18 -24.59
N LEU D 33 72.76 23.02 -25.02
CA LEU D 33 73.54 22.14 -25.89
C LEU D 33 73.88 22.88 -27.20
N LEU D 34 73.18 23.98 -27.46
CA LEU D 34 73.41 24.77 -28.67
C LEU D 34 74.56 25.78 -28.46
N ALA D 35 74.85 26.09 -27.21
CA ALA D 35 75.89 27.08 -26.90
C ALA D 35 77.31 26.60 -27.13
N GLU D 36 78.09 27.40 -27.85
CA GLU D 36 79.48 27.05 -28.14
C GLU D 36 80.38 27.64 -27.07
N GLU D 37 79.90 28.67 -26.39
CA GLU D 37 80.65 29.31 -25.31
C GLU D 37 80.04 28.95 -23.96
N PRO D 38 80.79 29.19 -22.86
CA PRO D 38 80.34 28.90 -21.50
C PRO D 38 79.02 29.56 -21.17
N VAL D 39 78.20 28.87 -20.38
CA VAL D 39 76.89 29.37 -20.00
C VAL D 39 76.64 29.26 -18.50
N GLU D 40 75.94 30.25 -17.96
CA GLU D 40 75.60 30.21 -16.55
C GLU D 40 74.10 30.43 -16.41
N ILE D 41 73.39 29.43 -15.91
CA ILE D 41 71.96 29.55 -15.74
C ILE D 41 71.70 29.75 -14.25
N GLN D 42 71.18 30.93 -13.90
CA GLN D 42 70.91 31.28 -12.51
C GLN D 42 69.51 30.93 -12.01
N ASN D 43 69.39 30.88 -10.68
CA ASN D 43 68.13 30.58 -10.01
C ASN D 43 67.58 29.22 -10.41
N VAL D 44 68.46 28.23 -10.60
CA VAL D 44 68.03 26.90 -10.97
C VAL D 44 67.68 26.11 -9.70
N PRO D 45 66.45 25.63 -9.60
CA PRO D 45 66.06 24.87 -8.42
C PRO D 45 66.84 23.56 -8.28
N LYS D 46 66.99 23.09 -7.06
CA LYS D 46 67.69 21.83 -6.82
C LYS D 46 66.65 20.73 -6.79
N LEU D 47 66.42 20.12 -7.95
CA LEU D 47 65.44 19.06 -8.09
C LEU D 47 66.06 17.81 -8.70
N LYS D 48 65.40 16.67 -8.48
CA LYS D 48 65.89 15.41 -9.00
C LYS D 48 66.04 15.46 -10.52
N ASP D 49 65.09 16.09 -11.20
CA ASP D 49 65.16 16.20 -12.67
C ASP D 49 66.35 17.02 -13.13
N ILE D 50 66.77 18.00 -12.34
CA ILE D 50 67.93 18.81 -12.72
C ILE D 50 69.17 17.94 -12.64
N ASP D 51 69.20 17.05 -11.64
CA ASP D 51 70.34 16.16 -11.48
C ASP D 51 70.41 15.24 -12.68
N THR D 52 69.26 14.65 -13.04
CA THR D 52 69.20 13.75 -14.18
C THR D 52 69.61 14.44 -15.47
N THR D 53 69.18 15.68 -15.63
CA THR D 53 69.52 16.45 -16.82
C THR D 53 71.03 16.68 -16.87
N MET D 54 71.62 17.06 -15.75
CA MET D 54 73.05 17.28 -15.67
C MET D 54 73.79 15.99 -15.99
N LYS D 55 73.28 14.87 -15.49
CA LYS D 55 73.91 13.58 -15.73
C LYS D 55 73.92 13.35 -17.23
N LEU D 56 72.77 13.51 -17.87
CA LEU D 56 72.64 13.30 -19.29
C LEU D 56 73.58 14.22 -20.08
N LEU D 57 73.56 15.51 -19.77
CA LEU D 57 74.41 16.46 -20.44
C LEU D 57 75.89 16.06 -20.36
N THR D 58 76.32 15.70 -19.15
CA THR D 58 77.69 15.30 -18.90
C THR D 58 78.03 14.07 -19.75
N GLN D 59 77.04 13.20 -19.88
CA GLN D 59 77.14 11.95 -20.62
C GLN D 59 77.25 12.20 -22.11
N LEU D 60 76.99 13.43 -22.53
CA LEU D 60 77.08 13.82 -23.94
C LEU D 60 78.42 14.47 -24.19
N GLY D 61 79.19 14.65 -23.12
CA GLY D 61 80.48 15.28 -23.22
C GLY D 61 80.45 16.73 -22.82
N THR D 62 79.48 17.09 -22.00
CA THR D 62 79.35 18.46 -21.55
C THR D 62 80.00 18.61 -20.18
N LYS D 63 80.51 19.81 -19.88
CA LYS D 63 81.11 20.05 -18.59
C LYS D 63 80.03 20.78 -17.82
N VAL D 64 79.52 20.13 -16.78
CA VAL D 64 78.45 20.70 -15.96
C VAL D 64 78.74 20.66 -14.48
N GLU D 65 78.28 21.67 -13.78
CA GLU D 65 78.41 21.72 -12.34
C GLU D 65 77.49 22.81 -11.85
N ARG D 66 77.09 22.71 -10.59
CA ARG D 66 76.15 23.67 -10.03
C ARG D 66 76.42 23.93 -8.55
N GLY D 68 73.57 28.20 -6.67
CA GLY D 68 72.25 28.61 -7.08
C GLY D 68 72.14 28.54 -8.60
N SER D 69 73.30 28.49 -9.24
CA SER D 69 73.37 28.43 -10.70
C SER D 69 73.90 27.09 -11.18
N VAL D 70 73.76 26.87 -12.47
CA VAL D 70 74.26 25.67 -13.12
C VAL D 70 75.15 26.20 -14.23
N TRP D 71 76.43 25.86 -14.18
CA TRP D 71 77.38 26.31 -15.20
C TRP D 71 77.53 25.23 -16.25
N ILE D 72 77.36 25.62 -17.52
CA ILE D 72 77.45 24.68 -18.63
C ILE D 72 78.52 25.08 -19.65
N ASP D 73 79.26 24.07 -20.12
CA ASP D 73 80.27 24.27 -21.13
C ASP D 73 80.09 23.14 -22.13
N ALA D 74 79.35 23.41 -23.21
CA ALA D 74 79.10 22.40 -24.23
C ALA D 74 79.93 22.66 -25.48
N SER D 75 81.07 23.33 -25.30
CA SER D 75 81.95 23.63 -26.41
C SER D 75 82.40 22.37 -27.12
N ASN D 76 82.65 21.29 -26.37
CA ASN D 76 83.09 20.06 -27.01
C ASN D 76 82.21 18.83 -26.76
N VAL D 77 80.98 18.87 -27.24
CA VAL D 77 80.06 17.73 -27.12
C VAL D 77 80.61 16.65 -28.03
N ASN D 78 80.84 15.45 -27.50
CA ASN D 78 81.40 14.37 -28.33
C ASN D 78 80.62 13.06 -28.34
N ASN D 79 79.35 13.13 -27.95
CA ASN D 79 78.49 11.97 -27.92
C ASN D 79 77.10 12.51 -28.22
N PHE D 80 76.23 11.72 -28.85
CA PHE D 80 74.91 12.23 -29.24
C PHE D 80 73.76 11.29 -28.94
N SER D 81 73.91 10.54 -27.86
CA SER D 81 72.91 9.56 -27.46
C SER D 81 72.37 9.75 -26.03
N ALA D 82 71.06 9.56 -25.88
CA ALA D 82 70.41 9.66 -24.58
C ALA D 82 69.87 8.27 -24.31
N PRO D 83 70.66 7.44 -23.59
CA PRO D 83 70.37 6.05 -23.22
C PRO D 83 69.03 5.78 -22.55
N TYR D 84 68.46 4.62 -22.87
CA TYR D 84 67.17 4.19 -22.33
C TYR D 84 67.09 4.28 -20.81
N ASP D 85 68.04 3.67 -20.13
CA ASP D 85 68.07 3.67 -18.67
C ASP D 85 68.07 5.06 -18.10
N LEU D 86 68.27 6.05 -18.96
CA LEU D 86 68.30 7.43 -18.49
C LEU D 86 66.99 8.14 -18.78
N VAL D 87 66.48 8.05 -20.01
CA VAL D 87 65.23 8.73 -20.34
C VAL D 87 64.03 8.06 -19.66
N LYS D 88 64.19 6.80 -19.27
CA LYS D 88 63.10 6.10 -18.61
C LYS D 88 62.84 6.71 -17.26
N THR D 89 63.76 7.54 -16.78
CA THR D 89 63.62 8.20 -15.48
C THR D 89 63.21 9.65 -15.66
N MET D 90 63.28 10.14 -16.89
CA MET D 90 62.90 11.52 -17.18
C MET D 90 62.65 11.70 -18.67
N ARG D 91 61.38 11.69 -19.06
CA ARG D 91 60.97 11.83 -20.45
C ARG D 91 61.35 13.20 -21.05
N ALA D 92 61.67 14.17 -20.20
CA ALA D 92 62.05 15.49 -20.67
C ALA D 92 63.37 15.43 -21.42
N SER D 93 64.07 14.30 -21.32
CA SER D 93 65.33 14.19 -22.03
C SER D 93 65.12 14.17 -23.53
N ILE D 94 63.86 14.10 -23.96
CA ILE D 94 63.53 14.11 -25.38
C ILE D 94 63.99 15.47 -25.95
N TRP D 95 64.10 16.48 -25.09
CA TRP D 95 64.52 17.81 -25.52
C TRP D 95 65.97 17.90 -25.98
N ALA D 96 66.70 16.79 -25.90
CA ALA D 96 68.09 16.78 -26.33
C ALA D 96 68.18 16.54 -27.85
N LEU D 97 67.20 15.80 -28.38
CA LEU D 97 67.17 15.49 -29.81
C LEU D 97 67.26 16.73 -30.69
N GLY D 98 66.41 17.71 -30.45
CA GLY D 98 66.42 18.93 -31.24
C GLY D 98 67.77 19.64 -31.32
N PRO D 99 68.34 20.07 -30.18
CA PRO D 99 69.63 20.76 -30.22
C PRO D 99 70.74 19.92 -30.85
N LEU D 100 70.80 18.65 -30.49
CA LEU D 100 71.84 17.77 -31.04
C LEU D 100 71.79 17.69 -32.55
N VAL D 101 70.60 17.48 -33.11
CA VAL D 101 70.45 17.37 -34.55
C VAL D 101 70.68 18.72 -35.24
N ALA D 102 70.26 19.81 -34.60
CA ALA D 102 70.42 21.14 -35.17
C ALA D 102 71.87 21.62 -35.20
N ARG D 103 72.65 21.25 -34.18
CA ARG D 103 74.05 21.68 -34.10
C ARG D 103 75.07 20.67 -34.63
N PHE D 104 74.84 19.38 -34.37
CA PHE D 104 75.77 18.36 -34.81
C PHE D 104 75.27 17.47 -35.94
N GLY D 105 74.11 17.80 -36.50
CA GLY D 105 73.56 17.03 -37.60
C GLY D 105 73.06 15.63 -37.26
N GLN D 106 73.11 15.27 -35.99
CA GLN D 106 72.67 13.94 -35.60
C GLN D 106 72.27 13.91 -34.12
N GLY D 107 71.55 12.86 -33.76
CA GLY D 107 71.13 12.71 -32.38
C GLY D 107 70.18 11.53 -32.24
N GLN D 108 70.27 10.82 -31.12
CA GLN D 108 69.40 9.67 -30.86
C GLN D 108 68.98 9.58 -29.38
N VAL D 109 67.66 9.69 -29.14
CA VAL D 109 67.10 9.63 -27.80
C VAL D 109 66.16 8.44 -27.70
N SER D 110 66.20 7.73 -26.57
CA SER D 110 65.30 6.59 -26.40
C SER D 110 63.86 7.09 -26.44
N LEU D 111 63.02 6.44 -27.25
CA LEU D 111 61.62 6.85 -27.33
C LEU D 111 60.98 6.59 -25.98
N PRO D 112 60.53 7.66 -25.29
CA PRO D 112 59.91 7.47 -23.98
C PRO D 112 58.61 6.67 -24.04
N GLY D 113 58.42 5.80 -23.04
CA GLY D 113 57.23 4.98 -22.98
C GLY D 113 56.12 5.76 -22.33
N GLY D 114 55.11 5.07 -21.80
CA GLY D 114 54.01 5.77 -21.17
C GLY D 114 54.36 6.41 -19.84
N CYS D 115 53.59 7.42 -19.44
CA CYS D 115 53.80 8.09 -18.16
C CYS D 115 52.56 7.81 -17.31
N ALA D 116 52.63 8.14 -16.03
CA ALA D 116 51.49 7.89 -15.15
C ALA D 116 50.23 8.67 -15.53
N ILE D 117 50.37 9.96 -15.76
CA ILE D 117 49.24 10.81 -16.09
C ILE D 117 48.77 10.80 -17.56
N GLY D 118 49.44 10.04 -18.41
CA GLY D 118 49.04 9.98 -19.81
C GLY D 118 50.10 9.32 -20.67
N ALA D 119 49.74 8.87 -21.88
CA ALA D 119 50.68 8.19 -22.77
C ALA D 119 51.75 9.16 -23.25
N ARG D 120 51.40 10.44 -23.23
CA ARG D 120 52.31 11.51 -23.63
C ARG D 120 53.18 11.20 -24.85
N PRO D 121 52.54 11.03 -26.02
CA PRO D 121 53.31 10.75 -27.23
C PRO D 121 54.17 11.96 -27.54
N VAL D 122 55.17 11.77 -28.40
CA VAL D 122 56.09 12.84 -28.73
C VAL D 122 56.09 13.12 -30.24
N ASP D 123 55.03 12.69 -30.91
CA ASP D 123 54.86 12.83 -32.35
C ASP D 123 55.07 14.24 -32.91
N LEU D 124 54.56 15.26 -32.24
CA LEU D 124 54.71 16.62 -32.71
C LEU D 124 56.18 17.06 -32.71
N HIS D 125 56.95 16.52 -31.78
CA HIS D 125 58.37 16.86 -31.71
C HIS D 125 59.03 16.39 -33.00
N ILE D 126 58.80 15.12 -33.31
CA ILE D 126 59.33 14.49 -34.51
C ILE D 126 58.81 15.15 -35.78
N PHE D 127 57.50 15.40 -35.82
CA PHE D 127 56.89 16.05 -36.96
C PHE D 127 57.60 17.39 -37.22
N GLY D 128 57.83 18.13 -36.15
CA GLY D 128 58.49 19.42 -36.27
C GLY D 128 59.90 19.33 -36.82
N LEU D 129 60.72 18.43 -36.26
CA LEU D 129 62.08 18.27 -36.72
C LEU D 129 62.10 17.84 -38.18
N GLU D 130 61.18 16.96 -38.54
CA GLU D 130 61.09 16.49 -39.91
C GLU D 130 60.78 17.64 -40.86
N LYS D 131 59.90 18.54 -40.43
CA LYS D 131 59.55 19.70 -41.24
C LYS D 131 60.76 20.61 -41.41
N LEU D 132 61.70 20.55 -40.47
CA LEU D 132 62.90 21.37 -40.53
C LEU D 132 63.99 20.69 -41.35
N GLY D 133 63.65 19.51 -41.88
CA GLY D 133 64.60 18.79 -42.71
C GLY D 133 65.25 17.55 -42.14
N ALA D 134 65.05 17.27 -40.85
CA ALA D 134 65.66 16.10 -40.25
C ALA D 134 65.00 14.82 -40.72
N GLU D 135 65.78 13.77 -40.80
CA GLU D 135 65.24 12.47 -41.18
C GLU D 135 65.25 11.65 -39.87
N ILE D 136 64.09 11.19 -39.44
CA ILE D 136 64.02 10.40 -38.21
C ILE D 136 63.56 8.98 -38.48
N LYS D 137 64.06 8.03 -37.70
CA LYS D 137 63.68 6.63 -37.84
C LYS D 137 63.74 6.03 -36.44
N LEU D 138 62.84 5.10 -36.14
CA LEU D 138 62.84 4.51 -34.83
C LEU D 138 63.35 3.10 -34.89
N GLU D 139 64.52 2.87 -34.33
CA GLU D 139 65.07 1.54 -34.33
C GLU D 139 65.61 1.17 -32.95
N GLU D 140 65.22 -0.02 -32.49
CA GLU D 140 65.61 -0.55 -31.19
C GLU D 140 65.16 0.35 -30.06
N GLY D 141 64.01 0.99 -30.25
CA GLY D 141 63.48 1.88 -29.24
C GLY D 141 64.12 3.26 -29.22
N TYR D 142 65.00 3.53 -30.18
CA TYR D 142 65.66 4.83 -30.24
C TYR D 142 65.19 5.68 -31.42
N VAL D 143 64.85 6.92 -31.13
CA VAL D 143 64.44 7.85 -32.17
C VAL D 143 65.72 8.49 -32.68
N LYS D 144 66.17 8.02 -33.83
CA LYS D 144 67.40 8.51 -34.44
C LYS D 144 67.12 9.56 -35.52
N ALA D 145 67.70 10.73 -35.33
CA ALA D 145 67.51 11.83 -36.25
C ALA D 145 68.84 12.27 -36.84
N SER D 146 68.79 12.67 -38.11
CA SER D 146 69.99 13.14 -38.80
C SER D 146 69.62 14.12 -39.88
N VAL D 147 70.60 14.91 -40.30
CA VAL D 147 70.41 15.88 -41.36
C VAL D 147 71.78 16.17 -41.95
N ASN D 148 71.88 16.16 -43.27
CA ASN D 148 73.17 16.49 -43.83
C ASN D 148 73.16 18.02 -43.95
N GLY D 149 74.10 18.64 -43.25
CA GLY D 149 74.20 20.09 -43.26
C GLY D 149 73.27 20.66 -42.22
N ARG D 150 72.93 21.94 -42.35
CA ARG D 150 72.04 22.56 -41.40
C ARG D 150 70.61 22.16 -41.71
N LEU D 151 69.70 22.53 -40.82
CA LEU D 151 68.28 22.29 -41.00
C LEU D 151 67.79 23.50 -41.79
N LYS D 152 66.64 23.37 -42.44
CA LYS D 152 66.12 24.48 -43.22
C LYS D 152 64.86 25.04 -42.56
N GLY D 153 64.78 26.36 -42.48
CA GLY D 153 63.62 27.01 -41.89
C GLY D 153 62.36 26.60 -42.62
N ALA D 154 61.25 26.51 -41.89
CA ALA D 154 59.97 26.10 -42.49
C ALA D 154 58.79 26.73 -41.77
N HIS D 155 57.64 26.72 -42.43
CA HIS D 155 56.42 27.24 -41.85
C HIS D 155 55.74 26.01 -41.29
N ILE D 156 55.72 25.89 -39.96
CA ILE D 156 55.13 24.72 -39.32
C ILE D 156 53.86 25.05 -38.53
N VAL D 157 52.76 24.39 -38.87
CA VAL D 157 51.51 24.63 -38.15
C VAL D 157 51.28 23.45 -37.21
N MET D 158 51.23 23.74 -35.91
CA MET D 158 51.07 22.72 -34.87
C MET D 158 49.63 22.28 -34.69
N ASP D 159 49.25 21.11 -35.19
CA ASP D 159 47.85 20.75 -35.01
C ASP D 159 47.51 20.23 -33.61
N LYS D 160 48.10 20.89 -32.62
CA LYS D 160 47.87 20.60 -31.20
C LYS D 160 48.78 21.54 -30.43
N VAL D 161 48.29 22.12 -29.35
CA VAL D 161 49.17 23.00 -28.59
C VAL D 161 50.04 22.15 -27.67
N SER D 162 51.34 22.20 -27.90
CA SER D 162 52.29 21.43 -27.11
C SER D 162 53.46 22.28 -26.63
N VAL D 163 53.64 22.32 -25.31
CA VAL D 163 54.73 23.07 -24.72
C VAL D 163 56.06 22.43 -25.16
N GLY D 164 56.14 21.12 -25.00
CA GLY D 164 57.35 20.40 -25.37
C GLY D 164 57.73 20.53 -26.83
N ALA D 165 56.79 20.26 -27.71
CA ALA D 165 57.05 20.34 -29.14
C ALA D 165 57.46 21.76 -29.55
N THR D 166 56.82 22.77 -28.98
CA THR D 166 57.17 24.16 -29.30
C THR D 166 58.63 24.42 -28.94
N VAL D 167 59.06 23.91 -27.78
CA VAL D 167 60.44 24.08 -27.33
C VAL D 167 61.43 23.39 -28.28
N THR D 168 61.14 22.13 -28.60
CA THR D 168 61.99 21.38 -29.51
C THR D 168 62.20 22.10 -30.83
N ILE D 169 61.10 22.47 -31.47
CA ILE D 169 61.15 23.15 -32.76
C ILE D 169 61.82 24.52 -32.68
N MET D 170 61.41 25.33 -31.72
CA MET D 170 61.99 26.66 -31.56
C MET D 170 63.49 26.60 -31.33
N SER D 171 63.92 25.64 -30.52
CA SER D 171 65.34 25.48 -30.22
C SER D 171 66.14 25.06 -31.44
N ALA D 172 65.68 24.02 -32.14
CA ALA D 172 66.37 23.54 -33.32
C ALA D 172 66.43 24.60 -34.44
N ALA D 173 65.37 25.40 -34.55
CA ALA D 173 65.31 26.42 -35.59
C ALA D 173 66.36 27.53 -35.47
N THR D 174 66.84 27.79 -34.25
CA THR D 174 67.82 28.85 -34.06
C THR D 174 69.09 28.66 -34.89
N LEU D 175 69.44 27.41 -35.18
CA LEU D 175 70.63 27.11 -35.97
C LEU D 175 70.28 26.65 -37.38
N ALA D 176 69.02 26.86 -37.76
CA ALA D 176 68.56 26.46 -39.09
C ALA D 176 68.94 27.52 -40.12
N GLU D 177 68.86 27.11 -41.37
CA GLU D 177 69.17 27.97 -42.49
C GLU D 177 67.85 28.57 -42.94
N GLY D 178 67.66 29.87 -42.70
CA GLY D 178 66.44 30.51 -43.11
C GLY D 178 65.55 30.86 -41.94
N THR D 179 64.29 31.16 -42.25
CA THR D 179 63.33 31.55 -41.24
C THR D 179 62.28 30.47 -40.96
N THR D 180 61.99 30.25 -39.68
CA THR D 180 60.99 29.28 -39.28
C THR D 180 59.85 30.03 -38.60
N ILE D 181 58.63 29.56 -38.83
CA ILE D 181 57.45 30.17 -38.23
C ILE D 181 56.63 29.06 -37.62
N ILE D 182 56.39 29.14 -36.32
CA ILE D 182 55.60 28.12 -35.63
C ILE D 182 54.19 28.66 -35.38
N GLU D 183 53.21 28.07 -36.06
CA GLU D 183 51.80 28.45 -35.95
C GLU D 183 51.15 27.63 -34.85
N ASN D 184 50.30 28.28 -34.07
CA ASN D 184 49.61 27.64 -32.96
C ASN D 184 50.62 27.13 -31.94
N ALA D 185 51.64 27.96 -31.68
CA ALA D 185 52.66 27.61 -30.71
C ALA D 185 52.11 27.76 -29.30
N ALA D 186 52.72 27.07 -28.34
CA ALA D 186 52.31 27.16 -26.94
C ALA D 186 52.76 28.52 -26.41
N ARG D 187 51.91 29.17 -25.61
CA ARG D 187 52.22 30.48 -25.07
C ARG D 187 52.63 30.49 -23.62
N GLU D 188 52.96 29.32 -23.07
CA GLU D 188 53.38 29.23 -21.67
C GLU D 188 54.54 30.19 -21.36
N PRO D 189 54.64 30.64 -20.11
CA PRO D 189 55.69 31.55 -19.66
C PRO D 189 57.09 30.94 -19.82
N GLU D 190 57.18 29.62 -19.67
CA GLU D 190 58.44 28.91 -19.80
C GLU D 190 58.95 29.02 -21.24
N ILE D 191 58.00 29.04 -22.20
CA ILE D 191 58.34 29.14 -23.61
C ILE D 191 59.02 30.50 -23.81
N VAL D 192 58.41 31.52 -23.24
CA VAL D 192 58.95 32.88 -23.32
C VAL D 192 60.34 32.91 -22.71
N ASP D 193 60.49 32.29 -21.54
CA ASP D 193 61.78 32.24 -20.85
C ASP D 193 62.83 31.48 -21.68
N THR D 194 62.45 30.37 -22.29
CA THR D 194 63.41 29.61 -23.10
C THR D 194 63.80 30.43 -24.34
N ALA D 195 62.82 31.13 -24.92
CA ALA D 195 63.06 31.96 -26.08
C ALA D 195 64.07 33.07 -25.73
N ASN D 196 63.85 33.75 -24.61
CA ASN D 196 64.75 34.83 -24.22
C ASN D 196 66.14 34.30 -23.90
N PHE D 197 66.24 33.07 -23.44
CA PHE D 197 67.53 32.48 -23.14
C PHE D 197 68.26 32.31 -24.47
N LEU D 198 67.59 31.72 -25.44
CA LEU D 198 68.18 31.52 -26.77
C LEU D 198 68.63 32.85 -27.38
N VAL D 199 67.79 33.87 -27.22
CA VAL D 199 68.11 35.19 -27.74
C VAL D 199 69.38 35.72 -27.08
N ALA D 200 69.54 35.39 -25.80
CA ALA D 200 70.71 35.83 -25.06
C ALA D 200 71.99 35.18 -25.61
N LEU D 201 71.85 33.97 -26.18
CA LEU D 201 72.99 33.27 -26.74
C LEU D 201 73.26 33.76 -28.16
N GLY D 202 72.41 34.65 -28.64
CA GLY D 202 72.58 35.20 -29.97
C GLY D 202 71.50 34.83 -30.97
N ALA D 203 70.57 33.98 -30.57
CA ALA D 203 69.49 33.57 -31.47
C ALA D 203 68.56 34.74 -31.79
N LYS D 204 67.85 34.64 -32.90
CA LYS D 204 66.93 35.69 -33.34
C LYS D 204 65.50 35.15 -33.31
N ILE D 205 64.76 35.49 -32.25
CA ILE D 205 63.40 35.02 -32.08
C ILE D 205 62.45 36.15 -31.70
N SER D 206 61.21 36.05 -32.19
CA SER D 206 60.18 37.03 -31.86
C SER D 206 58.83 36.31 -31.86
N GLY D 207 57.88 36.86 -31.10
CA GLY D 207 56.56 36.25 -31.03
C GLY D 207 56.37 35.31 -29.85
N GLN D 208 57.45 34.99 -29.14
CA GLN D 208 57.32 34.09 -27.99
C GLN D 208 56.26 34.65 -27.07
N GLY D 209 55.34 33.79 -26.63
CA GLY D 209 54.27 34.24 -25.76
C GLY D 209 52.97 34.38 -26.54
N THR D 210 53.08 34.35 -27.88
CA THR D 210 51.91 34.46 -28.76
C THR D 210 51.78 33.12 -29.45
N ASP D 211 50.76 32.94 -30.29
CA ASP D 211 50.61 31.65 -30.96
C ASP D 211 51.43 31.51 -32.25
N ARG D 212 52.21 32.55 -32.57
CA ARG D 212 53.06 32.53 -33.75
C ARG D 212 54.48 32.95 -33.39
N ILE D 213 55.40 31.99 -33.41
CA ILE D 213 56.79 32.28 -33.10
C ILE D 213 57.62 32.28 -34.39
N THR D 214 58.44 33.32 -34.56
CA THR D 214 59.27 33.44 -35.74
C THR D 214 60.75 33.39 -35.34
N ILE D 215 61.46 32.44 -35.93
CA ILE D 215 62.88 32.26 -35.65
C ILE D 215 63.68 32.39 -36.94
N GLU D 216 64.72 33.22 -36.91
CA GLU D 216 65.58 33.37 -38.07
C GLU D 216 66.91 32.75 -37.67
N GLY D 217 67.23 31.60 -38.27
CA GLY D 217 68.47 30.91 -37.96
C GLY D 217 69.73 31.74 -38.08
N VAL D 218 70.75 31.35 -37.32
CA VAL D 218 72.04 31.99 -37.32
C VAL D 218 73.09 30.88 -37.43
N GLU D 219 74.34 31.23 -37.72
CA GLU D 219 75.38 30.22 -37.85
C GLU D 219 75.71 29.50 -36.56
N ARG D 220 75.83 30.26 -35.46
CA ARG D 220 76.14 29.66 -34.18
C ARG D 220 75.67 30.48 -33.00
N LEU D 221 75.59 29.82 -31.85
CA LEU D 221 75.16 30.48 -30.63
C LEU D 221 76.36 30.56 -29.68
N GLY D 222 76.48 31.68 -28.97
CA GLY D 222 77.59 31.86 -28.06
C GLY D 222 77.36 31.34 -26.66
N GLY D 223 77.47 32.24 -25.69
CA GLY D 223 77.28 31.87 -24.30
C GLY D 223 76.65 33.05 -23.57
N GLY D 224 76.69 33.01 -22.24
CA GLY D 224 76.11 34.09 -21.47
C GLY D 224 75.56 33.68 -20.12
N VAL D 225 74.82 34.60 -19.51
CA VAL D 225 74.22 34.39 -18.20
C VAL D 225 72.71 34.69 -18.26
N TYR D 226 71.90 33.75 -17.79
CA TYR D 226 70.45 33.91 -17.80
C TYR D 226 69.83 33.42 -16.49
N ARG D 227 68.92 34.21 -15.93
CA ARG D 227 68.25 33.83 -14.68
C ARG D 227 66.86 33.28 -14.97
N VAL D 228 66.60 32.04 -14.53
CA VAL D 228 65.32 31.39 -14.74
C VAL D 228 64.20 32.12 -13.98
N LEU D 229 63.01 32.20 -14.58
CA LEU D 229 61.88 32.89 -13.93
C LEU D 229 61.31 32.06 -12.78
N PRO D 230 60.53 32.69 -11.89
CA PRO D 230 59.91 32.02 -10.75
C PRO D 230 58.99 30.87 -11.17
N ASP D 231 58.97 29.82 -10.38
CA ASP D 231 58.14 28.64 -10.66
C ASP D 231 56.69 28.97 -10.28
N ARG D 232 55.83 29.19 -11.29
CA ARG D 232 54.44 29.54 -11.03
C ARG D 232 53.63 28.40 -10.38
N ILE D 233 54.02 27.16 -10.62
CA ILE D 233 53.29 26.06 -10.02
C ILE D 233 53.62 25.91 -8.53
N GLU D 234 54.87 26.19 -8.17
CA GLU D 234 55.26 26.12 -6.77
C GLU D 234 54.48 27.22 -6.07
N THR D 235 54.46 28.39 -6.69
CA THR D 235 53.73 29.53 -6.14
C THR D 235 52.26 29.15 -5.93
N GLY D 236 51.63 28.64 -6.98
CA GLY D 236 50.25 28.24 -6.88
C GLY D 236 50.02 27.21 -5.80
N THR D 237 50.97 26.29 -5.65
CA THR D 237 50.85 25.26 -4.65
C THR D 237 50.81 25.86 -3.24
N PHE D 238 51.70 26.80 -2.95
CA PHE D 238 51.73 27.41 -1.62
C PHE D 238 50.54 28.32 -1.38
N LEU D 239 50.03 28.97 -2.42
CA LEU D 239 48.88 29.85 -2.27
C LEU D 239 47.70 28.96 -1.91
N VAL D 240 47.64 27.78 -2.50
CA VAL D 240 46.57 26.84 -2.21
C VAL D 240 46.72 26.32 -0.78
N ALA D 241 47.97 26.15 -0.35
CA ALA D 241 48.26 25.67 1.00
C ALA D 241 47.59 26.60 2.01
N ALA D 242 47.66 27.90 1.77
CA ALA D 242 47.05 28.86 2.68
C ALA D 242 45.54 28.85 2.53
N ALA D 243 45.07 28.87 1.29
CA ALA D 243 43.64 28.90 0.99
C ALA D 243 42.83 27.75 1.62
N ILE D 244 43.44 26.58 1.73
CA ILE D 244 42.74 25.43 2.29
C ILE D 244 42.93 25.26 3.80
N SER D 245 43.80 26.07 4.42
CA SER D 245 44.03 25.96 5.86
C SER D 245 43.64 27.23 6.60
N GLY D 246 42.84 28.06 5.94
CA GLY D 246 42.40 29.32 6.56
C GLY D 246 43.53 30.27 6.90
N GLY D 247 44.73 29.99 6.40
CA GLY D 247 45.87 30.84 6.71
C GLY D 247 46.11 32.03 5.80
N LYS D 248 47.27 32.65 6.02
CA LYS D 248 47.71 33.80 5.27
C LYS D 248 49.15 33.57 4.85
N ILE D 249 49.48 33.92 3.62
CA ILE D 249 50.84 33.72 3.15
C ILE D 249 51.30 34.76 2.12
N VAL D 250 52.61 34.99 2.09
CA VAL D 250 53.19 35.90 1.13
C VAL D 250 54.29 35.15 0.42
N CYS D 251 54.20 35.08 -0.91
CA CYS D 251 55.21 34.41 -1.71
C CYS D 251 56.19 35.45 -2.24
N ARG D 252 57.47 35.30 -1.91
CA ARG D 252 58.50 36.22 -2.37
C ARG D 252 59.15 35.63 -3.62
N ASN D 253 59.74 36.50 -4.43
CA ASN D 253 60.40 36.07 -5.67
C ASN D 253 59.38 35.46 -6.61
N ALA D 254 58.19 36.05 -6.63
CA ALA D 254 57.10 35.57 -7.48
C ALA D 254 56.93 36.43 -8.71
N GLN D 255 56.15 35.94 -9.67
CA GLN D 255 55.87 36.68 -10.88
C GLN D 255 54.36 36.56 -11.14
N PRO D 256 53.58 37.45 -10.52
CA PRO D 256 52.12 37.53 -10.60
C PRO D 256 51.46 37.35 -11.99
N ASP D 257 52.01 37.99 -13.02
CA ASP D 257 51.39 37.91 -14.35
C ASP D 257 51.34 36.50 -14.96
N THR D 258 52.01 35.54 -14.33
CA THR D 258 52.01 34.18 -14.83
C THR D 258 50.91 33.35 -14.17
N LEU D 259 50.14 33.97 -13.30
CA LEU D 259 49.10 33.26 -12.56
C LEU D 259 47.71 33.88 -12.58
N ASP D 260 47.38 34.67 -13.59
CA ASP D 260 46.07 35.31 -13.64
C ASP D 260 44.93 34.32 -13.41
N ALA D 261 44.92 33.22 -14.16
CA ALA D 261 43.87 32.23 -14.02
C ALA D 261 43.77 31.68 -12.60
N VAL D 262 44.91 31.26 -12.04
CA VAL D 262 44.94 30.71 -10.69
C VAL D 262 44.48 31.71 -9.65
N LEU D 263 44.99 32.94 -9.69
CA LEU D 263 44.59 33.95 -8.74
C LEU D 263 43.09 34.27 -8.84
N ALA D 264 42.56 34.27 -10.06
CA ALA D 264 41.15 34.55 -10.29
C ALA D 264 40.32 33.47 -9.63
N LYS D 265 40.76 32.23 -9.76
CA LYS D 265 40.05 31.10 -9.19
C LYS D 265 40.14 31.09 -7.67
N LEU D 266 41.28 31.52 -7.13
CA LEU D 266 41.42 31.56 -5.69
C LEU D 266 40.48 32.62 -5.12
N ARG D 267 40.31 33.74 -5.84
CA ARG D 267 39.41 34.78 -5.37
C ARG D 267 37.99 34.23 -5.38
N GLU D 268 37.66 33.48 -6.41
CA GLU D 268 36.33 32.89 -6.52
C GLU D 268 36.09 31.94 -5.34
N ALA D 269 37.17 31.38 -4.81
CA ALA D 269 37.06 30.46 -3.68
C ALA D 269 36.97 31.26 -2.38
N GLY D 270 37.16 32.58 -2.48
CA GLY D 270 37.07 33.42 -1.31
C GLY D 270 38.35 34.02 -0.75
N ALA D 271 39.47 33.82 -1.44
CA ALA D 271 40.73 34.37 -0.96
C ALA D 271 40.88 35.86 -1.18
N ASP D 272 41.57 36.53 -0.25
CA ASP D 272 41.85 37.96 -0.33
C ASP D 272 43.27 38.00 -0.86
N ILE D 273 43.41 38.35 -2.14
CA ILE D 273 44.71 38.37 -2.78
C ILE D 273 45.22 39.74 -3.19
N GLU D 274 46.49 39.95 -2.88
CA GLU D 274 47.22 41.18 -3.17
C GLU D 274 48.48 40.80 -3.94
N THR D 275 48.88 41.64 -4.89
CA THR D 275 50.10 41.38 -5.64
C THR D 275 51.00 42.60 -5.74
N GLY D 276 52.29 42.33 -5.88
CA GLY D 276 53.26 43.39 -6.01
C GLY D 276 54.07 43.11 -7.27
N GLU D 277 55.21 43.77 -7.38
CA GLU D 277 56.10 43.59 -8.52
C GLU D 277 56.64 42.17 -8.55
N ASP D 278 57.04 41.66 -7.38
CA ASP D 278 57.60 40.33 -7.29
C ASP D 278 57.10 39.52 -6.11
N TRP D 279 55.85 39.75 -5.70
CA TRP D 279 55.28 39.01 -4.57
C TRP D 279 53.77 38.91 -4.67
N ILE D 280 53.23 37.89 -4.02
CA ILE D 280 51.78 37.66 -3.99
C ILE D 280 51.40 37.31 -2.56
N SER D 281 50.30 37.89 -2.08
CA SER D 281 49.86 37.59 -0.73
C SER D 281 48.42 37.09 -0.80
N LEU D 282 48.12 36.10 0.02
CA LEU D 282 46.78 35.53 0.08
C LEU D 282 46.40 35.35 1.54
N ASP D 283 45.20 35.82 1.87
CA ASP D 283 44.69 35.74 3.23
C ASP D 283 43.28 35.16 3.16
N MET D 284 43.06 34.05 3.86
CA MET D 284 41.73 33.44 3.86
C MET D 284 40.89 34.00 4.99
N HIS D 285 41.56 34.73 5.90
CA HIS D 285 40.88 35.30 7.04
C HIS D 285 40.14 34.19 7.81
N GLY D 286 40.84 33.07 7.97
CA GLY D 286 40.29 31.93 8.69
C GLY D 286 39.09 31.28 8.05
N LYS D 287 38.72 31.73 6.85
CA LYS D 287 37.56 31.17 6.16
C LYS D 287 37.82 29.82 5.50
N ARG D 288 36.75 29.06 5.36
CA ARG D 288 36.81 27.77 4.67
C ARG D 288 36.59 28.18 3.21
N PRO D 289 37.27 27.54 2.26
CA PRO D 289 37.10 27.90 0.86
C PRO D 289 35.76 27.56 0.24
N LYS D 290 35.36 28.36 -0.77
CA LYS D 290 34.11 28.13 -1.48
C LYS D 290 34.43 27.29 -2.70
N ALA D 291 33.59 26.28 -2.96
CA ALA D 291 33.82 25.40 -4.10
C ALA D 291 33.89 26.20 -5.41
N VAL D 292 34.78 25.78 -6.32
CA VAL D 292 34.92 26.46 -7.60
C VAL D 292 34.90 25.48 -8.74
N THR D 293 34.66 26.00 -9.94
CA THR D 293 34.62 25.17 -11.15
C THR D 293 35.87 25.49 -12.00
N VAL D 294 36.58 24.44 -12.39
CA VAL D 294 37.79 24.61 -13.15
C VAL D 294 37.84 23.79 -14.41
N ARG D 295 38.51 24.35 -15.41
CA ARG D 295 38.69 23.69 -16.70
C ARG D 295 40.14 23.94 -17.12
N THR D 296 40.97 22.91 -17.09
CA THR D 296 42.38 23.06 -17.48
C THR D 296 42.47 23.30 -18.99
N ALA D 297 43.49 24.04 -19.41
CA ALA D 297 43.70 24.32 -20.82
C ALA D 297 45.06 25.00 -20.97
N PRO D 298 45.53 25.15 -22.21
CA PRO D 298 46.83 25.79 -22.42
C PRO D 298 46.85 27.18 -21.82
N HIS D 299 48.04 27.64 -21.44
CA HIS D 299 48.22 28.98 -20.89
C HIS D 299 47.61 30.00 -21.89
N PRO D 300 47.08 31.13 -21.41
CA PRO D 300 46.95 31.64 -20.03
C PRO D 300 45.76 31.11 -19.21
N ALA D 301 45.14 30.02 -19.66
CA ALA D 301 44.02 29.43 -18.93
C ALA D 301 44.53 28.72 -17.66
N PHE D 302 43.61 28.11 -16.92
CA PHE D 302 43.99 27.38 -15.71
C PHE D 302 44.92 26.23 -16.10
N PRO D 303 46.10 26.18 -15.49
CA PRO D 303 47.13 25.14 -15.74
C PRO D 303 46.83 23.78 -15.15
N THR D 304 47.05 22.75 -15.94
CA THR D 304 46.81 21.39 -15.50
C THR D 304 47.74 21.03 -14.33
N ALA D 305 48.90 21.67 -14.26
CA ALA D 305 49.85 21.41 -13.18
C ALA D 305 49.35 21.86 -11.81
N MET D 306 48.22 22.58 -11.79
CA MET D 306 47.61 23.06 -10.54
C MET D 306 46.29 22.31 -10.24
N GLN D 307 45.86 21.48 -11.19
CA GLN D 307 44.61 20.75 -11.06
C GLN D 307 44.50 19.85 -9.80
N ALA D 308 45.50 19.03 -9.52
CA ALA D 308 45.44 18.17 -8.34
C ALA D 308 45.27 19.01 -7.07
N GLN D 309 46.05 20.09 -6.98
CA GLN D 309 45.97 20.97 -5.82
C GLN D 309 44.57 21.59 -5.67
N PHE D 310 43.95 21.97 -6.79
CA PHE D 310 42.62 22.54 -6.71
C PHE D 310 41.57 21.47 -6.46
N THR D 311 41.89 20.22 -6.76
CA THR D 311 40.95 19.15 -6.50
C THR D 311 40.83 19.07 -4.97
N LEU D 312 41.97 19.17 -4.30
CA LEU D 312 42.02 19.14 -2.85
C LEU D 312 41.20 20.30 -2.29
N LEU D 313 41.47 21.50 -2.80
CA LEU D 313 40.74 22.69 -2.34
C LEU D 313 39.23 22.47 -2.39
N ASN D 314 38.74 21.95 -3.51
CA ASN D 314 37.31 21.68 -3.67
C ASN D 314 36.82 20.61 -2.71
N LEU D 315 37.63 19.58 -2.48
CA LEU D 315 37.24 18.47 -1.60
C LEU D 315 37.06 18.86 -0.13
N VAL D 316 37.56 20.04 0.25
CA VAL D 316 37.41 20.52 1.62
C VAL D 316 36.73 21.89 1.59
N ALA D 317 36.09 22.19 0.46
CA ALA D 317 35.41 23.47 0.30
C ALA D 317 33.92 23.34 0.54
N GLU D 318 33.27 24.50 0.63
CA GLU D 318 31.84 24.55 0.86
C GLU D 318 31.12 24.47 -0.47
N GLY D 319 30.42 23.38 -0.71
CA GLY D 319 29.68 23.25 -1.95
C GLY D 319 30.15 22.15 -2.88
N THR D 320 29.59 22.15 -4.09
CA THR D 320 29.94 21.16 -5.10
C THR D 320 30.82 21.78 -6.18
N GLY D 321 32.09 21.37 -6.20
CA GLY D 321 33.03 21.88 -7.18
C GLY D 321 33.24 20.90 -8.31
N VAL D 322 33.41 21.42 -9.52
CA VAL D 322 33.61 20.54 -10.67
C VAL D 322 34.90 20.90 -11.40
N ILE D 323 35.77 19.91 -11.58
CA ILE D 323 37.03 20.12 -12.26
C ILE D 323 37.12 19.29 -13.52
N THR D 324 37.42 19.95 -14.64
CA THR D 324 37.55 19.28 -15.92
C THR D 324 38.97 19.39 -16.47
N GLU D 325 39.63 18.23 -16.60
CA GLU D 325 41.00 18.15 -17.08
C GLU D 325 40.99 17.86 -18.57
N THR D 326 41.57 18.75 -19.37
CA THR D 326 41.61 18.57 -20.83
C THR D 326 42.99 18.35 -21.43
N ILE D 327 44.04 18.36 -20.60
CA ILE D 327 45.39 18.18 -21.11
C ILE D 327 45.89 16.74 -21.01
N PHE D 328 45.74 16.10 -19.84
CA PHE D 328 46.19 14.71 -19.67
C PHE D 328 45.03 13.78 -19.32
N GLU D 329 44.92 12.71 -20.09
CA GLU D 329 43.85 11.74 -19.95
C GLU D 329 43.74 11.01 -18.60
N ASN D 330 44.82 10.95 -17.83
CA ASN D 330 44.79 10.25 -16.56
C ASN D 330 45.42 10.98 -15.38
N ARG D 331 44.91 12.17 -15.07
CA ARG D 331 45.47 12.96 -13.99
C ARG D 331 44.50 13.16 -12.81
N PHE D 332 43.84 12.08 -12.40
CA PHE D 332 42.90 12.08 -11.29
C PHE D 332 43.31 11.02 -10.29
N MET D 333 44.56 10.56 -10.38
CA MET D 333 45.07 9.52 -9.51
C MET D 333 45.08 9.88 -8.03
N HIS D 334 45.07 11.19 -7.73
CA HIS D 334 45.07 11.63 -6.34
C HIS D 334 43.68 11.46 -5.71
N VAL D 335 42.63 11.51 -6.53
CA VAL D 335 41.28 11.38 -6.04
C VAL D 335 41.00 10.16 -5.16
N PRO D 336 41.33 8.95 -5.64
CA PRO D 336 41.08 7.76 -4.83
C PRO D 336 41.82 7.80 -3.50
N GLU D 337 42.99 8.44 -3.49
CA GLU D 337 43.77 8.55 -2.27
C GLU D 337 43.12 9.51 -1.28
N LEU D 338 42.65 10.65 -1.78
CA LEU D 338 41.99 11.62 -0.89
C LEU D 338 40.70 11.03 -0.33
N ILE D 339 40.04 10.17 -1.11
CA ILE D 339 38.81 9.56 -0.66
C ILE D 339 39.12 8.72 0.57
N ARG D 340 40.32 8.15 0.62
CA ARG D 340 40.73 7.35 1.78
C ARG D 340 40.78 8.25 3.01
N MET D 341 41.04 9.54 2.79
CA MET D 341 41.12 10.52 3.86
C MET D 341 39.77 11.15 4.16
N GLY D 342 38.72 10.54 3.61
CA GLY D 342 37.37 11.03 3.85
C GLY D 342 36.76 11.95 2.82
N ALA D 343 37.47 12.21 1.73
CA ALA D 343 36.91 13.07 0.69
C ALA D 343 35.71 12.39 0.02
N HIS D 344 34.91 13.19 -0.69
CA HIS D 344 33.76 12.67 -1.40
C HIS D 344 33.83 13.19 -2.81
N ALA D 345 33.89 12.29 -3.76
CA ALA D 345 33.95 12.71 -5.15
C ALA D 345 33.67 11.58 -6.12
N GLU D 346 33.23 11.95 -7.32
CA GLU D 346 32.97 10.95 -8.35
C GLU D 346 33.70 11.40 -9.61
N ILE D 347 34.27 10.43 -10.32
CA ILE D 347 34.97 10.73 -11.55
C ILE D 347 34.10 10.31 -12.73
N GLU D 348 33.78 11.26 -13.60
CA GLU D 348 32.99 10.99 -14.79
C GLU D 348 33.80 11.40 -16.00
N SER D 349 34.41 10.41 -16.66
CA SER D 349 35.24 10.69 -17.83
C SER D 349 36.37 11.61 -17.37
N ASN D 350 36.48 12.78 -17.99
CA ASN D 350 37.58 13.70 -17.64
C ASN D 350 37.22 14.85 -16.69
N THR D 351 36.23 14.63 -15.84
CA THR D 351 35.88 15.65 -14.86
C THR D 351 35.54 15.00 -13.51
N VAL D 352 35.90 15.66 -12.41
CA VAL D 352 35.61 15.16 -11.07
C VAL D 352 34.55 16.02 -10.42
N ILE D 353 33.52 15.36 -9.90
CA ILE D 353 32.46 16.07 -9.19
C ILE D 353 32.90 16.01 -7.73
N CYS D 354 33.17 17.17 -7.15
CA CYS D 354 33.61 17.24 -5.76
C CYS D 354 32.51 17.69 -4.81
N HIS D 355 32.45 17.05 -3.65
CA HIS D 355 31.49 17.39 -2.62
C HIS D 355 32.30 17.69 -1.37
N GLY D 356 32.67 18.95 -1.21
CA GLY D 356 33.46 19.35 -0.06
C GLY D 356 32.97 18.89 1.29
N VAL D 357 33.91 18.61 2.19
CA VAL D 357 33.59 18.20 3.56
C VAL D 357 34.33 19.12 4.51
N GLU D 358 33.84 19.21 5.75
CA GLU D 358 34.47 20.08 6.73
C GLU D 358 35.94 19.75 6.97
N LYS D 359 36.21 18.51 7.34
CA LYS D 359 37.59 18.12 7.60
C LYS D 359 37.92 16.77 7.02
N LEU D 360 39.22 16.51 6.87
CA LEU D 360 39.70 15.23 6.36
C LEU D 360 40.32 14.44 7.52
N SER D 361 40.42 13.13 7.34
CA SER D 361 41.00 12.28 8.38
C SER D 361 42.34 11.74 7.91
N GLY D 362 43.33 11.84 8.78
CA GLY D 362 44.64 11.34 8.44
C GLY D 362 44.57 9.86 8.12
N ALA D 363 45.38 9.42 7.18
CA ALA D 363 45.41 8.01 6.78
C ALA D 363 46.65 7.78 5.93
N GLN D 364 46.88 6.53 5.56
CA GLN D 364 48.03 6.20 4.73
C GLN D 364 47.63 6.29 3.27
N VAL D 365 48.28 7.21 2.57
CA VAL D 365 47.97 7.42 1.16
C VAL D 365 49.24 7.27 0.34
N MET D 366 49.06 7.12 -0.97
CA MET D 366 50.21 6.94 -1.84
C MET D 366 50.32 7.97 -2.96
N ALA D 367 51.47 8.64 -3.03
CA ALA D 367 51.72 9.63 -4.07
C ALA D 367 51.84 8.86 -5.38
N THR D 368 51.26 9.39 -6.44
CA THR D 368 51.31 8.71 -7.73
C THR D 368 52.05 9.51 -8.78
N ASP D 369 52.21 10.80 -8.52
CA ASP D 369 52.89 11.69 -9.46
C ASP D 369 53.29 12.97 -8.73
N LEU D 370 54.06 13.80 -9.40
CA LEU D 370 54.54 15.03 -8.82
C LEU D 370 53.50 15.91 -8.14
N ARG D 371 52.54 16.43 -8.89
CA ARG D 371 51.55 17.30 -8.29
C ARG D 371 50.60 16.61 -7.32
N ALA D 372 50.35 15.33 -7.54
CA ALA D 372 49.47 14.58 -6.64
C ALA D 372 50.14 14.45 -5.28
N SER D 373 51.44 14.16 -5.27
CA SER D 373 52.19 14.02 -4.03
C SER D 373 52.12 15.29 -3.19
N ALA D 374 52.26 16.46 -3.84
CA ALA D 374 52.20 17.73 -3.12
C ALA D 374 50.78 17.92 -2.57
N SER D 375 49.79 17.49 -3.34
CA SER D 375 48.42 17.60 -2.90
C SER D 375 48.17 16.74 -1.67
N LEU D 376 48.66 15.51 -1.68
CA LEU D 376 48.48 14.62 -0.55
C LEU D 376 49.21 15.15 0.68
N VAL D 377 50.34 15.81 0.49
CA VAL D 377 51.08 16.37 1.62
C VAL D 377 50.28 17.52 2.22
N LEU D 378 49.74 18.38 1.38
CA LEU D 378 48.93 19.49 1.88
C LEU D 378 47.70 18.92 2.61
N ALA D 379 47.13 17.85 2.06
CA ALA D 379 45.97 17.22 2.68
C ALA D 379 46.33 16.81 4.10
N GLY D 380 47.50 16.20 4.26
CA GLY D 380 47.94 15.77 5.58
C GLY D 380 48.05 16.93 6.54
N CYS D 381 48.46 18.09 6.03
CA CYS D 381 48.61 19.27 6.87
C CYS D 381 47.31 19.75 7.47
N ILE D 382 46.22 19.64 6.72
CA ILE D 382 44.94 20.10 7.23
C ILE D 382 44.02 18.99 7.72
N ALA D 383 44.40 17.74 7.51
CA ALA D 383 43.57 16.61 7.94
C ALA D 383 43.68 16.45 9.45
N GLU D 384 42.70 15.76 10.03
CA GLU D 384 42.69 15.53 11.46
C GLU D 384 43.49 14.28 11.77
N GLY D 385 44.62 14.44 12.46
CA GLY D 385 45.39 13.27 12.81
C GLY D 385 46.70 13.11 12.08
N THR D 386 47.13 11.86 11.94
CA THR D 386 48.39 11.56 11.28
C THR D 386 48.18 11.00 9.88
N THR D 387 48.88 11.60 8.92
CA THR D 387 48.81 11.15 7.54
C THR D 387 50.20 10.70 7.12
N VAL D 388 50.25 9.60 6.38
CA VAL D 388 51.53 9.09 5.89
C VAL D 388 51.45 9.03 4.37
N VAL D 389 52.28 9.85 3.71
CA VAL D 389 52.32 9.88 2.26
C VAL D 389 53.50 9.05 1.78
N ASP D 390 53.21 7.88 1.25
CA ASP D 390 54.24 6.96 0.77
C ASP D 390 54.73 7.38 -0.62
N ARG D 391 55.98 7.04 -0.92
CA ARG D 391 56.61 7.36 -2.20
C ARG D 391 56.72 8.87 -2.46
N ILE D 392 57.11 9.65 -1.45
CA ILE D 392 57.23 11.09 -1.66
C ILE D 392 58.40 11.44 -2.57
N TYR D 393 59.11 10.44 -3.08
CA TYR D 393 60.23 10.72 -3.97
C TYR D 393 59.70 11.55 -5.12
N HIS D 394 58.43 11.31 -5.47
CA HIS D 394 57.78 12.05 -6.54
C HIS D 394 57.89 13.54 -6.31
N ILE D 395 57.72 13.95 -5.06
CA ILE D 395 57.74 15.35 -4.72
C ILE D 395 59.12 15.97 -4.90
N ASP D 396 60.17 15.16 -4.75
CA ASP D 396 61.53 15.67 -4.90
C ASP D 396 61.87 16.02 -6.35
N ARG D 397 61.01 15.62 -7.26
CA ARG D 397 61.24 15.87 -8.67
C ARG D 397 60.92 17.31 -9.08
N GLY D 398 59.95 17.92 -8.41
CA GLY D 398 59.59 19.28 -8.76
C GLY D 398 59.50 20.32 -7.65
N TYR D 399 59.80 19.94 -6.41
CA TYR D 399 59.75 20.90 -5.32
C TYR D 399 61.06 20.94 -4.53
N GLU D 400 61.67 22.11 -4.48
CA GLU D 400 62.91 22.26 -3.76
C GLU D 400 62.62 22.40 -2.27
N ARG D 401 63.09 21.41 -1.51
CA ARG D 401 62.93 21.34 -0.06
C ARG D 401 61.57 21.81 0.44
N ILE D 402 60.52 21.16 -0.06
CA ILE D 402 59.17 21.52 0.31
C ILE D 402 58.96 21.25 1.81
N GLU D 403 59.66 20.25 2.32
CA GLU D 403 59.59 19.89 3.72
C GLU D 403 59.91 21.10 4.58
N ASP D 404 61.03 21.76 4.30
CA ASP D 404 61.47 22.93 5.06
C ASP D 404 60.53 24.12 4.91
N LYS D 405 60.15 24.41 3.68
CA LYS D 405 59.26 25.54 3.41
C LYS D 405 57.92 25.36 4.09
N LEU D 406 57.38 24.15 4.07
CA LEU D 406 56.10 23.88 4.73
C LEU D 406 56.24 24.00 6.23
N ARG D 407 57.34 23.48 6.77
CA ARG D 407 57.57 23.54 8.19
C ARG D 407 57.59 25.01 8.61
N ALA D 408 58.32 25.82 7.86
CA ALA D 408 58.41 27.24 8.17
C ALA D 408 57.05 27.93 8.10
N LEU D 409 56.03 27.22 7.64
CA LEU D 409 54.68 27.79 7.54
C LEU D 409 53.79 27.24 8.64
N GLY D 410 54.37 26.42 9.51
CA GLY D 410 53.64 25.85 10.64
C GLY D 410 53.29 24.38 10.52
N ALA D 411 53.76 23.73 9.47
CA ALA D 411 53.45 22.32 9.28
C ALA D 411 54.23 21.40 10.21
N ASN D 412 53.60 20.30 10.57
CA ASN D 412 54.19 19.28 11.43
C ASN D 412 54.48 18.14 10.45
N ILE D 413 55.67 18.17 9.88
CA ILE D 413 56.05 17.18 8.89
C ILE D 413 57.43 16.60 9.14
N GLU D 414 57.61 15.32 8.83
CA GLU D 414 58.88 14.65 9.08
C GLU D 414 59.10 13.68 7.93
N ARG D 415 60.35 13.47 7.52
CA ARG D 415 60.63 12.53 6.43
C ARG D 415 61.14 11.20 6.98
N VAL D 416 60.32 10.15 6.84
CA VAL D 416 60.67 8.82 7.35
C VAL D 416 61.38 7.97 6.30
N LYS D 417 62.59 7.53 6.63
CA LYS D 417 63.39 6.72 5.73
C LYS D 417 62.84 5.30 5.53
N GLY D 418 63.56 4.51 4.73
CA GLY D 418 63.20 3.13 4.43
C GLY D 418 61.78 2.74 4.80
N GLU D 419 60.86 2.85 3.86
CA GLU D 419 59.46 2.54 4.13
C GLU D 419 59.02 3.32 5.36
N MET E 1 -37.22 -45.78 -49.18
CA MET E 1 -35.86 -46.10 -48.64
C MET E 1 -34.89 -46.25 -49.81
N ASP E 2 -34.17 -45.18 -50.10
CA ASP E 2 -33.19 -45.19 -51.18
C ASP E 2 -32.16 -46.30 -51.07
N LYS E 3 -31.65 -46.75 -52.21
CA LYS E 3 -30.65 -47.80 -52.25
C LYS E 3 -29.69 -47.53 -53.39
N PHE E 4 -28.55 -48.22 -53.39
CA PHE E 4 -27.58 -48.08 -54.46
C PHE E 4 -27.48 -49.40 -55.17
N ARG E 5 -27.65 -49.37 -56.48
CA ARG E 5 -27.52 -50.58 -57.25
C ARG E 5 -26.17 -50.44 -57.92
N VAL E 6 -25.27 -51.37 -57.60
CA VAL E 6 -23.92 -51.34 -58.14
C VAL E 6 -23.63 -52.59 -58.96
N GLN E 7 -23.04 -52.39 -60.13
CA GLN E 7 -22.69 -53.50 -61.00
C GLN E 7 -21.18 -53.57 -61.14
N GLY E 8 -20.62 -54.73 -60.84
CA GLY E 8 -19.19 -54.92 -60.92
C GLY E 8 -18.81 -56.20 -61.62
N PRO E 9 -17.51 -56.49 -61.73
CA PRO E 9 -16.42 -55.65 -61.21
C PRO E 9 -16.01 -54.52 -62.14
N THR E 10 -15.52 -53.44 -61.55
CA THR E 10 -15.05 -52.28 -62.31
C THR E 10 -13.82 -51.71 -61.62
N ARG E 11 -12.73 -51.54 -62.36
CA ARG E 11 -11.52 -50.95 -61.81
C ARG E 11 -11.77 -49.46 -61.60
N LEU E 12 -11.61 -48.99 -60.38
CA LEU E 12 -11.83 -47.59 -60.10
C LEU E 12 -10.54 -46.81 -60.33
N GLN E 13 -10.58 -45.83 -61.23
CA GLN E 13 -9.39 -45.06 -61.54
C GLN E 13 -9.68 -43.70 -62.14
N GLY E 14 -8.77 -42.76 -61.92
CA GLY E 14 -8.94 -41.43 -62.44
C GLY E 14 -8.61 -40.40 -61.39
N GLU E 15 -9.46 -39.38 -61.27
CA GLU E 15 -9.24 -38.33 -60.30
C GLU E 15 -10.50 -37.97 -59.53
N VAL E 16 -10.31 -37.39 -58.35
CA VAL E 16 -11.41 -36.98 -57.50
C VAL E 16 -10.93 -35.79 -56.69
N THR E 17 -11.84 -34.86 -56.43
CA THR E 17 -11.49 -33.67 -55.65
C THR E 17 -12.13 -33.79 -54.29
N ILE E 18 -11.30 -33.81 -53.25
CA ILE E 18 -11.77 -33.96 -51.87
C ILE E 18 -12.53 -32.76 -51.36
N SER E 19 -13.66 -33.01 -50.70
CA SER E 19 -14.49 -31.96 -50.15
C SER E 19 -13.99 -31.55 -48.78
N GLY E 20 -14.59 -30.50 -48.21
CA GLY E 20 -14.19 -30.07 -46.89
C GLY E 20 -14.48 -31.17 -45.88
N ALA E 21 -13.71 -31.19 -44.80
CA ALA E 21 -13.85 -32.21 -43.77
C ALA E 21 -15.17 -32.09 -43.00
N LYS E 22 -15.95 -33.16 -43.02
CA LYS E 22 -17.21 -33.20 -42.30
C LYS E 22 -17.00 -32.92 -40.84
N ASN E 23 -16.00 -33.59 -40.26
CA ASN E 23 -15.70 -33.47 -38.84
C ASN E 23 -14.91 -32.26 -38.40
N ALA E 24 -14.78 -31.29 -39.29
CA ALA E 24 -14.10 -30.04 -38.97
C ALA E 24 -15.19 -28.98 -39.14
N ALA E 25 -15.97 -29.13 -40.21
CA ALA E 25 -17.05 -28.22 -40.48
C ALA E 25 -18.08 -28.25 -39.35
N LEU E 26 -18.42 -29.44 -38.86
CA LEU E 26 -19.39 -29.55 -37.77
C LEU E 26 -18.97 -28.83 -36.50
N PRO E 27 -17.79 -29.14 -35.95
CA PRO E 27 -17.40 -28.43 -34.73
C PRO E 27 -17.20 -26.93 -34.94
N ILE E 28 -16.78 -26.55 -36.15
CA ILE E 28 -16.57 -25.13 -36.45
C ILE E 28 -17.93 -24.41 -36.55
N LEU E 29 -18.93 -25.07 -37.11
CA LEU E 29 -20.26 -24.45 -37.23
C LEU E 29 -20.86 -24.20 -35.85
N PHE E 30 -20.65 -25.13 -34.92
CA PHE E 30 -21.18 -24.92 -33.58
C PHE E 30 -20.34 -23.88 -32.86
N ALA E 31 -19.04 -23.86 -33.14
CA ALA E 31 -18.16 -22.88 -32.52
C ALA E 31 -18.61 -21.47 -32.91
N ALA E 32 -19.23 -21.35 -34.08
CA ALA E 32 -19.71 -20.06 -34.58
C ALA E 32 -20.72 -19.42 -33.64
N LEU E 33 -21.37 -20.23 -32.80
CA LEU E 33 -22.33 -19.71 -31.85
C LEU E 33 -21.66 -18.71 -30.92
N LEU E 34 -20.33 -18.73 -30.89
CA LEU E 34 -19.54 -17.83 -30.06
C LEU E 34 -19.32 -16.48 -30.73
N ALA E 35 -19.43 -16.45 -32.06
CA ALA E 35 -19.19 -15.24 -32.84
C ALA E 35 -20.29 -14.19 -32.73
N GLU E 36 -19.89 -12.96 -32.42
CA GLU E 36 -20.85 -11.87 -32.29
C GLU E 36 -21.06 -11.17 -33.62
N GLU E 37 -20.25 -11.54 -34.61
CA GLU E 37 -20.40 -10.91 -35.90
C GLU E 37 -20.53 -11.96 -37.00
N PRO E 38 -20.82 -11.52 -38.23
CA PRO E 38 -20.96 -12.42 -39.37
C PRO E 38 -19.69 -13.23 -39.60
N VAL E 39 -19.90 -14.51 -39.88
CA VAL E 39 -18.82 -15.43 -40.14
C VAL E 39 -19.13 -16.14 -41.46
N GLU E 40 -18.08 -16.50 -42.17
CA GLU E 40 -18.23 -17.23 -43.42
C GLU E 40 -17.29 -18.40 -43.34
N ILE E 41 -17.85 -19.60 -43.41
CA ILE E 41 -17.04 -20.81 -43.34
C ILE E 41 -17.02 -21.40 -44.74
N GLN E 42 -15.83 -21.42 -45.34
CA GLN E 42 -15.66 -21.90 -46.69
C GLN E 42 -15.31 -23.37 -46.81
N ASN E 43 -15.55 -23.92 -48.01
CA ASN E 43 -15.26 -25.32 -48.32
C ASN E 43 -16.06 -26.29 -47.43
N VAL E 44 -17.28 -25.91 -47.10
CA VAL E 44 -18.15 -26.75 -46.29
C VAL E 44 -18.85 -27.77 -47.17
N PRO E 45 -18.67 -29.06 -46.90
CA PRO E 45 -19.33 -30.09 -47.71
C PRO E 45 -20.84 -30.06 -47.57
N LYS E 46 -21.53 -30.50 -48.61
CA LYS E 46 -22.99 -30.56 -48.58
C LYS E 46 -23.38 -31.94 -48.10
N LEU E 47 -23.56 -32.06 -46.79
CA LEU E 47 -23.92 -33.31 -46.14
C LEU E 47 -25.17 -33.16 -45.29
N LYS E 48 -25.85 -34.27 -45.07
CA LYS E 48 -27.08 -34.28 -44.28
C LYS E 48 -26.85 -33.66 -42.88
N ASP E 49 -25.71 -33.95 -42.27
CA ASP E 49 -25.41 -33.42 -40.95
C ASP E 49 -25.22 -31.90 -40.98
N ILE E 50 -24.76 -31.35 -42.10
CA ILE E 50 -24.60 -29.92 -42.18
C ILE E 50 -25.98 -29.26 -42.24
N ASP E 51 -26.93 -29.93 -42.90
CA ASP E 51 -28.29 -29.41 -42.99
C ASP E 51 -28.90 -29.41 -41.58
N THR E 52 -28.76 -30.52 -40.87
CA THR E 52 -29.30 -30.63 -39.52
C THR E 52 -28.67 -29.58 -38.61
N THR E 53 -27.37 -29.37 -38.73
CA THR E 53 -26.68 -28.38 -37.91
C THR E 53 -27.25 -26.98 -38.20
N MET E 54 -27.44 -26.67 -39.49
CA MET E 54 -27.99 -25.38 -39.87
C MET E 54 -29.41 -25.24 -39.30
N LYS E 55 -30.19 -26.31 -39.39
CA LYS E 55 -31.55 -26.28 -38.87
C LYS E 55 -31.49 -25.93 -37.39
N LEU E 56 -30.63 -26.63 -36.64
CA LEU E 56 -30.50 -26.40 -35.20
C LEU E 56 -30.05 -24.97 -34.91
N LEU E 57 -29.01 -24.51 -35.59
CA LEU E 57 -28.51 -23.15 -35.39
C LEU E 57 -29.61 -22.14 -35.62
N THR E 58 -30.35 -22.32 -36.71
CA THR E 58 -31.43 -21.42 -37.05
C THR E 58 -32.48 -21.39 -35.95
N GLN E 59 -32.78 -22.54 -35.35
CA GLN E 59 -33.79 -22.54 -34.30
C GLN E 59 -33.27 -21.97 -32.98
N LEU E 60 -31.98 -21.67 -32.93
CA LEU E 60 -31.43 -21.05 -31.74
C LEU E 60 -31.52 -19.54 -31.96
N GLY E 61 -31.98 -19.15 -33.15
CA GLY E 61 -32.10 -17.74 -33.47
C GLY E 61 -30.93 -17.22 -34.28
N THR E 62 -30.27 -18.13 -35.01
CA THR E 62 -29.13 -17.77 -35.84
C THR E 62 -29.57 -17.59 -37.28
N LYS E 63 -28.90 -16.69 -37.98
CA LYS E 63 -29.21 -16.46 -39.38
C LYS E 63 -28.18 -17.29 -40.14
N VAL E 64 -28.66 -18.32 -40.82
CA VAL E 64 -27.79 -19.21 -41.56
C VAL E 64 -28.20 -19.39 -43.00
N GLU E 65 -27.21 -19.49 -43.88
CA GLU E 65 -27.42 -19.72 -45.30
C GLU E 65 -26.17 -20.31 -45.90
N ARG E 66 -26.32 -21.03 -46.99
CA ARG E 66 -25.17 -21.63 -47.62
C ARG E 66 -25.35 -21.74 -49.12
N GLY E 68 -20.65 -22.81 -51.70
CA GLY E 68 -19.57 -23.64 -51.20
C GLY E 68 -19.30 -23.28 -49.75
N SER E 69 -19.79 -22.12 -49.33
CA SER E 69 -19.62 -21.65 -47.97
C SER E 69 -20.93 -21.67 -47.19
N VAL E 70 -20.81 -21.52 -45.89
CA VAL E 70 -21.96 -21.43 -45.01
C VAL E 70 -21.79 -20.10 -44.30
N TRP E 71 -22.74 -19.19 -44.47
CA TRP E 71 -22.66 -17.88 -43.82
C TRP E 71 -23.45 -17.89 -42.53
N ILE E 72 -22.79 -17.48 -41.44
CA ILE E 72 -23.43 -17.47 -40.13
C ILE E 72 -23.47 -16.10 -39.47
N ASP E 73 -24.62 -15.78 -38.89
CA ASP E 73 -24.81 -14.53 -38.17
C ASP E 73 -25.48 -14.89 -36.86
N ALA E 74 -24.66 -15.04 -35.82
CA ALA E 74 -25.17 -15.42 -34.51
C ALA E 74 -25.48 -14.24 -33.62
N SER E 75 -25.18 -13.04 -34.08
CA SER E 75 -25.39 -11.84 -33.29
C SER E 75 -26.68 -11.80 -32.47
N ASN E 76 -27.77 -12.35 -33.00
CA ASN E 76 -29.03 -12.30 -32.25
C ASN E 76 -29.60 -13.60 -31.71
N VAL E 77 -28.72 -14.50 -31.28
CA VAL E 77 -29.18 -15.78 -30.74
C VAL E 77 -30.05 -15.55 -29.52
N ASN E 78 -31.29 -16.04 -29.57
CA ASN E 78 -32.17 -15.84 -28.44
C ASN E 78 -32.69 -17.11 -27.74
N ASN E 79 -32.62 -18.26 -28.41
CA ASN E 79 -33.06 -19.52 -27.80
C ASN E 79 -31.83 -20.34 -27.40
N PHE E 80 -31.93 -21.18 -26.37
CA PHE E 80 -30.76 -21.95 -25.92
C PHE E 80 -30.98 -23.44 -25.70
N SER E 81 -31.90 -24.03 -26.45
CA SER E 81 -32.18 -25.44 -26.28
C SER E 81 -32.10 -26.24 -27.58
N ALA E 82 -31.48 -27.42 -27.50
CA ALA E 82 -31.38 -28.29 -28.66
C ALA E 82 -32.39 -29.40 -28.38
N PRO E 83 -33.57 -29.32 -29.01
CA PRO E 83 -34.64 -30.30 -28.83
C PRO E 83 -34.29 -31.76 -29.09
N TYR E 84 -34.93 -32.64 -28.33
CA TYR E 84 -34.75 -34.09 -28.42
C TYR E 84 -34.88 -34.61 -29.85
N ASP E 85 -36.02 -34.32 -30.47
CA ASP E 85 -36.29 -34.79 -31.81
C ASP E 85 -35.30 -34.31 -32.87
N LEU E 86 -34.39 -33.42 -32.47
CA LEU E 86 -33.38 -32.92 -33.38
C LEU E 86 -32.05 -33.63 -33.10
N VAL E 87 -31.66 -33.72 -31.83
CA VAL E 87 -30.39 -34.36 -31.51
C VAL E 87 -30.46 -35.86 -31.72
N LYS E 88 -31.67 -36.41 -31.74
CA LYS E 88 -31.80 -37.85 -31.96
C LYS E 88 -31.39 -38.20 -33.38
N THR E 89 -31.25 -37.19 -34.24
CA THR E 89 -30.85 -37.42 -35.62
C THR E 89 -29.39 -37.06 -35.83
N MET E 90 -28.78 -36.43 -34.83
CA MET E 90 -27.39 -36.03 -34.89
C MET E 90 -26.85 -35.68 -33.50
N ARG E 91 -26.12 -36.61 -32.88
CA ARG E 91 -25.58 -36.41 -31.55
C ARG E 91 -24.55 -35.29 -31.50
N ALA E 92 -23.97 -34.97 -32.65
CA ALA E 92 -22.97 -33.91 -32.68
C ALA E 92 -23.55 -32.59 -32.19
N SER E 93 -24.88 -32.50 -32.11
CA SER E 93 -25.50 -31.27 -31.62
C SER E 93 -25.22 -31.07 -30.12
N ILE E 94 -24.46 -31.99 -29.53
CA ILE E 94 -24.05 -31.87 -28.13
C ILE E 94 -23.05 -30.72 -28.07
N TRP E 95 -22.41 -30.44 -29.20
CA TRP E 95 -21.43 -29.36 -29.28
C TRP E 95 -22.02 -27.96 -29.12
N ALA E 96 -23.34 -27.87 -29.00
CA ALA E 96 -23.99 -26.58 -28.83
C ALA E 96 -23.95 -26.13 -27.37
N LEU E 97 -23.95 -27.11 -26.47
CA LEU E 97 -23.94 -26.85 -25.05
C LEU E 97 -22.78 -25.95 -24.61
N GLY E 98 -21.58 -26.32 -25.00
CA GLY E 98 -20.41 -25.53 -24.64
C GLY E 98 -20.50 -24.07 -24.99
N PRO E 99 -20.63 -23.72 -26.28
CA PRO E 99 -20.72 -22.31 -26.68
C PRO E 99 -21.88 -21.56 -26.02
N LEU E 100 -23.04 -22.19 -25.97
CA LEU E 100 -24.20 -21.55 -25.39
C LEU E 100 -23.97 -21.12 -23.94
N VAL E 101 -23.45 -22.02 -23.13
CA VAL E 101 -23.22 -21.70 -21.73
C VAL E 101 -22.07 -20.70 -21.56
N ALA E 102 -21.07 -20.82 -22.42
CA ALA E 102 -19.92 -19.94 -22.34
C ALA E 102 -20.24 -18.51 -22.72
N ARG E 103 -21.15 -18.34 -23.67
CA ARG E 103 -21.51 -17.01 -24.12
C ARG E 103 -22.78 -16.43 -23.51
N PHE E 104 -23.78 -17.27 -23.28
CA PHE E 104 -25.04 -16.79 -22.72
C PHE E 104 -25.32 -17.26 -21.29
N GLY E 105 -24.35 -17.95 -20.68
CA GLY E 105 -24.54 -18.41 -19.32
C GLY E 105 -25.52 -19.55 -19.13
N GLN E 106 -26.10 -20.05 -20.22
CA GLN E 106 -27.04 -21.15 -20.11
C GLN E 106 -27.15 -21.94 -21.40
N GLY E 107 -27.72 -23.12 -21.30
CA GLY E 107 -27.88 -23.95 -22.47
C GLY E 107 -28.37 -25.31 -22.07
N GLN E 108 -29.13 -25.94 -22.95
CA GLN E 108 -29.59 -27.28 -22.68
C GLN E 108 -29.69 -28.05 -23.99
N VAL E 109 -29.22 -29.29 -23.94
CA VAL E 109 -29.22 -30.16 -25.09
C VAL E 109 -29.78 -31.51 -24.65
N SER E 110 -30.58 -32.14 -25.49
CA SER E 110 -31.14 -33.43 -25.15
C SER E 110 -29.97 -34.41 -25.05
N LEU E 111 -29.91 -35.16 -23.94
CA LEU E 111 -28.85 -36.13 -23.75
C LEU E 111 -28.98 -37.20 -24.83
N PRO E 112 -28.00 -37.29 -25.73
CA PRO E 112 -28.10 -38.30 -26.78
C PRO E 112 -28.12 -39.74 -26.24
N GLY E 113 -28.90 -40.59 -26.89
CA GLY E 113 -28.99 -41.98 -26.48
C GLY E 113 -27.87 -42.76 -27.12
N GLY E 114 -28.05 -44.07 -27.27
CA GLY E 114 -26.99 -44.86 -27.88
C GLY E 114 -26.87 -44.66 -29.37
N CYS E 115 -25.71 -45.01 -29.92
CA CYS E 115 -25.46 -44.92 -31.36
C CYS E 115 -25.20 -46.35 -31.85
N ALA E 116 -25.24 -46.55 -33.15
CA ALA E 116 -25.03 -47.87 -33.70
C ALA E 116 -23.66 -48.48 -33.39
N ILE E 117 -22.60 -47.68 -33.54
CA ILE E 117 -21.25 -48.18 -33.32
C ILE E 117 -20.76 -48.16 -31.88
N GLY E 118 -21.60 -47.68 -30.96
CA GLY E 118 -21.21 -47.62 -29.55
C GLY E 118 -22.16 -46.76 -28.73
N ALA E 119 -22.13 -46.92 -27.40
CA ALA E 119 -22.99 -46.14 -26.52
C ALA E 119 -22.63 -44.66 -26.59
N ARG E 120 -21.35 -44.39 -26.86
CA ARG E 120 -20.85 -43.03 -27.01
C ARG E 120 -21.31 -42.05 -25.94
N PRO E 121 -20.98 -42.33 -24.67
CA PRO E 121 -21.38 -41.43 -23.58
C PRO E 121 -20.76 -40.08 -23.82
N VAL E 122 -21.25 -39.08 -23.11
CA VAL E 122 -20.77 -37.72 -23.30
C VAL E 122 -20.28 -37.13 -21.97
N ASP E 123 -19.93 -38.01 -21.05
CA ASP E 123 -19.47 -37.64 -19.71
C ASP E 123 -18.32 -36.66 -19.65
N LEU E 124 -17.29 -36.87 -20.49
CA LEU E 124 -16.14 -35.98 -20.49
C LEU E 124 -16.52 -34.57 -20.87
N HIS E 125 -17.53 -34.42 -21.73
CA HIS E 125 -18.01 -33.10 -22.13
C HIS E 125 -18.51 -32.37 -20.89
N ILE E 126 -19.42 -33.03 -20.17
CA ILE E 126 -20.00 -32.49 -18.95
C ILE E 126 -18.94 -32.25 -17.90
N PHE E 127 -18.07 -33.22 -17.70
CA PHE E 127 -16.98 -33.11 -16.72
C PHE E 127 -16.18 -31.85 -17.01
N GLY E 128 -15.91 -31.61 -18.29
CA GLY E 128 -15.12 -30.45 -18.68
C GLY E 128 -15.81 -29.14 -18.40
N LEU E 129 -17.06 -29.03 -18.79
CA LEU E 129 -17.80 -27.80 -18.55
C LEU E 129 -17.89 -27.54 -17.04
N GLU E 130 -18.14 -28.60 -16.27
CA GLU E 130 -18.23 -28.47 -14.82
C GLU E 130 -16.93 -27.91 -14.23
N LYS E 131 -15.80 -28.39 -14.74
CA LYS E 131 -14.49 -27.91 -14.28
C LYS E 131 -14.30 -26.43 -14.63
N LEU E 132 -15.01 -25.95 -15.64
CA LEU E 132 -14.92 -24.55 -16.05
C LEU E 132 -15.90 -23.71 -15.26
N GLY E 133 -16.64 -24.36 -14.34
CA GLY E 133 -17.59 -23.64 -13.52
C GLY E 133 -19.07 -23.80 -13.80
N ALA E 134 -19.42 -24.49 -14.88
CA ALA E 134 -20.82 -24.68 -15.19
C ALA E 134 -21.47 -25.67 -14.23
N GLU E 135 -22.75 -25.46 -13.97
CA GLU E 135 -23.48 -26.38 -13.12
C GLU E 135 -24.38 -27.14 -14.07
N ILE E 136 -24.22 -28.45 -14.13
CA ILE E 136 -25.02 -29.25 -15.04
C ILE E 136 -25.94 -30.17 -14.25
N LYS E 137 -27.18 -30.26 -14.71
CA LYS E 137 -28.16 -31.11 -14.05
C LYS E 137 -28.95 -31.78 -15.15
N LEU E 138 -29.29 -33.05 -14.98
CA LEU E 138 -30.07 -33.76 -15.99
C LEU E 138 -31.52 -33.79 -15.59
N GLU E 139 -32.41 -33.39 -16.49
CA GLU E 139 -33.84 -33.48 -16.20
C GLU E 139 -34.67 -33.57 -17.47
N GLU E 140 -35.57 -34.54 -17.48
CA GLU E 140 -36.46 -34.81 -18.62
C GLU E 140 -35.64 -35.17 -19.84
N GLY E 141 -34.49 -35.81 -19.65
CA GLY E 141 -33.65 -36.19 -20.77
C GLY E 141 -32.81 -35.05 -21.33
N TYR E 142 -32.77 -33.93 -20.61
CA TYR E 142 -31.99 -32.76 -21.05
C TYR E 142 -30.83 -32.43 -20.13
N VAL E 143 -29.64 -32.24 -20.71
CA VAL E 143 -28.49 -31.89 -19.90
C VAL E 143 -28.53 -30.37 -19.86
N LYS E 144 -29.02 -29.84 -18.76
CA LYS E 144 -29.14 -28.39 -18.61
C LYS E 144 -27.94 -27.82 -17.88
N ALA E 145 -27.27 -26.87 -18.53
CA ALA E 145 -26.09 -26.25 -17.94
C ALA E 145 -26.30 -24.76 -17.74
N SER E 146 -25.68 -24.22 -16.70
CA SER E 146 -25.79 -22.79 -16.40
C SER E 146 -24.57 -22.32 -15.60
N VAL E 147 -24.36 -21.01 -15.60
CA VAL E 147 -23.24 -20.42 -14.88
C VAL E 147 -23.52 -18.96 -14.62
N ASN E 148 -23.18 -18.50 -13.41
CA ASN E 148 -23.36 -17.10 -13.02
C ASN E 148 -22.18 -16.29 -13.50
N GLY E 149 -22.38 -15.55 -14.59
CA GLY E 149 -21.31 -14.76 -15.14
C GLY E 149 -20.51 -15.62 -16.09
N ARG E 150 -19.23 -15.28 -16.25
CA ARG E 150 -18.36 -16.03 -17.14
C ARG E 150 -17.85 -17.31 -16.47
N LEU E 151 -17.37 -18.24 -17.30
CA LEU E 151 -16.79 -19.50 -16.82
C LEU E 151 -15.37 -19.14 -16.36
N LYS E 152 -14.75 -19.98 -15.53
CA LYS E 152 -13.41 -19.68 -15.06
C LYS E 152 -12.43 -20.70 -15.59
N GLY E 153 -11.30 -20.19 -16.10
CA GLY E 153 -10.27 -21.06 -16.63
C GLY E 153 -9.89 -22.09 -15.58
N ALA E 154 -9.49 -23.27 -16.03
CA ALA E 154 -9.10 -24.34 -15.12
C ALA E 154 -8.10 -25.28 -15.78
N HIS E 155 -7.40 -26.06 -14.96
CA HIS E 155 -6.44 -27.03 -15.46
C HIS E 155 -7.24 -28.33 -15.49
N ILE E 156 -7.58 -28.79 -16.69
CA ILE E 156 -8.36 -30.00 -16.82
C ILE E 156 -7.58 -31.14 -17.44
N VAL E 157 -7.51 -32.26 -16.73
CA VAL E 157 -6.81 -33.42 -17.24
C VAL E 157 -7.82 -34.44 -17.72
N MET E 158 -7.77 -34.79 -19.00
CA MET E 158 -8.68 -35.77 -19.55
C MET E 158 -8.09 -37.09 -19.11
N ASP E 159 -8.94 -38.07 -18.81
CA ASP E 159 -8.41 -39.36 -18.40
C ASP E 159 -8.59 -40.34 -19.55
N LYS E 160 -9.18 -39.82 -20.62
CA LYS E 160 -9.46 -40.58 -21.85
C LYS E 160 -9.39 -39.56 -22.99
N VAL E 161 -8.86 -39.98 -24.14
CA VAL E 161 -8.74 -39.06 -25.27
C VAL E 161 -10.04 -39.00 -26.02
N SER E 162 -10.60 -37.79 -26.08
CA SER E 162 -11.86 -37.56 -26.77
C SER E 162 -11.83 -36.34 -27.68
N VAL E 163 -12.12 -36.57 -28.96
CA VAL E 163 -12.16 -35.49 -29.94
C VAL E 163 -13.28 -34.53 -29.55
N GLY E 164 -14.48 -35.08 -29.34
CA GLY E 164 -15.64 -34.27 -29.00
C GLY E 164 -15.47 -33.46 -27.73
N ALA E 165 -15.04 -34.12 -26.66
CA ALA E 165 -14.87 -33.43 -25.38
C ALA E 165 -13.80 -32.34 -25.50
N THR E 166 -12.72 -32.61 -26.24
CA THR E 166 -11.66 -31.61 -26.41
C THR E 166 -12.25 -30.35 -27.07
N VAL E 167 -13.11 -30.55 -28.07
CA VAL E 167 -13.74 -29.44 -28.78
C VAL E 167 -14.64 -28.64 -27.85
N THR E 168 -15.52 -29.33 -27.13
CA THR E 168 -16.44 -28.66 -26.22
C THR E 168 -15.69 -27.77 -25.23
N ILE E 169 -14.70 -28.35 -24.56
CA ILE E 169 -13.93 -27.63 -23.56
C ILE E 169 -13.14 -26.48 -24.15
N MET E 170 -12.40 -26.75 -25.22
CA MET E 170 -11.61 -25.71 -25.87
C MET E 170 -12.50 -24.55 -26.33
N SER E 171 -13.65 -24.86 -26.90
CA SER E 171 -14.56 -23.83 -27.37
C SER E 171 -15.08 -22.96 -26.22
N ALA E 172 -15.60 -23.60 -25.18
CA ALA E 172 -16.15 -22.86 -24.05
C ALA E 172 -15.10 -22.01 -23.34
N ALA E 173 -13.87 -22.51 -23.29
CA ALA E 173 -12.78 -21.80 -22.63
C ALA E 173 -12.41 -20.45 -23.26
N THR E 174 -12.67 -20.30 -24.56
CA THR E 174 -12.32 -19.05 -25.24
C THR E 174 -12.97 -17.82 -24.62
N LEU E 175 -14.15 -18.00 -24.03
CA LEU E 175 -14.86 -16.88 -23.40
C LEU E 175 -14.80 -16.97 -21.89
N ALA E 176 -13.92 -17.82 -21.38
CA ALA E 176 -13.79 -17.98 -19.95
C ALA E 176 -12.92 -16.88 -19.36
N GLU E 177 -13.00 -16.74 -18.04
CA GLU E 177 -12.23 -15.75 -17.31
C GLU E 177 -10.97 -16.44 -16.85
N GLY E 178 -9.84 -16.09 -17.44
CA GLY E 178 -8.59 -16.73 -17.06
C GLY E 178 -8.04 -17.69 -18.09
N THR E 179 -7.10 -18.53 -17.66
CA THR E 179 -6.47 -19.48 -18.55
C THR E 179 -6.89 -20.92 -18.29
N THR E 180 -7.16 -21.64 -19.37
CA THR E 180 -7.53 -23.05 -19.30
C THR E 180 -6.43 -23.87 -19.93
N ILE E 181 -6.19 -25.05 -19.38
CA ILE E 181 -5.18 -25.95 -19.92
C ILE E 181 -5.80 -27.32 -20.01
N ILE E 182 -5.81 -27.88 -21.21
CA ILE E 182 -6.38 -29.20 -21.41
C ILE E 182 -5.25 -30.24 -21.54
N GLU E 183 -5.14 -31.11 -20.54
CA GLU E 183 -4.14 -32.16 -20.53
C GLU E 183 -4.70 -33.39 -21.22
N ASN E 184 -3.85 -34.09 -21.96
CA ASN E 184 -4.24 -35.29 -22.69
C ASN E 184 -5.36 -34.98 -23.69
N ALA E 185 -5.23 -33.83 -24.35
CA ALA E 185 -6.20 -33.39 -25.36
C ALA E 185 -6.06 -34.21 -26.63
N ALA E 186 -7.14 -34.28 -27.41
CA ALA E 186 -7.10 -35.02 -28.66
C ALA E 186 -6.25 -34.21 -29.64
N ARG E 187 -5.49 -34.90 -30.49
CA ARG E 187 -4.63 -34.20 -31.45
C ARG E 187 -5.11 -34.30 -32.90
N GLU E 188 -6.36 -34.72 -33.10
CA GLU E 188 -6.91 -34.84 -34.45
C GLU E 188 -6.83 -33.52 -35.23
N PRO E 189 -6.53 -33.61 -36.52
CA PRO E 189 -6.42 -32.44 -37.42
C PRO E 189 -7.61 -31.51 -37.32
N GLU E 190 -8.79 -32.08 -37.08
CA GLU E 190 -10.02 -31.30 -36.93
C GLU E 190 -9.93 -30.39 -35.70
N ILE E 191 -9.25 -30.86 -34.66
CA ILE E 191 -9.08 -30.09 -33.44
C ILE E 191 -8.23 -28.87 -33.78
N VAL E 192 -7.17 -29.10 -34.53
CA VAL E 192 -6.29 -28.03 -34.97
C VAL E 192 -7.10 -27.01 -35.78
N ASP E 193 -7.92 -27.52 -36.71
CA ASP E 193 -8.75 -26.65 -37.55
C ASP E 193 -9.76 -25.84 -36.74
N THR E 194 -10.40 -26.47 -35.77
CA THR E 194 -11.37 -25.76 -34.95
C THR E 194 -10.64 -24.70 -34.13
N ALA E 195 -9.46 -25.05 -33.65
CA ALA E 195 -8.68 -24.11 -32.85
C ALA E 195 -8.35 -22.86 -33.67
N ASN E 196 -7.84 -23.09 -34.87
CA ASN E 196 -7.47 -21.97 -35.73
C ASN E 196 -8.68 -21.12 -36.11
N PHE E 197 -9.83 -21.76 -36.21
CA PHE E 197 -11.05 -21.01 -36.53
C PHE E 197 -11.34 -20.05 -35.37
N LEU E 198 -11.30 -20.58 -34.15
CA LEU E 198 -11.54 -19.80 -32.96
C LEU E 198 -10.54 -18.64 -32.87
N VAL E 199 -9.29 -18.93 -33.17
CA VAL E 199 -8.25 -17.91 -33.14
C VAL E 199 -8.58 -16.81 -34.15
N ALA E 200 -9.15 -17.21 -35.28
CA ALA E 200 -9.52 -16.24 -36.30
C ALA E 200 -10.62 -15.30 -35.80
N LEU E 201 -11.46 -15.80 -34.90
CA LEU E 201 -12.53 -14.98 -34.34
C LEU E 201 -12.02 -14.10 -33.22
N GLY E 202 -10.74 -14.25 -32.88
CA GLY E 202 -10.15 -13.45 -31.82
C GLY E 202 -9.72 -14.22 -30.59
N ALA E 203 -9.98 -15.53 -30.57
CA ALA E 203 -9.62 -16.34 -29.42
C ALA E 203 -8.10 -16.48 -29.31
N LYS E 204 -7.62 -16.79 -28.11
CA LYS E 204 -6.19 -16.97 -27.87
C LYS E 204 -5.96 -18.43 -27.50
N ILE E 205 -5.45 -19.21 -28.45
CA ILE E 205 -5.21 -20.62 -28.21
C ILE E 205 -3.84 -21.06 -28.73
N SER E 206 -3.21 -22.00 -28.03
CA SER E 206 -1.92 -22.53 -28.44
C SER E 206 -1.84 -23.98 -28.01
N GLY E 207 -1.03 -24.77 -28.70
CA GLY E 207 -0.90 -26.16 -28.35
C GLY E 207 -1.79 -27.12 -29.13
N GLN E 208 -2.76 -26.59 -29.88
CA GLN E 208 -3.64 -27.43 -30.66
C GLN E 208 -2.79 -28.35 -31.52
N GLY E 209 -3.12 -29.63 -31.52
CA GLY E 209 -2.33 -30.59 -32.28
C GLY E 209 -1.43 -31.37 -31.34
N THR E 210 -1.25 -30.88 -30.11
CA THR E 210 -0.41 -31.55 -29.11
C THR E 210 -1.33 -32.05 -28.01
N ASP E 211 -0.77 -32.75 -27.03
CA ASP E 211 -1.62 -33.26 -25.95
C ASP E 211 -1.89 -32.28 -24.82
N ARG E 212 -1.52 -31.02 -25.05
CA ARG E 212 -1.76 -29.97 -24.07
C ARG E 212 -2.19 -28.69 -24.79
N ILE E 213 -3.44 -28.30 -24.61
CA ILE E 213 -3.98 -27.11 -25.25
C ILE E 213 -4.18 -26.02 -24.20
N THR E 214 -3.66 -24.84 -24.49
CA THR E 214 -3.78 -23.72 -23.58
C THR E 214 -4.69 -22.64 -24.18
N ILE E 215 -5.70 -22.24 -23.42
CA ILE E 215 -6.63 -21.23 -23.88
C ILE E 215 -6.71 -20.08 -22.87
N GLU E 216 -6.57 -18.85 -23.35
CA GLU E 216 -6.66 -17.69 -22.47
C GLU E 216 -7.91 -16.96 -22.88
N GLY E 217 -8.93 -17.03 -22.03
CA GLY E 217 -10.18 -16.38 -22.34
C GLY E 217 -10.12 -14.92 -22.70
N VAL E 218 -11.12 -14.48 -23.46
CA VAL E 218 -11.24 -13.09 -23.89
C VAL E 218 -12.69 -12.70 -23.66
N GLU E 219 -12.98 -11.40 -23.70
CA GLU E 219 -14.33 -10.94 -23.45
C GLU E 219 -15.33 -11.38 -24.49
N ARG E 220 -14.95 -11.29 -25.76
CA ARG E 220 -15.84 -11.68 -26.84
C ARG E 220 -15.11 -12.08 -28.10
N LEU E 221 -15.83 -12.77 -28.98
CA LEU E 221 -15.28 -13.20 -30.25
C LEU E 221 -16.01 -12.44 -31.35
N GLY E 222 -15.26 -12.04 -32.39
CA GLY E 222 -15.86 -11.29 -33.49
C GLY E 222 -16.40 -12.15 -34.60
N GLY E 223 -15.90 -11.94 -35.81
CA GLY E 223 -16.34 -12.70 -36.97
C GLY E 223 -15.17 -12.93 -37.89
N GLY E 224 -15.46 -13.30 -39.14
CA GLY E 224 -14.38 -13.53 -40.08
C GLY E 224 -14.66 -14.58 -41.13
N VAL E 225 -13.61 -15.00 -41.83
CA VAL E 225 -13.71 -16.01 -42.88
C VAL E 225 -12.69 -17.12 -42.65
N TYR E 226 -13.17 -18.37 -42.69
CA TYR E 226 -12.29 -19.52 -42.48
C TYR E 226 -12.61 -20.66 -43.43
N ARG E 227 -11.58 -21.25 -44.03
CA ARG E 227 -11.76 -22.34 -44.96
C ARG E 227 -11.46 -23.70 -44.30
N VAL E 228 -12.45 -24.59 -44.28
CA VAL E 228 -12.30 -25.90 -43.67
C VAL E 228 -11.24 -26.74 -44.39
N LEU E 229 -10.46 -27.51 -43.65
CA LEU E 229 -9.43 -28.35 -44.26
C LEU E 229 -10.05 -29.56 -45.00
N PRO E 230 -9.26 -30.22 -45.86
CA PRO E 230 -9.74 -31.38 -46.62
C PRO E 230 -10.16 -32.52 -45.71
N ASP E 231 -11.16 -33.28 -46.15
CA ASP E 231 -11.68 -34.41 -45.38
C ASP E 231 -10.73 -35.60 -45.58
N ARG E 232 -9.93 -35.89 -44.57
CA ARG E 232 -8.97 -37.00 -44.67
C ARG E 232 -9.65 -38.37 -44.80
N ILE E 233 -10.84 -38.53 -44.26
CA ILE E 233 -11.51 -39.82 -44.35
C ILE E 233 -12.05 -40.04 -45.76
N GLU E 234 -12.54 -38.98 -46.39
CA GLU E 234 -13.05 -39.11 -47.75
C GLU E 234 -11.84 -39.51 -48.60
N THR E 235 -10.73 -38.82 -48.37
CA THR E 235 -9.49 -39.09 -49.10
C THR E 235 -9.10 -40.55 -48.93
N GLY E 236 -9.04 -40.99 -47.68
CA GLY E 236 -8.68 -42.37 -47.42
C GLY E 236 -9.62 -43.35 -48.08
N THR E 237 -10.91 -43.00 -48.12
CA THR E 237 -11.90 -43.87 -48.73
C THR E 237 -11.63 -44.06 -50.23
N PHE E 238 -11.32 -42.98 -50.93
CA PHE E 238 -11.05 -43.07 -52.37
C PHE E 238 -9.70 -43.73 -52.66
N LEU E 239 -8.72 -43.54 -51.79
CA LEU E 239 -7.44 -44.19 -52.00
C LEU E 239 -7.67 -45.70 -51.87
N VAL E 240 -8.52 -46.09 -50.92
CA VAL E 240 -8.81 -47.50 -50.73
C VAL E 240 -9.59 -48.04 -51.95
N ALA E 241 -10.45 -47.20 -52.51
CA ALA E 241 -11.24 -47.57 -53.68
C ALA E 241 -10.30 -48.05 -54.78
N ALA E 242 -9.21 -47.32 -54.99
CA ALA E 242 -8.24 -47.68 -56.02
C ALA E 242 -7.45 -48.91 -55.60
N ALA E 243 -6.95 -48.90 -54.37
CA ALA E 243 -6.16 -50.01 -53.83
C ALA E 243 -6.83 -51.39 -53.93
N ILE E 244 -8.16 -51.44 -53.79
CA ILE E 244 -8.85 -52.72 -53.86
C ILE E 244 -9.34 -53.11 -55.25
N SER E 245 -9.23 -52.19 -56.21
CA SER E 245 -9.70 -52.46 -57.56
C SER E 245 -8.56 -52.47 -58.56
N GLY E 246 -7.33 -52.55 -58.07
CA GLY E 246 -6.17 -52.57 -58.94
C GLY E 246 -6.00 -51.29 -59.77
N GLY E 247 -6.75 -50.26 -59.41
CA GLY E 247 -6.69 -49.01 -60.13
C GLY E 247 -5.63 -48.02 -59.68
N LYS E 248 -5.77 -46.81 -60.19
CA LYS E 248 -4.85 -45.74 -59.90
C LYS E 248 -5.72 -44.51 -59.74
N ILE E 249 -5.35 -43.64 -58.80
CA ILE E 249 -6.14 -42.45 -58.59
C ILE E 249 -5.32 -41.30 -58.02
N VAL E 250 -5.81 -40.09 -58.26
CA VAL E 250 -5.18 -38.90 -57.75
C VAL E 250 -6.26 -38.10 -57.06
N CYS E 251 -6.03 -37.79 -55.79
CA CYS E 251 -6.96 -37.01 -55.00
C CYS E 251 -6.48 -35.57 -54.97
N ARG E 252 -7.32 -34.66 -55.47
CA ARG E 252 -6.97 -33.24 -55.50
C ARG E 252 -7.56 -32.57 -54.26
N ASN E 253 -7.00 -31.43 -53.89
CA ASN E 253 -7.47 -30.68 -52.72
C ASN E 253 -7.29 -31.53 -51.46
N ALA E 254 -6.20 -32.28 -51.41
CA ALA E 254 -5.90 -33.15 -50.29
C ALA E 254 -4.86 -32.53 -49.36
N GLN E 255 -4.71 -33.13 -48.18
CA GLN E 255 -3.73 -32.67 -47.20
C GLN E 255 -3.02 -33.91 -46.66
N PRO E 256 -1.98 -34.36 -47.38
CA PRO E 256 -1.16 -35.52 -47.06
C PRO E 256 -0.71 -35.74 -45.61
N ASP E 257 -0.28 -34.68 -44.93
CA ASP E 257 0.20 -34.84 -43.56
C ASP E 257 -0.84 -35.33 -42.56
N THR E 258 -2.11 -35.38 -42.96
CA THR E 258 -3.17 -35.84 -42.07
C THR E 258 -3.43 -37.34 -42.27
N LEU E 259 -2.64 -37.97 -43.14
CA LEU E 259 -2.83 -39.38 -43.44
C LEU E 259 -1.60 -40.27 -43.38
N ASP E 260 -0.60 -39.89 -42.59
CA ASP E 260 0.61 -40.71 -42.50
C ASP E 260 0.33 -42.18 -42.22
N ALA E 261 -0.48 -42.44 -41.21
CA ALA E 261 -0.81 -43.82 -40.84
C ALA E 261 -1.48 -44.58 -41.98
N VAL E 262 -2.51 -43.98 -42.58
CA VAL E 262 -3.23 -44.61 -43.69
C VAL E 262 -2.33 -44.88 -44.88
N LEU E 263 -1.57 -43.88 -45.30
CA LEU E 263 -0.65 -44.03 -46.43
C LEU E 263 0.40 -45.12 -46.16
N ALA E 264 0.88 -45.19 -44.93
CA ALA E 264 1.88 -46.19 -44.55
C ALA E 264 1.26 -47.57 -44.68
N LYS E 265 0.01 -47.70 -44.25
CA LYS E 265 -0.69 -48.98 -44.32
C LYS E 265 -1.01 -49.37 -45.75
N LEU E 266 -1.33 -48.39 -46.59
CA LEU E 266 -1.61 -48.68 -47.98
C LEU E 266 -0.33 -49.16 -48.68
N ARG E 267 0.82 -48.59 -48.30
CA ARG E 267 2.08 -49.02 -48.90
C ARG E 267 2.37 -50.47 -48.50
N GLU E 268 2.06 -50.80 -47.24
CA GLU E 268 2.26 -52.16 -46.74
C GLU E 268 1.38 -53.12 -47.53
N ALA E 269 0.25 -52.63 -48.04
CA ALA E 269 -0.68 -53.44 -48.80
C ALA E 269 -0.19 -53.56 -50.24
N GLY E 270 0.85 -52.80 -50.56
CA GLY E 270 1.43 -52.86 -51.89
C GLY E 270 1.15 -51.69 -52.82
N ALA E 271 0.60 -50.60 -52.31
CA ALA E 271 0.29 -49.45 -53.15
C ALA E 271 1.52 -48.57 -53.43
N ASP E 272 1.56 -48.02 -54.63
CA ASP E 272 2.63 -47.12 -55.04
C ASP E 272 2.05 -45.73 -54.82
N ILE E 273 2.49 -45.09 -53.74
CA ILE E 273 1.96 -43.78 -53.39
C ILE E 273 2.95 -42.63 -53.49
N GLU E 274 2.49 -41.51 -54.03
CA GLU E 274 3.30 -40.31 -54.12
C GLU E 274 2.42 -39.18 -53.63
N THR E 275 3.02 -38.15 -53.05
CA THR E 275 2.26 -37.02 -52.54
C THR E 275 2.83 -35.69 -52.97
N GLY E 276 1.98 -34.68 -52.98
CA GLY E 276 2.39 -33.34 -53.34
C GLY E 276 1.96 -32.39 -52.24
N GLU E 277 1.94 -31.11 -52.55
CA GLU E 277 1.55 -30.11 -51.58
C GLU E 277 0.08 -30.27 -51.22
N ASP E 278 -0.76 -30.55 -52.21
CA ASP E 278 -2.18 -30.69 -51.98
C ASP E 278 -2.81 -31.83 -52.77
N TRP E 279 -2.06 -32.90 -52.98
CA TRP E 279 -2.60 -34.03 -53.71
C TRP E 279 -1.88 -35.32 -53.34
N ILE E 280 -2.56 -36.43 -53.55
CA ILE E 280 -2.04 -37.75 -53.25
C ILE E 280 -2.40 -38.66 -54.42
N SER E 281 -1.45 -39.48 -54.85
CA SER E 281 -1.73 -40.39 -55.95
C SER E 281 -1.41 -41.80 -55.48
N LEU E 282 -2.24 -42.74 -55.90
CA LEU E 282 -2.04 -44.14 -55.54
C LEU E 282 -2.23 -45.00 -56.79
N ASP E 283 -1.29 -45.88 -57.02
CA ASP E 283 -1.36 -46.76 -58.17
C ASP E 283 -1.11 -48.18 -57.68
N MET E 284 -2.04 -49.09 -57.97
CA MET E 284 -1.87 -50.48 -57.56
C MET E 284 -1.17 -51.28 -58.65
N HIS E 285 -1.07 -50.68 -59.84
CA HIS E 285 -0.44 -51.32 -60.97
C HIS E 285 -1.14 -52.65 -61.22
N GLY E 286 -2.47 -52.63 -61.16
CA GLY E 286 -3.26 -53.82 -61.40
C GLY E 286 -3.06 -54.96 -60.40
N LYS E 287 -2.28 -54.74 -59.36
CA LYS E 287 -2.02 -55.77 -58.37
C LYS E 287 -3.11 -55.87 -57.30
N ARG E 288 -3.33 -57.08 -56.82
CA ARG E 288 -4.28 -57.36 -55.76
C ARG E 288 -3.55 -56.91 -54.48
N PRO E 289 -4.27 -56.33 -53.52
CA PRO E 289 -3.64 -55.88 -52.28
C PRO E 289 -3.12 -57.00 -51.38
N LYS E 290 -2.10 -56.69 -50.58
CA LYS E 290 -1.52 -57.64 -49.63
C LYS E 290 -2.19 -57.38 -48.29
N ALA E 291 -2.58 -58.44 -47.59
CA ALA E 291 -3.23 -58.28 -46.29
C ALA E 291 -2.36 -57.48 -45.32
N VAL E 292 -2.99 -56.64 -44.52
CA VAL E 292 -2.26 -55.83 -43.54
C VAL E 292 -2.89 -55.96 -42.15
N THR E 293 -2.14 -55.56 -41.13
CA THR E 293 -2.60 -55.61 -39.75
C THR E 293 -2.80 -54.19 -39.26
N VAL E 294 -3.99 -53.93 -38.73
CA VAL E 294 -4.33 -52.59 -38.28
C VAL E 294 -4.81 -52.56 -36.85
N ARG E 295 -4.58 -51.43 -36.19
CA ARG E 295 -5.01 -51.23 -34.81
C ARG E 295 -5.36 -49.76 -34.65
N THR E 296 -6.65 -49.47 -34.67
CA THR E 296 -7.14 -48.09 -34.56
C THR E 296 -6.73 -47.47 -33.23
N ALA E 297 -6.57 -46.15 -33.24
CA ALA E 297 -6.19 -45.42 -32.04
C ALA E 297 -6.27 -43.93 -32.33
N PRO E 298 -6.18 -43.08 -31.30
CA PRO E 298 -6.26 -41.64 -31.53
C PRO E 298 -5.21 -41.18 -32.52
N HIS E 299 -5.47 -40.08 -33.20
CA HIS E 299 -4.54 -39.50 -34.17
C HIS E 299 -3.21 -39.28 -33.45
N PRO E 300 -2.07 -39.38 -34.14
CA PRO E 300 -1.84 -39.68 -35.57
C PRO E 300 -1.83 -41.13 -35.95
N ALA E 301 -2.32 -42.00 -35.08
CA ALA E 301 -2.36 -43.43 -35.41
C ALA E 301 -3.45 -43.71 -36.46
N PHE E 302 -3.63 -44.99 -36.81
CA PHE E 302 -4.64 -45.36 -37.78
C PHE E 302 -6.02 -44.96 -37.23
N PRO E 303 -6.79 -44.15 -37.98
CA PRO E 303 -8.13 -43.66 -37.61
C PRO E 303 -9.26 -44.69 -37.70
N THR E 304 -10.08 -44.74 -36.66
CA THR E 304 -11.20 -45.68 -36.64
C THR E 304 -12.17 -45.43 -37.80
N ALA E 305 -12.24 -44.20 -38.27
CA ALA E 305 -13.13 -43.85 -39.40
C ALA E 305 -12.71 -44.48 -40.74
N MET E 306 -11.54 -45.13 -40.76
CA MET E 306 -11.05 -45.79 -41.99
C MET E 306 -11.02 -47.31 -41.83
N GLN E 307 -11.36 -47.78 -40.62
CA GLN E 307 -11.37 -49.19 -40.27
C GLN E 307 -12.28 -50.08 -41.13
N ALA E 308 -13.53 -49.66 -41.34
CA ALA E 308 -14.45 -50.44 -42.15
C ALA E 308 -13.88 -50.59 -43.55
N GLN E 309 -13.38 -49.49 -44.10
CA GLN E 309 -12.82 -49.52 -45.44
C GLN E 309 -11.63 -50.48 -45.53
N PHE E 310 -10.78 -50.47 -44.51
CA PHE E 310 -9.64 -51.36 -44.51
C PHE E 310 -10.05 -52.80 -44.24
N THR E 311 -11.20 -52.99 -43.60
CA THR E 311 -11.67 -54.36 -43.37
C THR E 311 -11.92 -54.95 -44.77
N LEU E 312 -12.57 -54.16 -45.61
CA LEU E 312 -12.87 -54.58 -46.99
C LEU E 312 -11.57 -54.94 -47.71
N LEU E 313 -10.63 -54.00 -47.70
CA LEU E 313 -9.35 -54.24 -48.34
C LEU E 313 -8.77 -55.59 -47.94
N ASN E 314 -8.73 -55.87 -46.64
CA ASN E 314 -8.20 -57.15 -46.18
C ASN E 314 -9.04 -58.31 -46.68
N LEU E 315 -10.36 -58.15 -46.71
CA LEU E 315 -11.23 -59.24 -47.14
C LEU E 315 -11.07 -59.68 -48.60
N VAL E 316 -10.41 -58.85 -49.41
CA VAL E 316 -10.16 -59.19 -50.80
C VAL E 316 -8.66 -59.14 -51.06
N ALA E 317 -7.88 -59.19 -49.99
CA ALA E 317 -6.42 -59.14 -50.11
C ALA E 317 -5.80 -60.52 -50.06
N GLU E 318 -4.51 -60.58 -50.36
CA GLU E 318 -3.76 -61.82 -50.35
C GLU E 318 -3.24 -62.04 -48.93
N GLY E 319 -3.71 -63.10 -48.27
CA GLY E 319 -3.24 -63.37 -46.93
C GLY E 319 -4.24 -63.18 -45.80
N THR E 320 -3.76 -63.32 -44.56
CA THR E 320 -4.61 -63.17 -43.40
C THR E 320 -4.34 -61.82 -42.74
N GLY E 321 -5.33 -60.94 -42.79
CA GLY E 321 -5.21 -59.61 -42.20
C GLY E 321 -5.96 -59.53 -40.89
N VAL E 322 -5.41 -58.79 -39.93
CA VAL E 322 -6.05 -58.66 -38.63
C VAL E 322 -6.26 -57.20 -38.29
N ILE E 323 -7.50 -56.87 -37.95
CA ILE E 323 -7.85 -55.51 -37.59
C ILE E 323 -8.40 -55.43 -36.17
N THR E 324 -7.80 -54.58 -35.36
CA THR E 324 -8.24 -54.41 -33.99
C THR E 324 -8.78 -52.99 -33.87
N GLU E 325 -10.00 -52.87 -33.37
CA GLU E 325 -10.68 -51.59 -33.18
C GLU E 325 -10.66 -51.27 -31.69
N THR E 326 -10.06 -50.15 -31.31
CA THR E 326 -9.97 -49.76 -29.89
C THR E 326 -10.75 -48.51 -29.51
N ILE E 327 -11.43 -47.88 -30.46
CA ILE E 327 -12.20 -46.65 -30.19
C ILE E 327 -13.70 -46.88 -29.94
N PHE E 328 -14.35 -47.68 -30.79
CA PHE E 328 -15.77 -47.96 -30.62
C PHE E 328 -16.04 -49.46 -30.44
N GLU E 329 -16.88 -49.78 -29.46
CA GLU E 329 -17.18 -51.17 -29.11
C GLU E 329 -18.02 -51.98 -30.09
N ASN E 330 -18.67 -51.30 -31.03
CA ASN E 330 -19.52 -52.00 -31.98
C ASN E 330 -19.34 -51.51 -33.43
N ARG E 331 -18.11 -51.53 -33.94
CA ARG E 331 -17.88 -51.06 -35.30
C ARG E 331 -17.44 -52.14 -36.27
N PHE E 332 -18.11 -53.29 -36.19
CA PHE E 332 -17.80 -54.41 -37.08
C PHE E 332 -19.08 -54.85 -37.77
N MET E 333 -20.07 -53.97 -37.78
CA MET E 333 -21.35 -54.28 -38.39
C MET E 333 -21.31 -54.54 -39.88
N HIS E 334 -20.24 -54.09 -40.54
CA HIS E 334 -20.12 -54.30 -41.98
C HIS E 334 -19.67 -55.73 -42.29
N VAL E 335 -18.97 -56.35 -41.35
CA VAL E 335 -18.47 -57.71 -41.53
C VAL E 335 -19.53 -58.74 -41.91
N PRO E 336 -20.63 -58.83 -41.15
CA PRO E 336 -21.64 -59.83 -41.51
C PRO E 336 -22.19 -59.59 -42.91
N GLU E 337 -22.26 -58.32 -43.31
CA GLU E 337 -22.79 -57.99 -44.62
C GLU E 337 -21.82 -58.41 -45.72
N LEU E 338 -20.52 -58.15 -45.52
CA LEU E 338 -19.53 -58.54 -46.51
C LEU E 338 -19.47 -60.05 -46.62
N ILE E 339 -19.72 -60.75 -45.52
CA ILE E 339 -19.71 -62.20 -45.56
C ILE E 339 -20.80 -62.69 -46.51
N ARG E 340 -21.90 -61.94 -46.61
CA ARG E 340 -22.98 -62.32 -47.52
C ARG E 340 -22.46 -62.22 -48.96
N MET E 341 -21.46 -61.37 -49.17
CA MET E 341 -20.87 -61.19 -50.49
C MET E 341 -19.71 -62.16 -50.73
N GLY E 342 -19.56 -63.14 -49.85
CA GLY E 342 -18.50 -64.11 -50.02
C GLY E 342 -17.19 -63.93 -49.24
N ALA E 343 -17.08 -62.89 -48.42
CA ALA E 343 -15.87 -62.68 -47.62
C ALA E 343 -15.79 -63.71 -46.49
N HIS E 344 -14.57 -63.99 -46.02
CA HIS E 344 -14.38 -64.94 -44.92
C HIS E 344 -13.66 -64.22 -43.79
N ALA E 345 -14.29 -64.21 -42.61
CA ALA E 345 -13.74 -63.54 -41.45
C ALA E 345 -14.41 -64.00 -40.17
N GLU E 346 -13.70 -63.85 -39.07
CA GLU E 346 -14.23 -64.20 -37.76
C GLU E 346 -13.98 -63.01 -36.85
N ILE E 347 -14.96 -62.74 -36.00
CA ILE E 347 -14.84 -61.65 -35.05
C ILE E 347 -14.55 -62.24 -33.67
N GLU E 348 -13.48 -61.78 -33.04
CA GLU E 348 -13.14 -62.23 -31.71
C GLU E 348 -12.96 -60.97 -30.88
N SER E 349 -13.93 -60.71 -30.02
CA SER E 349 -13.88 -59.52 -29.18
C SER E 349 -13.79 -58.27 -30.08
N ASN E 350 -12.74 -57.47 -29.90
CA ASN E 350 -12.59 -56.27 -30.70
C ASN E 350 -11.62 -56.35 -31.87
N THR E 351 -11.44 -57.54 -32.44
CA THR E 351 -10.58 -57.66 -33.59
C THR E 351 -11.19 -58.64 -34.60
N VAL E 352 -10.99 -58.37 -35.89
CA VAL E 352 -11.50 -59.24 -36.96
C VAL E 352 -10.36 -59.97 -37.66
N ILE E 353 -10.47 -61.29 -37.77
CA ILE E 353 -9.45 -62.08 -38.45
C ILE E 353 -9.98 -62.18 -39.88
N CYS E 354 -9.24 -61.61 -40.82
CA CYS E 354 -9.65 -61.63 -42.22
C CYS E 354 -8.88 -62.63 -43.07
N HIS E 355 -9.61 -63.33 -43.93
CA HIS E 355 -9.03 -64.32 -44.83
C HIS E 355 -9.41 -63.88 -46.23
N GLY E 356 -8.55 -63.06 -46.83
CA GLY E 356 -8.83 -62.55 -48.16
C GLY E 356 -9.21 -63.57 -49.21
N VAL E 357 -10.10 -63.17 -50.12
CA VAL E 357 -10.53 -64.02 -51.22
C VAL E 357 -10.31 -63.31 -52.55
N GLU E 358 -10.32 -64.09 -53.62
CA GLU E 358 -10.11 -63.59 -54.97
C GLU E 358 -11.16 -62.53 -55.36
N LYS E 359 -12.42 -62.97 -55.46
CA LYS E 359 -13.48 -62.05 -55.85
C LYS E 359 -14.69 -62.18 -54.94
N LEU E 360 -15.41 -61.07 -54.79
CA LEU E 360 -16.63 -61.06 -53.99
C LEU E 360 -17.81 -61.25 -54.94
N SER E 361 -18.94 -61.70 -54.40
CA SER E 361 -20.12 -61.89 -55.23
C SER E 361 -21.17 -60.84 -54.88
N GLY E 362 -21.77 -60.24 -55.90
CA GLY E 362 -22.79 -59.24 -55.65
C GLY E 362 -23.95 -59.87 -54.89
N ALA E 363 -24.56 -59.09 -54.02
CA ALA E 363 -25.69 -59.57 -53.24
C ALA E 363 -26.35 -58.37 -52.57
N GLN E 364 -27.47 -58.62 -51.91
CA GLN E 364 -28.19 -57.56 -51.23
C GLN E 364 -27.64 -57.43 -49.81
N VAL E 365 -27.08 -56.27 -49.51
CA VAL E 365 -26.50 -56.01 -48.21
C VAL E 365 -27.12 -54.74 -47.63
N MET E 366 -26.93 -54.53 -46.34
CA MET E 366 -27.50 -53.38 -45.68
C MET E 366 -26.50 -52.50 -44.95
N ALA E 367 -26.50 -51.22 -45.31
CA ALA E 367 -25.62 -50.25 -44.68
C ALA E 367 -26.11 -50.11 -43.25
N THR E 368 -25.18 -50.05 -42.29
CA THR E 368 -25.53 -49.92 -40.89
C THR E 368 -25.05 -48.61 -40.28
N ASP E 369 -24.07 -47.98 -40.92
CA ASP E 369 -23.51 -46.74 -40.44
C ASP E 369 -22.77 -46.05 -41.58
N LEU E 370 -22.36 -44.81 -41.36
CA LEU E 370 -21.66 -44.03 -42.36
C LEU E 370 -20.51 -44.73 -43.06
N ARG E 371 -19.45 -45.08 -42.35
CA ARG E 371 -18.32 -45.71 -42.99
C ARG E 371 -18.59 -47.11 -43.52
N ALA E 372 -19.52 -47.81 -42.90
CA ALA E 372 -19.83 -49.15 -43.36
C ALA E 372 -20.52 -49.05 -44.73
N SER E 373 -21.41 -48.08 -44.85
CA SER E 373 -22.14 -47.91 -46.11
C SER E 373 -21.18 -47.66 -47.28
N ALA E 374 -20.18 -46.81 -47.05
CA ALA E 374 -19.19 -46.53 -48.08
C ALA E 374 -18.42 -47.81 -48.40
N SER E 375 -18.13 -48.60 -47.38
CA SER E 375 -17.43 -49.87 -47.59
C SER E 375 -18.26 -50.83 -48.43
N LEU E 376 -19.55 -50.94 -48.14
CA LEU E 376 -20.40 -51.83 -48.91
C LEU E 376 -20.53 -51.36 -50.36
N VAL E 377 -20.56 -50.05 -50.57
CA VAL E 377 -20.64 -49.53 -51.92
C VAL E 377 -19.36 -49.86 -52.70
N LEU E 378 -18.20 -49.69 -52.08
CA LEU E 378 -16.95 -50.02 -52.76
C LEU E 378 -16.93 -51.54 -53.02
N ALA E 379 -17.47 -52.32 -52.11
CA ALA E 379 -17.49 -53.78 -52.29
C ALA E 379 -18.29 -54.09 -53.54
N GLY E 380 -19.43 -53.42 -53.71
CA GLY E 380 -20.23 -53.65 -54.89
C GLY E 380 -19.48 -53.32 -56.17
N CYS E 381 -18.63 -52.30 -56.12
CA CYS E 381 -17.86 -51.89 -57.29
C CYS E 381 -16.88 -52.97 -57.77
N ILE E 382 -16.30 -53.72 -56.84
CA ILE E 382 -15.35 -54.75 -57.23
C ILE E 382 -15.91 -56.16 -57.18
N ALA E 383 -17.14 -56.30 -56.68
CA ALA E 383 -17.74 -57.64 -56.61
C ALA E 383 -18.19 -58.10 -57.99
N GLU E 384 -18.42 -59.40 -58.10
CA GLU E 384 -18.84 -60.02 -59.34
C GLU E 384 -20.36 -59.98 -59.43
N GLY E 385 -20.88 -59.16 -60.32
CA GLY E 385 -22.33 -59.08 -60.49
C GLY E 385 -23.00 -57.84 -59.97
N THR E 386 -24.25 -57.99 -59.52
CA THR E 386 -25.03 -56.86 -59.02
C THR E 386 -25.16 -56.84 -57.51
N THR E 387 -24.83 -55.71 -56.91
CA THR E 387 -24.93 -55.54 -55.47
C THR E 387 -25.94 -54.44 -55.18
N VAL E 388 -26.78 -54.67 -54.18
CA VAL E 388 -27.78 -53.68 -53.79
C VAL E 388 -27.53 -53.30 -52.33
N VAL E 389 -27.13 -52.04 -52.11
CA VAL E 389 -26.84 -51.56 -50.78
C VAL E 389 -28.04 -50.80 -50.30
N ASP E 390 -28.79 -51.40 -49.39
CA ASP E 390 -29.98 -50.79 -48.84
C ASP E 390 -29.61 -49.76 -47.76
N ARG E 391 -30.50 -48.80 -47.56
CA ARG E 391 -30.31 -47.73 -46.58
C ARG E 391 -29.07 -46.88 -46.82
N ILE E 392 -28.80 -46.50 -48.07
CA ILE E 392 -27.62 -45.69 -48.33
C ILE E 392 -27.76 -44.28 -47.80
N TYR E 393 -28.87 -43.97 -47.14
CA TYR E 393 -29.04 -42.64 -46.59
C TYR E 393 -27.86 -42.38 -45.65
N HIS E 394 -27.34 -43.44 -45.07
CA HIS E 394 -26.21 -43.34 -44.15
C HIS E 394 -25.04 -42.65 -44.86
N ILE E 395 -24.83 -43.00 -46.11
CA ILE E 395 -23.72 -42.44 -46.86
C ILE E 395 -23.87 -40.95 -47.13
N ASP E 396 -25.11 -40.48 -47.20
CA ASP E 396 -25.35 -39.06 -47.45
C ASP E 396 -24.99 -38.18 -46.26
N ARG E 397 -24.72 -38.80 -45.11
CA ARG E 397 -24.36 -38.04 -43.92
C ARG E 397 -22.94 -37.51 -43.98
N GLY E 398 -22.03 -38.29 -44.54
CA GLY E 398 -20.65 -37.88 -44.61
C GLY E 398 -19.93 -37.86 -45.94
N TYR E 399 -20.62 -38.15 -47.03
CA TYR E 399 -19.97 -38.12 -48.34
C TYR E 399 -20.74 -37.25 -49.31
N GLU E 400 -20.09 -36.20 -49.82
CA GLU E 400 -20.72 -35.30 -50.77
C GLU E 400 -20.73 -35.92 -52.15
N ARG E 401 -21.93 -36.14 -52.67
CA ARG E 401 -22.11 -36.74 -53.99
C ARG E 401 -21.06 -37.82 -54.30
N ILE E 402 -21.11 -38.90 -53.52
CA ILE E 402 -20.18 -40.01 -53.70
C ILE E 402 -20.53 -40.79 -54.97
N GLU E 403 -21.80 -40.75 -55.33
CA GLU E 403 -22.29 -41.43 -56.52
C GLU E 403 -21.60 -40.88 -57.77
N ASP E 404 -21.60 -39.57 -57.87
CA ASP E 404 -21.00 -38.89 -58.99
C ASP E 404 -19.49 -39.10 -59.02
N LYS E 405 -18.84 -38.92 -57.88
CA LYS E 405 -17.40 -39.09 -57.81
C LYS E 405 -16.99 -40.51 -58.17
N LEU E 406 -17.74 -41.50 -57.69
CA LEU E 406 -17.42 -42.88 -57.99
C LEU E 406 -17.65 -43.19 -59.47
N ARG E 407 -18.73 -42.65 -60.02
CA ARG E 407 -19.04 -42.88 -61.43
C ARG E 407 -17.89 -42.32 -62.27
N ALA E 408 -17.43 -41.13 -61.92
CA ALA E 408 -16.33 -40.49 -62.66
C ALA E 408 -15.04 -41.32 -62.58
N LEU E 409 -15.04 -42.35 -61.74
CA LEU E 409 -13.87 -43.21 -61.58
C LEU E 409 -14.09 -44.54 -62.28
N GLY E 410 -15.24 -44.67 -62.96
CA GLY E 410 -15.51 -45.90 -63.67
C GLY E 410 -16.55 -46.81 -63.06
N ALA E 411 -17.18 -46.37 -61.97
CA ALA E 411 -18.17 -47.19 -61.31
C ALA E 411 -19.50 -47.25 -62.04
N ASN E 412 -20.16 -48.40 -61.95
CA ASN E 412 -21.48 -48.62 -62.54
C ASN E 412 -22.42 -48.58 -61.35
N ILE E 413 -22.86 -47.38 -60.99
CA ILE E 413 -23.72 -47.20 -59.84
C ILE E 413 -24.96 -46.37 -60.16
N GLU E 414 -26.05 -46.72 -59.52
CA GLU E 414 -27.30 -46.01 -59.72
C GLU E 414 -28.09 -45.91 -58.43
N ARG E 415 -28.49 -44.69 -58.09
CA ARG E 415 -29.29 -44.48 -56.90
C ARG E 415 -30.68 -44.95 -57.30
N VAL E 416 -31.37 -45.69 -56.45
CA VAL E 416 -32.70 -46.17 -56.81
C VAL E 416 -33.66 -46.25 -55.63
N LYS E 417 -34.95 -46.09 -55.91
CA LYS E 417 -35.98 -46.16 -54.87
C LYS E 417 -36.48 -47.58 -54.71
N GLY E 418 -37.34 -47.81 -53.72
CA GLY E 418 -37.88 -49.14 -53.53
C GLY E 418 -37.71 -49.62 -52.11
N GLU E 419 -37.99 -48.73 -51.16
CA GLU E 419 -37.88 -49.02 -49.72
C GLU E 419 -37.59 -50.48 -49.34
N MET F 1 -44.92 -44.52 -36.79
CA MET F 1 -44.01 -45.24 -35.84
C MET F 1 -44.64 -45.23 -34.46
N ASP F 2 -45.32 -46.32 -34.12
CA ASP F 2 -45.98 -46.46 -32.83
C ASP F 2 -45.06 -46.25 -31.65
N LYS F 3 -45.63 -45.77 -30.55
CA LYS F 3 -44.86 -45.51 -29.33
C LYS F 3 -45.72 -45.83 -28.12
N PHE F 4 -45.09 -45.94 -26.96
CA PHE F 4 -45.81 -46.19 -25.72
C PHE F 4 -45.63 -44.96 -24.83
N ARG F 5 -46.74 -44.45 -24.32
CA ARG F 5 -46.71 -43.29 -23.44
C ARG F 5 -47.00 -43.85 -22.06
N VAL F 6 -46.00 -43.83 -21.18
CA VAL F 6 -46.17 -44.39 -19.86
C VAL F 6 -46.10 -43.33 -18.77
N GLN F 7 -47.03 -43.44 -17.82
CA GLN F 7 -47.13 -42.51 -16.69
C GLN F 7 -46.78 -43.21 -15.38
N GLY F 8 -45.77 -42.71 -14.69
CA GLY F 8 -45.39 -43.33 -13.44
C GLY F 8 -45.18 -42.32 -12.34
N PRO F 9 -44.84 -42.78 -11.13
CA PRO F 9 -44.66 -44.19 -10.79
C PRO F 9 -45.93 -44.93 -10.45
N THR F 10 -45.95 -46.23 -10.74
CA THR F 10 -47.11 -47.07 -10.43
C THR F 10 -46.60 -48.43 -10.00
N ARG F 11 -47.08 -48.89 -8.83
CA ARG F 11 -46.69 -50.21 -8.35
C ARG F 11 -47.38 -51.23 -9.24
N LEU F 12 -46.60 -52.18 -9.72
CA LEU F 12 -47.16 -53.21 -10.57
C LEU F 12 -47.45 -54.42 -9.68
N GLN F 13 -48.70 -54.85 -9.66
CA GLN F 13 -49.08 -56.00 -8.84
C GLN F 13 -50.37 -56.62 -9.32
N GLY F 14 -50.59 -57.86 -8.93
CA GLY F 14 -51.80 -58.57 -9.35
C GLY F 14 -51.44 -59.92 -9.96
N GLU F 15 -52.07 -60.24 -11.08
CA GLU F 15 -51.82 -61.49 -11.77
C GLU F 15 -51.68 -61.33 -13.26
N VAL F 16 -51.03 -62.32 -13.88
CA VAL F 16 -50.81 -62.32 -15.32
C VAL F 16 -50.72 -63.78 -15.73
N THR F 17 -51.22 -64.09 -16.92
CA THR F 17 -51.16 -65.44 -17.43
C THR F 17 -50.13 -65.48 -18.55
N ILE F 18 -49.10 -66.31 -18.35
CA ILE F 18 -48.02 -66.43 -19.31
C ILE F 18 -48.45 -67.11 -20.62
N SER F 19 -48.01 -66.55 -21.74
CA SER F 19 -48.34 -67.08 -23.05
C SER F 19 -47.34 -68.15 -23.44
N GLY F 20 -47.60 -68.82 -24.56
CA GLY F 20 -46.67 -69.83 -25.02
C GLY F 20 -45.31 -69.22 -25.33
N ALA F 21 -44.26 -70.02 -25.17
CA ALA F 21 -42.91 -69.55 -25.42
C ALA F 21 -42.65 -69.22 -26.88
N LYS F 22 -42.25 -67.97 -27.12
CA LYS F 22 -41.92 -67.50 -28.46
C LYS F 22 -40.83 -68.36 -29.08
N ASN F 23 -39.79 -68.62 -28.29
CA ASN F 23 -38.65 -69.39 -28.75
C ASN F 23 -38.80 -70.91 -28.75
N ALA F 24 -40.03 -71.39 -28.60
CA ALA F 24 -40.31 -72.82 -28.66
C ALA F 24 -41.26 -72.94 -29.83
N ALA F 25 -42.18 -71.98 -29.92
CA ALA F 25 -43.16 -71.97 -30.99
C ALA F 25 -42.46 -71.82 -32.34
N LEU F 26 -41.50 -70.91 -32.42
CA LEU F 26 -40.76 -70.69 -33.66
C LEU F 26 -40.04 -71.93 -34.20
N PRO F 27 -39.18 -72.57 -33.36
CA PRO F 27 -38.48 -73.76 -33.88
C PRO F 27 -39.43 -74.93 -34.16
N ILE F 28 -40.53 -75.02 -33.41
CA ILE F 28 -41.50 -76.09 -33.62
C ILE F 28 -42.28 -75.86 -34.92
N LEU F 29 -42.62 -74.60 -35.20
CA LEU F 29 -43.34 -74.27 -36.44
C LEU F 29 -42.50 -74.63 -37.65
N PHE F 30 -41.18 -74.38 -37.60
CA PHE F 30 -40.33 -74.73 -38.73
C PHE F 30 -40.13 -76.25 -38.77
N ALA F 31 -40.09 -76.87 -37.60
CA ALA F 31 -39.94 -78.32 -37.53
C ALA F 31 -41.14 -78.99 -38.22
N ALA F 32 -42.28 -78.29 -38.22
CA ALA F 32 -43.50 -78.82 -38.83
C ALA F 32 -43.32 -79.06 -40.34
N LEU F 33 -42.31 -78.43 -40.94
CA LEU F 33 -42.05 -78.64 -42.36
C LEU F 33 -41.72 -80.11 -42.61
N LEU F 34 -41.37 -80.83 -41.55
CA LEU F 34 -41.04 -82.26 -41.64
C LEU F 34 -42.29 -83.15 -41.62
N ALA F 35 -43.39 -82.63 -41.10
CA ALA F 35 -44.63 -83.37 -41.00
C ALA F 35 -45.34 -83.60 -42.32
N GLU F 36 -45.71 -84.86 -42.57
CA GLU F 36 -46.42 -85.23 -43.80
C GLU F 36 -47.92 -85.18 -43.56
N GLU F 37 -48.32 -85.21 -42.28
CA GLU F 37 -49.72 -85.14 -41.89
C GLU F 37 -50.02 -83.82 -41.19
N PRO F 38 -51.26 -83.35 -41.26
CA PRO F 38 -51.64 -82.09 -40.62
C PRO F 38 -51.20 -81.98 -39.17
N VAL F 39 -50.77 -80.79 -38.77
CA VAL F 39 -50.30 -80.55 -37.41
C VAL F 39 -51.02 -79.42 -36.70
N GLU F 40 -51.21 -79.57 -35.38
CA GLU F 40 -51.84 -78.53 -34.59
C GLU F 40 -50.93 -78.18 -33.42
N ILE F 41 -50.45 -76.94 -33.41
CA ILE F 41 -49.57 -76.49 -32.36
C ILE F 41 -50.35 -75.56 -31.44
N GLN F 42 -50.56 -76.00 -30.21
CA GLN F 42 -51.34 -75.24 -29.26
C GLN F 42 -50.56 -74.27 -28.40
N ASN F 43 -51.28 -73.31 -27.85
CA ASN F 43 -50.70 -72.31 -26.96
C ASN F 43 -49.63 -71.49 -27.66
N VAL F 44 -49.85 -71.19 -28.93
CA VAL F 44 -48.90 -70.39 -29.72
C VAL F 44 -49.21 -68.91 -29.50
N PRO F 45 -48.23 -68.14 -28.99
CA PRO F 45 -48.47 -66.72 -28.77
C PRO F 45 -48.71 -65.95 -30.06
N LYS F 46 -49.43 -64.86 -29.97
CA LYS F 46 -49.71 -64.03 -31.14
C LYS F 46 -48.63 -62.94 -31.19
N LEU F 47 -47.54 -63.25 -31.90
CA LEU F 47 -46.41 -62.33 -32.03
C LEU F 47 -46.11 -62.06 -33.49
N LYS F 48 -45.43 -60.95 -33.74
CA LYS F 48 -45.06 -60.56 -35.09
C LYS F 48 -44.25 -61.65 -35.79
N ASP F 49 -43.35 -62.29 -35.04
CA ASP F 49 -42.51 -63.34 -35.60
C ASP F 49 -43.31 -64.57 -36.01
N ILE F 50 -44.42 -64.83 -35.30
CA ILE F 50 -45.25 -65.97 -35.66
C ILE F 50 -45.93 -65.66 -36.98
N ASP F 51 -46.31 -64.40 -37.19
CA ASP F 51 -46.95 -64.01 -38.44
C ASP F 51 -45.98 -64.19 -39.60
N THR F 52 -44.77 -63.69 -39.41
CA THR F 52 -43.73 -63.80 -40.42
C THR F 52 -43.41 -65.26 -40.73
N THR F 53 -43.38 -66.08 -39.69
CA THR F 53 -43.12 -67.50 -39.89
C THR F 53 -44.24 -68.13 -40.72
N MET F 54 -45.48 -67.79 -40.39
CA MET F 54 -46.62 -68.33 -41.14
C MET F 54 -46.56 -67.85 -42.59
N LYS F 55 -46.13 -66.61 -42.80
CA LYS F 55 -46.00 -66.03 -44.14
C LYS F 55 -45.00 -66.85 -44.94
N LEU F 56 -43.88 -67.15 -44.30
CA LEU F 56 -42.82 -67.92 -44.94
C LEU F 56 -43.29 -69.33 -45.25
N LEU F 57 -43.87 -70.00 -44.25
CA LEU F 57 -44.35 -71.37 -44.44
C LEU F 57 -45.35 -71.44 -45.61
N THR F 58 -46.30 -70.50 -45.62
CA THR F 58 -47.31 -70.45 -46.66
C THR F 58 -46.65 -70.29 -48.02
N GLN F 59 -45.64 -69.43 -48.06
CA GLN F 59 -44.88 -69.15 -49.28
C GLN F 59 -44.10 -70.39 -49.77
N LEU F 60 -43.95 -71.40 -48.91
CA LEU F 60 -43.25 -72.63 -49.28
C LEU F 60 -44.28 -73.64 -49.81
N GLY F 61 -45.55 -73.26 -49.73
CA GLY F 61 -46.62 -74.14 -50.20
C GLY F 61 -47.29 -74.87 -49.05
N THR F 62 -47.23 -74.29 -47.86
CA THR F 62 -47.83 -74.90 -46.69
C THR F 62 -49.19 -74.27 -46.45
N LYS F 63 -50.11 -75.05 -45.89
CA LYS F 63 -51.44 -74.54 -45.57
C LYS F 63 -51.36 -74.21 -44.09
N VAL F 64 -51.45 -72.92 -43.79
CA VAL F 64 -51.35 -72.46 -42.41
C VAL F 64 -52.51 -71.56 -42.01
N GLU F 65 -52.90 -71.64 -40.76
CA GLU F 65 -53.95 -70.79 -40.25
C GLU F 65 -53.83 -70.89 -38.74
N ARG F 66 -54.42 -69.93 -38.04
CA ARG F 66 -54.36 -69.91 -36.58
C ARG F 66 -55.54 -69.16 -36.00
N GLY F 68 -55.96 -69.99 -30.61
CA GLY F 68 -54.87 -70.15 -29.68
C GLY F 68 -53.84 -71.08 -30.27
N SER F 69 -54.25 -71.85 -31.27
CA SER F 69 -53.36 -72.79 -31.94
C SER F 69 -53.02 -72.34 -33.35
N VAL F 70 -52.05 -73.00 -33.94
CA VAL F 70 -51.64 -72.76 -35.32
C VAL F 70 -51.74 -74.13 -35.99
N TRP F 71 -52.60 -74.22 -37.01
CA TRP F 71 -52.79 -75.47 -37.72
C TRP F 71 -51.91 -75.49 -38.97
N ILE F 72 -51.10 -76.54 -39.11
CA ILE F 72 -50.18 -76.69 -40.22
C ILE F 72 -50.41 -77.94 -41.05
N ASP F 73 -50.36 -77.77 -42.37
CA ASP F 73 -50.51 -78.88 -43.29
C ASP F 73 -49.41 -78.67 -44.33
N ALA F 74 -48.25 -79.28 -44.07
CA ALA F 74 -47.10 -79.19 -44.97
C ALA F 74 -47.16 -80.34 -45.94
N SER F 75 -48.38 -80.75 -46.28
CA SER F 75 -48.58 -81.87 -47.19
C SER F 75 -47.94 -81.63 -48.53
N ASN F 76 -48.30 -80.50 -49.14
CA ASN F 76 -47.79 -80.20 -50.46
C ASN F 76 -46.82 -79.03 -50.51
N VAL F 77 -45.66 -79.18 -49.90
CA VAL F 77 -44.65 -78.12 -49.95
C VAL F 77 -43.99 -78.28 -51.31
N ASN F 78 -44.13 -77.28 -52.15
CA ASN F 78 -43.59 -77.34 -53.50
C ASN F 78 -42.51 -76.30 -53.76
N ASN F 79 -42.24 -75.45 -52.78
CA ASN F 79 -41.24 -74.40 -52.91
C ASN F 79 -40.18 -74.60 -51.84
N PHE F 80 -38.93 -74.23 -52.11
CA PHE F 80 -37.89 -74.47 -51.11
C PHE F 80 -36.93 -73.31 -50.82
N SER F 81 -37.42 -72.08 -50.83
CA SER F 81 -36.50 -70.98 -50.55
C SER F 81 -37.06 -69.90 -49.66
N ALA F 82 -36.18 -69.36 -48.82
CA ALA F 82 -36.53 -68.29 -47.89
C ALA F 82 -35.93 -67.03 -48.52
N PRO F 83 -36.77 -66.19 -49.13
CA PRO F 83 -36.33 -64.96 -49.78
C PRO F 83 -35.69 -63.90 -48.92
N TYR F 84 -34.73 -63.21 -49.53
CA TYR F 84 -34.01 -62.15 -48.85
C TYR F 84 -34.88 -61.19 -48.04
N ASP F 85 -35.80 -60.51 -48.71
CA ASP F 85 -36.65 -59.57 -48.00
C ASP F 85 -37.62 -60.15 -46.98
N LEU F 86 -37.58 -61.47 -46.77
CA LEU F 86 -38.43 -62.08 -45.75
C LEU F 86 -37.53 -62.40 -44.55
N VAL F 87 -36.37 -63.02 -44.80
CA VAL F 87 -35.48 -63.34 -43.70
C VAL F 87 -34.82 -62.10 -43.11
N LYS F 88 -34.81 -61.00 -43.86
CA LYS F 88 -34.21 -59.77 -43.35
C LYS F 88 -35.08 -59.20 -42.21
N THR F 89 -36.29 -59.72 -42.09
CA THR F 89 -37.20 -59.27 -41.03
C THR F 89 -37.25 -60.26 -39.88
N MET F 90 -36.66 -61.44 -40.09
CA MET F 90 -36.62 -62.49 -39.06
C MET F 90 -35.56 -63.54 -39.42
N ARG F 91 -34.39 -63.47 -38.78
CA ARG F 91 -33.32 -64.40 -39.08
C ARG F 91 -33.65 -65.83 -38.64
N ALA F 92 -34.64 -65.97 -37.77
CA ALA F 92 -35.03 -67.30 -37.31
C ALA F 92 -35.47 -68.15 -38.51
N SER F 93 -35.70 -67.50 -39.65
CA SER F 93 -36.12 -68.24 -40.84
C SER F 93 -35.03 -69.17 -41.34
N ILE F 94 -33.85 -69.05 -40.74
CA ILE F 94 -32.72 -69.91 -41.08
C ILE F 94 -33.09 -71.37 -40.72
N TRP F 95 -34.01 -71.53 -39.77
CA TRP F 95 -34.45 -72.85 -39.34
C TRP F 95 -35.22 -73.62 -40.40
N ALA F 96 -35.47 -73.01 -41.54
CA ALA F 96 -36.21 -73.68 -42.61
C ALA F 96 -35.26 -74.54 -43.43
N LEU F 97 -33.99 -74.13 -43.47
CA LEU F 97 -32.99 -74.84 -44.24
C LEU F 97 -32.91 -76.33 -43.86
N GLY F 98 -32.74 -76.58 -42.58
CA GLY F 98 -32.63 -77.95 -42.11
C GLY F 98 -33.75 -78.88 -42.53
N PRO F 99 -35.00 -78.60 -42.17
CA PRO F 99 -36.12 -79.47 -42.55
C PRO F 99 -36.26 -79.63 -44.06
N LEU F 100 -36.16 -78.53 -44.78
CA LEU F 100 -36.28 -78.59 -46.23
C LEU F 100 -35.29 -79.56 -46.88
N VAL F 101 -34.01 -79.46 -46.51
CA VAL F 101 -33.02 -80.34 -47.11
C VAL F 101 -33.21 -81.78 -46.62
N ALA F 102 -33.55 -81.95 -45.36
CA ALA F 102 -33.73 -83.28 -44.79
C ALA F 102 -34.90 -84.03 -45.39
N ARG F 103 -35.96 -83.31 -45.75
CA ARG F 103 -37.15 -83.96 -46.30
C ARG F 103 -37.25 -83.90 -47.82
N PHE F 104 -36.82 -82.80 -48.43
CA PHE F 104 -36.91 -82.67 -49.88
C PHE F 104 -35.56 -82.69 -50.60
N GLY F 105 -34.48 -82.91 -49.86
CA GLY F 105 -33.16 -82.96 -50.46
C GLY F 105 -32.60 -81.64 -50.94
N GLN F 106 -33.31 -80.55 -50.67
CA GLN F 106 -32.84 -79.25 -51.12
C GLN F 106 -33.47 -78.12 -50.30
N GLY F 107 -32.85 -76.95 -50.36
CA GLY F 107 -33.38 -75.82 -49.65
C GLY F 107 -32.41 -74.67 -49.74
N GLN F 108 -32.92 -73.46 -49.71
CA GLN F 108 -32.05 -72.29 -49.76
C GLN F 108 -32.69 -71.17 -48.99
N VAL F 109 -31.90 -70.57 -48.11
CA VAL F 109 -32.35 -69.48 -47.26
C VAL F 109 -31.40 -68.31 -47.41
N SER F 110 -31.92 -67.09 -47.46
CA SER F 110 -31.05 -65.93 -47.58
C SER F 110 -30.15 -65.87 -46.36
N LEU F 111 -28.83 -65.74 -46.56
CA LEU F 111 -27.90 -65.66 -45.45
C LEU F 111 -28.21 -64.40 -44.66
N PRO F 112 -28.65 -64.56 -43.40
CA PRO F 112 -28.96 -63.36 -42.61
C PRO F 112 -27.75 -62.48 -42.34
N GLY F 113 -27.97 -61.16 -42.39
CA GLY F 113 -26.90 -60.21 -42.15
C GLY F 113 -26.76 -60.01 -40.66
N GLY F 114 -26.18 -58.89 -40.25
CA GLY F 114 -26.00 -58.67 -38.82
C GLY F 114 -27.29 -58.32 -38.12
N CYS F 115 -27.30 -58.47 -36.79
CA CYS F 115 -28.46 -58.14 -35.96
C CYS F 115 -28.01 -57.03 -35.02
N ALA F 116 -28.97 -56.39 -34.35
CA ALA F 116 -28.63 -55.29 -33.45
C ALA F 116 -27.74 -55.72 -32.26
N ILE F 117 -28.08 -56.83 -31.60
CA ILE F 117 -27.33 -57.30 -30.45
C ILE F 117 -26.06 -58.10 -30.75
N GLY F 118 -25.78 -58.37 -32.02
CA GLY F 118 -24.60 -59.13 -32.41
C GLY F 118 -24.61 -59.57 -33.86
N ALA F 119 -23.44 -59.96 -34.40
CA ALA F 119 -23.34 -60.38 -35.81
C ALA F 119 -24.08 -61.67 -36.04
N ARG F 120 -24.27 -62.42 -34.96
CA ARG F 120 -24.99 -63.69 -34.96
C ARG F 120 -24.76 -64.56 -36.18
N PRO F 121 -23.51 -65.02 -36.41
CA PRO F 121 -23.21 -65.87 -37.56
C PRO F 121 -24.02 -67.15 -37.43
N VAL F 122 -24.11 -67.90 -38.53
CA VAL F 122 -24.91 -69.11 -38.54
C VAL F 122 -24.07 -70.32 -38.98
N ASP F 123 -22.75 -70.17 -38.83
CA ASP F 123 -21.78 -71.19 -39.21
C ASP F 123 -22.00 -72.59 -38.66
N LEU F 124 -22.39 -72.68 -37.39
CA LEU F 124 -22.60 -73.98 -36.77
C LEU F 124 -23.77 -74.71 -37.41
N HIS F 125 -24.75 -73.95 -37.90
CA HIS F 125 -25.91 -74.53 -38.55
C HIS F 125 -25.41 -75.25 -39.81
N ILE F 126 -24.68 -74.50 -40.64
CA ILE F 126 -24.12 -75.03 -41.89
C ILE F 126 -23.15 -76.19 -41.61
N PHE F 127 -22.25 -76.01 -40.65
CA PHE F 127 -21.31 -77.05 -40.28
C PHE F 127 -22.08 -78.35 -39.95
N GLY F 128 -23.13 -78.22 -39.15
CA GLY F 128 -23.93 -79.36 -38.77
C GLY F 128 -24.58 -80.07 -39.96
N LEU F 129 -25.24 -79.31 -40.82
CA LEU F 129 -25.88 -79.90 -41.99
C LEU F 129 -24.83 -80.60 -42.88
N GLU F 130 -23.69 -79.95 -43.06
CA GLU F 130 -22.63 -80.53 -43.86
C GLU F 130 -22.19 -81.86 -43.28
N LYS F 131 -22.10 -81.95 -41.95
CA LYS F 131 -21.69 -83.18 -41.29
C LYS F 131 -22.73 -84.29 -41.50
N LEU F 132 -23.96 -83.89 -41.80
CA LEU F 132 -25.04 -84.86 -42.04
C LEU F 132 -25.08 -85.24 -43.51
N GLY F 133 -24.15 -84.67 -44.29
CA GLY F 133 -24.09 -84.99 -45.70
C GLY F 133 -24.57 -83.95 -46.69
N ALA F 134 -25.10 -82.83 -46.22
CA ALA F 134 -25.57 -81.81 -47.14
C ALA F 134 -24.41 -81.06 -47.75
N GLU F 135 -24.59 -80.64 -48.99
CA GLU F 135 -23.56 -79.86 -49.64
C GLU F 135 -24.10 -78.46 -49.62
N ILE F 136 -23.36 -77.55 -48.99
CA ILE F 136 -23.79 -76.18 -48.89
C ILE F 136 -22.82 -75.26 -49.60
N LYS F 137 -23.38 -74.34 -50.37
CA LYS F 137 -22.62 -73.34 -51.09
C LYS F 137 -23.37 -72.02 -50.93
N LEU F 138 -22.63 -70.92 -51.02
CA LEU F 138 -23.19 -69.60 -50.89
C LEU F 138 -23.18 -68.91 -52.24
N GLU F 139 -24.33 -68.41 -52.69
CA GLU F 139 -24.37 -67.67 -53.94
C GLU F 139 -25.52 -66.69 -53.98
N GLU F 140 -25.15 -65.45 -54.29
CA GLU F 140 -26.09 -64.34 -54.38
C GLU F 140 -26.72 -64.02 -53.04
N GLY F 141 -26.01 -64.34 -51.97
CA GLY F 141 -26.53 -64.09 -50.64
C GLY F 141 -27.43 -65.20 -50.13
N TYR F 142 -27.49 -66.32 -50.86
CA TYR F 142 -28.34 -67.44 -50.46
C TYR F 142 -27.54 -68.69 -50.11
N VAL F 143 -27.68 -69.18 -48.89
CA VAL F 143 -27.02 -70.43 -48.53
C VAL F 143 -27.90 -71.51 -49.15
N LYS F 144 -27.36 -72.16 -50.17
CA LYS F 144 -28.09 -73.19 -50.86
C LYS F 144 -27.55 -74.56 -50.45
N ALA F 145 -28.45 -75.39 -49.95
CA ALA F 145 -28.10 -76.72 -49.49
C ALA F 145 -28.80 -77.81 -50.30
N SER F 146 -28.10 -78.93 -50.50
CA SER F 146 -28.66 -80.05 -51.23
C SER F 146 -28.02 -81.37 -50.80
N VAL F 147 -28.70 -82.46 -51.08
CA VAL F 147 -28.22 -83.79 -50.74
C VAL F 147 -28.90 -84.82 -51.63
N ASN F 148 -28.14 -85.79 -52.11
CA ASN F 148 -28.73 -86.81 -52.96
C ASN F 148 -29.22 -87.94 -52.10
N GLY F 149 -30.53 -88.01 -51.97
CA GLY F 149 -31.12 -89.03 -51.15
C GLY F 149 -31.23 -88.47 -49.75
N ARG F 150 -31.30 -89.35 -48.76
CA ARG F 150 -31.40 -88.90 -47.38
C ARG F 150 -30.04 -88.51 -46.79
N LEU F 151 -30.08 -87.75 -45.71
CA LEU F 151 -28.88 -87.33 -45.00
C LEU F 151 -28.43 -88.56 -44.21
N LYS F 152 -27.16 -88.65 -43.82
CA LYS F 152 -26.72 -89.81 -43.03
C LYS F 152 -26.36 -89.35 -41.64
N GLY F 153 -26.75 -90.13 -40.65
CA GLY F 153 -26.43 -89.81 -39.26
C GLY F 153 -24.94 -89.66 -39.05
N ALA F 154 -24.55 -88.82 -38.11
CA ALA F 154 -23.14 -88.59 -37.84
C ALA F 154 -22.94 -88.18 -36.38
N HIS F 155 -21.69 -88.26 -35.93
CA HIS F 155 -21.36 -87.86 -34.57
C HIS F 155 -20.84 -86.45 -34.73
N ILE F 156 -21.62 -85.47 -34.27
CA ILE F 156 -21.26 -84.07 -34.41
C ILE F 156 -20.92 -83.41 -33.07
N VAL F 157 -19.72 -82.85 -32.97
CA VAL F 157 -19.33 -82.18 -31.74
C VAL F 157 -19.39 -80.68 -31.99
N MET F 158 -20.22 -80.00 -31.20
CA MET F 158 -20.36 -78.56 -31.34
C MET F 158 -19.23 -77.93 -30.53
N ASP F 159 -18.44 -77.05 -31.15
CA ASP F 159 -17.34 -76.42 -30.42
C ASP F 159 -17.80 -75.20 -29.65
N LYS F 160 -19.08 -74.88 -29.80
CA LYS F 160 -19.69 -73.76 -29.10
C LYS F 160 -21.17 -74.11 -28.87
N VAL F 161 -21.74 -73.67 -27.75
CA VAL F 161 -23.13 -74.00 -27.45
C VAL F 161 -24.06 -73.05 -28.20
N SER F 162 -24.88 -73.62 -29.07
CA SER F 162 -25.82 -72.84 -29.86
C SER F 162 -27.22 -73.45 -29.84
N VAL F 163 -28.20 -72.66 -29.38
CA VAL F 163 -29.59 -73.11 -29.34
C VAL F 163 -30.05 -73.35 -30.77
N GLY F 164 -29.86 -72.34 -31.62
CA GLY F 164 -30.28 -72.46 -33.01
C GLY F 164 -29.66 -73.63 -33.75
N ALA F 165 -28.33 -73.73 -33.71
CA ALA F 165 -27.66 -74.82 -34.40
C ALA F 165 -28.13 -76.18 -33.88
N THR F 166 -28.33 -76.31 -32.57
CA THR F 166 -28.78 -77.58 -32.01
C THR F 166 -30.15 -77.94 -32.62
N VAL F 167 -31.03 -76.96 -32.77
CA VAL F 167 -32.36 -77.18 -33.34
C VAL F 167 -32.26 -77.63 -34.79
N THR F 168 -31.48 -76.90 -35.58
CA THR F 168 -31.30 -77.23 -36.99
C THR F 168 -30.82 -78.66 -37.17
N ILE F 169 -29.75 -79.02 -36.46
CA ILE F 169 -29.18 -80.34 -36.60
C ILE F 169 -30.13 -81.43 -36.11
N MET F 170 -30.68 -81.24 -34.91
CA MET F 170 -31.60 -82.23 -34.35
C MET F 170 -32.81 -82.44 -35.26
N SER F 171 -33.35 -81.36 -35.82
CA SER F 171 -34.51 -81.47 -36.69
C SER F 171 -34.17 -82.24 -37.97
N ALA F 172 -33.10 -81.86 -38.65
CA ALA F 172 -32.70 -82.52 -39.87
C ALA F 172 -32.37 -83.99 -39.66
N ALA F 173 -31.78 -84.31 -38.51
CA ALA F 173 -31.40 -85.68 -38.22
C ALA F 173 -32.56 -86.66 -38.11
N THR F 174 -33.75 -86.17 -37.78
CA THR F 174 -34.91 -87.06 -37.63
C THR F 174 -35.25 -87.84 -38.89
N LEU F 175 -34.94 -87.28 -40.05
CA LEU F 175 -35.20 -87.94 -41.32
C LEU F 175 -33.91 -88.45 -41.96
N ALA F 176 -32.84 -88.49 -41.17
CA ALA F 176 -31.56 -88.97 -41.67
C ALA F 176 -31.51 -90.49 -41.64
N GLU F 177 -30.54 -91.04 -42.36
CA GLU F 177 -30.32 -92.47 -42.45
C GLU F 177 -29.28 -92.82 -41.40
N GLY F 178 -29.71 -93.49 -40.34
CA GLY F 178 -28.77 -93.86 -39.30
C GLY F 178 -28.96 -93.06 -38.02
N THR F 179 -27.97 -93.10 -37.15
CA THR F 179 -28.02 -92.40 -35.88
C THR F 179 -27.11 -91.19 -35.80
N THR F 180 -27.63 -90.11 -35.25
CA THR F 180 -26.87 -88.87 -35.09
C THR F 180 -26.69 -88.61 -33.61
N ILE F 181 -25.53 -88.10 -33.24
CA ILE F 181 -25.25 -87.76 -31.85
C ILE F 181 -24.70 -86.34 -31.81
N ILE F 182 -25.36 -85.48 -31.06
CA ILE F 182 -24.93 -84.10 -30.94
C ILE F 182 -24.23 -83.89 -29.59
N GLU F 183 -22.92 -83.65 -29.65
CA GLU F 183 -22.10 -83.41 -28.47
C GLU F 183 -22.10 -81.93 -28.16
N ASN F 184 -22.13 -81.61 -26.87
CA ASN F 184 -22.13 -80.23 -26.42
C ASN F 184 -23.35 -79.50 -26.97
N ALA F 185 -24.50 -80.17 -26.95
CA ALA F 185 -25.74 -79.60 -27.45
C ALA F 185 -26.28 -78.59 -26.44
N ALA F 186 -27.12 -77.68 -26.91
CA ALA F 186 -27.71 -76.68 -26.03
C ALA F 186 -28.77 -77.40 -25.18
N ARG F 187 -28.86 -77.04 -23.91
CA ARG F 187 -29.81 -77.69 -23.00
C ARG F 187 -31.11 -76.89 -22.76
N GLU F 188 -31.23 -75.73 -23.38
CA GLU F 188 -32.42 -74.89 -23.24
C GLU F 188 -33.74 -75.65 -23.24
N PRO F 189 -34.71 -75.18 -22.43
CA PRO F 189 -36.03 -75.80 -22.32
C PRO F 189 -36.73 -75.88 -23.68
N GLU F 190 -36.48 -74.89 -24.53
CA GLU F 190 -37.08 -74.87 -25.85
C GLU F 190 -36.57 -76.04 -26.69
N ILE F 191 -35.33 -76.44 -26.45
CA ILE F 191 -34.72 -77.57 -27.17
C ILE F 191 -35.48 -78.83 -26.79
N VAL F 192 -35.75 -78.96 -25.49
CA VAL F 192 -36.49 -80.09 -24.97
C VAL F 192 -37.88 -80.11 -25.61
N ASP F 193 -38.50 -78.93 -25.67
CA ASP F 193 -39.85 -78.81 -26.23
C ASP F 193 -39.88 -79.16 -27.71
N THR F 194 -38.88 -78.69 -28.46
CA THR F 194 -38.83 -78.99 -29.88
C THR F 194 -38.59 -80.48 -30.09
N ALA F 195 -37.74 -81.06 -29.24
CA ALA F 195 -37.46 -82.49 -29.32
C ALA F 195 -38.74 -83.31 -29.11
N ASN F 196 -39.48 -82.98 -28.06
CA ASN F 196 -40.69 -83.72 -27.75
C ASN F 196 -41.73 -83.54 -28.84
N PHE F 197 -41.70 -82.40 -29.52
CA PHE F 197 -42.64 -82.17 -30.61
C PHE F 197 -42.30 -83.15 -31.73
N LEU F 198 -41.02 -83.23 -32.07
CA LEU F 198 -40.55 -84.12 -33.13
C LEU F 198 -40.91 -85.57 -32.78
N VAL F 199 -40.70 -85.93 -31.53
CA VAL F 199 -41.01 -87.28 -31.07
C VAL F 199 -42.50 -87.57 -31.23
N ALA F 200 -43.31 -86.55 -31.05
CA ALA F 200 -44.75 -86.71 -31.19
C ALA F 200 -45.12 -86.99 -32.67
N LEU F 201 -44.31 -86.50 -33.60
CA LEU F 201 -44.57 -86.72 -35.02
C LEU F 201 -44.04 -88.07 -35.43
N GLY F 202 -43.38 -88.76 -34.50
CA GLY F 202 -42.84 -90.06 -34.80
C GLY F 202 -41.33 -90.17 -34.75
N ALA F 203 -40.65 -89.05 -34.55
CA ALA F 203 -39.18 -89.06 -34.49
C ALA F 203 -38.68 -89.82 -33.27
N LYS F 204 -37.43 -90.28 -33.34
CA LYS F 204 -36.82 -91.00 -32.23
C LYS F 204 -35.67 -90.17 -31.70
N ILE F 205 -35.89 -89.52 -30.56
CA ILE F 205 -34.87 -88.67 -29.95
C ILE F 205 -34.75 -88.91 -28.44
N SER F 206 -33.53 -88.81 -27.92
CA SER F 206 -33.32 -88.98 -26.49
C SER F 206 -32.13 -88.10 -26.11
N GLY F 207 -32.09 -87.69 -24.85
CA GLY F 207 -30.98 -86.86 -24.40
C GLY F 207 -31.29 -85.38 -24.39
N GLN F 208 -32.41 -84.98 -25.01
CA GLN F 208 -32.77 -83.57 -25.05
C GLN F 208 -32.76 -83.05 -23.62
N GLY F 209 -32.13 -81.91 -23.43
CA GLY F 209 -32.03 -81.35 -22.09
C GLY F 209 -30.64 -81.59 -21.51
N THR F 210 -29.89 -82.50 -22.13
CA THR F 210 -28.53 -82.80 -21.68
C THR F 210 -27.53 -82.31 -22.75
N ASP F 211 -26.23 -82.44 -22.52
CA ASP F 211 -25.29 -81.99 -23.53
C ASP F 211 -24.97 -83.01 -24.62
N ARG F 212 -25.78 -84.06 -24.68
CA ARG F 212 -25.64 -85.10 -25.70
C ARG F 212 -27.02 -85.58 -26.17
N ILE F 213 -27.36 -85.22 -27.40
CA ILE F 213 -28.65 -85.60 -27.96
C ILE F 213 -28.44 -86.68 -29.00
N THR F 214 -29.20 -87.75 -28.89
CA THR F 214 -29.12 -88.85 -29.83
C THR F 214 -30.39 -88.95 -30.65
N ILE F 215 -30.24 -88.94 -31.98
CA ILE F 215 -31.36 -89.03 -32.88
C ILE F 215 -31.20 -90.22 -33.82
N GLU F 216 -32.23 -91.05 -33.92
CA GLU F 216 -32.18 -92.18 -34.83
C GLU F 216 -33.20 -91.89 -35.92
N GLY F 217 -32.69 -91.61 -37.12
CA GLY F 217 -33.56 -91.28 -38.23
C GLY F 217 -34.65 -92.30 -38.53
N VAL F 218 -35.73 -91.80 -39.13
CA VAL F 218 -36.86 -92.63 -39.54
C VAL F 218 -37.22 -92.21 -40.97
N GLU F 219 -38.01 -93.01 -41.67
CA GLU F 219 -38.37 -92.70 -43.05
C GLU F 219 -39.20 -91.43 -43.22
N ARG F 220 -40.19 -91.25 -42.35
CA ARG F 220 -41.03 -90.07 -42.42
C ARG F 220 -41.68 -89.71 -41.08
N LEU F 221 -42.15 -88.48 -40.99
CA LEU F 221 -42.82 -87.99 -39.80
C LEU F 221 -44.29 -87.75 -40.13
N GLY F 222 -45.18 -88.09 -39.19
CA GLY F 222 -46.59 -87.94 -39.42
C GLY F 222 -47.14 -86.59 -39.04
N GLY F 223 -48.13 -86.58 -38.15
CA GLY F 223 -48.74 -85.35 -37.70
C GLY F 223 -49.11 -85.48 -36.24
N GLY F 224 -49.96 -84.59 -35.74
CA GLY F 224 -50.36 -84.66 -34.35
C GLY F 224 -50.69 -83.32 -33.70
N VAL F 225 -50.78 -83.33 -32.38
CA VAL F 225 -51.11 -82.14 -31.62
C VAL F 225 -50.09 -81.94 -30.47
N TYR F 226 -49.52 -80.75 -30.39
CA TYR F 226 -48.53 -80.45 -29.36
C TYR F 226 -48.75 -79.05 -28.78
N ARG F 227 -48.67 -78.96 -27.45
CA ARG F 227 -48.85 -77.69 -26.77
C ARG F 227 -47.51 -77.09 -26.35
N VAL F 228 -47.20 -75.89 -26.85
CA VAL F 228 -45.96 -75.21 -26.54
C VAL F 228 -45.85 -74.87 -25.04
N LEU F 229 -44.64 -75.01 -24.48
CA LEU F 229 -44.46 -74.71 -23.06
C LEU F 229 -44.53 -73.21 -22.77
N PRO F 230 -44.70 -72.83 -21.49
CA PRO F 230 -44.78 -71.42 -21.10
C PRO F 230 -43.52 -70.67 -21.48
N ASP F 231 -43.66 -69.38 -21.76
CA ASP F 231 -42.54 -68.54 -22.12
C ASP F 231 -41.82 -68.08 -20.85
N ARG F 232 -40.66 -68.66 -20.56
CA ARG F 232 -39.92 -68.32 -19.35
C ARG F 232 -39.42 -66.88 -19.32
N ILE F 233 -39.16 -66.30 -20.48
CA ILE F 233 -38.68 -64.92 -20.50
C ILE F 233 -39.81 -63.94 -20.18
N GLU F 234 -41.02 -64.23 -20.68
CA GLU F 234 -42.16 -63.36 -20.39
C GLU F 234 -42.35 -63.45 -18.88
N THR F 235 -42.29 -64.66 -18.36
CA THR F 235 -42.46 -64.87 -16.92
C THR F 235 -41.44 -64.05 -16.16
N GLY F 236 -40.17 -64.18 -16.54
CA GLY F 236 -39.12 -63.44 -15.86
C GLY F 236 -39.32 -61.95 -15.94
N THR F 237 -39.84 -61.49 -17.08
CA THR F 237 -40.07 -60.07 -17.28
C THR F 237 -41.13 -59.52 -16.30
N PHE F 238 -42.22 -60.26 -16.12
CA PHE F 238 -43.25 -59.80 -15.20
C PHE F 238 -42.82 -59.94 -13.75
N LEU F 239 -42.01 -60.96 -13.46
CA LEU F 239 -41.53 -61.11 -12.09
C LEU F 239 -40.66 -59.91 -11.76
N VAL F 240 -39.88 -59.47 -12.75
CA VAL F 240 -39.01 -58.31 -12.55
C VAL F 240 -39.85 -57.04 -12.41
N ALA F 241 -40.95 -57.01 -13.16
CA ALA F 241 -41.87 -55.88 -13.10
C ALA F 241 -42.29 -55.64 -11.66
N ALA F 242 -42.61 -56.72 -10.96
CA ALA F 242 -43.01 -56.59 -9.58
C ALA F 242 -41.82 -56.23 -8.69
N ALA F 243 -40.73 -56.95 -8.85
CA ALA F 243 -39.53 -56.75 -8.05
C ALA F 243 -38.99 -55.33 -8.04
N ILE F 244 -39.15 -54.61 -9.16
CA ILE F 244 -38.64 -53.22 -9.22
C ILE F 244 -39.69 -52.16 -8.84
N SER F 245 -40.93 -52.57 -8.62
CA SER F 245 -41.98 -51.62 -8.26
C SER F 245 -42.54 -51.88 -6.88
N GLY F 246 -41.81 -52.68 -6.09
CA GLY F 246 -42.25 -53.00 -4.74
C GLY F 246 -43.56 -53.77 -4.66
N GLY F 247 -44.04 -54.25 -5.81
CA GLY F 247 -45.30 -54.97 -5.83
C GLY F 247 -45.23 -56.46 -5.57
N LYS F 248 -46.35 -57.13 -5.80
CA LYS F 248 -46.46 -58.56 -5.62
C LYS F 248 -47.21 -59.04 -6.86
N ILE F 249 -46.86 -60.21 -7.37
CA ILE F 249 -47.52 -60.72 -8.55
C ILE F 249 -47.53 -62.25 -8.58
N VAL F 250 -48.49 -62.80 -9.31
CA VAL F 250 -48.59 -64.24 -9.45
C VAL F 250 -48.72 -64.50 -10.93
N CYS F 251 -47.82 -65.33 -11.46
CA CYS F 251 -47.82 -65.68 -12.87
C CYS F 251 -48.49 -67.04 -13.02
N ARG F 252 -49.57 -67.08 -13.79
CA ARG F 252 -50.30 -68.31 -14.02
C ARG F 252 -49.81 -68.94 -15.33
N ASN F 253 -50.00 -70.24 -15.46
CA ASN F 253 -49.56 -70.97 -16.66
C ASN F 253 -48.05 -70.87 -16.80
N ALA F 254 -47.36 -70.94 -15.67
CA ALA F 254 -45.91 -70.86 -15.62
C ALA F 254 -45.27 -72.22 -15.44
N GLN F 255 -43.96 -72.30 -15.67
CA GLN F 255 -43.24 -73.54 -15.50
C GLN F 255 -41.97 -73.20 -14.73
N PRO F 256 -42.07 -73.18 -13.40
CA PRO F 256 -40.98 -72.87 -12.46
C PRO F 256 -39.60 -73.47 -12.70
N ASP F 257 -39.53 -74.75 -13.05
CA ASP F 257 -38.24 -75.41 -13.27
C ASP F 257 -37.38 -74.85 -14.39
N THR F 258 -37.94 -73.95 -15.19
CA THR F 258 -37.21 -73.36 -16.29
C THR F 258 -36.59 -72.04 -15.88
N LEU F 259 -36.77 -71.66 -14.62
CA LEU F 259 -36.26 -70.37 -14.13
C LEU F 259 -35.45 -70.40 -12.83
N ASP F 260 -34.82 -71.52 -12.53
CA ASP F 260 -34.04 -71.61 -11.29
C ASP F 260 -33.07 -70.46 -11.13
N ALA F 261 -32.27 -70.19 -12.14
CA ALA F 261 -31.29 -69.11 -12.07
C ALA F 261 -31.94 -67.75 -11.82
N VAL F 262 -33.00 -67.43 -12.56
CA VAL F 262 -33.69 -66.16 -12.41
C VAL F 262 -34.32 -66.02 -11.02
N LEU F 263 -35.02 -67.05 -10.57
CA LEU F 263 -35.65 -67.00 -9.25
C LEU F 263 -34.60 -66.85 -8.14
N ALA F 264 -33.46 -67.53 -8.31
CA ALA F 264 -32.40 -67.44 -7.31
C ALA F 264 -31.88 -66.01 -7.23
N LYS F 265 -31.73 -65.38 -8.39
CA LYS F 265 -31.24 -64.02 -8.45
C LYS F 265 -32.24 -63.03 -7.88
N LEU F 266 -33.53 -63.28 -8.11
CA LEU F 266 -34.56 -62.40 -7.59
C LEU F 266 -34.56 -62.48 -6.07
N ARG F 267 -34.33 -63.68 -5.53
CA ARG F 267 -34.30 -63.82 -4.07
C ARG F 267 -33.12 -63.05 -3.54
N GLU F 268 -31.99 -63.12 -4.24
CA GLU F 268 -30.81 -62.40 -3.82
C GLU F 268 -31.09 -60.90 -3.80
N ALA F 269 -32.01 -60.46 -4.66
CA ALA F 269 -32.37 -59.04 -4.75
C ALA F 269 -33.36 -58.68 -3.62
N GLY F 270 -33.84 -59.70 -2.92
CA GLY F 270 -34.76 -59.49 -1.82
C GLY F 270 -36.21 -59.90 -2.02
N ALA F 271 -36.51 -60.59 -3.12
CA ALA F 271 -37.88 -61.00 -3.39
C ALA F 271 -38.32 -62.22 -2.60
N ASP F 272 -39.59 -62.23 -2.19
CA ASP F 272 -40.18 -63.35 -1.47
C ASP F 272 -40.89 -64.14 -2.56
N ILE F 273 -40.29 -65.26 -2.93
CA ILE F 273 -40.82 -66.10 -3.99
C ILE F 273 -41.31 -67.47 -3.56
N GLU F 274 -42.44 -67.86 -4.13
CA GLU F 274 -43.04 -69.15 -3.88
C GLU F 274 -43.44 -69.69 -5.24
N THR F 275 -43.46 -71.01 -5.35
CA THR F 275 -43.83 -71.63 -6.61
C THR F 275 -44.79 -72.79 -6.42
N GLY F 276 -45.54 -73.07 -7.48
CA GLY F 276 -46.47 -74.16 -7.45
C GLY F 276 -46.20 -75.05 -8.65
N GLU F 277 -47.15 -75.89 -9.00
CA GLU F 277 -47.01 -76.78 -10.13
C GLU F 277 -46.94 -75.99 -11.43
N ASP F 278 -47.78 -74.97 -11.55
CA ASP F 278 -47.83 -74.15 -12.75
C ASP F 278 -47.96 -72.65 -12.47
N TRP F 279 -47.39 -72.18 -11.37
CA TRP F 279 -47.48 -70.76 -11.05
C TRP F 279 -46.31 -70.33 -10.18
N ILE F 280 -46.01 -69.04 -10.23
CA ILE F 280 -44.93 -68.45 -9.45
C ILE F 280 -45.44 -67.15 -8.87
N SER F 281 -45.13 -66.92 -7.60
CA SER F 281 -45.57 -65.68 -6.96
C SER F 281 -44.36 -64.95 -6.41
N LEU F 282 -44.35 -63.64 -6.56
CA LEU F 282 -43.24 -62.84 -6.06
C LEU F 282 -43.82 -61.64 -5.34
N ASP F 283 -43.31 -61.39 -4.14
CA ASP F 283 -43.76 -60.28 -3.32
C ASP F 283 -42.53 -59.53 -2.83
N MET F 284 -42.46 -58.24 -3.12
CA MET F 284 -41.33 -57.43 -2.67
C MET F 284 -41.61 -56.82 -1.31
N HIS F 285 -42.88 -56.88 -0.91
CA HIS F 285 -43.30 -56.33 0.37
C HIS F 285 -42.92 -54.85 0.41
N GLY F 286 -43.19 -54.17 -0.71
CA GLY F 286 -42.90 -52.75 -0.81
C GLY F 286 -41.44 -52.36 -0.67
N LYS F 287 -40.57 -53.38 -0.64
CA LYS F 287 -39.12 -53.18 -0.52
C LYS F 287 -38.40 -52.89 -1.84
N ARG F 288 -37.45 -51.96 -1.79
CA ARG F 288 -36.63 -51.57 -2.94
C ARG F 288 -35.69 -52.77 -3.12
N PRO F 289 -35.40 -53.17 -4.37
CA PRO F 289 -34.51 -54.31 -4.58
C PRO F 289 -33.05 -54.07 -4.20
N LYS F 290 -32.35 -55.15 -3.86
CA LYS F 290 -30.94 -55.11 -3.50
C LYS F 290 -30.15 -55.41 -4.77
N ALA F 291 -29.08 -54.68 -5.02
CA ALA F 291 -28.25 -54.90 -6.20
C ALA F 291 -27.70 -56.33 -6.24
N VAL F 292 -27.65 -56.91 -7.43
CA VAL F 292 -27.15 -58.27 -7.60
C VAL F 292 -26.11 -58.34 -8.69
N THR F 293 -25.38 -59.45 -8.71
CA THR F 293 -24.34 -59.66 -9.71
C THR F 293 -24.78 -60.81 -10.62
N VAL F 294 -24.73 -60.56 -11.91
CA VAL F 294 -25.16 -61.53 -12.90
C VAL F 294 -24.13 -61.78 -14.00
N ARG F 295 -24.10 -63.03 -14.49
CA ARG F 295 -23.23 -63.43 -15.59
C ARG F 295 -24.03 -64.39 -16.49
N THR F 296 -24.50 -63.88 -17.62
CA THR F 296 -25.28 -64.68 -18.55
C THR F 296 -24.48 -65.86 -19.04
N ALA F 297 -25.17 -66.93 -19.43
CA ALA F 297 -24.53 -68.14 -19.95
C ALA F 297 -25.60 -69.08 -20.45
N PRO F 298 -25.22 -70.18 -21.11
CA PRO F 298 -26.20 -71.13 -21.62
C PRO F 298 -27.02 -71.72 -20.47
N HIS F 299 -28.25 -72.13 -20.78
CA HIS F 299 -29.13 -72.73 -19.78
C HIS F 299 -28.39 -73.89 -19.12
N PRO F 300 -28.66 -74.18 -17.84
CA PRO F 300 -29.59 -73.56 -16.86
C PRO F 300 -29.09 -72.31 -16.13
N ALA F 301 -28.02 -71.70 -16.63
CA ALA F 301 -27.48 -70.50 -16.02
C ALA F 301 -28.39 -69.32 -16.29
N PHE F 302 -28.01 -68.14 -15.81
CA PHE F 302 -28.82 -66.94 -16.05
C PHE F 302 -28.90 -66.67 -17.55
N PRO F 303 -30.13 -66.62 -18.10
CA PRO F 303 -30.39 -66.38 -19.52
C PRO F 303 -30.12 -64.94 -19.99
N THR F 304 -29.48 -64.80 -21.15
CA THR F 304 -29.20 -63.48 -21.70
C THR F 304 -30.49 -62.73 -22.05
N ALA F 305 -31.56 -63.46 -22.34
CA ALA F 305 -32.83 -62.83 -22.68
C ALA F 305 -33.47 -62.08 -21.50
N MET F 306 -32.85 -62.17 -20.31
CA MET F 306 -33.37 -61.51 -19.11
C MET F 306 -32.38 -60.46 -18.59
N GLN F 307 -31.24 -60.38 -19.26
CA GLN F 307 -30.19 -59.45 -18.90
C GLN F 307 -30.60 -57.98 -18.91
N ALA F 308 -31.27 -57.54 -19.98
CA ALA F 308 -31.70 -56.14 -20.05
C ALA F 308 -32.63 -55.80 -18.89
N GLN F 309 -33.56 -56.72 -18.61
CA GLN F 309 -34.51 -56.52 -17.51
C GLN F 309 -33.79 -56.42 -16.16
N PHE F 310 -32.80 -57.27 -15.94
CA PHE F 310 -32.07 -57.22 -14.69
C PHE F 310 -31.14 -56.01 -14.64
N THR F 311 -30.79 -55.46 -15.80
CA THR F 311 -29.94 -54.28 -15.80
C THR F 311 -30.78 -53.18 -15.14
N LEU F 312 -32.04 -53.13 -15.54
CA LEU F 312 -32.99 -52.15 -15.00
C LEU F 312 -33.08 -52.31 -13.49
N LEU F 313 -33.37 -53.53 -13.06
CA LEU F 313 -33.49 -53.83 -11.64
C LEU F 313 -32.30 -53.29 -10.88
N ASN F 314 -31.09 -53.57 -11.35
CA ASN F 314 -29.90 -53.06 -10.66
C ASN F 314 -29.84 -51.54 -10.68
N LEU F 315 -30.23 -50.94 -11.81
CA LEU F 315 -30.17 -49.49 -11.91
C LEU F 315 -31.08 -48.72 -10.95
N VAL F 316 -32.05 -49.42 -10.36
CA VAL F 316 -32.93 -48.78 -9.38
C VAL F 316 -32.83 -49.53 -8.05
N ALA F 317 -31.78 -50.32 -7.91
CA ALA F 317 -31.57 -51.11 -6.70
C ALA F 317 -30.63 -50.42 -5.71
N GLU F 318 -30.56 -50.98 -4.51
CA GLU F 318 -29.69 -50.42 -3.48
C GLU F 318 -28.34 -51.11 -3.60
N GLY F 319 -27.32 -50.32 -3.94
CA GLY F 319 -25.98 -50.86 -4.07
C GLY F 319 -25.41 -50.84 -5.47
N THR F 320 -24.23 -51.44 -5.62
CA THR F 320 -23.56 -51.52 -6.91
C THR F 320 -23.72 -52.92 -7.49
N GLY F 321 -24.48 -53.02 -8.58
CA GLY F 321 -24.70 -54.30 -9.22
C GLY F 321 -23.85 -54.43 -10.47
N VAL F 322 -23.35 -55.64 -10.74
CA VAL F 322 -22.51 -55.86 -11.91
C VAL F 322 -23.07 -56.98 -12.79
N ILE F 323 -23.27 -56.65 -14.06
CA ILE F 323 -23.80 -57.61 -15.02
C ILE F 323 -22.80 -57.87 -16.14
N THR F 324 -22.43 -59.14 -16.34
CA THR F 324 -21.51 -59.53 -17.40
C THR F 324 -22.24 -60.40 -18.44
N GLU F 325 -22.33 -59.91 -19.67
CA GLU F 325 -23.02 -60.60 -20.77
C GLU F 325 -22.00 -61.41 -21.58
N THR F 326 -22.20 -62.73 -21.68
CA THR F 326 -21.25 -63.57 -22.41
C THR F 326 -21.81 -64.23 -23.67
N ILE F 327 -23.07 -63.97 -24.00
CA ILE F 327 -23.66 -64.59 -25.18
C ILE F 327 -23.64 -63.69 -26.41
N PHE F 328 -24.05 -62.42 -26.26
CA PHE F 328 -24.06 -61.49 -27.39
C PHE F 328 -23.17 -60.28 -27.17
N GLU F 329 -22.34 -60.00 -28.16
CA GLU F 329 -21.37 -58.91 -28.06
C GLU F 329 -21.90 -57.48 -28.02
N ASN F 330 -23.17 -57.26 -28.39
CA ASN F 330 -23.74 -55.90 -28.36
C ASN F 330 -25.14 -55.85 -27.71
N ARG F 331 -25.26 -56.27 -26.45
CA ARG F 331 -26.57 -56.27 -25.79
C ARG F 331 -26.68 -55.36 -24.56
N PHE F 332 -26.13 -54.16 -24.69
CA PHE F 332 -26.17 -53.16 -23.63
C PHE F 332 -26.79 -51.88 -24.18
N MET F 333 -27.48 -52.00 -25.31
CA MET F 333 -28.07 -50.84 -25.96
C MET F 333 -29.11 -50.10 -25.14
N HIS F 334 -29.67 -50.78 -24.14
CA HIS F 334 -30.68 -50.18 -23.28
C HIS F 334 -30.06 -49.24 -22.27
N VAL F 335 -28.81 -49.51 -21.90
CA VAL F 335 -28.10 -48.70 -20.92
C VAL F 335 -28.07 -47.18 -21.22
N PRO F 336 -27.65 -46.79 -22.41
CA PRO F 336 -27.61 -45.35 -22.71
C PRO F 336 -28.99 -44.71 -22.62
N GLU F 337 -30.03 -45.49 -22.91
CA GLU F 337 -31.39 -44.98 -22.85
C GLU F 337 -31.83 -44.80 -21.41
N LEU F 338 -31.53 -45.78 -20.56
CA LEU F 338 -31.90 -45.67 -19.15
C LEU F 338 -31.14 -44.52 -18.51
N ILE F 339 -29.92 -44.27 -18.96
CA ILE F 339 -29.15 -43.16 -18.40
C ILE F 339 -29.88 -41.84 -18.65
N ARG F 340 -30.59 -41.76 -19.77
CA ARG F 340 -31.36 -40.56 -20.08
C ARG F 340 -32.48 -40.39 -19.03
N MET F 341 -32.88 -41.50 -18.42
CA MET F 341 -33.91 -41.50 -17.40
C MET F 341 -33.33 -41.33 -16.00
N GLY F 342 -32.05 -40.95 -15.92
CA GLY F 342 -31.43 -40.73 -14.63
C GLY F 342 -30.65 -41.88 -14.04
N ALA F 343 -30.61 -43.01 -14.75
CA ALA F 343 -29.87 -44.17 -14.27
C ALA F 343 -28.38 -43.82 -14.29
N HIS F 344 -27.59 -44.59 -13.56
CA HIS F 344 -26.15 -44.36 -13.51
C HIS F 344 -25.43 -45.67 -13.76
N ALA F 345 -24.50 -45.67 -14.71
CA ALA F 345 -23.79 -46.91 -15.02
C ALA F 345 -22.65 -46.68 -15.98
N GLU F 346 -21.69 -47.60 -15.98
CA GLU F 346 -20.55 -47.54 -16.88
C GLU F 346 -20.41 -48.89 -17.54
N ILE F 347 -20.08 -48.88 -18.83
CA ILE F 347 -19.89 -50.10 -19.58
C ILE F 347 -18.40 -50.28 -19.80
N GLU F 348 -17.91 -51.45 -19.40
CA GLU F 348 -16.52 -51.80 -19.59
C GLU F 348 -16.56 -53.13 -20.29
N SER F 349 -16.16 -53.12 -21.55
CA SER F 349 -16.15 -54.33 -22.35
C SER F 349 -17.54 -55.00 -22.29
N ASN F 350 -17.59 -56.25 -21.84
CA ASN F 350 -18.88 -56.95 -21.79
C ASN F 350 -19.56 -56.99 -20.41
N THR F 351 -19.33 -55.99 -19.58
CA THR F 351 -20.01 -55.95 -18.28
C THR F 351 -20.41 -54.51 -17.94
N VAL F 352 -21.56 -54.35 -17.28
CA VAL F 352 -22.04 -53.03 -16.89
C VAL F 352 -21.94 -52.86 -15.38
N ILE F 353 -21.33 -51.77 -14.96
CA ILE F 353 -21.23 -51.48 -13.53
C ILE F 353 -22.44 -50.59 -13.25
N CYS F 354 -23.37 -51.09 -12.42
CA CYS F 354 -24.58 -50.34 -12.08
C CYS F 354 -24.51 -49.70 -10.70
N HIS F 355 -24.99 -48.47 -10.62
CA HIS F 355 -25.03 -47.72 -9.37
C HIS F 355 -26.49 -47.32 -9.19
N GLY F 356 -27.25 -48.18 -8.52
CA GLY F 356 -28.66 -47.93 -8.30
C GLY F 356 -29.02 -46.58 -7.72
N VAL F 357 -30.16 -46.06 -8.16
CA VAL F 357 -30.67 -44.77 -7.68
C VAL F 357 -32.07 -45.01 -7.16
N GLU F 358 -32.57 -44.10 -6.35
CA GLU F 358 -33.89 -44.31 -5.81
C GLU F 358 -34.99 -44.27 -6.85
N LYS F 359 -35.05 -43.18 -7.60
CA LYS F 359 -36.08 -43.04 -8.61
C LYS F 359 -35.58 -42.52 -9.95
N LEU F 360 -36.20 -43.02 -11.02
CA LEU F 360 -35.87 -42.64 -12.38
C LEU F 360 -36.79 -41.50 -12.82
N SER F 361 -36.37 -40.74 -13.83
CA SER F 361 -37.18 -39.65 -14.33
C SER F 361 -37.70 -39.99 -15.70
N GLY F 362 -38.99 -39.73 -15.93
CA GLY F 362 -39.55 -40.02 -17.24
C GLY F 362 -38.87 -39.19 -18.30
N ALA F 363 -38.72 -39.76 -19.49
CA ALA F 363 -38.07 -39.05 -20.59
C ALA F 363 -38.37 -39.80 -21.87
N GLN F 364 -37.91 -39.28 -22.99
CA GLN F 364 -38.13 -39.93 -24.27
C GLN F 364 -36.95 -40.84 -24.52
N VAL F 365 -37.23 -42.13 -24.63
CA VAL F 365 -36.20 -43.12 -24.87
C VAL F 365 -36.55 -43.95 -26.10
N MET F 366 -35.57 -44.66 -26.63
CA MET F 366 -35.80 -45.45 -27.83
C MET F 366 -35.49 -46.93 -27.67
N ALA F 367 -36.48 -47.76 -28.00
CA ALA F 367 -36.31 -49.20 -27.94
C ALA F 367 -35.34 -49.59 -29.06
N THR F 368 -34.40 -50.49 -28.75
CA THR F 368 -33.41 -50.91 -29.74
C THR F 368 -33.54 -52.36 -30.12
N ASP F 369 -34.19 -53.14 -29.27
CA ASP F 369 -34.36 -54.56 -29.51
C ASP F 369 -35.50 -55.06 -28.63
N LEU F 370 -35.89 -56.32 -28.83
CA LEU F 370 -36.98 -56.91 -28.07
C LEU F 370 -36.93 -56.74 -26.56
N ARG F 371 -35.92 -57.32 -25.91
CA ARG F 371 -35.85 -57.24 -24.45
C ARG F 371 -35.56 -55.84 -23.92
N ALA F 372 -34.88 -55.03 -24.71
CA ALA F 372 -34.58 -53.68 -24.25
C ALA F 372 -35.88 -52.89 -24.22
N SER F 373 -36.71 -53.07 -25.24
CA SER F 373 -37.97 -52.35 -25.30
C SER F 373 -38.82 -52.66 -24.07
N ALA F 374 -38.89 -53.93 -23.68
CA ALA F 374 -39.68 -54.30 -22.52
C ALA F 374 -39.07 -53.65 -21.27
N SER F 375 -37.74 -53.57 -21.23
CA SER F 375 -37.10 -52.96 -20.09
C SER F 375 -37.44 -51.47 -20.00
N LEU F 376 -37.39 -50.78 -21.14
CA LEU F 376 -37.70 -49.36 -21.15
C LEU F 376 -39.15 -49.10 -20.77
N VAL F 377 -40.04 -50.02 -21.13
CA VAL F 377 -41.44 -49.86 -20.78
C VAL F 377 -41.60 -50.03 -19.27
N LEU F 378 -40.95 -51.02 -18.69
CA LEU F 378 -41.03 -51.20 -17.24
C LEU F 378 -40.43 -49.98 -16.54
N ALA F 379 -39.37 -49.42 -17.12
CA ALA F 379 -38.72 -48.24 -16.54
C ALA F 379 -39.75 -47.12 -16.47
N GLY F 380 -40.51 -46.96 -17.55
CA GLY F 380 -41.51 -45.92 -17.60
C GLY F 380 -42.55 -46.08 -16.51
N CYS F 381 -42.89 -47.34 -16.21
CA CYS F 381 -43.87 -47.66 -15.18
C CYS F 381 -43.45 -47.21 -13.77
N ILE F 382 -42.16 -47.29 -13.46
CA ILE F 382 -41.71 -46.90 -12.14
C ILE F 382 -41.01 -45.55 -12.11
N ALA F 383 -40.78 -44.97 -13.27
CA ALA F 383 -40.12 -43.65 -13.31
C ALA F 383 -41.08 -42.57 -12.86
N GLU F 384 -40.52 -41.42 -12.52
CA GLU F 384 -41.30 -40.30 -12.04
C GLU F 384 -41.72 -39.43 -13.22
N GLY F 385 -43.00 -39.45 -13.56
CA GLY F 385 -43.44 -38.63 -14.66
C GLY F 385 -43.88 -39.40 -15.90
N THR F 386 -43.72 -38.76 -17.05
CA THR F 386 -44.10 -39.35 -18.33
C THR F 386 -42.92 -39.85 -19.13
N THR F 387 -43.01 -41.10 -19.57
CA THR F 387 -41.95 -41.69 -20.38
C THR F 387 -42.54 -42.04 -21.74
N VAL F 388 -41.78 -41.81 -22.80
CA VAL F 388 -42.24 -42.14 -24.14
C VAL F 388 -41.20 -43.09 -24.75
N VAL F 389 -41.62 -44.33 -25.01
CA VAL F 389 -40.74 -45.33 -25.58
C VAL F 389 -41.06 -45.42 -27.06
N ASP F 390 -40.16 -44.89 -27.87
CA ASP F 390 -40.32 -44.89 -29.31
C ASP F 390 -39.92 -46.24 -29.86
N ARG F 391 -40.49 -46.61 -31.01
CA ARG F 391 -40.18 -47.88 -31.68
C ARG F 391 -40.71 -49.12 -30.97
N ILE F 392 -41.76 -49.01 -30.17
CA ILE F 392 -42.21 -50.20 -29.47
C ILE F 392 -42.59 -51.37 -30.35
N TYR F 393 -42.46 -51.22 -31.67
CA TYR F 393 -42.79 -52.34 -32.55
C TYR F 393 -41.93 -53.53 -32.13
N HIS F 394 -40.72 -53.23 -31.66
CA HIS F 394 -39.80 -54.26 -31.18
C HIS F 394 -40.48 -55.17 -30.17
N ILE F 395 -41.25 -54.58 -29.26
CA ILE F 395 -41.93 -55.34 -28.22
C ILE F 395 -42.99 -56.27 -28.78
N ASP F 396 -43.58 -55.91 -29.91
CA ASP F 396 -44.62 -56.74 -30.51
C ASP F 396 -44.07 -58.03 -31.09
N ARG F 397 -42.76 -58.13 -31.21
CA ARG F 397 -42.12 -59.33 -31.75
C ARG F 397 -42.10 -60.49 -30.75
N GLY F 398 -42.00 -60.19 -29.45
CA GLY F 398 -41.95 -61.26 -28.47
C GLY F 398 -42.87 -61.19 -27.28
N TYR F 399 -43.74 -60.18 -27.21
CA TYR F 399 -44.68 -60.08 -26.09
C TYR F 399 -46.12 -59.98 -26.58
N GLU F 400 -46.96 -60.92 -26.17
CA GLU F 400 -48.36 -60.90 -26.56
C GLU F 400 -49.15 -59.95 -25.67
N ARG F 401 -49.73 -58.91 -26.28
CA ARG F 401 -50.55 -57.92 -25.57
C ARG F 401 -49.93 -57.42 -24.26
N ILE F 402 -48.65 -57.06 -24.29
CA ILE F 402 -48.00 -56.61 -23.06
C ILE F 402 -48.69 -55.37 -22.48
N GLU F 403 -49.24 -54.55 -23.37
CA GLU F 403 -49.94 -53.33 -22.96
C GLU F 403 -51.11 -53.67 -22.03
N ASP F 404 -51.91 -54.65 -22.44
CA ASP F 404 -53.06 -55.09 -21.66
C ASP F 404 -52.65 -55.73 -20.34
N LYS F 405 -51.69 -56.65 -20.40
CA LYS F 405 -51.23 -57.34 -19.21
C LYS F 405 -50.64 -56.37 -18.19
N LEU F 406 -49.87 -55.39 -18.67
CA LEU F 406 -49.27 -54.42 -17.76
C LEU F 406 -50.34 -53.54 -17.15
N ARG F 407 -51.30 -53.13 -17.98
CA ARG F 407 -52.39 -52.29 -17.49
C ARG F 407 -53.13 -53.03 -16.38
N ALA F 408 -53.40 -54.31 -16.60
CA ALA F 408 -54.10 -55.11 -15.60
C ALA F 408 -53.30 -55.23 -14.31
N LEU F 409 -52.06 -54.76 -14.33
CA LEU F 409 -51.22 -54.81 -13.14
C LEU F 409 -51.11 -53.44 -12.49
N GLY F 410 -51.81 -52.47 -13.07
CA GLY F 410 -51.80 -51.12 -12.52
C GLY F 410 -51.01 -50.10 -13.30
N ALA F 411 -50.53 -50.47 -14.47
CA ALA F 411 -49.75 -49.55 -15.28
C ALA F 411 -50.62 -48.52 -15.99
N ASN F 412 -50.05 -47.32 -16.15
CA ASN F 412 -50.72 -46.22 -16.85
C ASN F 412 -49.98 -46.15 -18.18
N ILE F 413 -50.47 -46.92 -19.15
CA ILE F 413 -49.80 -46.98 -20.45
C ILE F 413 -50.79 -46.79 -21.60
N GLU F 414 -50.35 -46.12 -22.66
CA GLU F 414 -51.21 -45.86 -23.80
C GLU F 414 -50.39 -45.94 -25.08
N ARG F 415 -50.93 -46.58 -26.11
CA ARG F 415 -50.20 -46.70 -27.37
C ARG F 415 -50.56 -45.64 -28.41
N VAL F 416 -49.86 -44.50 -28.38
CA VAL F 416 -50.11 -43.42 -29.33
C VAL F 416 -49.63 -43.85 -30.71
N LYS F 417 -50.38 -43.48 -31.74
CA LYS F 417 -50.03 -43.89 -33.10
C LYS F 417 -48.96 -43.06 -33.79
N GLY F 418 -48.65 -43.49 -35.02
CA GLY F 418 -47.67 -42.87 -35.89
C GLY F 418 -46.88 -41.65 -35.43
N GLU F 419 -45.89 -41.89 -34.58
CA GLU F 419 -45.04 -40.81 -34.07
C GLU F 419 -45.84 -39.70 -33.38
N MET G 1 18.07 -76.30 -9.87
CA MET G 1 16.86 -76.09 -10.73
C MET G 1 16.93 -77.01 -11.93
N ASP G 2 16.29 -78.17 -11.81
CA ASP G 2 16.28 -79.15 -12.89
C ASP G 2 15.80 -78.60 -14.23
N LYS G 3 16.30 -79.18 -15.31
CA LYS G 3 15.94 -78.76 -16.65
C LYS G 3 15.89 -79.98 -17.54
N PHE G 4 15.30 -79.82 -18.72
CA PHE G 4 15.24 -80.90 -19.70
C PHE G 4 16.04 -80.43 -20.93
N ARG G 5 17.01 -81.23 -21.38
CA ARG G 5 17.80 -80.90 -22.56
C ARG G 5 17.24 -81.85 -23.61
N VAL G 6 16.60 -81.28 -24.64
CA VAL G 6 15.98 -82.08 -25.69
C VAL G 6 16.68 -81.86 -27.02
N GLN G 7 16.95 -82.93 -27.74
CA GLN G 7 17.60 -82.87 -29.05
C GLN G 7 16.57 -83.26 -30.09
N GLY G 8 16.40 -82.42 -31.11
CA GLY G 8 15.43 -82.72 -32.15
C GLY G 8 15.99 -82.44 -33.52
N PRO G 9 15.24 -82.71 -34.59
CA PRO G 9 13.87 -83.26 -34.53
C PRO G 9 13.82 -84.77 -34.42
N THR G 10 12.77 -85.27 -33.77
CA THR G 10 12.58 -86.71 -33.63
C THR G 10 11.11 -87.03 -33.74
N ARG G 11 10.79 -88.01 -34.55
CA ARG G 11 9.40 -88.38 -34.69
C ARG G 11 8.98 -89.15 -33.45
N LEU G 12 7.87 -88.73 -32.88
CA LEU G 12 7.37 -89.41 -31.70
C LEU G 12 6.37 -90.45 -32.14
N GLN G 13 6.62 -91.71 -31.78
CA GLN G 13 5.73 -92.75 -32.19
C GLN G 13 5.90 -93.99 -31.35
N GLY G 14 4.88 -94.84 -31.38
CA GLY G 14 4.91 -96.06 -30.61
C GLY G 14 3.70 -96.16 -29.73
N GLU G 15 3.91 -96.56 -28.48
CA GLU G 15 2.83 -96.71 -27.55
C GLU G 15 3.12 -96.09 -26.19
N VAL G 16 2.06 -95.77 -25.46
CA VAL G 16 2.18 -95.19 -24.14
C VAL G 16 0.97 -95.62 -23.34
N THR G 17 1.16 -95.84 -22.04
CA THR G 17 0.07 -96.24 -21.17
C THR G 17 -0.30 -95.06 -20.30
N ILE G 18 -1.54 -94.61 -20.41
CA ILE G 18 -2.01 -93.47 -19.65
C ILE G 18 -2.17 -93.78 -18.15
N SER G 19 -1.69 -92.87 -17.31
CA SER G 19 -1.78 -93.03 -15.87
C SER G 19 -3.13 -92.52 -15.37
N GLY G 20 -3.39 -92.69 -14.09
CA GLY G 20 -4.63 -92.22 -13.52
C GLY G 20 -4.72 -90.71 -13.62
N ALA G 21 -5.94 -90.20 -13.73
CA ALA G 21 -6.17 -88.77 -13.85
C ALA G 21 -5.76 -87.99 -12.61
N LYS G 22 -4.85 -87.03 -12.80
CA LYS G 22 -4.39 -86.18 -11.71
C LYS G 22 -5.56 -85.45 -11.08
N ASN G 23 -6.42 -84.90 -11.94
CA ASN G 23 -7.57 -84.14 -11.47
C ASN G 23 -8.79 -84.93 -11.02
N ALA G 24 -8.62 -86.24 -10.84
CA ALA G 24 -9.68 -87.12 -10.34
C ALA G 24 -9.13 -87.65 -9.03
N ALA G 25 -7.85 -87.98 -9.04
CA ALA G 25 -7.19 -88.49 -7.86
C ALA G 25 -7.20 -87.44 -6.77
N LEU G 26 -6.86 -86.20 -7.11
CA LEU G 26 -6.82 -85.13 -6.10
C LEU G 26 -8.16 -84.91 -5.38
N PRO G 27 -9.25 -84.65 -6.12
CA PRO G 27 -10.53 -84.44 -5.41
C PRO G 27 -10.99 -85.68 -4.66
N ILE G 28 -10.67 -86.87 -5.18
CA ILE G 28 -11.05 -88.12 -4.52
C ILE G 28 -10.24 -88.30 -3.22
N LEU G 29 -8.95 -87.97 -3.24
CA LEU G 29 -8.14 -88.09 -2.04
C LEU G 29 -8.66 -87.20 -0.92
N PHE G 30 -9.09 -85.98 -1.27
CA PHE G 30 -9.61 -85.08 -0.26
C PHE G 30 -10.99 -85.57 0.20
N ALA G 31 -11.74 -86.15 -0.73
CA ALA G 31 -13.06 -86.66 -0.42
C ALA G 31 -12.93 -87.77 0.62
N ALA G 32 -11.78 -88.46 0.63
CA ALA G 32 -11.54 -89.55 1.55
C ALA G 32 -11.59 -89.09 3.01
N LEU G 33 -11.41 -87.79 3.23
CA LEU G 33 -11.48 -87.24 4.59
C LEU G 33 -12.85 -87.52 5.18
N LEU G 34 -13.82 -87.87 4.33
CA LEU G 34 -15.18 -88.16 4.76
C LEU G 34 -15.33 -89.61 5.21
N ALA G 35 -14.44 -90.47 4.75
CA ALA G 35 -14.51 -91.90 5.07
C ALA G 35 -14.13 -92.22 6.50
N GLU G 36 -14.97 -93.03 7.15
CA GLU G 36 -14.70 -93.43 8.53
C GLU G 36 -13.95 -94.76 8.53
N GLU G 37 -13.95 -95.47 7.39
CA GLU G 37 -13.27 -96.76 7.29
C GLU G 37 -12.17 -96.76 6.23
N PRO G 38 -11.31 -97.80 6.22
CA PRO G 38 -10.22 -97.91 5.26
C PRO G 38 -10.58 -97.66 3.81
N VAL G 39 -9.78 -96.82 3.14
CA VAL G 39 -10.02 -96.52 1.76
C VAL G 39 -8.79 -96.85 0.91
N GLU G 40 -9.02 -97.47 -0.25
CA GLU G 40 -7.93 -97.76 -1.17
C GLU G 40 -8.28 -97.14 -2.51
N ILE G 41 -7.47 -96.20 -2.96
CA ILE G 41 -7.68 -95.53 -4.24
C ILE G 41 -6.65 -96.05 -5.21
N GLN G 42 -7.12 -96.78 -6.21
CA GLN G 42 -6.25 -97.39 -7.20
C GLN G 42 -5.95 -96.54 -8.42
N ASN G 43 -4.86 -96.89 -9.11
CA ASN G 43 -4.43 -96.21 -10.31
C ASN G 43 -4.13 -94.74 -10.05
N VAL G 44 -3.54 -94.44 -8.90
CA VAL G 44 -3.20 -93.05 -8.57
C VAL G 44 -1.83 -92.71 -9.15
N PRO G 45 -1.76 -91.67 -10.00
CA PRO G 45 -0.46 -91.32 -10.58
C PRO G 45 0.53 -90.82 -9.53
N LYS G 46 1.81 -91.00 -9.80
CA LYS G 46 2.85 -90.54 -8.90
C LYS G 46 3.26 -89.15 -9.34
N LEU G 47 2.61 -88.15 -8.75
CA LEU G 47 2.87 -86.75 -9.07
C LEU G 47 3.18 -85.95 -7.81
N LYS G 48 3.85 -84.82 -7.99
CA LYS G 48 4.21 -83.94 -6.89
C LYS G 48 2.99 -83.53 -6.08
N ASP G 49 1.88 -83.25 -6.76
CA ASP G 49 0.67 -82.83 -6.08
C ASP G 49 0.08 -83.95 -5.22
N ILE G 50 0.28 -85.21 -5.62
CA ILE G 50 -0.23 -86.31 -4.83
C ILE G 50 0.59 -86.40 -3.54
N ASP G 51 1.88 -86.10 -3.64
CA ASP G 51 2.75 -86.14 -2.47
C ASP G 51 2.30 -85.06 -1.48
N THR G 52 2.07 -83.86 -2.01
CA THR G 52 1.65 -82.73 -1.19
C THR G 52 0.33 -83.03 -0.53
N THR G 53 -0.58 -83.65 -1.27
CA THR G 53 -1.89 -83.99 -0.74
C THR G 53 -1.73 -84.98 0.41
N MET G 54 -0.90 -86.00 0.20
CA MET G 54 -0.66 -87.00 1.22
C MET G 54 -0.03 -86.33 2.44
N LYS G 55 0.85 -85.37 2.15
CA LYS G 55 1.50 -84.65 3.20
C LYS G 55 0.45 -83.98 4.06
N LEU G 56 -0.45 -83.24 3.42
CA LEU G 56 -1.51 -82.50 4.09
C LEU G 56 -2.42 -83.44 4.86
N LEU G 57 -2.88 -84.50 4.20
CA LEU G 57 -3.76 -85.47 4.85
C LEU G 57 -3.15 -86.01 6.13
N THR G 58 -1.90 -86.44 6.03
CA THR G 58 -1.17 -86.97 7.18
C THR G 58 -1.12 -85.94 8.30
N GLN G 59 -0.89 -84.70 7.91
CA GLN G 59 -0.81 -83.61 8.86
C GLN G 59 -2.17 -83.35 9.56
N LEU G 60 -3.26 -83.88 9.00
CA LEU G 60 -4.58 -83.71 9.60
C LEU G 60 -4.85 -84.87 10.54
N GLY G 61 -3.90 -85.79 10.59
CA GLY G 61 -4.03 -86.96 11.45
C GLY G 61 -4.53 -88.17 10.69
N THR G 62 -4.29 -88.19 9.39
CA THR G 62 -4.71 -89.30 8.56
C THR G 62 -3.56 -90.25 8.38
N LYS G 63 -3.86 -91.54 8.24
CA LYS G 63 -2.84 -92.55 8.01
C LYS G 63 -2.83 -92.77 6.50
N VAL G 64 -1.74 -92.36 5.87
CA VAL G 64 -1.63 -92.47 4.42
C VAL G 64 -0.36 -93.19 3.98
N GLU G 65 -0.50 -94.03 2.97
CA GLU G 65 0.65 -94.70 2.36
C GLU G 65 0.30 -95.17 0.95
N ARG G 66 1.29 -95.18 0.08
CA ARG G 66 1.06 -95.54 -1.30
C ARG G 66 2.17 -96.39 -1.89
N GLY G 68 0.76 -98.67 -6.65
CA GLY G 68 -0.10 -98.10 -7.66
C GLY G 68 -1.31 -97.45 -7.01
N SER G 69 -1.59 -97.83 -5.78
CA SER G 69 -2.73 -97.27 -5.05
C SER G 69 -2.26 -96.40 -3.90
N VAL G 70 -3.21 -95.68 -3.31
CA VAL G 70 -2.96 -94.84 -2.15
C VAL G 70 -3.96 -95.34 -1.10
N TRP G 71 -3.44 -95.84 0.02
CA TRP G 71 -4.30 -96.35 1.10
C TRP G 71 -4.53 -95.27 2.13
N ILE G 72 -5.82 -94.99 2.40
CA ILE G 72 -6.19 -93.96 3.36
C ILE G 72 -6.98 -94.49 4.54
N ASP G 73 -6.66 -93.99 5.72
CA ASP G 73 -7.36 -94.34 6.95
C ASP G 73 -7.58 -93.03 7.68
N ALA G 74 -8.74 -92.43 7.45
CA ALA G 74 -9.05 -91.16 8.08
C ALA G 74 -10.08 -91.35 9.17
N SER G 75 -10.06 -92.51 9.81
CA SER G 75 -10.99 -92.78 10.90
C SER G 75 -10.73 -91.75 12.01
N ASN G 76 -9.47 -91.34 12.17
CA ASN G 76 -9.13 -90.34 13.18
C ASN G 76 -8.58 -89.07 12.54
N VAL G 77 -8.99 -87.92 13.02
CA VAL G 77 -8.48 -86.67 12.48
C VAL G 77 -8.25 -85.72 13.65
N ASN G 78 -6.98 -85.56 14.01
CA ASN G 78 -6.60 -84.70 15.14
C ASN G 78 -6.20 -83.28 14.74
N ASN G 79 -6.60 -82.85 13.57
CA ASN G 79 -6.25 -81.50 13.13
C ASN G 79 -7.14 -81.11 11.97
N PHE G 80 -7.61 -79.86 11.98
CA PHE G 80 -8.51 -79.39 10.96
C PHE G 80 -8.02 -78.16 10.20
N SER G 81 -6.72 -78.10 9.94
CA SER G 81 -6.15 -76.95 9.26
C SER G 81 -5.10 -77.21 8.17
N ALA G 82 -5.27 -76.56 7.02
CA ALA G 82 -4.31 -76.65 5.91
C ALA G 82 -3.55 -75.34 6.03
N PRO G 83 -2.27 -75.41 6.41
CA PRO G 83 -1.43 -74.20 6.58
C PRO G 83 -0.94 -73.50 5.32
N TYR G 84 -0.70 -72.19 5.47
CA TYR G 84 -0.19 -71.34 4.40
C TYR G 84 0.95 -71.99 3.62
N ASP G 85 2.07 -72.25 4.29
CA ASP G 85 3.23 -72.84 3.64
C ASP G 85 2.94 -74.13 2.90
N LEU G 86 1.78 -74.72 3.13
CA LEU G 86 1.45 -75.95 2.44
C LEU G 86 0.53 -75.65 1.25
N VAL G 87 -0.52 -74.86 1.47
CA VAL G 87 -1.43 -74.55 0.37
C VAL G 87 -0.78 -73.62 -0.64
N LYS G 88 0.26 -72.91 -0.22
CA LYS G 88 0.93 -72.01 -1.16
C LYS G 88 1.64 -72.82 -2.23
N THR G 89 1.79 -74.12 -2.01
CA THR G 89 2.44 -74.99 -2.98
C THR G 89 1.41 -75.80 -3.77
N MET G 90 0.16 -75.76 -3.32
CA MET G 90 -0.92 -76.47 -4.00
C MET G 90 -2.27 -75.92 -3.59
N ARG G 91 -2.85 -75.10 -4.46
CA ARG G 91 -4.13 -74.47 -4.18
C ARG G 91 -5.29 -75.48 -4.14
N ALA G 92 -5.06 -76.70 -4.60
CA ALA G 92 -6.12 -77.69 -4.56
C ALA G 92 -6.41 -78.10 -3.10
N SER G 93 -5.57 -77.65 -2.17
CA SER G 93 -5.74 -77.96 -0.74
C SER G 93 -7.07 -77.39 -0.26
N ILE G 94 -7.61 -76.44 -1.01
CA ILE G 94 -8.87 -75.81 -0.66
C ILE G 94 -9.97 -76.87 -0.55
N TRP G 95 -9.80 -78.00 -1.24
CA TRP G 95 -10.77 -79.08 -1.20
C TRP G 95 -10.87 -79.79 0.14
N ALA G 96 -10.03 -79.42 1.09
CA ALA G 96 -10.08 -80.02 2.42
C ALA G 96 -11.16 -79.35 3.28
N LEU G 97 -11.43 -78.08 3.01
CA LEU G 97 -12.41 -77.32 3.78
C LEU G 97 -13.75 -77.99 3.81
N GLY G 98 -14.26 -78.34 2.64
CA GLY G 98 -15.56 -78.96 2.57
C GLY G 98 -15.75 -80.19 3.42
N PRO G 99 -14.96 -81.25 3.22
CA PRO G 99 -15.09 -82.48 4.00
C PRO G 99 -14.89 -82.26 5.50
N LEU G 100 -13.89 -81.46 5.86
CA LEU G 100 -13.62 -81.20 7.27
C LEU G 100 -14.82 -80.59 7.98
N VAL G 101 -15.39 -79.54 7.39
CA VAL G 101 -16.54 -78.90 8.01
C VAL G 101 -17.77 -79.81 7.98
N ALA G 102 -17.95 -80.59 6.91
CA ALA G 102 -19.12 -81.46 6.81
C ALA G 102 -19.09 -82.62 7.77
N ARG G 103 -17.89 -83.12 8.07
CA ARG G 103 -17.76 -84.25 8.98
C ARG G 103 -17.40 -83.89 10.41
N PHE G 104 -16.58 -82.86 10.60
CA PHE G 104 -16.19 -82.49 11.95
C PHE G 104 -16.73 -81.14 12.42
N GLY G 105 -17.58 -80.52 11.59
CA GLY G 105 -18.18 -79.24 11.95
C GLY G 105 -17.25 -78.05 11.94
N GLN G 106 -16.02 -78.26 11.52
CA GLN G 106 -15.07 -77.16 11.48
C GLN G 106 -13.95 -77.45 10.50
N GLY G 107 -13.23 -76.40 10.13
CA GLY G 107 -12.13 -76.55 9.21
C GLY G 107 -11.59 -75.21 8.80
N GLN G 108 -10.31 -75.15 8.50
CA GLN G 108 -9.72 -73.90 8.05
C GLN G 108 -8.59 -74.18 7.10
N VAL G 109 -8.60 -73.44 6.01
CA VAL G 109 -7.59 -73.57 4.97
C VAL G 109 -7.07 -72.19 4.64
N SER G 110 -5.76 -72.08 4.42
CA SER G 110 -5.17 -70.80 4.08
C SER G 110 -5.76 -70.35 2.75
N LEU G 111 -6.27 -69.13 2.68
CA LEU G 111 -6.85 -68.61 1.44
C LEU G 111 -5.75 -68.55 0.40
N PRO G 112 -5.87 -69.34 -0.67
CA PRO G 112 -4.84 -69.32 -1.71
C PRO G 112 -4.73 -67.97 -2.40
N GLY G 113 -3.49 -67.57 -2.70
CA GLY G 113 -3.27 -66.30 -3.38
C GLY G 113 -3.42 -66.48 -4.88
N GLY G 114 -2.78 -65.62 -5.66
CA GLY G 114 -2.91 -65.74 -7.10
C GLY G 114 -2.10 -66.90 -7.69
N CYS G 115 -2.50 -67.37 -8.87
CA CYS G 115 -1.80 -68.45 -9.56
C CYS G 115 -1.23 -67.86 -10.84
N ALA G 116 -0.33 -68.57 -11.48
CA ALA G 116 0.29 -68.07 -12.71
C ALA G 116 -0.71 -67.83 -13.86
N ILE G 117 -1.62 -68.79 -14.09
CA ILE G 117 -2.58 -68.69 -15.18
C ILE G 117 -3.84 -67.88 -14.89
N GLY G 118 -3.98 -67.38 -13.67
CA GLY G 118 -5.16 -66.60 -13.32
C GLY G 118 -5.29 -66.39 -11.83
N ALA G 119 -6.10 -65.40 -11.46
CA ALA G 119 -6.33 -65.07 -10.06
C ALA G 119 -6.97 -66.25 -9.32
N ARG G 120 -7.74 -67.05 -10.04
CA ARG G 120 -8.40 -68.23 -9.49
C ARG G 120 -9.03 -68.06 -8.11
N PRO G 121 -10.02 -67.15 -8.00
CA PRO G 121 -10.69 -66.92 -6.71
C PRO G 121 -11.42 -68.20 -6.32
N VAL G 122 -11.79 -68.29 -5.05
CA VAL G 122 -12.44 -69.49 -4.56
C VAL G 122 -13.82 -69.18 -3.95
N ASP G 123 -14.36 -68.02 -4.33
CA ASP G 123 -15.66 -67.52 -3.87
C ASP G 123 -16.83 -68.47 -3.96
N LEU G 124 -16.95 -69.19 -5.07
CA LEU G 124 -18.05 -70.13 -5.26
C LEU G 124 -17.98 -71.28 -4.25
N HIS G 125 -16.76 -71.65 -3.85
CA HIS G 125 -16.58 -72.72 -2.88
C HIS G 125 -17.22 -72.27 -1.58
N ILE G 126 -16.84 -71.07 -1.14
CA ILE G 126 -17.35 -70.48 0.09
C ILE G 126 -18.85 -70.26 0.01
N PHE G 127 -19.29 -69.67 -1.10
CA PHE G 127 -20.71 -69.42 -1.32
C PHE G 127 -21.49 -70.72 -1.13
N GLY G 128 -20.97 -71.80 -1.72
CA GLY G 128 -21.63 -73.09 -1.62
C GLY G 128 -21.72 -73.61 -0.19
N LEU G 129 -20.60 -73.59 0.53
CA LEU G 129 -20.60 -74.08 1.90
C LEU G 129 -21.55 -73.24 2.76
N GLU G 130 -21.55 -71.93 2.55
CA GLU G 130 -22.43 -71.05 3.29
C GLU G 130 -23.89 -71.42 3.04
N LYS G 131 -24.21 -71.78 1.80
CA LYS G 131 -25.57 -72.14 1.45
C LYS G 131 -25.97 -73.43 2.15
N LEU G 132 -24.97 -74.25 2.49
CA LEU G 132 -25.24 -75.51 3.17
C LEU G 132 -25.29 -75.30 4.67
N GLY G 133 -25.11 -74.05 5.10
CA GLY G 133 -25.19 -73.75 6.52
C GLY G 133 -23.91 -73.39 7.24
N ALA G 134 -22.77 -73.51 6.57
CA ALA G 134 -21.50 -73.19 7.22
C ALA G 134 -21.34 -71.70 7.38
N GLU G 135 -20.66 -71.30 8.45
CA GLU G 135 -20.39 -69.90 8.70
C GLU G 135 -18.90 -69.76 8.41
N ILE G 136 -18.52 -68.81 7.57
CA ILE G 136 -17.11 -68.69 7.22
C ILE G 136 -16.55 -67.29 7.36
N LYS G 137 -15.33 -67.19 7.88
CA LYS G 137 -14.68 -65.89 8.03
C LYS G 137 -13.26 -65.94 7.52
N LEU G 138 -12.70 -64.79 7.20
CA LEU G 138 -11.33 -64.76 6.74
C LEU G 138 -10.48 -64.03 7.75
N GLU G 139 -9.75 -64.78 8.55
CA GLU G 139 -8.88 -64.09 9.49
C GLU G 139 -7.45 -64.61 9.40
N GLU G 140 -6.53 -63.65 9.37
CA GLU G 140 -5.10 -63.90 9.23
C GLU G 140 -4.81 -64.81 8.03
N GLY G 141 -5.46 -64.50 6.92
CA GLY G 141 -5.24 -65.25 5.70
C GLY G 141 -5.87 -66.63 5.65
N TYR G 142 -6.65 -66.98 6.64
CA TYR G 142 -7.27 -68.29 6.62
C TYR G 142 -8.78 -68.19 6.45
N VAL G 143 -9.33 -69.10 5.68
CA VAL G 143 -10.76 -69.13 5.53
C VAL G 143 -11.16 -70.16 6.58
N LYS G 144 -11.85 -69.69 7.62
CA LYS G 144 -12.28 -70.54 8.72
C LYS G 144 -13.78 -70.78 8.61
N ALA G 145 -14.15 -72.06 8.55
CA ALA G 145 -15.55 -72.45 8.44
C ALA G 145 -15.99 -73.30 9.63
N SER G 146 -17.25 -73.15 10.03
CA SER G 146 -17.79 -73.91 11.14
C SER G 146 -19.29 -74.05 10.98
N VAL G 147 -19.85 -75.03 11.69
CA VAL G 147 -21.28 -75.29 11.66
C VAL G 147 -21.68 -76.06 12.91
N ASN G 148 -22.76 -75.64 13.55
CA ASN G 148 -23.27 -76.32 14.73
C ASN G 148 -24.08 -77.51 14.26
N GLY G 149 -23.55 -78.71 14.45
CA GLY G 149 -24.26 -79.89 14.01
C GLY G 149 -23.99 -80.14 12.54
N ARG G 150 -24.92 -80.81 11.87
CA ARG G 150 -24.75 -81.12 10.46
C ARG G 150 -25.09 -79.94 9.57
N LEU G 151 -24.64 -80.01 8.33
CA LEU G 151 -24.95 -78.99 7.34
C LEU G 151 -26.33 -79.37 6.85
N LYS G 152 -27.05 -78.43 6.25
CA LYS G 152 -28.37 -78.76 5.76
C LYS G 152 -28.44 -78.67 4.25
N GLY G 153 -29.10 -79.64 3.64
CA GLY G 153 -29.23 -79.64 2.21
C GLY G 153 -29.87 -78.35 1.72
N ALA G 154 -29.49 -77.92 0.52
CA ALA G 154 -30.03 -76.70 -0.04
C ALA G 154 -30.05 -76.76 -1.55
N HIS G 155 -30.81 -75.86 -2.16
CA HIS G 155 -30.87 -75.80 -3.61
C HIS G 155 -29.91 -74.69 -3.96
N ILE G 156 -28.76 -75.06 -4.53
CA ILE G 156 -27.73 -74.09 -4.87
C ILE G 156 -27.56 -73.91 -6.38
N VAL G 157 -27.71 -72.68 -6.85
CA VAL G 157 -27.55 -72.40 -8.26
C VAL G 157 -26.20 -71.72 -8.42
N MET G 158 -25.31 -72.39 -9.12
CA MET G 158 -23.97 -71.87 -9.34
C MET G 158 -24.05 -70.80 -10.41
N ASP G 159 -23.64 -69.57 -10.10
CA ASP G 159 -23.71 -68.55 -11.14
C ASP G 159 -22.42 -68.45 -11.92
N LYS G 160 -21.84 -69.61 -12.18
CA LYS G 160 -20.59 -69.78 -12.96
C LYS G 160 -20.24 -71.28 -12.89
N VAL G 161 -19.72 -71.84 -13.97
CA VAL G 161 -19.37 -73.25 -13.97
C VAL G 161 -17.98 -73.43 -13.39
N SER G 162 -17.90 -74.14 -12.28
CA SER G 162 -16.64 -74.38 -11.59
C SER G 162 -16.47 -75.85 -11.18
N VAL G 163 -15.38 -76.46 -11.66
CA VAL G 163 -15.08 -77.84 -11.35
C VAL G 163 -14.80 -77.95 -9.85
N GLY G 164 -13.92 -77.08 -9.37
CA GLY G 164 -13.56 -77.07 -7.96
C GLY G 164 -14.74 -76.87 -7.04
N ALA G 165 -15.50 -75.81 -7.25
CA ALA G 165 -16.66 -75.52 -6.42
C ALA G 165 -17.70 -76.65 -6.46
N THR G 166 -17.90 -77.27 -7.62
CA THR G 166 -18.85 -78.38 -7.72
C THR G 166 -18.40 -79.55 -6.83
N VAL G 167 -17.09 -79.80 -6.79
CA VAL G 167 -16.54 -80.86 -5.98
C VAL G 167 -16.72 -80.55 -4.49
N THR G 168 -16.35 -79.34 -4.11
CA THR G 168 -16.48 -78.93 -2.71
C THR G 168 -17.92 -79.11 -2.20
N ILE G 169 -18.87 -78.53 -2.91
CA ILE G 169 -20.26 -78.60 -2.53
C ILE G 169 -20.81 -80.02 -2.56
N MET G 170 -20.56 -80.75 -3.63
CA MET G 170 -21.04 -82.13 -3.72
C MET G 170 -20.49 -83.02 -2.60
N SER G 171 -19.22 -82.83 -2.27
CA SER G 171 -18.58 -83.62 -1.23
C SER G 171 -19.16 -83.31 0.15
N ALA G 172 -19.29 -82.03 0.47
CA ALA G 172 -19.84 -81.64 1.75
C ALA G 172 -21.28 -82.08 1.93
N ALA G 173 -22.07 -82.00 0.86
CA ALA G 173 -23.48 -82.37 0.92
C ALA G 173 -23.74 -83.85 1.27
N THR G 174 -22.79 -84.74 0.99
CA THR G 174 -23.01 -86.14 1.28
C THR G 174 -23.31 -86.43 2.75
N LEU G 175 -22.79 -85.57 3.63
CA LEU G 175 -23.00 -85.72 5.07
C LEU G 175 -23.96 -84.67 5.62
N ALA G 176 -24.66 -84.00 4.71
CA ALA G 176 -25.61 -82.98 5.11
C ALA G 176 -26.95 -83.60 5.50
N GLU G 177 -27.76 -82.80 6.17
CA GLU G 177 -29.06 -83.25 6.63
C GLU G 177 -30.04 -82.81 5.56
N GLY G 178 -30.58 -83.77 4.82
CA GLY G 178 -31.52 -83.42 3.77
C GLY G 178 -30.97 -83.59 2.38
N THR G 179 -31.65 -82.97 1.40
CA THR G 179 -31.26 -83.07 0.01
C THR G 179 -30.68 -81.79 -0.55
N THR G 180 -29.59 -81.93 -1.30
CA THR G 180 -28.93 -80.80 -1.93
C THR G 180 -29.04 -80.96 -3.45
N ILE G 181 -29.24 -79.84 -4.14
CA ILE G 181 -29.33 -79.85 -5.58
C ILE G 181 -28.40 -78.77 -6.10
N ILE G 182 -27.46 -79.17 -6.94
CA ILE G 182 -26.53 -78.22 -7.51
C ILE G 182 -26.94 -77.92 -8.95
N GLU G 183 -27.34 -76.68 -9.19
CA GLU G 183 -27.75 -76.21 -10.50
C GLU G 183 -26.54 -75.63 -11.24
N ASN G 184 -26.45 -75.93 -12.53
CA ASN G 184 -25.36 -75.44 -13.36
C ASN G 184 -24.04 -75.99 -12.85
N ALA G 185 -24.06 -77.26 -12.45
CA ALA G 185 -22.88 -77.94 -11.96
C ALA G 185 -21.92 -78.24 -13.12
N ALA G 186 -20.64 -78.40 -12.81
CA ALA G 186 -19.65 -78.74 -13.84
C ALA G 186 -19.91 -80.21 -14.22
N ARG G 187 -19.81 -80.53 -15.51
CA ARG G 187 -20.03 -81.88 -15.96
C ARG G 187 -18.74 -82.66 -16.26
N GLU G 188 -17.59 -82.12 -15.86
CA GLU G 188 -16.29 -82.76 -16.12
C GLU G 188 -16.25 -84.23 -15.69
N PRO G 189 -15.53 -85.08 -16.45
CA PRO G 189 -15.43 -86.52 -16.14
C PRO G 189 -14.92 -86.78 -14.73
N GLU G 190 -14.06 -85.89 -14.24
CA GLU G 190 -13.51 -86.03 -12.91
C GLU G 190 -14.62 -85.88 -11.87
N ILE G 191 -15.60 -85.03 -12.17
CA ILE G 191 -16.74 -84.79 -11.28
C ILE G 191 -17.52 -86.11 -11.17
N VAL G 192 -17.70 -86.76 -12.31
CA VAL G 192 -18.40 -88.03 -12.35
C VAL G 192 -17.64 -89.04 -11.52
N ASP G 193 -16.31 -89.07 -11.69
CA ASP G 193 -15.47 -90.00 -10.96
C ASP G 193 -15.51 -89.73 -9.46
N THR G 194 -15.46 -88.46 -9.07
CA THR G 194 -15.50 -88.14 -7.65
C THR G 194 -16.86 -88.54 -7.08
N ALA G 195 -17.91 -88.31 -7.87
CA ALA G 195 -19.26 -88.66 -7.45
C ALA G 195 -19.37 -90.16 -7.20
N ASN G 196 -18.90 -90.96 -8.15
CA ASN G 196 -18.97 -92.41 -8.01
C ASN G 196 -18.14 -92.93 -6.86
N PHE G 197 -17.07 -92.20 -6.53
CA PHE G 197 -16.22 -92.59 -5.40
C PHE G 197 -17.04 -92.41 -4.11
N LEU G 198 -17.65 -91.24 -3.97
CA LEU G 198 -18.47 -90.96 -2.80
C LEU G 198 -19.61 -91.99 -2.67
N VAL G 199 -20.21 -92.33 -3.79
CA VAL G 199 -21.29 -93.31 -3.80
C VAL G 199 -20.76 -94.66 -3.29
N ALA G 200 -19.50 -94.96 -3.64
CA ALA G 200 -18.89 -96.21 -3.21
C ALA G 200 -18.71 -96.22 -1.69
N LEU G 201 -18.53 -95.04 -1.10
CA LEU G 201 -18.37 -94.95 0.34
C LEU G 201 -19.73 -94.99 1.04
N GLY G 202 -20.80 -95.00 0.24
CA GLY G 202 -22.14 -95.03 0.80
C GLY G 202 -22.99 -93.78 0.53
N ALA G 203 -22.40 -92.76 -0.09
CA ALA G 203 -23.15 -91.53 -0.38
C ALA G 203 -24.25 -91.80 -1.40
N LYS G 204 -25.24 -90.91 -1.42
CA LYS G 204 -26.35 -91.04 -2.35
C LYS G 204 -26.31 -89.85 -3.30
N ILE G 205 -25.81 -90.08 -4.51
CA ILE G 205 -25.71 -89.02 -5.50
C ILE G 205 -26.25 -89.45 -6.86
N SER G 206 -26.85 -88.49 -7.57
CA SER G 206 -27.35 -88.77 -8.92
C SER G 206 -27.25 -87.48 -9.74
N GLY G 207 -27.12 -87.62 -11.06
CA GLY G 207 -27.00 -86.45 -11.91
C GLY G 207 -25.58 -86.06 -12.25
N GLN G 208 -24.59 -86.68 -11.61
CA GLN G 208 -23.20 -86.35 -11.91
C GLN G 208 -22.99 -86.51 -13.40
N GLY G 209 -22.37 -85.51 -14.01
CA GLY G 209 -22.15 -85.55 -15.44
C GLY G 209 -23.15 -84.68 -16.16
N THR G 210 -24.16 -84.21 -15.42
CA THR G 210 -25.18 -83.32 -15.97
C THR G 210 -25.11 -81.97 -15.28
N ASP G 211 -25.97 -81.04 -15.70
CA ASP G 211 -26.06 -79.67 -15.17
C ASP G 211 -26.61 -79.63 -13.76
N ARG G 212 -27.24 -80.71 -13.36
CA ARG G 212 -27.90 -80.76 -12.06
C ARG G 212 -27.56 -82.01 -11.25
N ILE G 213 -26.87 -81.80 -10.14
CA ILE G 213 -26.47 -82.89 -9.27
C ILE G 213 -27.31 -82.90 -8.01
N THR G 214 -27.87 -84.07 -7.69
CA THR G 214 -28.70 -84.21 -6.51
C THR G 214 -28.03 -85.14 -5.49
N ILE G 215 -27.86 -84.62 -4.29
CA ILE G 215 -27.23 -85.36 -3.22
C ILE G 215 -28.17 -85.46 -2.02
N GLU G 216 -28.36 -86.67 -1.51
CA GLU G 216 -29.20 -86.86 -0.34
C GLU G 216 -28.27 -87.27 0.79
N GLY G 217 -28.09 -86.38 1.75
CA GLY G 217 -27.19 -86.67 2.85
C GLY G 217 -27.43 -87.96 3.60
N VAL G 218 -26.37 -88.50 4.20
CA VAL G 218 -26.45 -89.70 5.01
C VAL G 218 -25.69 -89.41 6.30
N GLU G 219 -25.87 -90.26 7.31
CA GLU G 219 -25.20 -90.03 8.58
C GLU G 219 -23.68 -90.13 8.50
N ARG G 220 -23.19 -91.16 7.81
CA ARG G 220 -21.76 -91.35 7.69
C ARG G 220 -21.36 -92.12 6.45
N LEU G 221 -20.09 -92.02 6.11
CA LEU G 221 -19.54 -92.72 4.96
C LEU G 221 -18.56 -93.78 5.46
N GLY G 222 -18.57 -94.93 4.81
CA GLY G 222 -17.69 -96.01 5.22
C GLY G 222 -16.33 -96.00 4.56
N GLY G 223 -16.03 -97.07 3.83
CA GLY G 223 -14.75 -97.17 3.15
C GLY G 223 -14.92 -97.96 1.87
N GLY G 224 -13.82 -98.43 1.30
CA GLY G 224 -13.91 -99.20 0.08
C GLY G 224 -12.71 -99.08 -0.83
N VAL G 225 -12.90 -99.55 -2.07
CA VAL G 225 -11.84 -99.53 -3.07
C VAL G 225 -12.38 -98.89 -4.36
N TYR G 226 -11.65 -97.90 -4.88
CA TYR G 226 -12.06 -97.21 -6.10
C TYR G 226 -10.86 -96.94 -7.02
N ARG G 227 -11.04 -97.23 -8.31
CA ARG G 227 -9.98 -97.01 -9.29
C ARG G 227 -10.20 -95.71 -10.05
N VAL G 228 -9.23 -94.81 -9.98
CA VAL G 228 -9.31 -93.53 -10.69
C VAL G 228 -9.33 -93.71 -12.22
N LEU G 229 -10.11 -92.87 -12.91
CA LEU G 229 -10.19 -92.98 -14.37
C LEU G 229 -8.93 -92.47 -15.07
N PRO G 230 -8.74 -92.84 -16.35
CA PRO G 230 -7.57 -92.40 -17.10
C PRO G 230 -7.48 -90.87 -17.21
N ASP G 231 -6.26 -90.35 -17.22
CA ASP G 231 -6.03 -88.92 -17.30
C ASP G 231 -6.20 -88.48 -18.75
N ARG G 232 -7.32 -87.83 -19.05
CA ARG G 232 -7.62 -87.39 -20.42
C ARG G 232 -6.65 -86.34 -20.95
N ILE G 233 -6.09 -85.52 -20.07
CA ILE G 233 -5.16 -84.50 -20.51
C ILE G 233 -3.80 -85.13 -20.87
N GLU G 234 -3.40 -86.19 -20.16
CA GLU G 234 -2.14 -86.83 -20.47
C GLU G 234 -2.34 -87.47 -21.84
N THR G 235 -3.51 -88.08 -22.02
CA THR G 235 -3.83 -88.73 -23.28
C THR G 235 -3.77 -87.73 -24.43
N GLY G 236 -4.43 -86.60 -24.26
CA GLY G 236 -4.43 -85.59 -25.29
C GLY G 236 -3.04 -85.06 -25.56
N THR G 237 -2.21 -84.97 -24.53
CA THR G 237 -0.84 -84.48 -24.69
C THR G 237 -0.03 -85.41 -25.60
N PHE G 238 -0.11 -86.72 -25.36
CA PHE G 238 0.61 -87.66 -26.20
C PHE G 238 0.05 -87.76 -27.60
N LEU G 239 -1.27 -87.59 -27.74
CA LEU G 239 -1.88 -87.64 -29.06
C LEU G 239 -1.35 -86.45 -29.87
N VAL G 240 -1.20 -85.32 -29.20
CA VAL G 240 -0.68 -84.13 -29.85
C VAL G 240 0.79 -84.34 -30.18
N ALA G 241 1.48 -85.08 -29.30
CA ALA G 241 2.89 -85.37 -29.52
C ALA G 241 3.08 -86.02 -30.87
N ALA G 242 2.20 -86.98 -31.19
CA ALA G 242 2.28 -87.66 -32.47
C ALA G 242 1.85 -86.75 -33.63
N ALA G 243 0.72 -86.07 -33.44
CA ALA G 243 0.17 -85.18 -34.46
C ALA G 243 1.14 -84.10 -34.95
N ILE G 244 2.01 -83.59 -34.08
CA ILE G 244 2.95 -82.54 -34.48
C ILE G 244 4.29 -83.06 -34.94
N SER G 245 4.51 -84.36 -34.84
CA SER G 245 5.78 -84.94 -35.26
C SER G 245 5.60 -85.94 -36.40
N GLY G 246 4.46 -85.87 -37.08
CA GLY G 246 4.19 -86.79 -38.18
C GLY G 246 4.18 -88.26 -37.79
N GLY G 247 4.18 -88.54 -36.49
CA GLY G 247 4.19 -89.92 -36.04
C GLY G 247 2.84 -90.62 -35.88
N LYS G 248 2.92 -91.81 -35.30
CA LYS G 248 1.75 -92.65 -35.03
C LYS G 248 1.86 -93.15 -33.59
N ILE G 249 0.75 -93.13 -32.86
CA ILE G 249 0.81 -93.58 -31.49
C ILE G 249 -0.49 -94.23 -31.04
N VAL G 250 -0.37 -95.12 -30.06
CA VAL G 250 -1.51 -95.80 -29.49
C VAL G 250 -1.44 -95.61 -27.98
N CYS G 251 -2.50 -95.04 -27.42
CA CYS G 251 -2.56 -94.80 -25.99
C CYS G 251 -3.36 -95.92 -25.36
N ARG G 252 -2.73 -96.64 -24.44
CA ARG G 252 -3.39 -97.75 -23.73
C ARG G 252 -3.94 -97.24 -22.41
N ASN G 253 -4.96 -97.93 -21.88
CA ASN G 253 -5.58 -97.54 -20.62
C ASN G 253 -6.23 -96.17 -20.76
N ALA G 254 -6.81 -95.93 -21.94
CA ALA G 254 -7.46 -94.66 -22.22
C ALA G 254 -8.97 -94.77 -22.13
N GLN G 255 -9.64 -93.61 -22.08
CA GLN G 255 -11.09 -93.58 -22.03
C GLN G 255 -11.56 -92.55 -23.08
N PRO G 256 -11.71 -93.01 -24.32
CA PRO G 256 -12.14 -92.22 -25.49
C PRO G 256 -13.28 -91.23 -25.31
N ASP G 257 -14.36 -91.65 -24.65
CA ASP G 257 -15.51 -90.78 -24.49
C ASP G 257 -15.26 -89.49 -23.73
N THR G 258 -14.10 -89.37 -23.09
CA THR G 258 -13.76 -88.16 -22.34
C THR G 258 -13.00 -87.15 -23.21
N LEU G 259 -12.79 -87.51 -24.48
CA LEU G 259 -12.04 -86.66 -25.40
C LEU G 259 -12.69 -86.34 -26.75
N ASP G 260 -14.02 -86.36 -26.83
CA ASP G 260 -14.69 -86.09 -28.10
C ASP G 260 -14.21 -84.79 -28.75
N ALA G 261 -14.20 -83.70 -27.99
CA ALA G 261 -13.76 -82.41 -28.54
C ALA G 261 -12.32 -82.46 -29.08
N VAL G 262 -11.40 -82.99 -28.27
CA VAL G 262 -10.01 -83.09 -28.66
C VAL G 262 -9.82 -83.96 -29.90
N LEU G 263 -10.46 -85.12 -29.92
CA LEU G 263 -10.32 -86.02 -31.05
C LEU G 263 -10.89 -85.37 -32.32
N ALA G 264 -11.97 -84.63 -32.17
CA ALA G 264 -12.60 -83.98 -33.30
C ALA G 264 -11.65 -82.94 -33.87
N LYS G 265 -10.98 -82.21 -32.99
CA LYS G 265 -10.05 -81.16 -33.40
C LYS G 265 -8.81 -81.75 -34.04
N LEU G 266 -8.36 -82.90 -33.53
CA LEU G 266 -7.18 -83.54 -34.11
C LEU G 266 -7.51 -84.02 -35.52
N ARG G 267 -8.73 -84.50 -35.73
CA ARG G 267 -9.12 -84.95 -37.07
C ARG G 267 -9.14 -83.74 -38.02
N GLU G 268 -9.62 -82.61 -37.53
CA GLU G 268 -9.66 -81.39 -38.31
C GLU G 268 -8.24 -80.98 -38.68
N ALA G 269 -7.26 -81.34 -37.86
CA ALA G 269 -5.88 -81.01 -38.12
C ALA G 269 -5.28 -82.01 -39.09
N GLY G 270 -6.04 -83.06 -39.39
CA GLY G 270 -5.59 -84.06 -40.34
C GLY G 270 -5.18 -85.42 -39.79
N ALA G 271 -5.41 -85.67 -38.51
CA ALA G 271 -5.04 -86.95 -37.93
C ALA G 271 -6.02 -88.07 -38.24
N ASP G 272 -5.47 -89.28 -38.39
CA ASP G 272 -6.24 -90.47 -38.67
C ASP G 272 -6.41 -91.12 -37.30
N ILE G 273 -7.59 -90.99 -36.73
CA ILE G 273 -7.86 -91.51 -35.40
C ILE G 273 -8.84 -92.68 -35.34
N GLU G 274 -8.47 -93.70 -34.57
CA GLU G 274 -9.30 -94.89 -34.39
C GLU G 274 -9.35 -95.10 -32.87
N THR G 275 -10.49 -95.55 -32.35
CA THR G 275 -10.62 -95.77 -30.90
C THR G 275 -11.17 -97.15 -30.58
N GLY G 276 -10.87 -97.60 -29.37
CA GLY G 276 -11.36 -98.88 -28.92
C GLY G 276 -12.03 -98.71 -27.58
N GLU G 277 -12.25 -99.80 -26.87
CA GLU G 277 -12.89 -99.74 -25.57
C GLU G 277 -12.04 -98.96 -24.58
N ASP G 278 -10.73 -99.21 -24.61
CA ASP G 278 -9.80 -98.55 -23.70
C ASP G 278 -8.52 -98.09 -24.36
N TRP G 279 -8.58 -97.72 -25.63
CA TRP G 279 -7.39 -97.26 -26.32
C TRP G 279 -7.73 -96.29 -27.45
N ILE G 280 -6.76 -95.47 -27.82
CA ILE G 280 -6.93 -94.50 -28.88
C ILE G 280 -5.66 -94.54 -29.73
N SER G 281 -5.82 -94.53 -31.05
CA SER G 281 -4.66 -94.54 -31.92
C SER G 281 -4.74 -93.33 -32.84
N LEU G 282 -3.59 -92.72 -33.09
CA LEU G 282 -3.53 -91.56 -33.96
C LEU G 282 -2.34 -91.74 -34.89
N ASP G 283 -2.59 -91.56 -36.18
CA ASP G 283 -1.55 -91.70 -37.19
C ASP G 283 -1.59 -90.44 -38.06
N MET G 284 -0.47 -89.72 -38.16
CA MET G 284 -0.41 -88.52 -39.00
C MET G 284 0.03 -88.87 -40.40
N HIS G 285 0.52 -90.10 -40.57
CA HIS G 285 0.98 -90.57 -41.87
C HIS G 285 2.06 -89.63 -42.39
N GLY G 286 2.94 -89.22 -41.48
CA GLY G 286 4.04 -88.33 -41.81
C GLY G 286 3.62 -86.94 -42.21
N LYS G 287 2.34 -86.63 -42.03
CA LYS G 287 1.83 -85.34 -42.43
C LYS G 287 2.08 -84.21 -41.46
N ARG G 288 2.17 -83.01 -42.01
CA ARG G 288 2.31 -81.81 -41.18
C ARG G 288 0.84 -81.49 -40.85
N PRO G 289 0.56 -81.06 -39.61
CA PRO G 289 -0.81 -80.75 -39.23
C PRO G 289 -1.42 -79.52 -39.87
N LYS G 290 -2.74 -79.53 -40.04
CA LYS G 290 -3.47 -78.41 -40.62
C LYS G 290 -3.91 -77.51 -39.48
N ALA G 291 -3.74 -76.20 -39.62
CA ALA G 291 -4.15 -75.25 -38.58
C ALA G 291 -5.63 -75.43 -38.23
N VAL G 292 -5.96 -75.28 -36.96
CA VAL G 292 -7.34 -75.42 -36.50
C VAL G 292 -7.73 -74.24 -35.64
N THR G 293 -9.04 -74.08 -35.44
CA THR G 293 -9.56 -73.00 -34.61
C THR G 293 -10.14 -73.62 -33.34
N VAL G 294 -9.72 -73.09 -32.19
CA VAL G 294 -10.18 -73.63 -30.92
C VAL G 294 -10.75 -72.59 -29.97
N ARG G 295 -11.75 -73.02 -29.19
CA ARG G 295 -12.40 -72.16 -28.20
C ARG G 295 -12.58 -72.98 -26.93
N THR G 296 -11.76 -72.74 -25.91
CA THR G 296 -11.87 -73.49 -24.66
C THR G 296 -13.20 -73.18 -23.98
N ALA G 297 -13.72 -74.15 -23.22
CA ALA G 297 -14.98 -73.98 -22.51
C ALA G 297 -15.17 -75.18 -21.59
N PRO G 298 -16.18 -75.15 -20.71
CA PRO G 298 -16.40 -76.27 -19.80
C PRO G 298 -16.68 -77.54 -20.59
N HIS G 299 -16.37 -78.69 -19.98
CA HIS G 299 -16.61 -79.98 -20.60
C HIS G 299 -18.09 -80.05 -21.01
N PRO G 300 -18.43 -80.77 -22.08
CA PRO G 300 -17.62 -81.57 -23.00
C PRO G 300 -16.92 -80.80 -24.12
N ALA G 301 -16.86 -79.47 -24.02
CA ALA G 301 -16.19 -78.67 -25.04
C ALA G 301 -14.67 -78.86 -24.96
N PHE G 302 -13.94 -78.17 -25.82
CA PHE G 302 -12.48 -78.26 -25.81
C PHE G 302 -11.95 -77.78 -24.45
N PRO G 303 -11.21 -78.63 -23.73
CA PRO G 303 -10.62 -78.35 -22.41
C PRO G 303 -9.44 -77.39 -22.40
N THR G 304 -9.49 -76.42 -21.48
CA THR G 304 -8.41 -75.44 -21.39
C THR G 304 -7.07 -76.09 -21.07
N ALA G 305 -7.11 -77.26 -20.41
CA ALA G 305 -5.89 -77.98 -20.06
C ALA G 305 -5.16 -78.52 -21.28
N MET G 306 -5.78 -78.39 -22.44
CA MET G 306 -5.21 -78.87 -23.71
C MET G 306 -4.82 -77.72 -24.62
N GLN G 307 -5.18 -76.52 -24.21
CA GLN G 307 -4.93 -75.31 -24.99
C GLN G 307 -3.46 -75.03 -25.32
N ALA G 308 -2.57 -75.08 -24.34
CA ALA G 308 -1.15 -74.82 -24.61
C ALA G 308 -0.64 -75.80 -25.66
N GLN G 309 -0.93 -77.09 -25.48
CA GLN G 309 -0.50 -78.12 -26.42
C GLN G 309 -1.01 -77.83 -27.84
N PHE G 310 -2.27 -77.41 -27.97
CA PHE G 310 -2.80 -77.11 -29.28
C PHE G 310 -2.26 -75.79 -29.83
N THR G 311 -1.75 -74.93 -28.95
CA THR G 311 -1.16 -73.69 -29.43
C THR G 311 0.10 -74.11 -30.20
N LEU G 312 0.84 -75.06 -29.64
CA LEU G 312 2.03 -75.59 -30.26
C LEU G 312 1.69 -76.20 -31.62
N LEU G 313 0.68 -77.08 -31.65
CA LEU G 313 0.26 -77.72 -32.89
C LEU G 313 0.01 -76.68 -33.98
N ASN G 314 -0.73 -75.63 -33.65
CA ASN G 314 -1.01 -74.57 -34.63
C ASN G 314 0.26 -73.85 -35.05
N LEU G 315 1.16 -73.61 -34.10
CA LEU G 315 2.38 -72.88 -34.42
C LEU G 315 3.31 -73.60 -35.40
N VAL G 316 3.09 -74.89 -35.61
CA VAL G 316 3.90 -75.66 -36.55
C VAL G 316 2.99 -76.30 -37.60
N ALA G 317 1.78 -75.77 -37.70
CA ALA G 317 0.80 -76.28 -38.66
C ALA G 317 0.78 -75.43 -39.94
N GLU G 318 0.14 -75.96 -40.98
CA GLU G 318 0.01 -75.25 -42.24
C GLU G 318 -1.22 -74.35 -42.17
N GLY G 319 -1.01 -73.03 -42.16
CA GLY G 319 -2.12 -72.11 -42.12
C GLY G 319 -2.17 -71.21 -40.90
N THR G 320 -3.26 -70.46 -40.79
CA THR G 320 -3.46 -69.56 -39.67
C THR G 320 -4.48 -70.15 -38.71
N GLY G 321 -4.03 -70.51 -37.51
CA GLY G 321 -4.92 -71.08 -36.51
C GLY G 321 -5.23 -70.06 -35.44
N VAL G 322 -6.45 -70.09 -34.93
CA VAL G 322 -6.87 -69.15 -33.90
C VAL G 322 -7.37 -69.88 -32.65
N ILE G 323 -6.79 -69.56 -31.50
CA ILE G 323 -7.18 -70.18 -30.25
C ILE G 323 -7.70 -69.13 -29.26
N THR G 324 -8.92 -69.33 -28.76
CA THR G 324 -9.52 -68.42 -27.80
C THR G 324 -9.69 -69.17 -26.49
N GLU G 325 -9.09 -68.62 -25.43
CA GLU G 325 -9.15 -69.20 -24.10
C GLU G 325 -10.19 -68.44 -23.28
N THR G 326 -11.22 -69.14 -22.80
CA THR G 326 -12.28 -68.51 -22.02
C THR G 326 -12.35 -68.91 -20.55
N ILE G 327 -11.48 -69.80 -20.10
CA ILE G 327 -11.48 -70.25 -18.71
C ILE G 327 -10.51 -69.48 -17.81
N PHE G 328 -9.26 -69.32 -18.23
CA PHE G 328 -8.28 -68.60 -17.43
C PHE G 328 -7.75 -67.37 -18.16
N GLU G 329 -7.75 -66.23 -17.48
CA GLU G 329 -7.31 -64.95 -18.04
C GLU G 329 -5.83 -64.80 -18.48
N ASN G 330 -4.94 -65.68 -18.06
CA ASN G 330 -3.54 -65.54 -18.45
C ASN G 330 -2.87 -66.88 -18.72
N ARG G 331 -3.42 -67.62 -19.68
CA ARG G 331 -2.86 -68.93 -20.01
C ARG G 331 -2.22 -68.96 -21.40
N PHE G 332 -1.45 -67.92 -21.70
CA PHE G 332 -0.74 -67.80 -22.97
C PHE G 332 0.74 -67.58 -22.71
N MET G 333 1.18 -67.93 -21.50
CA MET G 333 2.57 -67.74 -21.11
C MET G 333 3.57 -68.56 -21.93
N HIS G 334 3.10 -69.62 -22.58
CA HIS G 334 3.97 -70.45 -23.41
C HIS G 334 4.27 -69.77 -24.74
N VAL G 335 3.36 -68.93 -25.20
CA VAL G 335 3.54 -68.25 -26.47
C VAL G 335 4.85 -67.49 -26.63
N PRO G 336 5.19 -66.59 -25.70
CA PRO G 336 6.44 -65.84 -25.83
C PRO G 336 7.66 -66.77 -25.91
N GLU G 337 7.59 -67.91 -25.21
CA GLU G 337 8.68 -68.87 -25.19
C GLU G 337 8.81 -69.58 -26.52
N LEU G 338 7.68 -70.00 -27.10
CA LEU G 338 7.72 -70.68 -28.39
C LEU G 338 8.21 -69.73 -29.47
N ILE G 339 7.91 -68.44 -29.32
CA ILE G 339 8.36 -67.43 -30.27
C ILE G 339 9.89 -67.41 -30.27
N ARG G 340 10.50 -67.68 -29.11
CA ARG G 340 11.95 -67.71 -29.03
C ARG G 340 12.47 -68.85 -29.90
N MET G 341 11.65 -69.89 -30.07
CA MET G 341 12.00 -71.04 -30.89
C MET G 341 11.62 -70.86 -32.36
N GLY G 342 11.28 -69.62 -32.73
CA GLY G 342 10.93 -69.31 -34.10
C GLY G 342 9.46 -69.31 -34.50
N ALA G 343 8.55 -69.50 -33.54
CA ALA G 343 7.13 -69.51 -33.86
C ALA G 343 6.64 -68.09 -34.14
N HIS G 344 5.50 -67.99 -34.81
CA HIS G 344 4.94 -66.69 -35.15
C HIS G 344 3.52 -66.58 -34.68
N ALA G 345 3.27 -65.62 -33.81
CA ALA G 345 1.93 -65.44 -33.28
C ALA G 345 1.73 -64.08 -32.65
N GLU G 346 0.47 -63.69 -32.54
CA GLU G 346 0.12 -62.43 -31.90
C GLU G 346 -0.99 -62.72 -30.90
N ILE G 347 -0.92 -62.09 -29.74
CA ILE G 347 -1.94 -62.26 -28.70
C ILE G 347 -2.81 -61.01 -28.68
N GLU G 348 -4.12 -61.22 -28.83
CA GLU G 348 -5.07 -60.11 -28.80
C GLU G 348 -6.10 -60.47 -27.78
N SER G 349 -6.01 -59.83 -26.62
CA SER G 349 -6.93 -60.11 -25.54
C SER G 349 -6.82 -61.60 -25.18
N ASN G 350 -7.92 -62.33 -25.24
CA ASN G 350 -7.90 -63.74 -24.88
C ASN G 350 -7.83 -64.73 -26.05
N THR G 351 -7.24 -64.33 -27.15
CA THR G 351 -7.09 -65.26 -28.26
C THR G 351 -5.71 -65.07 -28.93
N VAL G 352 -5.11 -66.16 -29.40
CA VAL G 352 -3.81 -66.10 -30.07
C VAL G 352 -3.98 -66.36 -31.55
N ILE G 353 -3.41 -65.50 -32.37
CA ILE G 353 -3.46 -65.69 -33.81
C ILE G 353 -2.16 -66.42 -34.12
N CYS G 354 -2.28 -67.66 -34.60
CA CYS G 354 -1.11 -68.46 -34.94
C CYS G 354 -0.81 -68.54 -36.45
N HIS G 355 0.46 -68.40 -36.78
CA HIS G 355 0.91 -68.49 -38.17
C HIS G 355 1.94 -69.61 -38.21
N GLY G 356 1.45 -70.81 -38.48
CA GLY G 356 2.32 -71.97 -38.52
C GLY G 356 3.58 -71.85 -39.37
N VAL G 357 4.67 -72.46 -38.90
CA VAL G 357 5.93 -72.47 -39.63
C VAL G 357 6.38 -73.91 -39.84
N GLU G 358 7.27 -74.10 -40.81
CA GLU G 358 7.78 -75.41 -41.18
C GLU G 358 8.42 -76.11 -39.98
N LYS G 359 9.45 -75.49 -39.43
CA LYS G 359 10.12 -76.07 -38.29
C LYS G 359 10.55 -75.04 -37.27
N LEU G 360 10.71 -75.50 -36.05
CA LEU G 360 11.13 -74.67 -34.94
C LEU G 360 12.63 -74.83 -34.69
N SER G 361 13.25 -73.85 -34.06
CA SER G 361 14.67 -73.92 -33.77
C SER G 361 14.87 -74.12 -32.27
N GLY G 362 15.74 -75.05 -31.91
CA GLY G 362 16.00 -75.28 -30.50
C GLY G 362 16.53 -74.02 -29.84
N ALA G 363 16.16 -73.79 -28.59
CA ALA G 363 16.63 -72.62 -27.87
C ALA G 363 16.34 -72.83 -26.39
N GLN G 364 16.79 -71.90 -25.57
CA GLN G 364 16.55 -71.99 -24.14
C GLN G 364 15.23 -71.32 -23.82
N VAL G 365 14.28 -72.12 -23.33
CA VAL G 365 12.97 -71.59 -22.99
C VAL G 365 12.66 -71.90 -21.54
N MET G 366 11.66 -71.22 -20.99
CA MET G 366 11.28 -71.41 -19.60
C MET G 366 9.85 -71.84 -19.38
N ALA G 367 9.68 -72.96 -18.68
CA ALA G 367 8.36 -73.48 -18.36
C ALA G 367 7.74 -72.50 -17.36
N THR G 368 6.45 -72.19 -17.53
CA THR G 368 5.79 -71.25 -16.64
C THR G 368 4.65 -71.89 -15.84
N ASP G 369 4.17 -73.03 -16.32
CA ASP G 369 3.08 -73.74 -15.68
C ASP G 369 3.05 -75.18 -16.17
N LEU G 370 2.21 -75.99 -15.56
CA LEU G 370 2.12 -77.40 -15.90
C LEU G 370 1.97 -77.70 -17.39
N ARG G 371 0.88 -77.30 -18.01
CA ARG G 371 0.69 -77.61 -19.41
C ARG G 371 1.66 -76.91 -20.37
N ALA G 372 2.14 -75.73 -19.99
CA ALA G 372 3.08 -75.02 -20.84
C ALA G 372 4.40 -75.79 -20.88
N SER G 373 4.80 -76.31 -19.73
CA SER G 373 6.06 -77.05 -19.66
C SER G 373 6.01 -78.24 -20.58
N ALA G 374 4.90 -78.96 -20.58
CA ALA G 374 4.77 -80.13 -21.46
C ALA G 374 4.82 -79.68 -22.90
N SER G 375 4.22 -78.53 -23.20
CA SER G 375 4.20 -78.02 -24.54
C SER G 375 5.62 -77.67 -25.00
N LEU G 376 6.39 -77.03 -24.12
CA LEU G 376 7.76 -76.66 -24.45
C LEU G 376 8.63 -77.90 -24.64
N VAL G 377 8.33 -78.96 -23.89
CA VAL G 377 9.12 -80.18 -24.05
C VAL G 377 8.81 -80.81 -25.39
N LEU G 378 7.54 -80.82 -25.78
CA LEU G 378 7.18 -81.40 -27.07
C LEU G 378 7.79 -80.54 -28.18
N ALA G 379 7.85 -79.23 -27.97
CA ALA G 379 8.44 -78.35 -28.97
C ALA G 379 9.89 -78.74 -29.18
N GLY G 380 10.61 -79.00 -28.08
CA GLY G 380 11.99 -79.39 -28.18
C GLY G 380 12.17 -80.67 -28.98
N CYS G 381 11.23 -81.60 -28.85
CA CYS G 381 11.29 -82.86 -29.57
C CYS G 381 11.22 -82.70 -31.08
N ILE G 382 10.45 -81.74 -31.57
CA ILE G 382 10.32 -81.55 -33.01
C ILE G 382 11.12 -80.37 -33.56
N ALA G 383 11.73 -79.58 -32.68
CA ALA G 383 12.52 -78.44 -33.13
C ALA G 383 13.84 -78.92 -33.69
N GLU G 384 14.50 -78.07 -34.48
CA GLU G 384 15.79 -78.40 -35.07
C GLU G 384 16.93 -78.01 -34.14
N GLY G 385 17.59 -79.00 -33.56
CA GLY G 385 18.69 -78.71 -32.67
C GLY G 385 18.45 -79.06 -31.21
N THR G 386 19.11 -78.33 -30.33
CA THR G 386 19.02 -78.54 -28.90
C THR G 386 18.15 -77.52 -28.20
N THR G 387 17.19 -78.01 -27.43
CA THR G 387 16.29 -77.15 -26.66
C THR G 387 16.50 -77.42 -25.17
N VAL G 388 16.51 -76.36 -24.37
CA VAL G 388 16.66 -76.52 -22.93
C VAL G 388 15.46 -75.89 -22.25
N VAL G 389 14.64 -76.72 -21.61
CA VAL G 389 13.45 -76.24 -20.93
C VAL G 389 13.78 -76.10 -19.45
N ASP G 390 13.94 -74.86 -19.01
CA ASP G 390 14.25 -74.60 -17.62
C ASP G 390 12.99 -74.69 -16.75
N ARG G 391 13.18 -75.02 -15.48
CA ARG G 391 12.06 -75.17 -14.54
C ARG G 391 11.09 -76.27 -14.93
N ILE G 392 11.59 -77.45 -15.26
CA ILE G 392 10.67 -78.52 -15.62
C ILE G 392 10.00 -79.12 -14.39
N TYR G 393 10.29 -78.58 -13.21
CA TYR G 393 9.64 -79.10 -12.01
C TYR G 393 8.14 -79.00 -12.22
N HIS G 394 7.71 -77.98 -12.96
CA HIS G 394 6.31 -77.77 -13.26
C HIS G 394 5.71 -79.04 -13.84
N ILE G 395 6.46 -79.69 -14.74
CA ILE G 395 5.97 -80.89 -15.39
C ILE G 395 5.78 -82.07 -14.42
N ASP G 396 6.56 -82.08 -13.36
CA ASP G 396 6.46 -83.16 -12.38
C ASP G 396 5.18 -83.12 -11.56
N ARG G 397 4.45 -82.01 -11.63
CA ARG G 397 3.21 -81.88 -10.89
C ARG G 397 2.07 -82.66 -11.52
N GLY G 398 2.04 -82.73 -12.85
CA GLY G 398 0.95 -83.43 -13.50
C GLY G 398 1.27 -84.54 -14.48
N TYR G 399 2.54 -84.85 -14.68
CA TYR G 399 2.89 -85.93 -15.60
C TYR G 399 3.77 -86.98 -14.93
N GLU G 400 3.28 -88.21 -14.89
CA GLU G 400 4.05 -89.29 -14.29
C GLU G 400 5.10 -89.79 -15.26
N ARG G 401 6.36 -89.58 -14.89
CA ARG G 401 7.47 -90.05 -15.70
C ARG G 401 7.30 -89.76 -17.18
N ILE G 402 7.15 -88.49 -17.51
CA ILE G 402 6.97 -88.10 -18.90
C ILE G 402 8.26 -88.32 -19.66
N GLU G 403 9.37 -88.18 -18.96
CA GLU G 403 10.71 -88.37 -19.53
C GLU G 403 10.82 -89.75 -20.14
N ASP G 404 10.48 -90.77 -19.36
CA ASP G 404 10.55 -92.15 -19.81
C ASP G 404 9.57 -92.46 -20.93
N LYS G 405 8.32 -92.01 -20.77
CA LYS G 405 7.30 -92.25 -21.76
C LYS G 405 7.67 -91.62 -23.09
N LEU G 406 8.22 -90.41 -23.04
CA LEU G 406 8.62 -89.72 -24.27
C LEU G 406 9.80 -90.42 -24.92
N ARG G 407 10.74 -90.84 -24.10
CA ARG G 407 11.90 -91.53 -24.62
C ARG G 407 11.45 -92.80 -25.35
N ALA G 408 10.54 -93.54 -24.73
CA ALA G 408 10.02 -94.76 -25.33
C ALA G 408 9.31 -94.51 -26.66
N LEU G 409 9.10 -93.23 -26.98
CA LEU G 409 8.44 -92.86 -28.21
C LEU G 409 9.44 -92.34 -29.23
N GLY G 410 10.73 -92.37 -28.86
CA GLY G 410 11.79 -91.94 -29.73
C GLY G 410 12.41 -90.59 -29.43
N ALA G 411 12.04 -90.02 -28.30
CA ALA G 411 12.56 -88.71 -27.92
C ALA G 411 14.00 -88.78 -27.40
N ASN G 412 14.75 -87.72 -27.67
CA ASN G 412 16.13 -87.61 -27.23
C ASN G 412 16.05 -86.58 -26.12
N ILE G 413 15.80 -87.06 -24.92
CA ILE G 413 15.64 -86.16 -23.77
C ILE G 413 16.45 -86.58 -22.55
N GLU G 414 16.95 -85.61 -21.80
CA GLU G 414 17.71 -85.91 -20.60
C GLU G 414 17.61 -84.76 -19.59
N ARG G 415 17.37 -85.10 -18.33
CA ARG G 415 17.21 -84.11 -17.28
C ARG G 415 18.55 -83.72 -16.68
N VAL G 416 18.79 -82.42 -16.61
CA VAL G 416 20.03 -81.91 -16.07
C VAL G 416 19.80 -80.96 -14.92
N LYS G 417 20.84 -80.76 -14.12
CA LYS G 417 20.75 -79.87 -12.99
C LYS G 417 21.11 -78.47 -13.44
N GLY G 418 22.24 -78.35 -14.12
CA GLY G 418 22.68 -77.05 -14.59
C GLY G 418 22.24 -75.92 -13.67
N GLU G 419 22.44 -76.12 -12.37
CA GLU G 419 22.07 -75.13 -11.35
C GLU G 419 20.73 -74.46 -11.64
N MET H 1 15.77 -66.25 0.45
CA MET H 1 14.72 -65.41 -0.21
C MET H 1 14.29 -64.30 0.75
N ASP H 2 14.87 -63.14 0.59
CA ASP H 2 14.56 -61.99 1.44
C ASP H 2 13.07 -61.67 1.48
N LYS H 3 12.63 -61.11 2.60
CA LYS H 3 11.23 -60.72 2.78
C LYS H 3 11.17 -59.44 3.59
N PHE H 4 10.01 -58.81 3.60
CA PHE H 4 9.81 -57.60 4.38
C PHE H 4 8.77 -57.90 5.44
N ARG H 5 9.11 -57.60 6.68
CA ARG H 5 8.20 -57.79 7.78
C ARG H 5 7.68 -56.38 8.04
N VAL H 6 6.38 -56.20 7.92
CA VAL H 6 5.82 -54.88 8.15
C VAL H 6 4.74 -54.94 9.23
N GLN H 7 4.76 -53.98 10.13
CA GLN H 7 3.80 -53.95 11.20
C GLN H 7 3.03 -52.67 11.10
N GLY H 8 1.71 -52.80 11.14
CA GLY H 8 0.87 -51.64 11.04
C GLY H 8 -0.26 -51.70 12.04
N PRO H 9 -1.15 -50.71 12.01
CA PRO H 9 -1.11 -49.58 11.09
C PRO H 9 -0.20 -48.44 11.53
N THR H 10 0.36 -47.72 10.56
CA THR H 10 1.22 -46.57 10.85
C THR H 10 0.95 -45.49 9.82
N ARG H 11 0.65 -44.28 10.29
CA ARG H 11 0.39 -43.17 9.38
C ARG H 11 1.71 -42.64 8.79
N LEU H 12 1.89 -42.82 7.49
CA LEU H 12 3.10 -42.41 6.81
C LEU H 12 3.11 -40.90 6.57
N GLN H 13 4.09 -40.21 7.15
CA GLN H 13 4.17 -38.77 6.98
C GLN H 13 5.58 -38.22 7.22
N GLY H 14 5.88 -37.14 6.52
CA GLY H 14 7.19 -36.51 6.63
C GLY H 14 7.71 -36.08 5.27
N GLU H 15 8.97 -36.38 5.00
CA GLU H 15 9.57 -36.02 3.73
C GLU H 15 10.37 -37.14 3.11
N VAL H 16 10.55 -37.06 1.79
CA VAL H 16 11.32 -38.05 1.07
C VAL H 16 11.95 -37.35 -0.11
N THR H 17 13.15 -37.78 -0.50
CA THR H 17 13.83 -37.20 -1.65
C THR H 17 13.81 -38.21 -2.78
N ILE H 18 13.20 -37.81 -3.88
CA ILE H 18 13.07 -38.70 -5.03
C ILE H 18 14.40 -38.94 -5.73
N SER H 19 14.64 -40.21 -6.08
CA SER H 19 15.86 -40.59 -6.78
C SER H 19 15.69 -40.40 -8.31
N GLY H 20 16.78 -40.64 -9.03
CA GLY H 20 16.73 -40.51 -10.48
C GLY H 20 15.79 -41.55 -11.05
N ALA H 21 15.15 -41.21 -12.17
CA ALA H 21 14.21 -42.13 -12.79
C ALA H 21 14.86 -43.40 -13.33
N LYS H 22 14.38 -44.53 -12.85
CA LYS H 22 14.85 -45.82 -13.29
C LYS H 22 14.71 -45.95 -14.79
N ASN H 23 13.54 -45.60 -15.30
CA ASN H 23 13.26 -45.71 -16.73
C ASN H 23 13.79 -44.61 -17.64
N ALA H 24 14.67 -43.77 -17.12
CA ALA H 24 15.31 -42.73 -17.91
C ALA H 24 16.79 -43.10 -17.89
N ALA H 25 17.24 -43.56 -16.72
CA ALA H 25 18.63 -43.96 -16.53
C ALA H 25 18.95 -45.16 -17.41
N LEU H 26 18.06 -46.15 -17.46
CA LEU H 26 18.28 -47.35 -18.27
C LEU H 26 18.41 -47.06 -19.76
N PRO H 27 17.44 -46.36 -20.38
CA PRO H 27 17.61 -46.09 -21.81
C PRO H 27 18.79 -45.17 -22.09
N ILE H 28 19.12 -44.29 -21.15
CA ILE H 28 20.26 -43.38 -21.33
C ILE H 28 21.57 -44.15 -21.24
N LEU H 29 21.64 -45.10 -20.32
CA LEU H 29 22.85 -45.90 -20.17
C LEU H 29 23.13 -46.71 -21.43
N PHE H 30 22.09 -47.25 -22.05
CA PHE H 30 22.30 -48.02 -23.28
C PHE H 30 22.61 -47.07 -24.43
N ALA H 31 22.06 -45.86 -24.38
CA ALA H 31 22.30 -44.87 -25.41
C ALA H 31 23.78 -44.48 -25.40
N ALA H 32 24.41 -44.59 -24.24
CA ALA H 32 25.82 -44.24 -24.09
C ALA H 32 26.70 -45.10 -24.97
N LEU H 33 26.19 -46.25 -25.40
CA LEU H 33 26.97 -47.12 -26.28
C LEU H 33 27.31 -46.36 -27.56
N LEU H 34 26.58 -45.28 -27.83
CA LEU H 34 26.81 -44.47 -29.03
C LEU H 34 27.94 -43.47 -28.84
N ALA H 35 28.24 -43.13 -27.60
CA ALA H 35 29.28 -42.16 -27.27
C ALA H 35 30.69 -42.64 -27.51
N GLU H 36 31.47 -41.83 -28.22
CA GLU H 36 32.87 -42.17 -28.52
C GLU H 36 33.77 -41.57 -27.46
N GLU H 37 33.28 -40.56 -26.76
CA GLU H 37 34.05 -39.93 -25.69
C GLU H 37 33.46 -40.27 -24.32
N PRO H 38 34.22 -40.04 -23.24
CA PRO H 38 33.73 -40.33 -21.89
C PRO H 38 32.44 -39.61 -21.57
N VAL H 39 31.59 -40.28 -20.80
CA VAL H 39 30.31 -39.73 -20.41
C VAL H 39 30.07 -39.91 -18.91
N GLU H 40 29.32 -39.00 -18.33
CA GLU H 40 28.97 -39.06 -16.92
C GLU H 40 27.48 -38.85 -16.78
N ILE H 41 26.78 -39.86 -16.28
CA ILE H 41 25.34 -39.75 -16.09
C ILE H 41 25.10 -39.56 -14.61
N GLN H 42 24.57 -38.39 -14.26
CA GLN H 42 24.31 -38.06 -12.87
C GLN H 42 22.91 -38.42 -12.37
N ASN H 43 22.78 -38.48 -11.05
CA ASN H 43 21.53 -38.79 -10.38
C ASN H 43 20.98 -40.14 -10.80
N VAL H 44 21.87 -41.11 -10.96
CA VAL H 44 21.45 -42.46 -11.34
C VAL H 44 21.11 -43.24 -10.08
N PRO H 45 19.87 -43.76 -9.98
CA PRO H 45 19.50 -44.51 -8.78
C PRO H 45 20.26 -45.83 -8.68
N LYS H 46 20.44 -46.29 -7.45
CA LYS H 46 21.14 -47.54 -7.22
C LYS H 46 20.11 -48.66 -7.20
N LEU H 47 19.86 -49.25 -8.36
CA LEU H 47 18.89 -50.32 -8.49
C LEU H 47 19.52 -51.56 -9.10
N LYS H 48 18.88 -52.71 -8.88
CA LYS H 48 19.37 -53.98 -9.42
C LYS H 48 19.52 -53.93 -10.95
N ASP H 49 18.58 -53.29 -11.63
CA ASP H 49 18.65 -53.18 -13.08
C ASP H 49 19.83 -52.34 -13.55
N ILE H 50 20.25 -51.36 -12.74
CA ILE H 50 21.39 -50.54 -13.12
C ILE H 50 22.66 -51.40 -13.01
N ASP H 51 22.69 -52.30 -12.05
CA ASP H 51 23.84 -53.18 -11.90
C ASP H 51 23.92 -54.11 -13.10
N THR H 52 22.79 -54.71 -13.45
CA THR H 52 22.73 -55.61 -14.59
C THR H 52 23.13 -54.90 -15.88
N THR H 53 22.67 -53.66 -16.05
CA THR H 53 23.00 -52.89 -17.23
C THR H 53 24.51 -52.65 -17.26
N MET H 54 25.08 -52.28 -16.12
CA MET H 54 26.53 -52.05 -16.05
C MET H 54 27.29 -53.33 -16.37
N LYS H 55 26.81 -54.46 -15.88
CA LYS H 55 27.49 -55.71 -16.16
C LYS H 55 27.49 -55.96 -17.65
N LEU H 56 26.32 -55.80 -18.27
CA LEU H 56 26.17 -56.01 -19.71
C LEU H 56 27.08 -55.08 -20.49
N LEU H 57 27.05 -53.79 -20.15
CA LEU H 57 27.89 -52.81 -20.84
C LEU H 57 29.35 -53.22 -20.75
N THR H 58 29.77 -53.58 -19.54
CA THR H 58 31.14 -53.98 -19.30
C THR H 58 31.50 -55.19 -20.14
N GLN H 59 30.54 -56.09 -20.31
CA GLN H 59 30.75 -57.30 -21.09
C GLN H 59 30.82 -57.01 -22.59
N LEU H 60 30.48 -55.80 -22.99
CA LEU H 60 30.55 -55.43 -24.40
C LEU H 60 31.90 -54.77 -24.64
N GLY H 61 32.66 -54.58 -23.56
CA GLY H 61 33.96 -53.95 -23.66
C GLY H 61 33.91 -52.50 -23.25
N THR H 62 32.94 -52.14 -22.41
CA THR H 62 32.80 -50.77 -21.96
C THR H 62 33.43 -50.63 -20.58
N LYS H 63 33.95 -49.43 -20.31
CA LYS H 63 34.55 -49.16 -19.01
C LYS H 63 33.46 -48.45 -18.23
N VAL H 64 32.95 -49.11 -17.18
CA VAL H 64 31.89 -48.56 -16.37
C VAL H 64 32.24 -48.55 -14.88
N GLU H 65 31.87 -47.47 -14.21
CA GLU H 65 32.10 -47.31 -12.77
C GLU H 65 31.08 -46.33 -12.24
N ARG H 66 30.61 -46.54 -11.01
CA ARG H 66 29.63 -45.63 -10.42
C ARG H 66 29.88 -45.37 -8.94
N GLY H 68 26.98 -41.14 -7.03
CA GLY H 68 25.66 -40.73 -7.44
C GLY H 68 25.55 -40.80 -8.96
N SER H 69 26.70 -40.80 -9.62
CA SER H 69 26.77 -40.87 -11.07
C SER H 69 27.33 -42.20 -11.56
N VAL H 70 27.17 -42.43 -12.87
CA VAL H 70 27.68 -43.63 -13.52
C VAL H 70 28.56 -43.08 -14.63
N TRP H 71 29.84 -43.42 -14.58
CA TRP H 71 30.79 -42.96 -15.58
C TRP H 71 30.96 -44.03 -16.64
N ILE H 72 30.79 -43.64 -17.90
CA ILE H 72 30.88 -44.56 -19.01
C ILE H 72 31.94 -44.17 -20.04
N ASP H 73 32.68 -45.17 -20.50
CA ASP H 73 33.70 -44.97 -21.53
C ASP H 73 33.54 -46.11 -22.53
N ALA H 74 32.77 -45.84 -23.60
CA ALA H 74 32.48 -46.84 -24.61
C ALA H 74 33.38 -46.70 -25.83
N SER H 75 34.27 -45.71 -25.76
CA SER H 75 35.21 -45.45 -26.84
C SER H 75 35.73 -46.73 -27.49
N ASN H 76 35.92 -47.77 -26.68
CA ASN H 76 36.47 -49.02 -27.18
C ASN H 76 35.56 -50.25 -27.13
N VAL H 77 34.35 -50.17 -27.68
CA VAL H 77 33.45 -51.33 -27.66
C VAL H 77 34.00 -52.41 -28.60
N ASN H 78 34.17 -53.62 -28.09
CA ASN H 78 34.73 -54.70 -28.89
C ASN H 78 33.94 -55.99 -28.88
N ASN H 79 32.73 -55.95 -28.34
CA ASN H 79 31.89 -57.15 -28.31
C ASN H 79 30.48 -56.66 -28.62
N PHE H 80 29.69 -57.49 -29.29
CA PHE H 80 28.37 -57.03 -29.70
C PHE H 80 27.22 -57.98 -29.43
N SER H 81 27.32 -58.75 -28.36
CA SER H 81 26.28 -59.71 -28.02
C SER H 81 25.71 -59.49 -26.61
N ALA H 82 24.46 -59.90 -26.41
CA ALA H 82 23.79 -59.79 -25.12
C ALA H 82 23.24 -61.18 -24.86
N PRO H 83 23.94 -61.96 -24.04
CA PRO H 83 23.66 -63.34 -23.63
C PRO H 83 22.34 -63.67 -22.91
N TYR H 84 21.73 -64.78 -23.32
CA TYR H 84 20.49 -65.26 -22.74
C TYR H 84 20.48 -65.15 -21.22
N ASP H 85 21.53 -65.68 -20.60
CA ASP H 85 21.65 -65.68 -19.14
C ASP H 85 21.57 -64.27 -18.57
N LEU H 86 21.85 -63.27 -19.40
CA LEU H 86 21.83 -61.91 -18.92
C LEU H 86 20.51 -61.19 -19.21
N VAL H 87 20.02 -61.29 -20.44
CA VAL H 87 18.77 -60.61 -20.76
C VAL H 87 17.58 -61.29 -20.10
N LYS H 88 17.75 -62.56 -19.71
CA LYS H 88 16.66 -63.27 -19.06
C LYS H 88 16.39 -62.65 -17.69
N THR H 89 17.33 -61.83 -17.21
CA THR H 89 17.16 -61.18 -15.92
C THR H 89 16.75 -59.72 -16.10
N MET H 90 16.81 -59.24 -17.33
CA MET H 90 16.43 -57.86 -17.62
C MET H 90 16.19 -57.68 -19.12
N ARG H 91 14.93 -57.72 -19.52
CA ARG H 91 14.57 -57.56 -20.93
C ARG H 91 14.96 -56.19 -21.49
N ALA H 92 15.15 -55.20 -20.61
CA ALA H 92 15.53 -53.87 -21.08
C ALA H 92 16.86 -53.89 -21.84
N SER H 93 17.59 -54.98 -21.73
CA SER H 93 18.85 -55.04 -22.44
C SER H 93 18.62 -55.05 -23.95
N ILE H 94 17.36 -55.23 -24.37
CA ILE H 94 17.02 -55.21 -25.80
C ILE H 94 17.47 -53.85 -26.38
N TRP H 95 17.55 -52.84 -25.52
CA TRP H 95 17.96 -51.51 -25.95
C TRP H 95 19.42 -51.42 -26.41
N ALA H 96 20.15 -52.53 -26.33
CA ALA H 96 21.55 -52.52 -26.76
C ALA H 96 21.64 -52.77 -28.27
N LEU H 97 20.67 -53.48 -28.79
CA LEU H 97 20.63 -53.80 -30.21
C LEU H 97 20.72 -52.56 -31.10
N GLY H 98 19.86 -51.58 -30.84
CA GLY H 98 19.87 -50.37 -31.63
C GLY H 98 21.20 -49.65 -31.71
N PRO H 99 21.77 -49.21 -30.59
CA PRO H 99 23.06 -48.51 -30.63
C PRO H 99 24.18 -49.34 -31.28
N LEU H 100 24.26 -50.62 -30.91
CA LEU H 100 25.29 -51.48 -31.46
C LEU H 100 25.25 -51.54 -32.98
N VAL H 101 24.07 -51.78 -33.55
CA VAL H 101 23.95 -51.86 -35.01
C VAL H 101 24.14 -50.51 -35.69
N ALA H 102 23.76 -49.44 -35.01
CA ALA H 102 23.87 -48.10 -35.57
C ALA H 102 25.31 -47.60 -35.59
N ARG H 103 26.09 -48.01 -34.60
CA ARG H 103 27.47 -47.56 -34.51
C ARG H 103 28.50 -48.56 -35.03
N PHE H 104 28.25 -49.85 -34.81
CA PHE H 104 29.21 -50.85 -35.25
C PHE H 104 28.73 -51.74 -36.40
N GLY H 105 27.53 -51.43 -36.93
CA GLY H 105 26.99 -52.19 -38.03
C GLY H 105 26.51 -53.59 -37.70
N GLN H 106 26.55 -53.96 -36.42
CA GLN H 106 26.12 -55.29 -36.03
C GLN H 106 25.74 -55.33 -34.56
N GLY H 107 25.02 -56.38 -34.20
CA GLY H 107 24.60 -56.53 -32.82
C GLY H 107 23.65 -57.69 -32.68
N GLN H 108 23.70 -58.36 -31.54
CA GLN H 108 22.83 -59.48 -31.29
C GLN H 108 22.42 -59.53 -29.83
N VAL H 109 21.11 -59.61 -29.60
CA VAL H 109 20.57 -59.67 -28.25
C VAL H 109 19.66 -60.88 -28.15
N SER H 110 19.70 -61.58 -27.02
CA SER H 110 18.83 -62.74 -26.84
C SER H 110 17.37 -62.26 -26.86
N LEU H 111 16.54 -62.89 -27.67
CA LEU H 111 15.14 -62.51 -27.77
C LEU H 111 14.51 -62.77 -26.41
N PRO H 112 14.05 -61.70 -25.72
CA PRO H 112 13.43 -61.90 -24.41
C PRO H 112 12.16 -62.72 -24.48
N GLY H 113 11.96 -63.57 -23.47
CA GLY H 113 10.78 -64.40 -23.41
C GLY H 113 9.66 -63.62 -22.77
N GLY H 114 8.65 -64.31 -22.25
CA GLY H 114 7.53 -63.64 -21.61
C GLY H 114 7.89 -63.00 -20.29
N CYS H 115 7.11 -62.01 -19.86
CA CYS H 115 7.33 -61.34 -18.58
C CYS H 115 6.10 -61.62 -17.74
N ALA H 116 6.16 -61.31 -16.45
CA ALA H 116 5.03 -61.57 -15.57
C ALA H 116 3.77 -60.78 -15.94
N ILE H 117 3.92 -59.48 -16.16
CA ILE H 117 2.78 -58.64 -16.49
C ILE H 117 2.30 -58.66 -17.94
N GLY H 118 2.98 -59.41 -18.81
CA GLY H 118 2.58 -59.47 -20.21
C GLY H 118 3.62 -60.12 -21.10
N ALA H 119 3.22 -60.51 -22.31
CA ALA H 119 4.15 -61.16 -23.23
C ALA H 119 5.23 -60.18 -23.65
N ARG H 120 4.88 -58.91 -23.68
CA ARG H 120 5.81 -57.85 -24.03
C ARG H 120 6.68 -58.16 -25.24
N PRO H 121 6.05 -58.36 -26.42
CA PRO H 121 6.81 -58.64 -27.64
C PRO H 121 7.68 -57.43 -27.94
N VAL H 122 8.64 -57.60 -28.82
CA VAL H 122 9.56 -56.52 -29.13
C VAL H 122 9.58 -56.24 -30.64
N ASP H 123 8.51 -56.68 -31.30
CA ASP H 123 8.34 -56.53 -32.75
C ASP H 123 8.54 -55.13 -33.31
N LEU H 124 8.01 -54.11 -32.63
CA LEU H 124 8.15 -52.74 -33.11
C LEU H 124 9.61 -52.30 -33.11
N HIS H 125 10.39 -52.82 -32.18
CA HIS H 125 11.81 -52.49 -32.11
C HIS H 125 12.46 -52.97 -33.40
N ILE H 126 12.23 -54.23 -33.73
CA ILE H 126 12.79 -54.84 -34.91
C ILE H 126 12.27 -54.16 -36.18
N PHE H 127 10.96 -53.95 -36.24
CA PHE H 127 10.33 -53.27 -37.37
C PHE H 127 11.04 -51.94 -37.62
N GLY H 128 11.27 -51.20 -36.53
CA GLY H 128 11.91 -49.90 -36.63
C GLY H 128 13.32 -49.96 -37.19
N LEU H 129 14.15 -50.86 -36.66
CA LEU H 129 15.52 -51.00 -37.11
C LEU H 129 15.53 -51.43 -38.58
N GLU H 130 14.61 -52.32 -38.94
CA GLU H 130 14.54 -52.79 -40.32
C GLU H 130 14.23 -51.63 -41.26
N LYS H 131 13.34 -50.75 -40.81
CA LYS H 131 12.99 -49.59 -41.61
C LYS H 131 14.18 -48.66 -41.78
N LEU H 132 15.13 -48.73 -40.85
CA LEU H 132 16.33 -47.90 -40.92
C LEU H 132 17.42 -48.57 -41.75
N GLY H 133 17.11 -49.76 -42.27
CA GLY H 133 18.06 -50.45 -43.11
C GLY H 133 18.71 -51.70 -42.54
N ALA H 134 18.50 -51.98 -41.26
CA ALA H 134 19.11 -53.14 -40.65
C ALA H 134 18.45 -54.42 -41.13
N GLU H 135 19.23 -55.48 -41.22
CA GLU H 135 18.68 -56.77 -41.62
C GLU H 135 18.68 -57.57 -40.32
N ILE H 136 17.52 -58.10 -39.96
CA ILE H 136 17.39 -58.85 -38.73
C ILE H 136 16.89 -60.26 -38.94
N LYS H 137 17.44 -61.21 -38.19
CA LYS H 137 17.03 -62.60 -38.29
C LYS H 137 17.16 -63.24 -36.91
N LEU H 138 16.25 -64.14 -36.62
CA LEU H 138 16.26 -64.82 -35.33
C LEU H 138 16.87 -66.20 -35.45
N GLU H 139 18.01 -66.41 -34.79
CA GLU H 139 18.61 -67.73 -34.80
C GLU H 139 19.16 -68.09 -33.44
N GLU H 140 18.79 -69.28 -32.97
CA GLU H 140 19.22 -69.77 -31.67
C GLU H 140 18.74 -68.86 -30.55
N GLY H 141 17.55 -68.31 -30.72
CA GLY H 141 17.00 -67.44 -29.70
C GLY H 141 17.61 -66.07 -29.68
N TYR H 142 18.44 -65.77 -30.67
CA TYR H 142 19.06 -64.45 -30.71
C TYR H 142 18.56 -63.61 -31.86
N VAL H 143 18.30 -62.33 -31.57
CA VAL H 143 17.87 -61.43 -32.61
C VAL H 143 19.16 -60.83 -33.12
N LYS H 144 19.61 -61.26 -34.31
CA LYS H 144 20.84 -60.77 -34.89
C LYS H 144 20.59 -59.72 -35.95
N ALA H 145 21.15 -58.54 -35.75
CA ALA H 145 20.97 -57.43 -36.69
C ALA H 145 22.30 -56.98 -37.28
N SER H 146 22.26 -56.55 -38.53
CA SER H 146 23.45 -56.08 -39.23
C SER H 146 23.08 -55.09 -40.33
N VAL H 147 24.06 -54.31 -40.73
CA VAL H 147 23.86 -53.33 -41.79
C VAL H 147 25.21 -53.02 -42.42
N ASN H 148 25.26 -52.98 -43.74
CA ASN H 148 26.52 -52.65 -44.37
C ASN H 148 26.60 -51.14 -44.47
N GLY H 149 27.49 -50.56 -43.68
CA GLY H 149 27.65 -49.12 -43.67
C GLY H 149 26.69 -48.53 -42.66
N ARG H 150 26.28 -47.30 -42.91
CA ARG H 150 25.36 -46.61 -42.02
C ARG H 150 23.89 -46.92 -42.26
N LEU H 151 23.07 -46.71 -41.23
CA LEU H 151 21.65 -46.92 -41.37
C LEU H 151 21.15 -45.71 -42.16
N LYS H 152 19.99 -45.87 -42.78
CA LYS H 152 19.40 -44.81 -43.60
C LYS H 152 18.19 -44.21 -42.91
N GLY H 153 18.13 -42.87 -42.83
CA GLY H 153 16.99 -42.22 -42.23
C GLY H 153 15.73 -42.65 -42.96
N ALA H 154 14.61 -42.74 -42.25
CA ALA H 154 13.35 -43.16 -42.86
C ALA H 154 12.17 -42.55 -42.14
N HIS H 155 11.01 -42.57 -42.79
CA HIS H 155 9.80 -42.04 -42.19
C HIS H 155 9.12 -43.27 -41.63
N ILE H 156 9.13 -43.42 -40.31
CA ILE H 156 8.54 -44.59 -39.68
C ILE H 156 7.26 -44.28 -38.91
N VAL H 157 6.16 -44.95 -39.24
CA VAL H 157 4.91 -44.73 -38.54
C VAL H 157 4.70 -45.89 -37.58
N MET H 158 4.63 -45.58 -36.29
CA MET H 158 4.46 -46.59 -35.26
C MET H 158 3.06 -47.13 -35.14
N ASP H 159 2.89 -48.43 -35.41
CA ASP H 159 1.59 -49.07 -35.31
C ASP H 159 0.93 -48.85 -33.95
N LYS H 160 1.72 -49.05 -32.90
CA LYS H 160 1.26 -48.88 -31.52
C LYS H 160 2.19 -47.89 -30.82
N VAL H 161 1.74 -47.33 -29.71
CA VAL H 161 2.59 -46.42 -28.98
C VAL H 161 3.46 -47.28 -28.05
N SER H 162 4.78 -47.20 -28.26
CA SER H 162 5.72 -47.97 -27.47
C SER H 162 6.89 -47.10 -26.99
N VAL H 163 7.08 -47.07 -25.68
CA VAL H 163 8.17 -46.31 -25.09
C VAL H 163 9.48 -46.95 -25.54
N GLY H 164 9.58 -48.25 -25.35
CA GLY H 164 10.78 -48.97 -25.72
C GLY H 164 11.17 -48.84 -27.17
N ALA H 165 10.22 -49.10 -28.07
CA ALA H 165 10.50 -49.02 -29.50
C ALA H 165 10.89 -47.59 -29.91
N THR H 166 10.25 -46.59 -29.31
CA THR H 166 10.57 -45.20 -29.65
C THR H 166 12.04 -44.92 -29.29
N VAL H 167 12.47 -45.45 -28.14
CA VAL H 167 13.85 -45.28 -27.69
C VAL H 167 14.84 -45.94 -28.65
N THR H 168 14.57 -47.19 -29.00
CA THR H 168 15.43 -47.94 -29.90
C THR H 168 15.64 -47.21 -31.22
N ILE H 169 14.53 -46.85 -31.86
CA ILE H 169 14.56 -46.17 -33.14
C ILE H 169 15.22 -44.80 -33.05
N MET H 170 14.80 -43.99 -32.09
CA MET H 170 15.38 -42.67 -31.94
C MET H 170 16.89 -42.73 -31.71
N SER H 171 17.33 -43.68 -30.90
CA SER H 171 18.75 -43.82 -30.59
C SER H 171 19.55 -44.21 -31.81
N ALA H 172 19.09 -45.23 -32.52
CA ALA H 172 19.79 -45.72 -33.69
C ALA H 172 19.83 -44.66 -34.80
N ALA H 173 18.78 -43.87 -34.92
CA ALA H 173 18.70 -42.84 -35.95
C ALA H 173 19.72 -41.72 -35.81
N THR H 174 20.23 -41.50 -34.61
CA THR H 174 21.21 -40.43 -34.41
C THR H 174 22.48 -40.60 -35.24
N LEU H 175 22.85 -41.84 -35.56
CA LEU H 175 24.04 -42.12 -36.35
C LEU H 175 23.68 -42.56 -37.77
N ALA H 176 22.41 -42.35 -38.14
CA ALA H 176 21.95 -42.75 -39.46
C ALA H 176 22.31 -41.70 -40.48
N GLU H 177 22.24 -42.11 -41.74
CA GLU H 177 22.55 -41.24 -42.85
C GLU H 177 21.23 -40.64 -43.30
N GLY H 178 21.05 -39.35 -43.04
CA GLY H 178 19.81 -38.72 -43.44
C GLY H 178 18.89 -38.37 -42.28
N THR H 179 17.64 -38.09 -42.60
CA THR H 179 16.68 -37.72 -41.59
C THR H 179 15.64 -38.81 -41.31
N THR H 180 15.36 -39.01 -40.02
CA THR H 180 14.35 -39.99 -39.60
C THR H 180 13.21 -39.26 -38.92
N ILE H 181 12.00 -39.74 -39.17
CA ILE H 181 10.82 -39.15 -38.55
C ILE H 181 10.00 -40.26 -37.97
N ILE H 182 9.76 -40.18 -36.67
CA ILE H 182 8.97 -41.20 -35.98
C ILE H 182 7.56 -40.66 -35.73
N GLU H 183 6.59 -41.28 -36.41
CA GLU H 183 5.17 -40.93 -36.29
C GLU H 183 4.55 -41.76 -35.17
N ASN H 184 3.68 -41.12 -34.39
CA ASN H 184 2.99 -41.76 -33.29
C ASN H 184 4.01 -42.26 -32.27
N ALA H 185 5.02 -41.44 -32.01
CA ALA H 185 6.05 -41.77 -31.05
C ALA H 185 5.50 -41.63 -29.63
N ALA H 186 6.13 -42.33 -28.67
CA ALA H 186 5.72 -42.26 -27.29
C ALA H 186 6.17 -40.89 -26.74
N ARG H 187 5.36 -40.29 -25.86
CA ARG H 187 5.70 -38.98 -25.31
C ARG H 187 6.17 -39.01 -23.87
N GLU H 188 6.44 -40.20 -23.34
CA GLU H 188 6.88 -40.34 -21.96
C GLU H 188 8.04 -39.39 -21.63
N PRO H 189 8.01 -38.78 -20.45
CA PRO H 189 9.05 -37.86 -19.99
C PRO H 189 10.45 -38.46 -20.16
N GLU H 190 10.54 -39.78 -19.99
CA GLU H 190 11.81 -40.48 -20.15
C GLU H 190 12.32 -40.37 -21.59
N ILE H 191 11.39 -40.38 -22.55
CA ILE H 191 11.74 -40.25 -23.96
C ILE H 191 12.38 -38.89 -24.15
N VAL H 192 11.78 -37.87 -23.55
CA VAL H 192 12.30 -36.52 -23.63
C VAL H 192 13.71 -36.48 -23.02
N ASP H 193 13.87 -37.14 -21.87
CA ASP H 193 15.15 -37.16 -21.19
C ASP H 193 16.22 -37.88 -21.99
N THR H 194 15.84 -39.00 -22.61
CA THR H 194 16.79 -39.75 -23.42
C THR H 194 17.18 -38.91 -24.65
N ALA H 195 16.18 -38.23 -25.23
CA ALA H 195 16.43 -37.38 -26.40
C ALA H 195 17.42 -36.28 -26.07
N ASN H 196 17.20 -35.59 -24.95
CA ASN H 196 18.09 -34.51 -24.56
C ASN H 196 19.49 -35.01 -24.24
N PHE H 197 19.59 -36.25 -23.78
CA PHE H 197 20.89 -36.83 -23.48
C PHE H 197 21.64 -37.00 -24.81
N LEU H 198 20.98 -37.59 -25.78
CA LEU H 198 21.56 -37.80 -27.10
C LEU H 198 22.00 -36.46 -27.70
N VAL H 199 21.15 -35.44 -27.55
CA VAL H 199 21.45 -34.12 -28.05
C VAL H 199 22.71 -33.59 -27.38
N ALA H 200 22.88 -33.92 -26.11
CA ALA H 200 24.05 -33.47 -25.37
C ALA H 200 25.33 -34.12 -25.93
N LEU H 201 25.21 -35.31 -26.50
CA LEU H 201 26.36 -36.00 -27.07
C LEU H 201 26.63 -35.49 -28.49
N GLY H 202 25.75 -34.62 -28.98
CA GLY H 202 25.93 -34.08 -30.31
C GLY H 202 24.86 -34.44 -31.31
N ALA H 203 23.91 -35.29 -30.92
CA ALA H 203 22.83 -35.69 -31.82
C ALA H 203 21.92 -34.52 -32.14
N LYS H 204 21.17 -34.63 -33.22
CA LYS H 204 20.25 -33.58 -33.65
C LYS H 204 18.84 -34.16 -33.60
N ILE H 205 18.08 -33.79 -32.58
CA ILE H 205 16.72 -34.30 -32.40
C ILE H 205 15.76 -33.19 -32.01
N SER H 206 14.53 -33.28 -32.51
CA SER H 206 13.50 -32.31 -32.16
C SER H 206 12.16 -33.02 -32.17
N GLY H 207 11.21 -32.50 -31.41
CA GLY H 207 9.90 -33.12 -31.35
C GLY H 207 9.71 -34.05 -30.17
N GLN H 208 10.79 -34.38 -29.46
CA GLN H 208 10.66 -35.28 -28.32
C GLN H 208 9.59 -34.72 -27.40
N GLY H 209 8.68 -35.58 -26.95
CA GLY H 209 7.61 -35.14 -26.08
C GLY H 209 6.31 -35.02 -26.88
N THR H 210 6.42 -35.04 -28.21
CA THR H 210 5.24 -34.93 -29.08
C THR H 210 5.09 -36.25 -29.79
N ASP H 211 4.06 -36.41 -30.62
CA ASP H 211 3.90 -37.69 -31.31
C ASP H 211 4.75 -37.83 -32.56
N ARG H 212 5.51 -36.78 -32.89
CA ARG H 212 6.39 -36.81 -34.06
C ARG H 212 7.82 -36.39 -33.70
N ILE H 213 8.75 -37.34 -33.74
CA ILE H 213 10.15 -37.06 -33.42
C ILE H 213 10.98 -37.05 -34.69
N THR H 214 11.77 -36.00 -34.86
CA THR H 214 12.62 -35.87 -36.04
C THR H 214 14.09 -35.93 -35.64
N ILE H 215 14.81 -36.86 -36.26
CA ILE H 215 16.23 -37.04 -35.98
C ILE H 215 17.04 -36.89 -37.27
N GLU H 216 18.08 -36.06 -37.23
CA GLU H 216 18.93 -35.88 -38.39
C GLU H 216 20.27 -36.51 -38.02
N GLY H 217 20.59 -37.63 -38.64
CA GLY H 217 21.83 -38.31 -38.33
C GLY H 217 23.09 -37.47 -38.42
N VAL H 218 24.10 -37.88 -37.67
CA VAL H 218 25.41 -37.24 -37.67
C VAL H 218 26.45 -38.35 -37.76
N GLU H 219 27.69 -37.98 -38.07
CA GLU H 219 28.74 -38.97 -38.20
C GLU H 219 29.06 -39.70 -36.92
N ARG H 220 29.18 -38.95 -35.83
CA ARG H 220 29.50 -39.56 -34.55
C ARG H 220 29.00 -38.75 -33.37
N LEU H 221 28.96 -39.39 -32.21
CA LEU H 221 28.53 -38.74 -30.98
C LEU H 221 29.72 -38.67 -30.04
N GLY H 222 29.83 -37.55 -29.33
CA GLY H 222 30.95 -37.37 -28.42
C GLY H 222 30.71 -37.89 -27.02
N GLY H 223 30.82 -37.01 -26.04
CA GLY H 223 30.61 -37.38 -24.65
C GLY H 223 30.02 -36.19 -23.91
N GLY H 224 30.06 -36.24 -22.58
CA GLY H 224 29.51 -35.15 -21.81
C GLY H 224 28.96 -35.55 -20.46
N VAL H 225 28.18 -34.66 -19.86
CA VAL H 225 27.57 -34.89 -18.55
C VAL H 225 26.07 -34.60 -18.60
N TYR H 226 25.26 -35.56 -18.13
CA TYR H 226 23.81 -35.40 -18.14
C TYR H 226 23.21 -35.91 -16.83
N ARG H 227 22.28 -35.13 -16.27
CA ARG H 227 21.61 -35.51 -15.03
C ARG H 227 20.21 -36.06 -15.32
N VAL H 228 19.97 -37.31 -14.91
CA VAL H 228 18.68 -37.97 -15.11
C VAL H 228 17.57 -37.25 -14.34
N LEU H 229 16.37 -37.20 -14.92
CA LEU H 229 15.25 -36.52 -14.27
C LEU H 229 14.69 -37.34 -13.11
N PRO H 230 13.87 -36.71 -12.24
CA PRO H 230 13.28 -37.40 -11.08
C PRO H 230 12.39 -38.55 -11.51
N ASP H 231 12.36 -39.61 -10.70
CA ASP H 231 11.54 -40.78 -10.97
C ASP H 231 10.07 -40.47 -10.60
N ARG H 232 9.23 -40.25 -11.60
CA ARG H 232 7.83 -39.91 -11.36
C ARG H 232 7.02 -41.05 -10.73
N ILE H 233 7.43 -42.29 -10.97
CA ILE H 233 6.71 -43.40 -10.37
C ILE H 233 7.06 -43.54 -8.89
N GLU H 234 8.32 -43.27 -8.53
CA GLU H 234 8.70 -43.34 -7.13
C GLU H 234 7.89 -42.25 -6.42
N THR H 235 7.86 -41.07 -7.03
CA THR H 235 7.13 -39.94 -6.49
C THR H 235 5.66 -40.33 -6.27
N GLY H 236 5.04 -40.86 -7.31
CA GLY H 236 3.65 -41.25 -7.21
C GLY H 236 3.44 -42.30 -6.14
N THR H 237 4.41 -43.18 -5.97
CA THR H 237 4.30 -44.22 -4.97
C THR H 237 4.26 -43.66 -3.55
N PHE H 238 5.13 -42.69 -3.27
CA PHE H 238 5.14 -42.09 -1.94
C PHE H 238 3.94 -41.21 -1.69
N LEU H 239 3.46 -40.53 -2.73
CA LEU H 239 2.30 -39.67 -2.59
C LEU H 239 1.12 -40.56 -2.23
N VAL H 240 1.07 -41.75 -2.82
CA VAL H 240 -0.01 -42.70 -2.54
C VAL H 240 0.16 -43.22 -1.11
N ALA H 241 1.41 -43.38 -0.71
CA ALA H 241 1.71 -43.85 0.64
C ALA H 241 1.02 -42.94 1.66
N ALA H 242 1.10 -41.64 1.45
CA ALA H 242 0.47 -40.68 2.35
C ALA H 242 -1.05 -40.69 2.20
N ALA H 243 -1.52 -40.68 0.96
CA ALA H 243 -2.96 -40.67 0.67
C ALA H 243 -3.74 -41.82 1.28
N ILE H 244 -3.13 -42.99 1.38
CA ILE H 244 -3.82 -44.14 1.95
C ILE H 244 -3.64 -44.31 3.46
N SER H 245 -2.76 -43.51 4.05
CA SER H 245 -2.52 -43.61 5.49
C SER H 245 -2.94 -42.35 6.24
N GLY H 246 -3.73 -41.51 5.59
CA GLY H 246 -4.17 -40.27 6.22
C GLY H 246 -3.05 -39.29 6.57
N GLY H 247 -1.84 -39.56 6.09
CA GLY H 247 -0.72 -38.68 6.40
C GLY H 247 -0.50 -37.48 5.49
N LYS H 248 0.64 -36.83 5.70
CA LYS H 248 1.05 -35.67 4.91
C LYS H 248 2.50 -35.87 4.51
N ILE H 249 2.83 -35.61 3.26
CA ILE H 249 4.21 -35.80 2.83
C ILE H 249 4.65 -34.76 1.82
N VAL H 250 5.96 -34.55 1.75
CA VAL H 250 6.54 -33.62 0.80
C VAL H 250 7.65 -34.36 0.10
N CYS H 251 7.57 -34.42 -1.22
CA CYS H 251 8.59 -35.09 -2.03
C CYS H 251 9.54 -34.03 -2.57
N ARG H 252 10.82 -34.16 -2.24
CA ARG H 252 11.85 -33.23 -2.70
C ARG H 252 12.51 -33.81 -3.95
N ASN H 253 13.10 -32.94 -4.76
CA ASN H 253 13.75 -33.36 -6.00
C ASN H 253 12.75 -33.98 -6.95
N ALA H 254 11.55 -33.41 -6.96
CA ALA H 254 10.47 -33.90 -7.80
C ALA H 254 10.30 -33.03 -9.04
N GLN H 255 9.51 -33.51 -9.98
CA GLN H 255 9.21 -32.76 -11.20
C GLN H 255 7.70 -32.89 -11.46
N PRO H 256 6.91 -32.02 -10.84
CA PRO H 256 5.46 -31.94 -10.91
C PRO H 256 4.79 -32.12 -12.29
N ASP H 257 5.32 -31.47 -13.32
CA ASP H 257 4.72 -31.55 -14.65
C ASP H 257 4.69 -32.95 -15.27
N THR H 258 5.37 -33.90 -14.64
CA THR H 258 5.37 -35.27 -15.15
C THR H 258 4.28 -36.11 -14.49
N LEU H 259 3.50 -35.49 -13.61
CA LEU H 259 2.47 -36.22 -12.89
C LEU H 259 1.07 -35.62 -12.91
N ASP H 260 0.74 -34.82 -13.92
CA ASP H 260 -0.58 -34.20 -13.97
C ASP H 260 -1.72 -35.19 -13.74
N ALA H 261 -1.71 -36.30 -14.49
CA ALA H 261 -2.77 -37.29 -14.36
C ALA H 261 -2.86 -37.86 -12.93
N VAL H 262 -1.72 -38.25 -12.37
CA VAL H 262 -1.69 -38.80 -11.02
C VAL H 262 -2.16 -37.80 -9.97
N LEU H 263 -1.67 -36.57 -10.04
CA LEU H 263 -2.06 -35.56 -9.07
C LEU H 263 -3.56 -35.26 -9.17
N ALA H 264 -4.08 -35.27 -10.39
CA ALA H 264 -5.49 -34.99 -10.61
C ALA H 264 -6.32 -36.09 -9.96
N LYS H 265 -5.87 -37.33 -10.10
CA LYS H 265 -6.57 -38.47 -9.52
C LYS H 265 -6.50 -38.47 -7.99
N LEU H 266 -5.36 -38.05 -7.45
CA LEU H 266 -5.20 -37.99 -6.02
C LEU H 266 -6.14 -36.94 -5.44
N ARG H 267 -6.31 -35.83 -6.15
CA ARG H 267 -7.22 -34.79 -5.68
C ARG H 267 -8.64 -35.34 -5.69
N GLU H 268 -8.97 -36.11 -6.72
CA GLU H 268 -10.29 -36.70 -6.82
C GLU H 268 -10.51 -37.66 -5.65
N ALA H 269 -9.44 -38.21 -5.12
CA ALA H 269 -9.53 -39.13 -3.99
C ALA H 269 -9.64 -38.35 -2.70
N GLY H 270 -9.47 -37.03 -2.79
CA GLY H 270 -9.57 -36.18 -1.62
C GLY H 270 -8.28 -35.57 -1.07
N ALA H 271 -7.16 -35.76 -1.75
CA ALA H 271 -5.89 -35.22 -1.29
C ALA H 271 -5.75 -33.71 -1.50
N ASP H 272 -5.08 -33.05 -0.55
CA ASP H 272 -4.81 -31.61 -0.62
C ASP H 272 -3.39 -31.54 -1.15
N ILE H 273 -3.25 -31.22 -2.43
CA ILE H 273 -1.95 -31.17 -3.08
C ILE H 273 -1.46 -29.79 -3.50
N GLU H 274 -0.19 -29.53 -3.22
CA GLU H 274 0.45 -28.29 -3.59
C GLU H 274 1.80 -28.61 -4.20
N THR H 275 2.17 -27.88 -5.23
CA THR H 275 3.42 -28.12 -5.92
C THR H 275 4.32 -26.89 -6.01
N GLY H 276 5.60 -27.16 -6.20
CA GLY H 276 6.57 -26.08 -6.31
C GLY H 276 7.37 -26.34 -7.55
N GLU H 277 8.52 -25.69 -7.66
CA GLU H 277 9.40 -25.86 -8.80
C GLU H 277 9.97 -27.29 -8.84
N ASP H 278 10.34 -27.80 -7.67
CA ASP H 278 10.91 -29.14 -7.59
C ASP H 278 10.41 -29.95 -6.40
N TRP H 279 9.16 -29.73 -6.01
CA TRP H 279 8.62 -30.46 -4.88
C TRP H 279 7.11 -30.57 -4.98
N ILE H 280 6.58 -31.59 -4.32
CA ILE H 280 5.14 -31.85 -4.29
C ILE H 280 4.77 -32.19 -2.85
N SER H 281 3.66 -31.64 -2.37
CA SER H 281 3.22 -31.93 -1.03
C SER H 281 1.79 -32.45 -1.10
N LEU H 282 1.50 -33.46 -0.29
CA LEU H 282 0.16 -34.04 -0.24
C LEU H 282 -0.22 -34.21 1.22
N ASP H 283 -1.40 -33.74 1.57
CA ASP H 283 -1.91 -33.83 2.92
C ASP H 283 -3.32 -34.42 2.84
N MET H 284 -3.55 -35.54 3.54
CA MET H 284 -4.88 -36.15 3.53
C MET H 284 -5.71 -35.60 4.67
N HIS H 285 -5.07 -34.88 5.59
CA HIS H 285 -5.75 -34.31 6.73
C HIS H 285 -6.46 -35.43 7.51
N GLY H 286 -5.77 -36.56 7.66
CA GLY H 286 -6.32 -37.69 8.38
C GLY H 286 -7.53 -38.34 7.71
N LYS H 287 -7.87 -37.90 6.51
CA LYS H 287 -9.02 -38.42 5.77
C LYS H 287 -8.77 -39.75 5.10
N ARG H 288 -9.82 -40.56 5.03
CA ARG H 288 -9.76 -41.85 4.34
C ARG H 288 -9.98 -41.44 2.88
N PRO H 289 -9.29 -42.08 1.93
CA PRO H 289 -9.46 -41.71 0.52
C PRO H 289 -10.81 -42.07 -0.08
N LYS H 290 -11.23 -41.28 -1.08
CA LYS H 290 -12.48 -41.50 -1.79
C LYS H 290 -12.16 -42.34 -3.03
N ALA H 291 -12.98 -43.35 -3.30
CA ALA H 291 -12.76 -44.23 -4.45
C ALA H 291 -12.69 -43.42 -5.75
N VAL H 292 -11.81 -43.84 -6.65
CA VAL H 292 -11.65 -43.14 -7.94
C VAL H 292 -11.67 -44.12 -9.11
N THR H 293 -11.93 -43.59 -10.30
CA THR H 293 -11.96 -44.41 -11.50
C THR H 293 -10.74 -44.10 -12.35
N VAL H 294 -9.98 -45.14 -12.70
CA VAL H 294 -8.78 -44.97 -13.47
C VAL H 294 -8.73 -45.79 -14.73
N ARG H 295 -8.06 -45.24 -15.75
CA ARG H 295 -7.90 -45.90 -17.04
C ARG H 295 -6.47 -45.59 -17.50
N THR H 296 -5.59 -46.60 -17.40
CA THR H 296 -4.19 -46.44 -17.82
C THR H 296 -4.10 -46.22 -19.32
N ALA H 297 -3.08 -45.47 -19.73
CA ALA H 297 -2.87 -45.17 -21.15
C ALA H 297 -1.52 -44.48 -21.32
N PRO H 298 -1.06 -44.31 -22.56
CA PRO H 298 0.23 -43.66 -22.78
C PRO H 298 0.26 -42.29 -22.17
N HIS H 299 1.47 -41.81 -21.82
CA HIS H 299 1.61 -40.47 -21.25
C HIS H 299 0.99 -39.47 -22.23
N PRO H 300 0.44 -38.34 -21.72
CA PRO H 300 0.33 -37.87 -20.34
C PRO H 300 -0.83 -38.41 -19.52
N ALA H 301 -1.47 -39.47 -20.00
CA ALA H 301 -2.59 -40.06 -19.27
C ALA H 301 -2.08 -40.78 -18.02
N PHE H 302 -2.99 -41.39 -17.27
CA PHE H 302 -2.61 -42.12 -16.07
C PHE H 302 -1.67 -43.27 -16.45
N PRO H 303 -0.47 -43.30 -15.86
CA PRO H 303 0.56 -44.32 -16.11
C PRO H 303 0.28 -45.69 -15.52
N THR H 304 0.49 -46.73 -16.31
CA THR H 304 0.26 -48.10 -15.86
C THR H 304 1.19 -48.48 -14.71
N ALA H 305 2.36 -47.83 -14.63
CA ALA H 305 3.31 -48.10 -13.55
C ALA H 305 2.80 -47.66 -12.18
N MET H 306 1.67 -46.94 -12.17
CA MET H 306 1.08 -46.46 -10.92
C MET H 306 -0.26 -47.16 -10.64
N GLN H 307 -0.66 -48.04 -11.55
CA GLN H 307 -1.92 -48.77 -11.43
C GLN H 307 -2.04 -49.66 -10.18
N ALA H 308 -1.02 -50.48 -9.90
CA ALA H 308 -1.08 -51.35 -8.71
C ALA H 308 -1.25 -50.52 -7.45
N GLN H 309 -0.48 -49.44 -7.35
CA GLN H 309 -0.56 -48.56 -6.19
C GLN H 309 -1.96 -47.97 -6.04
N PHE H 310 -2.58 -47.57 -7.14
CA PHE H 310 -3.92 -47.01 -7.08
C PHE H 310 -4.96 -48.08 -6.84
N THR H 311 -4.64 -49.34 -7.15
CA THR H 311 -5.58 -50.40 -6.88
C THR H 311 -5.70 -50.49 -5.36
N LEU H 312 -4.56 -50.40 -4.67
CA LEU H 312 -4.51 -50.43 -3.22
C LEU H 312 -5.35 -49.29 -2.65
N LEU H 313 -5.09 -48.08 -3.13
CA LEU H 313 -5.82 -46.89 -2.68
C LEU H 313 -7.32 -47.13 -2.75
N ASN H 314 -7.80 -47.65 -3.88
CA ASN H 314 -9.22 -47.92 -4.03
C ASN H 314 -9.69 -49.00 -3.06
N LEU H 315 -8.88 -50.02 -2.85
CA LEU H 315 -9.27 -51.12 -1.96
C LEU H 315 -9.46 -50.74 -0.49
N VAL H 316 -8.95 -49.57 -0.11
CA VAL H 316 -9.11 -49.10 1.26
C VAL H 316 -9.81 -47.73 1.24
N ALA H 317 -10.45 -47.42 0.11
CA ALA H 317 -11.14 -46.15 -0.04
C ALA H 317 -12.64 -46.27 0.20
N GLU H 318 -13.29 -45.11 0.25
CA GLU H 318 -14.72 -45.04 0.47
C GLU H 318 -15.43 -45.15 -0.86
N GLY H 319 -16.14 -46.25 -1.06
CA GLY H 319 -16.88 -46.41 -2.29
C GLY H 319 -16.38 -47.49 -3.23
N THR H 320 -16.94 -47.51 -4.42
CA THR H 320 -16.59 -48.49 -5.44
C THR H 320 -15.70 -47.86 -6.50
N GLY H 321 -14.43 -48.25 -6.52
CA GLY H 321 -13.51 -47.73 -7.50
C GLY H 321 -13.29 -48.70 -8.64
N VAL H 322 -13.17 -48.18 -9.87
CA VAL H 322 -12.96 -49.04 -11.02
C VAL H 322 -11.67 -48.69 -11.75
N ILE H 323 -10.79 -49.67 -11.91
CA ILE H 323 -9.52 -49.46 -12.60
C ILE H 323 -9.44 -50.32 -13.83
N THR H 324 -9.18 -49.71 -14.97
CA THR H 324 -9.07 -50.51 -16.18
C THR H 324 -7.70 -50.26 -16.81
N GLU H 325 -6.94 -51.36 -16.91
CA GLU H 325 -5.57 -51.37 -17.43
C GLU H 325 -5.54 -51.65 -18.94
N THR H 326 -4.94 -50.76 -19.73
CA THR H 326 -4.92 -50.95 -21.19
C THR H 326 -3.54 -51.15 -21.79
N ILE H 327 -2.49 -51.15 -20.96
CA ILE H 327 -1.14 -51.32 -21.47
C ILE H 327 -0.63 -52.75 -21.37
N PHE H 328 -0.80 -53.40 -20.23
CA PHE H 328 -0.32 -54.78 -20.05
C PHE H 328 -1.46 -55.76 -19.71
N GLU H 329 -1.47 -56.89 -20.40
CA GLU H 329 -2.51 -57.90 -20.23
C GLU H 329 -2.61 -58.61 -18.88
N ASN H 330 -1.52 -58.69 -18.15
CA ASN H 330 -1.55 -59.37 -16.86
C ASN H 330 -0.97 -58.55 -15.70
N ARG H 331 -1.54 -57.38 -15.46
CA ARG H 331 -1.03 -56.54 -14.38
C ARG H 331 -2.00 -56.36 -13.20
N PHE H 332 -2.66 -57.45 -12.81
CA PHE H 332 -3.58 -57.44 -11.68
C PHE H 332 -3.17 -58.52 -10.68
N MET H 333 -1.92 -58.97 -10.78
CA MET H 333 -1.42 -60.02 -9.90
C MET H 333 -1.40 -59.64 -8.42
N HIS H 334 -1.41 -58.35 -8.12
CA HIS H 334 -1.42 -57.89 -6.74
C HIS H 334 -2.80 -58.08 -6.10
N VAL H 335 -3.85 -58.04 -6.92
CA VAL H 335 -5.20 -58.18 -6.42
C VAL H 335 -5.46 -59.41 -5.55
N PRO H 336 -5.14 -60.62 -6.04
CA PRO H 336 -5.38 -61.82 -5.23
C PRO H 336 -4.63 -61.77 -3.89
N GLU H 337 -3.48 -61.12 -3.88
CA GLU H 337 -2.70 -61.01 -2.67
C GLU H 337 -3.35 -60.06 -1.69
N LEU H 338 -3.84 -58.92 -2.18
CA LEU H 338 -4.49 -57.96 -1.29
C LEU H 338 -5.78 -58.56 -0.73
N ILE H 339 -6.42 -59.43 -1.50
CA ILE H 339 -7.64 -60.05 -1.03
C ILE H 339 -7.34 -60.90 0.18
N ARG H 340 -6.14 -61.47 0.23
CA ARG H 340 -5.74 -62.27 1.39
C ARG H 340 -5.68 -61.35 2.61
N MET H 341 -5.42 -60.07 2.39
CA MET H 341 -5.34 -59.10 3.48
C MET H 341 -6.70 -58.49 3.79
N GLY H 342 -7.75 -59.08 3.23
CA GLY H 342 -9.08 -58.60 3.49
C GLY H 342 -9.72 -57.65 2.49
N ALA H 343 -9.02 -57.31 1.41
CA ALA H 343 -9.65 -56.42 0.43
C ALA H 343 -10.79 -57.16 -0.30
N HIS H 344 -11.63 -56.40 -0.99
CA HIS H 344 -12.72 -56.98 -1.74
C HIS H 344 -12.65 -56.44 -3.16
N ALA H 345 -12.61 -57.33 -4.13
CA ALA H 345 -12.54 -56.90 -5.52
C ALA H 345 -12.82 -58.05 -6.48
N GLU H 346 -13.24 -57.69 -7.69
CA GLU H 346 -13.51 -58.67 -8.74
C GLU H 346 -12.79 -58.20 -9.99
N ILE H 347 -12.23 -59.15 -10.72
CA ILE H 347 -11.52 -58.85 -11.95
C ILE H 347 -12.40 -59.30 -13.10
N GLU H 348 -12.73 -58.37 -14.00
CA GLU H 348 -13.53 -58.66 -15.18
C GLU H 348 -12.70 -58.22 -16.39
N SER H 349 -12.09 -59.19 -17.06
CA SER H 349 -11.26 -58.88 -18.21
C SER H 349 -10.12 -57.94 -17.75
N ASN H 350 -10.01 -56.77 -18.36
CA ASN H 350 -8.92 -55.86 -18.01
C ASN H 350 -9.29 -54.72 -17.06
N THR H 351 -10.27 -54.95 -16.20
CA THR H 351 -10.62 -53.93 -15.22
C THR H 351 -10.96 -54.59 -13.89
N VAL H 352 -10.59 -53.93 -12.79
CA VAL H 352 -10.88 -54.42 -11.44
C VAL H 352 -11.96 -53.58 -10.79
N ILE H 353 -12.97 -54.25 -10.26
CA ILE H 353 -14.04 -53.56 -9.55
C ILE H 353 -13.62 -53.60 -8.08
N CYS H 354 -13.35 -52.43 -7.51
CA CYS H 354 -12.91 -52.34 -6.12
C CYS H 354 -14.01 -51.90 -5.17
N HIS H 355 -14.07 -52.57 -4.02
CA HIS H 355 -15.04 -52.25 -2.98
C HIS H 355 -14.22 -51.95 -1.73
N GLY H 356 -13.86 -50.68 -1.56
CA GLY H 356 -13.07 -50.27 -0.42
C GLY H 356 -13.55 -50.72 0.94
N VAL H 357 -12.60 -51.02 1.83
CA VAL H 357 -12.91 -51.43 3.19
C VAL H 357 -12.17 -50.51 4.13
N GLU H 358 -12.68 -50.37 5.35
CA GLU H 358 -12.06 -49.48 6.33
C GLU H 358 -10.60 -49.85 6.64
N LYS H 359 -10.34 -51.13 6.90
CA LYS H 359 -8.98 -51.54 7.22
C LYS H 359 -8.62 -52.90 6.66
N LEU H 360 -7.32 -53.12 6.50
CA LEU H 360 -6.80 -54.38 5.99
C LEU H 360 -6.17 -55.17 7.14
N SER H 361 -6.05 -56.48 6.97
CA SER H 361 -5.47 -57.33 8.00
C SER H 361 -4.12 -57.85 7.53
N GLY H 362 -3.12 -57.75 8.38
CA GLY H 362 -1.80 -58.24 8.02
C GLY H 362 -1.87 -59.73 7.71
N ALA H 363 -1.07 -60.16 6.76
CA ALA H 363 -1.03 -61.57 6.36
C ALA H 363 0.22 -61.79 5.51
N GLN H 364 0.46 -63.03 5.13
CA GLN H 364 1.62 -63.36 4.32
C GLN H 364 1.22 -63.25 2.87
N VAL H 365 1.85 -62.32 2.16
CA VAL H 365 1.54 -62.11 0.76
C VAL H 365 2.80 -62.24 -0.06
N MET H 366 2.63 -62.40 -1.37
CA MET H 366 3.77 -62.57 -2.26
C MET H 366 3.88 -61.53 -3.37
N ALA H 367 5.03 -60.86 -3.42
CA ALA H 367 5.27 -59.87 -4.46
C ALA H 367 5.38 -60.65 -5.77
N THR H 368 4.82 -60.11 -6.84
CA THR H 368 4.86 -60.79 -8.14
C THR H 368 5.58 -59.96 -9.18
N ASP H 369 5.73 -58.67 -8.91
CA ASP H 369 6.40 -57.77 -9.84
C ASP H 369 6.78 -56.50 -9.11
N LEU H 370 7.57 -55.66 -9.78
CA LEU H 370 8.04 -54.42 -9.20
C LEU H 370 6.98 -53.56 -8.53
N ARG H 371 6.04 -53.04 -9.29
CA ARG H 371 5.03 -52.18 -8.69
C ARG H 371 4.10 -52.88 -7.70
N ALA H 372 3.85 -54.17 -7.92
CA ALA H 372 2.98 -54.92 -7.04
C ALA H 372 3.66 -55.05 -5.68
N SER H 373 4.95 -55.35 -5.68
CA SER H 373 5.69 -55.48 -4.43
C SER H 373 5.62 -54.19 -3.60
N ALA H 374 5.77 -53.04 -4.24
CA ALA H 374 5.67 -51.77 -3.51
C ALA H 374 4.27 -51.60 -2.95
N SER H 375 3.28 -52.03 -3.72
CA SER H 375 1.89 -51.92 -3.29
C SER H 375 1.66 -52.80 -2.05
N LEU H 376 2.19 -54.01 -2.06
CA LEU H 376 2.00 -54.91 -0.93
C LEU H 376 2.72 -54.38 0.30
N VAL H 377 3.86 -53.71 0.10
CA VAL H 377 4.58 -53.16 1.23
C VAL H 377 3.77 -52.02 1.83
N LEU H 378 3.22 -51.15 0.99
CA LEU H 378 2.41 -50.06 1.51
C LEU H 378 1.19 -50.64 2.23
N ALA H 379 0.62 -51.71 1.68
CA ALA H 379 -0.53 -52.35 2.30
C ALA H 379 -0.17 -52.78 3.74
N GLY H 380 1.00 -53.39 3.88
CA GLY H 380 1.45 -53.81 5.19
C GLY H 380 1.55 -52.64 6.16
N CYS H 381 1.95 -51.48 5.66
CA CYS H 381 2.09 -50.30 6.50
C CYS H 381 0.77 -49.83 7.10
N ILE H 382 -0.31 -49.95 6.36
CA ILE H 382 -1.58 -49.49 6.88
C ILE H 382 -2.50 -50.62 7.36
N ALA H 383 -2.10 -51.86 7.14
CA ALA H 383 -2.93 -52.99 7.57
C ALA H 383 -2.83 -53.16 9.09
N GLU H 384 -3.82 -53.83 9.67
CA GLU H 384 -3.84 -54.06 11.12
C GLU H 384 -3.06 -55.32 11.45
N GLY H 385 -1.88 -55.17 12.05
CA GLY H 385 -1.10 -56.34 12.41
C GLY H 385 0.22 -56.48 11.68
N THR H 386 0.67 -57.72 11.54
CA THR H 386 1.93 -58.01 10.88
C THR H 386 1.73 -58.57 9.48
N THR H 387 2.43 -57.97 8.52
CA THR H 387 2.36 -58.41 7.14
C THR H 387 3.75 -58.86 6.71
N VAL H 388 3.81 -59.95 5.96
CA VAL H 388 5.08 -60.45 5.47
C VAL H 388 5.00 -60.51 3.96
N VAL H 389 5.81 -59.68 3.30
CA VAL H 389 5.86 -59.64 1.85
C VAL H 389 7.05 -60.46 1.39
N ASP H 390 6.75 -61.63 0.84
CA ASP H 390 7.79 -62.52 0.36
C ASP H 390 8.27 -62.10 -1.03
N ARG H 391 9.52 -62.42 -1.33
CA ARG H 391 10.13 -62.11 -2.62
C ARG H 391 10.26 -60.61 -2.88
N ILE H 392 10.64 -59.82 -1.87
CA ILE H 392 10.77 -58.38 -2.07
C ILE H 392 11.94 -58.03 -2.97
N TYR H 393 12.65 -59.02 -3.49
CA TYR H 393 13.76 -58.73 -4.36
C TYR H 393 13.21 -57.88 -5.52
N HIS H 394 11.94 -58.13 -5.86
CA HIS H 394 11.29 -57.39 -6.94
C HIS H 394 11.39 -55.89 -6.71
N ILE H 395 11.21 -55.48 -5.46
CA ILE H 395 11.24 -54.08 -5.11
C ILE H 395 12.63 -53.46 -5.29
N ASP H 396 13.67 -54.26 -5.14
CA ASP H 396 15.03 -53.75 -5.28
C ASP H 396 15.37 -53.40 -6.73
N ARG H 397 14.51 -53.79 -7.64
CA ARG H 397 14.74 -53.54 -9.06
C ARG H 397 14.44 -52.09 -9.46
N GLY H 398 13.44 -51.49 -8.82
CA GLY H 398 13.06 -50.13 -9.14
C GLY H 398 12.96 -49.11 -8.02
N TYR H 399 13.27 -49.49 -6.79
CA TYR H 399 13.20 -48.54 -5.69
C TYR H 399 14.51 -48.50 -4.90
N GLU H 400 15.13 -47.32 -4.85
CA GLU H 400 16.38 -47.16 -4.14
C GLU H 400 16.10 -47.04 -2.64
N ARG H 401 16.57 -48.05 -1.89
CA ARG H 401 16.42 -48.12 -0.43
C ARG H 401 15.06 -47.66 0.08
N ILE H 402 14.01 -48.29 -0.44
CA ILE H 402 12.64 -47.96 -0.06
C ILE H 402 12.42 -48.21 1.44
N GLU H 403 13.12 -49.20 1.96
CA GLU H 403 13.03 -49.55 3.37
C GLU H 403 13.37 -48.34 4.24
N ASP H 404 14.50 -47.71 3.96
CA ASP H 404 14.94 -46.54 4.72
C ASP H 404 13.99 -45.35 4.57
N LYS H 405 13.60 -45.06 3.33
CA LYS H 405 12.69 -43.95 3.05
C LYS H 405 11.36 -44.12 3.75
N LEU H 406 10.85 -45.36 3.73
CA LEU H 406 9.56 -45.63 4.37
C LEU H 406 9.69 -45.54 5.87
N ARG H 407 10.80 -46.03 6.40
CA ARG H 407 11.03 -45.96 7.84
C ARG H 407 11.04 -44.50 8.27
N ALA H 408 11.75 -43.67 7.51
CA ALA H 408 11.84 -42.25 7.82
C ALA H 408 10.48 -41.56 7.76
N LEU H 409 9.46 -42.27 7.30
CA LEU H 409 8.11 -41.72 7.21
C LEU H 409 7.22 -42.29 8.31
N GLY H 410 7.81 -43.11 9.18
CA GLY H 410 7.07 -43.68 10.28
C GLY H 410 6.74 -45.16 10.17
N ALA H 411 7.21 -45.81 9.12
CA ALA H 411 6.93 -47.22 8.90
C ALA H 411 7.70 -48.13 9.83
N ASN H 412 7.06 -49.25 10.20
CA ASN H 412 7.67 -50.26 11.05
C ASN H 412 7.97 -51.39 10.08
N ILE H 413 9.16 -51.36 9.50
CA ILE H 413 9.55 -52.34 8.51
C ILE H 413 10.96 -52.87 8.75
N GLU H 414 11.20 -54.12 8.36
CA GLU H 414 12.50 -54.73 8.54
C GLU H 414 12.64 -55.87 7.53
N ARG H 415 13.83 -56.02 6.95
CA ARG H 415 14.09 -57.07 5.97
C ARG H 415 14.55 -58.34 6.72
N VAL H 416 13.94 -59.47 6.39
CA VAL H 416 14.31 -60.73 7.05
C VAL H 416 14.93 -61.72 6.08
N LYS H 417 16.18 -62.10 6.37
CA LYS H 417 16.94 -63.00 5.53
C LYS H 417 16.32 -64.38 5.30
N GLY H 418 17.08 -65.23 4.61
CA GLY H 418 16.68 -66.59 4.30
C GLY H 418 15.21 -66.92 4.42
N GLU H 419 14.49 -66.81 3.31
CA GLU H 419 13.05 -67.06 3.26
C GLU H 419 12.38 -66.93 4.63
N MET I 1 42.52 40.60 38.40
CA MET I 1 41.34 40.80 37.51
C MET I 1 41.49 39.94 36.24
N ASP I 2 40.91 38.75 36.27
CA ASP I 2 40.98 37.82 35.15
C ASP I 2 40.55 38.43 33.82
N LYS I 3 41.13 37.93 32.74
CA LYS I 3 40.82 38.40 31.40
C LYS I 3 40.88 37.23 30.42
N PHE I 4 40.31 37.43 29.24
CA PHE I 4 40.36 36.41 28.20
C PHE I 4 41.21 36.98 27.06
N ARG I 5 42.19 36.21 26.60
CA ARG I 5 43.04 36.65 25.50
C ARG I 5 42.64 35.76 24.34
N VAL I 6 41.96 36.35 23.37
CA VAL I 6 41.46 35.61 22.22
C VAL I 6 42.19 35.91 20.93
N GLN I 7 42.55 34.86 20.21
CA GLN I 7 43.25 34.98 18.92
C GLN I 7 42.24 34.65 17.82
N GLY I 8 42.14 35.52 16.81
CA GLY I 8 41.22 35.28 15.73
C GLY I 8 41.85 35.65 14.40
N PRO I 9 41.16 35.41 13.27
CA PRO I 9 39.83 34.80 13.22
C PRO I 9 39.82 33.29 13.22
N THR I 10 38.78 32.69 13.80
CA THR I 10 38.64 31.24 13.83
C THR I 10 37.16 30.93 13.63
N ARG I 11 36.83 30.13 12.63
CA ARG I 11 35.44 29.78 12.40
C ARG I 11 35.09 28.82 13.54
N LEU I 12 33.96 29.05 14.19
CA LEU I 12 33.53 28.22 15.30
C LEU I 12 32.59 27.15 14.78
N GLN I 13 32.94 25.89 14.98
CA GLN I 13 32.08 24.80 14.52
C GLN I 13 32.26 23.55 15.35
N GLY I 14 31.26 22.68 15.28
CA GLY I 14 31.28 21.43 16.02
C GLY I 14 30.01 21.23 16.85
N GLU I 15 30.18 20.78 18.08
CA GLU I 15 29.05 20.54 18.97
C GLU I 15 29.26 21.09 20.35
N VAL I 16 28.17 21.31 21.05
CA VAL I 16 28.21 21.82 22.40
C VAL I 16 26.98 21.29 23.11
N THR I 17 27.11 21.02 24.41
CA THR I 17 25.99 20.52 25.20
C THR I 17 25.53 21.64 26.13
N ILE I 18 24.28 22.05 25.96
CA ILE I 18 23.72 23.12 26.75
C ILE I 18 23.51 22.73 28.21
N SER I 19 23.88 23.64 29.11
CA SER I 19 23.73 23.40 30.54
C SER I 19 22.33 23.82 31.00
N GLY I 20 22.03 23.57 32.27
CA GLY I 20 20.74 23.94 32.82
C GLY I 20 20.58 25.44 32.78
N ALA I 21 19.34 25.90 32.65
CA ALA I 21 19.07 27.33 32.59
C ALA I 21 19.40 28.06 33.88
N LYS I 22 20.26 29.07 33.77
CA LYS I 22 20.64 29.88 34.92
C LYS I 22 19.40 30.51 35.53
N ASN I 23 18.57 31.12 34.67
CA ASN I 23 17.36 31.79 35.11
C ASN I 23 16.15 30.93 35.49
N ALA I 24 16.34 29.62 35.59
CA ALA I 24 15.30 28.69 35.99
C ALA I 24 15.81 28.11 37.30
N ALA I 25 17.11 27.83 37.34
CA ALA I 25 17.74 27.27 38.51
C ALA I 25 17.65 28.25 39.66
N LEU I 26 17.93 29.53 39.40
CA LEU I 26 17.88 30.54 40.45
C LEU I 26 16.51 30.67 41.10
N PRO I 27 15.45 30.90 40.31
CA PRO I 27 14.15 31.02 40.97
C PRO I 27 13.71 29.73 41.66
N ILE I 28 14.09 28.59 41.09
CA ILE I 28 13.72 27.31 41.67
C ILE I 28 14.46 27.08 42.98
N LEU I 29 15.72 27.46 43.05
CA LEU I 29 16.50 27.30 44.27
C LEU I 29 15.89 28.13 45.40
N PHE I 30 15.43 29.34 45.10
CA PHE I 30 14.81 30.16 46.14
C PHE I 30 13.43 29.59 46.48
N ALA I 31 12.75 29.03 45.48
CA ALA I 31 11.43 28.45 45.72
C ALA I 31 11.56 27.28 46.71
N ALA I 32 12.73 26.66 46.73
CA ALA I 32 12.98 25.52 47.62
C ALA I 32 12.84 25.91 49.09
N LEU I 33 12.93 27.20 49.38
CA LEU I 33 12.79 27.67 50.75
C LEU I 33 11.40 27.28 51.26
N LEU I 34 10.49 26.98 50.34
CA LEU I 34 9.13 26.59 50.69
C LEU I 34 9.02 25.11 51.05
N ALA I 35 9.99 24.32 50.59
CA ALA I 35 9.98 22.89 50.84
C ALA I 35 10.30 22.48 52.27
N GLU I 36 9.45 21.63 52.85
CA GLU I 36 9.66 21.17 54.23
C GLU I 36 10.42 19.86 54.23
N GLU I 37 10.32 19.13 53.14
CA GLU I 37 11.04 17.87 53.06
C GLU I 37 12.18 18.10 52.08
N PRO I 38 13.12 17.14 52.01
CA PRO I 38 14.27 17.22 51.11
C PRO I 38 13.91 17.47 49.66
N VAL I 39 14.80 18.18 48.96
CA VAL I 39 14.61 18.52 47.55
C VAL I 39 15.94 18.39 46.78
N GLU I 40 15.88 17.82 45.56
CA GLU I 40 17.06 17.66 44.70
C GLU I 40 16.77 18.34 43.38
N ILE I 41 17.56 19.34 43.02
CA ILE I 41 17.39 20.03 41.75
C ILE I 41 18.50 19.58 40.82
N GLN I 42 18.12 18.93 39.72
CA GLN I 42 19.06 18.39 38.77
C GLN I 42 19.38 19.33 37.60
N ASN I 43 20.52 19.05 36.96
CA ASN I 43 20.97 19.82 35.81
C ASN I 43 21.18 21.28 36.17
N VAL I 44 21.71 21.54 37.36
CA VAL I 44 21.97 22.89 37.79
C VAL I 44 23.35 23.32 37.28
N PRO I 45 23.42 24.41 36.51
CA PRO I 45 24.73 24.84 36.01
C PRO I 45 25.64 25.32 37.13
N LYS I 46 26.95 25.23 36.92
CA LYS I 46 27.91 25.68 37.91
C LYS I 46 28.28 27.12 37.56
N LEU I 47 27.53 28.06 38.15
CA LEU I 47 27.73 29.47 37.92
C LEU I 47 27.96 30.22 39.22
N LYS I 48 28.57 31.39 39.12
CA LYS I 48 28.87 32.21 40.29
C LYS I 48 27.60 32.53 41.05
N ASP I 49 26.51 32.80 40.33
CA ASP I 49 25.26 33.12 40.98
C ASP I 49 24.70 31.94 41.76
N ILE I 50 24.97 30.72 41.29
CA ILE I 50 24.48 29.55 42.00
C ILE I 50 25.23 29.42 43.32
N ASP I 51 26.51 29.77 43.31
CA ASP I 51 27.30 29.72 44.53
C ASP I 51 26.77 30.73 45.53
N THR I 52 26.54 31.96 45.09
CA THR I 52 26.02 33.02 45.94
C THR I 52 24.65 32.62 46.52
N THR I 53 23.82 32.01 45.68
CA THR I 53 22.49 31.59 46.13
C THR I 53 22.64 30.54 47.22
N MET I 54 23.52 29.58 47.01
CA MET I 54 23.75 28.53 48.00
C MET I 54 24.27 29.14 49.28
N LYS I 55 25.16 30.12 49.14
CA LYS I 55 25.70 30.75 50.32
C LYS I 55 24.56 31.38 51.10
N LEU I 56 23.72 32.17 50.42
CA LEU I 56 22.58 32.84 51.04
C LEU I 56 21.65 31.82 51.72
N LEU I 57 21.25 30.79 50.98
CA LEU I 57 20.37 29.78 51.54
C LEU I 57 20.95 29.19 52.82
N THR I 58 22.24 28.83 52.76
CA THR I 58 22.91 28.25 53.90
C THR I 58 22.85 29.21 55.10
N GLN I 59 23.03 30.50 54.84
CA GLN I 59 23.01 31.47 55.91
C GLN I 59 21.61 31.62 56.51
N LEU I 60 20.59 31.15 55.80
CA LEU I 60 19.23 31.23 56.30
C LEU I 60 18.96 30.02 57.17
N GLY I 61 19.94 29.11 57.23
CA GLY I 61 19.80 27.91 58.02
C GLY I 61 19.40 26.73 57.16
N THR I 62 19.76 26.77 55.89
CA THR I 62 19.43 25.69 54.98
C THR I 62 20.65 24.80 54.80
N LYS I 63 20.40 23.51 54.58
CA LYS I 63 21.47 22.55 54.34
C LYS I 63 21.57 22.41 52.84
N VAL I 64 22.68 22.89 52.27
CA VAL I 64 22.85 22.84 50.84
C VAL I 64 24.16 22.16 50.44
N GLU I 65 24.08 21.28 49.45
CA GLU I 65 25.25 20.58 48.91
C GLU I 65 25.02 20.25 47.43
N ARG I 66 26.04 20.46 46.58
CA ARG I 66 25.93 20.20 45.14
C ARG I 66 27.11 19.42 44.58
N GLY I 68 26.05 17.36 39.64
CA GLY I 68 25.24 17.96 38.60
C GLY I 68 23.97 18.54 39.21
N SER I 69 23.65 18.08 40.42
CA SER I 69 22.47 18.52 41.12
C SER I 69 22.84 19.33 42.35
N VAL I 70 21.82 19.99 42.89
CA VAL I 70 21.98 20.79 44.10
C VAL I 70 20.95 20.19 45.06
N TRP I 71 21.43 19.68 46.19
CA TRP I 71 20.54 19.07 47.18
C TRP I 71 20.20 20.09 48.26
N ILE I 72 18.90 20.29 48.48
CA ILE I 72 18.42 21.25 49.46
C ILE I 72 17.56 20.65 50.57
N ASP I 73 17.83 21.09 51.81
CA ASP I 73 17.08 20.64 52.97
C ASP I 73 16.74 21.89 53.75
N ALA I 74 15.54 22.41 53.53
CA ALA I 74 15.10 23.64 54.19
C ALA I 74 14.17 23.41 55.38
N SER I 75 13.96 22.16 55.75
CA SER I 75 13.07 21.85 56.87
C SER I 75 13.42 22.60 58.14
N ASN I 76 14.64 23.11 58.24
CA ASN I 76 15.07 23.81 59.45
C ASN I 76 15.43 25.29 59.35
N VAL I 77 14.93 25.99 58.32
CA VAL I 77 15.23 27.41 58.15
C VAL I 77 14.99 28.16 59.45
N ASN I 78 16.00 28.90 59.91
CA ASN I 78 15.88 29.66 61.16
C ASN I 78 16.13 31.17 61.06
N ASN I 79 16.96 31.60 60.13
CA ASN I 79 17.21 33.03 59.99
C ASN I 79 16.38 33.53 58.79
N PHE I 80 15.95 34.78 58.78
CA PHE I 80 15.10 35.28 57.70
C PHE I 80 15.56 36.57 57.06
N SER I 81 16.88 36.78 57.04
CA SER I 81 17.43 37.99 56.46
C SER I 81 18.40 37.70 55.31
N ALA I 82 18.47 38.65 54.39
CA ALA I 82 19.37 38.57 53.24
C ALA I 82 20.24 39.82 53.38
N PRO I 83 21.44 39.68 53.96
CA PRO I 83 22.41 40.77 54.19
C PRO I 83 22.73 41.63 52.98
N TYR I 84 23.11 42.87 53.24
CA TYR I 84 23.44 43.82 52.19
C TYR I 84 24.59 43.33 51.34
N ASP I 85 25.73 43.14 51.99
CA ASP I 85 26.92 42.71 51.29
C ASP I 85 26.70 41.44 50.47
N LEU I 86 25.56 40.79 50.64
CA LEU I 86 25.28 39.60 49.88
C LEU I 86 24.42 39.90 48.67
N VAL I 87 23.33 40.65 48.85
CA VAL I 87 22.46 40.97 47.72
C VAL I 87 23.12 41.98 46.79
N LYS I 88 24.11 42.71 47.30
CA LYS I 88 24.78 43.69 46.44
C LYS I 88 25.58 42.97 45.37
N THR I 89 25.77 41.66 45.54
CA THR I 89 26.51 40.87 44.56
C THR I 89 25.56 40.06 43.67
N MET I 90 24.29 40.02 44.05
CA MET I 90 23.29 39.30 43.28
C MET I 90 21.89 39.78 43.66
N ARG I 91 21.32 40.60 42.79
CA ARG I 91 20.01 41.16 43.02
C ARG I 91 18.90 40.12 43.02
N ALA I 92 19.16 38.95 42.45
CA ALA I 92 18.18 37.87 42.41
C ALA I 92 17.85 37.36 43.83
N SER I 93 18.62 37.82 44.81
CA SER I 93 18.41 37.43 46.21
C SER I 93 17.02 37.87 46.64
N ILE I 94 16.47 38.88 45.93
CA ILE I 94 15.16 39.44 46.23
C ILE I 94 14.11 38.34 46.25
N TRP I 95 14.37 37.26 45.52
CA TRP I 95 13.44 36.14 45.45
C TRP I 95 13.29 35.36 46.74
N ALA I 96 14.06 35.73 47.76
CA ALA I 96 13.98 35.05 49.05
C ALA I 96 12.82 35.61 49.90
N LEU I 97 12.54 36.90 49.72
CA LEU I 97 11.48 37.57 50.46
C LEU I 97 10.15 36.84 50.36
N GLY I 98 9.71 36.57 49.14
CA GLY I 98 8.44 35.88 48.95
C GLY I 98 8.29 34.60 49.75
N PRO I 99 9.14 33.59 49.49
CA PRO I 99 9.02 32.32 50.22
C PRO I 99 9.11 32.48 51.74
N LEU I 100 10.06 33.30 52.18
CA LEU I 100 10.24 33.52 53.61
C LEU I 100 8.98 34.03 54.30
N VAL I 101 8.36 35.09 53.80
CA VAL I 101 7.15 35.56 54.46
C VAL I 101 5.98 34.60 54.27
N ALA I 102 5.91 33.94 53.12
CA ALA I 102 4.80 33.02 52.87
C ALA I 102 4.83 31.81 53.77
N ARG I 103 6.02 31.35 54.12
CA ARG I 103 6.16 30.17 54.97
C ARG I 103 6.44 30.48 56.44
N PHE I 104 7.21 31.52 56.72
CA PHE I 104 7.53 31.85 58.09
C PHE I 104 6.91 33.14 58.59
N GLY I 105 6.06 33.75 57.77
CA GLY I 105 5.39 34.98 58.17
C GLY I 105 6.26 36.21 58.27
N GLN I 106 7.54 36.08 57.93
CA GLN I 106 8.44 37.23 57.99
C GLN I 106 9.61 37.05 57.04
N GLY I 107 10.32 38.13 56.77
CA GLY I 107 11.46 38.07 55.87
C GLY I 107 11.95 39.46 55.56
N GLN I 108 13.24 39.58 55.36
CA GLN I 108 13.81 40.88 55.02
C GLN I 108 15.03 40.75 54.12
N VAL I 109 14.99 41.49 53.02
CA VAL I 109 16.06 41.45 52.05
C VAL I 109 16.54 42.87 51.80
N SER I 110 17.85 43.05 51.67
CA SER I 110 18.39 44.38 51.43
C SER I 110 17.83 44.85 50.08
N LEU I 111 17.31 46.07 50.05
CA LEU I 111 16.75 46.63 48.82
C LEU I 111 17.90 46.78 47.83
N PRO I 112 17.86 46.02 46.72
CA PRO I 112 18.95 46.14 45.74
C PRO I 112 19.03 47.53 45.10
N GLY I 113 20.26 47.99 44.90
CA GLY I 113 20.48 49.28 44.29
C GLY I 113 20.41 49.16 42.77
N GLY I 114 21.00 50.12 42.07
CA GLY I 114 20.98 50.08 40.62
C GLY I 114 21.87 48.98 40.04
N CYS I 115 21.56 48.58 38.81
CA CYS I 115 22.34 47.56 38.09
C CYS I 115 22.94 48.26 36.88
N ALA I 116 23.89 47.60 36.22
CA ALA I 116 24.54 48.19 35.06
C ALA I 116 23.60 48.44 33.89
N ILE I 117 22.76 47.46 33.56
CA ILE I 117 21.84 47.60 32.43
C ILE I 117 20.53 48.34 32.69
N GLY I 118 20.31 48.76 33.93
CA GLY I 118 19.08 49.46 34.27
C GLY I 118 18.89 49.57 35.77
N ALA I 119 18.04 50.50 36.20
CA ALA I 119 17.78 50.70 37.62
C ALA I 119 17.16 49.43 38.22
N ARG I 120 16.36 48.75 37.41
CA ARG I 120 15.72 47.51 37.83
C ARG I 120 15.02 47.59 39.18
N PRO I 121 14.00 48.45 39.30
CA PRO I 121 13.27 48.58 40.56
C PRO I 121 12.59 47.25 40.83
N VAL I 122 12.13 47.06 42.06
CA VAL I 122 11.51 45.81 42.45
C VAL I 122 10.10 46.04 43.02
N ASP I 123 9.53 47.19 42.67
CA ASP I 123 8.20 47.62 43.11
C ASP I 123 7.07 46.61 42.90
N LEU I 124 7.03 45.96 41.74
CA LEU I 124 5.97 44.98 41.46
C LEU I 124 6.05 43.80 42.42
N HIS I 125 7.26 43.45 42.85
CA HIS I 125 7.44 42.34 43.78
C HIS I 125 6.72 42.69 45.07
N ILE I 126 7.04 43.88 45.59
CA ILE I 126 6.45 44.39 46.81
C ILE I 126 4.94 44.56 46.67
N PHE I 127 4.52 45.17 45.57
CA PHE I 127 3.09 45.38 45.31
C PHE I 127 2.38 44.03 45.38
N GLY I 128 2.98 43.01 44.79
CA GLY I 128 2.37 41.70 44.78
C GLY I 128 2.23 41.08 46.16
N LEU I 129 3.29 41.14 46.95
CA LEU I 129 3.26 40.57 48.28
C LEU I 129 2.23 41.33 49.13
N GLU I 130 2.18 42.64 48.97
CA GLU I 130 1.22 43.44 49.73
C GLU I 130 -0.20 43.03 49.38
N LYS I 131 -0.46 42.76 48.10
CA LYS I 131 -1.78 42.34 47.66
C LYS I 131 -2.14 40.97 48.26
N LEU I 132 -1.12 40.21 48.64
CA LEU I 132 -1.36 38.89 49.23
C LEU I 132 -1.51 39.01 50.74
N GLY I 133 -1.41 40.24 51.24
CA GLY I 133 -1.57 40.45 52.66
C GLY I 133 -0.34 40.83 53.47
N ALA I 134 0.83 40.79 52.85
CA ALA I 134 2.05 41.13 53.57
C ALA I 134 2.14 42.63 53.83
N GLU I 135 2.75 42.98 54.95
CA GLU I 135 2.94 44.38 55.27
C GLU I 135 4.42 44.64 55.05
N ILE I 136 4.71 45.64 54.23
CA ILE I 136 6.10 45.95 53.91
C ILE I 136 6.52 47.38 54.20
N LYS I 137 7.72 47.53 54.74
CA LYS I 137 8.28 48.83 55.06
C LYS I 137 9.73 48.80 54.57
N LEU I 138 10.33 49.96 54.43
CA LEU I 138 11.72 50.03 53.99
C LEU I 138 12.54 50.75 55.06
N GLU I 139 13.27 50.00 55.89
CA GLU I 139 14.08 50.64 56.92
C GLU I 139 15.54 50.21 56.88
N GLU I 140 16.40 51.23 56.91
CA GLU I 140 17.85 51.10 56.84
C GLU I 140 18.27 50.25 55.64
N GLY I 141 17.63 50.49 54.50
CA GLY I 141 17.97 49.79 53.30
C GLY I 141 17.44 48.38 53.17
N TYR I 142 16.66 47.93 54.14
CA TYR I 142 16.13 46.58 54.03
C TYR I 142 14.64 46.63 53.85
N VAL I 143 14.14 45.83 52.93
CA VAL I 143 12.71 45.75 52.74
C VAL I 143 12.29 44.64 53.70
N LYS I 144 11.52 45.02 54.70
CA LYS I 144 11.05 44.09 55.71
C LYS I 144 9.57 43.77 55.53
N ALA I 145 9.28 42.49 55.37
CA ALA I 145 7.91 42.05 55.16
C ALA I 145 7.44 41.12 56.27
N SER I 146 6.16 41.21 56.61
CA SER I 146 5.59 40.36 57.64
C SER I 146 4.11 40.15 57.39
N VAL I 147 3.56 39.10 58.00
CA VAL I 147 2.15 38.79 57.89
C VAL I 147 1.66 37.97 59.07
N ASN I 148 0.45 38.31 59.51
CA ASN I 148 -0.24 37.64 60.61
C ASN I 148 -0.82 36.37 60.06
N GLY I 149 -0.17 35.24 60.36
CA GLY I 149 -0.70 33.99 59.86
C GLY I 149 -0.36 33.86 58.41
N ARG I 150 -1.23 33.21 57.65
CA ARG I 150 -0.96 33.01 56.25
C ARG I 150 -1.38 34.17 55.37
N LEU I 151 -0.84 34.17 54.16
CA LEU I 151 -1.17 35.21 53.19
C LEU I 151 -2.52 34.80 52.63
N LYS I 152 -3.25 35.76 52.06
CA LYS I 152 -4.56 35.47 51.50
C LYS I 152 -4.54 35.59 49.98
N GLY I 153 -5.09 34.59 49.31
CA GLY I 153 -5.14 34.62 47.86
C GLY I 153 -5.79 35.91 47.41
N ALA I 154 -5.37 36.41 46.26
CA ALA I 154 -5.92 37.65 45.73
C ALA I 154 -5.87 37.69 44.20
N HIS I 155 -6.65 38.56 43.60
CA HIS I 155 -6.65 38.70 42.15
C HIS I 155 -5.71 39.87 41.93
N ILE I 156 -4.53 39.58 41.38
CA ILE I 156 -3.53 40.61 41.15
C ILE I 156 -3.28 40.87 39.65
N VAL I 157 -3.45 42.13 39.23
CA VAL I 157 -3.21 42.48 37.84
C VAL I 157 -1.86 43.23 37.77
N MET I 158 -0.93 42.67 37.02
CA MET I 158 0.41 43.24 36.88
C MET I 158 0.44 44.33 35.80
N ASP I 159 0.76 45.56 36.17
CA ASP I 159 0.79 46.62 35.16
C ASP I 159 2.18 46.83 34.58
N LYS I 160 2.83 45.71 34.30
CA LYS I 160 4.15 45.67 33.71
C LYS I 160 4.51 44.20 33.71
N VAL I 161 4.85 43.64 32.56
CA VAL I 161 5.21 42.25 32.52
C VAL I 161 6.58 42.09 33.16
N SER I 162 6.63 41.34 34.26
CA SER I 162 7.88 41.13 34.98
C SER I 162 8.10 39.66 35.33
N VAL I 163 9.23 39.13 34.87
CA VAL I 163 9.58 37.74 35.14
C VAL I 163 9.78 37.57 36.64
N GLY I 164 10.61 38.44 37.22
CA GLY I 164 10.88 38.36 38.64
C GLY I 164 9.64 38.48 39.51
N ALA I 165 8.86 39.53 39.31
CA ALA I 165 7.65 39.73 40.11
C ALA I 165 6.68 38.56 39.97
N THR I 166 6.54 38.00 38.77
CA THR I 166 5.64 36.86 38.57
C THR I 166 6.12 35.68 39.42
N VAL I 167 7.43 35.48 39.50
CA VAL I 167 8.01 34.39 40.29
C VAL I 167 7.75 34.62 41.78
N THR I 168 8.02 35.83 42.25
CA THR I 168 7.81 36.15 43.66
C THR I 168 6.36 35.88 44.09
N ILE I 169 5.42 36.43 43.35
CA ILE I 169 4.01 36.29 43.64
C ILE I 169 3.54 34.84 43.53
N MET I 170 3.88 34.18 42.43
CA MET I 170 3.46 32.79 42.24
C MET I 170 3.99 31.87 43.33
N SER I 171 5.23 32.11 43.74
CA SER I 171 5.85 31.30 44.79
C SER I 171 5.18 31.51 46.13
N ALA I 172 4.98 32.76 46.51
CA ALA I 172 4.36 33.09 47.78
C ALA I 172 2.92 32.59 47.88
N ALA I 173 2.20 32.62 46.76
CA ALA I 173 0.81 32.20 46.73
C ALA I 173 0.59 30.73 46.99
N THR I 174 1.58 29.89 46.72
CA THR I 174 1.42 28.45 46.93
C THR I 174 1.05 28.10 48.37
N LEU I 175 1.52 28.90 49.32
CA LEU I 175 1.22 28.66 50.73
C LEU I 175 0.17 29.63 51.27
N ALA I 176 -0.49 30.34 50.36
CA ALA I 176 -1.51 31.29 50.77
C ALA I 176 -2.84 30.60 51.07
N GLU I 177 -3.70 31.33 51.74
CA GLU I 177 -5.02 30.83 52.09
C GLU I 177 -5.96 31.28 51.00
N GLY I 178 -6.42 30.35 50.18
CA GLY I 178 -7.32 30.72 49.10
C GLY I 178 -6.69 30.65 47.73
N THR I 179 -7.36 31.27 46.76
CA THR I 179 -6.90 31.24 45.38
C THR I 179 -6.36 32.59 44.92
N THR I 180 -5.23 32.54 44.22
CA THR I 180 -4.59 33.73 43.68
C THR I 180 -4.60 33.65 42.17
N ILE I 181 -4.82 34.79 41.54
CA ILE I 181 -4.83 34.85 40.09
C ILE I 181 -3.93 35.99 39.67
N ILE I 182 -2.92 35.69 38.86
CA ILE I 182 -1.99 36.70 38.37
C ILE I 182 -2.33 37.07 36.92
N GLU I 183 -2.79 38.29 36.73
CA GLU I 183 -3.17 38.82 35.42
C GLU I 183 -1.96 39.46 34.78
N ASN I 184 -1.81 39.26 33.48
CA ASN I 184 -0.68 39.82 32.74
C ASN I 184 0.63 39.28 33.30
N ALA I 185 0.66 37.99 33.59
CA ALA I 185 1.84 37.34 34.13
C ALA I 185 2.86 37.12 33.02
N ALA I 186 4.13 36.99 33.39
CA ALA I 186 5.19 36.75 32.41
C ALA I 186 5.05 35.31 31.91
N ARG I 187 5.25 35.08 30.61
CA ARG I 187 5.15 33.74 30.04
C ARG I 187 6.50 33.04 29.81
N GLU I 188 7.58 33.60 30.34
CA GLU I 188 8.90 33.01 30.12
C GLU I 188 8.95 31.55 30.49
N PRO I 189 9.70 30.75 29.70
CA PRO I 189 9.85 29.31 29.92
C PRO I 189 10.31 29.02 31.35
N GLU I 190 11.09 29.93 31.91
CA GLU I 190 11.58 29.74 33.27
C GLU I 190 10.41 29.79 34.26
N ILE I 191 9.41 30.62 33.95
CA ILE I 191 8.22 30.74 34.79
C ILE I 191 7.52 29.38 34.79
N VAL I 192 7.41 28.80 33.61
CA VAL I 192 6.78 27.50 33.47
C VAL I 192 7.54 26.47 34.30
N ASP I 193 8.86 26.49 34.18
CA ASP I 193 9.70 25.56 34.89
C ASP I 193 9.57 25.75 36.41
N THR I 194 9.58 26.99 36.88
CA THR I 194 9.46 27.24 38.30
C THR I 194 8.09 26.76 38.79
N ALA I 195 7.07 26.98 37.96
CA ALA I 195 5.72 26.56 38.31
C ALA I 195 5.68 25.05 38.48
N ASN I 196 6.18 24.32 37.49
CA ASN I 196 6.18 22.87 37.54
C ASN I 196 6.98 22.34 38.73
N PHE I 197 8.01 23.07 39.13
CA PHE I 197 8.81 22.65 40.28
C PHE I 197 7.93 22.74 41.52
N LEU I 198 7.25 23.87 41.69
CA LEU I 198 6.37 24.06 42.84
C LEU I 198 5.31 22.98 42.85
N VAL I 199 4.73 22.69 41.69
CA VAL I 199 3.71 21.67 41.59
C VAL I 199 4.26 20.33 42.05
N ALA I 200 5.53 20.10 41.75
CA ALA I 200 6.17 18.85 42.14
C ALA I 200 6.27 18.76 43.66
N LEU I 201 6.36 19.91 44.33
CA LEU I 201 6.47 19.93 45.79
C LEU I 201 5.09 19.81 46.41
N GLY I 202 4.06 19.77 45.56
CA GLY I 202 2.70 19.65 46.05
C GLY I 202 1.82 20.88 45.80
N ALA I 203 2.39 21.95 45.27
CA ALA I 203 1.59 23.16 45.01
C ALA I 203 0.55 22.91 43.92
N LYS I 204 -0.47 23.76 43.87
CA LYS I 204 -1.51 23.63 42.88
C LYS I 204 -1.50 24.88 42.01
N ILE I 205 -0.96 24.75 40.80
CA ILE I 205 -0.84 25.86 39.88
C ILE I 205 -1.26 25.48 38.46
N SER I 206 -1.88 26.41 37.75
CA SER I 206 -2.28 26.18 36.37
C SER I 206 -2.20 27.51 35.64
N GLY I 207 -2.01 27.45 34.33
CA GLY I 207 -1.92 28.67 33.55
C GLY I 207 -0.50 29.13 33.28
N GLN I 208 0.48 28.54 33.97
CA GLN I 208 1.87 28.94 33.73
C GLN I 208 2.15 28.86 32.24
N GLY I 209 2.77 29.91 31.70
CA GLY I 209 3.06 29.95 30.28
C GLY I 209 2.05 30.86 29.57
N THR I 210 0.97 31.21 30.25
CA THR I 210 -0.04 32.08 29.68
C THR I 210 -0.02 33.38 30.46
N ASP I 211 -0.86 34.35 30.08
CA ASP I 211 -0.84 35.62 30.80
C ASP I 211 -1.65 35.61 32.09
N ARG I 212 -2.26 34.47 32.41
CA ARG I 212 -3.06 34.34 33.62
C ARG I 212 -2.69 33.07 34.39
N ILE I 213 -2.07 33.24 35.55
CA ILE I 213 -1.66 32.11 36.37
C ILE I 213 -2.55 32.02 37.59
N THR I 214 -3.08 30.82 37.83
CA THR I 214 -3.96 30.58 38.97
C THR I 214 -3.30 29.64 39.96
N ILE I 215 -3.20 30.09 41.20
CA ILE I 215 -2.59 29.30 42.27
C ILE I 215 -3.60 29.10 43.39
N GLU I 216 -3.76 27.86 43.83
CA GLU I 216 -4.65 27.58 44.96
C GLU I 216 -3.75 27.15 46.11
N GLY I 217 -3.62 28.00 47.11
CA GLY I 217 -2.78 27.70 48.25
C GLY I 217 -3.04 26.37 48.92
N VAL I 218 -2.00 25.83 49.55
CA VAL I 218 -2.06 24.58 50.29
C VAL I 218 -1.38 24.82 51.63
N GLU I 219 -1.57 23.92 52.59
CA GLU I 219 -0.97 24.10 53.90
C GLU I 219 0.55 24.07 53.91
N ARG I 220 1.13 23.12 53.18
CA ARG I 220 2.59 22.99 53.12
C ARG I 220 3.07 22.31 51.86
N LEU I 221 4.35 22.47 51.58
CA LEU I 221 4.97 21.86 50.42
C LEU I 221 5.96 20.81 50.93
N GLY I 222 6.04 19.69 50.21
CA GLY I 222 6.95 18.62 50.61
C GLY I 222 8.35 18.74 50.02
N GLY I 223 8.75 17.71 49.28
CA GLY I 223 10.07 17.70 48.67
C GLY I 223 9.99 16.96 47.34
N GLY I 224 11.13 16.58 46.79
CA GLY I 224 11.12 15.89 45.52
C GLY I 224 12.36 16.11 44.67
N VAL I 225 12.26 15.69 43.42
CA VAL I 225 13.35 15.81 42.47
C VAL I 225 12.86 16.48 41.20
N TYR I 226 13.57 17.53 40.77
CA TYR I 226 13.20 18.26 39.56
C TYR I 226 14.43 18.61 38.74
N ARG I 227 14.33 18.41 37.42
CA ARG I 227 15.43 18.70 36.51
C ARG I 227 15.19 20.02 35.77
N VAL I 228 16.10 20.97 35.94
CA VAL I 228 16.01 22.29 35.30
C VAL I 228 16.07 22.17 33.77
N LEU I 229 15.28 22.98 33.07
CA LEU I 229 15.27 22.94 31.61
C LEU I 229 16.55 23.56 31.04
N PRO I 230 16.85 23.29 29.75
CA PRO I 230 18.04 23.81 29.08
C PRO I 230 18.05 25.34 29.07
N ASP I 231 19.23 25.93 29.14
CA ASP I 231 19.40 27.38 29.13
C ASP I 231 19.28 27.90 27.68
N ARG I 232 18.13 28.50 27.35
CA ARG I 232 17.91 28.98 26.00
C ARG I 232 18.86 30.11 25.58
N ILE I 233 19.35 30.88 26.54
CA ILE I 233 20.25 31.96 26.20
C ILE I 233 21.63 31.43 25.86
N GLU I 234 22.05 30.37 26.57
CA GLU I 234 23.35 29.78 26.28
C GLU I 234 23.23 29.21 24.85
N THR I 235 22.13 28.52 24.59
CA THR I 235 21.88 27.94 23.28
C THR I 235 21.95 29.05 22.22
N GLY I 236 21.23 30.13 22.44
CA GLY I 236 21.22 31.21 21.46
C GLY I 236 22.61 31.81 21.25
N THR I 237 23.38 31.88 22.33
CA THR I 237 24.72 32.42 22.26
C THR I 237 25.61 31.57 21.34
N PHE I 238 25.56 30.26 21.49
CA PHE I 238 26.38 29.38 20.65
C PHE I 238 25.89 29.33 19.21
N LEU I 239 24.59 29.45 19.02
CA LEU I 239 24.04 29.44 17.66
C LEU I 239 24.56 30.69 16.96
N VAL I 240 24.61 31.80 17.70
CA VAL I 240 25.11 33.03 17.12
C VAL I 240 26.60 32.89 16.85
N ALA I 241 27.30 32.17 17.72
CA ALA I 241 28.73 31.94 17.57
C ALA I 241 29.00 31.37 16.17
N ALA I 242 28.19 30.40 15.77
CA ALA I 242 28.35 29.79 14.46
C ALA I 242 27.94 30.75 13.35
N ALA I 243 26.77 31.37 13.51
CA ALA I 243 26.23 32.29 12.51
C ALA I 243 27.15 33.44 12.12
N ILE I 244 27.96 33.92 13.06
CA ILE I 244 28.86 35.03 12.75
C ILE I 244 30.26 34.59 12.31
N SER I 245 30.56 33.29 12.40
CA SER I 245 31.87 32.79 12.00
C SER I 245 31.79 31.86 10.81
N GLY I 246 30.66 31.89 10.11
CA GLY I 246 30.49 31.04 8.94
C GLY I 246 30.53 29.56 9.24
N GLY I 247 30.49 29.21 10.53
CA GLY I 247 30.54 27.81 10.90
C GLY I 247 29.22 27.03 10.95
N LYS I 248 29.30 25.82 11.48
CA LYS I 248 28.15 24.95 11.62
C LYS I 248 28.23 24.40 13.04
N ILE I 249 27.10 24.28 13.71
CA ILE I 249 27.10 23.76 15.07
C ILE I 249 25.82 23.03 15.42
N VAL I 250 25.93 22.11 16.38
CA VAL I 250 24.80 21.36 16.84
C VAL I 250 24.80 21.49 18.34
N CYS I 251 23.69 21.98 18.88
CA CYS I 251 23.56 22.12 20.33
C CYS I 251 22.78 20.92 20.87
N ARG I 252 23.41 20.18 21.78
CA ARG I 252 22.76 19.01 22.38
C ARG I 252 22.13 19.44 23.71
N ASN I 253 21.12 18.68 24.15
CA ASN I 253 20.41 18.98 25.40
C ASN I 253 19.73 20.33 25.26
N ALA I 254 19.17 20.59 24.08
CA ALA I 254 18.48 21.84 23.82
C ALA I 254 16.95 21.66 23.84
N GLN I 255 16.24 22.78 23.90
CA GLN I 255 14.79 22.76 23.89
C GLN I 255 14.31 23.81 22.89
N PRO I 256 14.25 23.43 21.60
CA PRO I 256 13.85 24.26 20.46
C PRO I 256 12.65 25.19 20.65
N ASP I 257 11.56 24.68 21.22
CA ASP I 257 10.36 25.50 21.39
C ASP I 257 10.52 26.76 22.24
N THR I 258 11.67 26.91 22.90
CA THR I 258 11.91 28.08 23.72
C THR I 258 12.67 29.15 22.94
N LEU I 259 12.94 28.88 21.67
CA LEU I 259 13.69 29.82 20.84
C LEU I 259 13.10 30.19 19.48
N ASP I 260 11.78 30.07 19.33
CA ASP I 260 11.18 30.40 18.05
C ASP I 260 11.64 31.74 17.50
N ALA I 261 11.56 32.79 18.31
CA ALA I 261 11.95 34.13 17.87
C ALA I 261 13.40 34.18 17.41
N VAL I 262 14.30 33.64 18.23
CA VAL I 262 15.71 33.65 17.89
C VAL I 262 16.01 32.86 16.62
N LEU I 263 15.45 31.65 16.51
CA LEU I 263 15.68 30.83 15.32
C LEU I 263 15.13 31.51 14.07
N ALA I 264 14.00 32.21 14.20
CA ALA I 264 13.39 32.89 13.07
C ALA I 264 14.31 34.01 12.61
N LYS I 265 14.90 34.71 13.56
CA LYS I 265 15.81 35.80 13.25
C LYS I 265 17.12 35.28 12.64
N LEU I 266 17.61 34.14 13.11
CA LEU I 266 18.82 33.58 12.58
C LEU I 266 18.59 33.16 11.12
N ARG I 267 17.40 32.65 10.81
CA ARG I 267 17.09 32.27 9.44
C ARG I 267 17.08 33.52 8.57
N GLU I 268 16.50 34.60 9.10
CA GLU I 268 16.45 35.85 8.36
C GLU I 268 17.87 36.33 8.07
N ALA I 269 18.81 35.96 8.94
CA ALA I 269 20.20 36.36 8.77
C ALA I 269 20.92 35.43 7.78
N GLY I 270 20.23 34.38 7.37
CA GLY I 270 20.79 33.47 6.40
C GLY I 270 21.19 32.09 6.90
N ALA I 271 20.91 31.77 8.15
CA ALA I 271 21.29 30.47 8.69
C ALA I 271 20.40 29.32 8.24
N ASP I 272 21.02 28.15 8.08
CA ASP I 272 20.29 26.94 7.70
C ASP I 272 20.10 26.22 9.02
N ILE I 273 18.88 26.27 9.55
CA ILE I 273 18.58 25.67 10.83
C ILE I 273 17.67 24.45 10.78
N GLU I 274 18.08 23.41 11.50
CA GLU I 274 17.33 22.15 11.63
C GLU I 274 17.16 21.90 13.12
N THR I 275 16.02 21.36 13.55
CA THR I 275 15.79 21.07 14.96
C THR I 275 15.29 19.65 15.18
N GLY I 276 15.54 19.14 16.38
CA GLY I 276 15.11 17.81 16.75
C GLY I 276 14.35 17.91 18.06
N GLU I 277 14.15 16.77 18.71
CA GLU I 277 13.44 16.72 19.98
C GLU I 277 14.22 17.47 21.05
N ASP I 278 15.53 17.29 21.07
CA ASP I 278 16.38 17.93 22.06
C ASP I 278 17.69 18.47 21.49
N TRP I 279 17.67 18.93 20.24
CA TRP I 279 18.87 19.48 19.62
C TRP I 279 18.54 20.47 18.53
N ILE I 280 19.48 21.37 18.25
CA ILE I 280 19.32 22.38 17.22
C ILE I 280 20.63 22.44 16.45
N SER I 281 20.54 22.52 15.13
CA SER I 281 21.75 22.61 14.32
C SER I 281 21.66 23.85 13.46
N LEU I 282 22.78 24.53 13.31
CA LEU I 282 22.84 25.74 12.49
C LEU I 282 24.07 25.67 11.61
N ASP I 283 23.86 25.90 10.32
CA ASP I 283 24.95 25.87 9.36
C ASP I 283 24.90 27.15 8.55
N MET I 284 25.98 27.92 8.55
CA MET I 284 26.02 29.16 7.77
C MET I 284 26.53 28.90 6.37
N HIS I 285 27.10 27.70 6.16
CA HIS I 285 27.63 27.32 4.86
C HIS I 285 28.68 28.35 4.46
N GLY I 286 29.52 28.73 5.42
CA GLY I 286 30.56 29.70 5.19
C GLY I 286 30.11 31.09 4.75
N LYS I 287 28.81 31.33 4.71
CA LYS I 287 28.32 32.65 4.29
C LYS I 287 28.32 33.67 5.43
N ARG I 288 28.52 34.93 5.08
CA ARG I 288 28.52 36.05 6.02
C ARG I 288 27.04 36.30 6.32
N PRO I 289 26.70 36.66 7.58
CA PRO I 289 25.30 36.91 7.91
C PRO I 289 24.67 38.16 7.29
N LYS I 290 23.36 38.09 7.07
CA LYS I 290 22.62 39.22 6.50
C LYS I 290 22.07 40.04 7.67
N ALA I 291 22.17 41.37 7.58
CA ALA I 291 21.67 42.22 8.66
C ALA I 291 20.19 41.99 8.93
N VAL I 292 19.81 42.01 10.20
CA VAL I 292 18.42 41.81 10.58
C VAL I 292 17.91 42.93 11.49
N THR I 293 16.60 43.01 11.63
CA THR I 293 15.99 44.02 12.48
C THR I 293 15.36 43.31 13.68
N VAL I 294 15.71 43.78 14.88
CA VAL I 294 15.22 43.16 16.10
C VAL I 294 14.56 44.15 17.07
N ARG I 295 13.57 43.65 17.79
CA ARG I 295 12.85 44.43 18.78
C ARG I 295 12.63 43.51 19.98
N THR I 296 13.38 43.75 21.06
CA THR I 296 13.23 42.91 22.27
C THR I 296 11.86 43.13 22.90
N ALA I 297 11.35 42.11 23.57
CA ALA I 297 10.05 42.17 24.23
C ALA I 297 9.86 40.91 25.07
N PRO I 298 8.81 40.89 25.90
CA PRO I 298 8.58 39.70 26.73
C PRO I 298 8.40 38.44 25.89
N HIS I 299 8.72 37.29 26.44
CA HIS I 299 8.58 36.02 25.74
C HIS I 299 7.13 35.91 25.26
N PRO I 300 6.89 35.23 24.13
CA PRO I 300 7.79 34.52 23.21
C PRO I 300 8.50 35.38 22.15
N ALA I 301 8.48 36.69 22.32
CA ALA I 301 9.17 37.57 21.37
C ALA I 301 10.70 37.45 21.53
N PHE I 302 11.44 38.25 20.77
CA PHE I 302 12.91 38.21 20.85
C PHE I 302 13.35 38.64 22.24
N PRO I 303 14.08 37.77 22.96
CA PRO I 303 14.58 38.01 24.31
C PRO I 303 15.71 39.04 24.44
N THR I 304 15.60 39.94 25.41
CA THR I 304 16.61 40.95 25.61
C THR I 304 17.97 40.32 25.97
N ALA I 305 17.93 39.12 26.55
CA ALA I 305 19.17 38.43 26.94
C ALA I 305 20.01 37.96 25.75
N MET I 306 19.49 38.13 24.52
CA MET I 306 20.21 37.75 23.30
C MET I 306 20.56 38.99 22.48
N GLN I 307 20.06 40.14 22.92
CA GLN I 307 20.27 41.40 22.22
C GLN I 307 21.73 41.78 21.97
N ALA I 308 22.58 41.68 22.98
CA ALA I 308 23.99 42.02 22.79
C ALA I 308 24.61 41.12 21.72
N GLN I 309 24.35 39.82 21.81
CA GLN I 309 24.86 38.86 20.84
C GLN I 309 24.40 39.20 19.42
N PHE I 310 23.14 39.58 19.26
CA PHE I 310 22.66 39.93 17.94
C PHE I 310 23.18 41.29 17.48
N THR I 311 23.59 42.13 18.42
CA THR I 311 24.15 43.41 18.05
C THR I 311 25.45 43.09 17.30
N LEU I 312 26.21 42.14 17.85
CA LEU I 312 27.47 41.69 17.25
C LEU I 312 27.21 41.16 15.83
N LEU I 313 26.26 40.23 15.73
CA LEU I 313 25.93 39.65 14.44
C LEU I 313 25.68 40.73 13.42
N ASN I 314 24.88 41.73 13.77
CA ASN I 314 24.61 42.80 12.82
C ASN I 314 25.87 43.60 12.48
N LEU I 315 26.70 43.84 13.49
CA LEU I 315 27.91 44.65 13.28
C LEU I 315 28.91 44.01 12.31
N VAL I 316 28.76 42.71 12.04
CA VAL I 316 29.65 42.03 11.10
C VAL I 316 28.81 41.42 9.98
N ALA I 317 27.59 41.92 9.83
CA ALA I 317 26.69 41.41 8.80
C ALA I 317 26.67 42.31 7.57
N GLU I 318 26.05 41.81 6.49
CA GLU I 318 25.94 42.56 5.24
C GLU I 318 24.69 43.43 5.22
N GLY I 319 24.86 44.72 5.40
CA GLY I 319 23.73 45.63 5.39
C GLY I 319 23.58 46.45 6.66
N THR I 320 22.47 47.17 6.75
CA THR I 320 22.18 48.00 7.93
C THR I 320 21.14 47.32 8.81
N GLY I 321 21.56 46.90 10.00
CA GLY I 321 20.67 46.23 10.92
C GLY I 321 20.24 47.18 12.03
N VAL I 322 18.99 47.06 12.47
CA VAL I 322 18.50 47.95 13.52
C VAL I 322 17.94 47.14 14.69
N ILE I 323 18.46 47.42 15.88
CA ILE I 323 18.02 46.72 17.08
C ILE I 323 17.41 47.67 18.09
N THR I 324 16.19 47.34 18.53
CA THR I 324 15.50 48.14 19.54
C THR I 324 15.33 47.34 20.82
N GLU I 325 15.81 47.93 21.91
CA GLU I 325 15.73 47.29 23.21
C GLU I 325 14.61 47.95 24.00
N THR I 326 13.60 47.18 24.39
CA THR I 326 12.46 47.73 25.13
C THR I 326 12.33 47.25 26.57
N ILE I 327 13.22 46.36 27.02
CA ILE I 327 13.18 45.85 28.39
C ILE I 327 14.08 46.60 29.37
N PHE I 328 15.33 46.86 29.01
CA PHE I 328 16.25 47.58 29.91
C PHE I 328 16.79 48.87 29.29
N GLU I 329 16.79 49.93 30.07
CA GLU I 329 17.20 51.24 29.60
C GLU I 329 18.68 51.51 29.35
N ASN I 330 19.55 50.54 29.65
CA ASN I 330 20.97 50.77 29.42
C ASN I 330 21.70 49.51 29.04
N ARG I 331 21.19 48.83 28.02
CA ARG I 331 21.81 47.59 27.61
C ARG I 331 22.51 47.66 26.25
N PHE I 332 23.25 48.73 26.02
CA PHE I 332 24.01 48.94 24.78
C PHE I 332 25.47 49.21 25.13
N MET I 333 25.86 48.84 26.35
CA MET I 333 27.23 49.08 26.82
C MET I 333 28.29 48.34 26.01
N HIS I 334 27.90 47.31 25.28
CA HIS I 334 28.84 46.56 24.47
C HIS I 334 29.19 47.32 23.18
N VAL I 335 28.26 48.15 22.72
CA VAL I 335 28.47 48.89 21.49
C VAL I 335 29.76 49.70 21.44
N PRO I 336 30.00 50.59 22.42
CA PRO I 336 31.24 51.38 22.41
C PRO I 336 32.48 50.50 22.39
N GLU I 337 32.40 49.32 23.01
CA GLU I 337 33.54 48.42 23.05
C GLU I 337 33.77 47.80 21.68
N LEU I 338 32.69 47.38 21.03
CA LEU I 338 32.83 46.78 19.71
C LEU I 338 33.34 47.81 18.69
N ILE I 339 32.98 49.07 18.89
CA ILE I 339 33.44 50.12 18.00
C ILE I 339 34.96 50.23 18.06
N ARG I 340 35.52 49.95 19.24
CA ARG I 340 36.98 49.95 19.40
C ARG I 340 37.57 48.85 18.51
N MET I 341 36.79 47.81 18.25
CA MET I 341 37.21 46.68 17.41
C MET I 341 36.90 46.93 15.93
N GLY I 342 36.53 48.17 15.61
CA GLY I 342 36.24 48.49 14.22
C GLY I 342 34.80 48.50 13.76
N ALA I 343 33.86 48.25 14.65
CA ALA I 343 32.46 48.27 14.24
C ALA I 343 31.97 49.70 13.98
N HIS I 344 30.85 49.78 13.24
CA HIS I 344 30.24 51.05 12.89
C HIS I 344 28.78 51.02 13.36
N ALA I 345 28.43 51.93 14.24
CA ALA I 345 27.07 51.99 14.76
C ALA I 345 26.78 53.29 15.47
N GLU I 346 25.50 53.63 15.53
CA GLU I 346 25.06 54.84 16.24
C GLU I 346 23.92 54.44 17.15
N ILE I 347 23.90 55.03 18.34
CA ILE I 347 22.85 54.75 19.29
C ILE I 347 21.91 55.94 19.30
N GLU I 348 20.63 55.67 19.10
CA GLU I 348 19.62 56.72 19.09
C GLU I 348 18.54 56.30 20.08
N SER I 349 18.58 56.88 21.27
CA SER I 349 17.63 56.53 22.31
C SER I 349 17.77 55.02 22.59
N ASN I 350 16.69 54.26 22.44
CA ASN I 350 16.77 52.83 22.74
C ASN I 350 16.94 51.89 21.55
N THR I 351 17.57 52.38 20.48
CA THR I 351 17.82 51.52 19.33
C THR I 351 19.21 51.81 18.76
N VAL I 352 19.88 50.76 18.26
CA VAL I 352 21.20 50.91 17.66
C VAL I 352 21.12 50.71 16.16
N ILE I 353 21.69 51.66 15.42
CA ILE I 353 21.74 51.55 13.95
C ILE I 353 23.09 50.90 13.66
N CYS I 354 23.05 49.69 13.12
CA CYS I 354 24.27 48.95 12.81
C CYS I 354 24.62 48.97 11.31
N HIS I 355 25.90 49.15 11.04
CA HIS I 355 26.42 49.17 9.67
C HIS I 355 27.50 48.10 9.63
N GLY I 356 27.09 46.89 9.27
CA GLY I 356 28.01 45.77 9.22
C GLY I 356 29.30 46.01 8.45
N VAL I 357 30.38 45.41 8.94
CA VAL I 357 31.66 45.51 8.29
C VAL I 357 32.22 44.14 7.98
N GLU I 358 33.18 44.15 7.06
CA GLU I 358 33.86 42.97 6.58
C GLU I 358 34.46 42.21 7.76
N LYS I 359 35.40 42.85 8.44
CA LYS I 359 36.07 42.22 9.57
C LYS I 359 36.32 43.15 10.75
N LEU I 360 36.46 42.55 11.92
CA LEU I 360 36.74 43.29 13.12
C LEU I 360 38.24 43.16 13.42
N SER I 361 38.77 44.12 14.15
CA SER I 361 40.18 44.10 14.53
C SER I 361 40.32 43.85 16.01
N GLY I 362 41.21 42.93 16.37
CA GLY I 362 41.40 42.65 17.77
C GLY I 362 41.84 43.90 18.49
N ALA I 363 41.43 44.03 19.74
CA ALA I 363 41.79 45.17 20.56
C ALA I 363 41.44 44.86 22.00
N GLN I 364 41.80 45.76 22.90
CA GLN I 364 41.50 45.58 24.31
C GLN I 364 40.14 46.18 24.59
N VAL I 365 39.20 45.32 24.99
CA VAL I 365 37.84 45.76 25.29
C VAL I 365 37.47 45.36 26.71
N MET I 366 36.42 45.98 27.23
CA MET I 366 35.99 45.68 28.59
C MET I 366 34.57 45.17 28.72
N ALA I 367 34.41 44.01 29.34
CA ALA I 367 33.08 43.44 29.55
C ALA I 367 32.40 44.35 30.58
N THR I 368 31.13 44.62 30.36
CA THR I 368 30.36 45.48 31.27
C THR I 368 29.22 44.73 31.98
N ASP I 369 28.82 43.61 31.41
CA ASP I 369 27.74 42.82 31.98
C ASP I 369 27.81 41.41 31.39
N LEU I 370 27.00 40.52 31.94
CA LEU I 370 26.96 39.13 31.51
C LEU I 370 26.90 38.88 30.01
N ARG I 371 25.83 39.33 29.35
CA ARG I 371 25.70 39.07 27.93
C ARG I 371 26.69 39.84 27.07
N ALA I 372 27.07 41.02 27.52
CA ALA I 372 28.01 41.83 26.75
C ALA I 372 29.36 41.09 26.73
N SER I 373 29.75 40.55 27.89
CA SER I 373 31.02 39.85 28.00
C SER I 373 31.09 38.70 27.00
N ALA I 374 30.00 37.93 26.90
CA ALA I 374 29.97 36.82 25.97
C ALA I 374 30.09 37.36 24.54
N SER I 375 29.43 38.49 24.29
CA SER I 375 29.47 39.09 22.97
C SER I 375 30.89 39.52 22.61
N LEU I 376 31.58 40.12 23.56
CA LEU I 376 32.95 40.57 23.30
C LEU I 376 33.88 39.38 23.09
N VAL I 377 33.62 38.27 23.76
CA VAL I 377 34.47 37.10 23.59
C VAL I 377 34.24 36.52 22.18
N LEU I 378 32.98 36.44 21.75
CA LEU I 378 32.71 35.94 20.42
C LEU I 378 33.35 36.86 19.38
N ALA I 379 33.33 38.17 19.65
CA ALA I 379 33.92 39.14 18.74
C ALA I 379 35.41 38.83 18.58
N GLY I 380 36.07 38.55 19.71
CA GLY I 380 37.47 38.23 19.68
C GLY I 380 37.72 37.01 18.82
N CYS I 381 36.81 36.05 18.85
CA CYS I 381 36.96 34.83 18.07
C CYS I 381 36.98 35.06 16.56
N ILE I 382 36.19 36.02 16.09
CA ILE I 382 36.14 36.25 14.64
C ILE I 382 36.90 37.49 14.20
N ALA I 383 37.43 38.25 15.16
CA ALA I 383 38.18 39.45 14.83
C ALA I 383 39.57 39.06 14.30
N GLU I 384 40.17 40.01 13.58
CA GLU I 384 41.48 39.84 12.98
C GLU I 384 42.54 40.19 14.02
N GLY I 385 43.22 39.19 14.59
CA GLY I 385 44.27 39.47 15.56
C GLY I 385 44.02 39.00 16.99
N THR I 386 44.61 39.72 17.93
CA THR I 386 44.47 39.40 19.34
C THR I 386 43.51 40.34 20.05
N THR I 387 42.55 39.78 20.76
CA THR I 387 41.60 40.57 21.51
C THR I 387 41.75 40.22 22.99
N VAL I 388 41.68 41.23 23.85
CA VAL I 388 41.76 41.02 25.28
C VAL I 388 40.49 41.55 25.93
N VAL I 389 39.68 40.64 26.48
CA VAL I 389 38.44 41.03 27.13
C VAL I 389 38.68 41.10 28.62
N ASP I 390 38.77 42.32 29.14
CA ASP I 390 39.00 42.52 30.55
C ASP I 390 37.71 42.30 31.35
N ARG I 391 37.86 41.91 32.61
CA ARG I 391 36.73 41.68 33.50
C ARG I 391 35.80 40.56 33.05
N ILE I 392 36.36 39.43 32.61
CA ILE I 392 35.50 38.35 32.17
C ILE I 392 34.80 37.67 33.33
N TYR I 393 35.01 38.17 34.54
CA TYR I 393 34.34 37.57 35.68
C TYR I 393 32.84 37.60 35.40
N HIS I 394 32.41 38.64 34.68
CA HIS I 394 31.01 38.79 34.31
C HIS I 394 30.48 37.52 33.65
N ILE I 395 31.29 36.98 32.75
CA ILE I 395 30.89 35.79 32.03
C ILE I 395 30.72 34.57 32.91
N ASP I 396 31.46 34.51 34.03
CA ASP I 396 31.36 33.38 34.94
C ASP I 396 30.04 33.32 35.70
N ARG I 397 29.26 34.39 35.64
CA ARG I 397 27.98 34.41 36.33
C ARG I 397 26.93 33.57 35.63
N GLY I 398 26.92 33.62 34.30
CA GLY I 398 25.91 32.88 33.57
C GLY I 398 26.34 31.87 32.54
N TYR I 399 27.63 31.63 32.38
CA TYR I 399 28.08 30.62 31.42
C TYR I 399 28.98 29.60 32.06
N GLU I 400 28.57 28.34 32.02
CA GLU I 400 29.36 27.25 32.60
C GLU I 400 30.46 26.82 31.64
N ARG I 401 31.72 26.96 32.06
CA ARG I 401 32.85 26.55 31.24
C ARG I 401 32.78 27.04 29.80
N ILE I 402 32.53 28.33 29.59
CA ILE I 402 32.42 28.82 28.22
C ILE I 402 33.76 28.73 27.48
N GLU I 403 34.86 28.91 28.21
CA GLU I 403 36.19 28.82 27.63
C GLU I 403 36.48 27.43 27.07
N ASP I 404 36.02 26.38 27.76
CA ASP I 404 36.20 25.01 27.30
C ASP I 404 35.29 24.71 26.12
N LYS I 405 34.02 25.08 26.23
CA LYS I 405 33.06 24.84 25.15
C LYS I 405 33.47 25.57 23.88
N LEU I 406 33.96 26.81 24.01
CA LEU I 406 34.39 27.57 22.84
C LEU I 406 35.62 26.96 22.21
N ARG I 407 36.56 26.55 23.05
CA ARG I 407 37.77 25.93 22.57
C ARG I 407 37.40 24.70 21.76
N ALA I 408 36.51 23.88 22.30
CA ALA I 408 36.09 22.67 21.62
C ALA I 408 35.43 22.97 20.28
N LEU I 409 35.16 24.24 20.00
CA LEU I 409 34.54 24.63 18.74
C LEU I 409 35.57 25.24 17.80
N GLY I 410 36.83 25.26 18.25
CA GLY I 410 37.90 25.79 17.43
C GLY I 410 38.46 27.14 17.86
N ALA I 411 37.99 27.65 18.98
CA ALA I 411 38.45 28.95 19.45
C ALA I 411 39.85 28.89 20.03
N ASN I 412 40.58 29.99 19.86
CA ASN I 412 41.93 30.15 20.40
C ASN I 412 41.74 31.12 21.55
N ILE I 413 41.45 30.57 22.72
CA ILE I 413 41.19 31.40 23.88
C ILE I 413 42.05 30.97 25.06
N GLU I 414 42.59 31.97 25.75
CA GLU I 414 43.50 31.79 26.88
C GLU I 414 43.06 32.73 28.02
N ARG I 415 42.99 32.22 29.26
CA ARG I 415 42.57 33.06 30.36
C ARG I 415 43.77 33.64 31.10
N VAL I 416 44.02 34.93 30.87
CA VAL I 416 45.15 35.61 31.50
C VAL I 416 44.76 36.28 32.80
N LYS I 417 45.75 36.51 33.65
CA LYS I 417 45.51 37.15 34.95
C LYS I 417 45.56 38.67 34.80
N GLY I 418 44.76 39.33 35.65
CA GLY I 418 44.63 40.79 35.65
C GLY I 418 45.83 41.69 35.70
N GLU I 419 45.56 43.00 35.66
CA GLU I 419 46.60 44.02 35.69
C GLU I 419 47.69 43.77 34.67
N MET J 1 39.09 49.91 49.22
CA MET J 1 38.03 50.74 48.56
C MET J 1 37.47 51.76 49.55
N ASP J 2 38.02 52.97 49.50
CA ASP J 2 37.59 54.05 50.39
C ASP J 2 36.09 54.32 50.35
N LYS J 3 35.55 54.77 51.48
CA LYS J 3 34.13 55.06 51.61
C LYS J 3 33.96 56.28 52.51
N PHE J 4 32.77 56.86 52.46
CA PHE J 4 32.44 58.01 53.31
C PHE J 4 31.36 57.56 54.27
N ARG J 5 31.60 57.79 55.56
CA ARG J 5 30.67 57.45 56.62
C ARG J 5 30.04 58.78 57.03
N VAL J 6 28.77 58.97 56.68
CA VAL J 6 28.10 60.23 56.99
C VAL J 6 26.99 60.08 58.03
N GLN J 7 26.98 61.01 58.98
CA GLN J 7 26.01 61.03 60.07
C GLN J 7 25.06 62.20 59.87
N GLY J 8 23.76 61.91 59.83
CA GLY J 8 22.79 62.97 59.67
C GLY J 8 21.61 62.84 60.62
N PRO J 9 20.69 63.80 60.62
CA PRO J 9 20.72 64.99 59.75
C PRO J 9 21.52 66.14 60.31
N THR J 10 22.12 66.92 59.42
CA THR J 10 22.89 68.09 59.85
C THR J 10 22.61 69.18 58.84
N ARG J 11 22.16 70.33 59.33
CA ARG J 11 21.89 71.49 58.47
C ARG J 11 23.28 71.95 58.02
N LEU J 12 23.47 72.14 56.73
CA LEU J 12 24.75 72.60 56.18
C LEU J 12 24.69 74.10 56.00
N GLN J 13 25.64 74.83 56.59
CA GLN J 13 25.65 76.27 56.42
C GLN J 13 26.97 76.88 56.85
N GLY J 14 27.26 78.05 56.32
CA GLY J 14 28.50 78.74 56.60
C GLY J 14 29.09 79.28 55.31
N GLU J 15 30.38 79.05 55.10
CA GLU J 15 31.03 79.50 53.89
C GLU J 15 31.93 78.46 53.27
N VAL J 16 32.20 78.64 51.98
CA VAL J 16 33.05 77.75 51.23
C VAL J 16 33.71 78.56 50.12
N THR J 17 34.95 78.22 49.78
CA THR J 17 35.65 78.91 48.73
C THR J 17 35.75 77.96 47.54
N ILE J 18 35.19 78.38 46.41
CA ILE J 18 35.18 77.58 45.20
C ILE J 18 36.56 77.44 44.57
N SER J 19 36.89 76.22 44.17
CA SER J 19 38.17 75.95 43.53
C SER J 19 38.07 76.19 42.03
N GLY J 20 39.22 76.10 41.36
CA GLY J 20 39.25 76.30 39.92
C GLY J 20 38.39 75.26 39.23
N ALA J 21 37.82 75.62 38.09
CA ALA J 21 36.96 74.71 37.35
C ALA J 21 37.71 73.52 36.78
N LYS J 22 37.26 72.33 37.16
CA LYS J 22 37.85 71.09 36.69
C LYS J 22 37.81 71.04 35.16
N ASN J 23 36.64 71.37 34.61
CA ASN J 23 36.44 71.32 33.17
C ASN J 23 36.97 72.50 32.35
N ALA J 24 37.77 73.34 32.99
CA ALA J 24 38.41 74.47 32.31
C ALA J 24 39.89 74.16 32.40
N ALA J 25 40.30 73.67 33.57
CA ALA J 25 41.69 73.32 33.80
C ALA J 25 42.12 72.20 32.87
N LEU J 26 41.27 71.18 32.73
CA LEU J 26 41.60 70.05 31.86
C LEU J 26 41.84 70.43 30.39
N PRO J 27 40.87 71.13 29.75
CA PRO J 27 41.11 71.50 28.36
C PRO J 27 42.25 72.49 28.17
N ILE J 28 42.48 73.33 29.19
CA ILE J 28 43.56 74.31 29.12
C ILE J 28 44.90 73.60 29.28
N LEU J 29 44.97 72.58 30.14
CA LEU J 29 46.21 71.83 30.32
C LEU J 29 46.62 71.12 29.05
N PHE J 30 45.64 70.58 28.32
CA PHE J 30 45.97 69.91 27.07
C PHE J 30 46.31 70.94 25.99
N ALA J 31 45.65 72.10 26.07
CA ALA J 31 45.91 73.16 25.12
C ALA J 31 47.37 73.62 25.24
N ALA J 32 47.93 73.48 26.44
CA ALA J 32 49.31 73.87 26.71
C ALA J 32 50.30 73.11 25.82
N LEU J 33 49.86 71.97 25.27
CA LEU J 33 50.73 71.20 24.39
C LEU J 33 51.10 72.04 23.18
N LEU J 34 50.36 73.12 22.96
CA LEU J 34 50.61 74.01 21.83
C LEU J 34 51.67 75.06 22.16
N ALA J 35 51.89 75.29 23.44
CA ALA J 35 52.85 76.30 23.89
C ALA J 35 54.32 75.93 23.70
N GLU J 36 55.08 76.83 23.09
CA GLU J 36 56.50 76.59 22.87
C GLU J 36 57.31 77.14 24.05
N GLU J 37 56.70 78.03 24.83
CA GLU J 37 57.35 78.61 26.00
C GLU J 37 56.61 78.21 27.28
N PRO J 38 57.29 78.23 28.45
CA PRO J 38 56.70 77.86 29.74
C PRO J 38 55.33 78.48 30.01
N VAL J 39 54.45 77.69 30.62
CA VAL J 39 53.11 78.16 30.92
C VAL J 39 52.79 77.95 32.38
N GLU J 40 52.13 78.92 32.98
CA GLU J 40 51.74 78.77 34.37
C GLU J 40 50.23 78.91 34.42
N ILE J 41 49.56 77.82 34.80
CA ILE J 41 48.12 77.84 34.89
C ILE J 41 47.77 77.91 36.37
N GLN J 42 47.16 79.03 36.75
CA GLN J 42 46.80 79.28 38.14
C GLN J 42 45.40 78.81 38.54
N ASN J 43 45.20 78.67 39.85
CA ASN J 43 43.92 78.25 40.41
C ASN J 43 43.48 76.90 39.88
N VAL J 44 44.43 76.00 39.69
CA VAL J 44 44.11 74.65 39.22
C VAL J 44 43.73 73.78 40.42
N PRO J 45 42.53 73.19 40.40
CA PRO J 45 42.12 72.34 41.52
C PRO J 45 42.96 71.07 41.62
N LYS J 46 43.07 70.53 42.83
CA LYS J 46 43.84 69.32 43.04
C LYS J 46 42.86 68.16 42.94
N LEU J 47 42.75 67.60 41.73
CA LEU J 47 41.83 66.50 41.44
C LEU J 47 42.57 65.34 40.80
N LYS J 48 41.98 64.15 40.91
CA LYS J 48 42.57 62.95 40.35
C LYS J 48 42.80 63.11 38.85
N ASP J 49 41.87 63.75 38.17
CA ASP J 49 42.01 63.94 36.73
C ASP J 49 43.17 64.85 36.36
N ILE J 50 43.48 65.80 37.25
CA ILE J 50 44.61 66.69 37.01
C ILE J 50 45.90 65.89 37.12
N ASP J 51 45.93 64.94 38.05
CA ASP J 51 47.12 64.11 38.21
C ASP J 51 47.34 63.27 36.96
N THR J 52 46.26 62.64 36.50
CA THR J 52 46.31 61.80 35.31
C THR J 52 46.72 62.61 34.09
N THR J 53 46.21 63.84 33.98
CA THR J 53 46.58 64.71 32.87
C THR J 53 48.06 65.03 32.92
N MET J 54 48.56 65.36 34.11
CA MET J 54 49.99 65.66 34.27
C MET J 54 50.83 64.43 33.92
N LYS J 55 50.33 63.26 34.31
CA LYS J 55 51.03 62.00 34.06
C LYS J 55 51.09 61.73 32.56
N LEU J 56 50.06 62.15 31.83
CA LEU J 56 50.02 61.94 30.40
C LEU J 56 50.94 62.94 29.73
N LEU J 57 50.83 64.20 30.11
CA LEU J 57 51.68 65.25 29.54
C LEU J 57 53.14 64.92 29.72
N THR J 58 53.50 64.54 30.94
CA THR J 58 54.88 64.18 31.24
C THR J 58 55.32 63.04 30.31
N GLN J 59 54.40 62.10 30.08
CA GLN J 59 54.64 60.93 29.24
C GLN J 59 54.81 61.28 27.75
N LEU J 60 54.53 62.53 27.41
CA LEU J 60 54.67 63.00 26.03
C LEU J 60 56.00 63.75 25.92
N GLY J 61 56.68 63.89 27.07
CA GLY J 61 57.95 64.60 27.09
C GLY J 61 57.78 66.02 27.56
N THR J 62 56.76 66.26 28.37
CA THR J 62 56.51 67.60 28.89
C THR J 62 57.05 67.69 30.31
N LYS J 63 57.50 68.89 30.68
CA LYS J 63 58.00 69.11 32.03
C LYS J 63 56.83 69.72 32.78
N VAL J 64 56.29 68.96 33.74
CA VAL J 64 55.15 69.40 34.50
C VAL J 64 55.35 69.33 36.00
N GLU J 65 54.78 70.31 36.69
CA GLU J 65 54.86 70.37 38.13
C GLU J 65 53.72 71.23 38.63
N ARG J 66 53.40 71.07 39.91
CA ARG J 66 52.33 71.87 40.47
C ARG J 66 52.48 72.02 41.97
N GLY J 68 49.31 75.98 43.94
CA GLY J 68 47.98 76.34 43.48
C GLY J 68 47.97 76.34 41.96
N SER J 69 49.16 76.47 41.38
CA SER J 69 49.31 76.49 39.94
C SER J 69 49.94 75.22 39.42
N VAL J 70 49.89 75.06 38.10
CA VAL J 70 50.50 73.93 37.41
C VAL J 70 51.42 74.59 36.40
N TRP J 71 52.72 74.32 36.52
CA TRP J 71 53.70 74.88 35.59
C TRP J 71 53.99 73.88 34.47
N ILE J 72 53.86 74.34 33.22
CA ILE J 72 54.07 73.50 32.05
C ILE J 72 55.16 74.01 31.12
N ASP J 73 55.99 73.08 30.64
CA ASP J 73 57.05 73.40 29.70
C ASP J 73 56.97 72.31 28.66
N ALA J 74 56.20 72.56 27.60
CA ALA J 74 56.03 71.60 26.53
C ALA J 74 56.87 72.01 25.32
N SER J 75 57.94 72.76 25.59
CA SER J 75 58.84 73.23 24.55
C SER J 75 59.35 72.04 23.74
N ASN J 76 59.75 71.00 24.47
CA ASN J 76 60.23 69.78 23.85
C ASN J 76 59.19 68.68 24.05
N VAL J 77 58.60 68.20 22.97
CA VAL J 77 57.62 67.14 23.06
C VAL J 77 58.02 66.01 22.12
N ASN J 78 58.70 65.00 22.67
CA ASN J 78 59.18 63.89 21.87
C ASN J 78 58.13 62.85 21.49
N ASN J 79 57.38 62.36 22.47
CA ASN J 79 56.35 61.34 22.21
C ASN J 79 55.00 61.91 21.80
N PHE J 80 54.24 61.17 21.01
CA PHE J 80 52.93 61.64 20.54
C PHE J 80 51.77 60.63 20.69
N SER J 81 51.80 59.82 21.75
CA SER J 81 50.77 58.82 21.96
C SER J 81 50.18 58.77 23.40
N ALA J 82 48.91 58.36 23.49
CA ALA J 82 48.22 58.24 24.78
C ALA J 82 47.73 56.78 24.91
N PRO J 83 48.49 55.95 25.63
CA PRO J 83 48.17 54.54 25.84
C PRO J 83 46.80 54.22 26.46
N TYR J 84 46.25 53.09 26.03
CA TYR J 84 44.97 52.59 26.50
C TYR J 84 44.83 52.70 28.01
N ASP J 85 45.73 52.01 28.72
CA ASP J 85 45.72 52.00 30.18
C ASP J 85 45.67 53.39 30.79
N LEU J 86 46.06 54.41 30.02
CA LEU J 86 46.02 55.76 30.57
C LEU J 86 44.68 56.43 30.23
N VAL J 87 44.26 56.38 28.98
CA VAL J 87 42.99 57.01 28.60
C VAL J 87 41.81 56.22 29.16
N LYS J 88 42.02 54.94 29.48
CA LYS J 88 40.94 54.15 30.02
C LYS J 88 40.55 54.67 31.40
N THR J 89 41.41 55.50 31.98
CA THR J 89 41.14 56.06 33.31
C THR J 89 40.65 57.50 33.21
N MET J 90 40.75 58.07 32.00
CA MET J 90 40.32 59.44 31.76
C MET J 90 40.14 59.72 30.26
N ARG J 91 38.90 59.67 29.79
CA ARG J 91 38.58 59.90 28.38
C ARG J 91 38.92 61.31 27.91
N ALA J 92 39.07 62.23 28.85
CA ALA J 92 39.41 63.61 28.49
C ALA J 92 40.78 63.68 27.83
N SER J 93 41.53 62.59 27.90
CA SER J 93 42.85 62.60 27.26
C SER J 93 42.72 62.69 25.75
N ILE J 94 41.50 62.52 25.24
CA ILE J 94 41.24 62.62 23.80
C ILE J 94 41.64 64.01 23.33
N TRP J 95 41.65 64.96 24.26
CA TRP J 95 42.00 66.34 23.93
C TRP J 95 43.46 66.55 23.55
N ALA J 96 44.25 65.50 23.64
CA ALA J 96 45.66 65.59 23.29
C ALA J 96 45.86 65.45 21.79
N LEU J 97 44.95 64.72 21.16
CA LEU J 97 45.02 64.49 19.71
C LEU J 97 45.11 65.78 18.91
N GLY J 98 44.18 66.69 19.17
CA GLY J 98 44.17 67.94 18.45
C GLY J 98 45.47 68.73 18.49
N PRO J 99 45.95 69.12 19.69
CA PRO J 99 47.20 69.88 19.76
C PRO J 99 48.38 69.16 19.14
N LEU J 100 48.51 67.86 19.42
CA LEU J 100 49.63 67.09 18.89
C LEU J 100 49.67 67.12 17.38
N VAL J 101 48.52 66.84 16.76
CA VAL J 101 48.42 66.81 15.30
C VAL J 101 48.44 68.21 14.66
N ALA J 102 48.25 69.26 15.46
CA ALA J 102 48.27 70.63 14.93
C ALA J 102 49.67 71.22 15.01
N ARG J 103 50.41 70.83 16.05
CA ARG J 103 51.77 71.33 16.24
C ARG J 103 52.88 70.41 15.74
N PHE J 104 52.70 69.09 15.87
CA PHE J 104 53.73 68.16 15.42
C PHE J 104 53.35 67.32 14.21
N GLY J 105 52.18 67.63 13.61
CA GLY J 105 51.74 66.92 12.43
C GLY J 105 51.33 65.47 12.63
N GLN J 106 51.35 65.00 13.87
CA GLN J 106 50.95 63.62 14.16
C GLN J 106 50.47 63.49 15.61
N GLY J 107 49.79 62.40 15.88
CA GLY J 107 49.29 62.13 17.22
C GLY J 107 48.40 60.91 17.21
N GLN J 108 48.39 60.17 18.30
CA GLN J 108 47.54 59.00 18.37
C GLN J 108 47.13 58.76 19.81
N VAL J 109 45.81 58.70 20.01
CA VAL J 109 45.20 58.49 21.31
C VAL J 109 44.34 57.24 21.28
N SER J 110 44.36 56.45 22.35
CA SER J 110 43.55 55.24 22.41
C SER J 110 42.08 55.65 22.34
N LEU J 111 41.33 55.05 21.43
CA LEU J 111 39.90 55.37 21.29
C LEU J 111 39.20 54.98 22.58
N PRO J 112 38.66 55.96 23.32
CA PRO J 112 37.97 55.65 24.57
C PRO J 112 36.74 54.77 24.38
N GLY J 113 36.55 53.83 25.29
CA GLY J 113 35.40 52.94 25.24
C GLY J 113 34.20 53.62 25.86
N GLY J 114 33.22 52.84 26.30
CA GLY J 114 32.03 53.45 26.90
C GLY J 114 32.28 54.01 28.29
N CYS J 115 31.42 54.93 28.71
CA CYS J 115 31.51 55.55 30.04
C CYS J 115 30.25 55.15 30.78
N ALA J 116 30.23 55.38 32.08
CA ALA J 116 29.06 55.00 32.88
C ALA J 116 27.78 55.72 32.47
N ILE J 117 27.87 57.04 32.31
CA ILE J 117 26.70 57.85 31.99
C ILE J 117 26.31 57.90 30.51
N GLY J 118 27.07 57.23 29.66
CA GLY J 118 26.78 57.24 28.23
C GLY J 118 27.90 56.70 27.38
N ALA J 119 27.58 56.31 26.15
CA ALA J 119 28.59 55.76 25.24
C ALA J 119 29.62 56.80 24.82
N ARG J 120 29.26 58.07 25.00
CA ARG J 120 30.12 59.22 24.71
C ARG J 120 31.07 59.07 23.54
N PRO J 121 30.53 58.91 22.32
CA PRO J 121 31.37 58.76 21.14
C PRO J 121 32.19 60.04 20.96
N VAL J 122 33.22 59.97 20.14
CA VAL J 122 34.10 61.10 19.94
C VAL J 122 34.19 61.49 18.45
N ASP J 123 33.18 61.05 17.69
CA ASP J 123 33.09 61.27 16.25
C ASP J 123 33.24 62.72 15.79
N LEU J 124 32.61 63.65 16.50
CA LEU J 124 32.71 65.05 16.11
C LEU J 124 34.14 65.56 16.22
N HIS J 125 34.89 65.02 17.18
CA HIS J 125 36.28 65.43 17.36
C HIS J 125 37.03 65.08 16.07
N ILE J 126 36.92 63.83 15.68
CA ILE J 126 37.57 63.31 14.48
C ILE J 126 37.08 64.05 13.24
N PHE J 127 35.77 64.19 13.11
CA PHE J 127 35.18 64.89 11.97
C PHE J 127 35.80 66.29 11.86
N GLY J 128 35.95 66.96 12.99
CA GLY J 128 36.51 68.30 12.99
C GLY J 128 37.96 68.33 12.53
N LEU J 129 38.79 67.44 13.07
CA LEU J 129 40.20 67.40 12.69
C LEU J 129 40.31 67.06 11.21
N GLU J 130 39.48 66.15 10.73
CA GLU J 130 39.51 65.79 9.32
C GLU J 130 39.20 66.98 8.45
N LYS J 131 38.24 67.80 8.87
CA LYS J 131 37.87 68.98 8.11
C LYS J 131 39.01 69.99 8.08
N LEU J 132 39.91 69.90 9.07
CA LEU J 132 41.06 70.80 9.13
C LEU J 132 42.23 70.22 8.33
N GLY J 133 42.01 69.07 7.71
CA GLY J 133 43.04 68.47 6.90
C GLY J 133 43.73 67.23 7.45
N ALA J 134 43.47 66.88 8.70
CA ALA J 134 44.12 65.70 9.26
C ALA J 134 43.56 64.43 8.65
N GLU J 135 44.40 63.40 8.57
CA GLU J 135 43.96 62.12 8.04
C GLU J 135 43.91 61.22 9.26
N ILE J 136 42.74 60.64 9.50
CA ILE J 136 42.56 59.79 10.65
C ILE J 136 42.01 58.42 10.32
N LYS J 137 42.62 57.42 10.93
CA LYS J 137 42.23 56.03 10.77
C LYS J 137 42.32 55.36 12.13
N LEU J 138 41.60 54.26 12.32
CA LEU J 138 41.61 53.56 13.60
C LEU J 138 42.27 52.20 13.53
N GLU J 139 43.39 52.04 14.22
CA GLU J 139 44.05 50.75 14.21
C GLU J 139 44.53 50.31 15.57
N GLU J 140 44.12 49.10 15.92
CA GLU J 140 44.46 48.48 17.19
C GLU J 140 43.93 49.28 18.37
N GLY J 141 42.76 49.87 18.18
CA GLY J 141 42.14 50.65 19.23
C GLY J 141 42.68 52.06 19.37
N TYR J 142 43.49 52.48 18.41
CA TYR J 142 44.03 53.81 18.47
C TYR J 142 43.54 54.63 17.31
N VAL J 143 43.19 55.89 17.60
CA VAL J 143 42.78 56.82 16.56
C VAL J 143 44.07 57.58 16.23
N LYS J 144 44.68 57.22 15.10
CA LYS J 144 45.93 57.82 14.67
C LYS J 144 45.66 58.94 13.66
N ALA J 145 46.17 60.12 13.96
CA ALA J 145 45.97 61.27 13.08
C ALA J 145 47.30 61.82 12.59
N SER J 146 47.31 62.32 11.36
CA SER J 146 48.52 62.88 10.79
C SER J 146 48.16 63.90 9.73
N VAL J 147 49.11 64.79 9.43
CA VAL J 147 48.92 65.82 8.43
C VAL J 147 50.27 66.27 7.87
N ASN J 148 50.28 66.49 6.56
CA ASN J 148 51.45 66.97 5.83
C ASN J 148 51.52 68.47 6.05
N GLY J 149 52.48 68.92 6.85
CA GLY J 149 52.59 70.35 7.08
C GLY J 149 51.53 70.82 8.04
N ARG J 150 51.09 72.06 7.89
CA ARG J 150 50.09 72.63 8.77
C ARG J 150 48.67 72.28 8.34
N LEU J 151 47.74 72.33 9.29
CA LEU J 151 46.33 72.07 9.03
C LEU J 151 45.83 73.32 8.31
N LYS J 152 44.74 73.21 7.52
CA LYS J 152 44.24 74.38 6.81
C LYS J 152 42.87 74.78 7.33
N GLY J 153 42.74 76.06 7.68
CA GLY J 153 41.48 76.58 8.18
C GLY J 153 40.31 76.10 7.36
N ALA J 154 39.14 75.93 7.99
CA ALA J 154 37.95 75.47 7.29
C ALA J 154 36.68 75.97 7.98
N HIS J 155 35.57 75.91 7.25
CA HIS J 155 34.29 76.34 7.80
C HIS J 155 33.67 75.04 8.23
N ILE J 156 33.58 74.83 9.54
CA ILE J 156 33.03 73.59 10.07
C ILE J 156 31.69 73.81 10.77
N VAL J 157 30.67 73.09 10.33
CA VAL J 157 29.36 73.20 10.95
C VAL J 157 29.14 71.97 11.80
N MET J 158 28.87 72.21 13.08
CA MET J 158 28.65 71.13 14.03
C MET J 158 27.23 70.59 13.97
N ASP J 159 27.12 69.26 13.84
CA ASP J 159 25.81 68.61 13.79
C ASP J 159 25.11 68.63 15.14
N LYS J 160 25.90 68.47 16.20
CA LYS J 160 25.40 68.49 17.58
C LYS J 160 26.24 69.52 18.33
N VAL J 161 25.79 69.89 19.50
CA VAL J 161 26.57 70.81 20.28
C VAL J 161 27.45 69.96 21.19
N SER J 162 28.76 70.11 21.05
CA SER J 162 29.71 69.34 21.85
C SER J 162 30.78 70.23 22.45
N VAL J 163 30.90 70.19 23.77
CA VAL J 163 31.91 70.97 24.50
C VAL J 163 33.28 70.43 24.09
N GLY J 164 33.44 69.11 24.18
CA GLY J 164 34.70 68.48 23.83
C GLY J 164 35.16 68.72 22.42
N ALA J 165 34.29 68.46 21.45
CA ALA J 165 34.62 68.66 20.05
C ALA J 165 34.97 70.13 19.76
N THR J 166 34.24 71.05 20.37
CA THR J 166 34.52 72.47 20.14
C THR J 166 35.95 72.79 20.61
N VAL J 167 36.34 72.25 21.76
CA VAL J 167 37.66 72.46 22.30
C VAL J 167 38.74 71.90 21.38
N THR J 168 38.56 70.66 20.95
CA THR J 168 39.52 70.01 20.07
C THR J 168 39.75 70.83 18.80
N ILE J 169 38.65 71.17 18.12
CA ILE J 169 38.73 71.94 16.88
C ILE J 169 39.31 73.34 17.08
N MET J 170 38.80 74.05 18.07
CA MET J 170 39.30 75.40 18.33
C MET J 170 40.79 75.40 18.66
N SER J 171 41.22 74.44 19.45
CA SER J 171 42.63 74.34 19.83
C SER J 171 43.51 74.07 18.63
N ALA J 172 43.15 73.06 17.83
CA ALA J 172 43.94 72.70 16.66
C ALA J 172 44.01 73.83 15.64
N ALA J 173 42.91 74.56 15.47
CA ALA J 173 42.85 75.64 14.51
C ALA J 173 43.82 76.79 14.77
N THR J 174 44.23 76.98 16.02
CA THR J 174 45.13 78.08 16.34
C THR J 174 46.45 78.02 15.57
N LEU J 175 46.90 76.81 15.24
CA LEU J 175 48.14 76.63 14.51
C LEU J 175 47.89 76.26 13.06
N ALA J 176 46.65 76.42 12.62
CA ALA J 176 46.29 76.10 11.25
C ALA J 176 46.67 77.22 10.29
N GLU J 177 46.68 76.89 9.01
CA GLU J 177 47.00 77.84 7.97
C GLU J 177 45.68 78.42 7.47
N GLY J 178 45.40 79.67 7.82
CA GLY J 178 44.16 80.28 7.37
C GLY J 178 43.17 80.52 8.49
N THR J 179 41.92 80.74 8.11
CA THR J 179 40.87 81.00 9.09
C THR J 179 39.88 79.85 9.23
N THR J 180 39.54 79.55 10.48
CA THR J 180 38.58 78.48 10.78
C THR J 180 37.36 79.11 11.41
N ILE J 181 36.19 78.58 11.07
CA ILE J 181 34.95 79.08 11.63
C ILE J 181 34.16 77.88 12.12
N ILE J 182 33.83 77.87 13.40
CA ILE J 182 33.06 76.77 13.96
C ILE J 182 31.61 77.21 14.15
N GLU J 183 30.72 76.58 13.38
CA GLU J 183 29.29 76.85 13.44
C GLU J 183 28.63 75.94 14.47
N ASN J 184 27.68 76.49 15.22
CA ASN J 184 26.97 75.75 16.24
C ASN J 184 27.95 75.24 17.30
N ALA J 185 28.89 76.09 17.67
CA ALA J 185 29.90 75.77 18.68
C ALA J 185 29.25 75.78 20.07
N ALA J 186 29.87 75.07 21.01
CA ALA J 186 29.38 75.04 22.38
C ALA J 186 29.69 76.39 23.01
N ARG J 187 28.76 76.94 23.81
CA ARG J 187 28.97 78.24 24.46
C ARG J 187 29.36 78.15 25.94
N GLU J 188 29.62 76.93 26.43
CA GLU J 188 30.00 76.75 27.83
C GLU J 188 31.11 77.70 28.27
N PRO J 189 31.06 78.19 29.51
CA PRO J 189 32.04 79.13 30.10
C PRO J 189 33.47 78.59 29.98
N GLU J 190 33.62 77.27 30.06
CA GLU J 190 34.92 76.65 29.96
C GLU J 190 35.49 76.88 28.56
N ILE J 191 34.62 76.89 27.55
CA ILE J 191 35.05 77.13 26.17
C ILE J 191 35.64 78.53 26.09
N VAL J 192 34.94 79.49 26.70
CA VAL J 192 35.39 80.86 26.74
C VAL J 192 36.75 80.93 27.43
N ASP J 193 36.88 80.24 28.56
CA ASP J 193 38.12 80.22 29.33
C ASP J 193 39.28 79.61 28.52
N THR J 194 39.02 78.51 27.84
CA THR J 194 40.05 77.86 27.05
C THR J 194 40.45 78.79 25.90
N ALA J 195 39.47 79.45 25.31
CA ALA J 195 39.72 80.37 24.21
C ALA J 195 40.65 81.49 24.68
N ASN J 196 40.31 82.12 25.79
CA ASN J 196 41.13 83.21 26.32
C ASN J 196 42.53 82.76 26.71
N PHE J 197 42.67 81.49 27.09
CA PHE J 197 43.97 80.98 27.44
C PHE J 197 44.81 80.95 26.17
N LEU J 198 44.23 80.38 25.11
CA LEU J 198 44.90 80.28 23.82
C LEU J 198 45.28 81.68 23.32
N VAL J 199 44.37 82.63 23.48
CA VAL J 199 44.64 83.99 23.05
C VAL J 199 45.84 84.55 23.82
N ALA J 200 45.95 84.15 25.08
CA ALA J 200 47.04 84.62 25.93
C ALA J 200 48.38 84.08 25.42
N LEU J 201 48.35 82.91 24.78
CA LEU J 201 49.57 82.32 24.25
C LEU J 201 49.90 82.92 22.89
N GLY J 202 49.02 83.78 22.40
CA GLY J 202 49.24 84.42 21.12
C GLY J 202 48.24 84.06 20.02
N ALA J 203 47.33 83.14 20.32
CA ALA J 203 46.33 82.73 19.32
C ALA J 203 45.37 83.87 19.00
N LYS J 204 44.72 83.78 17.85
CA LYS J 204 43.76 84.81 17.45
C LYS J 204 42.37 84.17 17.37
N ILE J 205 41.56 84.43 18.38
CA ILE J 205 40.22 83.86 18.44
C ILE J 205 39.17 84.89 18.82
N SER J 206 37.97 84.75 18.26
CA SER J 206 36.86 85.64 18.58
C SER J 206 35.57 84.85 18.46
N GLY J 207 34.54 85.29 19.18
CA GLY J 207 33.27 84.60 19.12
C GLY J 207 33.06 83.59 20.22
N GLN J 208 34.11 83.28 20.99
CA GLN J 208 33.97 82.31 22.08
C GLN J 208 32.81 82.75 22.98
N GLY J 209 31.93 81.81 23.30
CA GLY J 209 30.79 82.15 24.11
C GLY J 209 29.56 82.25 23.24
N THR J 210 29.75 82.33 21.93
CA THR J 210 28.64 82.41 20.99
C THR J 210 28.60 81.12 20.19
N ASP J 211 27.61 81.01 19.30
CA ASP J 211 27.45 79.82 18.49
C ASP J 211 28.37 79.76 17.28
N ARG J 212 29.19 80.79 17.11
CA ARG J 212 30.14 80.87 16.00
C ARG J 212 31.51 81.35 16.47
N ILE J 213 32.49 80.45 16.42
CA ILE J 213 33.84 80.79 16.84
C ILE J 213 34.74 80.92 15.61
N THR J 214 35.49 82.02 15.55
CA THR J 214 36.39 82.27 14.44
C THR J 214 37.84 82.27 14.93
N ILE J 215 38.67 81.42 14.30
CA ILE J 215 40.07 81.31 14.66
C ILE J 215 40.94 81.57 13.44
N GLU J 216 41.93 82.44 13.59
CA GLU J 216 42.84 82.74 12.50
C GLU J 216 44.19 82.18 12.93
N GLY J 217 44.59 81.09 12.29
CA GLY J 217 45.85 80.46 12.64
C GLY J 217 47.06 81.38 12.66
N VAL J 218 48.06 80.97 13.45
CA VAL J 218 49.32 81.69 13.56
C VAL J 218 50.43 80.64 13.48
N GLU J 219 51.67 81.09 13.26
CA GLU J 219 52.78 80.15 13.13
C GLU J 219 53.08 79.37 14.39
N ARG J 220 53.05 80.05 15.54
CA ARG J 220 53.34 79.36 16.79
C ARG J 220 52.73 80.08 17.98
N LEU J 221 52.66 79.38 19.10
CA LEU J 221 52.12 79.93 20.33
C LEU J 221 53.26 80.01 21.35
N GLY J 222 53.27 81.08 22.13
CA GLY J 222 54.32 81.26 23.11
C GLY J 222 54.03 80.63 24.46
N GLY J 223 54.06 81.47 25.50
CA GLY J 223 53.81 81.00 26.85
C GLY J 223 53.07 82.08 27.60
N GLY J 224 53.02 81.96 28.93
CA GLY J 224 52.33 82.96 29.73
C GLY J 224 51.74 82.45 31.01
N VAL J 225 50.88 83.27 31.62
CA VAL J 225 50.22 82.95 32.87
C VAL J 225 48.71 83.18 32.74
N TYR J 226 47.93 82.16 33.11
CA TYR J 226 46.47 82.25 33.02
C TYR J 226 45.81 81.62 34.25
N ARG J 227 44.81 82.30 34.80
CA ARG J 227 44.09 81.80 35.97
C ARG J 227 42.75 81.20 35.58
N VAL J 228 42.57 79.93 35.90
CA VAL J 228 41.32 79.21 35.59
C VAL J 228 40.13 79.83 36.32
N LEU J 229 38.97 79.85 35.66
CA LEU J 229 37.78 80.44 36.27
C LEU J 229 37.20 79.51 37.35
N PRO J 230 36.32 80.05 38.21
CA PRO J 230 35.70 79.25 39.27
C PRO J 230 34.89 78.08 38.71
N ASP J 231 34.84 76.98 39.45
CA ASP J 231 34.11 75.79 39.04
C ASP J 231 32.63 76.00 39.36
N ARG J 232 31.83 76.26 38.33
CA ARG J 232 30.41 76.50 38.51
C ARG J 232 29.64 75.28 39.06
N ILE J 233 30.09 74.08 38.73
CA ILE J 233 29.43 72.89 39.22
C ILE J 233 29.68 72.69 40.71
N GLU J 234 30.91 73.00 41.17
CA GLU J 234 31.21 72.86 42.58
C GLU J 234 30.31 73.85 43.29
N THR J 235 30.24 75.07 42.73
CA THR J 235 29.42 76.13 43.32
C THR J 235 27.97 75.67 43.41
N GLY J 236 27.45 75.15 42.30
CA GLY J 236 26.08 74.69 42.30
C GLY J 236 25.84 73.59 43.32
N THR J 237 26.84 72.71 43.47
CA THR J 237 26.73 71.61 44.40
C THR J 237 26.56 72.10 45.83
N PHE J 238 27.40 73.07 46.24
CA PHE J 238 27.30 73.60 47.59
C PHE J 238 26.03 74.42 47.81
N LEU J 239 25.59 75.13 46.78
CA LEU J 239 24.36 75.91 46.91
C LEU J 239 23.21 74.92 47.15
N VAL J 240 23.26 73.77 46.47
CA VAL J 240 22.22 72.77 46.64
C VAL J 240 22.33 72.15 48.03
N ALA J 241 23.56 72.06 48.54
CA ALA J 241 23.80 71.50 49.87
C ALA J 241 23.00 72.31 50.89
N ALA J 242 23.04 73.63 50.76
CA ALA J 242 22.31 74.49 51.68
C ALA J 242 20.80 74.39 51.44
N ALA J 243 20.40 74.48 50.16
CA ALA J 243 18.99 74.42 49.78
C ALA J 243 18.23 73.19 50.26
N ILE J 244 18.90 72.05 50.37
CA ILE J 244 18.22 70.84 50.82
C ILE J 244 18.33 70.59 52.33
N SER J 245 19.14 71.39 53.02
CA SER J 245 19.30 71.21 54.45
C SER J 245 18.78 72.40 55.23
N GLY J 246 17.98 73.24 54.57
CA GLY J 246 17.43 74.41 55.23
C GLY J 246 18.47 75.40 55.70
N GLY J 247 19.71 75.23 55.27
CA GLY J 247 20.77 76.13 55.70
C GLY J 247 20.97 77.39 54.86
N LYS J 248 22.04 78.11 55.15
CA LYS J 248 22.39 79.32 54.43
C LYS J 248 23.88 79.25 54.21
N ILE J 249 24.33 79.58 53.00
CA ILE J 249 25.74 79.50 52.68
C ILE J 249 26.20 80.61 51.76
N VAL J 250 27.49 80.91 51.79
CA VAL J 250 28.06 81.93 50.94
C VAL J 250 29.24 81.29 50.25
N CYS J 251 29.24 81.33 48.92
CA CYS J 251 30.34 80.76 48.15
C CYS J 251 31.26 81.89 47.74
N ARG J 252 32.53 81.80 48.14
CA ARG J 252 33.52 82.82 47.79
C ARG J 252 34.28 82.35 46.56
N ASN J 253 34.89 83.29 45.84
CA ASN J 253 35.64 82.99 44.62
C ASN J 253 34.72 82.37 43.58
N ALA J 254 33.48 82.87 43.53
CA ALA J 254 32.49 82.38 42.59
C ALA J 254 32.35 83.34 41.41
N GLN J 255 31.66 82.89 40.37
CA GLN J 255 31.40 83.71 39.18
C GLN J 255 29.93 83.51 38.82
N PRO J 256 29.05 84.30 39.45
CA PRO J 256 27.59 84.29 39.27
C PRO J 256 27.03 84.15 37.85
N ASP J 257 27.58 84.90 36.91
CA ASP J 257 27.07 84.86 35.55
C ASP J 257 27.13 83.51 34.83
N THR J 258 27.80 82.54 35.45
CA THR J 258 27.93 81.21 34.85
C THR J 258 26.86 80.26 35.40
N LEU J 259 25.97 80.79 36.25
CA LEU J 259 24.94 79.99 36.88
C LEU J 259 23.51 80.53 36.83
N ASP J 260 23.19 81.36 35.84
CA ASP J 260 21.85 81.91 35.75
C ASP J 260 20.76 80.85 35.85
N ALA J 261 20.87 79.80 35.05
CA ALA J 261 19.87 78.75 35.05
C ALA J 261 19.73 78.10 36.42
N VAL J 262 20.86 77.72 37.03
CA VAL J 262 20.84 77.08 38.35
C VAL J 262 20.25 77.98 39.43
N LEU J 263 20.69 79.23 39.47
CA LEU J 263 20.17 80.17 40.46
C LEU J 263 18.66 80.39 40.27
N ALA J 264 18.23 80.46 39.02
CA ALA J 264 16.83 80.65 38.72
C ALA J 264 16.02 79.47 39.28
N LYS J 265 16.54 78.27 39.08
CA LYS J 265 15.88 77.06 39.54
C LYS J 265 15.86 76.99 41.06
N LEU J 266 16.94 77.42 41.69
CA LEU J 266 16.99 77.40 43.14
C LEU J 266 15.95 78.37 43.71
N ARG J 267 15.76 79.51 43.05
CA ARG J 267 14.77 80.48 43.53
C ARG J 267 13.40 79.85 43.41
N GLU J 268 13.17 79.14 42.31
CA GLU J 268 11.88 78.47 42.11
C GLU J 268 11.65 77.44 43.21
N ALA J 269 12.72 76.90 43.77
CA ALA J 269 12.60 75.90 44.84
C ALA J 269 12.39 76.61 46.18
N GLY J 270 12.52 77.93 46.15
CA GLY J 270 12.30 78.72 47.35
C GLY J 270 13.51 79.35 48.01
N ALA J 271 14.66 79.28 47.38
CA ALA J 271 15.86 79.85 47.99
C ALA J 271 15.95 81.37 47.87
N ASP J 272 16.50 82.00 48.90
CA ASP J 272 16.70 83.44 48.92
C ASP J 272 18.14 83.61 48.49
N ILE J 273 18.34 84.02 47.23
CA ILE J 273 19.68 84.18 46.68
C ILE J 273 20.11 85.61 46.39
N GLU J 274 21.34 85.93 46.77
CA GLU J 274 21.93 87.24 46.54
C GLU J 274 23.29 86.98 45.90
N THR J 275 23.73 87.86 45.01
CA THR J 275 25.03 87.69 44.36
C THR J 275 25.86 88.95 44.40
N GLY J 276 27.17 88.77 44.31
CA GLY J 276 28.08 89.89 44.31
C GLY J 276 28.99 89.74 43.11
N GLU J 277 30.10 90.48 43.12
CA GLU J 277 31.04 90.42 42.01
C GLU J 277 31.67 89.04 41.92
N ASP J 278 32.01 88.46 43.07
CA ASP J 278 32.65 87.17 43.09
C ASP J 278 32.13 86.25 44.19
N TRP J 279 30.86 86.39 44.55
CA TRP J 279 30.29 85.54 45.58
C TRP J 279 28.80 85.37 45.40
N ILE J 280 28.28 84.28 45.94
CA ILE J 280 26.85 83.98 45.87
C ILE J 280 26.41 83.49 47.24
N SER J 281 25.26 83.96 47.70
CA SER J 281 24.75 83.54 48.99
C SER J 281 23.36 82.96 48.81
N LEU J 282 23.07 81.88 49.52
CA LEU J 282 21.77 81.24 49.46
C LEU J 282 21.31 80.96 50.87
N ASP J 283 20.07 81.35 51.16
CA ASP J 283 19.48 81.14 52.48
C ASP J 283 18.11 80.49 52.29
N MET J 284 17.91 79.33 52.89
CA MET J 284 16.62 78.65 52.77
C MET J 284 15.68 79.09 53.88
N HIS J 285 16.24 79.77 54.88
CA HIS J 285 15.47 80.24 56.01
C HIS J 285 14.77 79.04 56.65
N GLY J 286 15.52 77.94 56.80
CA GLY J 286 15.00 76.73 57.39
C GLY J 286 13.84 76.09 56.66
N LYS J 287 13.46 76.62 55.50
CA LYS J 287 12.33 76.06 54.71
C LYS J 287 12.72 74.87 53.85
N ARG J 288 11.81 73.90 53.76
CA ARG J 288 12.01 72.71 52.95
C ARG J 288 11.86 73.19 51.51
N PRO J 289 12.65 72.63 50.58
CA PRO J 289 12.55 73.09 49.19
C PRO J 289 11.25 72.72 48.46
N LYS J 290 10.88 73.52 47.48
CA LYS J 290 9.68 73.28 46.68
C LYS J 290 10.12 72.53 45.43
N ALA J 291 9.36 71.50 45.06
CA ALA J 291 9.69 70.71 43.88
C ALA J 291 9.79 71.58 42.63
N VAL J 292 10.75 71.29 41.77
CA VAL J 292 10.93 72.06 40.54
C VAL J 292 11.01 71.14 39.34
N THR J 293 10.86 71.72 38.16
CA THR J 293 10.93 70.98 36.91
C THR J 293 12.22 71.41 36.17
N VAL J 294 13.02 70.44 35.77
CA VAL J 294 14.27 70.72 35.09
C VAL J 294 14.44 69.96 33.78
N ARG J 295 15.14 70.60 32.85
CA ARG J 295 15.44 70.02 31.54
C ARG J 295 16.87 70.41 31.17
N THR J 296 17.79 69.46 31.25
CA THR J 296 19.18 69.74 30.93
C THR J 296 19.33 70.08 29.46
N ALA J 297 20.32 70.91 29.16
CA ALA J 297 20.59 71.31 27.79
C ALA J 297 21.91 72.05 27.76
N PRO J 298 22.45 72.32 26.56
CA PRO J 298 23.73 73.03 26.46
C PRO J 298 23.63 74.39 27.15
N HIS J 299 24.78 74.90 27.60
CA HIS J 299 24.83 76.21 28.26
C HIS J 299 24.21 77.25 27.30
N PRO J 300 23.58 78.31 27.84
CA PRO J 300 23.35 78.71 29.24
C PRO J 300 22.14 78.05 29.95
N ALA J 301 21.59 76.98 29.38
CA ALA J 301 20.47 76.30 30.00
C ALA J 301 20.94 75.52 31.24
N PHE J 302 20.03 74.80 31.88
CA PHE J 302 20.39 74.02 33.05
C PHE J 302 21.41 72.95 32.66
N PRO J 303 22.58 72.95 33.31
CA PRO J 303 23.68 72.01 33.06
C PRO J 303 23.43 70.58 33.57
N THR J 304 23.75 69.60 32.74
CA THR J 304 23.58 68.20 33.09
C THR J 304 24.46 67.82 34.29
N ALA J 305 25.57 68.54 34.46
CA ALA J 305 26.48 68.26 35.57
C ALA J 305 25.86 68.59 36.94
N MET J 306 24.69 69.23 36.94
CA MET J 306 24.02 69.57 38.18
C MET J 306 22.74 68.73 38.36
N GLN J 307 22.38 68.00 37.31
CA GLN J 307 21.17 67.16 37.32
C GLN J 307 21.04 66.19 38.51
N ALA J 308 22.09 65.42 38.81
CA ALA J 308 22.03 64.48 39.93
C ALA J 308 21.73 65.21 41.24
N GLN J 309 22.41 66.32 41.46
CA GLN J 309 22.22 67.11 42.66
C GLN J 309 20.78 67.61 42.76
N PHE J 310 20.22 68.06 41.65
CA PHE J 310 18.84 68.55 41.66
C PHE J 310 17.85 67.41 41.77
N THR J 311 18.26 66.20 41.41
CA THR J 311 17.37 65.06 41.55
C THR J 311 17.16 64.88 43.06
N LEU J 312 18.24 65.01 43.81
CA LEU J 312 18.21 64.87 45.25
C LEU J 312 17.29 65.95 45.84
N LEU J 313 17.49 67.18 45.42
CA LEU J 313 16.68 68.29 45.90
C LEU J 313 15.21 67.98 45.71
N ASN J 314 14.83 67.50 44.53
CA ASN J 314 13.42 67.17 44.31
C ASN J 314 12.96 66.00 45.19
N LEU J 315 13.83 65.02 45.39
CA LEU J 315 13.45 63.86 46.17
C LEU J 315 13.16 64.14 47.64
N VAL J 316 13.56 65.31 48.13
CA VAL J 316 13.29 65.68 49.50
C VAL J 316 12.51 66.99 49.53
N ALA J 317 11.95 67.34 48.37
CA ALA J 317 11.18 68.57 48.23
C ALA J 317 9.68 68.36 48.38
N GLU J 318 8.97 69.48 48.48
CA GLU J 318 7.53 69.47 48.60
C GLU J 318 6.90 69.38 47.22
N GLY J 319 6.24 68.27 46.94
CA GLY J 319 5.59 68.15 45.65
C GLY J 319 6.20 67.15 44.68
N THR J 320 5.71 67.18 43.45
CA THR J 320 6.18 66.28 42.41
C THR J 320 7.09 67.03 41.42
N GLY J 321 8.38 66.70 41.45
CA GLY J 321 9.33 67.34 40.57
C GLY J 321 9.67 66.44 39.39
N VAL J 322 9.89 67.03 38.23
CA VAL J 322 10.22 66.26 37.04
C VAL J 322 11.51 66.74 36.41
N ILE J 323 12.45 65.82 36.23
CA ILE J 323 13.74 66.14 35.65
C ILE J 323 13.94 65.36 34.36
N THR J 324 14.27 66.08 33.30
CA THR J 324 14.50 65.46 32.00
C THR J 324 15.94 65.72 31.57
N GLU J 325 16.67 64.64 31.35
CA GLU J 325 18.07 64.72 30.96
C GLU J 325 18.18 64.55 29.44
N THR J 326 18.74 65.54 28.75
CA THR J 326 18.87 65.45 27.29
C THR J 326 20.29 65.33 26.76
N ILE J 327 21.29 65.34 27.65
CA ILE J 327 22.68 65.26 27.22
C ILE J 327 23.28 63.86 27.26
N PHE J 328 23.08 63.13 28.36
CA PHE J 328 23.62 61.76 28.46
C PHE J 328 22.51 60.74 28.66
N GLU J 329 22.58 59.65 27.90
CA GLU J 329 21.52 58.64 27.96
C GLU J 329 21.34 57.81 29.22
N ASN J 330 22.34 57.78 30.09
CA ASN J 330 22.23 56.99 31.31
C ASN J 330 22.80 57.71 32.52
N ARG J 331 22.21 58.84 32.85
CA ARG J 331 22.69 59.62 33.98
C ARG J 331 21.66 59.70 35.12
N PHE J 332 21.04 58.55 35.42
CA PHE J 332 20.05 58.44 36.49
C PHE J 332 20.47 57.33 37.44
N MET J 333 21.75 56.98 37.39
CA MET J 333 22.26 55.91 38.24
C MET J 333 22.16 56.17 39.74
N HIS J 334 22.02 57.44 40.11
CA HIS J 334 21.92 57.79 41.51
C HIS J 334 20.52 57.51 42.05
N VAL J 335 19.52 57.54 41.17
CA VAL J 335 18.15 57.31 41.58
C VAL J 335 17.91 56.00 42.35
N PRO J 336 18.33 54.86 41.80
CA PRO J 336 18.13 53.60 42.53
C PRO J 336 18.75 53.62 43.91
N GLU J 337 19.88 54.30 44.03
CA GLU J 337 20.60 54.37 45.30
C GLU J 337 19.86 55.24 46.30
N LEU J 338 19.33 56.37 45.84
CA LEU J 338 18.57 57.25 46.73
C LEU J 338 17.28 56.55 47.15
N ILE J 339 16.73 55.71 46.29
CA ILE J 339 15.52 54.99 46.65
C ILE J 339 15.79 54.08 47.84
N ARG J 340 17.03 53.62 47.96
CA ARG J 340 17.41 52.76 49.08
C ARG J 340 17.36 53.57 50.37
N MET J 341 17.53 54.88 50.24
CA MET J 341 17.50 55.79 51.37
C MET J 341 16.09 56.33 51.64
N GLY J 342 15.09 55.69 51.01
CA GLY J 342 13.72 56.08 51.20
C GLY J 342 13.14 57.06 50.19
N ALA J 343 13.93 57.43 49.20
CA ALA J 343 13.46 58.34 48.17
C ALA J 343 12.42 57.62 47.32
N HIS J 344 11.51 58.40 46.74
CA HIS J 344 10.45 57.87 45.88
C HIS J 344 10.56 58.48 44.49
N ALA J 345 10.61 57.63 43.46
CA ALA J 345 10.72 58.12 42.09
C ALA J 345 10.56 57.04 41.05
N GLU J 346 10.16 57.44 39.84
CA GLU J 346 10.03 56.51 38.73
C GLU J 346 10.81 57.08 37.55
N ILE J 347 11.47 56.20 36.83
CA ILE J 347 12.22 56.61 35.66
C ILE J 347 11.46 56.18 34.41
N GLU J 348 11.15 57.13 33.55
CA GLU J 348 10.45 56.84 32.30
C GLU J 348 11.29 57.44 31.21
N SER J 349 12.01 56.58 30.48
CA SER J 349 12.87 57.01 29.38
C SER J 349 13.92 57.96 29.94
N ASN J 350 14.00 59.18 29.40
CA ASN J 350 15.01 60.12 29.89
C ASN J 350 14.54 61.17 30.90
N THR J 351 13.51 60.86 31.69
CA THR J 351 13.04 61.79 32.71
C THR J 351 12.66 61.03 33.99
N VAL J 352 12.91 61.65 35.14
CA VAL J 352 12.58 61.05 36.43
C VAL J 352 11.43 61.79 37.07
N ILE J 353 10.40 61.05 37.48
CA ILE J 353 9.26 61.63 38.17
C ILE J 353 9.60 61.51 39.65
N CYS J 354 9.77 62.65 40.31
CA CYS J 354 10.12 62.68 41.71
C CYS J 354 8.95 63.01 42.62
N HIS J 355 8.86 62.28 43.73
CA HIS J 355 7.81 62.48 44.72
C HIS J 355 8.54 62.74 46.03
N GLY J 356 8.79 64.02 46.31
CA GLY J 356 9.50 64.40 47.52
C GLY J 356 8.97 63.82 48.80
N VAL J 357 9.88 63.51 49.73
CA VAL J 357 9.51 62.99 51.04
C VAL J 357 10.11 63.88 52.10
N GLU J 358 9.53 63.83 53.29
CA GLU J 358 10.00 64.63 54.42
C GLU J 358 11.45 64.34 54.80
N LYS J 359 11.79 63.07 55.05
CA LYS J 359 13.15 62.73 55.41
C LYS J 359 13.66 61.45 54.77
N LEU J 360 14.97 61.39 54.59
CA LEU J 360 15.62 60.21 54.03
C LEU J 360 16.22 59.40 55.17
N SER J 361 16.40 58.11 54.93
CA SER J 361 16.98 57.23 55.95
C SER J 361 18.38 56.82 55.54
N GLY J 362 19.32 56.93 56.46
CA GLY J 362 20.69 56.53 56.15
C GLY J 362 20.73 55.07 55.76
N ALA J 363 21.63 54.73 54.85
CA ALA J 363 21.76 53.35 54.39
C ALA J 363 23.05 53.25 53.60
N GLN J 364 23.39 52.05 53.18
CA GLN J 364 24.61 51.83 52.40
C GLN J 364 24.28 51.99 50.91
N VAL J 365 24.89 53.00 50.30
CA VAL J 365 24.67 53.29 48.89
C VAL J 365 25.99 53.27 48.14
N MET J 366 25.91 53.17 46.82
CA MET J 366 27.11 53.12 46.02
C MET J 366 27.22 54.22 44.96
N ALA J 367 28.34 54.94 45.00
CA ALA J 367 28.58 56.02 44.05
C ALA J 367 28.84 55.36 42.70
N THR J 368 28.26 55.91 41.65
CA THR J 368 28.43 55.34 40.32
C THR J 368 29.19 56.25 39.37
N ASP J 369 29.24 57.53 39.70
CA ASP J 369 29.92 58.50 38.87
C ASP J 369 30.19 59.76 39.68
N LEU J 370 30.96 60.67 39.11
CA LEU J 370 31.32 61.89 39.81
C LEU J 370 30.17 62.64 40.48
N ARG J 371 29.22 63.16 39.71
CA ARG J 371 28.14 63.93 40.30
C ARG J 371 27.19 63.11 41.18
N ALA J 372 27.01 61.85 40.83
CA ALA J 372 26.14 61.01 41.64
C ALA J 372 26.74 60.85 43.04
N SER J 373 28.05 60.64 43.10
CA SER J 373 28.73 60.45 44.39
C SER J 373 28.53 61.65 45.29
N ALA J 374 28.68 62.85 44.73
CA ALA J 374 28.48 64.06 45.52
C ALA J 374 27.03 64.12 45.99
N SER J 375 26.10 63.70 45.15
CA SER J 375 24.70 63.71 45.52
C SER J 375 24.43 62.75 46.67
N LEU J 376 25.03 61.57 46.64
CA LEU J 376 24.83 60.58 47.69
C LEU J 376 25.43 61.04 48.99
N VAL J 377 26.53 61.80 48.91
CA VAL J 377 27.17 62.32 50.11
C VAL J 377 26.26 63.38 50.73
N LEU J 378 25.71 64.27 49.91
CA LEU J 378 24.82 65.29 50.43
C LEU J 378 23.58 64.61 51.02
N ALA J 379 23.12 63.54 50.40
CA ALA J 379 21.96 62.81 50.91
C ALA J 379 22.28 62.31 52.31
N GLY J 380 23.48 61.76 52.49
CA GLY J 380 23.85 61.27 53.79
C GLY J 380 23.84 62.38 54.83
N CYS J 381 24.20 63.59 54.43
CA CYS J 381 24.24 64.72 55.36
C CYS J 381 22.86 65.08 55.92
N ILE J 382 21.81 64.95 55.10
CA ILE J 382 20.49 65.31 55.56
C ILE J 382 19.61 64.12 55.90
N ALA J 383 20.10 62.92 55.65
CA ALA J 383 19.33 61.71 55.96
C ALA J 383 19.34 61.45 57.47
N GLU J 384 18.38 60.66 57.92
CA GLU J 384 18.21 60.31 59.33
C GLU J 384 19.10 59.09 59.66
N GLY J 385 20.19 59.31 60.37
CA GLY J 385 21.05 58.18 60.72
C GLY J 385 22.41 58.14 60.08
N THR J 386 22.90 56.92 59.86
CA THR J 386 24.22 56.74 59.26
C THR J 386 24.16 56.28 57.82
N THR J 387 24.87 56.98 56.95
CA THR J 387 24.91 56.63 55.55
C THR J 387 26.35 56.27 55.18
N VAL J 388 26.52 55.24 54.37
CA VAL J 388 27.84 54.84 53.94
C VAL J 388 27.87 54.86 52.41
N VAL J 389 28.65 55.78 51.86
CA VAL J 389 28.76 55.91 50.41
C VAL J 389 30.03 55.18 49.97
N ASP J 390 29.83 54.02 49.35
CA ASP J 390 30.94 53.22 48.89
C ASP J 390 31.51 53.76 47.58
N ARG J 391 32.79 53.51 47.36
CA ARG J 391 33.48 53.94 46.16
C ARG J 391 33.51 55.44 45.98
N ILE J 392 33.76 56.20 47.04
CA ILE J 392 33.81 57.65 46.89
C ILE J 392 35.00 58.13 46.07
N TYR J 393 35.81 57.20 45.56
CA TYR J 393 36.95 57.61 44.75
C TYR J 393 36.43 58.48 43.61
N HIS J 394 35.21 58.19 43.17
CA HIS J 394 34.57 58.96 42.10
C HIS J 394 34.58 60.43 42.42
N ILE J 395 34.29 60.76 43.68
CA ILE J 395 34.23 62.15 44.13
C ILE J 395 35.58 62.85 44.08
N ASP J 396 36.66 62.10 44.24
CA ASP J 396 37.99 62.69 44.21
C ASP J 396 38.38 63.15 42.82
N ARG J 397 37.59 62.75 41.82
CA ARG J 397 37.90 63.12 40.44
C ARG J 397 37.55 64.57 40.14
N GLY J 398 36.48 65.07 40.75
CA GLY J 398 36.08 66.44 40.47
C GLY J 398 35.84 67.39 41.64
N TYR J 399 36.08 66.95 42.86
CA TYR J 399 35.88 67.81 44.02
C TYR J 399 37.14 67.89 44.88
N GLU J 400 37.69 69.08 45.04
CA GLU J 400 38.89 69.26 45.86
C GLU J 400 38.51 69.33 47.34
N ARG J 401 39.03 68.41 48.14
CA ARG J 401 38.78 68.36 49.59
C ARG J 401 37.31 68.54 49.99
N ILE J 402 36.39 67.87 49.31
CA ILE J 402 34.97 68.04 49.63
C ILE J 402 34.69 67.64 51.07
N GLU J 403 35.49 66.69 51.56
CA GLU J 403 35.38 66.19 52.93
C GLU J 403 35.56 67.33 53.92
N ASP J 404 36.59 68.14 53.69
CA ASP J 404 36.92 69.27 54.55
C ASP J 404 35.92 70.42 54.42
N LYS J 405 35.59 70.75 53.18
CA LYS J 405 34.65 71.83 52.93
C LYS J 405 33.28 71.53 53.53
N LEU J 406 32.82 70.29 53.41
CA LEU J 406 31.52 69.90 53.95
C LEU J 406 31.55 69.93 55.47
N ARG J 407 32.65 69.44 56.04
CA ARG J 407 32.79 69.43 57.48
C ARG J 407 32.69 70.86 58.01
N ALA J 408 33.40 71.77 57.35
CA ALA J 408 33.40 73.18 57.74
C ALA J 408 32.00 73.78 57.64
N LEU J 409 31.07 73.04 57.06
CA LEU J 409 29.70 73.52 56.93
C LEU J 409 28.78 72.84 57.92
N GLY J 410 29.38 72.02 58.79
CA GLY J 410 28.60 71.34 59.82
C GLY J 410 28.33 69.86 59.60
N ALA J 411 28.92 69.31 58.55
CA ALA J 411 28.71 67.90 58.24
C ALA J 411 29.49 66.95 59.16
N ASN J 412 28.89 65.81 59.42
CA ASN J 412 29.51 64.77 60.25
C ASN J 412 29.93 63.70 59.23
N ILE J 413 31.14 63.83 58.73
CA ILE J 413 31.62 62.92 57.71
C ILE J 413 33.01 62.38 58.05
N GLU J 414 33.20 61.09 57.77
CA GLU J 414 34.45 60.38 58.05
C GLU J 414 34.90 59.49 56.88
N ARG J 415 36.13 59.65 56.42
CA ARG J 415 36.62 58.80 55.34
C ARG J 415 37.30 57.54 55.92
N VAL J 416 36.58 56.43 55.94
CA VAL J 416 37.15 55.20 56.45
C VAL J 416 37.77 54.39 55.32
N LYS J 417 39.02 54.01 55.51
CA LYS J 417 39.74 53.24 54.50
C LYS J 417 39.17 51.83 54.43
N GLY J 418 39.75 51.02 53.56
CA GLY J 418 39.32 49.64 53.40
C GLY J 418 37.83 49.44 53.17
N GLU J 419 37.51 48.40 52.41
CA GLU J 419 36.11 48.09 52.13
C GLU J 419 35.61 47.03 53.10
N MET K 1 -12.64 71.16 -1.20
CA MET K 1 -11.29 70.87 -0.63
C MET K 1 -10.26 70.84 -1.74
N ASP K 2 -9.60 71.96 -1.98
CA ASP K 2 -8.60 72.07 -3.03
C ASP K 2 -7.52 71.00 -2.94
N LYS K 3 -6.97 70.63 -4.09
CA LYS K 3 -5.92 69.63 -4.17
C LYS K 3 -4.94 70.03 -5.27
N PHE K 4 -3.78 69.37 -5.28
CA PHE K 4 -2.78 69.63 -6.31
C PHE K 4 -2.62 68.34 -7.09
N ARG K 5 -2.77 68.43 -8.41
CA ARG K 5 -2.59 67.26 -9.25
C ARG K 5 -1.22 67.50 -9.88
N VAL K 6 -0.27 66.61 -9.58
CA VAL K 6 1.08 66.75 -10.09
C VAL K 6 1.46 65.59 -10.99
N GLN K 7 2.09 65.94 -12.10
CA GLN K 7 2.53 64.97 -13.10
C GLN K 7 4.05 64.90 -13.03
N GLY K 8 4.58 63.69 -12.98
CA GLY K 8 6.03 63.54 -12.92
C GLY K 8 6.49 62.32 -13.70
N PRO K 9 7.81 62.12 -13.81
CA PRO K 9 8.85 62.97 -13.24
C PRO K 9 9.22 64.19 -14.08
N THR K 10 9.64 65.27 -13.42
CA THR K 10 10.07 66.48 -14.11
C THR K 10 11.26 67.07 -13.35
N ARG K 11 12.33 67.35 -14.08
CA ARG K 11 13.54 67.93 -13.50
C ARG K 11 13.26 69.39 -13.18
N LEU K 12 13.31 69.75 -11.89
CA LEU K 12 13.05 71.14 -11.50
C LEU K 12 14.31 71.97 -11.63
N GLN K 13 14.24 73.02 -12.44
CA GLN K 13 15.40 73.87 -12.63
C GLN K 13 15.04 75.24 -13.17
N GLY K 14 15.94 76.20 -12.92
CA GLY K 14 15.73 77.55 -13.37
C GLY K 14 16.00 78.54 -12.26
N GLU K 15 15.10 79.51 -12.11
CA GLU K 15 15.23 80.50 -11.06
C GLU K 15 13.93 80.74 -10.30
N VAL K 16 14.08 81.26 -9.09
CA VAL K 16 12.94 81.57 -8.24
C VAL K 16 13.33 82.75 -7.34
N THR K 17 12.38 83.63 -7.07
CA THR K 17 12.65 84.77 -6.21
C THR K 17 11.97 84.53 -4.86
N ILE K 18 12.79 84.46 -3.82
CA ILE K 18 12.30 84.21 -2.46
C ILE K 18 11.48 85.36 -1.90
N SER K 19 10.34 85.02 -1.30
CA SER K 19 9.46 86.02 -0.71
C SER K 19 9.90 86.37 0.71
N GLY K 20 9.23 87.33 1.31
CA GLY K 20 9.58 87.70 2.67
C GLY K 20 9.30 86.53 3.60
N ALA K 21 10.07 86.45 4.69
CA ALA K 21 9.94 85.37 5.67
C ALA K 21 8.60 85.40 6.41
N LYS K 22 7.85 84.31 6.29
CA LYS K 22 6.57 84.19 6.97
C LYS K 22 6.75 84.37 8.47
N ASN K 23 7.76 83.70 9.03
CA ASN K 23 8.03 83.76 10.46
C ASN K 23 8.76 84.99 10.98
N ALA K 24 8.88 86.01 10.14
CA ALA K 24 9.50 87.27 10.55
C ALA K 24 8.38 88.28 10.42
N ALA K 25 7.60 88.13 9.35
CA ALA K 25 6.48 89.02 9.09
C ALA K 25 5.45 88.92 10.20
N LEU K 26 5.13 87.69 10.61
CA LEU K 26 4.13 87.48 11.65
C LEU K 26 4.51 88.14 12.98
N PRO K 27 5.69 87.82 13.54
CA PRO K 27 6.03 88.46 14.81
C PRO K 27 6.17 89.97 14.71
N ILE K 28 6.58 90.45 13.54
CA ILE K 28 6.74 91.89 13.33
C ILE K 28 5.36 92.55 13.26
N LEU K 29 4.41 91.90 12.59
CA LEU K 29 3.06 92.46 12.48
C LEU K 29 2.40 92.61 13.84
N PHE K 30 2.62 91.65 14.73
CA PHE K 30 2.04 91.73 16.06
C PHE K 30 2.81 92.78 16.87
N ALA K 31 4.10 92.88 16.63
CA ALA K 31 4.93 93.85 17.33
C ALA K 31 4.43 95.26 16.99
N ALA K 32 3.83 95.41 15.82
CA ALA K 32 3.32 96.71 15.40
C ALA K 32 2.25 97.22 16.34
N LEU K 33 1.65 96.34 17.13
CA LEU K 33 0.62 96.77 18.08
C LEU K 33 1.23 97.74 19.07
N LEU K 34 2.56 97.77 19.14
CA LEU K 34 3.27 98.66 20.06
C LEU K 34 3.46 100.05 19.48
N ALA K 35 3.40 100.15 18.15
CA ALA K 35 3.59 101.42 17.46
C ALA K 35 2.45 102.42 17.62
N GLU K 36 2.80 103.65 17.97
CA GLU K 36 1.81 104.72 18.15
C GLU K 36 1.63 105.53 16.87
N GLU K 37 2.65 105.51 16.02
CA GLU K 37 2.59 106.21 14.75
C GLU K 37 2.49 105.17 13.63
N PRO K 38 1.93 105.54 12.48
CA PRO K 38 1.79 104.60 11.37
C PRO K 38 3.09 103.83 11.06
N VAL K 39 2.92 102.60 10.55
CA VAL K 39 4.03 101.72 10.22
C VAL K 39 3.84 101.02 8.87
N GLU K 40 4.93 100.83 8.12
CA GLU K 40 4.88 100.15 6.83
C GLU K 40 5.88 98.99 6.85
N ILE K 41 5.36 97.78 6.69
CA ILE K 41 6.20 96.61 6.68
C ILE K 41 6.31 96.10 5.25
N GLN K 42 7.51 96.18 4.71
CA GLN K 42 7.75 95.78 3.32
C GLN K 42 8.15 94.33 3.12
N ASN K 43 7.98 93.87 1.89
CA ASN K 43 8.32 92.51 1.49
C ASN K 43 7.55 91.48 2.31
N VAL K 44 6.29 91.77 2.61
CA VAL K 44 5.45 90.83 3.35
C VAL K 44 4.82 89.83 2.38
N PRO K 45 5.07 88.53 2.60
CA PRO K 45 4.49 87.52 1.70
C PRO K 45 2.97 87.47 1.81
N LYS K 46 2.33 87.06 0.73
CA LYS K 46 0.87 86.95 0.71
C LYS K 46 0.51 85.53 1.09
N LEU K 47 0.29 85.32 2.40
CA LEU K 47 -0.03 84.01 2.94
C LEU K 47 -1.32 84.05 3.75
N LYS K 48 -1.93 82.89 3.93
CA LYS K 48 -3.17 82.80 4.67
C LYS K 48 -3.00 83.34 6.10
N ASP K 49 -1.86 83.05 6.72
CA ASP K 49 -1.60 83.52 8.07
C ASP K 49 -1.51 85.04 8.15
N ILE K 50 -1.02 85.69 7.09
CA ILE K 50 -0.93 87.14 7.10
C ILE K 50 -2.35 87.71 7.06
N ASP K 51 -3.24 87.06 6.32
CA ASP K 51 -4.61 87.52 6.23
C ASP K 51 -5.27 87.41 7.60
N THR K 52 -5.08 86.27 8.26
CA THR K 52 -5.66 86.05 9.59
C THR K 52 -5.10 87.05 10.58
N THR K 53 -3.81 87.36 10.47
CA THR K 53 -3.19 88.32 11.37
C THR K 53 -3.82 89.68 11.16
N MET K 54 -3.98 90.07 9.90
CA MET K 54 -4.60 91.35 9.57
C MET K 54 -6.03 91.42 10.10
N LYS K 55 -6.77 90.32 9.99
CA LYS K 55 -8.13 90.30 10.48
C LYS K 55 -8.18 90.47 11.99
N LEU K 56 -7.23 89.83 12.67
CA LEU K 56 -7.15 89.94 14.12
C LEU K 56 -6.77 91.36 14.50
N LEU K 57 -5.76 91.92 13.84
CA LEU K 57 -5.32 93.30 14.13
C LEU K 57 -6.46 94.27 13.94
N THR K 58 -7.15 94.15 12.81
CA THR K 58 -8.28 95.02 12.50
C THR K 58 -9.35 94.91 13.57
N GLN K 59 -9.58 93.68 14.02
CA GLN K 59 -10.56 93.41 15.06
C GLN K 59 -10.21 94.16 16.37
N LEU K 60 -8.92 94.35 16.62
CA LEU K 60 -8.46 95.04 17.83
C LEU K 60 -8.62 96.54 17.72
N GLY K 61 -9.06 96.99 16.54
CA GLY K 61 -9.24 98.41 16.29
C GLY K 61 -8.06 99.01 15.54
N THR K 62 -7.34 98.18 14.80
CA THR K 62 -6.18 98.64 14.04
C THR K 62 -6.59 98.91 12.60
N LYS K 63 -5.93 99.86 11.96
CA LYS K 63 -6.21 100.16 10.57
C LYS K 63 -5.14 99.44 9.79
N VAL K 64 -5.54 98.42 9.04
CA VAL K 64 -4.62 97.62 8.27
C VAL K 64 -4.98 97.54 6.81
N GLU K 65 -3.95 97.57 5.96
CA GLU K 65 -4.15 97.46 4.52
C GLU K 65 -2.84 97.00 3.90
N ARG K 66 -2.93 96.24 2.81
CA ARG K 66 -1.73 95.73 2.15
C ARG K 66 -1.89 95.69 0.64
N GLY K 68 2.93 94.99 -1.87
CA GLY K 68 4.03 94.18 -1.38
C GLY K 68 4.25 94.45 0.10
N SER K 69 3.70 95.56 0.56
CA SER K 69 3.84 95.94 1.96
C SER K 69 2.50 95.84 2.69
N VAL K 70 2.58 95.93 4.01
CA VAL K 70 1.40 95.91 4.86
C VAL K 70 1.51 97.20 5.67
N TRP K 71 0.51 98.07 5.54
CA TRP K 71 0.52 99.33 6.24
C TRP K 71 -0.31 99.19 7.52
N ILE K 72 0.29 99.57 8.64
CA ILE K 72 -0.39 99.46 9.94
C ILE K 72 -0.49 100.79 10.66
N ASP K 73 -1.67 101.02 11.25
CA ASP K 73 -1.93 102.21 12.04
C ASP K 73 -2.63 101.75 13.30
N ALA K 74 -1.88 101.51 14.37
CA ALA K 74 -2.43 101.05 15.63
C ALA K 74 -2.58 102.19 16.62
N SER K 75 -2.73 103.40 16.10
CA SER K 75 -2.85 104.59 16.95
C SER K 75 -3.92 104.45 18.01
N ASN K 76 -5.06 103.91 17.63
CA ASN K 76 -6.16 103.73 18.57
C ASN K 76 -6.53 102.25 18.60
N VAL K 77 -6.74 101.69 19.79
CA VAL K 77 -7.10 100.30 19.90
C VAL K 77 -8.41 100.14 20.67
N ASN K 78 -9.45 99.68 19.98
CA ASN K 78 -10.77 99.50 20.57
C ASN K 78 -10.85 98.35 21.58
N ASN K 79 -10.54 97.12 21.14
CA ASN K 79 -10.61 95.95 22.01
C ASN K 79 -9.23 95.31 22.24
N PHE K 80 -9.14 94.46 23.25
CA PHE K 80 -7.91 93.78 23.64
C PHE K 80 -8.11 92.29 23.82
N SER K 81 -9.15 91.73 23.21
CA SER K 81 -9.42 90.31 23.35
C SER K 81 -9.43 89.59 22.01
N ALA K 82 -8.84 88.39 21.98
CA ALA K 82 -8.78 87.58 20.77
C ALA K 82 -9.47 86.24 21.00
N PRO K 83 -10.80 86.18 20.81
CA PRO K 83 -11.56 84.94 21.01
C PRO K 83 -11.14 83.71 20.20
N TYR K 84 -11.57 82.56 20.74
CA TYR K 84 -11.32 81.22 20.19
C TYR K 84 -11.38 81.01 18.69
N ASP K 85 -12.52 81.38 18.08
CA ASP K 85 -12.72 81.17 16.65
C ASP K 85 -11.72 81.85 15.71
N LEU K 86 -10.78 82.59 16.27
CA LEU K 86 -9.76 83.22 15.44
C LEU K 86 -8.41 82.55 15.71
N VAL K 87 -8.04 82.42 16.98
CA VAL K 87 -6.76 81.79 17.30
C VAL K 87 -6.76 80.30 16.99
N LYS K 88 -7.94 79.70 16.89
CA LYS K 88 -8.02 78.28 16.61
C LYS K 88 -7.56 78.03 15.19
N THR K 89 -7.45 79.10 14.40
CA THR K 89 -7.01 78.96 13.01
C THR K 89 -5.55 79.40 12.86
N MET K 90 -5.01 80.01 13.91
CA MET K 90 -3.62 80.47 13.89
C MET K 90 -3.14 80.75 15.31
N ARG K 91 -2.37 79.80 15.84
CA ARG K 91 -1.88 79.94 17.20
C ARG K 91 -0.92 81.11 17.36
N ALA K 92 -0.29 81.51 16.27
CA ALA K 92 0.64 82.63 16.36
C ALA K 92 -0.03 83.89 16.90
N SER K 93 -1.36 83.87 17.02
CA SER K 93 -2.04 85.05 17.54
C SER K 93 -1.74 85.26 19.03
N ILE K 94 -1.05 84.28 19.62
CA ILE K 94 -0.67 84.36 21.02
C ILE K 94 0.28 85.56 21.16
N TRP K 95 0.94 85.93 20.07
CA TRP K 95 1.88 87.04 20.08
C TRP K 95 1.23 88.40 20.30
N ALA K 96 -0.09 88.43 20.37
CA ALA K 96 -0.79 89.68 20.61
C ALA K 96 -0.82 90.02 22.10
N LEU K 97 -0.81 88.98 22.93
CA LEU K 97 -0.86 89.14 24.38
C LEU K 97 0.23 90.07 24.90
N GLY K 98 1.47 89.79 24.52
CA GLY K 98 2.59 90.59 24.96
C GLY K 98 2.46 92.08 24.70
N PRO K 99 2.34 92.50 23.44
CA PRO K 99 2.22 93.92 23.12
C PRO K 99 1.02 94.59 23.78
N LEU K 100 -0.13 93.91 23.75
CA LEU K 100 -1.33 94.47 24.34
C LEU K 100 -1.15 94.81 25.81
N VAL K 101 -0.60 93.88 26.58
CA VAL K 101 -0.42 94.11 28.00
C VAL K 101 0.67 95.13 28.27
N ALA K 102 1.70 95.13 27.44
CA ALA K 102 2.81 96.04 27.63
C ALA K 102 2.42 97.49 27.34
N ARG K 103 1.54 97.69 26.37
CA ARG K 103 1.14 99.04 26.00
C ARG K 103 -0.17 99.52 26.59
N PHE K 104 -1.14 98.62 26.74
CA PHE K 104 -2.44 98.99 27.30
C PHE K 104 -2.75 98.45 28.68
N GLY K 105 -1.78 97.77 29.27
CA GLY K 105 -1.98 97.21 30.60
C GLY K 105 -2.91 96.03 30.69
N GLN K 106 -3.41 95.55 29.55
CA GLN K 106 -4.31 94.40 29.56
C GLN K 106 -4.32 93.69 28.21
N GLY K 107 -4.82 92.46 28.21
CA GLY K 107 -4.88 91.68 26.99
C GLY K 107 -5.38 90.28 27.29
N GLN K 108 -6.12 89.72 26.35
CA GLN K 108 -6.70 88.38 26.50
C GLN K 108 -6.64 87.65 25.17
N VAL K 109 -6.08 86.44 25.18
CA VAL K 109 -5.98 85.63 23.97
C VAL K 109 -6.48 84.23 24.31
N SER K 110 -7.23 83.63 23.41
CA SER K 110 -7.73 82.28 23.66
C SER K 110 -6.54 81.33 23.76
N LEU K 111 -6.49 80.52 24.81
CA LEU K 111 -5.39 79.57 24.99
C LEU K 111 -5.44 78.58 23.84
N PRO K 112 -4.43 78.60 22.97
CA PRO K 112 -4.44 77.66 21.84
C PRO K 112 -4.40 76.20 22.28
N GLY K 113 -5.14 75.36 21.56
CA GLY K 113 -5.18 73.95 21.86
C GLY K 113 -4.00 73.25 21.20
N GLY K 114 -4.11 71.94 21.01
CA GLY K 114 -3.02 71.20 20.40
C GLY K 114 -2.86 71.50 18.93
N CYS K 115 -1.66 71.25 18.39
CA CYS K 115 -1.39 71.44 16.97
C CYS K 115 -1.06 70.07 16.40
N ALA K 116 -1.04 69.96 15.08
CA ALA K 116 -0.74 68.68 14.45
C ALA K 116 0.66 68.13 14.78
N ILE K 117 1.68 68.97 14.68
CA ILE K 117 3.03 68.52 14.92
C ILE K 117 3.49 68.46 16.39
N GLY K 118 2.62 68.87 17.30
CA GLY K 118 2.94 68.84 18.72
C GLY K 118 1.94 69.62 19.56
N ALA K 119 1.95 69.38 20.87
CA ALA K 119 1.05 70.06 21.77
C ALA K 119 1.34 71.55 21.78
N ARG K 120 2.61 71.90 21.59
CA ARG K 120 3.03 73.30 21.53
C ARG K 120 2.48 74.16 22.65
N PRO K 121 2.80 73.82 23.90
CA PRO K 121 2.31 74.63 25.03
C PRO K 121 2.88 76.04 24.90
N VAL K 122 2.32 76.98 25.66
CA VAL K 122 2.75 78.36 25.58
C VAL K 122 3.18 78.90 26.95
N ASP K 123 3.53 77.97 27.84
CA ASP K 123 3.94 78.27 29.21
C ASP K 123 5.07 79.30 29.36
N LEU K 124 6.09 79.20 28.51
CA LEU K 124 7.23 80.12 28.61
C LEU K 124 6.80 81.55 28.30
N HIS K 125 5.80 81.69 27.44
CA HIS K 125 5.31 83.01 27.09
C HIS K 125 4.73 83.63 28.36
N ILE K 126 3.84 82.90 29.00
CA ILE K 126 3.19 83.34 30.23
C ILE K 126 4.23 83.57 31.33
N PHE K 127 5.13 82.60 31.50
CA PHE K 127 6.18 82.70 32.51
C PHE K 127 6.96 84.00 32.32
N GLY K 128 7.25 84.31 31.06
CA GLY K 128 7.98 85.53 30.77
C GLY K 128 7.23 86.79 31.12
N LEU K 129 5.97 86.88 30.70
CA LEU K 129 5.17 88.06 31.00
C LEU K 129 5.02 88.23 32.49
N GLU K 130 4.83 87.11 33.19
CA GLU K 130 4.69 87.16 34.64
C GLU K 130 5.93 87.72 35.28
N LYS K 131 7.09 87.35 34.75
CA LYS K 131 8.36 87.84 35.29
C LYS K 131 8.49 89.34 35.05
N LEU K 132 7.77 89.84 34.06
CA LEU K 132 7.82 91.26 33.74
C LEU K 132 6.79 92.02 34.55
N GLY K 133 6.06 91.31 35.39
CA GLY K 133 5.07 91.94 36.24
C GLY K 133 3.61 91.69 35.92
N ALA K 134 3.32 91.08 34.79
CA ALA K 134 1.95 90.83 34.42
C ALA K 134 1.32 89.76 35.29
N GLU K 135 0.02 89.91 35.56
CA GLU K 135 -0.70 88.92 36.34
C GLU K 135 -1.51 88.20 35.28
N ILE K 136 -1.28 86.91 35.11
CA ILE K 136 -1.98 86.18 34.09
C ILE K 136 -2.83 85.09 34.72
N LYS K 137 -4.00 84.84 34.13
CA LYS K 137 -4.90 83.82 34.64
C LYS K 137 -5.65 83.19 33.47
N LEU K 138 -6.09 81.94 33.65
CA LEU K 138 -6.84 81.26 32.61
C LEU K 138 -8.29 81.07 32.99
N GLU K 139 -9.19 81.77 32.30
CA GLU K 139 -10.60 81.58 32.57
C GLU K 139 -11.40 81.51 31.28
N GLU K 140 -12.21 80.46 31.18
CA GLU K 140 -13.05 80.27 30.03
C GLU K 140 -12.19 80.16 28.77
N GLY K 141 -11.13 79.39 28.90
CA GLY K 141 -10.22 79.16 27.77
C GLY K 141 -9.43 80.37 27.33
N TYR K 142 -9.52 81.45 28.09
CA TYR K 142 -8.81 82.70 27.79
C TYR K 142 -7.60 82.83 28.71
N VAL K 143 -6.50 83.33 28.16
CA VAL K 143 -5.33 83.58 28.99
C VAL K 143 -5.38 85.09 29.13
N LYS K 144 -5.91 85.55 30.27
CA LYS K 144 -6.07 86.97 30.54
C LYS K 144 -4.91 87.53 31.34
N ALA K 145 -4.30 88.58 30.80
CA ALA K 145 -3.16 89.23 31.44
C ALA K 145 -3.44 90.69 31.71
N SER K 146 -2.89 91.20 32.81
CA SER K 146 -3.07 92.59 33.18
C SER K 146 -1.90 93.06 34.02
N VAL K 147 -1.75 94.37 34.10
CA VAL K 147 -0.68 94.98 34.90
C VAL K 147 -1.08 96.42 35.21
N ASN K 148 -0.85 96.82 36.46
CA ASN K 148 -1.18 98.16 36.88
C ASN K 148 0.01 99.04 36.57
N GLY K 149 -0.11 99.83 35.51
CA GLY K 149 0.98 100.68 35.11
C GLY K 149 1.86 99.92 34.14
N ARG K 150 3.12 100.31 34.09
CA ARG K 150 4.09 99.67 33.19
C ARG K 150 4.69 98.38 33.73
N LEU K 151 5.12 97.52 32.83
CA LEU K 151 5.76 96.27 33.24
C LEU K 151 7.14 96.68 33.73
N LYS K 152 7.77 95.83 34.54
CA LYS K 152 9.09 96.15 35.04
C LYS K 152 10.13 95.21 34.46
N GLY K 153 11.27 95.78 34.07
CA GLY K 153 12.34 94.99 33.51
C GLY K 153 12.76 93.94 34.50
N ALA K 154 13.21 92.79 33.99
CA ALA K 154 13.64 91.70 34.85
C ALA K 154 14.67 90.84 34.14
N HIS K 155 15.40 90.05 34.93
CA HIS K 155 16.40 89.14 34.40
C HIS K 155 15.67 87.82 34.29
N ILE K 156 15.36 87.43 33.07
CA ILE K 156 14.62 86.19 32.82
C ILE K 156 15.47 85.11 32.16
N VAL K 157 15.57 83.94 32.79
CA VAL K 157 16.33 82.85 32.22
C VAL K 157 15.33 81.86 31.67
N MET K 158 15.29 81.71 30.35
CA MET K 158 14.37 80.76 29.69
C MET K 158 14.93 79.36 29.93
N ASP K 159 14.13 78.44 30.41
CA ASP K 159 14.69 77.14 30.67
C ASP K 159 14.55 76.16 29.51
N LYS K 160 14.17 76.70 28.36
CA LYS K 160 14.03 75.94 27.12
C LYS K 160 14.14 77.01 26.04
N VAL K 161 14.76 76.67 24.91
CA VAL K 161 14.91 77.65 23.83
C VAL K 161 13.61 77.70 23.04
N SER K 162 12.98 78.87 23.05
CA SER K 162 11.73 79.08 22.35
C SER K 162 11.73 80.35 21.51
N VAL K 163 11.45 80.20 20.22
CA VAL K 163 11.40 81.34 19.31
C VAL K 163 10.23 82.23 19.71
N GLY K 164 9.06 81.60 19.87
CA GLY K 164 7.88 82.35 20.23
C GLY K 164 7.99 83.09 21.55
N ALA K 165 8.42 82.39 22.60
CA ALA K 165 8.54 83.02 23.91
C ALA K 165 9.56 84.16 23.92
N THR K 166 10.65 84.01 23.17
CA THR K 166 11.67 85.06 23.08
C THR K 166 11.04 86.32 22.47
N VAL K 167 10.22 86.13 21.44
CA VAL K 167 9.55 87.25 20.77
C VAL K 167 8.57 87.95 21.71
N THR K 168 7.72 87.17 22.38
CA THR K 168 6.76 87.74 23.31
C THR K 168 7.44 88.60 24.37
N ILE K 169 8.42 88.03 25.05
CA ILE K 169 9.14 88.73 26.11
C ILE K 169 9.90 89.95 25.60
N MET K 170 10.67 89.78 24.53
CA MET K 170 11.43 90.89 23.97
C MET K 170 10.53 92.04 23.55
N SER K 171 9.38 91.70 22.95
CA SER K 171 8.45 92.72 22.51
C SER K 171 7.87 93.50 23.68
N ALA K 172 7.33 92.78 24.65
CA ALA K 172 6.74 93.42 25.82
C ALA K 172 7.73 94.27 26.61
N ALA K 173 8.98 93.83 26.69
CA ALA K 173 10.00 94.53 27.42
C ALA K 173 10.34 95.92 26.88
N THR K 174 10.10 96.15 25.58
CA THR K 174 10.43 97.45 25.00
C THR K 174 9.71 98.61 25.67
N LEU K 175 8.53 98.35 26.21
CA LEU K 175 7.75 99.39 26.88
C LEU K 175 7.76 99.22 28.39
N ALA K 176 8.66 98.36 28.87
CA ALA K 176 8.76 98.13 30.30
C ALA K 176 9.57 99.22 30.98
N GLU K 177 9.45 99.28 32.29
CA GLU K 177 10.16 100.26 33.10
C GLU K 177 11.45 99.59 33.55
N GLY K 178 12.57 100.02 32.99
CA GLY K 178 13.84 99.43 33.39
C GLY K 178 14.47 98.56 32.33
N THR K 179 15.43 97.74 32.74
CA THR K 179 16.14 96.87 31.83
C THR K 179 15.77 95.40 31.98
N THR K 180 15.58 94.73 30.84
CA THR K 180 15.25 93.31 30.83
C THR K 180 16.40 92.58 30.15
N ILE K 181 16.69 91.38 30.65
CA ILE K 181 17.75 90.56 30.08
C ILE K 181 17.20 89.16 29.91
N ILE K 182 17.21 88.67 28.68
CA ILE K 182 16.71 87.34 28.39
C ILE K 182 17.88 86.36 28.21
N GLU K 183 18.00 85.44 29.16
CA GLU K 183 19.05 84.42 29.14
C GLU K 183 18.58 83.21 28.36
N ASN K 184 19.47 82.62 27.58
CA ASN K 184 19.15 81.46 26.78
C ASN K 184 18.05 81.77 25.76
N ALA K 185 18.15 82.95 25.17
CA ALA K 185 17.17 83.41 24.18
C ALA K 185 17.38 82.67 22.88
N ALA K 186 16.34 82.62 22.05
CA ALA K 186 16.43 81.96 20.75
C ALA K 186 17.25 82.86 19.83
N ARG K 187 18.08 82.24 19.00
CA ARG K 187 18.93 83.01 18.09
C ARG K 187 18.44 83.08 16.65
N GLU K 188 17.33 82.41 16.33
CA GLU K 188 16.79 82.45 14.97
C GLU K 188 16.88 83.84 14.32
N PRO K 189 17.10 83.88 13.00
CA PRO K 189 17.21 85.10 12.19
C PRO K 189 15.99 85.99 12.31
N GLU K 190 14.83 85.37 12.48
CA GLU K 190 13.57 86.09 12.63
C GLU K 190 13.57 86.91 13.91
N ILE K 191 14.24 86.40 14.95
CA ILE K 191 14.35 87.09 16.24
C ILE K 191 15.15 88.37 15.99
N VAL K 192 16.22 88.24 15.23
CA VAL K 192 17.07 89.37 14.90
C VAL K 192 16.26 90.41 14.13
N ASP K 193 15.47 89.93 13.17
CA ASP K 193 14.65 90.80 12.33
C ASP K 193 13.59 91.52 13.16
N THR K 194 12.94 90.79 14.06
CA THR K 194 11.92 91.40 14.89
C THR K 194 12.57 92.44 15.79
N ALA K 195 13.74 92.10 16.32
CA ALA K 195 14.47 93.01 17.19
C ALA K 195 14.78 94.32 16.47
N ASN K 196 15.31 94.22 15.25
CA ASN K 196 15.66 95.41 14.50
C ASN K 196 14.44 96.23 14.13
N PHE K 197 13.31 95.56 13.95
CA PHE K 197 12.08 96.28 13.63
C PHE K 197 11.73 97.15 14.84
N LEU K 198 11.74 96.53 16.02
CA LEU K 198 11.41 97.24 17.26
C LEU K 198 12.34 98.43 17.44
N VAL K 199 13.62 98.20 17.18
CA VAL K 199 14.63 99.24 17.30
C VAL K 199 14.27 100.40 16.35
N ALA K 200 13.75 100.06 15.18
CA ALA K 200 13.37 101.06 14.21
C ALA K 200 12.23 101.93 14.73
N LEU K 201 11.38 101.35 15.57
CA LEU K 201 10.26 102.09 16.14
C LEU K 201 10.71 102.93 17.33
N GLY K 202 11.99 102.78 17.70
CA GLY K 202 12.52 103.53 18.81
C GLY K 202 12.96 102.69 20.00
N ALA K 203 12.71 101.40 19.96
CA ALA K 203 13.09 100.53 21.08
C ALA K 203 14.60 100.44 21.21
N LYS K 204 15.06 100.07 22.40
CA LYS K 204 16.49 99.93 22.66
C LYS K 204 16.77 98.46 22.94
N ILE K 205 17.34 97.77 21.97
CA ILE K 205 17.65 96.35 22.13
C ILE K 205 19.05 96.02 21.62
N SER K 206 19.69 95.05 22.25
CA SER K 206 21.04 94.62 21.84
C SER K 206 21.17 93.15 22.21
N GLY K 207 22.03 92.44 21.49
CA GLY K 207 22.23 91.03 21.78
C GLY K 207 21.39 90.09 20.92
N GLN K 208 20.45 90.64 20.16
CA GLN K 208 19.62 89.81 19.30
C GLN K 208 20.54 88.98 18.42
N GLY K 209 20.26 87.68 18.33
CA GLY K 209 21.11 86.83 17.53
C GLY K 209 22.02 86.02 18.45
N THR K 210 22.12 86.43 19.71
CA THR K 210 22.95 85.73 20.69
C THR K 210 22.03 85.11 21.74
N ASP K 211 22.58 84.36 22.69
CA ASP K 211 21.72 83.77 23.71
C ASP K 211 21.41 84.69 24.89
N ARG K 212 21.74 85.97 24.74
CA ARG K 212 21.44 86.96 25.78
C ARG K 212 20.98 88.26 25.13
N ILE K 213 19.69 88.56 25.29
CA ILE K 213 19.13 89.77 24.73
C ILE K 213 18.85 90.79 25.83
N THR K 214 19.30 92.03 25.62
CA THR K 214 19.11 93.07 26.61
C THR K 214 18.21 94.14 26.05
N ILE K 215 17.13 94.43 26.77
CA ILE K 215 16.16 95.44 26.35
C ILE K 215 16.03 96.51 27.43
N GLU K 216 16.12 97.78 27.03
CA GLU K 216 15.95 98.87 27.98
C GLU K 216 14.67 99.57 27.58
N GLY K 217 13.63 99.41 28.39
CA GLY K 217 12.35 100.00 28.09
C GLY K 217 12.36 101.49 27.81
N VAL K 218 11.37 101.93 27.06
CA VAL K 218 11.20 103.34 26.72
C VAL K 218 9.72 103.68 26.93
N GLU K 219 9.39 104.96 26.98
CA GLU K 219 8.00 105.35 27.21
C GLU K 219 7.05 104.92 26.12
N ARG K 220 7.46 105.12 24.87
CA ARG K 220 6.61 104.76 23.74
C ARG K 220 7.40 104.46 22.48
N LEU K 221 6.74 103.81 21.53
CA LEU K 221 7.35 103.48 20.26
C LEU K 221 6.62 104.27 19.18
N GLY K 222 7.37 104.76 18.20
CA GLY K 222 6.77 105.54 17.13
C GLY K 222 6.29 104.73 15.94
N GLY K 223 6.82 105.04 14.77
CA GLY K 223 6.44 104.33 13.57
C GLY K 223 7.63 104.22 12.65
N GLY K 224 7.41 103.89 11.39
CA GLY K 224 8.51 103.76 10.47
C GLY K 224 8.29 102.78 9.34
N VAL K 225 9.38 102.45 8.64
CA VAL K 225 9.34 101.51 7.52
C VAL K 225 10.41 100.43 7.69
N TYR K 226 9.99 99.17 7.60
CA TYR K 226 10.91 98.05 7.77
C TYR K 226 10.65 96.96 6.73
N ARG K 227 11.73 96.44 6.14
CA ARG K 227 11.61 95.39 5.13
C ARG K 227 11.96 94.02 5.72
N VAL K 228 11.01 93.10 5.66
CA VAL K 228 11.20 91.76 6.21
C VAL K 228 12.30 91.01 5.45
N LEU K 229 13.09 90.21 6.16
CA LEU K 229 14.17 89.46 5.52
C LEU K 229 13.64 88.27 4.70
N PRO K 230 14.47 87.71 3.80
CA PRO K 230 14.06 86.58 2.97
C PRO K 230 13.66 85.38 3.80
N ASP K 231 12.71 84.59 3.29
CA ASP K 231 12.24 83.40 3.96
C ASP K 231 13.24 82.28 3.72
N ARG K 232 14.04 81.95 4.73
CA ARG K 232 15.05 80.90 4.59
C ARG K 232 14.46 79.51 4.36
N ILE K 233 13.25 79.26 4.87
CA ILE K 233 12.63 77.94 4.68
C ILE K 233 12.14 77.80 3.25
N GLU K 234 11.62 78.89 2.66
CA GLU K 234 11.16 78.80 1.29
C GLU K 234 12.39 78.51 0.45
N THR K 235 13.48 79.24 0.74
CA THR K 235 14.74 79.07 0.04
C THR K 235 15.18 77.62 0.14
N GLY K 236 15.25 77.10 1.36
CA GLY K 236 15.68 75.73 1.53
C GLY K 236 14.78 74.74 0.81
N THR K 237 13.49 75.05 0.74
CA THR K 237 12.54 74.16 0.06
C THR K 237 12.86 74.07 -1.43
N PHE K 238 13.12 75.22 -2.07
CA PHE K 238 13.42 75.21 -3.49
C PHE K 238 14.79 74.62 -3.80
N LEU K 239 15.75 74.80 -2.88
CA LEU K 239 17.08 74.23 -3.08
C LEU K 239 16.94 72.71 -3.04
N VAL K 240 16.06 72.21 -2.17
CA VAL K 240 15.84 70.77 -2.07
C VAL K 240 15.10 70.30 -3.30
N ALA K 241 14.24 71.17 -3.84
CA ALA K 241 13.49 70.84 -5.05
C ALA K 241 14.48 70.45 -6.14
N ALA K 242 15.54 71.24 -6.29
CA ALA K 242 16.55 70.98 -7.30
C ALA K 242 17.38 69.75 -6.96
N ALA K 243 17.83 69.69 -5.71
CA ALA K 243 18.64 68.58 -5.23
C ALA K 243 18.05 67.18 -5.42
N ILE K 244 16.74 67.06 -5.33
CA ILE K 244 16.09 65.76 -5.49
C ILE K 244 15.65 65.46 -6.92
N SER K 245 15.74 66.45 -7.81
CA SER K 245 15.33 66.24 -9.19
C SER K 245 16.50 66.36 -10.16
N GLY K 246 17.73 66.28 -9.64
CA GLY K 246 18.91 66.38 -10.48
C GLY K 246 19.04 67.70 -11.22
N GLY K 247 18.21 68.68 -10.87
CA GLY K 247 18.27 69.97 -11.53
C GLY K 247 19.26 70.97 -10.95
N LYS K 248 19.18 72.20 -11.43
CA LYS K 248 20.03 73.28 -10.96
C LYS K 248 19.08 74.45 -10.77
N ILE K 249 19.35 75.29 -9.78
CA ILE K 249 18.47 76.42 -9.53
C ILE K 249 19.22 77.57 -8.89
N VAL K 250 18.68 78.77 -9.07
CA VAL K 250 19.26 79.97 -8.46
C VAL K 250 18.14 80.68 -7.74
N CYS K 251 18.34 80.93 -6.45
CA CYS K 251 17.34 81.61 -5.64
C CYS K 251 17.76 83.06 -5.53
N ARG K 252 16.89 83.97 -5.98
CA ARG K 252 17.16 85.40 -5.93
C ARG K 252 16.49 85.97 -4.67
N ASN K 253 17.00 87.11 -4.20
CA ASN K 253 16.46 87.76 -2.99
C ASN K 253 16.64 86.84 -1.77
N ALA K 254 17.76 86.13 -1.75
CA ALA K 254 18.08 85.21 -0.68
C ALA K 254 19.08 85.80 0.30
N GLN K 255 19.21 85.17 1.46
CA GLN K 255 20.16 85.61 2.48
C GLN K 255 20.91 84.37 2.96
N PRO K 256 21.99 84.01 2.25
CA PRO K 256 22.85 82.86 2.51
C PRO K 256 23.26 82.57 3.96
N ASP K 257 23.63 83.59 4.71
CA ASP K 257 24.08 83.38 6.09
C ASP K 257 23.04 82.78 7.04
N THR K 258 21.79 82.72 6.59
CA THR K 258 20.74 82.15 7.43
C THR K 258 20.54 80.67 7.14
N LEU K 259 21.37 80.12 6.26
CA LEU K 259 21.25 78.72 5.87
C LEU K 259 22.52 77.88 5.92
N ASP K 260 23.49 78.26 6.75
CA ASP K 260 24.72 77.50 6.81
C ASP K 260 24.50 75.99 7.00
N ALA K 261 23.69 75.62 7.99
CA ALA K 261 23.42 74.21 8.25
C ALA K 261 22.81 73.50 7.05
N VAL K 262 21.79 74.10 6.45
CA VAL K 262 21.12 73.52 5.31
C VAL K 262 22.07 73.36 4.12
N LEU K 263 22.81 74.41 3.80
CA LEU K 263 23.74 74.35 2.67
C LEU K 263 24.82 73.30 2.91
N ALA K 264 25.26 73.18 4.16
CA ALA K 264 26.29 72.20 4.49
C ALA K 264 25.76 70.80 4.24
N LYS K 265 24.51 70.59 4.62
CA LYS K 265 23.87 69.30 4.46
C LYS K 265 23.64 68.97 3.00
N LEU K 266 23.27 69.98 2.22
CA LEU K 266 23.03 69.76 0.79
C LEU K 266 24.34 69.37 0.12
N ARG K 267 25.44 69.98 0.55
CA ARG K 267 26.73 69.64 -0.04
C ARG K 267 27.04 68.20 0.30
N GLU K 268 26.76 67.79 1.53
CA GLU K 268 27.00 66.42 1.94
C GLU K 268 26.16 65.46 1.08
N ALA K 269 25.03 65.94 0.58
CA ALA K 269 24.16 65.11 -0.26
C ALA K 269 24.69 65.09 -1.70
N GLY K 270 25.70 65.92 -1.96
CA GLY K 270 26.29 65.97 -3.27
C GLY K 270 26.02 67.20 -4.13
N ALA K 271 25.37 68.21 -3.56
CA ALA K 271 25.06 69.40 -4.33
C ALA K 271 26.25 70.34 -4.54
N ASP K 272 26.29 70.97 -5.71
CA ASP K 272 27.34 71.95 -6.03
C ASP K 272 26.69 73.29 -5.74
N ILE K 273 27.07 73.89 -4.61
CA ILE K 273 26.49 75.15 -4.19
C ILE K 273 27.42 76.34 -4.22
N GLU K 274 26.91 77.46 -4.70
CA GLU K 274 27.68 78.69 -4.76
C GLU K 274 26.74 79.76 -4.23
N THR K 275 27.27 80.77 -3.53
CA THR K 275 26.45 81.83 -2.98
C THR K 275 26.97 83.22 -3.31
N GLY K 276 26.05 84.18 -3.26
CA GLY K 276 26.41 85.57 -3.53
C GLY K 276 25.91 86.42 -2.39
N GLU K 277 25.86 87.73 -2.60
CA GLU K 277 25.41 88.66 -1.58
C GLU K 277 23.94 88.41 -1.27
N ASP K 278 23.14 88.17 -2.31
CA ASP K 278 21.73 87.95 -2.13
C ASP K 278 21.17 86.82 -2.99
N TRP K 279 21.97 85.81 -3.26
CA TRP K 279 21.50 84.70 -4.07
C TRP K 279 22.25 83.43 -3.74
N ILE K 280 21.63 82.29 -4.05
CA ILE K 280 22.22 80.98 -3.81
C ILE K 280 21.94 80.14 -5.05
N SER K 281 22.93 79.38 -5.49
CA SER K 281 22.73 78.52 -6.65
C SER K 281 23.09 77.10 -6.26
N LEU K 282 22.30 76.15 -6.74
CA LEU K 282 22.55 74.74 -6.47
C LEU K 282 22.41 73.96 -7.76
N ASP K 283 23.40 73.12 -8.03
CA ASP K 283 23.42 72.32 -9.25
C ASP K 283 23.73 70.89 -8.82
N MET K 284 22.86 69.96 -9.19
CA MET K 284 23.08 68.55 -8.86
C MET K 284 23.82 67.86 -9.98
N HIS K 285 23.92 68.54 -11.11
CA HIS K 285 24.61 67.98 -12.27
C HIS K 285 23.96 66.65 -12.64
N GLY K 286 22.63 66.62 -12.59
CA GLY K 286 21.88 65.42 -12.93
C GLY K 286 22.11 64.22 -12.03
N LYS K 287 22.79 64.45 -10.91
CA LYS K 287 23.08 63.35 -9.99
C LYS K 287 22.00 63.11 -8.94
N ARG K 288 21.89 61.85 -8.55
CA ARG K 288 20.93 61.44 -7.52
C ARG K 288 21.61 61.84 -6.21
N PRO K 289 20.83 62.35 -5.24
CA PRO K 289 21.41 62.76 -3.96
C PRO K 289 21.94 61.62 -3.10
N LYS K 290 22.95 61.94 -2.28
CA LYS K 290 23.56 60.97 -1.37
C LYS K 290 22.83 61.12 -0.02
N ALA K 291 22.50 59.99 0.61
CA ALA K 291 21.81 60.00 1.90
C ALA K 291 22.62 60.77 2.93
N VAL K 292 21.93 61.55 3.76
CA VAL K 292 22.58 62.33 4.81
C VAL K 292 21.95 62.08 6.17
N THR K 293 22.66 62.47 7.22
CA THR K 293 22.17 62.31 8.59
C THR K 293 21.89 63.68 9.15
N VAL K 294 20.68 63.86 9.66
CA VAL K 294 20.25 65.14 10.19
C VAL K 294 19.68 65.08 11.60
N ARG K 295 19.90 66.14 12.35
CA ARG K 295 19.40 66.23 13.70
C ARG K 295 18.98 67.66 13.94
N THR K 296 17.68 67.92 13.91
CA THR K 296 17.13 69.27 14.10
C THR K 296 17.48 69.84 15.48
N ALA K 297 17.57 71.17 15.55
CA ALA K 297 17.89 71.85 16.80
C ALA K 297 17.70 73.34 16.59
N PRO K 298 17.80 74.14 17.66
CA PRO K 298 17.63 75.58 17.52
C PRO K 298 18.70 76.15 16.60
N HIS K 299 18.38 77.28 15.98
CA HIS K 299 19.31 77.95 15.07
C HIS K 299 20.62 78.20 15.86
N PRO K 300 21.79 78.19 15.17
CA PRO K 300 22.07 78.01 13.73
C PRO K 300 22.16 76.55 13.26
N ALA K 301 21.70 75.61 14.07
CA ALA K 301 21.72 74.20 13.67
C ALA K 301 20.67 73.93 12.58
N PHE K 302 20.55 72.68 12.14
CA PHE K 302 19.57 72.32 11.12
C PHE K 302 18.15 72.62 11.64
N PRO K 303 17.39 73.48 10.92
CA PRO K 303 16.03 73.87 11.29
C PRO K 303 14.98 72.78 11.10
N THR K 304 14.11 72.63 12.09
CA THR K 304 13.05 71.63 12.03
C THR K 304 12.09 71.92 10.88
N ALA K 305 11.97 73.20 10.49
CA ALA K 305 11.09 73.58 9.39
C ALA K 305 11.56 73.05 8.03
N MET K 306 12.74 72.44 8.01
CA MET K 306 13.34 71.87 6.80
C MET K 306 13.39 70.35 6.84
N GLN K 307 13.05 69.80 8.00
CA GLN K 307 13.09 68.36 8.22
C GLN K 307 12.24 67.52 7.27
N ALA K 308 10.98 67.88 7.08
CA ALA K 308 10.12 67.09 6.17
C ALA K 308 10.74 67.05 4.77
N GLN K 309 11.19 68.21 4.29
CA GLN K 309 11.80 68.29 2.98
C GLN K 309 13.02 67.38 2.86
N PHE K 310 13.87 67.37 3.89
CA PHE K 310 15.05 66.51 3.85
C PHE K 310 14.67 65.06 4.04
N THR K 311 13.51 64.78 4.63
CA THR K 311 13.09 63.39 4.78
C THR K 311 12.90 62.87 3.36
N LEU K 312 12.26 63.69 2.55
CA LEU K 312 12.01 63.35 1.14
C LEU K 312 13.34 63.09 0.44
N LEU K 313 14.26 64.04 0.53
CA LEU K 313 15.56 63.92 -0.10
C LEU K 313 16.20 62.56 0.23
N ASN K 314 16.21 62.19 1.51
CA ASN K 314 16.78 60.91 1.90
C ASN K 314 16.01 59.73 1.31
N LEU K 315 14.69 59.84 1.29
CA LEU K 315 13.87 58.75 0.77
C LEU K 315 14.09 58.42 -0.70
N VAL K 316 14.72 59.34 -1.44
CA VAL K 316 15.01 59.11 -2.86
C VAL K 316 16.52 59.25 -3.08
N ALA K 317 17.29 59.15 -2.00
CA ALA K 317 18.73 59.28 -2.07
C ALA K 317 19.41 57.92 -2.09
N GLU K 318 20.71 57.94 -2.37
CA GLU K 318 21.51 56.73 -2.42
C GLU K 318 22.00 56.45 -1.01
N GLY K 319 21.54 55.35 -0.42
CA GLY K 319 21.98 54.99 0.92
C GLY K 319 20.95 55.06 2.03
N THR K 320 21.42 54.85 3.27
CA THR K 320 20.55 54.90 4.43
C THR K 320 20.75 56.21 5.17
N GLY K 321 19.72 57.05 5.14
CA GLY K 321 19.78 58.33 5.82
C GLY K 321 18.99 58.31 7.12
N VAL K 322 19.50 59.01 8.13
CA VAL K 322 18.82 59.04 9.42
C VAL K 322 18.53 60.47 9.85
N ILE K 323 17.25 60.75 10.15
CA ILE K 323 16.84 62.08 10.59
C ILE K 323 16.24 62.02 12.00
N THR K 324 16.76 62.84 12.89
CA THR K 324 16.26 62.86 14.25
C THR K 324 15.72 64.26 14.55
N GLU K 325 14.43 64.31 14.86
CA GLU K 325 13.73 65.56 15.15
C GLU K 325 13.71 65.80 16.66
N THR K 326 14.24 66.94 17.09
CA THR K 326 14.27 67.23 18.53
C THR K 326 13.43 68.42 18.96
N ILE K 327 12.76 69.08 18.03
CA ILE K 327 11.94 70.24 18.37
C ILE K 327 10.46 69.91 18.57
N PHE K 328 9.86 69.15 17.66
CA PHE K 328 8.43 68.81 17.78
C PHE K 328 8.22 67.32 17.87
N GLU K 329 7.42 66.90 18.85
CA GLU K 329 7.17 65.49 19.10
C GLU K 329 6.39 64.69 18.07
N ASN K 330 5.80 65.37 17.08
CA ASN K 330 5.01 64.65 16.09
C ASN K 330 5.13 65.29 14.72
N ARG K 331 6.35 65.30 14.18
CA ARG K 331 6.57 65.90 12.88
C ARG K 331 7.09 64.92 11.84
N PHE K 332 6.49 63.74 11.82
CA PHE K 332 6.85 62.69 10.86
C PHE K 332 5.61 62.24 10.12
N MET K 333 4.58 63.09 10.15
CA MET K 333 3.32 62.76 9.51
C MET K 333 3.40 62.56 8.00
N HIS K 334 4.44 63.12 7.38
CA HIS K 334 4.63 63.00 5.95
C HIS K 334 5.18 61.62 5.57
N VAL K 335 5.86 60.97 6.50
CA VAL K 335 6.44 59.66 6.25
C VAL K 335 5.44 58.59 5.77
N PRO K 336 4.33 58.38 6.49
CA PRO K 336 3.36 57.37 6.04
C PRO K 336 2.83 57.66 4.65
N GLU K 337 2.71 58.95 4.32
CA GLU K 337 2.21 59.37 3.01
C GLU K 337 3.21 59.06 1.91
N LEU K 338 4.50 59.36 2.17
CA LEU K 338 5.53 59.08 1.17
C LEU K 338 5.68 57.57 0.97
N ILE K 339 5.41 56.79 2.01
CA ILE K 339 5.50 55.35 1.89
C ILE K 339 4.46 54.86 0.88
N ARG K 340 3.33 55.55 0.81
CA ARG K 340 2.29 55.20 -0.15
C ARG K 340 2.83 55.40 -1.56
N MET K 341 3.80 56.31 -1.70
CA MET K 341 4.43 56.61 -2.97
C MET K 341 5.64 55.72 -3.23
N GLY K 342 5.78 54.67 -2.43
CA GLY K 342 6.89 53.74 -2.61
C GLY K 342 8.14 53.93 -1.79
N ALA K 343 8.18 54.92 -0.90
CA ALA K 343 9.37 55.14 -0.10
C ALA K 343 9.54 54.04 0.95
N HIS K 344 10.76 53.90 1.46
CA HIS K 344 11.03 52.89 2.48
C HIS K 344 11.64 53.57 3.70
N ALA K 345 10.94 53.40 4.83
CA ALA K 345 11.41 54.01 6.08
C ALA K 345 10.73 53.44 7.32
N GLU K 346 11.42 53.58 8.45
CA GLU K 346 10.90 53.12 9.73
C GLU K 346 11.07 54.27 10.71
N ILE K 347 10.07 54.45 11.57
CA ILE K 347 10.11 55.49 12.58
C ILE K 347 10.35 54.81 13.91
N GLU K 348 11.39 55.24 14.63
CA GLU K 348 11.68 54.68 15.95
C GLU K 348 11.82 55.88 16.86
N SER K 349 10.79 56.11 17.65
CA SER K 349 10.76 57.25 18.56
C SER K 349 10.86 58.55 17.74
N ASN K 350 11.85 59.38 18.02
CA ASN K 350 11.97 60.64 17.31
C ASN K 350 12.96 60.68 16.15
N THR K 351 13.19 59.55 15.51
CA THR K 351 14.09 59.54 14.36
C THR K 351 13.57 58.59 13.28
N VAL K 352 13.77 58.96 12.01
CA VAL K 352 13.33 58.12 10.88
C VAL K 352 14.52 57.49 10.19
N ILE K 353 14.45 56.17 9.99
CA ILE K 353 15.51 55.48 9.30
C ILE K 353 15.04 55.45 7.85
N CYS K 354 15.78 56.11 6.97
CA CYS K 354 15.41 56.16 5.56
C CYS K 354 16.24 55.24 4.68
N HIS K 355 15.58 54.56 3.76
CA HIS K 355 16.25 53.66 2.82
C HIS K 355 15.88 54.17 1.43
N GLY K 356 16.70 55.07 0.91
CA GLY K 356 16.44 55.65 -0.39
C GLY K 356 16.13 54.68 -1.52
N VAL K 357 15.27 55.10 -2.43
CA VAL K 357 14.91 54.29 -3.59
C VAL K 357 15.12 55.11 -4.87
N GLU K 358 15.22 54.41 -5.98
CA GLU K 358 15.43 55.00 -7.30
C GLU K 358 14.34 56.01 -7.68
N LYS K 359 13.11 55.52 -7.83
CA LYS K 359 11.96 56.36 -8.20
C LYS K 359 10.71 56.10 -7.37
N LEU K 360 9.98 57.19 -7.10
CA LEU K 360 8.73 57.13 -6.36
C LEU K 360 7.58 56.95 -7.37
N SER K 361 6.47 56.41 -6.90
CA SER K 361 5.29 56.21 -7.74
C SER K 361 4.20 57.20 -7.34
N GLY K 362 3.61 57.86 -8.34
CA GLY K 362 2.55 58.80 -8.03
C GLY K 362 1.41 58.06 -7.36
N ALA K 363 0.74 58.75 -6.45
CA ALA K 363 -0.39 58.18 -5.73
C ALA K 363 -1.14 59.29 -5.02
N GLN K 364 -2.27 58.96 -4.42
CA GLN K 364 -3.06 59.95 -3.70
C GLN K 364 -2.54 60.03 -2.26
N VAL K 365 -2.02 61.19 -1.89
CA VAL K 365 -1.49 61.39 -0.55
C VAL K 365 -2.18 62.58 0.09
N MET K 366 -2.03 62.71 1.41
CA MET K 366 -2.67 63.79 2.13
C MET K 366 -1.73 64.67 2.92
N ALA K 367 -1.79 65.97 2.64
CA ALA K 367 -0.96 66.94 3.35
C ALA K 367 -1.48 66.99 4.78
N THR K 368 -0.58 67.05 5.75
CA THR K 368 -0.99 67.06 7.16
C THR K 368 -0.57 68.34 7.86
N ASP K 369 0.37 69.05 7.27
CA ASP K 369 0.85 70.30 7.84
C ASP K 369 1.58 71.08 6.76
N LEU K 370 1.98 72.31 7.09
CA LEU K 370 2.66 73.18 6.15
C LEU K 370 3.85 72.58 5.42
N ARG K 371 4.91 72.23 6.13
CA ARG K 371 6.09 71.69 5.45
C ARG K 371 5.88 70.31 4.85
N ALA K 372 4.98 69.52 5.42
CA ALA K 372 4.73 68.20 4.87
C ALA K 372 4.08 68.36 3.50
N SER K 373 3.12 69.29 3.41
CA SER K 373 2.42 69.51 2.14
C SER K 373 3.41 69.88 1.04
N ALA K 374 4.34 70.77 1.34
CA ALA K 374 5.35 71.16 0.35
C ALA K 374 6.18 69.94 -0.03
N SER K 375 6.49 69.09 0.95
CA SER K 375 7.27 67.89 0.67
C SER K 375 6.50 66.95 -0.24
N LEU K 376 5.21 66.78 0.01
CA LEU K 376 4.42 65.87 -0.82
C LEU K 376 4.29 66.43 -2.25
N VAL K 377 4.27 67.75 -2.38
CA VAL K 377 4.16 68.35 -3.71
C VAL K 377 5.47 68.11 -4.47
N LEU K 378 6.60 68.29 -3.80
CA LEU K 378 7.87 68.05 -4.45
C LEU K 378 7.96 66.57 -4.81
N ALA K 379 7.44 65.71 -3.94
CA ALA K 379 7.47 64.27 -4.22
C ALA K 379 6.71 64.00 -5.51
N GLY K 380 5.58 64.66 -5.69
CA GLY K 380 4.79 64.48 -6.89
C GLY K 380 5.55 64.89 -8.14
N CYS K 381 6.35 65.94 -8.02
CA CYS K 381 7.14 66.43 -9.14
C CYS K 381 8.18 65.43 -9.65
N ILE K 382 8.78 64.65 -8.75
CA ILE K 382 9.79 63.69 -9.18
C ILE K 382 9.30 62.24 -9.23
N ALA K 383 8.07 62.00 -8.76
CA ALA K 383 7.53 60.64 -8.78
C ALA K 383 7.12 60.26 -10.21
N GLU K 384 6.99 58.97 -10.47
CA GLU K 384 6.65 58.49 -11.80
C GLU K 384 5.15 58.35 -11.96
N GLY K 385 4.54 59.31 -12.65
CA GLY K 385 3.11 59.25 -12.86
C GLY K 385 2.36 60.45 -12.30
N THR K 386 1.10 60.21 -11.92
CA THR K 386 0.26 61.28 -11.38
C THR K 386 0.12 61.19 -9.86
N THR K 387 0.36 62.31 -9.19
CA THR K 387 0.22 62.37 -7.74
C THR K 387 -0.85 63.41 -7.41
N VAL K 388 -1.68 63.09 -6.42
CA VAL K 388 -2.73 64.00 -6.00
C VAL K 388 -2.53 64.29 -4.51
N VAL K 389 -2.18 65.53 -4.21
CA VAL K 389 -1.97 65.96 -2.83
C VAL K 389 -3.23 66.64 -2.34
N ASP K 390 -3.97 65.94 -1.47
CA ASP K 390 -5.21 66.47 -0.91
C ASP K 390 -4.91 67.44 0.22
N ARG K 391 -5.83 68.38 0.46
CA ARG K 391 -5.67 69.37 1.53
C ARG K 391 -4.47 70.29 1.34
N ILE K 392 -4.23 70.77 0.12
CA ILE K 392 -3.09 71.64 -0.07
C ILE K 392 -3.30 73.01 0.56
N TYR K 393 -4.46 73.22 1.18
CA TYR K 393 -4.69 74.52 1.81
C TYR K 393 -3.55 74.78 2.79
N HIS K 394 -3.01 73.71 3.36
CA HIS K 394 -1.90 73.80 4.30
C HIS K 394 -0.76 74.60 3.69
N ILE K 395 -0.47 74.30 2.42
CA ILE K 395 0.62 74.96 1.72
C ILE K 395 0.38 76.46 1.53
N ASP K 396 -0.87 76.88 1.46
CA ASP K 396 -1.17 78.29 1.29
C ASP K 396 -0.86 79.10 2.54
N ARG K 397 -0.60 78.41 3.66
CA ARG K 397 -0.28 79.06 4.93
C ARG K 397 1.12 79.68 4.90
N GLY K 398 2.08 78.97 4.32
CA GLY K 398 3.43 79.48 4.32
C GLY K 398 4.19 79.62 3.01
N TYR K 399 3.54 79.38 1.87
CA TYR K 399 4.20 79.52 0.58
C TYR K 399 3.42 80.43 -0.36
N GLU K 400 4.04 81.53 -0.77
CA GLU K 400 3.39 82.46 -1.68
C GLU K 400 3.45 81.94 -3.11
N ARG K 401 2.28 81.67 -3.68
CA ARG K 401 2.15 81.14 -5.02
C ARG K 401 3.23 80.12 -5.37
N ILE K 402 3.25 79.01 -4.63
CA ILE K 402 4.23 77.97 -4.87
C ILE K 402 3.93 77.27 -6.18
N GLU K 403 2.66 77.27 -6.56
CA GLU K 403 2.19 76.65 -7.79
C GLU K 403 2.90 77.29 -8.99
N ASP K 404 2.86 78.61 -9.04
CA ASP K 404 3.48 79.37 -10.11
C ASP K 404 5.00 79.21 -10.12
N LYS K 405 5.61 79.38 -8.95
CA LYS K 405 7.05 79.25 -8.85
C LYS K 405 7.53 77.86 -9.28
N LEU K 406 6.80 76.83 -8.88
CA LEU K 406 7.21 75.47 -9.26
C LEU K 406 7.02 75.26 -10.75
N ARG K 407 5.94 75.80 -11.29
CA ARG K 407 5.67 75.65 -12.71
C ARG K 407 6.81 76.28 -13.49
N ALA K 408 7.21 77.48 -13.07
CA ALA K 408 8.29 78.20 -13.72
C ALA K 408 9.61 77.43 -13.65
N LEU K 409 9.62 76.32 -12.92
CA LEU K 409 10.83 75.52 -12.78
C LEU K 409 10.69 74.23 -13.54
N GLY K 410 9.57 74.11 -14.26
CA GLY K 410 9.34 72.92 -15.07
C GLY K 410 8.34 71.91 -14.54
N ALA K 411 7.67 72.27 -13.44
CA ALA K 411 6.70 71.38 -12.84
C ALA K 411 5.39 71.31 -13.61
N ASN K 412 4.78 70.12 -13.61
CA ASN K 412 3.49 69.90 -14.26
C ASN K 412 2.53 69.81 -13.08
N ILE K 413 1.99 70.95 -12.69
CA ILE K 413 1.10 71.01 -11.56
C ILE K 413 -0.19 71.80 -11.83
N GLU K 414 -1.28 71.35 -11.23
CA GLU K 414 -2.59 71.98 -11.37
C GLU K 414 -3.39 71.95 -10.07
N ARG K 415 -3.98 73.08 -9.67
CA ARG K 415 -4.77 73.12 -8.44
C ARG K 415 -6.20 72.76 -8.78
N VAL K 416 -6.69 71.68 -8.21
CA VAL K 416 -8.04 71.25 -8.50
C VAL K 416 -9.03 71.64 -7.42
N LYS K 417 -9.77 72.72 -7.69
CA LYS K 417 -10.78 73.25 -6.78
C LYS K 417 -11.88 72.20 -6.58
N GLY K 418 -12.86 72.54 -5.74
CA GLY K 418 -13.96 71.62 -5.46
C GLY K 418 -13.53 70.18 -5.30
N GLU K 419 -12.36 69.98 -4.71
CA GLU K 419 -11.80 68.65 -4.48
C GLU K 419 -12.02 67.71 -5.67
N MET L 1 -20.54 70.86 10.24
CA MET L 1 -19.64 70.15 11.22
C MET L 1 -20.33 70.04 12.56
N ASP L 2 -20.97 68.90 12.79
CA ASP L 2 -21.68 68.66 14.05
C ASP L 2 -20.82 68.86 15.29
N LYS L 3 -21.46 69.26 16.39
CA LYS L 3 -20.77 69.48 17.65
C LYS L 3 -21.68 69.03 18.79
N PHE L 4 -21.10 68.91 19.97
CA PHE L 4 -21.87 68.54 21.15
C PHE L 4 -21.78 69.70 22.11
N ARG L 5 -22.92 70.19 22.58
CA ARG L 5 -22.91 71.27 23.53
C ARG L 5 -23.26 70.56 24.82
N VAL L 6 -22.38 70.64 25.80
CA VAL L 6 -22.61 69.96 27.07
C VAL L 6 -22.67 70.94 28.22
N GLN L 7 -23.64 70.70 29.09
CA GLN L 7 -23.84 71.52 30.26
C GLN L 7 -23.36 70.74 31.48
N GLY L 8 -22.67 71.42 32.39
CA GLY L 8 -22.21 70.75 33.58
C GLY L 8 -22.15 71.69 34.75
N PRO L 9 -21.86 71.17 35.94
CA PRO L 9 -21.58 69.76 36.20
C PRO L 9 -22.83 68.92 36.44
N THR L 10 -22.76 67.65 36.06
CA THR L 10 -23.88 66.73 36.26
C THR L 10 -23.34 65.37 36.66
N ARG L 11 -23.91 64.82 37.72
CA ARG L 11 -23.50 63.51 38.18
C ARG L 11 -24.04 62.49 37.22
N LEU L 12 -23.15 61.64 36.70
CA LEU L 12 -23.59 60.62 35.79
C LEU L 12 -23.88 59.35 36.57
N GLN L 13 -25.10 58.86 36.45
CA GLN L 13 -25.49 57.67 37.18
C GLN L 13 -26.71 56.98 36.59
N GLY L 14 -26.87 55.71 36.95
CA GLY L 14 -27.99 54.96 36.45
C GLY L 14 -27.54 53.68 35.81
N GLU L 15 -28.09 53.38 34.64
CA GLU L 15 -27.73 52.17 33.92
C GLU L 15 -27.52 52.42 32.44
N VAL L 16 -26.80 51.50 31.82
CA VAL L 16 -26.53 51.59 30.40
C VAL L 16 -26.33 50.17 29.90
N THR L 17 -26.75 49.92 28.67
CA THR L 17 -26.59 48.59 28.09
C THR L 17 -25.50 48.67 27.03
N ILE L 18 -24.45 47.88 27.24
CA ILE L 18 -23.31 47.87 26.33
C ILE L 18 -23.64 47.24 25.00
N SER L 19 -23.21 47.89 23.92
CA SER L 19 -23.45 47.40 22.56
C SER L 19 -22.36 46.41 22.16
N GLY L 20 -22.52 45.80 20.99
CA GLY L 20 -21.53 44.86 20.51
C GLY L 20 -20.19 45.57 20.32
N ALA L 21 -19.10 44.82 20.49
CA ALA L 21 -17.77 45.39 20.34
C ALA L 21 -17.46 45.82 18.91
N LYS L 22 -17.10 47.09 18.76
CA LYS L 22 -16.75 47.65 17.46
C LYS L 22 -15.58 46.86 16.85
N ASN L 23 -14.55 46.62 17.68
CA ASN L 23 -13.35 45.93 17.22
C ASN L 23 -13.43 44.42 17.12
N ALA L 24 -14.63 43.88 17.22
CA ALA L 24 -14.83 42.44 17.08
C ALA L 24 -15.72 42.31 15.85
N ALA L 25 -16.69 43.21 15.76
CA ALA L 25 -17.61 43.24 14.64
C ALA L 25 -16.86 43.51 13.34
N LEU L 26 -15.94 44.47 13.35
CA LEU L 26 -15.18 44.80 12.16
C LEU L 26 -14.35 43.64 11.61
N PRO L 27 -13.50 43.02 12.45
CA PRO L 27 -12.71 41.91 11.91
C PRO L 27 -13.59 40.71 11.50
N ILE L 28 -14.69 40.51 12.21
CA ILE L 28 -15.60 39.41 11.89
C ILE L 28 -16.31 39.68 10.56
N LEU L 29 -16.71 40.93 10.33
CA LEU L 29 -17.39 41.29 9.08
C LEU L 29 -16.48 41.05 7.88
N PHE L 30 -15.18 41.35 8.02
CA PHE L 30 -14.26 41.11 6.93
C PHE L 30 -13.97 39.63 6.81
N ALA L 31 -13.96 38.93 7.93
CA ALA L 31 -13.72 37.50 7.94
C ALA L 31 -14.86 36.79 7.16
N ALA L 32 -16.03 37.43 7.12
CA ALA L 32 -17.18 36.86 6.43
C ALA L 32 -16.90 36.71 4.93
N LEU L 33 -15.93 37.44 4.41
CA LEU L 33 -15.58 37.33 2.98
C LEU L 33 -15.15 35.90 2.67
N LEU L 34 -14.84 35.14 3.71
CA LEU L 34 -14.40 33.74 3.57
C LEU L 34 -15.58 32.79 3.47
N ALA L 35 -16.74 33.23 3.97
CA ALA L 35 -17.95 32.39 3.96
C ALA L 35 -18.58 32.20 2.59
N GLU L 36 -18.85 30.95 2.25
CA GLU L 36 -19.48 30.62 0.97
C GLU L 36 -20.99 30.54 1.13
N GLU L 37 -21.40 30.22 2.35
CA GLU L 37 -22.81 30.14 2.66
C GLU L 37 -23.14 31.30 3.58
N PRO L 38 -24.36 31.84 3.46
CA PRO L 38 -24.88 32.96 4.24
C PRO L 38 -24.56 32.99 5.73
N VAL L 39 -24.27 34.20 6.23
CA VAL L 39 -23.94 34.40 7.63
C VAL L 39 -24.75 35.53 8.23
N GLU L 40 -25.00 35.43 9.52
CA GLU L 40 -25.73 36.45 10.25
C GLU L 40 -24.89 36.79 11.48
N ILE L 41 -24.47 38.05 11.57
CA ILE L 41 -23.67 38.48 12.70
C ILE L 41 -24.57 39.32 13.60
N GLN L 42 -24.80 38.82 14.80
CA GLN L 42 -25.67 39.48 15.75
C GLN L 42 -24.98 40.43 16.71
N ASN L 43 -25.77 41.32 17.30
CA ASN L 43 -25.29 42.30 18.26
C ASN L 43 -24.24 43.22 17.67
N VAL L 44 -24.40 43.58 16.40
CA VAL L 44 -23.48 44.47 15.71
C VAL L 44 -23.88 45.92 16.00
N PRO L 45 -22.97 46.71 16.58
CA PRO L 45 -23.30 48.11 16.88
C PRO L 45 -23.51 48.92 15.61
N LYS L 46 -24.30 49.98 15.72
CA LYS L 46 -24.56 50.85 14.58
C LYS L 46 -23.55 52.01 14.64
N LEU L 47 -22.42 51.81 13.96
CA LEU L 47 -21.33 52.78 13.95
C LEU L 47 -20.96 53.14 12.53
N LYS L 48 -20.34 54.31 12.38
CA LYS L 48 -19.93 54.80 11.06
C LYS L 48 -19.02 53.80 10.35
N ASP L 49 -18.12 53.17 11.11
CA ASP L 49 -17.21 52.19 10.52
C ASP L 49 -17.93 50.95 10.01
N ILE L 50 -19.05 50.59 10.65
CA ILE L 50 -19.80 49.42 10.20
C ILE L 50 -20.46 49.76 8.86
N ASP L 51 -20.87 51.01 8.70
CA ASP L 51 -21.48 51.43 7.44
C ASP L 51 -20.44 51.38 6.34
N THR L 52 -19.26 51.94 6.61
CA THR L 52 -18.17 51.94 5.62
C THR L 52 -17.77 50.51 5.26
N THR L 53 -17.73 49.62 6.26
CA THR L 53 -17.38 48.23 6.02
C THR L 53 -18.42 47.59 5.08
N MET L 54 -19.70 47.84 5.37
CA MET L 54 -20.77 47.31 4.54
C MET L 54 -20.66 47.85 3.12
N LYS L 55 -20.31 49.14 3.01
CA LYS L 55 -20.16 49.77 1.70
C LYS L 55 -19.10 49.03 0.92
N LEU L 56 -17.97 48.80 1.58
CA LEU L 56 -16.83 48.11 0.97
C LEU L 56 -17.21 46.69 0.56
N LEU L 57 -17.80 45.95 1.48
CA LEU L 57 -18.20 44.59 1.19
C LEU L 57 -19.12 44.53 -0.01
N THR L 58 -20.12 45.40 0.00
CA THR L 58 -21.08 45.46 -1.09
C THR L 58 -20.37 45.73 -2.41
N GLN L 59 -19.41 46.64 -2.35
CA GLN L 59 -18.64 47.01 -3.53
C GLN L 59 -17.82 45.84 -4.07
N LEU L 60 -17.54 44.85 -3.24
CA LEU L 60 -16.76 43.67 -3.66
C LEU L 60 -17.70 42.65 -4.29
N GLY L 61 -19.00 42.95 -4.26
CA GLY L 61 -19.97 42.02 -4.82
C GLY L 61 -20.64 41.19 -3.75
N THR L 62 -20.70 41.73 -2.55
CA THR L 62 -21.32 41.02 -1.43
C THR L 62 -22.73 41.56 -1.22
N LYS L 63 -23.63 40.70 -0.75
CA LYS L 63 -24.99 41.11 -0.46
C LYS L 63 -25.01 41.36 1.04
N VAL L 64 -25.19 42.64 1.41
CA VAL L 64 -25.19 43.02 2.81
C VAL L 64 -26.42 43.81 3.19
N GLU L 65 -26.90 43.55 4.41
CA GLU L 65 -28.07 44.23 4.94
C GLU L 65 -28.07 44.10 6.47
N ARG L 66 -28.58 45.12 7.15
CA ARG L 66 -28.60 45.07 8.59
C ARG L 66 -29.85 45.71 9.17
N GLY L 68 -30.51 44.55 14.46
CA GLY L 68 -29.47 44.37 15.44
C GLY L 68 -28.34 43.53 14.86
N SER L 69 -28.65 42.82 13.80
CA SER L 69 -27.67 41.97 13.14
C SER L 69 -27.30 42.51 11.77
N VAL L 70 -26.27 41.92 11.19
CA VAL L 70 -25.82 42.28 9.85
C VAL L 70 -25.82 40.95 9.13
N TRP L 71 -26.59 40.87 8.03
CA TRP L 71 -26.69 39.65 7.25
C TRP L 71 -25.75 39.75 6.05
N ILE L 72 -24.88 38.74 5.90
CA ILE L 72 -23.91 38.72 4.82
C ILE L 72 -24.03 37.50 3.91
N ASP L 73 -23.91 37.76 2.61
CA ASP L 73 -23.96 36.70 1.62
C ASP L 73 -22.82 36.98 0.67
N ALA L 74 -21.68 36.33 0.94
CA ALA L 74 -20.49 36.49 0.13
C ALA L 74 -20.28 35.28 -0.77
N SER L 75 -21.35 34.85 -1.43
CA SER L 75 -21.29 33.68 -2.31
C SER L 75 -20.84 34.14 -3.69
N ASN L 76 -21.09 35.39 -4.00
CA ASN L 76 -20.74 35.91 -5.32
C ASN L 76 -19.73 37.04 -5.37
N VAL L 77 -18.74 37.03 -4.48
CA VAL L 77 -17.72 38.07 -4.52
C VAL L 77 -17.08 38.01 -5.91
N ASN L 78 -17.16 39.11 -6.65
CA ASN L 78 -16.62 39.21 -8.00
C ASN L 78 -15.57 40.29 -8.19
N ASN L 79 -15.50 41.24 -7.24
CA ASN L 79 -14.54 42.34 -7.29
C ASN L 79 -13.54 42.10 -6.15
N PHE L 80 -12.26 42.46 -6.34
CA PHE L 80 -11.25 42.21 -5.32
C PHE L 80 -10.38 43.40 -4.90
N SER L 81 -10.96 44.60 -4.93
CA SER L 81 -10.21 45.77 -4.55
C SER L 81 -10.95 46.71 -3.62
N ALA L 82 -10.18 47.42 -2.81
CA ALA L 82 -10.71 48.41 -1.89
C ALA L 82 -10.04 49.69 -2.41
N PRO L 83 -10.86 50.64 -2.90
CA PRO L 83 -10.30 51.90 -3.43
C PRO L 83 -9.87 52.92 -2.36
N TYR L 84 -8.96 53.81 -2.76
CA TYR L 84 -8.45 54.85 -1.88
C TYR L 84 -9.55 55.63 -1.17
N ASP L 85 -10.39 56.31 -1.96
CA ASP L 85 -11.46 57.12 -1.39
C ASP L 85 -12.24 56.32 -0.35
N LEU L 86 -11.99 55.02 -0.25
CA LEU L 86 -12.73 54.22 0.73
C LEU L 86 -11.86 53.90 1.96
N VAL L 87 -10.67 53.34 1.73
CA VAL L 87 -9.81 53.01 2.87
C VAL L 87 -9.26 54.27 3.54
N LYS L 88 -9.27 55.39 2.83
CA LYS L 88 -8.75 56.62 3.43
C LYS L 88 -9.69 57.08 4.54
N THR L 89 -10.88 56.48 4.59
CA THR L 89 -11.86 56.83 5.62
C THR L 89 -11.91 55.78 6.71
N MET L 90 -11.26 54.64 6.46
CA MET L 90 -11.22 53.55 7.43
C MET L 90 -10.10 52.56 7.09
N ARG L 91 -8.98 52.68 7.79
CA ARG L 91 -7.83 51.82 7.55
C ARG L 91 -8.12 50.36 7.84
N ALA L 92 -9.10 50.09 8.68
CA ALA L 92 -9.44 48.71 9.00
C ALA L 92 -9.80 47.92 7.75
N SER L 93 -9.99 48.62 6.63
CA SER L 93 -10.34 47.94 5.40
C SER L 93 -9.16 47.12 4.88
N ILE L 94 -8.03 47.22 5.58
CA ILE L 94 -6.83 46.45 5.24
C ILE L 94 -7.13 44.97 5.49
N TRP L 95 -8.08 44.72 6.39
CA TRP L 95 -8.46 43.34 6.72
C TRP L 95 -9.15 42.58 5.59
N ALA L 96 -9.39 43.25 4.46
CA ALA L 96 -10.03 42.61 3.31
C ALA L 96 -9.00 41.84 2.49
N LEU L 97 -7.76 42.33 2.53
CA LEU L 97 -6.68 41.71 1.78
C LEU L 97 -6.53 40.22 2.10
N GLY L 98 -6.41 39.90 3.38
CA GLY L 98 -6.23 38.52 3.78
C GLY L 98 -7.27 37.55 3.23
N PRO L 99 -8.55 37.75 3.56
CA PRO L 99 -9.59 36.85 3.07
C PRO L 99 -9.65 36.75 1.55
N LEU L 100 -9.57 37.90 0.88
CA LEU L 100 -9.62 37.92 -0.57
C LEU L 100 -8.56 37.04 -1.22
N VAL L 101 -7.31 37.18 -0.79
CA VAL L 101 -6.24 36.38 -1.40
C VAL L 101 -6.27 34.92 -0.96
N ALA L 102 -6.83 34.67 0.21
CA ALA L 102 -6.90 33.31 0.73
C ALA L 102 -7.99 32.51 0.04
N ARG L 103 -9.07 33.19 -0.33
CA ARG L 103 -10.19 32.52 -0.98
C ARG L 103 -10.22 32.66 -2.50
N PHE L 104 -9.83 33.82 -3.02
CA PHE L 104 -9.87 34.02 -4.47
C PHE L 104 -8.50 34.13 -5.12
N GLY L 105 -7.44 33.90 -4.35
CA GLY L 105 -6.09 33.95 -4.88
C GLY L 105 -5.58 35.33 -5.26
N GLN L 106 -6.37 36.37 -4.96
CA GLN L 106 -5.92 37.72 -5.30
C GLN L 106 -6.67 38.75 -4.45
N GLY L 107 -6.12 39.96 -4.42
CA GLY L 107 -6.73 41.03 -3.65
C GLY L 107 -5.84 42.25 -3.67
N GLN L 108 -6.47 43.41 -3.64
CA GLN L 108 -5.75 44.68 -3.65
C GLN L 108 -6.45 45.65 -2.71
N VAL L 109 -5.67 46.29 -1.84
CA VAL L 109 -6.21 47.28 -0.92
C VAL L 109 -5.30 48.51 -0.94
N SER L 110 -5.88 49.70 -0.92
CA SER L 110 -5.06 50.91 -0.94
C SER L 110 -4.23 50.95 0.33
N LEU L 111 -2.93 51.17 0.20
CA LEU L 111 -2.04 51.23 1.37
C LEU L 111 -2.47 52.43 2.20
N PRO L 112 -2.97 52.17 3.42
CA PRO L 112 -3.39 53.30 4.24
C PRO L 112 -2.24 54.20 4.61
N GLY L 113 -2.53 55.50 4.64
CA GLY L 113 -1.53 56.50 4.99
C GLY L 113 -1.46 56.63 6.50
N GLY L 114 -0.94 57.76 6.99
CA GLY L 114 -0.83 57.94 8.43
C GLY L 114 -2.17 58.17 9.11
N CYS L 115 -2.23 57.93 10.41
CA CYS L 115 -3.45 58.13 11.19
C CYS L 115 -3.11 59.20 12.22
N ALA L 116 -4.12 59.75 12.89
CA ALA L 116 -3.89 60.79 13.87
C ALA L 116 -3.03 60.34 15.07
N ILE L 117 -3.35 59.18 15.63
CA ILE L 117 -2.63 58.69 16.79
C ILE L 117 -1.29 57.97 16.52
N GLY L 118 -0.93 57.81 15.25
CA GLY L 118 0.31 57.15 14.91
C GLY L 118 0.39 56.80 13.44
N ALA L 119 1.58 56.51 12.93
CA ALA L 119 1.75 56.14 11.52
C ALA L 119 1.02 54.82 11.20
N ARG L 120 0.94 53.96 12.21
CA ARG L 120 0.26 52.68 12.07
C ARG L 120 0.59 51.92 10.80
N PRO L 121 1.86 51.53 10.63
CA PRO L 121 2.26 50.79 9.43
C PRO L 121 1.54 49.45 9.44
N VAL L 122 1.51 48.78 8.30
CA VAL L 122 0.80 47.53 8.19
C VAL L 122 1.72 46.40 7.73
N ASP L 123 3.02 46.62 7.93
CA ASP L 123 4.07 45.67 7.55
C ASP L 123 3.89 44.23 8.02
N LEU L 124 3.49 44.04 9.28
CA LEU L 124 3.31 42.68 9.81
C LEU L 124 2.20 41.95 9.07
N HIS L 125 1.21 42.69 8.60
CA HIS L 125 0.12 42.08 7.84
C HIS L 125 0.70 41.47 6.58
N ILE L 126 1.44 42.29 5.84
CA ILE L 126 2.07 41.86 4.60
C ILE L 126 3.08 40.72 4.85
N PHE L 127 3.91 40.89 5.88
CA PHE L 127 4.90 39.89 6.24
C PHE L 127 4.20 38.55 6.44
N GLY L 128 3.10 38.59 7.18
CA GLY L 128 2.35 37.37 7.45
C GLY L 128 1.81 36.70 6.21
N LEU L 129 1.17 37.48 5.34
CA LEU L 129 0.62 36.93 4.11
C LEU L 129 1.73 36.34 3.24
N GLU L 130 2.84 37.04 3.18
CA GLU L 130 3.97 36.56 2.39
C GLU L 130 4.47 35.22 2.92
N LYS L 131 4.49 35.08 4.24
CA LYS L 131 4.93 33.83 4.86
C LYS L 131 3.97 32.70 4.52
N LEU L 132 2.72 33.05 4.19
CA LEU L 132 1.71 32.05 3.84
C LEU L 132 1.75 31.75 2.35
N GLY L 133 2.67 32.39 1.65
CA GLY L 133 2.82 32.14 0.24
C GLY L 133 2.37 33.23 -0.72
N ALA L 134 1.71 34.26 -0.21
CA ALA L 134 1.24 35.33 -1.09
C ALA L 134 2.41 36.17 -1.59
N GLU L 135 2.26 36.68 -2.81
CA GLU L 135 3.29 37.54 -3.38
C GLU L 135 2.67 38.92 -3.31
N ILE L 136 3.35 39.84 -2.63
CA ILE L 136 2.82 41.19 -2.47
C ILE L 136 3.65 42.27 -3.16
N LYS L 137 2.99 43.10 -3.96
CA LYS L 137 3.65 44.19 -4.66
C LYS L 137 2.85 45.41 -4.25
N LEU L 138 3.51 46.57 -4.28
CA LEU L 138 2.88 47.85 -3.96
C LEU L 138 3.04 48.73 -5.18
N GLU L 139 1.94 48.99 -5.88
CA GLU L 139 2.00 49.85 -7.04
C GLU L 139 0.81 50.79 -7.08
N GLU L 140 1.08 52.06 -7.41
CA GLU L 140 0.06 53.10 -7.48
C GLU L 140 -0.67 53.24 -6.14
N GLY L 141 0.06 53.05 -5.04
CA GLY L 141 -0.54 53.18 -3.72
C GLY L 141 -1.43 52.03 -3.29
N TYR L 142 -1.49 50.97 -4.10
CA TYR L 142 -2.31 49.81 -3.76
C TYR L 142 -1.45 48.59 -3.42
N VAL L 143 -1.76 47.93 -2.30
CA VAL L 143 -1.02 46.73 -1.92
C VAL L 143 -1.68 45.58 -2.68
N LYS L 144 -0.99 45.07 -3.69
CA LYS L 144 -1.54 43.98 -4.48
C LYS L 144 -0.94 42.63 -4.10
N ALA L 145 -1.82 41.71 -3.73
CA ALA L 145 -1.41 40.37 -3.32
C ALA L 145 -2.03 39.32 -4.23
N SER L 146 -1.27 38.24 -4.45
CA SER L 146 -1.74 37.14 -5.28
C SER L 146 -1.03 35.85 -4.88
N VAL L 147 -1.63 34.74 -5.26
CA VAL L 147 -1.08 33.42 -4.96
C VAL L 147 -1.67 32.42 -5.97
N ASN L 148 -0.80 31.57 -6.53
CA ASN L 148 -1.23 30.55 -7.48
C ASN L 148 -1.71 29.33 -6.70
N GLY L 149 -3.03 29.22 -6.55
CA GLY L 149 -3.59 28.11 -5.81
C GLY L 149 -3.84 28.56 -4.39
N ARG L 150 -3.79 27.62 -3.46
CA ARG L 150 -4.01 27.95 -2.06
C ARG L 150 -2.74 28.37 -1.33
N LEU L 151 -2.93 29.10 -0.23
CA LEU L 151 -1.82 29.55 0.58
C LEU L 151 -1.31 28.34 1.33
N LYS L 152 -0.08 28.43 1.84
CA LYS L 152 0.52 27.32 2.55
C LYS L 152 0.79 27.56 4.01
N GLY L 153 0.26 26.69 4.86
CA GLY L 153 0.47 26.83 6.28
C GLY L 153 1.93 27.09 6.56
N ALA L 154 2.20 27.89 7.59
CA ALA L 154 3.59 28.20 7.93
C ALA L 154 3.71 28.55 9.41
N HIS L 155 4.93 28.47 9.92
CA HIS L 155 5.19 28.80 11.31
C HIS L 155 5.64 30.25 11.25
N ILE L 156 4.78 31.15 11.73
CA ILE L 156 5.08 32.57 11.69
C ILE L 156 5.30 33.16 13.08
N VAL L 157 6.46 33.77 13.29
CA VAL L 157 6.76 34.40 14.58
C VAL L 157 6.63 35.91 14.38
N MET L 158 5.70 36.54 15.10
CA MET L 158 5.48 37.99 14.98
C MET L 158 6.45 38.71 15.91
N ASP L 159 7.30 39.57 15.36
CA ASP L 159 8.27 40.25 16.21
C ASP L 159 7.72 41.50 16.87
N LYS L 160 6.41 41.61 16.87
CA LYS L 160 5.73 42.73 17.51
C LYS L 160 4.31 42.23 17.69
N VAL L 161 3.70 42.52 18.84
CA VAL L 161 2.33 42.08 19.08
C VAL L 161 1.39 43.02 18.35
N SER L 162 0.62 42.46 17.41
CA SER L 162 -0.33 43.24 16.63
C SER L 162 -1.69 42.56 16.52
N VAL L 163 -2.72 43.28 16.94
CA VAL L 163 -4.08 42.77 16.90
C VAL L 163 -4.45 42.59 15.43
N GLY L 164 -4.28 43.66 14.66
CA GLY L 164 -4.62 43.61 13.25
C GLY L 164 -3.92 42.52 12.48
N ALA L 165 -2.59 42.48 12.60
CA ALA L 165 -1.82 41.45 11.88
C ALA L 165 -2.23 40.03 12.30
N THR L 166 -2.51 39.82 13.58
CA THR L 166 -2.93 38.51 14.05
C THR L 166 -4.23 38.10 13.36
N VAL L 167 -5.16 39.05 13.23
CA VAL L 167 -6.44 38.79 12.57
C VAL L 167 -6.23 38.45 11.09
N THR L 168 -5.44 39.26 10.39
CA THR L 168 -5.19 39.01 8.98
C THR L 168 -4.64 37.62 8.75
N ILE L 169 -3.56 37.28 9.45
CA ILE L 169 -2.92 35.99 9.30
C ILE L 169 -3.84 34.84 9.69
N MET L 170 -4.46 34.94 10.87
CA MET L 170 -5.36 33.88 11.32
C MET L 170 -6.51 33.64 10.34
N SER L 171 -7.06 34.73 9.81
CA SER L 171 -8.15 34.61 8.87
C SER L 171 -7.72 33.92 7.58
N ALA L 172 -6.63 34.39 6.99
CA ALA L 172 -6.15 33.82 5.74
C ALA L 172 -5.78 32.35 5.88
N ALA L 173 -5.21 32.00 7.03
CA ALA L 173 -4.78 30.63 7.27
C ALA L 173 -5.89 29.59 7.27
N THR L 174 -7.13 30.01 7.57
CA THR L 174 -8.23 29.05 7.61
C THR L 174 -8.45 28.31 6.30
N LEU L 175 -8.12 28.96 5.19
CA LEU L 175 -8.28 28.35 3.86
C LEU L 175 -6.93 27.95 3.26
N ALA L 176 -5.90 27.91 4.10
CA ALA L 176 -4.58 27.54 3.63
C ALA L 176 -4.44 26.03 3.59
N GLU L 177 -3.41 25.58 2.88
CA GLU L 177 -3.11 24.17 2.73
C GLU L 177 -2.11 23.84 3.82
N GLY L 178 -2.56 23.09 4.82
CA GLY L 178 -1.66 22.71 5.90
C GLY L 178 -1.95 23.40 7.21
N THR L 179 -0.97 23.37 8.09
CA THR L 179 -1.12 23.99 9.41
C THR L 179 -0.27 25.26 9.58
N THR L 180 -0.89 26.27 10.20
CA THR L 180 -0.22 27.54 10.46
C THR L 180 -0.14 27.72 11.96
N ILE L 181 0.98 28.27 12.41
CA ILE L 181 1.17 28.53 13.82
C ILE L 181 1.64 29.97 13.97
N ILE L 182 0.90 30.75 14.75
CA ILE L 182 1.26 32.14 14.96
C ILE L 182 1.88 32.31 16.33
N GLU L 183 3.17 32.64 16.34
CA GLU L 183 3.92 32.85 17.58
C GLU L 183 3.82 34.30 17.99
N ASN L 184 3.71 34.52 19.30
CA ASN L 184 3.61 35.87 19.84
C ASN L 184 2.38 36.59 19.27
N ALA L 185 1.27 35.86 19.16
CA ALA L 185 0.02 36.39 18.66
C ALA L 185 -0.62 37.33 19.69
N ALA L 186 -1.47 38.23 19.23
CA ALA L 186 -2.16 39.12 20.13
C ALA L 186 -3.23 38.30 20.86
N ARG L 187 -3.40 38.54 22.15
CA ARG L 187 -4.38 37.81 22.93
C ARG L 187 -5.61 38.64 23.28
N GLU L 188 -5.94 39.64 22.45
CA GLU L 188 -7.11 40.49 22.72
C GLU L 188 -8.42 39.70 22.58
N PRO L 189 -9.41 39.99 23.44
CA PRO L 189 -10.72 39.32 23.44
C PRO L 189 -11.34 39.29 22.05
N GLU L 190 -11.08 40.33 21.27
CA GLU L 190 -11.62 40.40 19.90
C GLU L 190 -11.00 39.32 19.03
N ILE L 191 -9.75 38.97 19.31
CA ILE L 191 -9.05 37.93 18.55
C ILE L 191 -9.76 36.60 18.83
N VAL L 192 -10.07 36.37 20.11
CA VAL L 192 -10.78 35.18 20.52
C VAL L 192 -12.14 35.12 19.82
N ASP L 193 -12.84 36.25 19.81
CA ASP L 193 -14.16 36.34 19.18
C ASP L 193 -14.07 36.07 17.69
N THR L 194 -13.08 36.66 17.02
CA THR L 194 -12.95 36.44 15.60
C THR L 194 -12.62 34.98 15.32
N ALA L 195 -11.78 34.40 16.18
CA ALA L 195 -11.40 33.00 16.04
C ALA L 195 -12.62 32.10 16.14
N ASN L 196 -13.44 32.30 17.17
CA ASN L 196 -14.63 31.49 17.34
C ASN L 196 -15.63 31.67 16.20
N PHE L 197 -15.66 32.85 15.60
CA PHE L 197 -16.56 33.09 14.48
C PHE L 197 -16.09 32.20 13.33
N LEU L 198 -14.79 32.22 13.05
CA LEU L 198 -14.24 31.41 11.96
C LEU L 198 -14.52 29.94 12.22
N VAL L 199 -14.35 29.52 13.46
CA VAL L 199 -14.60 28.13 13.82
C VAL L 199 -16.06 27.79 13.55
N ALA L 200 -16.94 28.76 13.77
CA ALA L 200 -18.36 28.55 13.53
C ALA L 200 -18.63 28.32 12.04
N LEU L 201 -17.80 28.91 11.17
CA LEU L 201 -17.98 28.76 9.73
C LEU L 201 -17.35 27.46 9.26
N GLY L 202 -16.71 26.75 10.19
CA GLY L 202 -16.08 25.49 9.86
C GLY L 202 -14.57 25.44 9.98
N ALA L 203 -13.96 26.59 10.27
CA ALA L 203 -12.50 26.64 10.40
C ALA L 203 -12.02 25.84 11.61
N LYS L 204 -10.76 25.44 11.59
CA LYS L 204 -10.16 24.68 12.68
C LYS L 204 -9.08 25.54 13.32
N ILE L 205 -9.39 26.11 14.48
CA ILE L 205 -8.45 26.97 15.18
C ILE L 205 -8.40 26.65 16.67
N SER L 206 -7.21 26.81 17.27
CA SER L 206 -7.05 26.57 18.70
C SER L 206 -5.93 27.47 19.19
N GLY L 207 -5.97 27.81 20.47
CA GLY L 207 -4.94 28.68 21.03
C GLY L 207 -5.33 30.15 21.07
N GLN L 208 -6.44 30.52 20.43
CA GLN L 208 -6.88 31.91 20.44
C GLN L 208 -6.97 32.36 21.90
N GLY L 209 -6.40 33.52 22.20
CA GLY L 209 -6.40 34.00 23.57
C GLY L 209 -5.04 33.79 24.21
N THR L 210 -4.20 32.97 23.58
CA THR L 210 -2.85 32.71 24.07
C THR L 210 -1.86 33.31 23.07
N ASP L 211 -0.56 33.24 23.38
CA ASP L 211 0.41 33.81 22.44
C ASP L 211 0.80 32.88 21.31
N ARG L 212 0.09 31.76 21.18
CA ARG L 212 0.36 30.81 20.10
C ARG L 212 -0.97 30.30 19.53
N ILE L 213 -1.28 30.71 18.31
CA ILE L 213 -2.52 30.29 17.65
C ILE L 213 -2.20 29.29 16.57
N THR L 214 -2.91 28.17 16.58
CA THR L 214 -2.72 27.12 15.58
C THR L 214 -3.95 26.98 14.69
N ILE L 215 -3.74 27.11 13.39
CA ILE L 215 -4.83 27.00 12.43
C ILE L 215 -4.54 25.88 11.43
N GLU L 216 -5.52 25.00 11.22
CA GLU L 216 -5.36 23.91 10.26
C GLU L 216 -6.33 24.22 9.12
N GLY L 217 -5.78 24.60 7.98
CA GLY L 217 -6.61 24.94 6.85
C GLY L 217 -7.62 23.91 6.44
N VAL L 218 -8.68 24.37 5.79
CA VAL L 218 -9.75 23.52 5.30
C VAL L 218 -10.06 24.00 3.88
N GLU L 219 -10.78 23.18 3.11
CA GLU L 219 -11.10 23.55 1.73
C GLU L 219 -11.98 24.78 1.60
N ARG L 220 -13.01 24.86 2.43
CA ARG L 220 -13.91 26.00 2.37
C ARG L 220 -14.63 26.24 3.67
N LEU L 221 -15.19 27.45 3.80
CA LEU L 221 -15.94 27.81 4.99
C LEU L 221 -17.41 28.00 4.60
N GLY L 222 -18.31 27.57 5.50
CA GLY L 222 -19.72 27.67 5.20
C GLY L 222 -20.35 28.96 5.62
N GLY L 223 -21.36 28.87 6.48
CA GLY L 223 -22.05 30.04 6.96
C GLY L 223 -22.50 29.79 8.39
N GLY L 224 -23.43 30.61 8.88
CA GLY L 224 -23.89 30.42 10.24
C GLY L 224 -24.32 31.70 10.93
N VAL L 225 -24.51 31.61 12.24
CA VAL L 225 -24.93 32.75 13.06
C VAL L 225 -23.99 32.93 14.25
N TYR L 226 -23.47 34.16 14.41
CA TYR L 226 -22.55 34.46 15.50
C TYR L 226 -22.89 35.80 16.16
N ARG L 227 -22.87 35.83 17.48
CA ARG L 227 -23.17 37.05 18.24
C ARG L 227 -21.88 37.69 18.77
N VAL L 228 -21.63 38.93 18.35
CA VAL L 228 -20.43 39.65 18.77
C VAL L 228 -20.44 39.89 20.28
N LEU L 229 -19.26 39.81 20.91
CA LEU L 229 -19.16 40.02 22.34
C LEU L 229 -19.31 41.50 22.70
N PRO L 230 -19.55 41.79 23.98
CA PRO L 230 -19.71 43.16 24.46
C PRO L 230 -18.47 44.02 24.20
N ASP L 231 -18.68 45.30 23.93
CA ASP L 231 -17.61 46.24 23.69
C ASP L 231 -16.99 46.65 25.02
N ARG L 232 -15.84 46.08 25.36
CA ARG L 232 -15.16 46.40 26.61
C ARG L 232 -14.73 47.87 26.76
N ILE L 233 -14.45 48.53 25.64
CA ILE L 233 -14.03 49.92 25.71
C ILE L 233 -15.24 50.81 26.04
N GLU L 234 -16.40 50.49 25.44
CA GLU L 234 -17.59 51.28 25.73
C GLU L 234 -17.89 51.13 27.21
N THR L 235 -17.77 49.90 27.69
CA THR L 235 -17.98 49.59 29.10
C THR L 235 -17.05 50.43 29.95
N GLY L 236 -15.77 50.34 29.65
CA GLY L 236 -14.80 51.10 30.41
C GLY L 236 -15.06 52.60 30.37
N THR L 237 -15.54 53.08 29.23
CA THR L 237 -15.83 54.50 29.11
C THR L 237 -16.95 54.93 30.06
N PHE L 238 -18.01 54.14 30.14
CA PHE L 238 -19.11 54.49 31.03
C PHE L 238 -18.77 54.32 32.48
N LEU L 239 -17.93 53.34 32.79
CA LEU L 239 -17.50 53.13 34.17
C LEU L 239 -16.71 54.35 34.60
N VAL L 240 -15.90 54.88 33.68
CA VAL L 240 -15.11 56.06 33.99
C VAL L 240 -16.02 57.26 34.14
N ALA L 241 -17.09 57.28 33.35
CA ALA L 241 -18.05 58.37 33.41
C ALA L 241 -18.56 58.51 34.84
N ALA L 242 -18.86 57.39 35.47
CA ALA L 242 -19.34 57.39 36.85
C ALA L 242 -18.22 57.74 37.81
N ALA L 243 -17.08 57.08 37.65
CA ALA L 243 -15.93 57.30 38.52
C ALA L 243 -15.46 58.77 38.65
N ILE L 244 -15.58 59.54 37.57
CA ILE L 244 -15.16 60.95 37.61
C ILE L 244 -16.26 61.92 38.00
N SER L 245 -17.49 61.44 38.09
CA SER L 245 -18.61 62.32 38.46
C SER L 245 -19.23 61.96 39.81
N GLY L 246 -18.50 61.18 40.61
CA GLY L 246 -19.01 60.77 41.91
C GLY L 246 -20.28 59.92 41.85
N GLY L 247 -20.65 59.48 40.65
CA GLY L 247 -21.86 58.70 40.47
C GLY L 247 -21.79 57.20 40.68
N LYS L 248 -22.89 56.53 40.33
CA LYS L 248 -23.04 55.09 40.47
C LYS L 248 -23.65 54.56 39.18
N ILE L 249 -23.11 53.48 38.63
CA ILE L 249 -23.66 52.98 37.39
C ILE L 249 -23.59 51.47 37.29
N VAL L 250 -24.46 50.90 36.48
CA VAL L 250 -24.48 49.46 36.26
C VAL L 250 -24.51 49.26 34.76
N CYS L 251 -23.53 48.51 34.24
CA CYS L 251 -23.46 48.25 32.81
C CYS L 251 -24.06 46.87 32.55
N ARG L 252 -25.08 46.82 31.71
CA ARG L 252 -25.74 45.57 31.38
C ARG L 252 -25.17 45.05 30.08
N ASN L 253 -25.27 43.74 29.85
CA ASN L 253 -24.75 43.13 28.64
C ASN L 253 -23.23 43.30 28.57
N ALA L 254 -22.58 43.22 29.74
CA ALA L 254 -21.14 43.37 29.85
C ALA L 254 -20.45 42.03 30.00
N GLN L 255 -19.13 42.03 29.82
CA GLN L 255 -18.34 40.81 29.99
C GLN L 255 -17.12 41.17 30.85
N PRO L 256 -17.29 41.13 32.17
CA PRO L 256 -16.27 41.44 33.18
C PRO L 256 -14.84 40.93 32.97
N ASP L 257 -14.69 39.66 32.58
CA ASP L 257 -13.36 39.09 32.40
C ASP L 257 -12.49 39.78 31.35
N THR L 258 -13.08 40.66 30.55
CA THR L 258 -12.31 41.36 29.53
C THR L 258 -11.80 42.70 30.05
N LEU L 259 -12.06 42.99 31.33
CA LEU L 259 -11.66 44.26 31.92
C LEU L 259 -10.91 44.20 33.24
N ASP L 260 -10.22 43.10 33.50
CA ASP L 260 -9.49 42.99 34.76
C ASP L 260 -8.59 44.19 35.04
N ALA L 261 -7.75 44.54 34.08
CA ALA L 261 -6.85 45.67 34.26
C ALA L 261 -7.59 46.98 34.57
N VAL L 262 -8.61 47.29 33.78
CA VAL L 262 -9.38 48.52 33.98
C VAL L 262 -10.09 48.54 35.33
N LEU L 263 -10.74 47.44 35.69
CA LEU L 263 -11.43 47.38 36.97
C LEU L 263 -10.46 47.52 38.14
N ALA L 264 -9.29 46.93 38.00
CA ALA L 264 -8.28 46.99 39.05
C ALA L 264 -7.84 48.44 39.24
N LYS L 265 -7.66 49.14 38.12
CA LYS L 265 -7.22 50.53 38.18
C LYS L 265 -8.32 51.42 38.75
N LEU L 266 -9.58 51.14 38.40
CA LEU L 266 -10.68 51.92 38.93
C LEU L 266 -10.76 51.75 40.45
N ARG L 267 -10.50 50.53 40.94
CA ARG L 267 -10.54 50.31 42.38
C ARG L 267 -9.44 51.12 43.02
N GLU L 268 -8.27 51.16 42.38
CA GLU L 268 -7.14 51.92 42.90
C GLU L 268 -7.52 53.40 42.98
N ALA L 269 -8.41 53.83 42.08
CA ALA L 269 -8.85 55.21 42.06
C ALA L 269 -9.91 55.46 43.14
N GLY L 270 -10.34 54.37 43.78
CA GLY L 270 -11.32 54.48 44.84
C GLY L 270 -12.73 54.00 44.54
N ALA L 271 -12.94 53.38 43.38
CA ALA L 271 -14.28 52.91 43.03
C ALA L 271 -14.71 51.63 43.73
N ASP L 272 -15.99 51.54 44.05
CA ASP L 272 -16.55 50.36 44.69
C ASP L 272 -17.17 49.56 43.54
N ILE L 273 -16.47 48.53 43.11
CA ILE L 273 -16.91 47.72 41.99
C ILE L 273 -17.37 46.31 42.31
N GLU L 274 -18.44 45.89 41.64
CA GLU L 274 -18.96 44.55 41.81
C GLU L 274 -19.40 44.05 40.45
N THR L 275 -19.17 42.77 40.21
CA THR L 275 -19.47 42.18 38.93
C THR L 275 -20.38 40.98 39.00
N GLY L 276 -21.03 40.70 37.88
CA GLY L 276 -21.92 39.56 37.80
C GLY L 276 -21.55 38.78 36.57
N GLU L 277 -22.44 37.90 36.14
CA GLU L 277 -22.19 37.08 34.97
C GLU L 277 -22.11 37.94 33.73
N ASP L 278 -22.98 38.94 33.64
CA ASP L 278 -23.01 39.82 32.48
C ASP L 278 -23.26 41.28 32.83
N TRP L 279 -22.76 41.72 33.97
CA TRP L 279 -22.95 43.11 34.36
C TRP L 279 -21.85 43.55 35.30
N ILE L 280 -21.64 44.87 35.35
CA ILE L 280 -20.62 45.45 36.21
C ILE L 280 -21.23 46.69 36.84
N SER L 281 -20.98 46.90 38.12
CA SER L 281 -21.51 48.05 38.80
C SER L 281 -20.37 48.81 39.45
N LEU L 282 -20.43 50.13 39.38
CA LEU L 282 -19.40 50.95 39.99
C LEU L 282 -20.08 52.07 40.74
N ASP L 283 -19.64 52.27 41.98
CA ASP L 283 -20.20 53.32 42.82
C ASP L 283 -19.04 54.11 43.41
N MET L 284 -19.02 55.42 43.20
CA MET L 284 -17.96 56.25 43.74
C MET L 284 -18.35 56.77 45.12
N HIS L 285 -19.62 56.60 45.46
CA HIS L 285 -20.13 57.07 46.75
C HIS L 285 -19.88 58.57 46.90
N GLY L 286 -20.11 59.30 45.81
CA GLY L 286 -19.90 60.74 45.79
C GLY L 286 -18.47 61.20 45.97
N LYS L 287 -17.53 60.26 45.90
CA LYS L 287 -16.13 60.58 46.08
C LYS L 287 -15.37 61.02 44.84
N ARG L 288 -14.39 61.89 45.08
CA ARG L 288 -13.53 62.37 44.02
C ARG L 288 -12.52 61.22 43.84
N PRO L 289 -12.15 60.90 42.58
CA PRO L 289 -11.19 59.82 42.34
C PRO L 289 -9.77 60.09 42.81
N LYS L 290 -9.06 59.02 43.14
CA LYS L 290 -7.66 59.12 43.59
C LYS L 290 -6.79 58.92 42.35
N ALA L 291 -5.75 59.74 42.21
CA ALA L 291 -4.85 59.63 41.06
C ALA L 291 -4.26 58.22 40.97
N VAL L 292 -4.13 57.71 39.76
CA VAL L 292 -3.55 56.39 39.55
C VAL L 292 -2.43 56.43 38.50
N THR L 293 -1.63 55.35 38.47
CA THR L 293 -0.52 55.26 37.53
C THR L 293 -0.86 54.19 36.50
N VAL L 294 -0.77 54.55 35.23
CA VAL L 294 -1.11 53.62 34.17
C VAL L 294 -0.01 53.48 33.12
N ARG L 295 0.09 52.28 32.56
CA ARG L 295 1.04 51.98 31.50
C ARG L 295 0.30 51.06 30.52
N THR L 296 -0.05 51.58 29.34
CA THR L 296 -0.77 50.77 28.35
C THR L 296 0.12 49.66 27.82
N ALA L 297 -0.50 48.57 27.37
CA ALA L 297 0.25 47.43 26.84
C ALA L 297 -0.75 46.45 26.24
N PRO L 298 -0.27 45.43 25.51
CA PRO L 298 -1.20 44.46 24.91
C PRO L 298 -2.04 43.78 25.98
N HIS L 299 -3.21 43.30 25.59
CA HIS L 299 -4.11 42.61 26.50
C HIS L 299 -3.35 41.44 27.11
N PRO L 300 -3.66 41.06 28.37
CA PRO L 300 -4.67 41.58 29.32
C PRO L 300 -4.26 42.80 30.13
N ALA L 301 -3.20 43.48 29.73
CA ALA L 301 -2.77 44.67 30.45
C ALA L 301 -3.74 45.84 30.20
N PHE L 302 -3.45 47.00 30.76
CA PHE L 302 -4.31 48.17 30.56
C PHE L 302 -4.33 48.52 29.07
N PRO L 303 -5.53 48.55 28.45
CA PRO L 303 -5.74 48.86 27.04
C PRO L 303 -5.52 50.33 26.66
N THR L 304 -4.83 50.56 25.55
CA THR L 304 -4.56 51.92 25.09
C THR L 304 -5.85 52.62 24.72
N ALA L 305 -6.89 51.85 24.35
CA ALA L 305 -8.19 52.41 23.97
C ALA L 305 -8.91 53.04 25.18
N MET L 306 -8.34 52.84 26.37
CA MET L 306 -8.93 53.38 27.60
C MET L 306 -8.07 54.49 28.20
N GLN L 307 -6.92 54.74 27.59
CA GLN L 307 -5.94 55.73 28.04
C GLN L 307 -6.45 57.18 28.09
N ALA L 308 -7.07 57.66 27.02
CA ALA L 308 -7.58 59.04 27.01
C ALA L 308 -8.56 59.24 28.16
N GLN L 309 -9.49 58.30 28.31
CA GLN L 309 -10.48 58.35 29.37
C GLN L 309 -9.83 58.41 30.75
N PHE L 310 -8.80 57.61 30.97
CA PHE L 310 -8.12 57.63 32.27
C PHE L 310 -7.27 58.86 32.44
N THR L 311 -6.89 59.51 31.33
CA THR L 311 -6.11 60.74 31.44
C THR L 311 -7.03 61.75 32.10
N LEU L 312 -8.28 61.76 31.65
CA LEU L 312 -9.29 62.67 32.18
C LEU L 312 -9.45 62.41 33.68
N LEU L 313 -9.68 61.14 34.03
CA LEU L 313 -9.86 60.76 35.43
C LEU L 313 -8.73 61.31 36.29
N ASN L 314 -7.48 61.12 35.86
CA ASN L 314 -6.37 61.66 36.63
C ASN L 314 -6.38 63.18 36.69
N LEU L 315 -6.73 63.83 35.59
CA LEU L 315 -6.76 65.29 35.57
C LEU L 315 -7.77 65.93 36.54
N VAL L 316 -8.74 65.16 37.02
CA VAL L 316 -9.71 65.68 37.97
C VAL L 316 -9.63 64.85 39.26
N ALA L 317 -8.54 64.12 39.43
CA ALA L 317 -8.36 63.29 40.61
C ALA L 317 -7.51 63.96 41.67
N GLU L 318 -7.47 63.33 42.84
CA GLU L 318 -6.71 63.80 43.97
C GLU L 318 -5.29 63.26 43.85
N GLY L 319 -4.32 64.14 43.61
CA GLY L 319 -2.94 63.70 43.50
C GLY L 319 -2.30 63.80 42.14
N THR L 320 -1.07 63.26 42.03
CA THR L 320 -0.34 63.28 40.79
C THR L 320 -0.39 61.92 40.12
N GLY L 321 -1.08 61.83 38.99
CA GLY L 321 -1.19 60.58 38.25
C GLY L 321 -0.26 60.56 37.05
N VAL L 322 0.31 59.40 36.75
CA VAL L 322 1.21 59.29 35.62
C VAL L 322 0.73 58.21 34.65
N ILE L 323 0.58 58.61 33.38
CA ILE L 323 0.14 57.68 32.35
C ILE L 323 1.19 57.53 31.26
N THR L 324 1.57 56.28 30.99
CA THR L 324 2.57 55.99 29.99
C THR L 324 1.94 55.16 28.89
N GLU L 325 1.94 55.71 27.68
CA GLU L 325 1.37 55.06 26.50
C GLU L 325 2.48 54.37 25.71
N THR L 326 2.37 53.04 25.52
CA THR L 326 3.38 52.29 24.79
C THR L 326 2.91 51.68 23.47
N ILE L 327 1.66 51.90 23.08
CA ILE L 327 1.16 51.31 21.85
C ILE L 327 1.19 52.29 20.67
N PHE L 328 0.69 53.52 20.87
CA PHE L 328 0.70 54.49 19.79
C PHE L 328 1.52 55.72 20.13
N GLU L 329 2.36 56.14 19.19
CA GLU L 329 3.24 57.27 19.40
C GLU L 329 2.60 58.64 19.60
N ASN L 330 1.40 58.84 19.08
CA ASN L 330 0.77 60.15 19.22
C ASN L 330 -0.64 60.13 19.78
N ARG L 331 -0.82 59.57 20.98
CA ARG L 331 -2.15 59.47 21.56
C ARG L 331 -2.38 60.31 22.82
N PHE L 332 -1.89 61.55 22.77
CA PHE L 332 -2.04 62.49 23.86
C PHE L 332 -2.69 63.77 23.35
N MET L 333 -3.32 63.69 22.18
CA MET L 333 -3.95 64.86 21.58
C MET L 333 -5.05 65.47 22.40
N HIS L 334 -5.62 64.71 23.31
CA HIS L 334 -6.70 65.21 24.15
C HIS L 334 -6.17 66.11 25.25
N VAL L 335 -4.92 65.89 25.66
CA VAL L 335 -4.30 66.67 26.72
C VAL L 335 -4.33 68.20 26.52
N PRO L 336 -3.87 68.70 25.37
CA PRO L 336 -3.89 70.15 25.16
C PRO L 336 -5.30 70.72 25.22
N GLU L 337 -6.28 69.91 24.83
CA GLU L 337 -7.68 70.33 24.84
C GLU L 337 -8.20 70.42 26.27
N LEU L 338 -7.90 69.41 27.07
CA LEU L 338 -8.34 69.41 28.46
C LEU L 338 -7.68 70.56 29.23
N ILE L 339 -6.47 70.92 28.81
CA ILE L 339 -5.78 72.02 29.48
C ILE L 339 -6.57 73.31 29.28
N ARG L 340 -7.23 73.41 28.13
CA ARG L 340 -8.04 74.59 27.86
C ARG L 340 -9.18 74.65 28.87
N MET L 341 -9.60 73.47 29.36
CA MET L 341 -10.67 73.36 30.34
C MET L 341 -10.16 73.48 31.77
N GLY L 342 -8.91 73.89 31.91
CA GLY L 342 -8.34 74.07 33.23
C GLY L 342 -7.50 72.94 33.82
N ALA L 343 -7.29 71.85 33.08
CA ALA L 343 -6.49 70.73 33.60
C ALA L 343 -5.02 71.10 33.59
N HIS L 344 -4.26 70.51 34.50
CA HIS L 344 -2.82 70.77 34.61
C HIS L 344 -2.05 69.49 34.34
N ALA L 345 -1.22 69.52 33.29
CA ALA L 345 -0.42 68.35 32.92
C ALA L 345 0.77 68.69 32.04
N GLU L 346 1.76 67.80 32.02
CA GLU L 346 2.94 67.98 31.20
C GLU L 346 3.18 66.68 30.46
N ILE L 347 3.56 66.80 29.20
CA ILE L 347 3.86 65.63 28.39
C ILE L 347 5.37 65.55 28.26
N GLU L 348 5.92 64.39 28.53
CA GLU L 348 7.35 64.23 28.39
C GLU L 348 7.44 62.90 27.68
N SER L 349 7.84 62.96 26.41
CA SER L 349 7.96 61.77 25.58
C SER L 349 6.61 61.03 25.56
N ASN L 350 6.60 59.75 25.92
CA ASN L 350 5.37 58.99 25.87
C ASN L 350 4.62 58.83 27.20
N THR L 351 4.76 59.79 28.11
CA THR L 351 4.01 59.72 29.37
C THR L 351 3.52 61.11 29.78
N VAL L 352 2.33 61.17 30.37
CA VAL L 352 1.76 62.44 30.83
C VAL L 352 1.77 62.53 32.34
N ILE L 353 2.30 63.64 32.86
CA ILE L 353 2.32 63.83 34.30
C ILE L 353 1.05 64.63 34.57
N CYS L 354 0.11 64.04 35.31
CA CYS L 354 -1.15 64.70 35.64
C CYS L 354 -1.20 65.26 37.06
N HIS L 355 -1.74 66.47 37.18
CA HIS L 355 -1.88 67.13 38.47
C HIS L 355 -3.37 67.44 38.61
N GLY L 356 -4.11 66.49 39.19
CA GLY L 356 -5.54 66.66 39.34
C GLY L 356 -6.01 67.97 39.95
N VAL L 357 -7.15 68.45 39.47
CA VAL L 357 -7.73 69.68 40.00
C VAL L 357 -9.16 69.37 40.46
N GLU L 358 -9.66 70.19 41.38
CA GLU L 358 -11.00 70.03 41.90
C GLU L 358 -12.04 69.97 40.78
N LYS L 359 -12.16 71.05 40.01
CA LYS L 359 -13.15 71.10 38.94
C LYS L 359 -12.63 71.73 37.64
N LEU L 360 -13.23 71.33 36.51
CA LEU L 360 -12.86 71.83 35.19
C LEU L 360 -13.81 72.94 34.75
N SER L 361 -13.38 73.78 33.82
CA SER L 361 -14.22 74.87 33.33
C SER L 361 -14.65 74.59 31.90
N GLY L 362 -15.94 74.74 31.64
CA GLY L 362 -16.42 74.51 30.29
C GLY L 362 -15.71 75.44 29.32
N ALA L 363 -15.48 74.97 28.11
CA ALA L 363 -14.81 75.76 27.08
C ALA L 363 -15.00 75.07 25.75
N GLN L 364 -14.52 75.70 24.68
CA GLN L 364 -14.63 75.12 23.35
C GLN L 364 -13.39 74.27 23.08
N VAL L 365 -13.60 72.97 22.91
CA VAL L 365 -12.50 72.07 22.67
C VAL L 365 -12.74 71.32 21.37
N MET L 366 -11.70 70.67 20.86
CA MET L 366 -11.82 69.92 19.62
C MET L 366 -11.44 68.46 19.69
N ALA L 367 -12.36 67.60 19.27
CA ALA L 367 -12.11 66.17 19.28
C ALA L 367 -11.06 65.92 18.21
N THR L 368 -10.11 65.03 18.49
CA THR L 368 -9.07 64.72 17.53
C THR L 368 -9.09 63.26 17.09
N ASP L 369 -9.75 62.43 17.87
CA ASP L 369 -9.84 61.01 17.53
C ASP L 369 -10.96 60.38 18.34
N LEU L 370 -11.30 59.15 18.00
CA LEU L 370 -12.37 58.44 18.67
C LEU L 370 -12.41 58.53 20.20
N ARG L 371 -11.41 57.97 20.86
CA ARG L 371 -11.41 57.97 22.31
C ARG L 371 -11.23 59.34 22.94
N ALA L 372 -10.53 60.24 22.26
CA ALA L 372 -10.34 61.57 22.80
C ALA L 372 -11.69 62.29 22.82
N SER L 373 -12.46 62.15 21.73
CA SER L 373 -13.76 62.80 21.65
C SER L 373 -14.65 62.38 22.81
N ALA L 374 -14.67 61.10 23.13
CA ALA L 374 -15.47 60.60 24.24
C ALA L 374 -14.97 61.22 25.54
N SER L 375 -13.66 61.37 25.65
CA SER L 375 -13.06 61.96 26.85
C SER L 375 -13.47 63.41 27.01
N LEU L 376 -13.48 64.14 25.91
CA LEU L 376 -13.86 65.56 25.96
C LEU L 376 -15.34 65.70 26.28
N VAL L 377 -16.15 64.76 25.83
CA VAL L 377 -17.58 64.82 26.10
C VAL L 377 -17.80 64.57 27.59
N LEU L 378 -17.10 63.58 28.15
CA LEU L 378 -17.25 63.31 29.58
C LEU L 378 -16.73 64.52 30.37
N ALA L 379 -15.69 65.17 29.87
CA ALA L 379 -15.15 66.33 30.56
C ALA L 379 -16.23 67.41 30.64
N GLY L 380 -16.94 67.61 29.54
CA GLY L 380 -18.00 68.60 29.52
C GLY L 380 -19.06 68.27 30.55
N CYS L 381 -19.34 66.98 30.75
CA CYS L 381 -20.35 66.58 31.71
C CYS L 381 -20.03 66.95 33.14
N ILE L 382 -18.76 66.94 33.50
CA ILE L 382 -18.41 67.27 34.87
C ILE L 382 -17.80 68.65 35.03
N ALA L 383 -17.56 69.33 33.92
CA ALA L 383 -16.96 70.66 33.99
C ALA L 383 -18.02 71.66 34.43
N GLU L 384 -17.58 72.78 35.00
CA GLU L 384 -18.51 73.81 35.45
C GLU L 384 -18.83 74.71 34.27
N GLY L 385 -20.08 74.68 33.81
CA GLY L 385 -20.47 75.54 32.71
C GLY L 385 -20.80 74.85 31.41
N THR L 386 -20.63 75.59 30.32
CA THR L 386 -20.91 75.06 28.99
C THR L 386 -19.64 74.66 28.23
N THR L 387 -19.65 73.45 27.68
CA THR L 387 -18.52 72.96 26.91
C THR L 387 -19.03 72.64 25.52
N VAL L 388 -18.23 72.97 24.52
CA VAL L 388 -18.58 72.69 23.14
C VAL L 388 -17.48 71.82 22.52
N VAL L 389 -17.82 70.57 22.21
CA VAL L 389 -16.88 69.67 21.61
C VAL L 389 -17.11 69.65 20.11
N ASP L 390 -16.18 70.27 19.38
CA ASP L 390 -16.28 70.34 17.94
C ASP L 390 -15.78 69.04 17.31
N ARG L 391 -16.25 68.75 16.10
CA ARG L 391 -15.88 67.52 15.38
C ARG L 391 -16.32 66.21 16.05
N ILE L 392 -17.47 66.18 16.73
CA ILE L 392 -17.87 64.94 17.38
C ILE L 392 -18.13 63.80 16.42
N TYR L 393 -17.96 64.04 15.12
CA TYR L 393 -18.19 62.97 14.16
C TYR L 393 -17.28 61.79 14.55
N HIS L 394 -16.14 62.12 15.14
CA HIS L 394 -15.19 61.11 15.59
C HIS L 394 -15.86 60.10 16.51
N ILE L 395 -16.70 60.61 17.41
CA ILE L 395 -17.38 59.77 18.37
C ILE L 395 -18.37 58.82 17.71
N ASP L 396 -18.95 59.22 16.58
CA ASP L 396 -19.91 58.37 15.87
C ASP L 396 -19.26 57.13 15.26
N ARG L 397 -17.93 57.11 15.23
CA ARG L 397 -17.21 55.98 14.67
C ARG L 397 -17.24 54.77 15.57
N GLY L 398 -17.12 54.99 16.88
CA GLY L 398 -17.08 53.88 17.80
C GLY L 398 -18.07 53.82 18.96
N TYR L 399 -19.01 54.76 19.02
CA TYR L 399 -20.00 54.75 20.09
C TYR L 399 -21.41 54.81 19.53
N GLU L 400 -22.21 53.80 19.84
CA GLU L 400 -23.59 53.77 19.37
C GLU L 400 -24.44 54.67 20.25
N ARG L 401 -25.00 55.72 19.63
CA ARG L 401 -25.84 56.73 20.28
C ARG L 401 -25.41 57.07 21.70
N ILE L 402 -24.18 57.55 21.83
CA ILE L 402 -23.64 57.91 23.12
C ILE L 402 -24.41 59.08 23.77
N GLU L 403 -24.96 60.00 22.98
CA GLU L 403 -25.70 61.11 23.59
C GLU L 403 -26.96 60.61 24.31
N ASP L 404 -27.66 59.64 23.71
CA ASP L 404 -28.84 59.10 24.36
C ASP L 404 -28.46 58.38 25.66
N LYS L 405 -27.45 57.51 25.59
CA LYS L 405 -27.00 56.78 26.76
C LYS L 405 -26.51 57.71 27.86
N LEU L 406 -25.79 58.76 27.48
CA LEU L 406 -25.28 59.72 28.46
C LEU L 406 -26.43 60.52 29.06
N ARG L 407 -27.39 60.89 28.22
CA ARG L 407 -28.53 61.65 28.70
C ARG L 407 -29.29 60.81 29.73
N ALA L 408 -29.49 59.54 29.41
CA ALA L 408 -30.18 58.63 30.31
C ALA L 408 -29.43 58.48 31.64
N LEU L 409 -28.23 59.04 31.74
CA LEU L 409 -27.44 58.95 32.97
C LEU L 409 -27.43 60.28 33.68
N GLY L 410 -28.16 61.25 33.15
CA GLY L 410 -28.24 62.56 33.77
C GLY L 410 -27.48 63.68 33.08
N ALA L 411 -26.93 63.38 31.91
CA ALA L 411 -26.16 64.38 31.17
C ALA L 411 -27.03 65.40 30.48
N ASN L 412 -26.53 66.63 30.42
CA ASN L 412 -27.20 67.74 29.76
C ASN L 412 -26.39 67.91 28.47
N ILE L 413 -26.79 67.19 27.43
CA ILE L 413 -26.06 67.22 26.17
C ILE L 413 -26.95 67.36 24.94
N GLU L 414 -26.42 68.00 23.91
CA GLU L 414 -27.15 68.22 22.66
C GLU L 414 -26.20 68.32 21.48
N ARG L 415 -26.60 67.73 20.36
CA ARG L 415 -25.80 67.76 19.14
C ARG L 415 -26.24 68.92 18.26
N VAL L 416 -25.42 69.95 18.17
CA VAL L 416 -25.75 71.11 17.35
C VAL L 416 -25.26 70.88 15.93
N LYS L 417 -26.20 70.89 14.99
CA LYS L 417 -25.86 70.63 13.59
C LYS L 417 -24.90 71.62 12.96
N GLY L 418 -24.32 71.17 11.84
CA GLY L 418 -23.37 71.93 11.06
C GLY L 418 -22.85 73.25 11.59
N GLU L 419 -21.72 73.20 12.29
CA GLU L 419 -21.10 74.39 12.85
C GLU L 419 -22.14 75.29 13.48
N MET M 1 -4.12 -29.11 37.99
CA MET M 1 -5.28 -28.93 37.08
C MET M 1 -5.13 -29.78 35.83
N ASP M 2 -5.72 -30.98 35.86
CA ASP M 2 -5.63 -31.90 34.74
C ASP M 2 -6.06 -31.28 33.40
N LYS M 3 -5.49 -31.79 32.32
CA LYS M 3 -5.80 -31.32 30.97
C LYS M 3 -5.74 -32.50 30.01
N PHE M 4 -6.30 -32.30 28.82
CA PHE M 4 -6.26 -33.33 27.79
C PHE M 4 -5.43 -32.77 26.64
N ARG M 5 -4.43 -33.53 26.20
CA ARG M 5 -3.59 -33.11 25.08
C ARG M 5 -3.99 -34.01 23.92
N VAL M 6 -4.68 -33.42 22.95
CA VAL M 6 -5.19 -34.15 21.81
C VAL M 6 -4.43 -33.81 20.52
N GLN M 7 -4.08 -34.86 19.76
CA GLN M 7 -3.37 -34.73 18.48
C GLN M 7 -4.35 -35.08 17.37
N GLY M 8 -4.49 -34.20 16.39
CA GLY M 8 -5.41 -34.47 15.31
C GLY M 8 -4.78 -34.11 13.99
N PRO M 9 -5.46 -34.35 12.86
CA PRO M 9 -6.79 -34.95 12.82
C PRO M 9 -6.80 -36.47 12.82
N THR M 10 -7.86 -37.04 13.39
CA THR M 10 -8.01 -38.49 13.43
C THR M 10 -9.49 -38.80 13.22
N ARG M 11 -9.80 -39.60 12.22
CA ARG M 11 -11.19 -39.97 11.98
C ARG M 11 -11.55 -40.91 13.12
N LEU M 12 -12.66 -40.65 13.79
CA LEU M 12 -13.12 -41.48 14.90
C LEU M 12 -14.06 -42.55 14.37
N GLN M 13 -13.74 -43.81 14.63
CA GLN M 13 -14.59 -44.89 14.16
C GLN M 13 -14.41 -46.17 14.95
N GLY M 14 -15.44 -47.01 14.90
CA GLY M 14 -15.39 -48.27 15.61
C GLY M 14 -16.66 -48.45 16.46
N GLU M 15 -16.47 -48.93 17.68
CA GLU M 15 -17.60 -49.15 18.56
C GLU M 15 -17.38 -48.61 19.96
N VAL M 16 -18.49 -48.38 20.64
CA VAL M 16 -18.46 -47.87 21.99
C VAL M 16 -19.69 -48.41 22.70
N THR M 17 -19.57 -48.68 24.00
CA THR M 17 -20.69 -49.16 24.79
C THR M 17 -21.15 -48.03 25.71
N ILE M 18 -22.40 -47.63 25.54
CA ILE M 18 -22.96 -46.54 26.33
C ILE M 18 -23.17 -46.92 27.79
N SER M 19 -22.78 -46.02 28.68
CA SER M 19 -22.95 -46.25 30.11
C SER M 19 -24.34 -45.83 30.58
N GLY M 20 -24.65 -46.10 31.85
CA GLY M 20 -25.93 -45.72 32.38
C GLY M 20 -26.07 -44.23 32.34
N ALA M 21 -27.31 -43.75 32.21
CA ALA M 21 -27.59 -42.33 32.15
C ALA M 21 -27.27 -41.58 33.45
N LYS M 22 -26.39 -40.59 33.36
CA LYS M 22 -26.02 -39.79 34.50
C LYS M 22 -27.26 -39.13 35.12
N ASN M 23 -28.10 -38.56 34.26
CA ASN M 23 -29.30 -37.87 34.71
C ASN M 23 -30.52 -38.73 35.07
N ALA M 24 -30.31 -40.04 35.17
CA ALA M 24 -31.37 -40.96 35.56
C ALA M 24 -30.85 -41.54 36.87
N ALA M 25 -29.54 -41.82 36.90
CA ALA M 25 -28.90 -42.38 38.08
C ALA M 25 -28.99 -41.41 39.25
N LEU M 26 -28.71 -40.13 38.99
CA LEU M 26 -28.76 -39.12 40.04
C LEU M 26 -30.16 -38.98 40.69
N PRO M 27 -31.21 -38.74 39.90
CA PRO M 27 -32.52 -38.62 40.56
C PRO M 27 -32.98 -39.92 41.23
N ILE M 28 -32.58 -41.06 40.66
CA ILE M 28 -32.97 -42.34 41.25
C ILE M 28 -32.23 -42.56 42.56
N LEU M 29 -30.96 -42.17 42.62
CA LEU M 29 -30.17 -42.35 43.85
C LEU M 29 -30.78 -41.52 44.97
N PHE M 30 -31.22 -40.30 44.67
CA PHE M 30 -31.85 -39.47 45.69
C PHE M 30 -33.22 -40.03 46.04
N ALA M 31 -33.91 -40.60 45.05
CA ALA M 31 -35.22 -41.18 45.29
C ALA M 31 -35.09 -42.33 46.29
N ALA M 32 -33.93 -42.98 46.29
CA ALA M 32 -33.68 -44.10 47.18
C ALA M 32 -33.83 -43.71 48.66
N LEU M 33 -33.76 -42.41 48.94
CA LEU M 33 -33.90 -41.95 50.31
C LEU M 33 -35.28 -42.33 50.84
N LEU M 34 -36.20 -42.62 49.91
CA LEU M 34 -37.55 -43.01 50.27
C LEU M 34 -37.66 -44.48 50.63
N ALA M 35 -36.72 -45.29 50.17
CA ALA M 35 -36.73 -46.73 50.42
C ALA M 35 -36.40 -47.14 51.86
N GLU M 36 -37.25 -47.99 52.42
CA GLU M 36 -37.05 -48.47 53.79
C GLU M 36 -36.29 -49.79 53.80
N GLU M 37 -36.40 -50.55 52.72
CA GLU M 37 -35.71 -51.82 52.60
C GLU M 37 -34.56 -51.64 51.60
N PRO M 38 -33.63 -52.61 51.53
CA PRO M 38 -32.49 -52.53 50.61
C PRO M 38 -32.84 -52.19 49.17
N VAL M 39 -31.92 -51.50 48.50
CA VAL M 39 -32.10 -51.09 47.11
C VAL M 39 -30.77 -51.27 46.35
N GLU M 40 -30.83 -51.81 45.13
CA GLU M 40 -29.64 -51.99 44.28
C GLU M 40 -29.94 -51.32 42.94
N ILE M 41 -29.14 -50.31 42.60
CA ILE M 41 -29.32 -49.61 41.33
C ILE M 41 -28.20 -50.06 40.41
N GLN M 42 -28.59 -50.72 39.32
CA GLN M 42 -27.65 -51.26 38.35
C GLN M 42 -27.32 -50.32 37.18
N ASN M 43 -26.21 -50.61 36.53
CA ASN M 43 -25.74 -49.85 35.38
C ASN M 43 -25.53 -48.38 35.73
N VAL M 44 -24.98 -48.13 36.93
CA VAL M 44 -24.71 -46.77 37.36
C VAL M 44 -23.33 -46.35 36.87
N PRO M 45 -23.25 -45.26 36.08
CA PRO M 45 -21.95 -44.82 35.58
C PRO M 45 -21.04 -44.36 36.71
N LYS M 46 -19.73 -44.45 36.49
CA LYS M 46 -18.77 -44.01 37.49
C LYS M 46 -18.38 -42.57 37.15
N LEU M 47 -19.12 -41.63 37.74
CA LEU M 47 -18.92 -40.21 37.50
C LEU M 47 -18.68 -39.45 38.80
N LYS M 48 -18.05 -38.30 38.71
CA LYS M 48 -17.77 -37.47 39.86
C LYS M 48 -19.05 -37.14 40.63
N ASP M 49 -20.14 -36.88 39.91
CA ASP M 49 -21.40 -36.55 40.55
C ASP M 49 -21.97 -37.73 41.32
N ILE M 50 -21.69 -38.94 40.88
CA ILE M 50 -22.20 -40.11 41.58
C ILE M 50 -21.44 -40.25 42.91
N ASP M 51 -20.16 -39.88 42.90
CA ASP M 51 -19.35 -39.95 44.11
C ASP M 51 -19.89 -38.95 45.12
N THR M 52 -20.11 -37.72 44.65
CA THR M 52 -20.64 -36.65 45.51
C THR M 52 -22.00 -37.03 46.08
N THR M 53 -22.84 -37.66 45.24
CA THR M 53 -24.16 -38.07 45.69
C THR M 53 -24.02 -39.12 46.79
N MET M 54 -23.11 -40.07 46.58
CA MET M 54 -22.88 -41.10 47.59
C MET M 54 -22.36 -40.50 48.88
N LYS M 55 -21.46 -39.51 48.80
CA LYS M 55 -20.97 -38.89 50.02
C LYS M 55 -22.14 -38.25 50.76
N LEU M 56 -22.96 -37.50 50.02
CA LEU M 56 -24.11 -36.82 50.63
C LEU M 56 -25.04 -37.83 51.29
N LEU M 57 -25.44 -38.86 50.56
CA LEU M 57 -26.31 -39.89 51.11
C LEU M 57 -25.72 -40.48 52.40
N THR M 58 -24.44 -40.85 52.34
CA THR M 58 -23.76 -41.43 53.49
C THR M 58 -23.82 -40.48 54.67
N GLN M 59 -23.67 -39.19 54.39
CA GLN M 59 -23.70 -38.18 55.43
C GLN M 59 -25.07 -38.07 56.07
N LEU M 60 -26.09 -38.49 55.35
CA LEU M 60 -27.44 -38.41 55.88
C LEU M 60 -27.71 -39.63 56.75
N GLY M 61 -26.72 -40.53 56.79
CA GLY M 61 -26.87 -41.73 57.59
C GLY M 61 -27.28 -42.92 56.74
N THR M 62 -26.93 -42.88 55.46
CA THR M 62 -27.26 -43.96 54.56
C THR M 62 -26.06 -44.87 54.38
N LYS M 63 -26.32 -46.15 54.14
CA LYS M 63 -25.24 -47.10 53.91
C LYS M 63 -25.13 -47.25 52.40
N VAL M 64 -24.03 -46.77 51.85
CA VAL M 64 -23.83 -46.81 50.41
C VAL M 64 -22.52 -47.49 50.03
N GLU M 65 -22.59 -48.35 49.01
CA GLU M 65 -21.42 -49.05 48.47
C GLU M 65 -21.67 -49.40 47.00
N ARG M 66 -20.65 -49.21 46.16
CA ARG M 66 -20.77 -49.48 44.72
C ARG M 66 -19.59 -50.28 44.17
N GLY M 68 -20.67 -52.32 39.24
CA GLY M 68 -21.47 -51.72 38.19
C GLY M 68 -22.73 -51.14 38.80
N SER M 69 -23.05 -51.60 40.00
CA SER M 69 -24.23 -51.16 40.70
C SER M 69 -23.86 -50.34 41.92
N VAL M 70 -24.87 -49.67 42.47
CA VAL M 70 -24.73 -48.88 43.67
C VAL M 70 -25.74 -49.48 44.62
N TRP M 71 -25.29 -49.98 45.76
CA TRP M 71 -26.18 -50.59 46.74
C TRP M 71 -26.51 -49.58 47.83
N ILE M 72 -27.82 -49.37 48.05
CA ILE M 72 -28.27 -48.40 49.03
C ILE M 72 -29.10 -49.01 50.15
N ASP M 73 -28.85 -48.55 51.37
CA ASP M 73 -29.60 -49.00 52.54
C ASP M 73 -29.94 -47.73 53.34
N ALA M 74 -31.13 -47.21 53.10
CA ALA M 74 -31.57 -45.98 53.75
C ALA M 74 -32.58 -46.17 54.90
N SER M 75 -32.56 -47.31 55.57
CA SER M 75 -33.51 -47.54 56.65
C SER M 75 -33.15 -46.81 57.95
N ASN M 76 -31.89 -46.44 58.12
CA ASN M 76 -31.46 -45.76 59.34
C ASN M 76 -31.02 -44.33 59.09
N VAL M 77 -31.75 -43.62 58.23
CA VAL M 77 -31.44 -42.23 57.94
C VAL M 77 -31.75 -41.42 59.18
N ASN M 78 -30.76 -40.68 59.67
CA ASN M 78 -30.91 -39.88 60.87
C ASN M 78 -30.61 -38.38 60.71
N ASN M 79 -29.79 -38.02 59.74
CA ASN M 79 -29.47 -36.61 59.50
C ASN M 79 -30.29 -36.10 58.30
N PHE M 80 -30.72 -34.84 58.33
CA PHE M 80 -31.56 -34.33 57.26
C PHE M 80 -31.11 -33.02 56.61
N SER M 81 -29.79 -32.80 56.60
CA SER M 81 -29.22 -31.59 56.04
C SER M 81 -28.21 -31.83 54.92
N ALA M 82 -28.11 -30.88 54.00
CA ALA M 82 -27.14 -30.97 52.90
C ALA M 82 -26.24 -29.73 53.02
N PRO M 83 -25.06 -29.88 53.65
CA PRO M 83 -24.10 -28.78 53.83
C PRO M 83 -23.82 -27.93 52.62
N TYR M 84 -23.50 -26.67 52.88
CA TYR M 84 -23.19 -25.72 51.82
C TYR M 84 -22.05 -26.19 50.94
N ASP M 85 -20.92 -26.48 51.55
CA ASP M 85 -19.74 -26.91 50.80
C ASP M 85 -19.93 -28.21 50.01
N LEU M 86 -21.08 -28.86 50.19
CA LEU M 86 -21.34 -30.08 49.44
C LEU M 86 -22.21 -29.77 48.22
N VAL M 87 -23.30 -29.03 48.42
CA VAL M 87 -24.16 -28.71 47.29
C VAL M 87 -23.50 -27.70 46.35
N LYS M 88 -22.52 -26.97 46.85
CA LYS M 88 -21.84 -25.98 46.01
C LYS M 88 -21.05 -26.71 44.94
N THR M 89 -20.86 -28.01 45.12
CA THR M 89 -20.12 -28.81 44.15
C THR M 89 -21.07 -29.60 43.25
N MET M 90 -22.34 -29.65 43.64
CA MET M 90 -23.34 -30.36 42.87
C MET M 90 -24.74 -29.88 43.23
N ARG M 91 -25.30 -29.04 42.38
CA ARG M 91 -26.62 -28.49 42.61
C ARG M 91 -27.73 -29.53 42.62
N ALA M 92 -27.47 -30.70 42.04
CA ALA M 92 -28.47 -31.76 41.99
C ALA M 92 -28.81 -32.26 43.40
N SER M 93 -28.03 -31.82 44.38
CA SER M 93 -28.23 -32.19 45.78
C SER M 93 -29.62 -31.72 46.25
N ILE M 94 -30.18 -30.75 45.51
CA ILE M 94 -31.48 -30.18 45.83
C ILE M 94 -32.54 -31.30 45.82
N TRP M 95 -32.27 -32.38 45.09
CA TRP M 95 -33.21 -33.49 45.02
C TRP M 95 -33.35 -34.28 46.30
N ALA M 96 -32.60 -33.90 47.32
CA ALA M 96 -32.68 -34.57 48.61
C ALA M 96 -33.82 -34.01 49.46
N LEU M 97 -34.12 -32.73 49.26
CA LEU M 97 -35.17 -32.05 50.00
C LEU M 97 -36.50 -32.78 49.92
N GLY M 98 -36.94 -33.07 48.71
CA GLY M 98 -38.21 -33.74 48.52
C GLY M 98 -38.37 -35.04 49.31
N PRO M 99 -37.52 -36.04 49.06
CA PRO M 99 -37.64 -37.30 49.79
C PRO M 99 -37.54 -37.14 51.31
N LEU M 100 -36.59 -36.34 51.76
CA LEU M 100 -36.41 -36.13 53.20
C LEU M 100 -37.67 -35.61 53.87
N VAL M 101 -38.25 -34.54 53.35
CA VAL M 101 -39.47 -33.98 53.95
C VAL M 101 -40.69 -34.90 53.78
N ALA M 102 -40.73 -35.68 52.70
CA ALA M 102 -41.85 -36.58 52.45
C ALA M 102 -41.82 -37.80 53.35
N ARG M 103 -40.63 -38.27 53.69
CA ARG M 103 -40.51 -39.44 54.55
C ARG M 103 -40.22 -39.13 56.02
N PHE M 104 -39.45 -38.09 56.28
CA PHE M 104 -39.13 -37.76 57.66
C PHE M 104 -39.75 -36.45 58.16
N GLY M 105 -40.60 -35.85 57.33
CA GLY M 105 -41.27 -34.61 57.71
C GLY M 105 -40.39 -33.38 57.81
N GLN M 106 -39.12 -33.52 57.46
CA GLN M 106 -38.22 -32.38 57.53
C GLN M 106 -37.04 -32.57 56.58
N GLY M 107 -36.34 -31.47 56.31
CA GLY M 107 -35.19 -31.55 55.43
C GLY M 107 -34.66 -30.15 55.14
N GLN M 108 -33.36 -30.04 54.96
CA GLN M 108 -32.78 -28.75 54.64
C GLN M 108 -31.55 -28.86 53.75
N VAL M 109 -31.64 -28.18 52.60
CA VAL M 109 -30.57 -28.20 51.61
C VAL M 109 -30.09 -26.78 51.36
N SER M 110 -28.78 -26.59 51.24
CA SER M 110 -28.24 -25.26 50.98
C SER M 110 -28.78 -24.78 49.64
N LEU M 111 -29.31 -23.57 49.60
CA LEU M 111 -29.86 -23.02 48.37
C LEU M 111 -28.72 -22.87 47.38
N PRO M 112 -28.75 -23.63 46.27
CA PRO M 112 -27.67 -23.50 45.29
C PRO M 112 -27.57 -22.11 44.67
N GLY M 113 -26.34 -21.66 44.46
CA GLY M 113 -26.12 -20.36 43.85
C GLY M 113 -26.21 -20.49 42.35
N GLY M 114 -25.59 -19.54 41.64
CA GLY M 114 -25.65 -19.60 40.19
C GLY M 114 -24.78 -20.69 39.61
N CYS M 115 -25.08 -21.09 38.37
CA CYS M 115 -24.28 -22.10 37.67
C CYS M 115 -23.68 -21.41 36.44
N ALA M 116 -22.73 -22.07 35.80
CA ALA M 116 -22.08 -21.49 34.63
C ALA M 116 -23.03 -21.22 33.46
N ILE M 117 -23.85 -22.21 33.13
CA ILE M 117 -24.76 -22.07 32.01
C ILE M 117 -26.07 -21.33 32.25
N GLY M 118 -26.29 -20.89 33.50
CA GLY M 118 -27.52 -20.20 33.84
C GLY M 118 -27.70 -20.10 35.34
N ALA M 119 -28.56 -19.18 35.77
CA ALA M 119 -28.80 -18.99 37.19
C ALA M 119 -29.36 -20.29 37.75
N ARG M 120 -30.26 -20.89 36.99
CA ARG M 120 -30.88 -22.14 37.39
C ARG M 120 -31.56 -22.06 38.76
N PRO M 121 -32.61 -21.20 38.87
CA PRO M 121 -33.34 -21.06 40.12
C PRO M 121 -34.04 -22.38 40.40
N VAL M 122 -34.48 -22.58 41.63
CA VAL M 122 -35.10 -23.82 42.02
C VAL M 122 -36.52 -23.59 42.59
N ASP M 123 -37.08 -22.44 42.22
CA ASP M 123 -38.41 -22.01 42.66
C ASP M 123 -39.54 -23.02 42.45
N LEU M 124 -39.57 -23.68 41.29
CA LEU M 124 -40.62 -24.64 41.01
C LEU M 124 -40.55 -25.84 41.96
N HIS M 125 -39.34 -26.15 42.41
CA HIS M 125 -39.17 -27.26 43.34
C HIS M 125 -39.90 -26.91 44.63
N ILE M 126 -39.59 -25.73 45.15
CA ILE M 126 -40.18 -25.24 46.38
C ILE M 126 -41.68 -25.06 46.24
N PHE M 127 -42.11 -24.44 45.14
CA PHE M 127 -43.51 -24.23 44.87
C PHE M 127 -44.25 -25.57 44.96
N GLY M 128 -43.65 -26.58 44.34
CA GLY M 128 -44.26 -27.90 44.33
C GLY M 128 -44.41 -28.51 45.70
N LEU M 129 -43.34 -28.46 46.50
CA LEU M 129 -43.39 -29.03 47.84
C LEU M 129 -44.41 -28.28 48.67
N GLU M 130 -44.45 -26.96 48.52
CA GLU M 130 -45.40 -26.16 49.26
C GLU M 130 -46.83 -26.56 48.92
N LYS M 131 -47.07 -26.83 47.65
CA LYS M 131 -48.40 -27.24 47.22
C LYS M 131 -48.77 -28.60 47.82
N LEU M 132 -47.76 -29.38 48.20
CA LEU M 132 -47.99 -30.69 48.79
C LEU M 132 -48.14 -30.57 50.31
N GLY M 133 -48.05 -29.35 50.80
CA GLY M 133 -48.21 -29.12 52.22
C GLY M 133 -46.98 -28.74 53.01
N ALA M 134 -45.81 -28.80 52.39
CA ALA M 134 -44.59 -28.45 53.11
C ALA M 134 -44.49 -26.96 53.38
N GLU M 135 -43.87 -26.61 54.49
CA GLU M 135 -43.68 -25.21 54.81
C GLU M 135 -42.19 -24.99 54.59
N ILE M 136 -41.86 -24.06 53.71
CA ILE M 136 -40.46 -23.77 53.36
C ILE M 136 -40.03 -22.35 53.70
N LYS M 137 -38.83 -22.22 54.27
CA LYS M 137 -38.28 -20.92 54.65
C LYS M 137 -36.82 -20.92 54.22
N LEU M 138 -36.25 -19.75 53.99
CA LEU M 138 -34.85 -19.69 53.60
C LEU M 138 -34.07 -18.94 54.66
N GLU M 139 -33.29 -19.66 55.46
CA GLU M 139 -32.50 -18.99 56.49
C GLU M 139 -31.05 -19.44 56.47
N GLU M 140 -30.17 -18.43 56.50
CA GLU M 140 -28.71 -18.60 56.44
C GLU M 140 -28.28 -19.39 55.21
N GLY M 141 -28.98 -19.17 54.10
CA GLY M 141 -28.64 -19.85 52.86
C GLY M 141 -29.17 -21.26 52.70
N TYR M 142 -29.95 -21.72 53.67
CA TYR M 142 -30.49 -23.06 53.60
C TYR M 142 -31.99 -23.01 53.41
N VAL M 143 -32.50 -23.78 52.46
CA VAL M 143 -33.93 -23.85 52.27
C VAL M 143 -34.34 -24.98 53.22
N LYS M 144 -35.11 -24.60 54.25
CA LYS M 144 -35.58 -25.54 55.26
C LYS M 144 -37.04 -25.84 55.08
N ALA M 145 -37.36 -27.12 54.92
CA ALA M 145 -38.74 -27.54 54.72
C ALA M 145 -39.20 -28.45 55.84
N SER M 146 -40.48 -28.38 56.15
CA SER M 146 -41.05 -29.24 57.18
C SER M 146 -42.53 -29.43 56.95
N VAL M 147 -43.07 -30.46 57.56
CA VAL M 147 -44.49 -30.76 57.45
C VAL M 147 -44.92 -31.60 58.65
N ASN M 148 -46.05 -31.23 59.23
CA ASN M 148 -46.58 -31.98 60.37
C ASN M 148 -47.31 -33.17 59.76
N GLY M 149 -46.75 -34.36 59.96
CA GLY M 149 -47.38 -35.56 59.42
C GLY M 149 -47.02 -35.72 57.96
N ARG M 150 -47.91 -36.33 57.19
CA ARG M 150 -47.62 -36.55 55.80
C ARG M 150 -48.02 -35.39 54.92
N LEU M 151 -47.48 -35.40 53.72
CA LEU M 151 -47.79 -34.39 52.75
C LEU M 151 -49.14 -34.81 52.17
N LYS M 152 -49.86 -33.85 51.61
CA LYS M 152 -51.17 -34.15 51.06
C LYS M 152 -51.14 -34.02 49.55
N GLY M 153 -51.76 -34.98 48.87
CA GLY M 153 -51.79 -34.96 47.42
C GLY M 153 -52.44 -33.67 46.96
N ALA M 154 -52.03 -33.17 45.79
CA ALA M 154 -52.57 -31.93 45.27
C ALA M 154 -52.51 -31.91 43.74
N HIS M 155 -53.26 -31.02 43.14
CA HIS M 155 -53.26 -30.88 41.69
C HIS M 155 -52.33 -29.71 41.46
N ILE M 156 -51.16 -30.01 40.93
CA ILE M 156 -50.14 -28.99 40.69
C ILE M 156 -49.89 -28.71 39.20
N VAL M 157 -50.06 -27.47 38.78
CA VAL M 157 -49.83 -27.12 37.39
C VAL M 157 -48.49 -26.38 37.33
N MET M 158 -47.54 -26.94 36.57
CA MET M 158 -46.19 -26.37 36.42
C MET M 158 -46.16 -25.26 35.39
N ASP M 159 -45.80 -24.04 35.80
CA ASP M 159 -45.79 -22.94 34.86
C ASP M 159 -44.48 -22.79 34.10
N LYS M 160 -43.77 -23.90 33.98
CA LYS M 160 -42.48 -23.93 33.28
C LYS M 160 -42.14 -25.41 33.26
N VAL M 161 -41.76 -25.95 32.11
CA VAL M 161 -41.41 -27.36 32.09
C VAL M 161 -40.04 -27.53 32.73
N SER M 162 -40.00 -28.27 33.83
CA SER M 162 -38.76 -28.49 34.56
C SER M 162 -38.53 -29.96 34.88
N VAL M 163 -37.40 -30.49 34.43
CA VAL M 163 -37.06 -31.88 34.70
C VAL M 163 -36.86 -32.05 36.19
N GLY M 164 -36.04 -31.17 36.77
CA GLY M 164 -35.76 -31.25 38.20
C GLY M 164 -36.99 -31.13 39.07
N ALA M 165 -37.78 -30.09 38.86
CA ALA M 165 -38.99 -29.90 39.66
C ALA M 165 -39.95 -31.07 39.53
N THR M 166 -40.08 -31.63 38.33
CA THR M 166 -40.98 -32.76 38.12
C THR M 166 -40.52 -33.94 38.98
N VAL M 167 -39.21 -34.15 39.05
CA VAL M 167 -38.64 -35.23 39.85
C VAL M 167 -38.91 -35.01 41.34
N THR M 168 -38.63 -33.80 41.82
CA THR M 168 -38.85 -33.48 43.22
C THR M 168 -40.29 -33.74 43.66
N ILE M 169 -41.24 -33.16 42.91
CA ILE M 169 -42.64 -33.32 43.23
C ILE M 169 -43.13 -34.76 43.11
N MET M 170 -42.79 -35.41 42.00
CA MET M 170 -43.21 -36.80 41.80
C MET M 170 -42.67 -37.72 42.90
N SER M 171 -41.42 -37.49 43.31
CA SER M 171 -40.81 -38.30 44.35
C SER M 171 -41.48 -38.11 45.70
N ALA M 172 -41.67 -36.86 46.08
CA ALA M 172 -42.30 -36.55 47.35
C ALA M 172 -43.74 -37.02 47.43
N ALA M 173 -44.46 -36.96 46.31
CA ALA M 173 -45.85 -37.38 46.28
C ALA M 173 -46.09 -38.85 46.55
N THR M 174 -45.10 -39.70 46.29
CA THR M 174 -45.26 -41.14 46.51
C THR M 174 -45.62 -41.49 47.96
N LEU M 175 -45.15 -40.69 48.91
CA LEU M 175 -45.44 -40.93 50.31
C LEU M 175 -46.48 -39.96 50.84
N ALA M 176 -47.16 -39.27 49.93
CA ALA M 176 -48.17 -38.30 50.33
C ALA M 176 -49.50 -38.98 50.62
N GLU M 177 -50.37 -38.25 51.29
CA GLU M 177 -51.69 -38.74 51.65
C GLU M 177 -52.62 -38.28 50.54
N GLY M 178 -53.09 -39.22 49.74
CA GLY M 178 -53.99 -38.85 48.67
C GLY M 178 -53.38 -38.94 47.29
N THR M 179 -54.03 -38.32 46.32
CA THR M 179 -53.56 -38.33 44.95
C THR M 179 -53.00 -36.99 44.49
N THR M 180 -51.88 -37.04 43.78
CA THR M 180 -51.22 -35.85 43.25
C THR M 180 -51.24 -35.94 41.73
N ILE M 181 -51.46 -34.80 41.09
CA ILE M 181 -51.47 -34.74 39.64
C ILE M 181 -50.57 -33.59 39.22
N ILE M 182 -49.57 -33.90 38.41
CA ILE M 182 -48.65 -32.89 37.93
C ILE M 182 -48.97 -32.53 36.48
N GLU M 183 -49.45 -31.31 36.30
CA GLU M 183 -49.82 -30.78 34.98
C GLU M 183 -48.59 -30.14 34.33
N ASN M 184 -48.44 -30.35 33.03
CA ASN M 184 -47.32 -29.80 32.28
C ASN M 184 -46.00 -30.33 32.85
N ALA M 185 -45.98 -31.63 33.13
CA ALA M 185 -44.80 -32.29 33.68
C ALA M 185 -43.77 -32.50 32.57
N ALA M 186 -42.51 -32.63 32.96
CA ALA M 186 -41.45 -32.87 31.98
C ALA M 186 -41.58 -34.33 31.49
N ARG M 187 -41.35 -34.57 30.20
CA ARG M 187 -41.43 -35.93 29.66
C ARG M 187 -40.09 -36.64 29.50
N GLU M 188 -38.98 -35.98 29.83
CA GLU M 188 -37.66 -36.59 29.68
C GLU M 188 -37.63 -38.06 30.05
N PRO M 189 -36.94 -38.88 29.25
CA PRO M 189 -36.80 -40.32 29.46
C PRO M 189 -36.35 -40.64 30.90
N GLU M 190 -35.55 -39.74 31.47
CA GLU M 190 -35.07 -39.91 32.84
C GLU M 190 -36.22 -39.85 33.83
N ILE M 191 -37.23 -39.03 33.53
CA ILE M 191 -38.41 -38.89 34.37
C ILE M 191 -39.12 -40.24 34.37
N VAL M 192 -39.26 -40.82 33.18
CA VAL M 192 -39.89 -42.12 33.05
C VAL M 192 -39.13 -43.16 33.86
N ASP M 193 -37.80 -43.12 33.75
CA ASP M 193 -36.95 -44.05 34.47
C ASP M 193 -37.09 -43.87 35.98
N THR M 194 -37.09 -42.63 36.44
CA THR M 194 -37.23 -42.39 37.87
C THR M 194 -38.59 -42.86 38.35
N ALA M 195 -39.62 -42.64 37.54
CA ALA M 195 -40.97 -43.06 37.89
C ALA M 195 -41.02 -44.57 38.05
N ASN M 196 -40.49 -45.30 37.06
CA ASN M 196 -40.51 -46.75 37.12
C ASN M 196 -39.72 -47.30 38.31
N PHE M 197 -38.67 -46.58 38.71
CA PHE M 197 -37.87 -46.99 39.86
C PHE M 197 -38.76 -46.90 41.11
N LEU M 198 -39.44 -45.76 41.26
CA LEU M 198 -40.33 -45.54 42.40
C LEU M 198 -41.40 -46.63 42.43
N VAL M 199 -41.96 -46.92 41.27
CA VAL M 199 -42.99 -47.95 41.17
C VAL M 199 -42.43 -49.28 41.64
N ALA M 200 -41.16 -49.52 41.34
CA ALA M 200 -40.52 -50.76 41.73
C ALA M 200 -40.43 -50.86 43.24
N LEU M 201 -40.33 -49.70 43.91
CA LEU M 201 -40.23 -49.69 45.36
C LEU M 201 -41.63 -49.80 45.98
N GLY M 202 -42.64 -49.84 45.13
CA GLY M 202 -44.00 -49.94 45.62
C GLY M 202 -44.88 -48.71 45.38
N ALA M 203 -44.30 -47.63 44.84
CA ALA M 203 -45.08 -46.43 44.59
C ALA M 203 -46.14 -46.68 43.51
N LYS M 204 -47.15 -45.82 43.46
CA LYS M 204 -48.20 -45.95 42.45
C LYS M 204 -48.17 -44.71 41.58
N ILE M 205 -47.63 -44.86 40.37
CA ILE M 205 -47.51 -43.75 39.44
C ILE M 205 -47.93 -44.13 38.02
N SER M 206 -48.53 -43.19 37.30
CA SER M 206 -48.95 -43.41 35.93
C SER M 206 -48.86 -42.07 35.19
N GLY M 207 -48.68 -42.12 33.88
CA GLY M 207 -48.58 -40.90 33.12
C GLY M 207 -47.17 -40.44 32.85
N GLN M 208 -46.18 -41.03 33.53
CA GLN M 208 -44.79 -40.65 33.31
C GLN M 208 -44.50 -40.72 31.81
N GLY M 209 -43.88 -39.68 31.28
CA GLY M 209 -43.59 -39.64 29.87
C GLY M 209 -44.59 -38.76 29.15
N THR M 210 -45.68 -38.41 29.84
CA THR M 210 -46.70 -37.52 29.26
C THR M 210 -46.66 -36.23 30.04
N ASP M 211 -47.48 -35.25 29.65
CA ASP M 211 -47.45 -33.98 30.37
C ASP M 211 -48.23 -33.99 31.67
N ARG M 212 -48.91 -35.11 31.95
CA ARG M 212 -49.70 -35.25 33.17
C ARG M 212 -49.35 -36.52 33.94
N ILE M 213 -48.72 -36.35 35.10
CA ILE M 213 -48.31 -37.48 35.93
C ILE M 213 -49.21 -37.59 37.14
N THR M 214 -49.74 -38.78 37.38
CA THR M 214 -50.62 -39.01 38.52
C THR M 214 -49.97 -39.95 39.52
N ILE M 215 -49.88 -39.49 40.76
CA ILE M 215 -49.27 -40.28 41.81
C ILE M 215 -50.27 -40.49 42.95
N GLU M 216 -50.43 -41.73 43.39
CA GLU M 216 -51.32 -42.01 44.51
C GLU M 216 -50.42 -42.43 45.66
N GLY M 217 -50.31 -41.57 46.67
CA GLY M 217 -49.46 -41.89 47.81
C GLY M 217 -49.71 -43.22 48.48
N VAL M 218 -48.68 -43.74 49.12
CA VAL M 218 -48.75 -45.01 49.86
C VAL M 218 -48.06 -44.75 51.20
N GLU M 219 -48.25 -45.65 52.15
CA GLU M 219 -47.65 -45.48 53.48
C GLU M 219 -46.14 -45.52 53.48
N ARG M 220 -45.56 -46.47 52.76
CA ARG M 220 -44.12 -46.62 52.69
C ARG M 220 -43.63 -47.30 51.43
N LEU M 221 -42.34 -47.14 51.15
CA LEU M 221 -41.74 -47.75 49.99
C LEU M 221 -40.76 -48.80 50.50
N GLY M 222 -40.66 -49.92 49.79
CA GLY M 222 -39.76 -50.98 50.19
C GLY M 222 -38.36 -50.87 49.59
N GLY M 223 -37.97 -51.90 48.86
CA GLY M 223 -36.66 -51.92 48.24
C GLY M 223 -36.73 -52.66 46.93
N GLY M 224 -35.58 -53.02 46.38
CA GLY M 224 -35.58 -53.74 45.11
C GLY M 224 -34.35 -53.54 44.26
N VAL M 225 -34.46 -53.95 42.99
CA VAL M 225 -33.36 -53.83 42.05
C VAL M 225 -33.85 -53.15 40.79
N TYR M 226 -33.14 -52.10 40.35
CA TYR M 226 -33.51 -51.36 39.15
C TYR M 226 -32.27 -51.02 38.31
N ARG M 227 -32.37 -51.24 37.00
CA ARG M 227 -31.27 -50.94 36.09
C ARG M 227 -31.51 -49.62 35.36
N VAL M 228 -30.59 -48.67 35.53
CA VAL M 228 -30.68 -47.36 34.89
C VAL M 228 -30.64 -47.48 33.35
N LEU M 229 -31.39 -46.64 32.65
CA LEU M 229 -31.40 -46.70 31.19
C LEU M 229 -30.11 -46.10 30.60
N PRO M 230 -29.84 -46.37 29.32
CA PRO M 230 -28.65 -45.84 28.65
C PRO M 230 -28.63 -44.32 28.62
N ASP M 231 -27.43 -43.75 28.69
CA ASP M 231 -27.24 -42.31 28.68
C ASP M 231 -27.38 -41.78 27.24
N ARG M 232 -28.52 -41.19 26.93
CA ARG M 232 -28.75 -40.68 25.58
C ARG M 232 -27.80 -39.57 25.16
N ILE M 233 -27.30 -38.79 26.13
CA ILE M 233 -26.39 -37.71 25.78
C ILE M 233 -25.00 -38.26 25.46
N GLU M 234 -24.60 -39.32 26.15
CA GLU M 234 -23.30 -39.91 25.85
C GLU M 234 -23.40 -40.45 24.42
N THR M 235 -24.51 -41.13 24.16
CA THR M 235 -24.76 -41.72 22.83
C THR M 235 -24.70 -40.64 21.76
N GLY M 236 -25.42 -39.55 21.98
CA GLY M 236 -25.42 -38.47 21.01
C GLY M 236 -24.04 -37.89 20.81
N THR M 237 -23.27 -37.82 21.90
CA THR M 237 -21.92 -37.28 21.83
C THR M 237 -21.03 -38.12 20.93
N PHE M 238 -21.08 -39.44 21.08
CA PHE M 238 -20.27 -40.31 20.23
C PHE M 238 -20.76 -40.35 18.79
N LEU M 239 -22.07 -40.23 18.58
CA LEU M 239 -22.60 -40.24 17.23
C LEU M 239 -22.08 -38.98 16.53
N VAL M 240 -22.03 -37.88 17.26
CA VAL M 240 -21.52 -36.64 16.71
C VAL M 240 -20.01 -36.78 16.43
N ALA M 241 -19.33 -37.53 17.29
CA ALA M 241 -17.89 -37.75 17.15
C ALA M 241 -17.63 -38.30 15.76
N ALA M 242 -18.44 -39.28 15.35
CA ALA M 242 -18.28 -39.90 14.04
C ALA M 242 -18.71 -38.94 12.93
N ALA M 243 -19.87 -38.33 13.09
CA ALA M 243 -20.40 -37.41 12.10
C ALA M 243 -19.47 -36.28 11.71
N ILE M 244 -18.65 -35.79 12.64
CA ILE M 244 -17.75 -34.68 12.35
C ILE M 244 -16.35 -35.12 11.90
N SER M 245 -16.06 -36.40 12.00
CA SER M 245 -14.74 -36.90 11.59
C SER M 245 -14.83 -37.83 10.38
N GLY M 246 -15.96 -37.81 9.68
CA GLY M 246 -16.14 -38.65 8.51
C GLY M 246 -16.12 -40.14 8.82
N GLY M 247 -16.16 -40.50 10.10
CA GLY M 247 -16.12 -41.91 10.45
C GLY M 247 -17.43 -42.66 10.52
N LYS M 248 -17.36 -43.88 11.02
CA LYS M 248 -18.52 -44.75 11.19
C LYS M 248 -18.44 -45.28 12.62
N ILE M 249 -19.57 -45.41 13.30
CA ILE M 249 -19.54 -45.93 14.65
C ILE M 249 -20.83 -46.67 15.00
N VAL M 250 -20.72 -47.59 15.95
CA VAL M 250 -21.87 -48.33 16.42
C VAL M 250 -21.87 -48.21 17.92
N CYS M 251 -22.99 -47.73 18.46
CA CYS M 251 -23.13 -47.57 19.90
C CYS M 251 -23.90 -48.77 20.43
N ARG M 252 -23.30 -49.50 21.36
CA ARG M 252 -23.95 -50.66 21.96
C ARG M 252 -24.58 -50.24 23.29
N ASN M 253 -25.58 -51.00 23.73
CA ASN M 253 -26.28 -50.68 24.98
C ASN M 253 -26.96 -49.34 24.86
N ALA M 254 -27.51 -49.06 23.69
CA ALA M 254 -28.20 -47.81 23.43
C ALA M 254 -29.73 -47.98 23.43
N GLN M 255 -30.44 -46.87 23.50
CA GLN M 255 -31.89 -46.90 23.47
C GLN M 255 -32.34 -45.84 22.47
N PRO M 256 -32.40 -46.22 21.19
CA PRO M 256 -32.80 -45.39 20.05
C PRO M 256 -34.02 -44.45 20.21
N ASP M 257 -35.09 -44.96 20.80
CA ASP M 257 -36.30 -44.13 20.95
C ASP M 257 -36.13 -42.87 21.80
N THR M 258 -35.00 -42.74 22.48
CA THR M 258 -34.74 -41.57 23.30
C THR M 258 -33.99 -40.51 22.53
N LEU M 259 -33.72 -40.77 21.24
CA LEU M 259 -32.95 -39.84 20.41
C LEU M 259 -33.54 -39.45 19.05
N ASP M 260 -34.86 -39.57 18.89
CA ASP M 260 -35.46 -39.24 17.61
C ASP M 260 -34.99 -37.88 17.07
N ALA M 261 -35.08 -36.84 17.88
CA ALA M 261 -34.68 -35.51 17.44
C ALA M 261 -33.22 -35.47 16.98
N VAL M 262 -32.33 -36.01 17.80
CA VAL M 262 -30.90 -36.02 17.47
C VAL M 262 -30.62 -36.80 16.18
N LEU M 263 -31.17 -38.00 16.07
CA LEU M 263 -30.94 -38.82 14.88
C LEU M 263 -31.50 -38.15 13.63
N ALA M 264 -32.63 -37.47 13.78
CA ALA M 264 -33.24 -36.78 12.64
C ALA M 264 -32.33 -35.66 12.17
N LYS M 265 -31.72 -34.96 13.13
CA LYS M 265 -30.81 -33.87 12.82
C LYS M 265 -29.51 -34.38 12.21
N LEU M 266 -29.02 -35.52 12.69
CA LEU M 266 -27.80 -36.07 12.14
C LEU M 266 -28.03 -36.49 10.69
N ARG M 267 -29.22 -37.02 10.38
CA ARG M 267 -29.52 -37.42 9.01
C ARG M 267 -29.53 -36.17 8.13
N GLU M 268 -30.11 -35.09 8.66
CA GLU M 268 -30.16 -33.82 7.93
C GLU M 268 -28.75 -33.33 7.64
N ALA M 269 -27.80 -33.71 8.51
CA ALA M 269 -26.41 -33.30 8.34
C ALA M 269 -25.73 -34.23 7.35
N GLY M 270 -26.43 -35.29 6.97
CA GLY M 270 -25.90 -36.22 5.99
C GLY M 270 -25.50 -37.59 6.49
N ALA M 271 -25.77 -37.90 7.75
CA ALA M 271 -25.37 -39.20 8.28
C ALA M 271 -26.26 -40.33 7.82
N ASP M 272 -25.65 -41.52 7.66
CA ASP M 272 -26.37 -42.72 7.28
C ASP M 272 -26.55 -43.46 8.60
N ILE M 273 -27.77 -43.40 9.13
CA ILE M 273 -28.09 -44.01 10.41
C ILE M 273 -29.00 -45.21 10.36
N GLU M 274 -28.62 -46.24 11.14
CA GLU M 274 -29.38 -47.49 11.26
C GLU M 274 -29.50 -47.79 12.75
N THR M 275 -30.67 -48.27 13.16
CA THR M 275 -30.90 -48.60 14.57
C THR M 275 -31.40 -50.03 14.78
N GLY M 276 -31.14 -50.53 15.98
CA GLY M 276 -31.57 -51.86 16.34
C GLY M 276 -32.33 -51.76 17.64
N GLU M 277 -32.54 -52.89 18.29
CA GLU M 277 -33.26 -52.92 19.55
C GLU M 277 -32.47 -52.16 20.62
N ASP M 278 -31.15 -52.35 20.64
CA ASP M 278 -30.31 -51.72 21.63
C ASP M 278 -29.00 -51.19 21.06
N TRP M 279 -29.03 -50.75 19.82
CA TRP M 279 -27.82 -50.19 19.20
C TRP M 279 -28.15 -49.18 18.09
N ILE M 280 -27.19 -48.30 17.83
CA ILE M 280 -27.34 -47.29 16.80
C ILE M 280 -26.04 -47.23 16.04
N SER M 281 -26.13 -47.16 14.72
CA SER M 281 -24.92 -47.07 13.89
C SER M 281 -25.01 -45.84 13.03
N LEU M 282 -23.88 -45.16 12.87
CA LEU M 282 -23.83 -43.95 12.05
C LEU M 282 -22.60 -44.03 11.19
N ASP M 283 -22.80 -43.79 9.90
CA ASP M 283 -21.70 -43.83 8.95
C ASP M 283 -21.76 -42.53 8.13
N MET M 284 -20.68 -41.76 8.14
CA MET M 284 -20.64 -40.52 7.36
C MET M 284 -20.11 -40.81 5.95
N HIS M 285 -19.56 -42.00 5.74
CA HIS M 285 -19.01 -42.38 4.45
C HIS M 285 -17.96 -41.35 4.05
N GLY M 286 -17.13 -40.98 5.01
CA GLY M 286 -16.07 -40.01 4.79
C GLY M 286 -16.51 -38.63 4.37
N LYS M 287 -17.82 -38.38 4.37
CA LYS M 287 -18.34 -37.08 3.96
C LYS M 287 -18.35 -36.04 5.08
N ARG M 288 -18.10 -34.79 4.70
CA ARG M 288 -18.10 -33.66 5.61
C ARG M 288 -19.57 -33.38 5.90
N PRO M 289 -19.92 -33.03 7.15
CA PRO M 289 -21.32 -32.78 7.49
C PRO M 289 -21.95 -31.53 6.85
N LYS M 290 -23.26 -31.59 6.64
CA LYS M 290 -23.99 -30.45 6.08
C LYS M 290 -24.54 -29.63 7.24
N ALA M 291 -24.44 -28.32 7.15
CA ALA M 291 -24.93 -27.45 8.21
C ALA M 291 -26.41 -27.69 8.48
N VAL M 292 -26.79 -27.64 9.76
CA VAL M 292 -28.19 -27.86 10.13
C VAL M 292 -28.69 -26.76 11.05
N THR M 293 -30.01 -26.65 11.18
CA THR M 293 -30.61 -25.65 12.05
C THR M 293 -31.23 -26.35 13.25
N VAL M 294 -30.89 -25.88 14.44
CA VAL M 294 -31.37 -26.49 15.68
C VAL M 294 -32.02 -25.52 16.64
N ARG M 295 -32.98 -26.03 17.40
CA ARG M 295 -33.68 -25.23 18.39
C ARG M 295 -33.97 -26.14 19.57
N THR M 296 -33.22 -25.96 20.64
CA THR M 296 -33.38 -26.75 21.85
C THR M 296 -34.74 -26.52 22.46
N ALA M 297 -35.25 -27.53 23.15
CA ALA M 297 -36.55 -27.46 23.80
C ALA M 297 -36.74 -28.73 24.62
N PRO M 298 -37.78 -28.76 25.47
CA PRO M 298 -38.03 -29.95 26.29
C PRO M 298 -38.21 -31.18 25.44
N HIS M 299 -37.88 -32.34 26.00
CA HIS M 299 -38.05 -33.61 25.30
C HIS M 299 -39.49 -33.71 24.82
N PRO M 300 -39.74 -34.40 23.68
CA PRO M 300 -38.84 -35.11 22.77
C PRO M 300 -38.12 -34.26 21.72
N ALA M 301 -38.13 -32.93 21.89
CA ALA M 301 -37.45 -32.05 20.96
C ALA M 301 -35.93 -32.19 21.10
N PHE M 302 -35.18 -31.40 20.33
CA PHE M 302 -33.72 -31.45 20.42
C PHE M 302 -33.28 -31.02 21.82
N PRO M 303 -32.54 -31.89 22.52
CA PRO M 303 -32.04 -31.64 23.87
C PRO M 303 -30.92 -30.63 23.98
N THR M 304 -31.03 -29.72 24.96
CA THR M 304 -30.01 -28.70 25.17
C THR M 304 -28.66 -29.33 25.56
N ALA M 305 -28.68 -30.54 26.11
CA ALA M 305 -27.45 -31.22 26.51
C ALA M 305 -26.62 -31.69 25.32
N MET M 306 -27.13 -31.53 24.10
CA MET M 306 -26.40 -31.91 22.88
C MET M 306 -26.00 -30.67 22.10
N GLN M 307 -26.60 -29.53 22.45
CA GLN M 307 -26.35 -28.26 21.78
C GLN M 307 -24.88 -27.90 21.53
N ALA M 308 -24.03 -27.96 22.55
CA ALA M 308 -22.61 -27.63 22.36
C ALA M 308 -22.01 -28.55 21.30
N GLN M 309 -22.30 -29.84 21.38
CA GLN M 309 -21.78 -30.80 20.43
C GLN M 309 -22.20 -30.47 19.00
N PHE M 310 -23.47 -30.09 18.84
CA PHE M 310 -23.96 -29.74 17.50
C PHE M 310 -23.41 -28.39 17.05
N THR M 311 -23.03 -27.55 18.00
CA THR M 311 -22.44 -26.26 17.62
C THR M 311 -21.13 -26.60 16.88
N LEU M 312 -20.38 -27.56 17.42
CA LEU M 312 -19.14 -28.00 16.83
C LEU M 312 -19.38 -28.53 15.43
N LEU M 313 -20.35 -29.44 15.31
CA LEU M 313 -20.68 -30.04 14.03
C LEU M 313 -20.94 -28.95 12.99
N ASN M 314 -21.74 -27.95 13.33
CA ASN M 314 -22.00 -26.88 12.38
C ASN M 314 -20.75 -26.07 12.06
N LEU M 315 -19.90 -25.83 13.06
CA LEU M 315 -18.70 -25.05 12.85
C LEU M 315 -17.69 -25.67 11.88
N VAL M 316 -17.83 -26.98 11.61
CA VAL M 316 -16.95 -27.66 10.68
C VAL M 316 -17.79 -28.26 9.54
N ALA M 317 -19.01 -27.77 9.40
CA ALA M 317 -19.92 -28.27 8.37
C ALA M 317 -19.94 -27.39 7.14
N GLU M 318 -20.59 -27.90 6.09
CA GLU M 318 -20.72 -27.20 4.81
C GLU M 318 -21.94 -26.28 4.81
N GLY M 319 -21.71 -24.97 4.96
CA GLY M 319 -22.83 -24.04 4.96
C GLY M 319 -23.00 -23.23 6.23
N THR M 320 -24.11 -22.52 6.33
CA THR M 320 -24.40 -21.69 7.49
C THR M 320 -25.45 -22.36 8.38
N GLY M 321 -25.03 -22.80 9.57
CA GLY M 321 -25.95 -23.44 10.48
C GLY M 321 -26.37 -22.49 11.59
N VAL M 322 -27.61 -22.60 12.03
CA VAL M 322 -28.09 -21.71 13.09
C VAL M 322 -28.64 -22.52 14.26
N ILE M 323 -28.12 -22.25 15.45
CA ILE M 323 -28.54 -22.95 16.65
C ILE M 323 -29.17 -21.97 17.65
N THR M 324 -30.38 -22.29 18.09
CA THR M 324 -31.07 -21.45 19.07
C THR M 324 -31.24 -22.26 20.37
N GLU M 325 -30.73 -21.70 21.46
CA GLU M 325 -30.83 -22.35 22.77
C GLU M 325 -31.98 -21.69 23.57
N THR M 326 -32.98 -22.47 23.95
CA THR M 326 -34.11 -21.91 24.69
C THR M 326 -34.25 -22.39 26.15
N ILE M 327 -33.35 -23.29 26.59
CA ILE M 327 -33.42 -23.80 27.95
C ILE M 327 -32.53 -23.05 28.94
N PHE M 328 -31.27 -22.79 28.58
CA PHE M 328 -30.33 -22.07 29.46
C PHE M 328 -29.78 -20.79 28.82
N GLU M 329 -29.83 -19.69 29.58
CA GLU M 329 -29.41 -18.36 29.14
C GLU M 329 -27.92 -18.08 28.91
N ASN M 330 -27.08 -19.08 29.09
CA ASN M 330 -25.66 -18.86 28.92
C ASN M 330 -24.92 -20.14 28.59
N ARG M 331 -25.40 -20.83 27.56
CA ARG M 331 -24.79 -22.08 27.15
C ARG M 331 -24.09 -22.01 25.80
N PHE M 332 -23.36 -20.92 25.58
CA PHE M 332 -22.59 -20.73 24.36
C PHE M 332 -21.13 -20.46 24.73
N MET M 333 -20.74 -20.84 25.94
CA MET M 333 -19.38 -20.62 26.40
C MET M 333 -18.30 -21.34 25.59
N HIS M 334 -18.69 -22.38 24.87
CA HIS M 334 -17.75 -23.13 24.05
C HIS M 334 -17.40 -22.38 22.76
N VAL M 335 -18.33 -21.55 22.30
CA VAL M 335 -18.13 -20.80 21.08
C VAL M 335 -16.83 -19.99 21.02
N PRO M 336 -16.58 -19.12 22.01
CA PRO M 336 -15.35 -18.32 21.99
C PRO M 336 -14.11 -19.21 21.95
N GLU M 337 -14.20 -20.38 22.58
CA GLU M 337 -13.07 -21.29 22.62
C GLU M 337 -12.84 -21.90 21.25
N LEU M 338 -13.91 -22.33 20.59
CA LEU M 338 -13.77 -22.93 19.28
C LEU M 338 -13.26 -21.90 18.27
N ILE M 339 -13.62 -20.65 18.48
CA ILE M 339 -13.16 -19.60 17.58
C ILE M 339 -11.63 -19.52 17.66
N ARG M 340 -11.07 -19.82 18.82
CA ARG M 340 -9.61 -19.81 18.98
C ARG M 340 -9.02 -20.89 18.09
N MET M 341 -9.80 -21.94 17.83
CA MET M 341 -9.35 -23.04 16.98
C MET M 341 -9.67 -22.78 15.50
N GLY M 342 -10.05 -21.55 15.18
CA GLY M 342 -10.35 -21.20 13.81
C GLY M 342 -11.79 -21.21 13.35
N ALA M 343 -12.74 -21.50 14.24
CA ALA M 343 -14.13 -21.52 13.82
C ALA M 343 -14.65 -20.12 13.53
N HIS M 344 -15.77 -20.04 12.80
CA HIS M 344 -16.39 -18.76 12.45
C HIS M 344 -17.83 -18.70 12.89
N ALA M 345 -18.14 -17.81 13.84
CA ALA M 345 -19.50 -17.71 14.33
C ALA M 345 -19.79 -16.40 15.03
N GLU M 346 -21.07 -16.05 15.08
CA GLU M 346 -21.50 -14.84 15.78
C GLU M 346 -22.66 -15.23 16.71
N ILE M 347 -22.67 -14.65 17.90
CA ILE M 347 -23.73 -14.91 18.85
C ILE M 347 -24.65 -13.70 18.88
N GLU M 348 -25.94 -13.94 18.64
CA GLU M 348 -26.93 -12.88 18.67
C GLU M 348 -28.02 -13.33 19.65
N SER M 349 -27.99 -12.75 20.84
CA SER M 349 -28.95 -13.13 21.86
C SER M 349 -28.80 -14.63 22.15
N ASN M 350 -29.87 -15.40 21.99
CA ASN M 350 -29.81 -16.82 22.29
C ASN M 350 -29.65 -17.76 21.10
N THR M 351 -29.00 -17.28 20.05
CA THR M 351 -28.75 -18.14 18.90
C THR M 351 -27.36 -17.85 18.32
N VAL M 352 -26.70 -18.90 17.82
CA VAL M 352 -25.37 -18.78 17.21
C VAL M 352 -25.46 -18.98 15.71
N ILE M 353 -24.90 -18.04 14.96
CA ILE M 353 -24.86 -18.15 13.51
C ILE M 353 -23.51 -18.80 13.23
N CYS M 354 -23.54 -20.00 12.67
CA CYS M 354 -22.32 -20.75 12.37
C CYS M 354 -21.96 -20.74 10.89
N HIS M 355 -20.68 -20.53 10.61
CA HIS M 355 -20.17 -20.52 9.25
C HIS M 355 -19.08 -21.60 9.20
N GLY M 356 -19.50 -22.81 8.86
CA GLY M 356 -18.58 -23.94 8.82
C GLY M 356 -17.30 -23.72 8.05
N VAL M 357 -16.21 -24.31 8.54
CA VAL M 357 -14.93 -24.21 7.87
C VAL M 357 -14.42 -25.60 7.58
N GLU M 358 -13.50 -25.64 6.62
CA GLU M 358 -12.88 -26.88 6.19
C GLU M 358 -12.24 -27.58 7.37
N LYS M 359 -11.30 -26.90 8.02
CA LYS M 359 -10.59 -27.50 9.13
C LYS M 359 -10.35 -26.57 10.31
N LEU M 360 -10.14 -27.19 11.48
CA LEU M 360 -9.86 -26.44 12.70
C LEU M 360 -8.37 -26.59 13.02
N SER M 361 -7.82 -25.61 13.73
CA SER M 361 -6.42 -25.62 14.11
C SER M 361 -6.28 -25.90 15.59
N GLY M 362 -5.40 -26.82 15.94
CA GLY M 362 -5.19 -27.12 17.35
C GLY M 362 -4.74 -25.86 18.09
N ALA M 363 -5.16 -25.74 19.34
CA ALA M 363 -4.79 -24.59 20.15
C ALA M 363 -5.15 -24.89 21.59
N GLN M 364 -4.78 -23.98 22.49
CA GLN M 364 -5.10 -24.16 23.90
C GLN M 364 -6.46 -23.55 24.17
N VAL M 365 -7.41 -24.40 24.57
CA VAL M 365 -8.76 -23.95 24.88
C VAL M 365 -9.13 -24.34 26.29
N MET M 366 -10.20 -23.73 26.81
CA MET M 366 -10.63 -24.03 28.17
C MET M 366 -12.05 -24.53 28.30
N ALA M 367 -12.21 -25.69 28.93
CA ALA M 367 -13.53 -26.26 29.16
C ALA M 367 -14.21 -25.35 30.17
N THR M 368 -15.50 -25.08 29.95
CA THR M 368 -16.24 -24.22 30.86
C THR M 368 -17.39 -24.95 31.54
N ASP M 369 -17.79 -26.08 30.98
CA ASP M 369 -18.87 -26.87 31.53
C ASP M 369 -18.81 -28.30 30.97
N LEU M 370 -19.65 -29.17 31.52
CA LEU M 370 -19.67 -30.56 31.09
C LEU M 370 -19.73 -30.80 29.59
N ARG M 371 -20.81 -30.40 28.93
CA ARG M 371 -20.92 -30.65 27.50
C ARG M 371 -19.93 -29.87 26.65
N ALA M 372 -19.55 -28.68 27.09
CA ALA M 372 -18.59 -27.89 26.32
C ALA M 372 -17.25 -28.61 26.30
N SER M 373 -16.84 -29.12 27.45
CA SER M 373 -15.57 -29.84 27.56
C SER M 373 -15.53 -31.00 26.58
N ALA M 374 -16.61 -31.76 26.49
CA ALA M 374 -16.65 -32.87 25.55
C ALA M 374 -16.55 -32.34 24.13
N SER M 375 -17.18 -31.20 23.88
CA SER M 375 -17.15 -30.61 22.55
C SER M 375 -15.73 -30.19 22.20
N LEU M 376 -15.03 -29.58 23.15
CA LEU M 376 -13.66 -29.14 22.88
C LEU M 376 -12.74 -30.34 22.69
N VAL M 377 -13.00 -31.43 23.37
CA VAL M 377 -12.17 -32.61 23.19
C VAL M 377 -12.38 -33.19 21.79
N LEU M 378 -13.63 -33.26 21.34
CA LEU M 378 -13.92 -33.77 20.00
C LEU M 378 -13.28 -32.85 18.96
N ALA M 379 -13.29 -31.55 19.23
CA ALA M 379 -12.69 -30.57 18.33
C ALA M 379 -11.20 -30.89 18.17
N GLY M 380 -10.54 -31.16 19.29
CA GLY M 380 -9.14 -31.49 19.25
C GLY M 380 -8.89 -32.72 18.39
N CYS M 381 -9.80 -33.68 18.43
CA CYS M 381 -9.66 -34.90 17.65
C CYS M 381 -9.65 -34.67 16.15
N ILE M 382 -10.44 -33.71 15.68
CA ILE M 382 -10.50 -33.46 14.24
C ILE M 382 -9.73 -32.21 13.80
N ALA M 383 -9.20 -31.47 14.75
CA ALA M 383 -8.45 -30.25 14.41
C ALA M 383 -7.08 -30.64 13.89
N GLU M 384 -6.45 -29.69 13.22
CA GLU M 384 -5.13 -29.88 12.65
C GLU M 384 -4.06 -29.55 13.68
N GLY M 385 -3.36 -30.57 14.18
CA GLY M 385 -2.31 -30.32 15.15
C GLY M 385 -2.58 -30.76 16.56
N THR M 386 -1.99 -30.03 17.51
CA THR M 386 -2.15 -30.33 18.92
C THR M 386 -3.10 -29.37 19.63
N THR M 387 -4.05 -29.94 20.36
CA THR M 387 -5.02 -29.14 21.10
C THR M 387 -4.86 -29.50 22.58
N VAL M 388 -4.94 -28.49 23.43
CA VAL M 388 -4.86 -28.72 24.87
C VAL M 388 -6.12 -28.17 25.52
N VAL M 389 -6.94 -29.07 26.05
CA VAL M 389 -8.18 -28.69 26.72
C VAL M 389 -7.94 -28.64 28.22
N ASP M 390 -7.86 -27.41 28.73
CA ASP M 390 -7.63 -27.21 30.15
C ASP M 390 -8.93 -27.40 30.94
N ARG M 391 -8.79 -27.77 32.21
CA ARG M 391 -9.93 -27.98 33.08
C ARG M 391 -10.85 -29.12 32.63
N ILE M 392 -10.27 -30.25 32.20
CA ILE M 392 -11.12 -31.36 31.76
C ILE M 392 -11.84 -32.03 32.92
N TYR M 393 -11.63 -31.55 34.13
CA TYR M 393 -12.30 -32.14 35.28
C TYR M 393 -13.80 -32.10 35.01
N HIS M 394 -14.22 -31.06 34.28
CA HIS M 394 -15.63 -30.91 33.91
C HIS M 394 -16.15 -32.17 33.25
N ILE M 395 -15.33 -32.73 32.35
CA ILE M 395 -15.74 -33.91 31.62
C ILE M 395 -15.90 -35.15 32.51
N ASP M 396 -15.17 -35.20 33.61
CA ASP M 396 -15.27 -36.34 34.52
C ASP M 396 -16.59 -36.36 35.28
N ARG M 397 -17.30 -35.25 35.20
CA ARG M 397 -18.59 -35.09 35.85
C ARG M 397 -19.66 -35.96 35.22
N GLY M 398 -19.69 -36.02 33.88
CA GLY M 398 -20.72 -36.78 33.18
C GLY M 398 -20.31 -37.81 32.13
N TYR M 399 -19.02 -38.07 31.97
CA TYR M 399 -18.59 -39.06 31.00
C TYR M 399 -17.70 -40.10 31.65
N GLU M 400 -18.13 -41.36 31.63
CA GLU M 400 -17.35 -42.43 32.20
C GLU M 400 -16.21 -42.81 31.27
N ARG M 401 -14.99 -42.59 31.74
CA ARG M 401 -13.76 -42.90 31.00
C ARG M 401 -13.86 -42.59 29.52
N ILE M 402 -14.11 -41.32 29.21
CA ILE M 402 -14.23 -40.88 27.82
C ILE M 402 -12.90 -40.99 27.10
N GLU M 403 -11.82 -40.84 27.87
CA GLU M 403 -10.46 -40.92 27.35
C GLU M 403 -10.18 -42.29 26.72
N ASP M 404 -10.64 -43.35 27.38
CA ASP M 404 -10.47 -44.72 26.89
C ASP M 404 -11.38 -45.01 25.71
N LYS M 405 -12.65 -44.62 25.83
CA LYS M 405 -13.61 -44.85 24.75
C LYS M 405 -13.21 -44.12 23.47
N LEU M 406 -12.72 -42.89 23.59
CA LEU M 406 -12.29 -42.13 22.43
C LEU M 406 -11.04 -42.75 21.82
N ARG M 407 -10.11 -43.17 22.66
CA ARG M 407 -8.89 -43.79 22.17
C ARG M 407 -9.26 -45.03 21.36
N ALA M 408 -10.16 -45.84 21.90
CA ALA M 408 -10.60 -47.05 21.21
C ALA M 408 -11.24 -46.75 19.87
N LEU M 409 -11.49 -45.48 19.58
CA LEU M 409 -12.12 -45.10 18.32
C LEU M 409 -11.09 -44.48 17.39
N GLY M 410 -9.83 -44.47 17.84
CA GLY M 410 -8.76 -43.93 17.02
C GLY M 410 -8.20 -42.59 17.44
N ALA M 411 -8.66 -42.09 18.58
CA ALA M 411 -8.20 -40.79 19.05
C ALA M 411 -6.80 -40.84 19.65
N ASN M 412 -6.08 -39.73 19.47
CA ASN M 412 -4.73 -39.57 20.00
C ASN M 412 -4.90 -38.61 21.16
N ILE M 413 -5.16 -39.15 22.34
CA ILE M 413 -5.41 -38.32 23.50
C ILE M 413 -4.63 -38.79 24.72
N GLU M 414 -4.13 -37.85 25.51
CA GLU M 414 -3.38 -38.17 26.72
C GLU M 414 -3.65 -37.11 27.79
N ARG M 415 -3.99 -37.54 29.00
CA ARG M 415 -4.26 -36.57 30.06
C ARG M 415 -2.94 -36.07 30.59
N VAL M 416 -2.88 -34.77 30.87
CA VAL M 416 -1.66 -34.16 31.36
C VAL M 416 -1.90 -33.35 32.62
N LYS M 417 -0.84 -32.81 33.19
CA LYS M 417 -0.97 -32.05 34.42
C LYS M 417 -0.90 -30.52 34.28
N GLY M 418 -1.63 -29.84 35.17
CA GLY M 418 -1.71 -28.39 35.20
C GLY M 418 -0.44 -27.62 34.87
N GLU M 419 -0.61 -26.47 34.22
CA GLU M 419 0.48 -25.58 33.80
C GLU M 419 1.33 -26.13 32.63
N MET N 1 -7.49 -19.90 48.82
CA MET N 1 -8.54 -19.07 48.17
C MET N 1 -9.09 -18.04 49.15
N ASP N 2 -8.53 -16.84 49.12
CA ASP N 2 -8.96 -15.76 50.00
C ASP N 2 -10.45 -15.48 49.95
N LYS N 3 -10.99 -15.02 51.08
CA LYS N 3 -12.40 -14.71 51.21
C LYS N 3 -12.58 -13.48 52.10
N PHE N 4 -13.77 -12.88 52.06
CA PHE N 4 -14.07 -11.74 52.91
C PHE N 4 -15.16 -12.18 53.89
N ARG N 5 -14.90 -11.93 55.17
CA ARG N 5 -15.83 -12.25 56.23
C ARG N 5 -16.47 -10.92 56.65
N VAL N 6 -17.74 -10.73 56.32
CA VAL N 6 -18.41 -9.48 56.62
C VAL N 6 -19.52 -9.62 57.65
N GLN N 7 -19.53 -8.69 58.59
CA GLN N 7 -20.49 -8.64 59.69
C GLN N 7 -21.44 -7.47 59.55
N GLY N 8 -22.72 -7.75 59.45
CA GLY N 8 -23.67 -6.66 59.30
C GLY N 8 -24.86 -6.79 60.25
N PRO N 9 -25.78 -5.83 60.22
CA PRO N 9 -25.74 -4.64 59.36
C PRO N 9 -24.93 -3.49 59.92
N THR N 10 -24.32 -2.71 59.04
CA THR N 10 -23.53 -1.56 59.45
C THR N 10 -23.77 -0.43 58.44
N ARG N 11 -24.19 0.72 58.96
CA ARG N 11 -24.44 1.89 58.11
C ARG N 11 -23.08 2.38 57.65
N LEU N 12 -22.89 2.46 56.33
CA LEU N 12 -21.62 2.93 55.76
C LEU N 12 -21.66 4.43 55.60
N GLN N 13 -20.74 5.15 56.23
CA GLN N 13 -20.73 6.60 56.13
C GLN N 13 -19.36 7.16 56.45
N GLY N 14 -19.10 8.35 55.95
CA GLY N 14 -17.82 9.00 56.17
C GLY N 14 -17.24 9.54 54.87
N GLU N 15 -15.95 9.32 54.67
CA GLU N 15 -15.30 9.78 53.47
C GLU N 15 -14.41 8.72 52.85
N VAL N 16 -14.13 8.90 51.56
CA VAL N 16 -13.28 7.99 50.82
C VAL N 16 -12.62 8.79 49.70
N THR N 17 -11.39 8.45 49.38
CA THR N 17 -10.69 9.14 48.31
C THR N 17 -10.59 8.18 47.12
N ILE N 18 -11.15 8.60 46.00
CA ILE N 18 -11.17 7.79 44.80
C ILE N 18 -9.79 7.65 44.17
N SER N 19 -9.46 6.43 43.75
CA SER N 19 -8.18 6.15 43.11
C SER N 19 -8.27 6.40 41.61
N GLY N 20 -7.12 6.28 40.94
CA GLY N 20 -7.09 6.48 39.50
C GLY N 20 -7.95 5.43 38.81
N ALA N 21 -8.52 5.81 37.67
CA ALA N 21 -9.39 4.91 36.92
C ALA N 21 -8.67 3.70 36.36
N LYS N 22 -9.14 2.52 36.76
CA LYS N 22 -8.56 1.28 36.27
C LYS N 22 -8.60 1.23 34.76
N ASN N 23 -9.77 1.54 34.21
CA ASN N 23 -9.97 1.50 32.77
C ASN N 23 -9.42 2.68 31.94
N ALA N 24 -8.62 3.52 32.58
CA ALA N 24 -7.98 4.64 31.89
C ALA N 24 -6.50 4.34 31.99
N ALA N 25 -6.09 3.83 33.14
CA ALA N 25 -4.70 3.47 33.39
C ALA N 25 -4.27 2.34 32.47
N LEU N 26 -5.13 1.34 32.30
CA LEU N 26 -4.80 0.20 31.44
C LEU N 26 -4.57 0.59 29.97
N PRO N 27 -5.53 1.27 29.34
CA PRO N 27 -5.31 1.64 27.94
C PRO N 27 -4.15 2.62 27.76
N ILE N 28 -3.91 3.46 28.77
CA ILE N 28 -2.82 4.43 28.71
C ILE N 28 -1.48 3.71 28.86
N LEU N 29 -1.42 2.70 29.72
CA LEU N 29 -0.19 1.95 29.91
C LEU N 29 0.20 1.25 28.62
N PHE N 30 -0.76 0.69 27.90
CA PHE N 30 -0.46 0.01 26.64
C PHE N 30 -0.11 1.04 25.57
N ALA N 31 -0.74 2.19 25.64
CA ALA N 31 -0.49 3.26 24.69
C ALA N 31 0.98 3.69 24.83
N ALA N 32 1.53 3.54 26.02
CA ALA N 32 2.91 3.93 26.29
C ALA N 32 3.90 3.17 25.40
N LEU N 33 3.47 2.03 24.88
CA LEU N 33 4.33 1.25 24.00
C LEU N 33 4.71 2.10 22.77
N LEU N 34 3.97 3.17 22.55
CA LEU N 34 4.22 4.06 21.42
C LEU N 34 5.30 5.09 21.74
N ALA N 35 5.50 5.36 23.02
CA ALA N 35 6.47 6.36 23.46
C ALA N 35 7.92 5.95 23.28
N GLU N 36 8.70 6.84 22.67
CA GLU N 36 10.12 6.59 22.44
C GLU N 36 10.94 7.14 23.60
N GLU N 37 10.35 8.07 24.34
CA GLU N 37 11.01 8.70 25.49
C GLU N 37 10.31 8.38 26.81
N PRO N 38 11.07 8.09 27.88
CA PRO N 38 10.52 7.77 29.20
C PRO N 38 9.22 8.50 29.50
N VAL N 39 8.29 7.78 30.13
CA VAL N 39 6.99 8.31 30.49
C VAL N 39 6.66 8.06 31.95
N GLU N 40 5.86 8.95 32.53
CA GLU N 40 5.42 8.80 33.91
C GLU N 40 3.91 8.97 33.96
N ILE N 41 3.23 7.90 34.36
CA ILE N 41 1.78 7.93 34.47
C ILE N 41 1.44 8.01 35.95
N GLN N 42 0.83 9.13 36.33
CA GLN N 42 0.47 9.38 37.73
C GLN N 42 -0.93 8.94 38.13
N ASN N 43 -1.12 8.80 39.43
CA ASN N 43 -2.41 8.40 39.99
C ASN N 43 -2.86 7.04 39.46
N VAL N 44 -1.92 6.12 39.31
CA VAL N 44 -2.26 4.78 38.81
C VAL N 44 -2.64 3.91 40.02
N PRO N 45 -3.86 3.34 40.00
CA PRO N 45 -4.26 2.49 41.12
C PRO N 45 -3.43 1.22 41.21
N LYS N 46 -3.33 0.67 42.42
CA LYS N 46 -2.57 -0.56 42.63
C LYS N 46 -3.55 -1.73 42.52
N LEU N 47 -3.69 -2.25 41.31
CA LEU N 47 -4.60 -3.35 41.04
C LEU N 47 -3.90 -4.52 40.39
N LYS N 48 -4.49 -5.70 40.51
CA LYS N 48 -3.92 -6.92 39.94
C LYS N 48 -3.67 -6.75 38.45
N ASP N 49 -4.61 -6.12 37.76
CA ASP N 49 -4.47 -5.91 36.32
C ASP N 49 -3.29 -5.01 35.96
N ILE N 50 -2.97 -4.05 36.83
CA ILE N 50 -1.84 -3.17 36.57
C ILE N 50 -0.55 -3.99 36.69
N ASP N 51 -0.53 -4.95 37.62
CA ASP N 51 0.66 -5.78 37.79
C ASP N 51 0.84 -6.64 36.54
N THR N 52 -0.24 -7.25 36.08
CA THR N 52 -0.18 -8.10 34.89
C THR N 52 0.25 -7.29 33.67
N THR N 53 -0.25 -6.06 33.54
CA THR N 53 0.12 -5.19 32.43
C THR N 53 1.61 -4.89 32.50
N MET N 54 2.10 -4.55 33.68
CA MET N 54 3.52 -4.25 33.84
C MET N 54 4.34 -5.48 33.49
N LYS N 55 3.84 -6.64 33.90
CA LYS N 55 4.50 -7.90 33.66
C LYS N 55 4.65 -8.10 32.16
N LEU N 56 3.56 -7.88 31.43
CA LEU N 56 3.54 -8.02 29.99
C LEU N 56 4.48 -7.02 29.33
N LEU N 57 4.35 -5.74 29.70
CA LEU N 57 5.20 -4.70 29.12
C LEU N 57 6.68 -5.03 29.30
N THR N 58 7.04 -5.43 30.52
CA THR N 58 8.41 -5.80 30.82
C THR N 58 8.84 -6.94 29.90
N GLN N 59 7.92 -7.88 29.64
CA GLN N 59 8.22 -9.03 28.77
C GLN N 59 8.46 -8.62 27.33
N LEU N 60 8.00 -7.43 26.97
CA LEU N 60 8.18 -6.96 25.61
C LEU N 60 9.52 -6.22 25.51
N GLY N 61 10.20 -6.10 26.65
CA GLY N 61 11.48 -5.41 26.67
C GLY N 61 11.33 -3.98 27.16
N THR N 62 10.30 -3.72 27.95
CA THR N 62 10.06 -2.39 28.46
C THR N 62 10.61 -2.31 29.87
N LYS N 63 11.05 -1.10 30.25
CA LYS N 63 11.57 -0.88 31.60
C LYS N 63 10.40 -0.27 32.36
N VAL N 64 9.88 -1.02 33.32
CA VAL N 64 8.74 -0.57 34.10
C VAL N 64 8.99 -0.64 35.61
N GLU N 65 8.47 0.35 36.32
CA GLU N 65 8.61 0.43 37.77
C GLU N 65 7.50 1.35 38.27
N ARG N 66 7.02 1.09 39.48
CA ARG N 66 5.96 1.92 40.04
C ARG N 66 6.12 2.07 41.55
N GLY N 68 2.97 6.07 43.51
CA GLY N 68 1.64 6.43 43.06
C GLY N 68 1.62 6.44 41.54
N SER N 69 2.81 6.54 40.95
CA SER N 69 2.96 6.57 39.51
C SER N 69 3.60 5.30 38.98
N VAL N 70 3.52 5.14 37.66
CA VAL N 70 4.13 4.00 36.99
C VAL N 70 5.06 4.66 35.97
N TRP N 71 6.35 4.36 36.07
CA TRP N 71 7.33 4.93 35.14
C TRP N 71 7.62 3.93 34.03
N ILE N 72 7.48 4.39 32.79
CA ILE N 72 7.70 3.54 31.62
C ILE N 72 8.78 4.03 30.67
N ASP N 73 9.59 3.09 30.21
CA ASP N 73 10.65 3.40 29.26
C ASP N 73 10.58 2.29 28.22
N ALA N 74 9.82 2.52 27.16
CA ALA N 74 9.68 1.52 26.11
C ALA N 74 10.62 1.84 24.96
N SER N 75 11.59 2.69 25.25
CA SER N 75 12.58 3.10 24.26
C SER N 75 13.13 1.88 23.54
N ASN N 76 13.39 0.83 24.30
CA ASN N 76 13.96 -0.37 23.72
C ASN N 76 13.05 -1.60 23.69
N VAL N 77 11.92 -1.50 23.00
CA VAL N 77 11.01 -2.64 22.90
C VAL N 77 11.54 -3.61 21.87
N ASN N 78 11.92 -4.80 22.30
CA ASN N 78 12.47 -5.80 21.39
C ASN N 78 11.55 -6.97 21.02
N ASN N 79 10.80 -7.49 21.99
CA ASN N 79 9.88 -8.59 21.70
C ASN N 79 8.52 -8.04 21.29
N PHE N 80 7.73 -8.83 20.57
CA PHE N 80 6.43 -8.36 20.11
C PHE N 80 5.23 -9.32 20.27
N SER N 81 5.22 -10.15 21.32
CA SER N 81 4.11 -11.07 21.50
C SER N 81 3.65 -11.23 22.95
N ALA N 82 2.35 -11.49 23.13
CA ALA N 82 1.76 -11.71 24.44
C ALA N 82 1.27 -13.16 24.48
N PRO N 83 1.91 -13.99 25.33
CA PRO N 83 1.58 -15.42 25.49
C PRO N 83 0.17 -15.74 25.99
N TYR N 84 -0.30 -16.93 25.63
CA TYR N 84 -1.62 -17.41 26.03
C TYR N 84 -1.79 -17.22 27.54
N ASP N 85 -0.95 -17.91 28.30
CA ASP N 85 -0.97 -17.88 29.75
C ASP N 85 -0.96 -16.49 30.36
N LEU N 86 -0.52 -15.48 29.61
CA LEU N 86 -0.53 -14.15 30.16
C LEU N 86 -1.86 -13.47 29.84
N VAL N 87 -2.28 -13.52 28.58
CA VAL N 87 -3.54 -12.87 28.20
C VAL N 87 -4.74 -13.65 28.74
N LYS N 88 -4.54 -14.92 29.07
CA LYS N 88 -5.64 -15.70 29.62
C LYS N 88 -6.01 -15.18 31.01
N THR N 89 -5.15 -14.36 31.59
CA THR N 89 -5.41 -13.80 32.91
C THR N 89 -5.90 -12.34 32.80
N MET N 90 -5.79 -11.77 31.61
CA MET N 90 -6.21 -10.39 31.37
C MET N 90 -6.39 -10.12 29.86
N ARG N 91 -7.62 -10.16 29.39
CA ARG N 91 -7.90 -9.94 27.96
C ARG N 91 -7.61 -8.52 27.50
N ALA N 92 -7.41 -7.61 28.43
CA ALA N 92 -7.10 -6.23 28.06
C ALA N 92 -5.72 -6.18 27.40
N SER N 93 -4.97 -7.26 27.49
CA SER N 93 -3.65 -7.25 26.87
C SER N 93 -3.76 -7.16 25.35
N ILE N 94 -4.98 -7.34 24.84
CA ILE N 94 -5.24 -7.25 23.41
C ILE N 94 -4.84 -5.85 22.93
N TRP N 95 -4.84 -4.89 23.84
CA TRP N 95 -4.48 -3.51 23.51
C TRP N 95 -3.01 -3.33 23.15
N ALA N 96 -2.21 -4.39 23.21
CA ALA N 96 -0.80 -4.31 22.88
C ALA N 96 -0.62 -4.44 21.38
N LEU N 97 -1.51 -5.18 20.74
CA LEU N 97 -1.44 -5.41 19.30
C LEU N 97 -1.35 -4.13 18.50
N GLY N 98 -2.27 -3.21 18.76
CA GLY N 98 -2.28 -1.96 18.04
C GLY N 98 -0.97 -1.18 18.07
N PRO N 99 -0.50 -0.78 19.26
CA PRO N 99 0.76 -0.02 19.33
C PRO N 99 1.96 -0.76 18.72
N LEU N 100 2.08 -2.05 19.02
CA LEU N 100 3.18 -2.84 18.49
C LEU N 100 3.25 -2.80 16.97
N VAL N 101 2.12 -3.08 16.32
CA VAL N 101 2.09 -3.06 14.85
C VAL N 101 2.30 -1.66 14.29
N ALA N 102 1.73 -0.66 14.95
CA ALA N 102 1.85 0.73 14.49
C ALA N 102 3.26 1.30 14.60
N ARG N 103 4.00 0.87 15.62
CA ARG N 103 5.34 1.36 15.82
C ARG N 103 6.45 0.44 15.31
N PHE N 104 6.27 -0.86 15.45
CA PHE N 104 7.28 -1.81 15.00
C PHE N 104 6.90 -2.64 13.77
N GLY N 105 5.75 -2.34 13.17
CA GLY N 105 5.29 -3.06 11.99
C GLY N 105 4.87 -4.50 12.21
N GLN N 106 4.86 -4.95 13.46
CA GLN N 106 4.45 -6.32 13.75
C GLN N 106 3.96 -6.46 15.19
N GLY N 107 3.28 -7.56 15.45
CA GLY N 107 2.77 -7.83 16.79
C GLY N 107 1.84 -9.03 16.76
N GLN N 108 1.79 -9.78 17.84
CA GLN N 108 0.89 -10.92 17.90
C GLN N 108 0.52 -11.18 19.34
N VAL N 109 -0.78 -11.17 19.59
CA VAL N 109 -1.36 -11.39 20.90
C VAL N 109 -2.23 -12.63 20.86
N SER N 110 -2.20 -13.43 21.93
CA SER N 110 -3.01 -14.64 21.97
C SER N 110 -4.49 -14.21 21.92
N LEU N 111 -5.25 -14.82 21.02
CA LEU N 111 -6.66 -14.48 20.89
C LEU N 111 -7.36 -14.86 22.18
N PRO N 112 -7.89 -13.87 22.92
CA PRO N 112 -8.58 -14.18 24.16
C PRO N 112 -9.81 -15.03 23.97
N GLY N 113 -10.02 -15.98 24.89
CA GLY N 113 -11.18 -16.85 24.83
C GLY N 113 -12.39 -16.15 25.45
N GLY N 114 -13.37 -16.92 25.90
CA GLY N 114 -14.55 -16.30 26.49
C GLY N 114 -14.31 -15.73 27.88
N CYS N 115 -15.15 -14.80 28.29
CA CYS N 115 -15.05 -14.19 29.62
C CYS N 115 -16.32 -14.60 30.37
N ALA N 116 -16.35 -14.35 31.68
CA ALA N 116 -17.50 -14.73 32.48
C ALA N 116 -18.77 -13.99 32.10
N ILE N 117 -18.67 -12.68 31.93
CA ILE N 117 -19.83 -11.85 31.60
C ILE N 117 -20.23 -11.80 30.14
N GLY N 118 -19.46 -12.44 29.27
CA GLY N 118 -19.78 -12.43 27.85
C GLY N 118 -18.66 -12.98 26.99
N ALA N 119 -19.00 -13.31 25.73
CA ALA N 119 -18.02 -13.87 24.78
C ALA N 119 -16.94 -12.86 24.46
N ARG N 120 -17.31 -11.58 24.56
CA ARG N 120 -16.41 -10.47 24.31
C ARG N 120 -15.45 -10.66 23.14
N PRO N 121 -16.00 -10.83 21.92
CA PRO N 121 -15.16 -11.01 20.73
C PRO N 121 -14.33 -9.73 20.55
N VAL N 122 -13.29 -9.82 19.74
CA VAL N 122 -12.40 -8.69 19.53
C VAL N 122 -12.31 -8.31 18.06
N ASP N 123 -13.31 -8.75 17.29
CA ASP N 123 -13.42 -8.52 15.85
C ASP N 123 -13.27 -7.07 15.40
N LEU N 124 -13.87 -6.13 16.13
CA LEU N 124 -13.77 -4.73 15.75
C LEU N 124 -12.33 -4.21 15.86
N HIS N 125 -11.56 -4.79 16.78
CA HIS N 125 -10.17 -4.40 16.95
C HIS N 125 -9.43 -4.74 15.67
N ILE N 126 -9.56 -5.99 15.27
CA ILE N 126 -8.93 -6.51 14.08
C ILE N 126 -9.41 -5.76 12.84
N PHE N 127 -10.72 -5.60 12.73
CA PHE N 127 -11.31 -4.88 11.60
C PHE N 127 -10.67 -3.50 11.47
N GLY N 128 -10.51 -2.83 12.60
CA GLY N 128 -9.93 -1.50 12.60
C GLY N 128 -8.49 -1.47 12.15
N LEU N 129 -7.67 -2.38 12.69
CA LEU N 129 -6.26 -2.43 12.29
C LEU N 129 -6.15 -2.76 10.80
N GLU N 130 -6.97 -3.70 10.33
CA GLU N 130 -6.96 -4.07 8.93
C GLU N 130 -7.26 -2.86 8.04
N LYS N 131 -8.22 -2.03 8.47
CA LYS N 131 -8.58 -0.84 7.69
C LYS N 131 -7.41 0.15 7.67
N LEU N 132 -6.53 0.05 8.65
CA LEU N 132 -5.38 0.94 8.73
C LEU N 132 -4.22 0.36 7.92
N GLY N 133 -4.47 -0.80 7.31
CA GLY N 133 -3.44 -1.42 6.48
C GLY N 133 -2.77 -2.66 7.04
N ALA N 134 -3.03 -3.00 8.29
CA ALA N 134 -2.39 -4.19 8.85
C ALA N 134 -2.95 -5.46 8.25
N GLU N 135 -2.12 -6.49 8.17
CA GLU N 135 -2.57 -7.76 7.64
C GLU N 135 -2.62 -8.64 8.85
N ILE N 136 -3.80 -9.19 9.11
CA ILE N 136 -4.00 -10.04 10.28
C ILE N 136 -4.48 -11.44 9.95
N LYS N 137 -3.72 -12.43 10.43
CA LYS N 137 -4.06 -13.83 10.24
C LYS N 137 -4.07 -14.47 11.64
N LEU N 138 -4.81 -15.56 11.80
CA LEU N 138 -4.88 -16.24 13.09
C LEU N 138 -4.26 -17.62 13.03
N GLU N 139 -3.19 -17.85 13.80
CA GLU N 139 -2.55 -19.14 13.81
C GLU N 139 -2.06 -19.57 15.18
N GLU N 140 -2.42 -20.79 15.57
CA GLU N 140 -2.05 -21.36 16.88
C GLU N 140 -2.65 -20.58 18.04
N GLY N 141 -3.81 -19.97 17.78
CA GLY N 141 -4.48 -19.21 18.82
C GLY N 141 -3.96 -17.80 18.94
N TYR N 142 -3.20 -17.35 17.96
CA TYR N 142 -2.68 -15.99 18.01
C TYR N 142 -3.16 -15.15 16.84
N VAL N 143 -3.44 -13.89 17.13
CA VAL N 143 -3.86 -12.93 16.12
C VAL N 143 -2.57 -12.19 15.76
N LYS N 144 -1.90 -12.67 14.71
CA LYS N 144 -0.64 -12.08 14.25
C LYS N 144 -0.87 -10.96 13.25
N ALA N 145 -0.35 -9.79 13.55
CA ALA N 145 -0.53 -8.63 12.67
C ALA N 145 0.80 -8.10 12.19
N SER N 146 0.81 -7.58 10.95
CA SER N 146 2.01 -7.03 10.37
C SER N 146 1.66 -6.01 9.31
N VAL N 147 2.63 -5.15 8.99
CA VAL N 147 2.46 -4.12 7.99
C VAL N 147 3.81 -3.67 7.46
N ASN N 148 3.89 -3.51 6.15
CA ASN N 148 5.12 -3.05 5.51
C ASN N 148 5.16 -1.53 5.63
N GLY N 149 6.04 -1.02 6.47
CA GLY N 149 6.14 0.40 6.64
C GLY N 149 5.09 0.86 7.63
N ARG N 150 4.70 2.13 7.54
CA ARG N 150 3.70 2.66 8.47
C ARG N 150 2.28 2.36 7.98
N LEU N 151 1.34 2.41 8.93
CA LEU N 151 -0.07 2.17 8.63
C LEU N 151 -0.57 3.42 7.90
N LYS N 152 -1.66 3.31 7.16
CA LYS N 152 -2.17 4.45 6.42
C LYS N 152 -3.56 4.87 6.91
N GLY N 153 -3.67 6.15 7.27
CA GLY N 153 -4.91 6.72 7.76
C GLY N 153 -6.10 6.26 6.94
N ALA N 154 -7.25 6.09 7.57
CA ALA N 154 -8.44 5.64 6.87
C ALA N 154 -9.70 6.16 7.55
N HIS N 155 -10.81 6.12 6.84
CA HIS N 155 -12.08 6.55 7.39
C HIS N 155 -12.71 5.24 7.82
N ILE N 156 -12.81 5.04 9.14
CA ILE N 156 -13.36 3.80 9.69
C ILE N 156 -14.69 4.02 10.38
N VAL N 157 -15.72 3.30 9.95
CA VAL N 157 -17.03 3.44 10.57
C VAL N 157 -17.27 2.21 11.42
N MET N 158 -17.50 2.45 12.71
CA MET N 158 -17.76 1.39 13.67
C MET N 158 -19.22 0.96 13.59
N ASP N 159 -19.45 -0.35 13.54
CA ASP N 159 -20.81 -0.87 13.47
C ASP N 159 -21.43 -0.81 14.83
N LYS N 160 -20.65 -1.24 15.81
CA LYS N 160 -21.07 -1.25 17.20
C LYS N 160 -20.21 -0.19 17.89
N VAL N 161 -20.61 0.20 19.08
CA VAL N 161 -19.84 1.13 19.86
C VAL N 161 -18.99 0.25 20.78
N SER N 162 -17.66 0.38 20.67
CA SER N 162 -16.74 -0.42 21.46
C SER N 162 -15.64 0.44 22.05
N VAL N 163 -15.53 0.42 23.37
CA VAL N 163 -14.51 1.20 24.08
C VAL N 163 -13.15 0.66 23.67
N GLY N 164 -13.00 -0.66 23.78
CA GLY N 164 -11.74 -1.31 23.44
C GLY N 164 -11.28 -1.06 22.02
N ALA N 165 -12.16 -1.32 21.05
CA ALA N 165 -11.83 -1.13 19.65
C ALA N 165 -11.48 0.33 19.36
N THR N 166 -12.20 1.27 19.97
CA THR N 166 -11.91 2.69 19.75
C THR N 166 -10.49 3.00 20.21
N VAL N 167 -10.09 2.43 21.35
CA VAL N 167 -8.75 2.63 21.89
C VAL N 167 -7.69 2.07 20.96
N THR N 168 -7.87 0.82 20.53
CA THR N 168 -6.91 0.18 19.65
C THR N 168 -6.69 1.00 18.38
N ILE N 169 -7.77 1.33 17.70
CA ILE N 169 -7.69 2.10 16.48
C ILE N 169 -7.10 3.48 16.67
N MET N 170 -7.60 4.22 17.65
CA MET N 170 -7.09 5.57 17.92
C MET N 170 -5.61 5.57 18.24
N SER N 171 -5.17 4.57 19.02
CA SER N 171 -3.77 4.47 19.40
C SER N 171 -2.88 4.19 18.19
N ALA N 172 -3.24 3.18 17.41
CA ALA N 172 -2.46 2.81 16.25
C ALA N 172 -2.38 3.95 15.21
N ALA N 173 -3.47 4.69 15.07
CA ALA N 173 -3.53 5.77 14.10
C ALA N 173 -2.54 6.91 14.35
N THR N 174 -2.12 7.09 15.60
CA THR N 174 -1.21 8.19 15.92
C THR N 174 0.10 8.12 15.16
N LEU N 175 0.54 6.91 14.82
CA LEU N 175 1.78 6.71 14.08
C LEU N 175 1.52 6.32 12.63
N ALA N 176 0.27 6.51 12.18
CA ALA N 176 -0.10 6.19 10.81
C ALA N 176 0.28 7.31 9.87
N GLU N 177 0.29 6.99 8.59
CA GLU N 177 0.64 7.94 7.55
C GLU N 177 -0.68 8.51 7.05
N GLY N 178 -0.95 9.77 7.39
CA GLY N 178 -2.19 10.38 6.94
C GLY N 178 -3.17 10.61 8.06
N THR N 179 -4.42 10.88 7.69
CA THR N 179 -5.47 11.14 8.67
C THR N 179 -6.47 9.99 8.81
N THR N 180 -6.83 9.69 10.06
CA THR N 180 -7.78 8.64 10.34
C THR N 180 -9.00 9.29 10.98
N ILE N 181 -10.18 8.76 10.66
CA ILE N 181 -11.41 9.27 11.22
C ILE N 181 -12.21 8.07 11.71
N ILE N 182 -12.54 8.07 13.00
CA ILE N 182 -13.31 6.99 13.57
C ILE N 182 -14.76 7.45 13.75
N GLU N 183 -15.65 6.82 13.00
CA GLU N 183 -17.08 7.12 13.04
C GLU N 183 -17.75 6.22 14.09
N ASN N 184 -18.70 6.77 14.83
CA ASN N 184 -19.42 6.03 15.85
C ASN N 184 -18.45 5.51 16.92
N ALA N 185 -17.50 6.36 17.28
CA ALA N 185 -16.49 6.03 18.27
C ALA N 185 -17.12 6.05 19.67
N ALA N 186 -16.53 5.31 20.61
CA ALA N 186 -17.03 5.28 21.98
C ALA N 186 -16.69 6.63 22.62
N ARG N 187 -17.60 7.16 23.44
CA ARG N 187 -17.37 8.45 24.10
C ARG N 187 -16.99 8.34 25.58
N GLU N 188 -16.67 7.14 26.05
CA GLU N 188 -16.30 6.97 27.45
C GLU N 188 -15.21 7.93 27.89
N PRO N 189 -15.28 8.41 29.14
CA PRO N 189 -14.29 9.34 29.71
C PRO N 189 -12.87 8.80 29.59
N GLU N 190 -12.75 7.48 29.66
CA GLU N 190 -11.44 6.86 29.56
C GLU N 190 -10.86 7.09 28.17
N ILE N 191 -11.73 7.10 27.16
CA ILE N 191 -11.32 7.33 25.77
C ILE N 191 -10.71 8.73 25.70
N VAL N 192 -11.41 9.70 26.28
CA VAL N 192 -10.93 11.07 26.32
C VAL N 192 -9.56 11.12 27.01
N ASP N 193 -9.45 10.40 28.13
CA ASP N 193 -8.21 10.39 28.91
C ASP N 193 -7.06 9.78 28.12
N THR N 194 -7.34 8.67 27.44
CA THR N 194 -6.32 8.02 26.64
C THR N 194 -5.91 8.95 25.50
N ALA N 195 -6.89 9.63 24.92
CA ALA N 195 -6.63 10.55 23.81
C ALA N 195 -5.68 11.66 24.26
N ASN N 196 -6.01 12.29 25.39
CA ASN N 196 -5.19 13.38 25.92
C ASN N 196 -3.78 12.91 26.29
N PHE N 197 -3.66 11.65 26.70
CA PHE N 197 -2.36 11.10 27.04
C PHE N 197 -1.53 11.07 25.75
N LEU N 198 -2.11 10.50 24.69
CA LEU N 198 -1.44 10.39 23.41
C LEU N 198 -1.03 11.78 22.91
N VAL N 199 -1.94 12.74 23.05
CA VAL N 199 -1.66 14.11 22.63
C VAL N 199 -0.46 14.66 23.41
N ALA N 200 -0.34 14.24 24.66
CA ALA N 200 0.75 14.70 25.49
C ALA N 200 2.08 14.15 24.99
N LEU N 201 2.04 12.98 24.36
CA LEU N 201 3.25 12.37 23.82
C LEU N 201 3.59 12.98 22.46
N GLY N 202 2.71 13.85 21.96
CA GLY N 202 2.94 14.49 20.68
C GLY N 202 1.93 14.15 19.59
N ALA N 203 1.01 13.23 19.87
CA ALA N 203 0.01 12.83 18.89
C ALA N 203 -0.95 13.98 18.60
N LYS N 204 -1.60 13.91 17.44
CA LYS N 204 -2.55 14.94 17.03
C LYS N 204 -3.94 14.32 16.95
N ILE N 205 -4.75 14.58 17.97
CA ILE N 205 -6.09 14.01 18.03
C ILE N 205 -7.13 15.05 18.42
N SER N 206 -8.34 14.91 17.86
CA SER N 206 -9.44 15.82 18.19
C SER N 206 -10.74 15.03 18.05
N GLY N 207 -11.76 15.48 18.75
CA GLY N 207 -13.04 14.80 18.68
C GLY N 207 -13.25 13.80 19.80
N GLN N 208 -12.20 13.48 20.56
CA GLN N 208 -12.35 12.52 21.65
C GLN N 208 -13.51 12.98 22.54
N GLY N 209 -14.39 12.04 22.87
CA GLY N 209 -15.53 12.39 23.70
C GLY N 209 -16.76 12.52 22.85
N THR N 210 -16.58 12.56 21.53
CA THR N 210 -17.69 12.67 20.59
C THR N 210 -17.74 11.38 19.78
N ASP N 211 -18.74 11.26 18.92
CA ASP N 211 -18.91 10.07 18.10
C ASP N 211 -17.96 10.00 16.91
N ARG N 212 -17.16 11.05 16.70
CA ARG N 212 -16.19 11.12 15.60
C ARG N 212 -14.82 11.58 16.07
N ILE N 213 -13.84 10.69 16.01
CA ILE N 213 -12.48 11.01 16.44
C ILE N 213 -11.57 11.12 15.22
N THR N 214 -10.84 12.23 15.14
CA THR N 214 -9.93 12.47 14.03
C THR N 214 -8.48 12.44 14.51
N ILE N 215 -7.68 11.59 13.89
CA ILE N 215 -6.26 11.45 14.24
C ILE N 215 -5.38 11.71 13.02
N GLU N 216 -4.39 12.58 13.18
CA GLU N 216 -3.47 12.86 12.09
C GLU N 216 -2.14 12.29 12.52
N GLY N 217 -1.75 11.19 11.87
CA GLY N 217 -0.49 10.56 12.21
C GLY N 217 0.73 11.46 12.23
N VAL N 218 1.73 11.05 13.02
CA VAL N 218 2.99 11.77 13.13
C VAL N 218 4.10 10.72 13.04
N GLU N 219 5.33 11.15 12.83
CA GLU N 219 6.44 10.19 12.70
C GLU N 219 6.73 9.40 13.97
N ARG N 220 6.72 10.07 15.10
CA ARG N 220 6.99 9.41 16.36
C ARG N 220 6.40 10.13 17.56
N LEU N 221 6.32 9.41 18.67
CA LEU N 221 5.79 9.97 19.90
C LEU N 221 6.93 10.04 20.91
N GLY N 222 6.95 11.12 21.69
CA GLY N 222 8.00 11.30 22.67
C GLY N 222 7.72 10.67 24.03
N GLY N 223 7.72 11.51 25.05
CA GLY N 223 7.47 11.05 26.41
C GLY N 223 6.74 12.13 27.17
N GLY N 224 6.71 12.01 28.50
CA GLY N 224 6.02 13.02 29.30
C GLY N 224 5.44 12.52 30.60
N VAL N 225 4.59 13.34 31.20
CA VAL N 225 3.92 13.02 32.46
C VAL N 225 2.42 13.25 32.32
N TYR N 226 1.63 12.24 32.68
CA TYR N 226 0.16 12.33 32.60
C TYR N 226 -0.49 11.73 33.84
N ARG N 227 -1.49 12.42 34.38
CA ARG N 227 -2.20 11.94 35.56
C ARG N 227 -3.55 11.34 35.16
N VAL N 228 -3.75 10.07 35.48
CA VAL N 228 -5.00 9.37 35.17
C VAL N 228 -6.19 10.00 35.90
N LEU N 229 -7.34 10.05 35.26
CA LEU N 229 -8.54 10.63 35.86
C LEU N 229 -9.13 9.71 36.94
N PRO N 230 -10.00 10.25 37.79
CA PRO N 230 -10.63 9.47 38.86
C PRO N 230 -11.45 8.31 38.32
N ASP N 231 -11.50 7.21 39.05
CA ASP N 231 -12.25 6.02 38.66
C ASP N 231 -13.74 6.23 38.96
N ARG N 232 -14.52 6.48 37.92
CA ARG N 232 -15.94 6.75 38.10
C ARG N 232 -16.72 5.56 38.64
N ILE N 233 -16.26 4.33 38.34
CA ILE N 233 -16.96 3.17 38.83
C ILE N 233 -16.70 2.97 40.32
N GLU N 234 -15.48 3.26 40.78
CA GLU N 234 -15.18 3.10 42.19
C GLU N 234 -16.07 4.12 42.90
N THR N 235 -16.12 5.33 42.35
CA THR N 235 -16.95 6.39 42.92
C THR N 235 -18.39 5.95 43.01
N GLY N 236 -18.93 5.44 41.90
CA GLY N 236 -20.31 4.99 41.91
C GLY N 236 -20.54 3.89 42.91
N THR N 237 -19.54 3.02 43.08
CA THR N 237 -19.67 1.90 44.02
C THR N 237 -19.82 2.40 45.46
N PHE N 238 -18.99 3.36 45.85
CA PHE N 238 -19.08 3.89 47.20
C PHE N 238 -20.33 4.74 47.43
N LEU N 239 -20.78 5.43 46.39
CA LEU N 239 -22.00 6.22 46.52
C LEU N 239 -23.16 5.25 46.76
N VAL N 240 -23.12 4.11 46.07
CA VAL N 240 -24.18 3.11 46.24
C VAL N 240 -24.06 2.51 47.64
N ALA N 241 -22.83 2.37 48.13
CA ALA N 241 -22.58 1.83 49.46
C ALA N 241 -23.39 2.62 50.46
N ALA N 242 -23.32 3.95 50.36
CA ALA N 242 -24.06 4.81 51.26
C ALA N 242 -25.57 4.74 51.03
N ALA N 243 -25.96 4.84 49.76
CA ALA N 243 -27.38 4.80 49.38
C ALA N 243 -28.16 3.57 49.87
N ILE N 244 -27.49 2.42 49.97
CA ILE N 244 -28.17 1.21 50.42
C ILE N 244 -28.06 0.96 51.92
N SER N 245 -27.26 1.76 52.63
CA SER N 245 -27.09 1.58 54.07
C SER N 245 -27.61 2.78 54.86
N GLY N 246 -28.39 3.62 54.19
CA GLY N 246 -28.93 4.81 54.84
C GLY N 246 -27.89 5.80 55.30
N GLY N 247 -26.65 5.60 54.88
CA GLY N 247 -25.58 6.50 55.29
C GLY N 247 -25.37 7.75 54.46
N LYS N 248 -24.28 8.46 54.76
CA LYS N 248 -23.92 9.68 54.05
C LYS N 248 -22.41 9.62 53.82
N ILE N 249 -22.00 9.89 52.60
CA ILE N 249 -20.58 9.81 52.26
C ILE N 249 -20.12 10.93 51.34
N VAL N 250 -18.83 11.21 51.37
CA VAL N 250 -18.25 12.22 50.52
C VAL N 250 -17.06 11.57 49.84
N CYS N 251 -17.07 11.59 48.51
CA CYS N 251 -15.98 11.02 47.75
C CYS N 251 -15.04 12.14 47.32
N ARG N 252 -13.78 12.04 47.73
CA ARG N 252 -12.77 13.04 47.39
C ARG N 252 -12.02 12.57 46.14
N ASN N 253 -11.41 13.52 45.41
CA ASN N 253 -10.67 13.19 44.20
C ASN N 253 -11.59 12.60 43.16
N ALA N 254 -12.81 13.11 43.11
CA ALA N 254 -13.82 12.64 42.16
C ALA N 254 -13.99 13.59 40.99
N GLN N 255 -14.66 13.13 39.94
CA GLN N 255 -14.92 13.94 38.77
C GLN N 255 -16.39 13.75 38.40
N PRO N 256 -17.26 14.56 39.03
CA PRO N 256 -18.72 14.56 38.87
C PRO N 256 -19.29 14.44 37.45
N ASP N 257 -18.72 15.18 36.50
CA ASP N 257 -19.23 15.16 35.14
C ASP N 257 -19.18 13.80 34.43
N THR N 258 -18.50 12.82 35.03
CA THR N 258 -18.39 11.50 34.44
C THR N 258 -19.48 10.57 35.01
N LEU N 259 -20.35 11.10 35.86
CA LEU N 259 -21.39 10.31 36.49
C LEU N 259 -22.81 10.86 36.43
N ASP N 260 -23.12 11.71 35.45
CA ASP N 260 -24.47 12.26 35.36
C ASP N 260 -25.56 11.20 35.46
N ALA N 261 -25.48 10.16 34.64
CA ALA N 261 -26.48 9.11 34.64
C ALA N 261 -26.61 8.43 36.03
N VAL N 262 -25.49 8.06 36.63
CA VAL N 262 -25.51 7.42 37.94
C VAL N 262 -26.09 8.33 39.02
N LEU N 263 -25.65 9.58 39.06
CA LEU N 263 -26.15 10.51 40.06
C LEU N 263 -27.65 10.77 39.87
N ALA N 264 -28.09 10.81 38.61
CA ALA N 264 -29.50 11.03 38.34
C ALA N 264 -30.32 9.86 38.88
N LYS N 265 -29.80 8.65 38.68
CA LYS N 265 -30.48 7.46 39.14
C LYS N 265 -30.50 7.38 40.66
N LEU N 266 -29.40 7.80 41.29
CA LEU N 266 -29.35 7.78 42.75
C LEU N 266 -30.39 8.76 43.32
N ARG N 267 -30.56 9.90 42.65
CA ARG N 267 -31.53 10.87 43.12
C ARG N 267 -32.91 10.26 42.99
N GLU N 268 -33.14 9.53 41.91
CA GLU N 268 -34.42 8.88 41.69
C GLU N 268 -34.67 7.85 42.79
N ALA N 269 -33.59 7.31 43.37
CA ALA N 269 -33.73 6.33 44.44
C ALA N 269 -33.96 7.03 45.78
N GLY N 270 -33.83 8.37 45.76
CA GLY N 270 -34.05 9.15 46.96
C GLY N 270 -32.83 9.78 47.62
N ALA N 271 -31.68 9.70 46.97
CA ALA N 271 -30.47 10.25 47.56
C ALA N 271 -30.37 11.77 47.45
N ASP N 272 -29.81 12.39 48.48
CA ASP N 272 -29.59 13.84 48.51
C ASP N 272 -28.13 14.00 48.08
N ILE N 273 -27.94 14.39 46.82
CA ILE N 273 -26.60 14.55 46.26
C ILE N 273 -26.17 15.98 45.98
N GLU N 274 -24.92 16.29 46.33
CA GLU N 274 -24.34 17.61 46.07
C GLU N 274 -22.96 17.35 45.49
N THR N 275 -22.53 18.20 44.57
CA THR N 275 -21.23 18.00 43.95
C THR N 275 -20.39 19.25 43.99
N GLY N 276 -19.08 19.05 43.88
CA GLY N 276 -18.16 20.16 43.88
C GLY N 276 -17.24 20.01 42.68
N GLU N 277 -16.12 20.73 42.70
CA GLU N 277 -15.18 20.67 41.60
C GLU N 277 -14.56 19.28 41.51
N ASP N 278 -14.22 18.72 42.66
CA ASP N 278 -13.60 17.39 42.69
C ASP N 278 -14.12 16.48 43.78
N TRP N 279 -15.39 16.64 44.14
CA TRP N 279 -15.97 15.80 45.17
C TRP N 279 -17.46 15.63 44.97
N ILE N 280 -18.00 14.56 45.55
CA ILE N 280 -19.42 14.27 45.46
C ILE N 280 -19.86 13.81 46.84
N SER N 281 -21.02 14.27 47.29
CA SER N 281 -21.53 13.87 48.59
C SER N 281 -22.93 13.30 48.41
N LEU N 282 -23.22 12.23 49.12
CA LEU N 282 -24.53 11.59 49.05
C LEU N 282 -25.01 11.32 50.47
N ASP N 283 -26.24 11.72 50.76
CA ASP N 283 -26.82 11.52 52.08
C ASP N 283 -28.19 10.88 51.88
N MET N 284 -28.40 9.72 52.49
CA MET N 284 -29.69 9.05 52.37
C MET N 284 -30.64 9.50 53.48
N HIS N 285 -30.06 10.17 54.48
CA HIS N 285 -30.84 10.64 55.61
C HIS N 285 -31.54 9.44 56.25
N GLY N 286 -30.80 8.36 56.39
CA GLY N 286 -31.34 7.15 57.00
C GLY N 286 -32.51 6.51 56.27
N LYS N 287 -32.85 7.03 55.09
CA LYS N 287 -33.98 6.51 54.30
C LYS N 287 -33.64 5.31 53.41
N ARG N 288 -34.53 4.33 53.38
CA ARG N 288 -34.37 3.13 52.56
C ARG N 288 -34.52 3.62 51.12
N PRO N 289 -33.72 3.06 50.19
CA PRO N 289 -33.82 3.51 48.80
C PRO N 289 -35.11 3.14 48.07
N LYS N 290 -35.49 3.96 47.10
CA LYS N 290 -36.69 3.72 46.29
C LYS N 290 -36.25 2.96 45.03
N ALA N 291 -37.01 1.94 44.67
CA ALA N 291 -36.70 1.15 43.49
C ALA N 291 -36.60 2.03 42.24
N VAL N 292 -35.64 1.72 41.37
CA VAL N 292 -35.46 2.49 40.14
C VAL N 292 -35.37 1.57 38.93
N THR N 293 -35.54 2.16 37.75
CA THR N 293 -35.48 1.41 36.50
C THR N 293 -34.21 1.84 35.77
N VAL N 294 -33.40 0.85 35.37
CA VAL N 294 -32.14 1.12 34.70
C VAL N 294 -31.98 0.37 33.38
N ARG N 295 -31.25 1.00 32.45
CA ARG N 295 -30.99 0.41 31.13
C ARG N 295 -29.56 0.80 30.77
N THR N 296 -28.65 -0.16 30.88
CA THR N 296 -27.25 0.10 30.55
C THR N 296 -27.09 0.43 29.08
N ALA N 297 -26.08 1.23 28.76
CA ALA N 297 -25.82 1.63 27.39
C ALA N 297 -24.50 2.37 27.35
N PRO N 298 -23.95 2.64 26.16
CA PRO N 298 -22.68 3.36 26.06
C PRO N 298 -22.75 4.72 26.74
N HIS N 299 -21.61 5.20 27.21
CA HIS N 299 -21.54 6.50 27.87
C HIS N 299 -22.15 7.54 26.90
N PRO N 300 -22.77 8.62 27.43
CA PRO N 300 -22.98 9.02 28.82
C PRO N 300 -24.18 8.38 29.54
N ALA N 301 -24.75 7.32 28.97
CA ALA N 301 -25.88 6.64 29.60
C ALA N 301 -25.41 5.85 30.83
N PHE N 302 -26.34 5.15 31.47
CA PHE N 302 -25.98 4.37 32.66
C PHE N 302 -24.97 3.30 32.25
N PRO N 303 -23.80 3.28 32.92
CA PRO N 303 -22.72 2.32 32.66
C PRO N 303 -22.98 0.91 33.16
N THR N 304 -22.65 -0.08 32.32
CA THR N 304 -22.84 -1.48 32.68
C THR N 304 -21.97 -1.87 33.87
N ALA N 305 -20.85 -1.17 34.05
CA ALA N 305 -19.95 -1.46 35.16
C ALA N 305 -20.56 -1.13 36.53
N MET N 306 -21.72 -0.48 36.52
CA MET N 306 -22.42 -0.12 37.76
C MET N 306 -23.69 -0.95 37.95
N GLN N 307 -24.07 -1.69 36.91
CA GLN N 307 -25.26 -2.50 36.92
C GLN N 307 -25.39 -3.47 38.12
N ALA N 308 -24.36 -4.26 38.42
CA ALA N 308 -24.43 -5.20 39.54
C ALA N 308 -24.74 -4.46 40.85
N GLN N 309 -24.03 -3.36 41.07
CA GLN N 309 -24.22 -2.56 42.27
C GLN N 309 -25.66 -2.03 42.37
N PHE N 310 -26.22 -1.59 41.25
CA PHE N 310 -27.59 -1.07 41.26
C PHE N 310 -28.59 -2.20 41.36
N THR N 311 -28.19 -3.43 41.03
CA THR N 311 -29.10 -4.56 41.16
C THR N 311 -29.31 -4.73 42.67
N LEU N 312 -28.21 -4.64 43.42
CA LEU N 312 -28.25 -4.75 44.86
C LEU N 312 -29.17 -3.68 45.45
N LEU N 313 -28.94 -2.44 45.06
CA LEU N 313 -29.75 -1.33 45.54
C LEU N 313 -31.23 -1.63 45.33
N ASN N 314 -31.60 -2.11 44.15
CA ASN N 314 -33.01 -2.41 43.92
C ASN N 314 -33.49 -3.58 44.79
N LEU N 315 -32.63 -4.58 44.98
CA LEU N 315 -33.02 -5.73 45.77
C LEU N 315 -33.32 -5.44 47.24
N VAL N 316 -32.87 -4.28 47.73
CA VAL N 316 -33.14 -3.89 49.11
C VAL N 316 -33.89 -2.56 49.12
N ALA N 317 -34.50 -2.22 47.99
CA ALA N 317 -35.24 -0.97 47.86
C ALA N 317 -36.74 -1.18 48.01
N GLU N 318 -37.44 -0.07 48.10
CA GLU N 318 -38.88 -0.04 48.24
C GLU N 318 -39.49 -0.12 46.84
N GLY N 319 -40.18 -1.22 46.55
CA GLY N 319 -40.80 -1.34 45.26
C GLY N 319 -40.22 -2.34 44.29
N THR N 320 -40.73 -2.33 43.07
CA THR N 320 -40.27 -3.24 42.03
C THR N 320 -39.36 -2.50 41.05
N GLY N 321 -38.08 -2.85 41.08
CA GLY N 321 -37.11 -2.21 40.19
C GLY N 321 -36.78 -3.11 39.02
N VAL N 322 -36.55 -2.51 37.85
CA VAL N 322 -36.24 -3.29 36.67
C VAL N 322 -34.93 -2.81 36.05
N ILE N 323 -34.02 -3.75 35.85
CA ILE N 323 -32.71 -3.45 35.26
C ILE N 323 -32.51 -4.23 33.97
N THR N 324 -32.20 -3.51 32.90
CA THR N 324 -31.95 -4.11 31.59
C THR N 324 -30.50 -3.87 31.16
N GLU N 325 -29.78 -4.96 30.98
CA GLU N 325 -28.38 -4.91 30.58
C GLU N 325 -28.28 -5.10 29.07
N THR N 326 -27.70 -4.13 28.37
CA THR N 326 -27.59 -4.21 26.90
C THR N 326 -26.16 -4.33 26.37
N ILE N 327 -25.19 -4.32 27.27
CA ILE N 327 -23.80 -4.41 26.84
C ILE N 327 -23.22 -5.82 26.87
N PHE N 328 -23.41 -6.54 27.98
CA PHE N 328 -22.90 -7.91 28.09
C PHE N 328 -24.02 -8.95 28.29
N GLU N 329 -23.95 -10.04 27.52
CA GLU N 329 -24.98 -11.09 27.55
C GLU N 329 -25.06 -12.04 28.74
N ASN N 330 -24.32 -11.75 29.80
CA ASN N 330 -24.38 -12.63 30.95
C ASN N 330 -23.76 -11.95 32.14
N ARG N 331 -24.32 -10.80 32.49
CA ARG N 331 -23.81 -10.05 33.62
C ARG N 331 -24.83 -9.97 34.75
N PHE N 332 -25.47 -11.11 35.03
CA PHE N 332 -26.47 -11.21 36.09
C PHE N 332 -26.06 -12.32 37.06
N MET N 333 -24.79 -12.69 37.02
CA MET N 333 -24.29 -13.76 37.86
C MET N 333 -24.38 -13.48 39.35
N HIS N 334 -24.50 -12.22 39.72
CA HIS N 334 -24.60 -11.85 41.13
C HIS N 334 -26.02 -12.13 41.66
N VAL N 335 -27.00 -12.09 40.77
CA VAL N 335 -28.38 -12.33 41.17
C VAL N 335 -28.62 -13.63 41.96
N PRO N 336 -28.21 -14.79 41.42
CA PRO N 336 -28.43 -16.05 42.15
C PRO N 336 -27.80 -16.04 43.53
N GLU N 337 -26.66 -15.35 43.64
CA GLU N 337 -25.95 -15.27 44.91
C GLU N 337 -26.69 -14.40 45.91
N LEU N 338 -27.20 -13.26 45.46
CA LEU N 338 -27.94 -12.38 46.34
C LEU N 338 -29.24 -13.06 46.77
N ILE N 339 -29.79 -13.92 45.91
CA ILE N 339 -31.02 -14.61 46.27
C ILE N 339 -30.76 -15.52 47.46
N ARG N 340 -29.53 -16.02 47.58
CA ARG N 340 -29.16 -16.87 48.70
C ARG N 340 -29.21 -16.05 49.99
N MET N 341 -29.02 -14.74 49.85
CA MET N 341 -29.05 -13.84 50.99
C MET N 341 -30.45 -13.30 51.25
N GLY N 342 -31.45 -13.92 50.61
CA GLY N 342 -32.82 -13.50 50.81
C GLY N 342 -33.41 -12.52 49.81
N ALA N 343 -32.62 -12.13 48.82
CA ALA N 343 -33.10 -11.20 47.82
C ALA N 343 -34.12 -11.92 46.97
N HIS N 344 -35.02 -11.16 46.35
CA HIS N 344 -36.04 -11.72 45.48
C HIS N 344 -35.92 -11.10 44.09
N ALA N 345 -35.94 -11.94 43.06
CA ALA N 345 -35.83 -11.43 41.69
C ALA N 345 -35.99 -12.52 40.67
N GLU N 346 -36.37 -12.11 39.46
CA GLU N 346 -36.52 -13.04 38.35
C GLU N 346 -35.74 -12.48 37.17
N ILE N 347 -35.07 -13.35 36.43
CA ILE N 347 -34.33 -12.96 35.26
C ILE N 347 -35.11 -13.40 34.03
N GLU N 348 -35.40 -12.46 33.15
CA GLU N 348 -36.12 -12.76 31.93
C GLU N 348 -35.29 -12.15 30.81
N SER N 349 -34.55 -13.01 30.11
CA SER N 349 -33.69 -12.58 29.02
C SER N 349 -32.61 -11.64 29.57
N ASN N 350 -32.53 -10.41 29.05
CA ASN N 350 -31.52 -9.48 29.53
C ASN N 350 -31.98 -8.42 30.53
N THR N 351 -32.99 -8.73 31.32
CA THR N 351 -33.45 -7.78 32.33
C THR N 351 -33.83 -8.54 33.60
N VAL N 352 -33.57 -7.93 34.75
CA VAL N 352 -33.92 -8.52 36.05
C VAL N 352 -35.07 -7.78 36.69
N ILE N 353 -36.10 -8.52 37.10
CA ILE N 353 -37.24 -7.91 37.78
C ILE N 353 -36.89 -8.03 39.26
N CYS N 354 -36.72 -6.88 39.93
CA CYS N 354 -36.37 -6.87 41.34
C CYS N 354 -37.54 -6.53 42.25
N HIS N 355 -37.63 -7.26 43.35
CA HIS N 355 -38.67 -7.04 44.34
C HIS N 355 -37.95 -6.78 45.65
N GLY N 356 -37.68 -5.50 45.93
CA GLY N 356 -36.97 -5.12 47.14
C GLY N 356 -37.50 -5.71 48.43
N VAL N 357 -36.59 -6.01 49.35
CA VAL N 357 -36.97 -6.54 50.66
C VAL N 357 -36.37 -5.65 51.72
N GLU N 358 -36.96 -5.71 52.91
CA GLU N 358 -36.54 -4.92 54.05
C GLU N 358 -35.07 -5.17 54.40
N LYS N 359 -34.71 -6.44 54.61
CA LYS N 359 -33.33 -6.77 54.94
C LYS N 359 -32.85 -8.10 54.37
N LEU N 360 -31.54 -8.20 54.21
CA LEU N 360 -30.89 -9.39 53.66
C LEU N 360 -30.28 -10.21 54.79
N SER N 361 -30.11 -11.50 54.56
CA SER N 361 -29.54 -12.37 55.57
C SER N 361 -28.14 -12.80 55.17
N GLY N 362 -27.21 -12.70 56.10
CA GLY N 362 -25.86 -13.11 55.79
C GLY N 362 -25.83 -14.58 55.40
N ALA N 363 -24.93 -14.93 54.48
CA ALA N 363 -24.81 -16.30 54.00
C ALA N 363 -23.51 -16.41 53.22
N GLN N 364 -23.18 -17.62 52.79
CA GLN N 364 -21.97 -17.84 52.01
C GLN N 364 -22.31 -17.67 50.54
N VAL N 365 -21.68 -16.69 49.91
CA VAL N 365 -21.90 -16.40 48.51
C VAL N 365 -20.57 -16.42 47.76
N MET N 366 -20.65 -16.54 46.44
CA MET N 366 -19.45 -16.58 45.63
C MET N 366 -19.36 -15.49 44.58
N ALA N 367 -18.23 -14.76 44.61
CA ALA N 367 -17.97 -13.70 43.66
C ALA N 367 -17.72 -14.38 42.32
N THR N 368 -18.29 -13.83 41.25
CA THR N 368 -18.12 -14.40 39.93
C THR N 368 -17.36 -13.48 38.98
N ASP N 369 -17.31 -12.20 39.32
CA ASP N 369 -16.63 -11.23 38.49
C ASP N 369 -16.33 -10.00 39.30
N LEU N 370 -15.57 -9.07 38.73
CA LEU N 370 -15.18 -7.86 39.41
C LEU N 370 -16.32 -7.09 40.08
N ARG N 371 -17.24 -6.54 39.30
CA ARG N 371 -18.33 -5.76 39.90
C ARG N 371 -19.29 -6.58 40.77
N ALA N 372 -19.45 -7.86 40.47
CA ALA N 372 -20.34 -8.69 41.27
C ALA N 372 -19.73 -8.88 42.65
N SER N 373 -18.43 -9.08 42.70
CA SER N 373 -17.77 -9.28 43.99
C SER N 373 -17.98 -8.07 44.89
N ALA N 374 -17.80 -6.87 44.34
CA ALA N 374 -17.99 -5.66 45.11
C ALA N 374 -19.44 -5.58 45.59
N SER N 375 -20.36 -6.00 44.74
CA SER N 375 -21.78 -5.99 45.10
C SER N 375 -22.06 -6.93 46.27
N LEU N 376 -21.48 -8.12 46.21
CA LEU N 376 -21.67 -9.10 47.28
C LEU N 376 -21.06 -8.61 48.58
N VAL N 377 -19.94 -7.90 48.50
CA VAL N 377 -19.32 -7.39 49.70
C VAL N 377 -20.21 -6.32 50.32
N LEU N 378 -20.77 -5.44 49.50
CA LEU N 378 -21.64 -4.39 50.03
C LEU N 378 -22.89 -5.06 50.63
N ALA N 379 -23.35 -6.14 49.99
CA ALA N 379 -24.51 -6.83 50.50
C ALA N 379 -24.21 -7.33 51.90
N GLY N 380 -23.01 -7.89 52.09
CA GLY N 380 -22.63 -8.39 53.39
C GLY N 380 -22.66 -7.29 54.44
N CYS N 381 -22.23 -6.08 54.05
CA CYS N 381 -22.22 -4.96 54.97
C CYS N 381 -23.60 -4.58 55.52
N ILE N 382 -24.64 -4.71 54.71
CA ILE N 382 -25.97 -4.33 55.18
C ILE N 382 -26.86 -5.52 55.52
N ALA N 383 -26.38 -6.73 55.29
CA ALA N 383 -27.18 -7.91 55.58
C ALA N 383 -27.19 -8.19 57.09
N GLU N 384 -28.17 -8.96 57.56
CA GLU N 384 -28.30 -9.32 58.99
C GLU N 384 -27.44 -10.53 59.32
N GLY N 385 -26.30 -10.33 59.99
CA GLY N 385 -25.47 -11.45 60.36
C GLY N 385 -24.11 -11.50 59.70
N THR N 386 -23.61 -12.73 59.49
CA THR N 386 -22.30 -12.93 58.88
C THR N 386 -22.38 -13.41 57.44
N THR N 387 -21.66 -12.71 56.56
CA THR N 387 -21.62 -13.07 55.15
C THR N 387 -20.18 -13.43 54.79
N VAL N 388 -20.03 -14.46 53.97
CA VAL N 388 -18.70 -14.87 53.55
C VAL N 388 -18.70 -14.84 52.03
N VAL N 389 -17.90 -13.93 51.47
CA VAL N 389 -17.79 -13.80 50.02
C VAL N 389 -16.53 -14.54 49.59
N ASP N 390 -16.73 -15.69 48.95
CA ASP N 390 -15.63 -16.52 48.48
C ASP N 390 -15.05 -15.98 47.16
N ARG N 391 -13.78 -16.26 46.92
CA ARG N 391 -13.10 -15.83 45.72
C ARG N 391 -13.05 -14.32 45.56
N ILE N 392 -12.76 -13.57 46.63
CA ILE N 392 -12.70 -12.12 46.49
C ILE N 392 -11.51 -11.64 45.69
N TYR N 393 -10.72 -12.58 45.15
CA TYR N 393 -9.58 -12.18 44.36
C TYR N 393 -10.10 -11.30 43.22
N HIS N 394 -11.31 -11.59 42.77
CA HIS N 394 -11.95 -10.82 41.71
C HIS N 394 -11.94 -9.33 42.03
N ILE N 395 -12.23 -9.01 43.29
CA ILE N 395 -12.27 -7.62 43.72
C ILE N 395 -10.90 -6.93 43.68
N ASP N 396 -9.84 -7.70 43.84
CA ASP N 396 -8.50 -7.12 43.80
C ASP N 396 -8.10 -6.66 42.40
N ARG N 397 -8.85 -7.08 41.39
CA ARG N 397 -8.55 -6.69 40.02
C ARG N 397 -8.85 -5.22 39.76
N GLY N 398 -9.97 -4.74 40.30
CA GLY N 398 -10.37 -3.36 40.06
C GLY N 398 -10.60 -2.42 41.22
N TYR N 399 -10.34 -2.85 42.46
CA TYR N 399 -10.54 -1.98 43.60
C TYR N 399 -9.29 -1.93 44.47
N GLU N 400 -8.73 -0.75 44.62
CA GLU N 400 -7.53 -0.57 45.44
C GLU N 400 -7.90 -0.49 46.92
N ARG N 401 -7.38 -1.43 47.72
CA ARG N 401 -7.63 -1.46 49.17
C ARG N 401 -9.08 -1.24 49.53
N ILE N 402 -10.01 -1.97 48.93
CA ILE N 402 -11.43 -1.77 49.23
C ILE N 402 -11.72 -2.15 50.68
N GLU N 403 -10.97 -3.14 51.19
CA GLU N 403 -11.13 -3.59 52.57
C GLU N 403 -10.91 -2.43 53.53
N ASP N 404 -9.83 -1.68 53.33
CA ASP N 404 -9.50 -0.53 54.18
C ASP N 404 -10.49 0.62 54.03
N LYS N 405 -10.81 0.97 52.79
CA LYS N 405 -11.74 2.06 52.54
C LYS N 405 -13.11 1.77 53.15
N LEU N 406 -13.58 0.53 53.00
CA LEU N 406 -14.88 0.15 53.56
C LEU N 406 -14.86 0.18 55.08
N ARG N 407 -13.76 -0.32 55.65
CA ARG N 407 -13.62 -0.34 57.09
C ARG N 407 -13.70 1.10 57.61
N ALA N 408 -12.98 2.01 56.94
CA ALA N 408 -12.97 3.41 57.33
C ALA N 408 -14.35 4.04 57.23
N LEU N 409 -15.31 3.32 56.66
CA LEU N 409 -16.67 3.83 56.53
C LEU N 409 -17.60 3.15 57.54
N GLY N 410 -17.01 2.31 58.39
CA GLY N 410 -17.79 1.63 59.41
C GLY N 410 -18.07 0.15 59.18
N ALA N 411 -17.47 -0.42 58.14
CA ALA N 411 -17.69 -1.82 57.84
C ALA N 411 -16.93 -2.76 58.75
N ASN N 412 -17.54 -3.91 59.03
CA ASN N 412 -16.95 -4.95 59.85
C ASN N 412 -16.54 -6.01 58.85
N ILE N 413 -15.32 -5.88 58.33
CA ILE N 413 -14.85 -6.80 57.32
C ILE N 413 -13.47 -7.33 57.66
N GLU N 414 -13.23 -8.60 57.33
CA GLU N 414 -11.95 -9.22 57.61
C GLU N 414 -11.57 -10.18 56.48
N ARG N 415 -10.33 -10.08 55.99
CA ARG N 415 -9.87 -10.99 54.94
C ARG N 415 -9.24 -12.24 55.58
N VAL N 416 -9.89 -13.39 55.44
CA VAL N 416 -9.38 -14.62 56.00
C VAL N 416 -8.68 -15.48 54.95
N LYS N 417 -7.36 -15.54 55.04
CA LYS N 417 -6.53 -16.28 54.07
C LYS N 417 -6.97 -17.72 53.84
N GLY N 418 -7.66 -18.30 54.82
CA GLY N 418 -8.13 -19.66 54.69
C GLY N 418 -8.76 -19.95 53.34
N GLU N 419 -8.58 -21.18 52.85
CA GLU N 419 -9.13 -21.58 51.56
C GLU N 419 -10.65 -21.46 51.57
N MET O 1 -59.43 1.69 -1.25
CA MET O 1 -58.07 1.41 -0.70
C MET O 1 -57.06 1.40 -1.83
N ASP O 2 -56.38 2.53 -2.04
CA ASP O 2 -55.39 2.65 -3.10
C ASP O 2 -54.29 1.59 -3.04
N LYS O 3 -53.77 1.23 -4.21
CA LYS O 3 -52.70 0.24 -4.31
C LYS O 3 -51.72 0.67 -5.41
N PHE O 4 -50.58 0.02 -5.44
CA PHE O 4 -49.59 0.30 -6.46
C PHE O 4 -49.40 -0.98 -7.26
N ARG O 5 -49.53 -0.85 -8.57
CA ARG O 5 -49.34 -1.98 -9.44
C ARG O 5 -47.97 -1.73 -10.04
N VAL O 6 -47.06 -2.66 -9.80
CA VAL O 6 -45.70 -2.51 -10.30
C VAL O 6 -45.33 -3.67 -11.18
N GLN O 7 -44.72 -3.35 -12.32
CA GLN O 7 -44.30 -4.39 -13.22
C GLN O 7 -42.80 -4.35 -13.33
N GLY O 8 -42.18 -5.52 -13.20
CA GLY O 8 -40.74 -5.61 -13.27
C GLY O 8 -40.29 -6.82 -14.04
N PRO O 9 -38.97 -7.04 -14.16
CA PRO O 9 -37.93 -6.19 -13.55
C PRO O 9 -37.58 -4.97 -14.40
N THR O 10 -37.17 -3.90 -13.73
CA THR O 10 -36.76 -2.66 -14.40
C THR O 10 -35.57 -2.08 -13.63
N ARG O 11 -34.47 -1.83 -14.33
CA ARG O 11 -33.29 -1.26 -13.69
C ARG O 11 -33.57 0.22 -13.42
N LEU O 12 -33.55 0.62 -12.15
CA LEU O 12 -33.82 2.01 -11.77
C LEU O 12 -32.57 2.85 -11.89
N GLN O 13 -32.69 3.96 -12.59
CA GLN O 13 -31.55 4.82 -12.76
C GLN O 13 -31.93 6.20 -13.28
N GLY O 14 -30.98 7.13 -13.18
CA GLY O 14 -31.22 8.47 -13.63
C GLY O 14 -30.95 9.44 -12.50
N GLU O 15 -31.86 10.39 -12.34
CA GLU O 15 -31.72 11.38 -11.29
C GLU O 15 -33.02 11.61 -10.53
N VAL O 16 -32.87 12.13 -9.31
CA VAL O 16 -34.00 12.42 -8.44
C VAL O 16 -33.60 13.59 -7.56
N THR O 17 -34.56 14.45 -7.25
CA THR O 17 -34.29 15.58 -6.38
C THR O 17 -34.95 15.31 -5.03
N ILE O 18 -34.12 15.25 -3.99
CA ILE O 18 -34.61 14.98 -2.63
C ILE O 18 -35.45 16.11 -2.06
N SER O 19 -36.56 15.76 -1.43
CA SER O 19 -37.45 16.75 -0.84
C SER O 19 -37.02 17.09 0.58
N GLY O 20 -37.69 18.05 1.20
CA GLY O 20 -37.37 18.43 2.56
C GLY O 20 -37.60 17.24 3.49
N ALA O 21 -36.81 17.18 4.56
CA ALA O 21 -36.93 16.08 5.53
C ALA O 21 -38.26 16.08 6.28
N LYS O 22 -38.98 14.98 6.17
CA LYS O 22 -40.26 14.83 6.86
C LYS O 22 -40.06 15.00 8.37
N ASN O 23 -39.04 14.35 8.91
CA ASN O 23 -38.78 14.39 10.33
C ASN O 23 -38.07 15.62 10.87
N ALA O 24 -37.97 16.65 10.04
CA ALA O 24 -37.36 17.91 10.44
C ALA O 24 -38.48 18.92 10.34
N ALA O 25 -39.25 18.79 9.27
CA ALA O 25 -40.39 19.66 9.01
C ALA O 25 -41.42 19.53 10.14
N LEU O 26 -41.71 18.29 10.53
CA LEU O 26 -42.69 18.05 11.58
C LEU O 26 -42.31 18.71 12.92
N PRO O 27 -41.11 18.40 13.46
CA PRO O 27 -40.78 19.03 14.74
C PRO O 27 -40.66 20.55 14.64
N ILE O 28 -40.25 21.05 13.47
CA ILE O 28 -40.12 22.50 13.27
C ILE O 28 -41.49 23.14 13.21
N LEU O 29 -42.44 22.48 12.56
CA LEU O 29 -43.80 23.02 12.46
C LEU O 29 -44.44 23.15 13.83
N PHE O 30 -44.20 22.17 14.70
CA PHE O 30 -44.78 22.26 16.04
C PHE O 30 -44.01 23.30 16.85
N ALA O 31 -42.72 23.42 16.59
CA ALA O 31 -41.90 24.40 17.30
C ALA O 31 -42.42 25.80 17.00
N ALA O 32 -43.04 25.97 15.83
CA ALA O 32 -43.57 27.26 15.42
C ALA O 32 -44.64 27.76 16.38
N LEU O 33 -45.21 26.85 17.16
CA LEU O 33 -46.23 27.25 18.13
C LEU O 33 -45.62 28.23 19.13
N LEU O 34 -44.29 28.26 19.18
CA LEU O 34 -43.57 29.15 20.08
C LEU O 34 -43.41 30.56 19.52
N ALA O 35 -43.47 30.67 18.20
CA ALA O 35 -43.30 31.95 17.50
C ALA O 35 -44.46 32.94 17.68
N GLU O 36 -44.13 34.17 18.07
CA GLU O 36 -45.13 35.19 18.27
C GLU O 36 -45.36 35.99 16.99
N GLU O 37 -44.40 35.92 16.09
CA GLU O 37 -44.54 36.63 14.83
C GLU O 37 -44.49 35.61 13.72
N PRO O 38 -45.21 35.88 12.62
CA PRO O 38 -45.25 34.97 11.47
C PRO O 38 -43.92 34.34 11.14
N VAL O 39 -43.99 33.09 10.66
CA VAL O 39 -42.80 32.35 10.26
C VAL O 39 -43.05 31.67 8.93
N GLU O 40 -42.00 31.46 8.14
CA GLU O 40 -42.09 30.79 6.85
C GLU O 40 -41.10 29.64 6.85
N ILE O 41 -41.60 28.43 6.69
CA ILE O 41 -40.74 27.25 6.67
C ILE O 41 -40.65 26.77 5.23
N GLN O 42 -39.45 26.85 4.68
CA GLN O 42 -39.22 26.46 3.29
C GLN O 42 -38.81 25.01 3.07
N ASN O 43 -39.00 24.55 1.84
CA ASN O 43 -38.64 23.20 1.45
C ASN O 43 -39.40 22.15 2.26
N VAL O 44 -40.65 22.44 2.57
CA VAL O 44 -41.48 21.50 3.32
C VAL O 44 -42.13 20.51 2.35
N PRO O 45 -41.84 19.20 2.53
CA PRO O 45 -42.43 18.20 1.64
C PRO O 45 -43.94 18.13 1.75
N LYS O 46 -44.59 17.73 0.66
CA LYS O 46 -46.04 17.60 0.66
C LYS O 46 -46.38 16.16 1.05
N LEU O 47 -46.57 15.95 2.35
CA LEU O 47 -46.87 14.63 2.90
C LEU O 47 -48.15 14.65 3.73
N LYS O 48 -48.77 13.48 3.87
CA LYS O 48 -50.01 13.36 4.63
C LYS O 48 -49.84 13.87 6.05
N ASP O 49 -48.68 13.62 6.65
CA ASP O 49 -48.42 14.07 8.00
C ASP O 49 -48.35 15.60 8.09
N ILE O 50 -47.87 16.25 7.04
CA ILE O 50 -47.79 17.71 7.07
C ILE O 50 -49.20 18.28 7.03
N ASP O 51 -50.09 17.61 6.30
CA ASP O 51 -51.48 18.06 6.23
C ASP O 51 -52.11 17.94 7.61
N THR O 52 -51.92 16.79 8.24
CA THR O 52 -52.46 16.54 9.58
C THR O 52 -51.92 17.57 10.58
N THR O 53 -50.63 17.86 10.49
CA THR O 53 -50.03 18.82 11.39
C THR O 53 -50.67 20.19 11.18
N MET O 54 -50.84 20.58 9.91
CA MET O 54 -51.46 21.87 9.62
C MET O 54 -52.89 21.91 10.16
N LYS O 55 -53.58 20.78 10.05
CA LYS O 55 -54.95 20.69 10.53
C LYS O 55 -54.97 20.94 12.03
N LEU O 56 -54.07 20.27 12.74
CA LEU O 56 -53.97 20.40 14.18
C LEU O 56 -53.62 21.83 14.56
N LEU O 57 -52.59 22.39 13.91
CA LEU O 57 -52.17 23.76 14.20
C LEU O 57 -53.34 24.72 14.03
N THR O 58 -54.04 24.58 12.92
CA THR O 58 -55.19 25.43 12.62
C THR O 58 -56.25 25.27 13.71
N GLN O 59 -56.45 24.04 14.17
CA GLN O 59 -57.40 23.73 15.23
C GLN O 59 -57.05 24.45 16.54
N LEU O 60 -55.76 24.76 16.73
CA LEU O 60 -55.30 25.44 17.94
C LEU O 60 -55.48 26.95 17.82
N GLY O 61 -55.93 27.40 16.65
CA GLY O 61 -56.13 28.82 16.41
C GLY O 61 -54.96 29.44 15.66
N THR O 62 -54.23 28.63 14.91
CA THR O 62 -53.08 29.11 14.15
C THR O 62 -53.53 29.38 12.71
N LYS O 63 -52.88 30.34 12.08
CA LYS O 63 -53.18 30.66 10.68
C LYS O 63 -52.10 29.94 9.88
N VAL O 64 -52.51 28.94 9.13
CA VAL O 64 -51.57 28.15 8.34
C VAL O 64 -51.97 28.06 6.88
N GLU O 65 -50.97 28.11 6.00
CA GLU O 65 -51.21 27.97 4.56
C GLU O 65 -49.89 27.61 3.91
N ARG O 66 -49.95 26.78 2.87
CA ARG O 66 -48.73 26.34 2.19
C ARG O 66 -48.89 26.31 0.67
N GLY O 68 -44.09 25.66 -1.86
CA GLY O 68 -42.97 24.86 -1.41
C GLY O 68 -42.75 25.12 0.07
N SER O 69 -43.30 26.23 0.55
CA SER O 69 -43.17 26.62 1.94
C SER O 69 -44.50 26.50 2.70
N VAL O 70 -44.41 26.57 4.02
CA VAL O 70 -45.58 26.52 4.88
C VAL O 70 -45.47 27.81 5.70
N TRP O 71 -46.48 28.66 5.58
CA TRP O 71 -46.50 29.92 6.31
C TRP O 71 -47.31 29.77 7.58
N ILE O 72 -46.70 30.14 8.71
CA ILE O 72 -47.36 30.02 10.00
C ILE O 72 -47.46 31.33 10.77
N ASP O 73 -48.63 31.55 11.35
CA ASP O 73 -48.89 32.74 12.16
C ASP O 73 -49.61 32.30 13.42
N ALA O 74 -48.88 32.19 14.52
CA ALA O 74 -49.46 31.77 15.79
C ALA O 74 -49.53 32.91 16.80
N SER O 75 -49.72 34.13 16.32
CA SER O 75 -49.78 35.27 17.23
C SER O 75 -50.86 35.03 18.27
N ASN O 76 -51.98 34.46 17.84
CA ASN O 76 -53.06 34.16 18.79
C ASN O 76 -53.40 32.65 18.75
N VAL O 77 -53.62 32.08 19.93
CA VAL O 77 -53.95 30.67 20.04
C VAL O 77 -55.27 30.52 20.79
N ASN O 78 -56.28 30.04 20.09
CA ASN O 78 -57.63 29.88 20.65
C ASN O 78 -57.88 28.64 21.52
N ASN O 79 -57.10 27.58 21.35
CA ASN O 79 -57.30 26.36 22.13
C ASN O 79 -55.96 25.67 22.35
N PHE O 80 -55.88 24.83 23.38
CA PHE O 80 -54.65 24.15 23.73
C PHE O 80 -54.84 22.65 23.88
N SER O 81 -55.85 22.10 23.19
CA SER O 81 -56.16 20.67 23.26
C SER O 81 -56.16 20.02 21.88
N ALA O 82 -55.70 18.77 21.81
CA ALA O 82 -55.64 18.02 20.57
C ALA O 82 -56.28 16.66 20.85
N PRO O 83 -57.61 16.58 20.75
CA PRO O 83 -58.31 15.31 21.01
C PRO O 83 -57.92 14.10 20.16
N TYR O 84 -58.30 12.93 20.67
CA TYR O 84 -58.04 11.62 20.07
C TYR O 84 -58.19 11.52 18.55
N ASP O 85 -59.35 11.91 18.05
CA ASP O 85 -59.65 11.85 16.63
C ASP O 85 -58.64 12.52 15.72
N LEU O 86 -57.53 12.99 16.27
CA LEU O 86 -56.50 13.63 15.47
C LEU O 86 -55.15 12.99 15.71
N VAL O 87 -54.76 12.83 16.97
CA VAL O 87 -53.47 12.22 17.27
C VAL O 87 -53.47 10.73 16.96
N LYS O 88 -54.65 10.13 16.86
CA LYS O 88 -54.71 8.71 16.56
C LYS O 88 -54.26 8.47 15.13
N THR O 89 -54.16 9.54 14.36
CA THR O 89 -53.73 9.42 12.97
C THR O 89 -52.27 9.86 12.82
N MET O 90 -51.72 10.47 13.86
CA MET O 90 -50.33 10.94 13.83
C MET O 90 -49.83 11.21 15.25
N ARG O 91 -49.03 10.28 15.77
CA ARG O 91 -48.52 10.40 17.13
C ARG O 91 -47.50 11.51 17.29
N ALA O 92 -47.04 12.05 16.18
CA ALA O 92 -46.08 13.14 16.26
C ALA O 92 -46.75 14.37 16.83
N SER O 93 -48.08 14.33 16.99
CA SER O 93 -48.76 15.51 17.53
C SER O 93 -48.47 15.66 19.02
N ILE O 94 -47.72 14.71 19.56
CA ILE O 94 -47.33 14.79 20.96
C ILE O 94 -46.42 16.00 21.10
N TRP O 95 -45.77 16.40 20.01
CA TRP O 95 -44.85 17.53 20.03
C TRP O 95 -45.52 18.88 20.26
N ALA O 96 -46.84 18.88 20.36
CA ALA O 96 -47.56 20.13 20.59
C ALA O 96 -47.57 20.46 22.09
N LEU O 97 -47.54 19.42 22.92
CA LEU O 97 -47.58 19.59 24.36
C LEU O 97 -46.51 20.54 24.86
N GLY O 98 -45.26 20.25 24.49
CA GLY O 98 -44.14 21.07 24.92
C GLY O 98 -44.28 22.55 24.67
N PRO O 99 -44.42 22.97 23.42
CA PRO O 99 -44.56 24.39 23.11
C PRO O 99 -45.77 25.05 23.79
N LEU O 100 -46.90 24.35 23.77
CA LEU O 100 -48.10 24.90 24.39
C LEU O 100 -47.92 25.22 25.87
N VAL O 101 -47.35 24.30 26.64
CA VAL O 101 -47.19 24.58 28.06
C VAL O 101 -46.09 25.59 28.31
N ALA O 102 -45.07 25.58 27.47
CA ALA O 102 -43.95 26.49 27.65
C ALA O 102 -44.33 27.93 27.36
N ARG O 103 -45.24 28.13 26.41
CA ARG O 103 -45.65 29.48 26.04
C ARG O 103 -46.97 29.94 26.66
N PHE O 104 -47.93 29.03 26.81
CA PHE O 104 -49.23 29.41 27.38
C PHE O 104 -49.51 28.82 28.76
N GLY O 105 -48.53 28.12 29.33
CA GLY O 105 -48.69 27.55 30.64
C GLY O 105 -49.62 26.35 30.74
N GLN O 106 -50.14 25.88 29.60
CA GLN O 106 -51.03 24.74 29.62
C GLN O 106 -51.06 24.05 28.25
N GLY O 107 -51.50 22.81 28.24
CA GLY O 107 -51.57 22.05 27.01
C GLY O 107 -52.08 20.66 27.27
N GLN O 108 -52.84 20.13 26.32
CA GLN O 108 -53.43 18.81 26.45
C GLN O 108 -53.36 18.03 25.14
N VAL O 109 -52.79 16.83 25.18
CA VAL O 109 -52.69 16.01 23.98
C VAL O 109 -53.14 14.60 24.31
N SER O 110 -53.92 14.00 23.41
CA SER O 110 -54.38 12.65 23.65
C SER O 110 -53.18 11.71 23.73
N LEU O 111 -53.11 10.90 24.78
CA LEU O 111 -52.00 9.96 24.93
C LEU O 111 -52.06 8.99 23.76
N PRO O 112 -51.04 9.00 22.91
CA PRO O 112 -51.07 8.07 21.77
C PRO O 112 -51.02 6.61 22.21
N GLY O 113 -51.76 5.77 21.47
CA GLY O 113 -51.80 4.35 21.76
C GLY O 113 -50.62 3.67 21.09
N GLY O 114 -50.71 2.36 20.88
CA GLY O 114 -49.60 1.66 20.26
C GLY O 114 -49.47 1.96 18.78
N CYS O 115 -48.28 1.72 18.23
CA CYS O 115 -48.02 1.93 16.81
C CYS O 115 -47.71 0.56 16.21
N ALA O 116 -47.65 0.47 14.89
CA ALA O 116 -47.36 -0.80 14.26
C ALA O 116 -45.96 -1.37 14.58
N ILE O 117 -44.95 -0.50 14.47
CA ILE O 117 -43.58 -0.94 14.71
C ILE O 117 -43.12 -1.01 16.17
N GLY O 118 -44.00 -0.64 17.09
CA GLY O 118 -43.65 -0.67 18.50
C GLY O 118 -44.64 0.10 19.35
N ALA O 119 -44.63 -0.15 20.65
CA ALA O 119 -45.56 0.55 21.53
C ALA O 119 -45.24 2.04 21.54
N ARG O 120 -43.97 2.38 21.39
CA ARG O 120 -43.55 3.77 21.35
C ARG O 120 -44.10 4.63 22.48
N PRO O 121 -43.77 4.30 23.73
CA PRO O 121 -44.26 5.09 24.86
C PRO O 121 -43.71 6.51 24.74
N VAL O 122 -44.26 7.43 25.51
CA VAL O 122 -43.83 8.81 25.42
C VAL O 122 -43.38 9.35 26.79
N ASP O 123 -43.04 8.41 27.68
CA ASP O 123 -42.61 8.71 29.05
C ASP O 123 -41.50 9.74 29.20
N LEU O 124 -40.48 9.65 28.36
CA LEU O 124 -39.36 10.58 28.43
C LEU O 124 -39.79 12.02 28.13
N HIS O 125 -40.82 12.15 27.29
CA HIS O 125 -41.34 13.48 26.96
C HIS O 125 -41.89 14.08 28.23
N ILE O 126 -42.79 13.33 28.87
CA ILE O 126 -43.42 13.75 30.11
C ILE O 126 -42.38 13.99 31.21
N PHE O 127 -41.47 13.03 31.38
CA PHE O 127 -40.41 13.15 32.38
C PHE O 127 -39.65 14.46 32.18
N GLY O 128 -39.37 14.79 30.93
CA GLY O 128 -38.65 16.00 30.61
C GLY O 128 -39.40 17.25 30.99
N LEU O 129 -40.66 17.33 30.58
CA LEU O 129 -41.47 18.49 30.91
C LEU O 129 -41.60 18.64 32.42
N GLU O 130 -41.79 17.52 33.11
CA GLU O 130 -41.92 17.55 34.56
C GLU O 130 -40.67 18.12 35.20
N LYS O 131 -39.51 17.78 34.64
CA LYS O 131 -38.25 18.27 35.18
C LYS O 131 -38.13 19.77 34.95
N LEU O 132 -38.87 20.29 33.98
CA LEU O 132 -38.82 21.72 33.68
C LEU O 132 -39.87 22.45 34.51
N GLY O 133 -40.59 21.71 35.34
CA GLY O 133 -41.58 22.32 36.20
C GLY O 133 -43.04 22.08 35.88
N ALA O 134 -43.33 21.45 34.75
CA ALA O 134 -44.73 21.20 34.39
C ALA O 134 -45.33 20.13 35.27
N GLU O 135 -46.63 20.25 35.52
CA GLU O 135 -47.31 19.25 36.30
C GLU O 135 -48.14 18.52 35.26
N ILE O 136 -47.92 17.23 35.11
CA ILE O 136 -48.66 16.49 34.11
C ILE O 136 -49.45 15.34 34.70
N LYS O 137 -50.67 15.15 34.23
CA LYS O 137 -51.52 14.08 34.70
C LYS O 137 -52.24 13.49 33.49
N LEU O 138 -52.67 12.23 33.61
CA LEU O 138 -53.39 11.57 32.55
C LEU O 138 -54.85 11.36 32.93
N GLU O 139 -55.78 12.06 32.28
CA GLU O 139 -57.19 11.85 32.57
C GLU O 139 -57.99 11.79 31.29
N GLU O 140 -58.83 10.78 31.18
CA GLU O 140 -59.66 10.60 30.01
C GLU O 140 -58.80 10.47 28.75
N GLY O 141 -57.72 9.70 28.87
CA GLY O 141 -56.83 9.49 27.74
C GLY O 141 -56.07 10.70 27.27
N TYR O 142 -56.19 11.80 28.02
CA TYR O 142 -55.49 13.05 27.72
C TYR O 142 -54.26 13.17 28.62
N VAL O 143 -53.16 13.68 28.09
CA VAL O 143 -52.02 13.92 28.96
C VAL O 143 -52.07 15.43 29.10
N LYS O 144 -52.54 15.89 30.26
CA LYS O 144 -52.72 17.31 30.56
C LYS O 144 -51.56 17.87 31.35
N ALA O 145 -50.96 18.93 30.80
CA ALA O 145 -49.82 19.58 31.42
C ALA O 145 -50.10 21.04 31.72
N SER O 146 -49.56 21.53 32.82
CA SER O 146 -49.75 22.92 33.21
C SER O 146 -48.57 23.39 34.04
N VAL O 147 -48.43 24.70 34.15
CA VAL O 147 -47.37 25.30 34.93
C VAL O 147 -47.76 26.73 35.26
N ASN O 148 -47.50 27.14 36.48
CA ASN O 148 -47.82 28.49 36.87
C ASN O 148 -46.62 29.33 36.57
N GLY O 149 -46.80 30.20 35.59
CA GLY O 149 -45.72 31.06 35.18
C GLY O 149 -44.87 30.29 34.21
N ARG O 150 -43.60 30.68 34.11
CA ARG O 150 -42.68 30.04 33.20
C ARG O 150 -42.12 28.72 33.74
N LEU O 151 -41.56 27.93 32.83
CA LEU O 151 -40.93 26.68 33.21
C LEU O 151 -39.55 27.08 33.73
N LYS O 152 -38.93 26.22 34.52
CA LYS O 152 -37.61 26.50 35.06
C LYS O 152 -36.52 25.61 34.47
N GLY O 153 -35.45 26.25 34.00
CA GLY O 153 -34.36 25.49 33.43
C GLY O 153 -33.92 24.41 34.40
N ALA O 154 -33.46 23.28 33.88
CA ALA O 154 -33.02 22.19 34.73
C ALA O 154 -31.98 21.34 34.02
N HIS O 155 -31.25 20.55 34.79
CA HIS O 155 -30.24 19.66 34.25
C HIS O 155 -30.94 18.33 34.12
N ILE O 156 -31.26 17.95 32.89
CA ILE O 156 -31.98 16.71 32.64
C ILE O 156 -31.13 15.64 31.97
N VAL O 157 -31.03 14.48 32.61
CA VAL O 157 -30.25 13.40 32.04
C VAL O 157 -31.23 12.38 31.47
N MET O 158 -31.21 12.20 30.16
CA MET O 158 -32.09 11.25 29.50
C MET O 158 -31.50 9.85 29.76
N ASP O 159 -32.31 8.88 30.16
CA ASP O 159 -31.70 7.57 30.40
C ASP O 159 -31.72 6.66 29.18
N LYS O 160 -32.43 7.09 28.13
CA LYS O 160 -32.50 6.38 26.86
C LYS O 160 -32.39 7.49 25.80
N VAL O 161 -31.83 7.19 24.63
CA VAL O 161 -31.71 8.21 23.59
C VAL O 161 -33.01 8.28 22.81
N SER O 162 -33.63 9.45 22.84
CA SER O 162 -34.90 9.66 22.16
C SER O 162 -34.91 10.96 21.34
N VAL O 163 -35.19 10.82 20.04
CA VAL O 163 -35.27 11.95 19.14
C VAL O 163 -36.46 12.80 19.55
N GLY O 164 -37.62 12.18 19.69
CA GLY O 164 -38.81 12.90 20.08
C GLY O 164 -38.71 13.63 21.40
N ALA O 165 -38.24 12.94 22.43
CA ALA O 165 -38.12 13.54 23.75
C ALA O 165 -37.12 14.70 23.75
N THR O 166 -36.03 14.55 23.01
CA THR O 166 -35.03 15.62 22.93
C THR O 166 -35.67 16.88 22.35
N VAL O 167 -36.50 16.69 21.31
CA VAL O 167 -37.18 17.81 20.65
C VAL O 167 -38.14 18.50 21.59
N THR O 168 -38.96 17.71 22.29
CA THR O 168 -39.93 18.26 23.22
C THR O 168 -39.24 19.12 24.27
N ILE O 169 -38.25 18.55 24.94
CA ILE O 169 -37.53 19.24 25.99
C ILE O 169 -36.81 20.47 25.49
N MET O 170 -36.05 20.31 24.41
CA MET O 170 -35.31 21.44 23.86
C MET O 170 -36.24 22.59 23.46
N SER O 171 -37.36 22.26 22.85
CA SER O 171 -38.30 23.28 22.42
C SER O 171 -38.89 24.03 23.63
N ALA O 172 -39.40 23.29 24.60
CA ALA O 172 -40.00 23.90 25.77
C ALA O 172 -39.00 24.76 26.55
N ALA O 173 -37.76 24.30 26.62
CA ALA O 173 -36.74 25.02 27.35
C ALA O 173 -36.43 26.41 26.82
N THR O 174 -36.67 26.65 25.52
CA THR O 174 -36.37 27.96 24.95
C THR O 174 -37.08 29.12 25.65
N LEU O 175 -38.27 28.85 26.18
CA LEU O 175 -39.05 29.88 26.88
C LEU O 175 -39.01 29.69 28.38
N ALA O 176 -38.09 28.84 28.85
CA ALA O 176 -37.97 28.60 30.27
C ALA O 176 -37.19 29.69 30.96
N GLU O 177 -37.29 29.73 32.28
CA GLU O 177 -36.60 30.71 33.09
C GLU O 177 -35.29 30.06 33.53
N GLY O 178 -34.18 30.49 32.96
CA GLY O 178 -32.90 29.93 33.33
C GLY O 178 -32.28 29.07 32.25
N THR O 179 -31.30 28.26 32.64
CA THR O 179 -30.60 27.40 31.71
C THR O 179 -30.94 25.91 31.86
N THR O 180 -31.15 25.26 30.72
CA THR O 180 -31.46 23.83 30.69
C THR O 180 -30.31 23.12 30.00
N ILE O 181 -30.00 21.93 30.49
CA ILE O 181 -28.94 21.13 29.91
C ILE O 181 -29.47 19.72 29.73
N ILE O 182 -29.46 19.25 28.49
CA ILE O 182 -29.95 17.92 28.19
C ILE O 182 -28.78 16.96 27.99
N GLU O 183 -28.64 16.03 28.92
CA GLU O 183 -27.58 15.02 28.89
C GLU O 183 -28.05 13.81 28.11
N ASN O 184 -27.16 13.23 27.32
CA ASN O 184 -27.47 12.06 26.51
C ASN O 184 -28.57 12.37 25.51
N ALA O 185 -28.49 13.56 24.93
CA ALA O 185 -29.47 14.01 23.95
C ALA O 185 -29.27 13.28 22.64
N ALA O 186 -30.32 13.21 21.82
CA ALA O 186 -30.22 12.58 20.52
C ALA O 186 -29.43 13.51 19.61
N ARG O 187 -28.59 12.94 18.75
CA ARG O 187 -27.77 13.75 17.84
C ARG O 187 -28.29 13.81 16.40
N GLU O 188 -29.46 13.23 16.14
CA GLU O 188 -30.01 13.24 14.79
C GLU O 188 -29.93 14.60 14.11
N PRO O 189 -29.69 14.60 12.79
CA PRO O 189 -29.58 15.82 11.98
C PRO O 189 -30.82 16.69 12.14
N GLU O 190 -31.98 16.05 12.30
CA GLU O 190 -33.23 16.77 12.47
C GLU O 190 -33.23 17.59 13.77
N ILE O 191 -32.54 17.07 14.79
CA ILE O 191 -32.43 17.76 16.07
C ILE O 191 -31.65 19.04 15.83
N VAL O 192 -30.57 18.91 15.07
CA VAL O 192 -29.75 20.07 14.74
C VAL O 192 -30.58 21.10 13.96
N ASP O 193 -31.38 20.60 13.02
CA ASP O 193 -32.21 21.47 12.20
C ASP O 193 -33.27 22.17 13.04
N THR O 194 -33.90 21.43 13.95
CA THR O 194 -34.92 22.03 14.80
C THR O 194 -34.28 23.07 15.73
N ALA O 195 -33.08 22.75 16.23
CA ALA O 195 -32.36 23.66 17.10
C ALA O 195 -32.07 24.97 16.38
N ASN O 196 -31.55 24.88 15.15
CA ASN O 196 -31.23 26.08 14.37
C ASN O 196 -32.46 26.90 14.02
N PHE O 197 -33.59 26.23 13.87
CA PHE O 197 -34.81 26.93 13.57
C PHE O 197 -35.18 27.77 14.79
N LEU O 198 -35.14 27.15 15.97
CA LEU O 198 -35.46 27.85 17.20
C LEU O 198 -34.53 29.05 17.36
N VAL O 199 -33.24 28.82 17.11
CA VAL O 199 -32.26 29.89 17.23
C VAL O 199 -32.63 31.04 16.29
N ALA O 200 -33.18 30.69 15.13
CA ALA O 200 -33.57 31.70 14.15
C ALA O 200 -34.72 32.54 14.71
N LEU O 201 -35.54 31.95 15.57
CA LEU O 201 -36.67 32.67 16.15
C LEU O 201 -36.21 33.51 17.33
N GLY O 202 -34.94 33.39 17.69
CA GLY O 202 -34.40 34.15 18.81
C GLY O 202 -33.94 33.31 19.99
N ALA O 203 -34.16 32.00 19.93
CA ALA O 203 -33.77 31.14 21.03
C ALA O 203 -32.25 31.07 21.14
N LYS O 204 -31.78 30.67 22.32
CA LYS O 204 -30.35 30.56 22.58
C LYS O 204 -30.03 29.09 22.85
N ILE O 205 -29.47 28.41 21.86
CA ILE O 205 -29.14 27.01 22.00
C ILE O 205 -27.74 26.69 21.49
N SER O 206 -27.08 25.72 22.12
CA SER O 206 -25.76 25.30 21.69
C SER O 206 -25.60 23.83 22.06
N GLY O 207 -24.76 23.12 21.32
CA GLY O 207 -24.54 21.71 21.59
C GLY O 207 -25.37 20.78 20.71
N GLN O 208 -26.34 21.33 19.98
CA GLN O 208 -27.18 20.48 19.12
C GLN O 208 -26.26 19.68 18.23
N GLY O 209 -26.51 18.37 18.13
CA GLY O 209 -25.66 17.51 17.32
C GLY O 209 -24.74 16.71 18.21
N THR O 210 -24.62 17.11 19.48
CA THR O 210 -23.76 16.40 20.43
C THR O 210 -24.66 15.79 21.47
N ASP O 211 -24.08 15.05 22.41
CA ASP O 211 -24.89 14.43 23.45
C ASP O 211 -25.22 15.34 24.64
N ARG O 212 -24.93 16.62 24.50
CA ARG O 212 -25.24 17.58 25.55
C ARG O 212 -25.73 18.89 24.91
N ILE O 213 -27.01 19.18 25.08
CA ILE O 213 -27.59 20.39 24.53
C ILE O 213 -27.87 21.38 25.65
N THR O 214 -27.42 22.63 25.45
CA THR O 214 -27.63 23.66 26.45
C THR O 214 -28.55 24.73 25.90
N ILE O 215 -29.62 25.01 26.64
CA ILE O 215 -30.60 26.01 26.24
C ILE O 215 -30.73 27.08 27.32
N GLU O 216 -30.66 28.36 26.93
CA GLU O 216 -30.82 29.43 27.90
C GLU O 216 -32.11 30.12 27.52
N GLY O 217 -33.13 29.95 28.35
CA GLY O 217 -34.43 30.54 28.07
C GLY O 217 -34.44 32.03 27.80
N VAL O 218 -35.45 32.47 27.05
CA VAL O 218 -35.64 33.88 26.73
C VAL O 218 -37.11 34.20 26.95
N GLU O 219 -37.46 35.47 27.00
CA GLU O 219 -38.85 35.85 27.24
C GLU O 219 -39.81 35.43 26.15
N ARG O 220 -39.40 35.62 24.91
CA ARG O 220 -40.27 35.25 23.79
C ARG O 220 -39.49 34.98 22.52
N LEU O 221 -40.16 34.33 21.58
CA LEU O 221 -39.57 34.01 20.29
C LEU O 221 -40.31 34.81 19.22
N GLY O 222 -39.57 35.30 18.24
CA GLY O 222 -40.19 36.08 17.18
C GLY O 222 -40.68 35.28 15.99
N GLY O 223 -40.17 35.61 14.82
CA GLY O 223 -40.55 34.92 13.60
C GLY O 223 -39.34 34.82 12.68
N GLY O 224 -39.59 34.51 11.41
CA GLY O 224 -38.49 34.40 10.48
C GLY O 224 -38.72 33.42 9.34
N VAL O 225 -37.62 33.10 8.65
CA VAL O 225 -37.67 32.17 7.52
C VAL O 225 -36.59 31.12 7.69
N TYR O 226 -36.98 29.84 7.58
CA TYR O 226 -36.03 28.73 7.72
C TYR O 226 -36.30 27.64 6.68
N ARG O 227 -35.24 27.13 6.08
CA ARG O 227 -35.35 26.09 5.07
C ARG O 227 -34.98 24.72 5.63
N VAL O 228 -35.93 23.80 5.59
CA VAL O 228 -35.71 22.46 6.10
C VAL O 228 -34.62 21.73 5.32
N LEU O 229 -33.79 20.95 6.02
CA LEU O 229 -32.70 20.21 5.37
C LEU O 229 -33.25 19.03 4.55
N PRO O 230 -32.41 18.47 3.66
CA PRO O 230 -32.81 17.33 2.81
C PRO O 230 -33.20 16.11 3.63
N ASP O 231 -34.16 15.34 3.12
CA ASP O 231 -34.62 14.13 3.79
C ASP O 231 -33.61 13.00 3.54
N ARG O 232 -32.80 12.69 4.54
CA ARG O 232 -31.78 11.65 4.39
C ARG O 232 -32.36 10.27 4.16
N ILE O 233 -33.57 10.01 4.65
CA ILE O 233 -34.16 8.69 4.47
C ILE O 233 -34.66 8.52 3.03
N GLU O 234 -35.20 9.60 2.46
CA GLU O 234 -35.67 9.53 1.08
C GLU O 234 -34.42 9.27 0.24
N THR O 235 -33.35 10.01 0.54
CA THR O 235 -32.10 9.86 -0.19
C THR O 235 -31.64 8.41 -0.11
N GLY O 236 -31.56 7.87 1.10
CA GLY O 236 -31.11 6.50 1.27
C GLY O 236 -32.01 5.52 0.54
N THR O 237 -33.31 5.81 0.49
CA THR O 237 -34.25 4.93 -0.19
C THR O 237 -33.95 4.85 -1.68
N PHE O 238 -33.72 6.00 -2.31
CA PHE O 238 -33.42 6.00 -3.73
C PHE O 238 -32.04 5.41 -4.05
N LEU O 239 -31.09 5.61 -3.15
CA LEU O 239 -29.75 5.06 -3.37
C LEU O 239 -29.88 3.54 -3.35
N VAL O 240 -30.75 3.04 -2.47
CA VAL O 240 -30.95 1.59 -2.37
C VAL O 240 -31.68 1.12 -3.61
N ALA O 241 -32.56 1.97 -4.14
CA ALA O 241 -33.31 1.63 -5.34
C ALA O 241 -32.34 1.26 -6.46
N ALA O 242 -31.28 2.06 -6.60
CA ALA O 242 -30.27 1.82 -7.62
C ALA O 242 -29.41 0.61 -7.29
N ALA O 243 -28.96 0.55 -6.04
CA ALA O 243 -28.12 -0.55 -5.57
C ALA O 243 -28.70 -1.96 -5.77
N ILE O 244 -30.01 -2.09 -5.69
CA ILE O 244 -30.65 -3.39 -5.86
C ILE O 244 -31.11 -3.69 -7.28
N SER O 245 -31.03 -2.69 -8.16
CA SER O 245 -31.46 -2.90 -9.54
C SER O 245 -30.31 -2.76 -10.53
N GLY O 246 -29.08 -2.84 -10.01
CA GLY O 246 -27.91 -2.73 -10.87
C GLY O 246 -27.79 -1.38 -11.59
N GLY O 247 -28.62 -0.41 -11.20
CA GLY O 247 -28.58 0.88 -11.85
C GLY O 247 -27.59 1.87 -11.29
N LYS O 248 -27.70 3.11 -11.78
CA LYS O 248 -26.85 4.19 -11.29
C LYS O 248 -27.79 5.37 -11.10
N ILE O 249 -27.55 6.18 -10.08
CA ILE O 249 -28.43 7.32 -9.82
C ILE O 249 -27.67 8.46 -9.17
N VAL O 250 -28.24 9.66 -9.32
CA VAL O 250 -27.66 10.85 -8.71
C VAL O 250 -28.80 11.56 -7.99
N CYS O 251 -28.60 11.79 -6.69
CA CYS O 251 -29.61 12.48 -5.89
C CYS O 251 -29.19 13.93 -5.76
N ARG O 252 -30.07 14.82 -6.20
CA ARG O 252 -29.82 16.25 -6.13
C ARG O 252 -30.47 16.80 -4.86
N ASN O 253 -29.97 17.94 -4.39
CA ASN O 253 -30.51 18.56 -3.17
C ASN O 253 -30.31 17.64 -1.97
N ALA O 254 -29.16 16.96 -1.95
CA ALA O 254 -28.83 16.02 -0.89
C ALA O 254 -27.84 16.61 0.11
N GLN O 255 -27.67 15.95 1.25
CA GLN O 255 -26.74 16.40 2.25
C GLN O 255 -25.97 15.18 2.71
N PRO O 256 -24.89 14.84 1.99
CA PRO O 256 -24.01 13.69 2.23
C PRO O 256 -23.57 13.39 3.68
N ASP O 257 -23.22 14.41 4.44
CA ASP O 257 -22.75 14.21 5.82
C ASP O 257 -23.79 13.61 6.77
N THR O 258 -25.04 13.52 6.33
CA THR O 258 -26.08 12.94 7.18
C THR O 258 -26.24 11.45 6.88
N LEU O 259 -25.41 10.91 5.99
CA LEU O 259 -25.54 9.50 5.60
C LEU O 259 -24.27 8.66 5.64
N ASP O 260 -23.29 9.06 6.44
CA ASP O 260 -22.05 8.31 6.51
C ASP O 260 -22.25 6.81 6.68
N ALA O 261 -23.06 6.43 7.66
CA ALA O 261 -23.31 5.01 7.93
C ALA O 261 -23.93 4.31 6.72
N VAL O 262 -24.97 4.91 6.14
CA VAL O 262 -25.64 4.32 4.98
C VAL O 262 -24.70 4.18 3.78
N LEU O 263 -23.98 5.26 3.44
CA LEU O 263 -23.05 5.21 2.31
C LEU O 263 -21.96 4.16 2.54
N ALA O 264 -21.49 4.04 3.78
CA ALA O 264 -20.45 3.05 4.10
C ALA O 264 -20.97 1.65 3.85
N LYS O 265 -22.22 1.42 4.24
CA LYS O 265 -22.84 0.11 4.08
C LYS O 265 -23.10 -0.19 2.62
N LEU O 266 -23.47 0.83 1.85
CA LEU O 266 -23.72 0.62 0.43
C LEU O 266 -22.41 0.25 -0.26
N ARG O 267 -21.30 0.87 0.15
CA ARG O 267 -20.01 0.54 -0.45
C ARG O 267 -19.68 -0.91 -0.12
N GLU O 268 -19.94 -1.32 1.11
CA GLU O 268 -19.71 -2.71 1.51
C GLU O 268 -20.52 -3.68 0.66
N ALA O 269 -21.67 -3.22 0.17
CA ALA O 269 -22.54 -4.04 -0.68
C ALA O 269 -22.01 -4.05 -2.13
N GLY O 270 -21.04 -3.17 -2.39
CA GLY O 270 -20.45 -3.11 -3.71
C GLY O 270 -20.74 -1.87 -4.55
N ALA O 271 -21.38 -0.87 -3.97
CA ALA O 271 -21.70 0.32 -4.75
C ALA O 271 -20.52 1.26 -4.95
N ASP O 272 -20.53 1.92 -6.10
CA ASP O 272 -19.50 2.90 -6.43
C ASP O 272 -20.15 4.24 -6.12
N ILE O 273 -19.77 4.83 -4.99
CA ILE O 273 -20.36 6.08 -4.55
C ILE O 273 -19.41 7.27 -4.57
N GLU O 274 -19.93 8.41 -4.99
CA GLU O 274 -19.15 9.63 -5.04
C GLU O 274 -20.12 10.72 -4.57
N THR O 275 -19.61 11.70 -3.82
CA THR O 275 -20.44 12.76 -3.28
C THR O 275 -19.95 14.15 -3.61
N GLY O 276 -20.87 15.10 -3.54
CA GLY O 276 -20.53 16.48 -3.80
C GLY O 276 -21.01 17.33 -2.64
N GLU O 277 -21.08 18.64 -2.87
CA GLU O 277 -21.53 19.56 -1.83
C GLU O 277 -23.00 19.30 -1.51
N ASP O 278 -23.79 19.05 -2.55
CA ASP O 278 -25.22 18.81 -2.35
C ASP O 278 -25.79 17.69 -3.23
N TRP O 279 -24.99 16.68 -3.49
CA TRP O 279 -25.45 15.57 -4.31
C TRP O 279 -24.68 14.30 -3.99
N ILE O 280 -25.29 13.16 -4.31
CA ILE O 280 -24.68 11.86 -4.08
C ILE O 280 -24.96 11.02 -5.31
N SER O 281 -23.96 10.30 -5.78
CA SER O 281 -24.15 9.44 -6.95
C SER O 281 -23.78 8.01 -6.59
N LEU O 282 -24.58 7.06 -7.06
CA LEU O 282 -24.30 5.65 -6.79
C LEU O 282 -24.44 4.88 -8.09
N ASP O 283 -23.45 4.06 -8.38
CA ASP O 283 -23.43 3.25 -9.59
C ASP O 283 -23.10 1.82 -9.20
N MET O 284 -23.98 0.89 -9.54
CA MET O 284 -23.75 -0.52 -9.24
C MET O 284 -22.99 -1.19 -10.37
N HIS O 285 -22.90 -0.50 -11.50
CA HIS O 285 -22.22 -1.05 -12.67
C HIS O 285 -22.86 -2.40 -13.03
N GLY O 286 -24.18 -2.42 -12.98
CA GLY O 286 -24.93 -3.63 -13.31
C GLY O 286 -24.66 -4.81 -12.41
N LYS O 287 -23.95 -4.59 -11.31
CA LYS O 287 -23.63 -5.67 -10.38
C LYS O 287 -24.68 -5.94 -9.30
N ARG O 288 -24.86 -7.21 -9.00
CA ARG O 288 -25.78 -7.66 -7.96
C ARG O 288 -25.11 -7.25 -6.64
N PRO O 289 -25.89 -6.76 -5.66
CA PRO O 289 -25.29 -6.37 -4.38
C PRO O 289 -24.74 -7.52 -3.53
N LYS O 290 -23.73 -7.19 -2.71
CA LYS O 290 -23.12 -8.17 -1.81
C LYS O 290 -23.81 -8.04 -0.47
N ALA O 291 -24.15 -9.17 0.14
CA ALA O 291 -24.82 -9.18 1.44
C ALA O 291 -24.01 -8.41 2.49
N VAL O 292 -24.71 -7.64 3.33
CA VAL O 292 -24.04 -6.86 4.38
C VAL O 292 -24.67 -7.15 5.73
N THR O 293 -23.95 -6.75 6.78
CA THR O 293 -24.42 -6.92 8.15
C THR O 293 -24.71 -5.55 8.71
N VAL O 294 -25.93 -5.39 9.24
CA VAL O 294 -26.37 -4.11 9.79
C VAL O 294 -26.92 -4.20 11.21
N ARG O 295 -26.73 -3.13 11.97
CA ARG O 295 -27.23 -3.04 13.34
C ARG O 295 -27.62 -1.59 13.53
N THR O 296 -28.94 -1.36 13.61
CA THR O 296 -29.50 -0.02 13.77
C THR O 296 -29.13 0.54 15.14
N ALA O 297 -29.05 1.86 15.22
CA ALA O 297 -28.73 2.54 16.47
C ALA O 297 -28.90 4.04 16.26
N PRO O 298 -28.86 4.82 17.35
CA PRO O 298 -29.02 6.27 17.24
C PRO O 298 -27.98 6.86 16.33
N HIS O 299 -28.30 7.98 15.70
CA HIS O 299 -27.38 8.66 14.80
C HIS O 299 -26.07 8.90 15.55
N PRO O 300 -24.91 8.91 14.84
CA PRO O 300 -24.64 8.74 13.41
C PRO O 300 -24.54 7.30 12.91
N ALA O 301 -24.98 6.34 13.73
CA ALA O 301 -24.94 4.95 13.32
C ALA O 301 -26.00 4.68 12.23
N PHE O 302 -26.13 3.42 11.81
CA PHE O 302 -27.10 3.06 10.80
C PHE O 302 -28.51 3.33 11.35
N PRO O 303 -29.29 4.18 10.63
CA PRO O 303 -30.66 4.55 11.00
C PRO O 303 -31.71 3.46 10.82
N THR O 304 -32.56 3.29 11.83
CA THR O 304 -33.62 2.29 11.77
C THR O 304 -34.59 2.59 10.61
N ALA O 305 -34.71 3.86 10.22
CA ALA O 305 -35.60 4.24 9.13
C ALA O 305 -35.15 3.72 7.76
N MET O 306 -33.94 3.15 7.69
CA MET O 306 -33.39 2.59 6.45
C MET O 306 -33.33 1.04 6.52
N GLN O 307 -33.61 0.50 7.69
CA GLN O 307 -33.57 -0.94 7.93
C GLN O 307 -34.42 -1.80 6.98
N ALA O 308 -35.68 -1.43 6.78
CA ALA O 308 -36.53 -2.22 5.88
C ALA O 308 -35.91 -2.25 4.49
N GLN O 309 -35.51 -1.09 4.01
CA GLN O 309 -34.90 -0.98 2.69
C GLN O 309 -33.66 -1.87 2.56
N PHE O 310 -32.83 -1.89 3.59
CA PHE O 310 -31.63 -2.73 3.54
C PHE O 310 -31.98 -4.19 3.71
N THR O 311 -33.14 -4.49 4.28
CA THR O 311 -33.54 -5.89 4.43
C THR O 311 -33.74 -6.38 3.00
N LEU O 312 -34.40 -5.56 2.20
CA LEU O 312 -34.67 -5.90 0.80
C LEU O 312 -33.34 -6.14 0.09
N LEU O 313 -32.44 -5.17 0.18
CA LEU O 313 -31.13 -5.29 -0.45
C LEU O 313 -30.47 -6.63 -0.13
N ASN O 314 -30.45 -7.03 1.14
CA ASN O 314 -29.86 -8.31 1.51
C ASN O 314 -30.62 -9.48 0.93
N LEU O 315 -31.95 -9.39 0.90
CA LEU O 315 -32.77 -10.49 0.38
C LEU O 315 -32.56 -10.80 -1.10
N VAL O 316 -31.94 -9.86 -1.84
CA VAL O 316 -31.66 -10.08 -3.26
C VAL O 316 -30.17 -9.93 -3.50
N ALA O 317 -29.39 -10.04 -2.42
CA ALA O 317 -27.95 -9.91 -2.50
C ALA O 317 -27.26 -11.26 -2.53
N GLU O 318 -25.98 -11.23 -2.85
CA GLU O 318 -25.16 -12.43 -2.90
C GLU O 318 -24.65 -12.69 -1.49
N GLY O 319 -25.07 -13.81 -0.90
CA GLY O 319 -24.61 -14.16 0.43
C GLY O 319 -25.62 -14.11 1.55
N THR O 320 -25.15 -14.33 2.78
CA THR O 320 -26.02 -14.30 3.95
C THR O 320 -25.85 -13.00 4.69
N GLY O 321 -26.89 -12.15 4.68
CA GLY O 321 -26.83 -10.87 5.37
C GLY O 321 -27.57 -10.93 6.69
N VAL O 322 -27.07 -10.23 7.70
CA VAL O 322 -27.73 -10.21 8.99
C VAL O 322 -28.04 -8.78 9.44
N ILE O 323 -29.32 -8.54 9.74
CA ILE O 323 -29.75 -7.22 10.19
C ILE O 323 -30.31 -7.28 11.60
N THR O 324 -29.79 -6.45 12.49
CA THR O 324 -30.27 -6.43 13.87
C THR O 324 -30.83 -5.05 14.15
N GLU O 325 -32.11 -5.01 14.50
CA GLU O 325 -32.83 -3.78 14.80
C GLU O 325 -32.84 -3.56 16.31
N THR O 326 -32.31 -2.43 16.77
CA THR O 326 -32.28 -2.16 18.21
C THR O 326 -33.13 -0.98 18.68
N ILE O 327 -33.83 -0.31 17.75
CA ILE O 327 -34.65 0.83 18.12
C ILE O 327 -36.14 0.48 18.32
N PHE O 328 -36.74 -0.27 17.40
CA PHE O 328 -38.15 -0.64 17.53
C PHE O 328 -38.35 -2.14 17.60
N GLU O 329 -39.24 -2.59 18.50
CA GLU O 329 -39.50 -4.00 18.72
C GLU O 329 -40.24 -4.83 17.67
N ASN O 330 -40.87 -4.17 16.71
CA ASN O 330 -41.61 -4.93 15.70
C ASN O 330 -41.45 -4.29 14.33
N ARG O 331 -40.21 -4.11 13.90
CA ARG O 331 -40.00 -3.49 12.61
C ARG O 331 -39.49 -4.47 11.57
N PHE O 332 -40.08 -5.65 11.54
CA PHE O 332 -39.73 -6.69 10.58
C PHE O 332 -40.98 -7.15 9.84
N MET O 333 -42.01 -6.33 9.87
CA MET O 333 -43.28 -6.67 9.24
C MET O 333 -43.19 -6.83 7.73
N HIS O 334 -42.16 -6.27 7.12
CA HIS O 334 -41.99 -6.38 5.68
C HIS O 334 -41.44 -7.74 5.28
N VAL O 335 -40.73 -8.38 6.19
CA VAL O 335 -40.14 -9.71 5.92
C VAL O 335 -41.14 -10.77 5.44
N PRO O 336 -42.23 -11.00 6.18
CA PRO O 336 -43.20 -12.02 5.74
C PRO O 336 -43.74 -11.71 4.35
N GLU O 337 -43.89 -10.42 4.04
CA GLU O 337 -44.40 -10.00 2.73
C GLU O 337 -43.40 -10.29 1.62
N LEU O 338 -42.13 -9.97 1.86
CA LEU O 338 -41.10 -10.24 0.85
C LEU O 338 -40.94 -11.74 0.64
N ILE O 339 -41.17 -12.53 1.69
CA ILE O 339 -41.06 -13.98 1.55
C ILE O 339 -42.11 -14.46 0.53
N ARG O 340 -43.26 -13.77 0.48
CA ARG O 340 -44.31 -14.13 -0.47
C ARG O 340 -43.77 -13.90 -1.89
N MET O 341 -42.82 -12.99 -2.01
CA MET O 341 -42.21 -12.68 -3.30
C MET O 341 -41.00 -13.55 -3.58
N GLY O 342 -40.83 -14.60 -2.78
CA GLY O 342 -39.73 -15.52 -2.99
C GLY O 342 -38.45 -15.33 -2.19
N ALA O 343 -38.41 -14.34 -1.29
CA ALA O 343 -37.18 -14.15 -0.52
C ALA O 343 -37.03 -15.27 0.50
N HIS O 344 -35.83 -15.40 1.05
CA HIS O 344 -35.54 -16.43 2.05
C HIS O 344 -34.93 -15.77 3.27
N ALA O 345 -35.60 -15.92 4.42
CA ALA O 345 -35.13 -15.31 5.66
C ALA O 345 -35.78 -15.89 6.90
N GLU O 346 -35.09 -15.75 8.02
CA GLU O 346 -35.61 -16.22 9.32
C GLU O 346 -35.43 -15.08 10.31
N ILE O 347 -36.44 -14.92 11.17
CA ILE O 347 -36.40 -13.89 12.19
C ILE O 347 -36.15 -14.56 13.53
N GLU O 348 -35.11 -14.12 14.23
CA GLU O 348 -34.81 -14.65 15.54
C GLU O 348 -34.66 -13.46 16.45
N SER O 349 -35.67 -13.27 17.28
CA SER O 349 -35.69 -12.15 18.19
C SER O 349 -35.64 -10.86 17.38
N ASN O 350 -34.65 -10.00 17.64
CA ASN O 350 -34.56 -8.73 16.93
C ASN O 350 -33.55 -8.68 15.78
N THR O 351 -33.33 -9.81 15.13
CA THR O 351 -32.43 -9.81 13.98
C THR O 351 -32.96 -10.76 12.89
N VAL O 352 -32.77 -10.38 11.62
CA VAL O 352 -33.21 -11.20 10.50
C VAL O 352 -32.02 -11.81 9.78
N ILE O 353 -32.08 -13.13 9.58
CA ILE O 353 -31.02 -13.81 8.86
C ILE O 353 -31.50 -13.85 7.41
N CYS O 354 -30.78 -13.16 6.54
CA CYS O 354 -31.14 -13.09 5.14
C CYS O 354 -30.30 -14.01 4.25
N HIS O 355 -30.98 -14.67 3.32
CA HIS O 355 -30.31 -15.56 2.36
C HIS O 355 -30.70 -15.05 1.00
N GLY O 356 -29.89 -14.13 0.47
CA GLY O 356 -30.16 -13.54 -0.83
C GLY O 356 -30.47 -14.51 -1.98
N VAL O 357 -31.37 -14.10 -2.86
CA VAL O 357 -31.74 -14.91 -4.01
C VAL O 357 -31.53 -14.11 -5.28
N GLU O 358 -31.49 -14.83 -6.39
CA GLU O 358 -31.29 -14.24 -7.70
C GLU O 358 -32.38 -13.21 -8.03
N LYS O 359 -33.60 -13.70 -8.22
CA LYS O 359 -34.74 -12.84 -8.55
C LYS O 359 -35.93 -13.07 -7.66
N LEU O 360 -36.74 -12.02 -7.51
CA LEU O 360 -37.96 -12.09 -6.73
C LEU O 360 -39.11 -12.26 -7.72
N SER O 361 -40.22 -12.81 -7.25
CA SER O 361 -41.39 -13.02 -8.09
C SER O 361 -42.49 -12.05 -7.67
N GLY O 362 -43.09 -11.40 -8.65
CA GLY O 362 -44.16 -10.47 -8.35
C GLY O 362 -45.28 -11.22 -7.67
N ALA O 363 -45.96 -10.55 -6.75
CA ALA O 363 -47.08 -11.13 -6.02
C ALA O 363 -47.83 -10.02 -5.30
N GLN O 364 -48.95 -10.36 -4.69
CA GLN O 364 -49.73 -9.38 -3.96
C GLN O 364 -49.21 -9.32 -2.52
N VAL O 365 -48.70 -8.16 -2.14
CA VAL O 365 -48.17 -7.97 -0.80
C VAL O 365 -48.87 -6.80 -0.15
N MET O 366 -48.71 -6.68 1.17
CA MET O 366 -49.35 -5.61 1.91
C MET O 366 -48.40 -4.71 2.71
N ALA O 367 -48.48 -3.42 2.45
CA ALA O 367 -47.65 -2.46 3.16
C ALA O 367 -48.17 -2.43 4.59
N THR O 368 -47.25 -2.36 5.56
CA THR O 368 -47.64 -2.37 6.97
C THR O 368 -47.22 -1.09 7.68
N ASP O 369 -46.29 -0.36 7.09
CA ASP O 369 -45.81 0.87 7.67
C ASP O 369 -45.10 1.67 6.59
N LEU O 370 -44.74 2.90 6.92
CA LEU O 370 -44.08 3.80 5.98
C LEU O 370 -42.87 3.23 5.22
N ARG O 371 -41.81 2.87 5.93
CA ARG O 371 -40.63 2.35 5.25
C ARG O 371 -40.84 0.97 4.64
N ALA O 372 -41.71 0.16 5.23
CA ALA O 372 -41.95 -1.15 4.66
C ALA O 372 -42.61 -1.00 3.29
N SER O 373 -43.58 -0.09 3.20
CA SER O 373 -44.29 0.14 1.94
C SER O 373 -43.33 0.53 0.83
N ALA O 374 -42.39 1.43 1.12
CA ALA O 374 -41.42 1.83 0.13
C ALA O 374 -40.58 0.63 -0.27
N SER O 375 -40.25 -0.22 0.71
CA SER O 375 -39.45 -1.41 0.41
C SER O 375 -40.21 -2.36 -0.51
N LEU O 376 -41.49 -2.55 -0.26
CA LEU O 376 -42.29 -3.45 -1.08
C LEU O 376 -42.43 -2.88 -2.50
N VAL O 377 -42.49 -1.56 -2.61
CA VAL O 377 -42.61 -0.96 -3.93
C VAL O 377 -41.31 -1.18 -4.70
N LEU O 378 -40.18 -0.98 -4.04
CA LEU O 378 -38.90 -1.20 -4.72
C LEU O 378 -38.79 -2.67 -5.09
N ALA O 379 -39.28 -3.56 -4.24
CA ALA O 379 -39.23 -4.98 -4.52
C ALA O 379 -40.01 -5.26 -5.82
N GLY O 380 -41.16 -4.62 -5.96
CA GLY O 380 -41.97 -4.81 -7.16
C GLY O 380 -41.23 -4.37 -8.41
N CYS O 381 -40.44 -3.30 -8.29
CA CYS O 381 -39.66 -2.79 -9.42
C CYS O 381 -38.62 -3.78 -9.93
N ILE O 382 -37.99 -4.56 -9.06
CA ILE O 382 -36.98 -5.50 -9.52
C ILE O 382 -37.46 -6.95 -9.57
N ALA O 383 -38.67 -7.19 -9.09
CA ALA O 383 -39.21 -8.55 -9.11
C ALA O 383 -39.62 -8.92 -10.52
N GLU O 384 -39.77 -10.24 -10.74
CA GLU O 384 -40.14 -10.80 -12.04
C GLU O 384 -41.64 -10.89 -12.22
N GLY O 385 -42.21 -9.93 -12.95
CA GLY O 385 -43.64 -9.96 -13.18
C GLY O 385 -44.39 -8.78 -12.59
N THR O 386 -45.64 -9.03 -12.20
CA THR O 386 -46.49 -7.98 -11.63
C THR O 386 -46.61 -8.08 -10.11
N THR O 387 -46.37 -6.96 -9.44
CA THR O 387 -46.50 -6.91 -7.97
C THR O 387 -47.58 -5.90 -7.63
N VAL O 388 -48.40 -6.23 -6.64
CA VAL O 388 -49.46 -5.33 -6.20
C VAL O 388 -49.25 -5.05 -4.72
N VAL O 389 -48.93 -3.81 -4.40
CA VAL O 389 -48.70 -3.40 -3.02
C VAL O 389 -49.96 -2.74 -2.51
N ASP O 390 -50.68 -3.45 -1.65
CA ASP O 390 -51.92 -2.93 -1.09
C ASP O 390 -51.64 -1.96 0.07
N ARG O 391 -52.56 -1.03 0.29
CA ARG O 391 -52.43 -0.04 1.35
C ARG O 391 -51.24 0.89 1.17
N ILE O 392 -50.99 1.36 -0.04
CA ILE O 392 -49.85 2.24 -0.22
C ILE O 392 -50.06 3.59 0.42
N TYR O 393 -51.20 3.79 1.08
CA TYR O 393 -51.46 5.09 1.73
C TYR O 393 -50.31 5.35 2.70
N HIS O 394 -49.75 4.28 3.25
CA HIS O 394 -48.65 4.38 4.17
C HIS O 394 -47.51 5.19 3.55
N ILE O 395 -47.24 4.92 2.27
CA ILE O 395 -46.16 5.60 1.58
C ILE O 395 -46.40 7.09 1.42
N ASP O 396 -47.66 7.49 1.36
CA ASP O 396 -47.98 8.91 1.20
C ASP O 396 -47.68 9.73 2.45
N ARG O 397 -47.42 9.06 3.56
CA ARG O 397 -47.10 9.76 4.80
C ARG O 397 -45.71 10.38 4.73
N GLY O 398 -44.74 9.63 4.23
CA GLY O 398 -43.38 10.14 4.20
C GLY O 398 -42.65 10.29 2.88
N TYR O 399 -43.31 10.04 1.76
CA TYR O 399 -42.66 10.19 0.47
C TYR O 399 -43.46 11.09 -0.47
N GLU O 400 -42.85 12.20 -0.88
CA GLU O 400 -43.52 13.13 -1.78
C GLU O 400 -43.41 12.63 -3.21
N ARG O 401 -44.55 12.40 -3.84
CA ARG O 401 -44.55 11.96 -5.22
C ARG O 401 -43.53 10.86 -5.48
N ILE O 402 -43.61 9.74 -4.76
CA ILE O 402 -42.64 8.69 -5.00
C ILE O 402 -42.95 7.99 -6.32
N GLU O 403 -44.24 7.99 -6.67
CA GLU O 403 -44.72 7.36 -7.90
C GLU O 403 -44.06 8.01 -9.13
N ASP O 404 -44.04 9.33 -9.13
CA ASP O 404 -43.45 10.10 -10.22
C ASP O 404 -41.93 9.99 -10.25
N LYS O 405 -41.31 10.13 -9.09
CA LYS O 405 -39.86 10.04 -9.02
C LYS O 405 -39.37 8.68 -9.48
N LEU O 406 -40.06 7.61 -9.06
CA LEU O 406 -39.67 6.26 -9.45
C LEU O 406 -39.87 6.06 -10.94
N ARG O 407 -40.97 6.59 -11.46
CA ARG O 407 -41.25 6.45 -12.89
C ARG O 407 -40.14 7.10 -13.68
N ALA O 408 -39.73 8.29 -13.25
CA ALA O 408 -38.66 9.03 -13.92
C ALA O 408 -37.34 8.28 -13.85
N LEU O 409 -37.30 7.17 -13.12
CA LEU O 409 -36.08 6.38 -13.01
C LEU O 409 -36.19 5.10 -13.80
N GLY O 410 -37.33 4.96 -14.51
CA GLY O 410 -37.56 3.78 -15.32
C GLY O 410 -38.55 2.76 -14.77
N ALA O 411 -39.21 3.10 -13.68
CA ALA O 411 -40.16 2.18 -13.06
C ALA O 411 -41.48 2.11 -13.83
N ASN O 412 -42.08 0.91 -13.82
CA ASN O 412 -43.36 0.68 -14.46
C ASN O 412 -44.34 0.57 -13.29
N ILE O 413 -44.87 1.72 -12.88
CA ILE O 413 -45.76 1.78 -11.74
C ILE O 413 -47.05 2.56 -11.98
N GLU O 414 -48.12 2.13 -11.32
CA GLU O 414 -49.42 2.79 -11.44
C GLU O 414 -50.21 2.68 -10.14
N ARG O 415 -50.84 3.78 -9.73
CA ARG O 415 -51.64 3.76 -8.51
C ARG O 415 -53.05 3.37 -8.91
N VAL O 416 -53.54 2.27 -8.37
CA VAL O 416 -54.88 1.83 -8.72
C VAL O 416 -55.85 2.13 -7.59
N LYS O 417 -56.78 3.04 -7.86
CA LYS O 417 -57.78 3.51 -6.90
C LYS O 417 -58.76 2.44 -6.44
N GLY O 418 -59.62 2.85 -5.49
CA GLY O 418 -60.63 1.99 -4.92
C GLY O 418 -60.24 0.53 -4.86
N GLU O 419 -59.37 0.19 -3.93
CA GLU O 419 -58.90 -1.19 -3.77
C GLU O 419 -58.82 -1.87 -5.13
N MET P 1 -67.11 1.45 9.98
CA MET P 1 -66.20 0.75 10.94
C MET P 1 -66.89 0.61 12.28
N ASP P 2 -67.54 -0.52 12.50
CA ASP P 2 -68.25 -0.78 13.75
C ASP P 2 -67.41 -0.59 14.99
N LYS P 3 -68.06 -0.22 16.09
CA LYS P 3 -67.37 -0.02 17.35
C LYS P 3 -68.28 -0.48 18.48
N PHE P 4 -67.71 -0.62 19.67
CA PHE P 4 -68.48 -1.00 20.84
C PHE P 4 -68.43 0.16 21.83
N ARG P 5 -69.59 0.62 22.28
CA ARG P 5 -69.60 1.68 23.28
C ARG P 5 -69.94 0.95 24.57
N VAL P 6 -69.04 1.04 25.54
CA VAL P 6 -69.25 0.35 26.80
C VAL P 6 -69.30 1.32 27.95
N GLN P 7 -70.30 1.12 28.82
CA GLN P 7 -70.52 1.96 30.00
C GLN P 7 -70.17 1.19 31.26
N GLY P 8 -69.25 1.74 32.07
CA GLY P 8 -68.87 1.05 33.29
C GLY P 8 -68.79 1.98 34.48
N PRO P 9 -68.50 1.45 35.66
CA PRO P 9 -68.23 0.03 35.92
C PRO P 9 -69.47 -0.81 36.14
N THR P 10 -69.41 -2.08 35.74
CA THR P 10 -70.53 -2.98 35.93
C THR P 10 -69.98 -4.35 36.31
N ARG P 11 -70.51 -4.92 37.37
CA ARG P 11 -70.07 -6.24 37.79
C ARG P 11 -70.66 -7.24 36.82
N LEU P 12 -69.80 -8.11 36.31
CA LEU P 12 -70.27 -9.12 35.38
C LEU P 12 -70.56 -10.38 36.16
N GLN P 13 -71.78 -10.87 36.05
CA GLN P 13 -72.16 -12.07 36.77
C GLN P 13 -73.38 -12.75 36.17
N GLY P 14 -73.54 -14.03 36.48
CA GLY P 14 -74.66 -14.77 35.96
C GLY P 14 -74.20 -16.05 35.29
N GLU P 15 -74.74 -16.32 34.12
CA GLU P 15 -74.38 -17.52 33.38
C GLU P 15 -74.16 -17.27 31.91
N VAL P 16 -73.43 -18.17 31.27
CA VAL P 16 -73.15 -18.06 29.86
C VAL P 16 -72.96 -19.47 29.35
N THR P 17 -73.35 -19.71 28.11
CA THR P 17 -73.20 -21.03 27.51
C THR P 17 -72.08 -20.93 26.46
N ILE P 18 -71.04 -21.73 26.66
CA ILE P 18 -69.90 -21.73 25.76
C ILE P 18 -70.23 -22.33 24.40
N SER P 19 -69.77 -21.67 23.34
CA SER P 19 -70.00 -22.13 21.97
C SER P 19 -68.92 -23.11 21.56
N GLY P 20 -69.08 -23.71 20.39
CA GLY P 20 -68.08 -24.64 19.90
C GLY P 20 -66.74 -23.95 19.73
N ALA P 21 -65.66 -24.69 19.90
CA ALA P 21 -64.32 -24.15 19.77
C ALA P 21 -63.99 -23.69 18.34
N LYS P 22 -63.66 -22.41 18.20
CA LYS P 22 -63.29 -21.84 16.93
C LYS P 22 -62.12 -22.61 16.31
N ASN P 23 -61.11 -22.85 17.13
CA ASN P 23 -59.91 -23.53 16.68
C ASN P 23 -59.97 -25.05 16.55
N ALA P 24 -61.17 -25.60 16.64
CA ALA P 24 -61.38 -27.04 16.47
C ALA P 24 -62.24 -27.16 15.23
N ALA P 25 -63.22 -26.25 15.14
CA ALA P 25 -64.13 -26.20 14.01
C ALA P 25 -63.37 -25.93 12.73
N LEU P 26 -62.46 -24.96 12.77
CA LEU P 26 -61.69 -24.61 11.59
C LEU P 26 -60.87 -25.77 11.03
N PRO P 27 -60.01 -26.39 11.87
CA PRO P 27 -59.22 -27.50 11.31
C PRO P 27 -60.09 -28.71 10.89
N ILE P 28 -61.22 -28.89 11.58
CA ILE P 28 -62.12 -29.99 11.25
C ILE P 28 -62.82 -29.72 9.92
N LEU P 29 -63.22 -28.47 9.69
CA LEU P 29 -63.89 -28.10 8.43
C LEU P 29 -62.97 -28.33 7.25
N PHE P 30 -61.69 -28.02 7.41
CA PHE P 30 -60.76 -28.23 6.30
C PHE P 30 -60.48 -29.72 6.16
N ALA P 31 -60.48 -30.43 7.28
CA ALA P 31 -60.23 -31.86 7.26
C ALA P 31 -61.35 -32.54 6.45
N ALA P 32 -62.53 -31.93 6.45
CA ALA P 32 -63.67 -32.48 5.73
C ALA P 32 -63.38 -32.63 4.24
N LEU P 33 -62.41 -31.87 3.74
CA LEU P 33 -62.06 -31.96 2.31
C LEU P 33 -61.63 -33.40 1.99
N LEU P 34 -61.32 -34.17 3.02
CA LEU P 34 -60.88 -35.57 2.85
C LEU P 34 -62.07 -36.53 2.74
N ALA P 35 -63.23 -36.09 3.24
CA ALA P 35 -64.42 -36.93 3.22
C ALA P 35 -65.05 -37.10 1.84
N GLU P 36 -65.33 -38.35 1.48
CA GLU P 36 -65.95 -38.65 0.19
C GLU P 36 -67.47 -38.74 0.36
N GLU P 37 -67.89 -39.07 1.58
CA GLU P 37 -69.32 -39.18 1.93
C GLU P 37 -69.68 -37.91 2.72
N PRO P 38 -70.93 -37.43 2.56
CA PRO P 38 -71.37 -36.23 3.27
C PRO P 38 -71.19 -36.26 4.78
N VAL P 39 -70.81 -35.12 5.35
CA VAL P 39 -70.58 -35.00 6.80
C VAL P 39 -71.37 -33.88 7.45
N GLU P 40 -71.53 -33.97 8.76
CA GLU P 40 -72.23 -32.96 9.53
C GLU P 40 -71.39 -32.63 10.75
N ILE P 41 -70.97 -31.38 10.86
CA ILE P 41 -70.17 -30.95 12.00
C ILE P 41 -71.08 -30.12 12.90
N GLN P 42 -71.32 -30.64 14.10
CA GLN P 42 -72.19 -29.99 15.06
C GLN P 42 -71.52 -29.04 16.02
N ASN P 43 -72.32 -28.16 16.63
CA ASN P 43 -71.85 -27.20 17.59
C ASN P 43 -70.79 -26.28 17.02
N VAL P 44 -70.95 -25.91 15.75
CA VAL P 44 -70.01 -25.01 15.08
C VAL P 44 -70.41 -23.56 15.37
N PRO P 45 -69.51 -22.79 15.99
CA PRO P 45 -69.85 -21.39 16.30
C PRO P 45 -70.04 -20.54 15.05
N LYS P 46 -70.86 -19.50 15.17
CA LYS P 46 -71.10 -18.61 14.05
C LYS P 46 -70.09 -17.46 14.14
N LEU P 47 -68.96 -17.65 13.45
CA LEU P 47 -67.88 -16.67 13.44
C LEU P 47 -67.49 -16.29 12.02
N LYS P 48 -66.89 -15.12 11.88
CA LYS P 48 -66.47 -14.61 10.58
C LYS P 48 -65.55 -15.60 9.87
N ASP P 49 -64.66 -16.24 10.63
CA ASP P 49 -63.73 -17.20 10.05
C ASP P 49 -64.45 -18.44 9.51
N ILE P 50 -65.58 -18.80 10.13
CA ILE P 50 -66.32 -19.97 9.66
C ILE P 50 -66.96 -19.62 8.33
N ASP P 51 -67.38 -18.36 8.18
CA ASP P 51 -67.98 -17.93 6.93
C ASP P 51 -66.94 -17.98 5.82
N THR P 52 -65.76 -17.42 6.11
CA THR P 52 -64.67 -17.40 5.14
C THR P 52 -64.27 -18.83 4.75
N THR P 53 -64.25 -19.73 5.73
CA THR P 53 -63.88 -21.13 5.47
C THR P 53 -64.92 -21.74 4.53
N MET P 54 -66.19 -21.51 4.82
CA MET P 54 -67.26 -22.04 3.98
C MET P 54 -67.15 -21.45 2.57
N LYS P 55 -66.80 -20.18 2.50
CA LYS P 55 -66.64 -19.49 1.22
C LYS P 55 -65.58 -20.20 0.39
N LEU P 56 -64.44 -20.47 1.04
CA LEU P 56 -63.30 -21.14 0.40
C LEU P 56 -63.67 -22.57 -0.02
N LEU P 57 -64.26 -23.33 0.90
CA LEU P 57 -64.66 -24.70 0.60
C LEU P 57 -65.58 -24.74 -0.62
N THR P 58 -66.58 -23.88 -0.61
CA THR P 58 -67.54 -23.80 -1.70
C THR P 58 -66.80 -23.51 -3.02
N GLN P 59 -65.81 -22.63 -2.95
CA GLN P 59 -65.04 -22.25 -4.12
C GLN P 59 -64.18 -23.41 -4.65
N LEU P 60 -64.00 -24.42 -3.82
CA LEU P 60 -63.21 -25.58 -4.25
C LEU P 60 -64.13 -26.58 -4.90
N GLY P 61 -65.43 -26.28 -4.88
CA GLY P 61 -66.41 -27.18 -5.46
C GLY P 61 -67.09 -28.03 -4.41
N THR P 62 -67.15 -27.52 -3.19
CA THR P 62 -67.77 -28.24 -2.09
C THR P 62 -69.18 -27.71 -1.88
N LYS P 63 -70.09 -28.57 -1.42
CA LYS P 63 -71.46 -28.17 -1.14
C LYS P 63 -71.49 -27.92 0.36
N VAL P 64 -71.65 -26.66 0.74
CA VAL P 64 -71.66 -26.29 2.14
C VAL P 64 -72.90 -25.51 2.53
N GLU P 65 -73.37 -25.77 3.74
CA GLU P 65 -74.56 -25.11 4.27
C GLU P 65 -74.51 -25.23 5.80
N ARG P 66 -75.11 -24.28 6.49
CA ARG P 66 -75.11 -24.32 7.94
C ARG P 66 -76.37 -23.67 8.52
N GLY P 68 -77.04 -24.89 13.81
CA GLY P 68 -76.01 -25.09 14.80
C GLY P 68 -74.89 -25.93 14.22
N SER P 69 -75.20 -26.61 13.12
CA SER P 69 -74.22 -27.47 12.45
C SER P 69 -73.83 -26.91 11.09
N VAL P 70 -72.79 -27.49 10.52
CA VAL P 70 -72.33 -27.13 9.20
C VAL P 70 -72.33 -28.45 8.43
N TRP P 71 -73.10 -28.52 7.35
CA TRP P 71 -73.19 -29.71 6.54
C TRP P 71 -72.24 -29.61 5.36
N ILE P 72 -71.37 -30.61 5.21
CA ILE P 72 -70.38 -30.61 4.12
C ILE P 72 -70.50 -31.81 3.20
N ASP P 73 -70.38 -31.55 1.89
CA ASP P 73 -70.41 -32.59 0.89
C ASP P 73 -69.28 -32.32 -0.08
N ALA P 74 -68.17 -33.03 0.11
CA ALA P 74 -67.01 -32.89 -0.76
C ALA P 74 -67.30 -33.67 -2.03
N SER P 75 -66.68 -34.84 -2.16
CA SER P 75 -66.86 -35.74 -3.30
C SER P 75 -66.64 -35.15 -4.69
N ASN P 76 -67.27 -34.01 -4.96
CA ASN P 76 -67.13 -33.38 -6.26
C ASN P 76 -66.17 -32.19 -6.24
N VAL P 77 -65.24 -32.20 -5.29
CA VAL P 77 -64.25 -31.14 -5.20
C VAL P 77 -63.57 -31.06 -6.56
N ASN P 78 -63.89 -30.01 -7.31
CA ASN P 78 -63.37 -29.82 -8.65
C ASN P 78 -62.22 -28.83 -8.81
N ASN P 79 -61.99 -27.98 -7.82
CA ASN P 79 -60.92 -26.97 -7.87
C ASN P 79 -59.92 -27.19 -6.72
N PHE P 80 -58.67 -26.76 -6.91
CA PHE P 80 -57.65 -27.00 -5.89
C PHE P 80 -56.78 -25.81 -5.50
N SER P 81 -57.35 -24.61 -5.54
CA SER P 81 -56.56 -23.45 -5.18
C SER P 81 -57.33 -22.54 -4.24
N ALA P 82 -56.58 -21.83 -3.40
CA ALA P 82 -57.13 -20.88 -2.45
C ALA P 82 -56.44 -19.57 -2.86
N PRO P 83 -57.19 -18.64 -3.47
CA PRO P 83 -56.69 -17.34 -3.93
C PRO P 83 -56.30 -16.34 -2.84
N TYR P 84 -55.30 -15.51 -3.18
CA TYR P 84 -54.80 -14.48 -2.29
C TYR P 84 -55.94 -13.74 -1.60
N ASP P 85 -56.73 -13.03 -2.41
CA ASP P 85 -57.85 -12.25 -1.89
C ASP P 85 -58.71 -12.99 -0.90
N LEU P 86 -58.42 -14.28 -0.68
CA LEU P 86 -59.19 -15.05 0.27
C LEU P 86 -58.34 -15.40 1.50
N VAL P 87 -57.14 -15.93 1.28
CA VAL P 87 -56.29 -16.29 2.41
C VAL P 87 -55.74 -15.06 3.12
N LYS P 88 -55.75 -13.91 2.44
CA LYS P 88 -55.25 -12.68 3.06
C LYS P 88 -56.19 -12.26 4.16
N THR P 89 -57.38 -12.84 4.19
CA THR P 89 -58.36 -12.50 5.23
C THR P 89 -58.41 -13.57 6.31
N MET P 90 -57.75 -14.71 6.05
CA MET P 90 -57.71 -15.81 7.00
C MET P 90 -56.58 -16.78 6.64
N ARG P 91 -55.47 -16.67 7.37
CA ARG P 91 -54.32 -17.52 7.13
C ARG P 91 -54.58 -18.99 7.42
N ALA P 92 -55.63 -19.28 8.19
CA ALA P 92 -55.94 -20.66 8.51
C ALA P 92 -56.30 -21.44 7.23
N SER P 93 -56.48 -20.71 6.13
CA SER P 93 -56.82 -21.37 4.87
C SER P 93 -55.65 -22.21 4.38
N ILE P 94 -54.52 -22.10 5.08
CA ILE P 94 -53.33 -22.87 4.73
C ILE P 94 -53.64 -24.36 4.96
N TRP P 95 -54.57 -24.64 5.87
CA TRP P 95 -54.96 -26.01 6.17
C TRP P 95 -55.64 -26.75 5.03
N ALA P 96 -55.85 -26.08 3.90
CA ALA P 96 -56.49 -26.72 2.75
C ALA P 96 -55.46 -27.48 1.94
N LEU P 97 -54.23 -26.98 1.95
CA LEU P 97 -53.13 -27.58 1.19
C LEU P 97 -52.97 -29.07 1.48
N GLY P 98 -52.90 -29.40 2.77
CA GLY P 98 -52.73 -30.79 3.18
C GLY P 98 -53.75 -31.74 2.61
N PRO P 99 -55.04 -31.56 2.93
CA PRO P 99 -56.08 -32.46 2.42
C PRO P 99 -56.13 -32.52 0.90
N LEU P 100 -56.04 -31.38 0.25
CA LEU P 100 -56.09 -31.35 -1.20
C LEU P 100 -55.01 -32.20 -1.86
N VAL P 101 -53.77 -32.08 -1.41
CA VAL P 101 -52.68 -32.85 -2.02
C VAL P 101 -52.72 -34.32 -1.61
N ALA P 102 -53.28 -34.59 -0.43
CA ALA P 102 -53.35 -35.96 0.05
C ALA P 102 -54.45 -36.74 -0.66
N ARG P 103 -55.52 -36.06 -1.03
CA ARG P 103 -56.63 -36.72 -1.70
C ARG P 103 -56.65 -36.57 -3.21
N PHE P 104 -56.27 -35.40 -3.71
CA PHE P 104 -56.29 -35.17 -5.15
C PHE P 104 -54.91 -35.07 -5.80
N GLY P 105 -53.87 -35.28 -5.01
CA GLY P 105 -52.52 -35.24 -5.55
C GLY P 105 -52.01 -33.85 -5.92
N GLN P 106 -52.79 -32.83 -5.62
CA GLN P 106 -52.36 -31.47 -5.92
C GLN P 106 -53.09 -30.44 -5.06
N GLY P 107 -52.54 -29.24 -5.01
CA GLY P 107 -53.15 -28.19 -4.21
C GLY P 107 -52.30 -26.94 -4.25
N GLN P 108 -52.98 -25.80 -4.21
CA GLN P 108 -52.32 -24.49 -4.24
C GLN P 108 -52.98 -23.53 -3.25
N VAL P 109 -52.17 -22.94 -2.36
CA VAL P 109 -52.68 -21.97 -1.41
C VAL P 109 -51.75 -20.76 -1.43
N SER P 110 -52.33 -19.57 -1.38
CA SER P 110 -51.52 -18.36 -1.39
C SER P 110 -50.70 -18.33 -0.11
N LEU P 111 -49.40 -18.11 -0.24
CA LEU P 111 -48.52 -18.07 0.93
C LEU P 111 -48.97 -16.88 1.78
N PRO P 112 -49.45 -17.15 2.99
CA PRO P 112 -49.88 -16.04 3.83
C PRO P 112 -48.72 -15.11 4.22
N GLY P 113 -49.02 -13.80 4.26
CA GLY P 113 -48.03 -12.82 4.63
C GLY P 113 -47.96 -12.70 6.13
N GLY P 114 -47.45 -11.58 6.64
CA GLY P 114 -47.36 -11.42 8.08
C GLY P 114 -48.70 -11.20 8.77
N CYS P 115 -48.76 -11.48 10.07
CA CYS P 115 -49.98 -11.28 10.85
C CYS P 115 -49.65 -10.21 11.90
N ALA P 116 -50.68 -9.68 12.55
CA ALA P 116 -50.45 -8.64 13.56
C ALA P 116 -49.59 -9.10 14.75
N ILE P 117 -49.90 -10.26 15.30
CA ILE P 117 -49.19 -10.78 16.46
C ILE P 117 -47.87 -11.49 16.17
N GLY P 118 -47.52 -11.61 14.89
CA GLY P 118 -46.27 -12.28 14.54
C GLY P 118 -46.19 -12.62 13.07
N ALA P 119 -44.99 -12.88 12.57
CA ALA P 119 -44.81 -13.24 11.15
C ALA P 119 -45.50 -14.56 10.82
N ARG P 120 -45.61 -15.42 11.83
CA ARG P 120 -46.28 -16.72 11.69
C ARG P 120 -45.95 -17.47 10.41
N PRO P 121 -44.67 -17.85 10.22
CA PRO P 121 -44.25 -18.59 9.03
C PRO P 121 -44.99 -19.93 9.01
N VAL P 122 -45.00 -20.57 7.86
CA VAL P 122 -45.71 -21.83 7.72
C VAL P 122 -44.77 -22.95 7.25
N ASP P 123 -43.48 -22.74 7.48
CA ASP P 123 -42.42 -23.68 7.10
C ASP P 123 -42.61 -25.14 7.53
N LEU P 124 -43.00 -25.34 8.80
CA LEU P 124 -43.21 -26.68 9.31
C LEU P 124 -44.29 -27.42 8.54
N HIS P 125 -45.29 -26.68 8.07
CA HIS P 125 -46.38 -27.27 7.30
C HIS P 125 -45.79 -27.87 6.03
N ILE P 126 -45.04 -27.04 5.32
CA ILE P 126 -44.40 -27.45 4.08
C ILE P 126 -43.41 -28.58 4.33
N PHE P 127 -42.57 -28.42 5.35
CA PHE P 127 -41.59 -29.43 5.70
C PHE P 127 -42.30 -30.78 5.91
N GLY P 128 -43.42 -30.74 6.63
CA GLY P 128 -44.16 -31.96 6.89
C GLY P 128 -44.70 -32.63 5.63
N LEU P 129 -45.34 -31.85 4.77
CA LEU P 129 -45.88 -32.39 3.52
C LEU P 129 -44.75 -32.96 2.67
N GLU P 130 -43.63 -32.24 2.60
CA GLU P 130 -42.50 -32.72 1.82
C GLU P 130 -42.03 -34.07 2.34
N LYS P 131 -42.01 -34.22 3.66
CA LYS P 131 -41.56 -35.48 4.25
C LYS P 131 -42.51 -36.61 3.89
N LEU P 132 -43.76 -36.26 3.58
CA LEU P 132 -44.76 -37.26 3.20
C LEU P 132 -44.71 -37.54 1.71
N GLY P 133 -43.76 -36.91 1.02
CA GLY P 133 -43.61 -37.12 -0.40
C GLY P 133 -44.07 -36.03 -1.34
N ALA P 134 -44.72 -34.99 -0.83
CA ALA P 134 -45.20 -33.93 -1.70
C ALA P 134 -44.05 -33.06 -2.19
N GLU P 135 -44.19 -32.55 -3.41
CA GLU P 135 -43.17 -31.67 -3.96
C GLU P 135 -43.79 -30.28 -3.86
N ILE P 136 -43.12 -29.41 -3.10
CA ILE P 136 -43.59 -28.04 -2.89
C ILE P 136 -42.81 -26.97 -3.64
N LYS P 137 -43.53 -26.12 -4.35
CA LYS P 137 -42.95 -25.02 -5.12
C LYS P 137 -43.67 -23.75 -4.69
N LEU P 138 -42.96 -22.63 -4.74
CA LEU P 138 -43.57 -21.34 -4.41
C LEU P 138 -43.41 -20.47 -5.61
N GLU P 139 -44.50 -20.21 -6.31
CA GLU P 139 -44.43 -19.34 -7.47
C GLU P 139 -45.59 -18.37 -7.52
N GLU P 140 -45.24 -17.11 -7.75
CA GLU P 140 -46.20 -16.03 -7.83
C GLU P 140 -47.05 -15.99 -6.56
N GLY P 141 -46.37 -16.08 -5.42
CA GLY P 141 -47.02 -16.02 -4.11
C GLY P 141 -47.89 -17.20 -3.70
N TYR P 142 -47.92 -18.23 -4.54
CA TYR P 142 -48.72 -19.42 -4.26
C TYR P 142 -47.86 -20.63 -3.91
N VAL P 143 -48.20 -21.29 -2.81
CA VAL P 143 -47.46 -22.49 -2.41
C VAL P 143 -48.13 -23.62 -3.19
N LYS P 144 -47.40 -24.16 -4.16
CA LYS P 144 -47.97 -25.22 -4.98
C LYS P 144 -47.39 -26.59 -4.61
N ALA P 145 -48.28 -27.50 -4.26
CA ALA P 145 -47.87 -28.85 -3.86
C ALA P 145 -48.47 -29.90 -4.78
N SER P 146 -47.69 -30.95 -5.03
CA SER P 146 -48.15 -32.05 -5.87
C SER P 146 -47.44 -33.35 -5.50
N VAL P 147 -48.05 -34.46 -5.89
CA VAL P 147 -47.50 -35.78 -5.63
C VAL P 147 -48.08 -36.78 -6.64
N ASN P 148 -47.23 -37.63 -7.23
CA ASN P 148 -47.69 -38.63 -8.20
C ASN P 148 -48.16 -39.87 -7.44
N GLY P 149 -49.46 -39.96 -7.25
CA GLY P 149 -50.02 -41.09 -6.52
C GLY P 149 -50.26 -40.67 -5.10
N ARG P 150 -50.29 -41.64 -4.18
CA ARG P 150 -50.52 -41.36 -2.75
C ARG P 150 -49.23 -40.85 -2.09
N LEU P 151 -49.40 -40.23 -0.92
CA LEU P 151 -48.27 -39.74 -0.14
C LEU P 151 -47.77 -40.98 0.60
N LYS P 152 -46.52 -40.98 1.06
CA LYS P 152 -45.98 -42.13 1.77
C LYS P 152 -45.74 -41.81 3.24
N GLY P 153 -46.21 -42.69 4.11
CA GLY P 153 -46.03 -42.49 5.54
C GLY P 153 -44.56 -42.25 5.86
N ALA P 154 -44.28 -41.46 6.88
CA ALA P 154 -42.90 -41.16 7.25
C ALA P 154 -42.80 -40.85 8.74
N HIS P 155 -41.57 -40.91 9.25
CA HIS P 155 -41.32 -40.60 10.66
C HIS P 155 -40.85 -39.15 10.64
N ILE P 156 -41.72 -38.25 11.08
CA ILE P 156 -41.43 -36.83 11.07
C ILE P 156 -41.23 -36.25 12.48
N VAL P 157 -40.06 -35.65 12.72
CA VAL P 157 -39.78 -35.04 14.01
C VAL P 157 -39.90 -33.52 13.85
N MET P 158 -40.74 -32.89 14.67
CA MET P 158 -40.99 -31.44 14.60
C MET P 158 -40.00 -30.55 15.35
N ASP P 159 -39.33 -29.66 14.62
CA ASP P 159 -38.34 -28.74 15.19
C ASP P 159 -38.92 -27.88 16.28
N LYS P 160 -40.16 -27.47 16.10
CA LYS P 160 -40.84 -26.64 17.07
C LYS P 160 -42.26 -27.20 17.24
N VAL P 161 -42.89 -26.93 18.37
CA VAL P 161 -44.25 -27.39 18.57
C VAL P 161 -45.22 -26.45 17.86
N SER P 162 -45.93 -26.99 16.88
CA SER P 162 -46.88 -26.22 16.09
C SER P 162 -48.23 -26.89 15.98
N VAL P 163 -49.27 -26.17 16.41
CA VAL P 163 -50.64 -26.69 16.36
C VAL P 163 -51.02 -26.85 14.89
N GLY P 164 -50.82 -25.79 14.13
CA GLY P 164 -51.16 -25.81 12.72
C GLY P 164 -50.45 -26.89 11.96
N ALA P 165 -49.12 -26.94 12.06
CA ALA P 165 -48.35 -27.95 11.35
C ALA P 165 -48.77 -29.39 11.73
N THR P 166 -49.03 -29.61 13.02
CA THR P 166 -49.46 -30.94 13.46
C THR P 166 -50.76 -31.34 12.74
N VAL P 167 -51.68 -30.38 12.63
CA VAL P 167 -52.95 -30.64 11.96
C VAL P 167 -52.74 -30.97 10.48
N THR P 168 -51.96 -30.15 9.80
CA THR P 168 -51.69 -30.36 8.38
C THR P 168 -51.13 -31.77 8.14
N ILE P 169 -50.06 -32.11 8.85
CA ILE P 169 -49.42 -33.39 8.69
C ILE P 169 -50.34 -34.55 9.08
N MET P 170 -50.97 -34.46 10.24
CA MET P 170 -51.87 -35.52 10.67
C MET P 170 -53.01 -35.74 9.69
N SER P 171 -53.55 -34.65 9.15
CA SER P 171 -54.65 -34.76 8.20
C SER P 171 -54.21 -35.44 6.91
N ALA P 172 -53.12 -34.95 6.33
CA ALA P 172 -52.63 -35.51 5.07
C ALA P 172 -52.24 -36.97 5.20
N ALA P 173 -51.71 -37.35 6.35
CA ALA P 173 -51.26 -38.72 6.59
C ALA P 173 -52.37 -39.76 6.55
N THR P 174 -53.61 -39.37 6.88
CA THR P 174 -54.71 -40.32 6.89
C THR P 174 -54.93 -41.03 5.55
N LEU P 175 -54.59 -40.37 4.45
CA LEU P 175 -54.74 -40.96 3.12
C LEU P 175 -53.40 -41.36 2.54
N ALA P 176 -52.37 -41.42 3.38
CA ALA P 176 -51.04 -41.77 2.92
C ALA P 176 -50.90 -43.29 2.85
N GLU P 177 -49.86 -43.71 2.13
CA GLU P 177 -49.56 -45.12 1.96
C GLU P 177 -48.57 -45.48 3.05
N GLY P 178 -49.03 -46.24 4.05
CA GLY P 178 -48.13 -46.62 5.11
C GLY P 178 -48.42 -45.94 6.42
N THR P 179 -47.45 -45.99 7.33
CA THR P 179 -47.61 -45.40 8.65
C THR P 179 -46.77 -44.13 8.86
N THR P 180 -47.39 -43.14 9.47
CA THR P 180 -46.72 -41.87 9.76
C THR P 180 -46.64 -41.71 11.26
N ILE P 181 -45.54 -41.15 11.72
CA ILE P 181 -45.36 -40.90 13.14
C ILE P 181 -44.89 -39.48 13.30
N ILE P 182 -45.63 -38.70 14.09
CA ILE P 182 -45.28 -37.31 14.32
C ILE P 182 -44.67 -37.16 15.70
N GLU P 183 -43.38 -36.83 15.73
CA GLU P 183 -42.65 -36.64 16.97
C GLU P 183 -42.76 -35.19 17.40
N ASN P 184 -42.86 -34.97 18.71
CA ASN P 184 -42.98 -33.62 19.25
C ASN P 184 -44.21 -32.91 18.69
N ALA P 185 -45.30 -33.65 18.59
CA ALA P 185 -46.55 -33.12 18.07
C ALA P 185 -47.19 -32.21 19.10
N ALA P 186 -48.04 -31.30 18.64
CA ALA P 186 -48.74 -30.40 19.55
C ALA P 186 -49.79 -31.26 20.26
N ARG P 187 -49.97 -31.04 21.57
CA ARG P 187 -50.95 -31.82 22.34
C ARG P 187 -52.23 -31.05 22.68
N GLU P 188 -52.49 -29.95 21.96
CA GLU P 188 -53.67 -29.11 22.18
C GLU P 188 -54.98 -29.90 22.04
N PRO P 189 -55.99 -29.54 22.85
CA PRO P 189 -57.29 -30.22 22.80
C PRO P 189 -57.91 -30.24 21.41
N GLU P 190 -57.66 -29.19 20.65
CA GLU P 190 -58.19 -29.12 19.29
C GLU P 190 -57.59 -30.20 18.41
N ILE P 191 -56.32 -30.53 18.67
CA ILE P 191 -55.62 -31.57 17.91
C ILE P 191 -56.34 -32.89 18.19
N VAL P 192 -56.65 -33.13 19.45
CA VAL P 192 -57.35 -34.32 19.86
C VAL P 192 -58.70 -34.39 19.14
N ASP P 193 -59.40 -33.26 19.13
CA ASP P 193 -60.71 -33.17 18.49
C ASP P 193 -60.62 -33.42 17.00
N THR P 194 -59.63 -32.83 16.34
CA THR P 194 -59.48 -33.03 14.91
C THR P 194 -59.15 -34.49 14.62
N ALA P 195 -58.33 -35.07 15.48
CA ALA P 195 -57.94 -36.48 15.32
C ALA P 195 -59.18 -37.37 15.40
N ASN P 196 -59.99 -37.17 16.43
CA ASN P 196 -61.19 -37.99 16.60
C ASN P 196 -62.18 -37.81 15.46
N PHE P 197 -62.18 -36.62 14.87
CA PHE P 197 -63.08 -36.36 13.75
C PHE P 197 -62.62 -37.24 12.59
N LEU P 198 -61.32 -37.21 12.30
CA LEU P 198 -60.76 -38.00 11.21
C LEU P 198 -61.05 -39.48 11.44
N VAL P 199 -60.88 -39.91 12.69
CA VAL P 199 -61.13 -41.31 13.03
C VAL P 199 -62.58 -41.66 12.73
N ALA P 200 -63.47 -40.69 12.96
CA ALA P 200 -64.89 -40.91 12.72
C ALA P 200 -65.15 -41.10 11.23
N LEU P 201 -64.31 -40.50 10.39
CA LEU P 201 -64.47 -40.63 8.94
C LEU P 201 -63.83 -41.92 8.47
N GLY P 202 -63.22 -42.64 9.41
CA GLY P 202 -62.59 -43.90 9.08
C GLY P 202 -61.08 -43.94 9.19
N ALA P 203 -60.46 -42.80 9.49
CA ALA P 203 -59.02 -42.75 9.61
C ALA P 203 -58.54 -43.55 10.81
N LYS P 204 -57.27 -43.96 10.78
CA LYS P 204 -56.68 -44.73 11.87
C LYS P 204 -55.61 -43.88 12.54
N ILE P 205 -55.93 -43.33 13.70
CA ILE P 205 -55.00 -42.48 14.42
C ILE P 205 -54.95 -42.81 15.90
N SER P 206 -53.77 -42.68 16.50
CA SER P 206 -53.60 -42.92 17.92
C SER P 206 -52.50 -42.03 18.44
N GLY P 207 -52.54 -41.71 19.73
CA GLY P 207 -51.53 -40.84 20.32
C GLY P 207 -51.92 -39.38 20.38
N GLN P 208 -53.02 -39.00 19.73
CA GLN P 208 -53.45 -37.61 19.76
C GLN P 208 -53.56 -37.18 21.22
N GLY P 209 -52.99 -36.02 21.52
CA GLY P 209 -53.00 -35.55 22.90
C GLY P 209 -51.64 -35.78 23.54
N THR P 210 -50.79 -36.58 22.89
CA THR P 210 -49.45 -36.85 23.40
C THR P 210 -48.44 -36.24 22.42
N ASP P 211 -47.15 -36.31 22.73
CA ASP P 211 -46.18 -35.74 21.80
C ASP P 211 -45.73 -36.68 20.70
N ARG P 212 -46.49 -37.76 20.50
CA ARG P 212 -46.21 -38.72 19.43
C ARG P 212 -47.53 -39.21 18.85
N ILE P 213 -47.83 -38.79 17.64
CA ILE P 213 -49.07 -39.20 16.97
C ILE P 213 -48.74 -40.19 15.87
N THR P 214 -49.46 -41.30 15.85
CA THR P 214 -49.24 -42.33 14.84
C THR P 214 -50.48 -42.46 13.95
N ILE P 215 -50.26 -42.34 12.65
CA ILE P 215 -51.34 -42.43 11.68
C ILE P 215 -51.05 -43.54 10.67
N GLU P 216 -52.02 -44.41 10.44
CA GLU P 216 -51.85 -45.47 9.46
C GLU P 216 -52.82 -45.15 8.32
N GLY P 217 -52.26 -44.75 7.20
CA GLY P 217 -53.09 -44.39 6.05
C GLY P 217 -54.11 -45.43 5.65
N VAL P 218 -55.16 -44.97 4.99
CA VAL P 218 -56.23 -45.82 4.48
C VAL P 218 -56.52 -45.32 3.06
N GLU P 219 -57.25 -46.11 2.28
CA GLU P 219 -57.55 -45.73 0.91
C GLU P 219 -58.43 -44.50 0.79
N ARG P 220 -59.47 -44.44 1.60
CA ARG P 220 -60.38 -43.30 1.56
C ARG P 220 -61.12 -43.08 2.87
N LEU P 221 -61.65 -41.87 3.02
CA LEU P 221 -62.42 -41.50 4.20
C LEU P 221 -63.89 -41.34 3.79
N GLY P 222 -64.79 -41.77 4.68
CA GLY P 222 -66.21 -41.68 4.37
C GLY P 222 -66.86 -40.39 4.80
N GLY P 223 -67.87 -40.50 5.65
CA GLY P 223 -68.58 -39.35 6.15
C GLY P 223 -69.02 -39.59 7.57
N GLY P 224 -69.96 -38.78 8.08
CA GLY P 224 -70.41 -38.98 9.44
C GLY P 224 -70.84 -37.72 10.14
N VAL P 225 -71.04 -37.82 11.45
CA VAL P 225 -71.46 -36.69 12.28
C VAL P 225 -70.52 -36.51 13.47
N TYR P 226 -70.01 -35.29 13.66
CA TYR P 226 -69.08 -35.01 14.76
C TYR P 226 -69.42 -33.67 15.44
N ARG P 227 -69.43 -33.68 16.77
CA ARG P 227 -69.73 -32.46 17.53
C ARG P 227 -68.44 -31.83 18.07
N VAL P 228 -68.20 -30.59 17.68
CA VAL P 228 -67.00 -29.85 18.11
C VAL P 228 -67.01 -29.64 19.62
N LEU P 229 -65.83 -29.70 20.24
CA LEU P 229 -65.73 -29.52 21.69
C LEU P 229 -65.90 -28.05 22.07
N PRO P 230 -66.13 -27.78 23.36
CA PRO P 230 -66.30 -26.40 23.84
C PRO P 230 -65.05 -25.55 23.59
N ASP P 231 -65.28 -24.27 23.35
CA ASP P 231 -64.19 -23.33 23.11
C ASP P 231 -63.57 -22.92 24.46
N ARG P 232 -62.41 -23.48 24.78
CA ARG P 232 -61.75 -23.18 26.05
C ARG P 232 -61.33 -21.73 26.22
N ILE P 233 -61.05 -21.05 25.11
CA ILE P 233 -60.63 -19.65 25.20
C ILE P 233 -61.83 -18.75 25.50
N GLU P 234 -62.99 -19.08 24.92
CA GLU P 234 -64.18 -18.29 25.21
C GLU P 234 -64.48 -18.49 26.70
N THR P 235 -64.37 -19.72 27.17
CA THR P 235 -64.61 -20.05 28.56
C THR P 235 -63.67 -19.23 29.45
N GLY P 236 -62.38 -19.30 29.14
CA GLY P 236 -61.42 -18.56 29.92
C GLY P 236 -61.69 -17.06 29.90
N THR P 237 -62.16 -16.56 28.77
CA THR P 237 -62.45 -15.13 28.65
C THR P 237 -63.56 -14.71 29.60
N PHE P 238 -64.63 -15.51 29.66
CA PHE P 238 -65.74 -15.16 30.55
C PHE P 238 -65.39 -15.36 32.01
N LEU P 239 -64.55 -16.36 32.30
CA LEU P 239 -64.14 -16.58 33.69
C LEU P 239 -63.34 -15.37 34.13
N VAL P 240 -62.55 -14.82 33.22
CA VAL P 240 -61.75 -13.64 33.55
C VAL P 240 -62.66 -12.44 33.71
N ALA P 241 -63.73 -12.42 32.93
CA ALA P 241 -64.70 -11.32 32.98
C ALA P 241 -65.22 -11.19 34.41
N ALA P 242 -65.52 -12.33 35.02
CA ALA P 242 -66.01 -12.33 36.40
C ALA P 242 -64.89 -12.00 37.39
N ALA P 243 -63.73 -12.63 37.21
CA ALA P 243 -62.60 -12.42 38.10
C ALA P 243 -62.16 -10.97 38.25
N ILE P 244 -62.26 -10.18 37.19
CA ILE P 244 -61.84 -8.78 37.23
C ILE P 244 -62.94 -7.80 37.62
N SER P 245 -64.17 -8.30 37.73
CA SER P 245 -65.30 -7.43 38.09
C SER P 245 -65.93 -7.83 39.43
N GLY P 246 -65.20 -8.62 40.21
CA GLY P 246 -65.69 -9.05 41.50
C GLY P 246 -66.96 -9.88 41.44
N GLY P 247 -67.32 -10.30 40.23
CA GLY P 247 -68.54 -11.06 40.06
C GLY P 247 -68.45 -12.57 40.20
N LYS P 248 -69.55 -13.23 39.84
CA LYS P 248 -69.65 -14.67 39.89
C LYS P 248 -70.24 -15.14 38.58
N ILE P 249 -69.78 -16.29 38.10
CA ILE P 249 -70.32 -16.78 36.86
C ILE P 249 -70.23 -18.29 36.75
N VAL P 250 -71.10 -18.85 35.93
CA VAL P 250 -71.12 -20.28 35.69
C VAL P 250 -71.15 -20.44 34.19
N CYS P 251 -70.18 -21.18 33.66
CA CYS P 251 -70.11 -21.41 32.22
C CYS P 251 -70.68 -22.79 31.94
N ARG P 252 -71.72 -22.83 31.10
CA ARG P 252 -72.37 -24.09 30.75
C ARG P 252 -71.78 -24.58 29.45
N ASN P 253 -71.88 -25.88 29.21
CA ASN P 253 -71.33 -26.50 28.00
C ASN P 253 -69.82 -26.33 27.96
N ALA P 254 -69.19 -26.43 29.11
CA ALA P 254 -67.75 -26.28 29.22
C ALA P 254 -67.07 -27.63 29.35
N GLN P 255 -65.74 -27.62 29.20
CA GLN P 255 -64.94 -28.83 29.34
C GLN P 255 -63.73 -28.47 30.22
N PRO P 256 -63.92 -28.53 31.55
CA PRO P 256 -62.91 -28.23 32.56
C PRO P 256 -61.48 -28.75 32.36
N ASP P 257 -61.33 -30.00 31.93
CA ASP P 257 -60.00 -30.57 31.76
C ASP P 257 -59.11 -29.89 30.73
N THR P 258 -59.69 -28.98 29.94
CA THR P 258 -58.93 -28.25 28.92
C THR P 258 -58.41 -26.91 29.48
N LEU P 259 -58.68 -26.65 30.75
CA LEU P 259 -58.28 -25.39 31.36
C LEU P 259 -57.53 -25.47 32.69
N ASP P 260 -56.86 -26.59 32.96
CA ASP P 260 -56.14 -26.72 34.22
C ASP P 260 -55.24 -25.52 34.52
N ALA P 261 -54.41 -25.14 33.55
CA ALA P 261 -53.50 -24.01 33.74
C ALA P 261 -54.24 -22.71 34.07
N VAL P 262 -55.25 -22.39 33.27
CA VAL P 262 -56.03 -21.18 33.47
C VAL P 262 -56.75 -21.17 34.82
N LEU P 263 -57.40 -22.28 35.17
CA LEU P 263 -58.09 -22.34 36.44
C LEU P 263 -57.12 -22.22 37.61
N ALA P 264 -55.94 -22.82 37.45
CA ALA P 264 -54.94 -22.77 38.51
C ALA P 264 -54.51 -21.32 38.72
N LYS P 265 -54.32 -20.61 37.63
CA LYS P 265 -53.91 -19.21 37.69
C LYS P 265 -55.00 -18.32 38.29
N LEU P 266 -56.25 -18.61 37.94
CA LEU P 266 -57.37 -17.84 38.48
C LEU P 266 -57.45 -18.04 39.99
N ARG P 267 -57.21 -19.25 40.46
CA ARG P 267 -57.23 -19.49 41.90
C ARG P 267 -56.12 -18.69 42.56
N GLU P 268 -54.96 -18.65 41.92
CA GLU P 268 -53.83 -17.90 42.46
C GLU P 268 -54.21 -16.42 42.56
N ALA P 269 -55.10 -15.98 41.68
CA ALA P 269 -55.54 -14.58 41.66
C ALA P 269 -56.61 -14.35 42.72
N GLY P 270 -57.03 -15.45 43.37
CA GLY P 270 -58.02 -15.36 44.43
C GLY P 270 -59.43 -15.82 44.11
N ALA P 271 -59.64 -16.44 42.95
CA ALA P 271 -60.98 -16.89 42.57
C ALA P 271 -61.39 -18.18 43.24
N ASP P 272 -62.68 -18.29 43.57
CA ASP P 272 -63.25 -19.47 44.18
C ASP P 272 -63.85 -20.24 43.01
N ILE P 273 -63.15 -21.29 42.58
CA ILE P 273 -63.59 -22.08 41.44
C ILE P 273 -64.00 -23.51 41.76
N GLU P 274 -65.07 -23.96 41.12
CA GLU P 274 -65.53 -25.32 41.28
C GLU P 274 -65.97 -25.76 39.90
N THR P 275 -65.81 -27.05 39.62
CA THR P 275 -66.12 -27.57 38.31
C THR P 275 -67.03 -28.79 38.37
N GLY P 276 -67.67 -29.04 37.23
CA GLY P 276 -68.55 -30.18 37.12
C GLY P 276 -68.16 -30.94 35.88
N GLU P 277 -69.05 -31.83 35.44
CA GLU P 277 -68.81 -32.63 34.26
C GLU P 277 -68.72 -31.75 33.02
N ASP P 278 -69.60 -30.75 32.95
CA ASP P 278 -69.64 -29.86 31.79
C ASP P 278 -69.87 -28.40 32.15
N TRP P 279 -69.39 -27.97 33.31
CA TRP P 279 -69.58 -26.58 33.71
C TRP P 279 -68.48 -26.15 34.66
N ILE P 280 -68.27 -24.84 34.74
CA ILE P 280 -67.25 -24.27 35.61
C ILE P 280 -67.87 -23.04 36.25
N SER P 281 -67.64 -22.87 37.55
CA SER P 281 -68.19 -21.71 38.23
C SER P 281 -67.05 -20.97 38.90
N LEU P 282 -67.09 -19.64 38.83
CA LEU P 282 -66.06 -18.82 39.46
C LEU P 282 -66.75 -17.71 40.23
N ASP P 283 -66.32 -17.51 41.47
CA ASP P 283 -66.89 -16.49 42.31
C ASP P 283 -65.72 -15.71 42.93
N MET P 284 -65.71 -14.40 42.73
CA MET P 284 -64.65 -13.57 43.30
C MET P 284 -65.04 -13.07 44.67
N HIS P 285 -66.32 -13.24 45.02
CA HIS P 285 -66.84 -12.79 46.31
C HIS P 285 -66.57 -11.31 46.46
N GLY P 286 -66.80 -10.56 45.37
CA GLY P 286 -66.60 -9.12 45.36
C GLY P 286 -65.17 -8.66 45.59
N LYS P 287 -64.22 -9.60 45.55
CA LYS P 287 -62.85 -9.24 45.79
C LYS P 287 -62.04 -8.88 44.55
N ARG P 288 -61.12 -7.95 44.74
CA ARG P 288 -60.23 -7.48 43.69
C ARG P 288 -59.23 -8.62 43.50
N PRO P 289 -58.84 -8.90 42.24
CA PRO P 289 -57.89 -9.99 42.00
C PRO P 289 -56.46 -9.72 42.48
N LYS P 290 -55.74 -10.79 42.81
CA LYS P 290 -54.35 -10.68 43.25
C LYS P 290 -53.48 -10.86 42.01
N ALA P 291 -52.43 -10.06 41.88
CA ALA P 291 -51.53 -10.16 40.73
C ALA P 291 -50.93 -11.56 40.62
N VAL P 292 -50.78 -12.04 39.39
CA VAL P 292 -50.21 -13.35 39.16
C VAL P 292 -49.08 -13.31 38.13
N THR P 293 -48.29 -14.37 38.09
CA THR P 293 -47.18 -14.46 37.14
C THR P 293 -47.50 -15.53 36.13
N VAL P 294 -47.42 -15.17 34.85
CA VAL P 294 -47.76 -16.08 33.77
C VAL P 294 -46.66 -16.21 32.72
N ARG P 295 -46.57 -17.39 32.11
CA ARG P 295 -45.62 -17.66 31.07
C ARG P 295 -46.31 -18.59 30.09
N THR P 296 -46.68 -18.06 28.93
CA THR P 296 -47.37 -18.84 27.92
C THR P 296 -46.47 -19.93 27.38
N ALA P 297 -47.09 -21.01 26.90
CA ALA P 297 -46.36 -22.15 26.35
C ALA P 297 -47.36 -23.13 25.74
N PRO P 298 -46.88 -24.14 24.99
CA PRO P 298 -47.80 -25.10 24.38
C PRO P 298 -48.65 -25.78 25.45
N HIS P 299 -49.80 -26.29 25.04
CA HIS P 299 -50.72 -26.97 25.96
C HIS P 299 -49.96 -28.16 26.57
N PRO P 300 -50.27 -28.56 27.81
CA PRO P 300 -51.28 -28.05 28.76
C PRO P 300 -50.88 -26.83 29.60
N ALA P 301 -49.82 -26.13 29.20
CA ALA P 301 -49.39 -24.94 29.94
C ALA P 301 -50.36 -23.79 29.69
N PHE P 302 -50.08 -22.62 30.27
CA PHE P 302 -50.94 -21.45 30.08
C PHE P 302 -50.95 -21.07 28.61
N PRO P 303 -52.13 -21.04 27.98
CA PRO P 303 -52.34 -20.71 26.56
C PRO P 303 -52.12 -19.25 26.22
N THR P 304 -51.44 -19.01 25.10
CA THR P 304 -51.18 -17.65 24.66
C THR P 304 -52.47 -16.94 24.29
N ALA P 305 -53.48 -17.71 23.90
CA ALA P 305 -54.77 -17.14 23.53
C ALA P 305 -55.51 -16.51 24.72
N MET P 306 -54.99 -16.71 25.94
CA MET P 306 -55.58 -16.15 27.16
C MET P 306 -54.70 -15.05 27.78
N GLN P 307 -53.54 -14.85 27.17
CA GLN P 307 -52.54 -13.87 27.65
C GLN P 307 -53.04 -12.43 27.71
N ALA P 308 -53.68 -11.94 26.66
CA ALA P 308 -54.19 -10.55 26.66
C ALA P 308 -55.20 -10.36 27.79
N GLN P 309 -56.11 -11.32 27.93
CA GLN P 309 -57.11 -11.27 29.00
C GLN P 309 -56.46 -11.26 30.37
N PHE P 310 -55.41 -12.05 30.56
CA PHE P 310 -54.75 -12.04 31.87
C PHE P 310 -53.90 -10.79 32.07
N THR P 311 -53.52 -10.15 30.97
CA THR P 311 -52.75 -8.92 31.11
C THR P 311 -53.68 -7.92 31.77
N LEU P 312 -54.93 -7.91 31.32
CA LEU P 312 -55.94 -7.01 31.86
C LEU P 312 -56.11 -7.29 33.36
N LEU P 313 -56.33 -8.55 33.69
CA LEU P 313 -56.52 -8.95 35.07
C LEU P 313 -55.39 -8.40 35.94
N ASN P 314 -54.14 -8.58 35.52
CA ASN P 314 -53.03 -8.06 36.31
C ASN P 314 -53.04 -6.56 36.40
N LEU P 315 -53.43 -5.89 35.32
CA LEU P 315 -53.43 -4.43 35.30
C LEU P 315 -54.44 -3.79 36.27
N VAL P 316 -55.40 -4.57 36.73
CA VAL P 316 -56.37 -4.05 37.70
C VAL P 316 -56.31 -4.90 38.97
N ALA P 317 -55.21 -5.64 39.13
CA ALA P 317 -55.03 -6.50 40.29
C ALA P 317 -54.19 -5.82 41.37
N GLU P 318 -54.20 -6.41 42.55
CA GLU P 318 -53.44 -5.90 43.67
C GLU P 318 -52.03 -6.50 43.58
N GLY P 319 -51.03 -5.65 43.31
CA GLY P 319 -49.65 -6.11 43.22
C GLY P 319 -48.99 -5.99 41.86
N THR P 320 -47.77 -6.51 41.76
CA THR P 320 -47.02 -6.48 40.52
C THR P 320 -47.06 -7.83 39.84
N GLY P 321 -47.74 -7.90 38.70
CA GLY P 321 -47.84 -9.16 37.97
C GLY P 321 -46.92 -9.15 36.76
N VAL P 322 -46.36 -10.31 36.44
CA VAL P 322 -45.44 -10.42 35.31
C VAL P 322 -45.89 -11.49 34.32
N ILE P 323 -46.06 -11.08 33.07
CA ILE P 323 -46.49 -11.99 32.02
C ILE P 323 -45.42 -12.11 30.93
N THR P 324 -45.04 -13.34 30.63
CA THR P 324 -44.04 -13.62 29.62
C THR P 324 -44.67 -14.45 28.51
N GLU P 325 -44.68 -13.89 27.31
CA GLU P 325 -45.26 -14.52 26.13
C GLU P 325 -44.14 -15.21 25.34
N THR P 326 -44.25 -16.51 25.13
CA THR P 326 -43.22 -17.26 24.40
C THR P 326 -43.68 -17.87 23.06
N ILE P 327 -44.93 -17.63 22.68
CA ILE P 327 -45.42 -18.18 21.43
C ILE P 327 -45.39 -17.21 20.26
N PHE P 328 -45.87 -15.99 20.48
CA PHE P 328 -45.87 -14.99 19.41
C PHE P 328 -45.05 -13.76 19.76
N GLU P 329 -44.17 -13.38 18.84
CA GLU P 329 -43.27 -12.23 19.05
C GLU P 329 -43.86 -10.84 19.25
N ASN P 330 -45.12 -10.64 18.85
CA ASN P 330 -45.74 -9.32 18.97
C ASN P 330 -47.18 -9.38 19.47
N ARG P 331 -47.38 -9.93 20.68
CA ARG P 331 -48.73 -10.05 21.23
C ARG P 331 -48.97 -9.22 22.50
N PHE P 332 -48.49 -7.99 22.48
CA PHE P 332 -48.65 -7.06 23.59
C PHE P 332 -49.28 -5.79 23.09
N MET P 333 -49.89 -5.84 21.92
CA MET P 333 -50.52 -4.67 21.31
C MET P 333 -51.64 -4.05 22.14
N HIS P 334 -52.23 -4.84 23.03
CA HIS P 334 -53.31 -4.35 23.88
C HIS P 334 -52.78 -3.45 25.00
N VAL P 335 -51.54 -3.68 25.41
CA VAL P 335 -50.93 -2.91 26.49
C VAL P 335 -50.96 -1.40 26.31
N PRO P 336 -50.48 -0.88 25.17
CA PRO P 336 -50.51 0.58 24.98
C PRO P 336 -51.94 1.13 25.06
N GLU P 337 -52.91 0.33 24.61
CA GLU P 337 -54.31 0.76 24.63
C GLU P 337 -54.85 0.82 26.05
N LEU P 338 -54.55 -0.21 26.84
CA LEU P 338 -54.99 -0.22 28.23
C LEU P 338 -54.32 0.92 29.02
N ILE P 339 -53.10 1.29 28.64
CA ILE P 339 -52.43 2.38 29.32
C ILE P 339 -53.21 3.68 29.11
N ARG P 340 -53.86 3.80 27.96
CA ARG P 340 -54.67 4.97 27.70
C ARG P 340 -55.82 5.02 28.71
N MET P 341 -56.24 3.84 29.18
CA MET P 341 -57.32 3.71 30.15
C MET P 341 -56.82 3.81 31.60
N GLY P 342 -55.57 4.25 31.76
CA GLY P 342 -55.03 4.41 33.09
C GLY P 342 -54.21 3.26 33.66
N ALA P 343 -54.04 2.17 32.90
CA ALA P 343 -53.27 1.04 33.39
C ALA P 343 -51.78 1.41 33.42
N HIS P 344 -51.03 0.74 34.29
CA HIS P 344 -49.60 1.01 34.39
C HIS P 344 -48.84 -0.26 34.06
N ALA P 345 -47.88 -0.16 33.12
CA ALA P 345 -47.08 -1.31 32.72
C ALA P 345 -45.88 -0.96 31.85
N GLU P 346 -44.89 -1.86 31.84
CA GLU P 346 -43.70 -1.67 31.02
C GLU P 346 -43.45 -2.96 30.27
N ILE P 347 -43.07 -2.82 29.01
CA ILE P 347 -42.78 -3.97 28.19
C ILE P 347 -41.27 -4.07 28.07
N GLU P 348 -40.75 -5.25 28.35
CA GLU P 348 -39.34 -5.47 28.27
C GLU P 348 -39.23 -6.76 27.48
N SER P 349 -38.82 -6.64 26.22
CA SER P 349 -38.67 -7.79 25.35
C SER P 349 -40.00 -8.53 25.30
N ASN P 350 -40.01 -9.82 25.63
CA ASN P 350 -41.24 -10.58 25.57
C ASN P 350 -42.00 -10.76 26.90
N THR P 351 -41.87 -9.81 27.82
CA THR P 351 -42.61 -9.90 29.08
C THR P 351 -43.11 -8.51 29.51
N VAL P 352 -44.31 -8.46 30.11
CA VAL P 352 -44.88 -7.20 30.58
C VAL P 352 -44.87 -7.13 32.08
N ILE P 353 -44.35 -6.04 32.62
CA ILE P 353 -44.34 -5.85 34.06
C ILE P 353 -45.63 -5.06 34.33
N CYS P 354 -46.56 -5.66 35.07
CA CYS P 354 -47.82 -5.01 35.39
C CYS P 354 -47.89 -4.46 36.81
N HIS P 355 -48.44 -3.26 36.94
CA HIS P 355 -48.57 -2.62 38.25
C HIS P 355 -50.07 -2.31 38.37
N GLY P 356 -50.80 -3.25 38.94
CA GLY P 356 -52.24 -3.10 39.09
C GLY P 356 -52.71 -1.82 39.73
N VAL P 357 -53.84 -1.30 39.25
CA VAL P 357 -54.43 -0.08 39.79
C VAL P 357 -55.84 -0.42 40.21
N GLU P 358 -56.44 0.42 41.04
CA GLU P 358 -57.79 0.14 41.52
C GLU P 358 -58.83 0.17 40.40
N LYS P 359 -58.98 1.32 39.76
CA LYS P 359 -59.97 1.45 38.70
C LYS P 359 -59.36 2.03 37.41
N LEU P 360 -59.93 1.66 36.27
CA LEU P 360 -59.50 2.13 34.96
C LEU P 360 -60.46 3.24 34.54
N SER P 361 -60.03 4.09 33.61
CA SER P 361 -60.88 5.18 33.13
C SER P 361 -61.28 4.91 31.70
N GLY P 362 -62.57 5.07 31.42
CA GLY P 362 -63.03 4.84 30.07
C GLY P 362 -62.33 5.81 29.14
N ALA P 363 -62.08 5.33 27.92
CA ALA P 363 -61.42 6.13 26.89
C ALA P 363 -61.59 5.45 25.55
N GLN P 364 -61.14 6.11 24.49
CA GLN P 364 -61.25 5.54 23.15
C GLN P 364 -60.00 4.70 22.91
N VAL P 365 -60.20 3.40 22.71
CA VAL P 365 -59.11 2.49 22.46
C VAL P 365 -59.34 1.75 21.15
N MET P 366 -58.30 1.12 20.64
CA MET P 366 -58.41 0.41 19.37
C MET P 366 -58.03 -1.06 19.43
N ALA P 367 -58.95 -1.91 19.02
CA ALA P 367 -58.70 -3.34 19.00
C ALA P 367 -57.66 -3.58 17.92
N THR P 368 -56.70 -4.46 18.21
CA THR P 368 -55.64 -4.75 17.24
C THR P 368 -55.67 -6.21 16.77
N ASP P 369 -56.31 -7.06 17.55
CA ASP P 369 -56.40 -8.47 17.20
C ASP P 369 -57.53 -9.10 17.98
N LEU P 370 -57.86 -10.34 17.64
CA LEU P 370 -58.95 -11.06 18.29
C LEU P 370 -59.00 -10.99 19.82
N ARG P 371 -58.00 -11.55 20.49
CA ARG P 371 -58.02 -11.58 21.94
C ARG P 371 -57.85 -10.19 22.57
N ALA P 372 -57.12 -9.31 21.90
CA ALA P 372 -56.93 -7.97 22.44
C ALA P 372 -58.28 -7.24 22.47
N SER P 373 -59.05 -7.40 21.39
CA SER P 373 -60.36 -6.74 21.31
C SER P 373 -61.25 -7.18 22.47
N ALA P 374 -61.28 -8.47 22.76
CA ALA P 374 -62.09 -8.96 23.87
C ALA P 374 -61.56 -8.36 25.18
N SER P 375 -60.25 -8.21 25.27
CA SER P 375 -59.66 -7.65 26.49
C SER P 375 -60.08 -6.20 26.68
N LEU P 376 -60.07 -5.44 25.59
CA LEU P 376 -60.46 -4.03 25.66
C LEU P 376 -61.95 -3.90 25.97
N VAL P 377 -62.77 -4.83 25.48
CA VAL P 377 -64.19 -4.77 25.78
C VAL P 377 -64.41 -5.04 27.27
N LEU P 378 -63.73 -6.05 27.82
CA LEU P 378 -63.88 -6.33 29.24
C LEU P 378 -63.38 -5.14 30.06
N ALA P 379 -62.33 -4.47 29.57
CA ALA P 379 -61.78 -3.33 30.27
C ALA P 379 -62.87 -2.26 30.35
N GLY P 380 -63.57 -2.05 29.24
CA GLY P 380 -64.63 -1.06 29.23
C GLY P 380 -65.71 -1.37 30.25
N CYS P 381 -65.99 -2.66 30.43
CA CYS P 381 -67.00 -3.08 31.39
C CYS P 381 -66.68 -2.72 32.83
N ILE P 382 -65.41 -2.76 33.19
CA ILE P 382 -65.07 -2.44 34.57
C ILE P 382 -64.46 -1.06 34.74
N ALA P 383 -64.19 -0.39 33.64
CA ALA P 383 -63.61 0.95 33.73
C ALA P 383 -64.66 1.95 34.18
N GLU P 384 -64.19 3.07 34.72
CA GLU P 384 -65.07 4.13 35.19
C GLU P 384 -65.46 5.03 34.02
N GLY P 385 -66.72 4.97 33.60
CA GLY P 385 -67.15 5.84 32.52
C GLY P 385 -67.47 5.17 31.21
N THR P 386 -67.27 5.90 30.12
CA THR P 386 -67.54 5.39 28.79
C THR P 386 -66.28 5.01 28.02
N THR P 387 -66.28 3.81 27.48
CA THR P 387 -65.15 3.33 26.69
C THR P 387 -65.66 3.03 25.29
N VAL P 388 -64.85 3.38 24.30
CA VAL P 388 -65.21 3.12 22.91
C VAL P 388 -64.10 2.26 22.31
N VAL P 389 -64.44 1.03 21.94
CA VAL P 389 -63.48 0.12 21.34
C VAL P 389 -63.68 0.12 19.84
N ASP P 390 -62.77 0.77 19.13
CA ASP P 390 -62.84 0.86 17.69
C ASP P 390 -62.35 -0.42 17.05
N ARG P 391 -62.87 -0.72 15.86
CA ARG P 391 -62.48 -1.92 15.11
C ARG P 391 -62.89 -3.23 15.76
N ILE P 392 -64.04 -3.28 16.44
CA ILE P 392 -64.44 -4.54 17.07
C ILE P 392 -64.68 -5.66 16.08
N TYR P 393 -64.51 -5.41 14.79
CA TYR P 393 -64.74 -6.48 13.81
C TYR P 393 -63.84 -7.65 14.19
N HIS P 394 -62.69 -7.33 14.78
CA HIS P 394 -61.75 -8.36 15.22
C HIS P 394 -62.43 -9.37 16.12
N ILE P 395 -63.28 -8.86 17.03
CA ILE P 395 -63.96 -9.73 17.98
C ILE P 395 -64.95 -10.68 17.31
N ASP P 396 -65.50 -10.27 16.17
CA ASP P 396 -66.46 -11.11 15.46
C ASP P 396 -65.79 -12.33 14.81
N ARG P 397 -64.46 -12.34 14.77
CA ARG P 397 -63.73 -13.46 14.17
C ARG P 397 -63.78 -14.68 15.09
N GLY P 398 -63.69 -14.48 16.40
CA GLY P 398 -63.67 -15.62 17.30
C GLY P 398 -64.65 -15.68 18.45
N TYR P 399 -65.58 -14.74 18.54
CA TYR P 399 -66.57 -14.76 19.62
C TYR P 399 -67.98 -14.69 19.06
N GLU P 400 -68.79 -15.71 19.35
CA GLU P 400 -70.16 -15.73 18.88
C GLU P 400 -71.03 -14.86 19.78
N ARG P 401 -71.62 -13.81 19.20
CA ARG P 401 -72.49 -12.86 19.89
C ARG P 401 -72.00 -12.52 21.29
N ILE P 402 -70.79 -11.98 21.37
CA ILE P 402 -70.24 -11.64 22.67
C ILE P 402 -71.02 -10.48 23.32
N GLU P 403 -71.59 -9.60 22.51
CA GLU P 403 -72.37 -8.47 23.04
C GLU P 403 -73.57 -8.99 23.83
N ASP P 404 -74.29 -9.94 23.25
CA ASP P 404 -75.45 -10.51 23.91
C ASP P 404 -75.05 -11.23 25.20
N LYS P 405 -74.06 -12.11 25.11
CA LYS P 405 -73.60 -12.85 26.28
C LYS P 405 -73.13 -11.92 27.40
N LEU P 406 -72.40 -10.88 27.04
CA LEU P 406 -71.90 -9.93 28.04
C LEU P 406 -73.05 -9.14 28.64
N ARG P 407 -74.00 -8.74 27.79
CA ARG P 407 -75.15 -7.98 28.27
C ARG P 407 -75.90 -8.84 29.29
N ALA P 408 -76.10 -10.11 28.95
CA ALA P 408 -76.80 -11.04 29.83
C ALA P 408 -76.06 -11.20 31.16
N LEU P 409 -74.86 -10.65 31.27
CA LEU P 409 -74.07 -10.74 32.49
C LEU P 409 -74.07 -9.41 33.23
N GLY P 410 -74.82 -8.44 32.69
CA GLY P 410 -74.92 -7.14 33.33
C GLY P 410 -74.15 -6.02 32.67
N ALA P 411 -73.57 -6.29 31.51
CA ALA P 411 -72.80 -5.28 30.80
C ALA P 411 -73.67 -4.25 30.11
N ASN P 412 -73.17 -3.02 30.08
CA ASN P 412 -73.84 -1.91 29.41
C ASN P 412 -73.01 -1.73 28.14
N ILE P 413 -73.40 -2.44 27.09
CA ILE P 413 -72.66 -2.39 25.84
C ILE P 413 -73.56 -2.24 24.62
N GLU P 414 -73.05 -1.56 23.58
CA GLU P 414 -73.82 -1.33 22.37
C GLU P 414 -72.91 -1.20 21.16
N ARG P 415 -73.25 -1.93 20.10
CA ARG P 415 -72.48 -1.91 18.87
C ARG P 415 -72.90 -0.72 18.01
N VAL P 416 -72.08 0.30 17.96
CA VAL P 416 -72.41 1.48 17.15
C VAL P 416 -71.91 1.35 15.70
N LYS P 417 -72.85 1.07 14.81
CA LYS P 417 -72.54 0.90 13.38
C LYS P 417 -71.82 2.12 12.83
N GLY P 418 -72.12 3.29 13.39
CA GLY P 418 -71.50 4.52 12.93
C GLY P 418 -69.98 4.47 12.93
N GLU P 419 -69.40 4.72 11.75
CA GLU P 419 -67.95 4.72 11.58
C GLU P 419 -67.35 5.97 12.26
#